data_1MUX
#
_entry.id   1MUX
#
_cell.length_a   1.000
_cell.length_b   1.000
_cell.length_c   1.000
_cell.angle_alpha   90.00
_cell.angle_beta   90.00
_cell.angle_gamma   90.00
#
_symmetry.space_group_name_H-M   'P 1'
#
loop_
_entity.id
_entity.type
_entity.pdbx_description
1 polymer CALMODULIN
2 non-polymer 'CALCIUM ION'
3 non-polymer N-(6-AMINOHEXYL)-5-CHLORO-1-NAPHTHALENESULFONAMIDE
#
_entity_poly.entity_id   1
_entity_poly.type   'polypeptide(L)'
_entity_poly.pdbx_seq_one_letter_code
;ADQLTEEQIAEFKEAFSLFDKDGDGTITTKELGTVMRSLGQNPTEAELQDMINEVDADGNGTIDFPEFLTMMARKMKDTD
SEEEIREAFRVFDKDGNGYISAAELRHVMTNLGEKLTDEEVDEMIREADIDGDGQVNYEEFVQMMTAK
;
_entity_poly.pdbx_strand_id   A
#
loop_
_chem_comp.id
_chem_comp.type
_chem_comp.name
_chem_comp.formula
CA non-polymer 'CALCIUM ION' 'Ca 2'
WW7 non-polymer N-(6-AMINOHEXYL)-5-CHLORO-1-NAPHTHALENESULFONAMIDE 'C16 H21 Cl N2 O2 S'
#
# COMPACT_ATOMS: atom_id res chain seq x y z
N ALA A 1 0.38 11.79 15.39
CA ALA A 1 0.54 11.02 14.12
C ALA A 1 1.14 9.65 14.41
N ASP A 2 2.39 9.60 14.84
CA ASP A 2 3.03 8.29 15.14
C ASP A 2 3.24 8.12 16.64
N GLN A 3 3.18 6.91 17.13
CA GLN A 3 3.38 6.68 18.59
C GLN A 3 4.73 6.00 18.83
N LEU A 4 5.64 6.68 19.47
CA LEU A 4 6.97 6.07 19.73
C LEU A 4 6.85 4.92 20.73
N THR A 5 7.69 3.93 20.62
CA THR A 5 7.61 2.78 21.56
C THR A 5 8.93 2.61 22.31
N GLU A 6 8.88 2.17 23.54
CA GLU A 6 10.14 1.98 24.32
C GLU A 6 11.07 1.01 23.59
N GLU A 7 10.57 0.26 22.65
CA GLU A 7 11.43 -0.70 21.90
C GLU A 7 12.62 0.03 21.26
N GLN A 8 12.37 1.17 20.68
CA GLN A 8 13.48 1.93 20.03
C GLN A 8 14.61 2.19 21.04
N ILE A 9 14.27 2.75 22.17
CA ILE A 9 15.33 3.02 23.20
C ILE A 9 16.09 1.75 23.53
N ALA A 10 15.40 0.65 23.65
CA ALA A 10 16.09 -0.63 23.96
C ALA A 10 17.10 -0.96 22.86
N GLU A 11 16.76 -0.67 21.64
CA GLU A 11 17.69 -0.95 20.52
C GLU A 11 18.99 -0.15 20.71
N PHE A 12 18.87 1.13 20.98
CA PHE A 12 20.09 1.96 21.17
C PHE A 12 20.82 1.51 22.44
N LYS A 13 20.12 0.92 23.36
CA LYS A 13 20.79 0.44 24.61
C LYS A 13 21.59 -0.83 24.32
N GLU A 14 21.13 -1.61 23.38
CA GLU A 14 21.86 -2.87 23.05
C GLU A 14 23.17 -2.52 22.33
N ALA A 15 23.13 -1.57 21.44
CA ALA A 15 24.36 -1.17 20.70
C ALA A 15 25.34 -0.49 21.67
N PHE A 16 24.84 0.31 22.56
CA PHE A 16 25.72 1.00 23.54
C PHE A 16 26.55 -0.03 24.32
N SER A 17 25.90 -0.97 24.94
CA SER A 17 26.64 -2.00 25.71
C SER A 17 27.59 -2.79 24.79
N LEU A 18 27.19 -3.02 23.57
CA LEU A 18 28.07 -3.78 22.63
C LEU A 18 29.36 -3.00 22.37
N PHE A 19 29.31 -1.69 22.43
CA PHE A 19 30.53 -0.88 22.19
C PHE A 19 31.43 -0.86 23.42
N ASP A 20 30.93 -0.43 24.54
CA ASP A 20 31.76 -0.40 25.78
C ASP A 20 32.21 -1.83 26.13
N LYS A 21 33.46 -2.15 25.92
CA LYS A 21 33.94 -3.53 26.24
C LYS A 21 34.89 -3.49 27.44
N ASP A 22 34.51 -2.82 28.49
CA ASP A 22 35.39 -2.76 29.70
C ASP A 22 34.59 -2.31 30.93
N GLY A 23 33.29 -2.48 30.91
CA GLY A 23 32.47 -2.05 32.09
C GLY A 23 32.88 -0.64 32.51
N ASP A 24 32.42 0.36 31.80
CA ASP A 24 32.79 1.76 32.17
C ASP A 24 31.56 2.67 32.14
N GLY A 25 30.67 2.45 31.20
CA GLY A 25 29.46 3.31 31.12
C GLY A 25 29.68 4.41 30.08
N THR A 26 30.92 4.72 29.81
CA THR A 26 31.22 5.79 28.80
C THR A 26 32.02 5.19 27.64
N ILE A 27 31.76 5.64 26.44
CA ILE A 27 32.50 5.10 25.26
C ILE A 27 33.75 5.94 24.98
N THR A 28 34.91 5.38 25.16
CA THR A 28 36.16 6.16 24.90
C THR A 28 36.69 5.82 23.50
N THR A 29 37.82 6.36 23.14
CA THR A 29 38.39 6.08 21.79
C THR A 29 38.97 4.66 21.77
N LYS A 30 39.43 4.17 22.88
CA LYS A 30 40.01 2.80 22.92
C LYS A 30 38.91 1.76 22.75
N GLU A 31 37.89 1.83 23.56
CA GLU A 31 36.77 0.86 23.43
C GLU A 31 36.22 0.93 22.00
N LEU A 32 35.89 2.11 21.56
CA LEU A 32 35.36 2.27 20.18
C LEU A 32 36.35 1.67 19.19
N GLY A 33 37.62 1.76 19.48
CA GLY A 33 38.64 1.18 18.56
C GLY A 33 38.33 -0.29 18.36
N THR A 34 38.14 -1.02 19.42
CA THR A 34 37.84 -2.48 19.28
C THR A 34 36.45 -2.66 18.68
N VAL A 35 35.61 -1.66 18.79
CA VAL A 35 34.24 -1.77 18.21
C VAL A 35 34.30 -1.68 16.68
N MET A 36 35.26 -0.95 16.17
CA MET A 36 35.39 -0.84 14.69
C MET A 36 36.32 -1.93 14.14
N ARG A 37 37.19 -2.45 14.96
CA ARG A 37 38.12 -3.52 14.49
C ARG A 37 37.45 -4.89 14.58
N SER A 38 36.43 -5.02 15.39
CA SER A 38 35.73 -6.33 15.52
C SER A 38 34.63 -6.45 14.47
N LEU A 39 34.20 -5.35 13.91
CA LEU A 39 33.13 -5.39 12.89
C LEU A 39 33.75 -5.56 11.49
N GLY A 40 34.25 -4.49 10.92
CA GLY A 40 34.86 -4.59 9.56
C GLY A 40 35.60 -3.29 9.24
N GLN A 41 36.52 -2.90 10.08
CA GLN A 41 37.26 -1.63 9.82
C GLN A 41 38.66 -1.70 10.47
N ASN A 42 39.58 -0.92 10.00
CA ASN A 42 40.94 -0.93 10.59
C ASN A 42 41.54 0.48 10.61
N PRO A 43 40.76 1.42 11.11
CA PRO A 43 41.22 2.82 11.19
C PRO A 43 42.34 2.95 12.24
N THR A 44 42.58 4.13 12.74
CA THR A 44 43.65 4.29 13.77
C THR A 44 43.12 5.08 14.98
N GLU A 45 43.93 5.22 15.99
CA GLU A 45 43.49 5.98 17.19
C GLU A 45 43.31 7.46 16.85
N ALA A 46 44.11 7.96 15.95
CA ALA A 46 43.99 9.40 15.57
C ALA A 46 42.71 9.63 14.77
N GLU A 47 42.61 9.05 13.60
CA GLU A 47 41.39 9.23 12.77
C GLU A 47 40.15 8.95 13.63
N LEU A 48 40.22 7.95 14.47
CA LEU A 48 39.06 7.63 15.34
C LEU A 48 38.70 8.86 16.17
N GLN A 49 39.66 9.46 16.83
CA GLN A 49 39.36 10.66 17.64
C GLN A 49 38.57 11.67 16.80
N ASP A 50 38.91 11.78 15.53
CA ASP A 50 38.16 12.74 14.66
C ASP A 50 36.69 12.31 14.55
N MET A 51 36.45 11.03 14.40
CA MET A 51 35.04 10.57 14.32
C MET A 51 34.33 10.78 15.66
N ILE A 52 35.09 11.01 16.71
CA ILE A 52 34.47 11.23 18.04
C ILE A 52 34.17 12.72 18.23
N ASN A 53 34.88 13.59 17.57
CA ASN A 53 34.62 15.06 17.72
C ASN A 53 33.18 15.37 17.34
N GLU A 54 32.64 14.70 16.35
CA GLU A 54 31.23 14.96 15.95
C GLU A 54 30.26 14.37 16.98
N VAL A 55 30.71 13.38 17.70
CA VAL A 55 29.81 12.75 18.73
C VAL A 55 30.12 13.32 20.13
N ASP A 56 30.69 14.50 20.17
CA ASP A 56 31.02 15.12 21.50
C ASP A 56 30.61 16.59 21.50
N ALA A 57 29.62 16.95 22.29
CA ALA A 57 29.18 18.36 22.33
C ALA A 57 29.59 19.01 23.66
N ASP A 58 30.72 18.63 24.19
CA ASP A 58 31.17 19.21 25.48
C ASP A 58 32.69 19.44 25.48
N GLY A 59 33.43 18.59 24.83
CA GLY A 59 34.91 18.76 24.80
C GLY A 59 35.54 17.90 25.90
N ASN A 60 35.21 16.63 25.92
CA ASN A 60 35.77 15.74 26.97
C ASN A 60 36.53 14.56 26.34
N GLY A 61 36.37 14.37 25.05
CA GLY A 61 37.09 13.25 24.37
C GLY A 61 36.39 11.92 24.65
N THR A 62 35.10 11.95 24.89
CA THR A 62 34.36 10.69 25.15
C THR A 62 32.85 10.90 24.98
N ILE A 63 32.10 9.85 24.94
CA ILE A 63 30.62 10.00 24.78
C ILE A 63 29.90 9.43 25.99
N ASP A 64 28.75 9.97 26.30
CA ASP A 64 28.00 9.46 27.49
C ASP A 64 26.71 8.77 27.05
N PHE A 65 25.79 8.58 27.95
CA PHE A 65 24.51 7.90 27.60
C PHE A 65 23.50 8.88 26.94
N PRO A 66 23.42 10.12 27.45
CA PRO A 66 22.47 11.08 26.88
C PRO A 66 22.92 11.55 25.49
N GLU A 67 24.17 11.42 25.19
CA GLU A 67 24.65 11.85 23.84
C GLU A 67 24.46 10.70 22.85
N PHE A 68 24.63 9.49 23.29
CA PHE A 68 24.46 8.33 22.38
C PHE A 68 22.98 8.13 22.04
N LEU A 69 22.12 8.33 22.99
CA LEU A 69 20.67 8.16 22.71
C LEU A 69 20.08 9.38 22.00
N THR A 70 20.52 10.56 22.35
CA THR A 70 19.98 11.78 21.69
C THR A 70 20.49 11.88 20.24
N MET A 71 21.57 11.20 19.93
CA MET A 71 22.11 11.26 18.55
C MET A 71 21.47 10.18 17.66
N MET A 72 21.32 8.99 18.17
CA MET A 72 20.72 7.89 17.34
C MET A 72 19.20 7.83 17.49
N ALA A 73 18.64 8.56 18.42
CA ALA A 73 17.15 8.53 18.59
C ALA A 73 16.47 9.51 17.63
N ARG A 74 17.23 10.35 16.98
CA ARG A 74 16.63 11.33 16.03
C ARG A 74 16.42 10.68 14.67
N LYS A 75 17.44 10.62 13.86
CA LYS A 75 17.29 10.00 12.51
C LYS A 75 17.98 8.62 12.46
N MET A 76 19.27 8.61 12.15
CA MET A 76 20.06 7.30 12.06
C MET A 76 19.81 6.59 10.72
N LYS A 77 18.59 6.58 10.23
CA LYS A 77 18.31 5.91 8.93
C LYS A 77 17.04 6.49 8.31
N ASP A 78 16.58 5.93 7.22
CA ASP A 78 15.34 6.47 6.57
C ASP A 78 14.44 5.32 6.11
N THR A 79 13.28 5.19 6.69
CA THR A 79 12.35 4.11 6.27
C THR A 79 10.95 4.69 6.04
N ASP A 80 10.72 5.28 4.89
CA ASP A 80 9.39 5.87 4.60
C ASP A 80 8.29 4.81 4.74
N SER A 81 7.15 5.19 5.27
CA SER A 81 6.04 4.22 5.43
C SER A 81 4.72 4.83 4.94
N GLU A 82 4.28 4.47 3.76
CA GLU A 82 3.00 5.05 3.24
C GLU A 82 1.98 3.92 2.99
N GLU A 83 0.73 4.25 2.91
CA GLU A 83 -0.31 3.20 2.67
C GLU A 83 -0.13 2.57 1.29
N GLU A 84 0.69 3.15 0.45
CA GLU A 84 0.89 2.58 -0.91
C GLU A 84 2.02 1.54 -0.89
N ILE A 85 3.23 1.96 -0.63
CA ILE A 85 4.37 1.01 -0.60
C ILE A 85 4.20 0.01 0.58
N ARG A 86 3.26 0.27 1.45
CA ARG A 86 3.04 -0.66 2.60
C ARG A 86 2.38 -1.95 2.12
N GLU A 87 1.26 -1.82 1.44
CA GLU A 87 0.57 -3.03 0.93
C GLU A 87 1.42 -3.70 -0.14
N ALA A 88 2.11 -2.92 -0.92
CA ALA A 88 2.97 -3.50 -1.99
C ALA A 88 3.98 -4.47 -1.39
N PHE A 89 4.75 -4.03 -0.44
CA PHE A 89 5.76 -4.93 0.17
C PHE A 89 5.07 -6.10 0.88
N ARG A 90 3.86 -5.91 1.34
CA ARG A 90 3.14 -7.01 2.04
C ARG A 90 2.72 -8.10 1.04
N VAL A 91 2.55 -7.74 -0.21
CA VAL A 91 2.14 -8.76 -1.22
C VAL A 91 3.37 -9.33 -1.95
N PHE A 92 4.47 -8.62 -1.94
CA PHE A 92 5.70 -9.12 -2.64
C PHE A 92 6.60 -9.89 -1.66
N ASP A 93 6.33 -9.79 -0.39
CA ASP A 93 7.17 -10.51 0.61
C ASP A 93 6.36 -11.60 1.32
N LYS A 94 6.36 -12.80 0.80
CA LYS A 94 5.58 -13.88 1.45
C LYS A 94 6.51 -14.91 2.10
N ASP A 95 7.80 -14.79 1.90
CA ASP A 95 8.73 -15.79 2.51
C ASP A 95 9.21 -15.29 3.89
N GLY A 96 9.49 -14.01 4.03
CA GLY A 96 9.92 -13.49 5.35
C GLY A 96 11.22 -12.67 5.23
N ASN A 97 12.11 -13.06 4.35
CA ASN A 97 13.39 -12.29 4.22
C ASN A 97 13.14 -10.77 4.12
N GLY A 98 11.96 -10.37 3.72
CA GLY A 98 11.67 -8.90 3.63
C GLY A 98 12.36 -8.32 2.40
N TYR A 99 12.30 -9.01 1.30
CA TYR A 99 12.95 -8.49 0.05
C TYR A 99 12.22 -9.05 -1.18
N ILE A 100 12.14 -8.28 -2.24
CA ILE A 100 11.46 -8.77 -3.47
C ILE A 100 12.47 -9.39 -4.43
N SER A 101 12.28 -10.64 -4.77
CA SER A 101 13.23 -11.32 -5.70
C SER A 101 12.55 -11.55 -7.05
N ALA A 102 13.31 -11.58 -8.12
CA ALA A 102 12.70 -11.80 -9.46
C ALA A 102 11.80 -13.04 -9.44
N ALA A 103 12.19 -14.06 -8.70
CA ALA A 103 11.35 -15.29 -8.64
C ALA A 103 9.98 -14.98 -8.03
N GLU A 104 9.94 -14.49 -6.83
CA GLU A 104 8.63 -14.16 -6.19
C GLU A 104 7.76 -13.35 -7.16
N LEU A 105 8.31 -12.29 -7.71
CA LEU A 105 7.52 -11.46 -8.66
C LEU A 105 6.85 -12.34 -9.71
N ARG A 106 7.55 -13.33 -10.20
CA ARG A 106 6.97 -14.23 -11.23
C ARG A 106 5.75 -14.97 -10.67
N HIS A 107 5.83 -15.43 -9.46
CA HIS A 107 4.67 -16.18 -8.86
C HIS A 107 3.57 -15.20 -8.42
N VAL A 108 3.85 -13.93 -8.38
CA VAL A 108 2.81 -12.95 -7.95
C VAL A 108 2.01 -12.47 -9.17
N MET A 109 2.65 -12.30 -10.29
CA MET A 109 1.91 -11.85 -11.51
C MET A 109 0.97 -12.94 -12.01
N THR A 110 1.33 -14.18 -11.84
CA THR A 110 0.44 -15.29 -12.32
C THR A 110 -0.73 -15.47 -11.36
N ASN A 111 -0.55 -15.14 -10.11
CA ASN A 111 -1.66 -15.29 -9.13
C ASN A 111 -2.69 -14.17 -9.32
N LEU A 112 -2.24 -12.97 -9.49
CA LEU A 112 -3.19 -11.84 -9.69
C LEU A 112 -4.15 -12.14 -10.85
N GLY A 113 -3.67 -12.78 -11.87
CA GLY A 113 -4.55 -13.11 -13.02
C GLY A 113 -3.96 -12.53 -14.31
N GLU A 114 -2.66 -12.45 -14.39
CA GLU A 114 -2.02 -11.88 -15.62
C GLU A 114 -1.18 -12.96 -16.31
N LYS A 115 -0.21 -12.57 -17.09
CA LYS A 115 0.64 -13.57 -17.78
C LYS A 115 1.96 -12.94 -18.23
N LEU A 116 2.92 -12.87 -17.35
CA LEU A 116 4.23 -12.26 -17.73
C LEU A 116 5.31 -13.35 -17.83
N THR A 117 6.07 -13.36 -18.90
CA THR A 117 7.13 -14.40 -19.06
C THR A 117 8.35 -14.04 -18.19
N ASP A 118 9.18 -15.00 -17.90
CA ASP A 118 10.38 -14.73 -17.06
C ASP A 118 11.14 -13.52 -17.60
N GLU A 119 11.14 -13.33 -18.89
CA GLU A 119 11.87 -12.18 -19.48
C GLU A 119 11.30 -10.86 -18.95
N GLU A 120 10.01 -10.75 -18.86
CA GLU A 120 9.39 -9.49 -18.37
C GLU A 120 9.69 -9.27 -16.88
N VAL A 121 9.56 -10.28 -16.07
CA VAL A 121 9.84 -10.11 -14.61
C VAL A 121 11.30 -9.70 -14.38
N ASP A 122 12.23 -10.49 -14.86
CA ASP A 122 13.67 -10.15 -14.67
C ASP A 122 13.95 -8.71 -15.12
N GLU A 123 13.45 -8.33 -16.26
CA GLU A 123 13.69 -6.94 -16.75
C GLU A 123 13.06 -5.93 -15.81
N MET A 124 11.95 -6.27 -15.20
CA MET A 124 11.29 -5.33 -14.26
C MET A 124 12.19 -5.08 -13.05
N ILE A 125 12.46 -6.11 -12.30
CA ILE A 125 13.33 -5.95 -11.10
C ILE A 125 14.61 -5.20 -11.48
N ARG A 126 15.07 -5.35 -12.70
CA ARG A 126 16.31 -4.65 -13.12
C ARG A 126 16.07 -3.14 -13.24
N GLU A 127 14.94 -2.75 -13.78
CA GLU A 127 14.66 -1.29 -13.91
C GLU A 127 14.49 -0.64 -12.54
N ALA A 128 14.05 -1.38 -11.56
CA ALA A 128 13.86 -0.79 -10.20
C ALA A 128 15.11 -1.00 -9.34
N ASP A 129 15.97 -1.91 -9.73
CA ASP A 129 17.19 -2.17 -8.91
C ASP A 129 18.27 -1.13 -9.21
N ILE A 130 18.17 0.01 -8.60
CA ILE A 130 19.18 1.07 -8.82
C ILE A 130 20.34 0.92 -7.83
N ASP A 131 20.05 0.45 -6.65
CA ASP A 131 21.11 0.28 -5.60
C ASP A 131 21.21 -1.18 -5.12
N GLY A 132 20.24 -2.00 -5.44
CA GLY A 132 20.28 -3.42 -4.99
C GLY A 132 20.88 -4.28 -6.08
N ASP A 133 20.24 -4.35 -7.20
CA ASP A 133 20.76 -5.17 -8.32
C ASP A 133 20.88 -6.61 -7.84
N GLY A 134 19.94 -7.41 -8.21
CA GLY A 134 19.94 -8.82 -7.76
C GLY A 134 18.87 -8.97 -6.66
N GLN A 135 18.49 -7.87 -6.06
CA GLN A 135 17.45 -7.91 -4.99
C GLN A 135 16.88 -6.50 -4.77
N VAL A 136 15.64 -6.42 -4.31
CA VAL A 136 15.03 -5.08 -4.07
C VAL A 136 14.59 -4.94 -2.61
N ASN A 137 14.57 -3.73 -2.10
CA ASN A 137 14.14 -3.53 -0.69
C ASN A 137 13.06 -2.44 -0.59
N TYR A 138 12.77 -2.00 0.60
CA TYR A 138 11.71 -0.95 0.78
C TYR A 138 12.08 0.32 0.01
N GLU A 139 13.14 0.98 0.39
CA GLU A 139 13.55 2.25 -0.29
C GLU A 139 13.41 2.12 -1.82
N GLU A 140 14.04 1.15 -2.40
CA GLU A 140 13.95 0.98 -3.88
C GLU A 140 12.50 1.06 -4.36
N PHE A 141 11.63 0.29 -3.77
CA PHE A 141 10.19 0.32 -4.20
C PHE A 141 9.60 1.72 -4.05
N VAL A 142 10.03 2.46 -3.08
CA VAL A 142 9.46 3.83 -2.87
C VAL A 142 10.04 4.84 -3.88
N GLN A 143 11.22 4.61 -4.38
CA GLN A 143 11.82 5.56 -5.34
C GLN A 143 11.63 5.07 -6.79
N MET A 144 11.20 3.85 -6.97
CA MET A 144 11.00 3.34 -8.36
C MET A 144 9.57 3.60 -8.83
N MET A 145 8.62 3.54 -7.94
CA MET A 145 7.20 3.77 -8.35
C MET A 145 6.91 5.27 -8.41
N THR A 146 7.41 6.04 -7.47
CA THR A 146 7.15 7.50 -7.48
C THR A 146 8.26 8.23 -8.24
N ALA A 147 7.92 9.08 -9.16
CA ALA A 147 8.97 9.81 -9.93
C ALA A 147 8.33 10.84 -10.87
N LYS A 148 8.77 12.07 -10.80
CA LYS A 148 8.20 13.12 -11.68
C LYS A 148 8.77 12.99 -13.11
CA CA B . 34.38 2.39 29.21
CA CA C . 30.84 14.12 25.30
CA CA D . 10.19 -11.92 0.08
CA CA E . 18.78 -2.89 -6.18
S1 WW7 F . 27.54 3.74 14.50
O1 WW7 F . 28.52 3.70 13.45
O2 WW7 F . 26.32 4.46 14.30
N1 WW7 F . 27.06 2.08 14.69
C4 WW7 F . 29.57 4.94 18.58
C3 WW7 F . 28.53 3.93 18.52
C2 WW7 F . 27.90 3.58 17.25
C1 WW7 F . 28.31 4.22 16.01
C9 WW7 F . 29.36 5.23 16.04
C10 WW7 F . 30.00 5.60 17.35
CL1 WW7 F . 31.87 7.07 18.82
C5 WW7 F . 31.07 6.60 17.37
C6 WW7 F . 31.49 7.24 16.13
C7 WW7 F . 30.86 6.88 14.86
C8 WW7 F . 29.80 5.89 14.80
C11 WW7 F . 28.03 1.16 15.28
C12 WW7 F . 27.86 -0.29 14.85
C14 WW7 F . 29.51 0.05 13.01
C13 WW7 F . 28.09 -0.40 13.34
C15 WW7 F . 29.77 -0.16 11.51
C16 WW7 F . 28.80 0.69 10.70
N2 WW7 F . 29.00 2.12 10.91
HN1 WW7 F . 26.72 1.72 13.81
H4 WW7 F . 30.05 5.18 19.51
H3 WW7 F . 28.22 3.43 19.42
H2 WW7 F . 27.13 2.82 17.24
H6 WW7 F . 32.28 7.98 16.15
H7 WW7 F . 31.19 7.37 13.95
H8 WW7 F . 29.35 5.64 13.86
H111 WW7 F . 29.03 1.51 15.02
H112 WW7 F . 27.91 1.23 16.36
H121 WW7 F . 28.59 -0.91 15.36
H122 WW7 F . 26.86 -0.62 15.09
H141 WW7 F . 30.22 -0.54 13.57
H142 WW7 F . 29.64 1.09 13.25
H131 WW7 F . 27.96 -1.43 13.03
H132 WW7 F . 27.38 0.22 12.81
H151 WW7 F . 30.78 0.12 11.27
H152 WW7 F . 29.63 -1.20 11.25
H161 WW7 F . 27.79 0.44 10.96
H162 WW7 F . 28.95 0.51 9.64
HN21 WW7 F . 29.89 2.42 10.52
HN22 WW7 F . 29.04 2.31 11.91
S1 WW7 G . 4.16 -2.93 -10.03
O1 WW7 G . 3.10 -3.89 -10.16
O2 WW7 G . 4.56 -2.17 -11.17
N1 WW7 G . 3.52 -1.75 -8.93
C4 WW7 G . 7.65 -5.11 -7.69
C3 WW7 G . 6.24 -5.35 -7.42
C2 WW7 G . 5.21 -4.66 -8.19
C1 WW7 G . 5.55 -3.71 -9.23
C9 WW7 G . 6.97 -3.44 -9.53
C10 WW7 G . 8.03 -4.18 -8.73
CL1 WW7 G . 10.73 -4.72 -8.17
C5 WW7 G . 9.44 -3.95 -9.04
C6 WW7 G . 9.82 -3.03 -10.10
C7 WW7 G . 8.80 -2.33 -10.87
C8 WW7 G . 7.38 -2.53 -10.59
C11 WW7 G . 2.88 -2.19 -7.69
C12 WW7 G . 2.27 -0.98 -6.97
C14 WW7 G . 0.92 -0.24 -5.02
C13 WW7 G . 1.61 -1.44 -5.68
C15 WW7 G . 0.24 -0.67 -3.73
C16 WW7 G . -0.46 0.53 -3.11
N2 WW7 G . -1.10 0.22 -1.83
HN1 WW7 G . 2.86 -1.18 -9.43
H4 WW7 G . 8.42 -5.61 -7.13
H3 WW7 G . 5.96 -6.06 -6.66
H2 WW7 G . 4.17 -4.84 -7.98
H6 WW7 G . 10.86 -2.89 -10.33
H7 WW7 G . 9.10 -1.65 -11.65
H8 WW7 G . 6.67 -1.99 -11.19
H111 WW7 G . 2.09 -2.90 -7.92
H112 WW7 G . 3.60 -2.66 -7.04
H121 WW7 G . 3.06 -0.28 -6.74
H122 WW7 G . 1.54 -0.52 -7.61
H141 WW7 G . 0.19 0.17 -5.70
H142 WW7 G . 1.67 0.52 -4.80
H131 WW7 G . 0.86 -2.19 -5.90
H132 WW7 G . 2.34 -1.85 -5.01
H151 WW7 G . -0.48 -1.45 -3.94
H152 WW7 G . 0.99 -1.06 -3.04
H161 WW7 G . -1.23 0.88 -3.78
H162 WW7 G . 0.26 1.31 -2.94
HN21 WW7 G . -1.72 -0.56 -1.92
HN22 WW7 G . -0.39 -0.01 -1.14
N ALA A 1 -19.38 8.51 -3.93
CA ALA A 1 -19.91 7.33 -3.18
C ALA A 1 -18.76 6.44 -2.69
N ASP A 2 -19.06 5.43 -1.93
CA ASP A 2 -17.98 4.54 -1.42
C ASP A 2 -17.47 3.64 -2.56
N GLN A 3 -16.18 3.60 -2.77
CA GLN A 3 -15.64 2.75 -3.86
C GLN A 3 -14.95 1.50 -3.30
N LEU A 4 -14.71 1.47 -2.01
CA LEU A 4 -14.06 0.27 -1.42
C LEU A 4 -15.10 -0.67 -0.82
N THR A 5 -16.26 -0.72 -1.40
CA THR A 5 -17.34 -1.61 -0.88
C THR A 5 -17.01 -3.07 -1.22
N GLU A 6 -16.83 -3.38 -2.47
CA GLU A 6 -16.51 -4.78 -2.86
C GLU A 6 -15.01 -5.06 -2.67
N GLU A 7 -14.19 -4.06 -2.82
CA GLU A 7 -12.72 -4.27 -2.63
C GLU A 7 -12.47 -4.99 -1.31
N GLN A 8 -13.26 -4.70 -0.31
CA GLN A 8 -13.06 -5.36 1.01
C GLN A 8 -13.20 -6.88 0.85
N ILE A 9 -14.23 -7.34 0.20
CA ILE A 9 -14.40 -8.80 0.02
C ILE A 9 -13.20 -9.36 -0.72
N ALA A 10 -12.77 -8.72 -1.76
CA ALA A 10 -11.59 -9.21 -2.52
C ALA A 10 -10.38 -9.27 -1.59
N GLU A 11 -10.37 -8.47 -0.57
CA GLU A 11 -9.22 -8.48 0.39
C GLU A 11 -9.22 -9.79 1.17
N PHE A 12 -10.36 -10.21 1.65
CA PHE A 12 -10.43 -11.49 2.41
C PHE A 12 -10.02 -12.65 1.52
N LYS A 13 -10.55 -12.72 0.33
CA LYS A 13 -10.17 -13.83 -0.59
C LYS A 13 -8.66 -13.84 -0.80
N GLU A 14 -8.07 -12.71 -1.06
CA GLU A 14 -6.60 -12.66 -1.26
C GLU A 14 -5.90 -13.32 -0.08
N ALA A 15 -6.30 -13.00 1.12
CA ALA A 15 -5.67 -13.61 2.31
C ALA A 15 -5.81 -15.13 2.27
N PHE A 16 -6.98 -15.62 1.92
CA PHE A 16 -7.17 -17.10 1.87
C PHE A 16 -6.06 -17.72 1.01
N SER A 17 -5.71 -17.09 -0.07
CA SER A 17 -4.63 -17.64 -0.94
C SER A 17 -3.29 -17.60 -0.17
N LEU A 18 -3.07 -16.54 0.58
CA LEU A 18 -1.79 -16.44 1.35
C LEU A 18 -1.65 -17.64 2.28
N PHE A 19 -2.74 -18.16 2.77
CA PHE A 19 -2.67 -19.34 3.70
C PHE A 19 -2.65 -20.64 2.89
N ASP A 20 -3.18 -20.63 1.71
CA ASP A 20 -3.19 -21.87 0.88
C ASP A 20 -2.08 -21.80 -0.18
N LYS A 21 -1.10 -22.66 -0.08
CA LYS A 21 0.02 -22.64 -1.08
C LYS A 21 -0.14 -23.78 -2.09
N ASP A 22 -0.75 -24.86 -1.70
CA ASP A 22 -0.92 -26.00 -2.65
C ASP A 22 -2.26 -25.91 -3.40
N GLY A 23 -2.92 -24.78 -3.29
CA GLY A 23 -4.24 -24.61 -4.00
C GLY A 23 -5.12 -25.84 -3.74
N ASP A 24 -5.23 -26.25 -2.51
CA ASP A 24 -6.08 -27.44 -2.18
C ASP A 24 -7.55 -27.04 -2.02
N GLY A 25 -7.79 -25.81 -1.63
CA GLY A 25 -9.21 -25.37 -1.44
C GLY A 25 -9.52 -25.23 0.04
N THR A 26 -8.86 -26.00 0.87
CA THR A 26 -9.13 -25.93 2.33
C THR A 26 -7.82 -25.67 3.10
N ILE A 27 -7.89 -24.98 4.20
CA ILE A 27 -6.67 -24.70 5.00
C ILE A 27 -6.51 -25.73 6.11
N THR A 28 -5.36 -26.37 6.19
CA THR A 28 -5.15 -27.40 7.25
C THR A 28 -4.16 -26.87 8.30
N THR A 29 -3.60 -27.74 9.10
CA THR A 29 -2.62 -27.28 10.13
C THR A 29 -1.22 -27.21 9.53
N LYS A 30 -0.94 -28.01 8.54
CA LYS A 30 0.42 -27.97 7.91
C LYS A 30 0.63 -26.63 7.22
N GLU A 31 -0.22 -26.30 6.28
CA GLU A 31 -0.08 -25.00 5.57
C GLU A 31 -0.06 -23.86 6.58
N LEU A 32 -1.06 -23.77 7.41
CA LEU A 32 -1.09 -22.69 8.42
C LEU A 32 0.19 -22.71 9.24
N GLY A 33 0.79 -23.85 9.39
CA GLY A 33 2.05 -23.94 10.18
C GLY A 33 3.12 -23.10 9.50
N THR A 34 3.31 -23.27 8.20
CA THR A 34 4.35 -22.47 7.50
C THR A 34 3.92 -20.99 7.42
N VAL A 35 2.65 -20.73 7.53
CA VAL A 35 2.17 -19.31 7.48
C VAL A 35 2.55 -18.59 8.78
N MET A 36 2.47 -19.27 9.89
CA MET A 36 2.82 -18.62 11.19
C MET A 36 4.32 -18.81 11.50
N ARG A 37 4.99 -19.64 10.75
CA ARG A 37 6.44 -19.87 11.01
C ARG A 37 7.30 -18.87 10.23
N SER A 38 6.90 -18.53 9.03
CA SER A 38 7.70 -17.57 8.22
C SER A 38 7.43 -16.13 8.68
N LEU A 39 6.21 -15.83 9.04
CA LEU A 39 5.88 -14.45 9.50
C LEU A 39 6.18 -14.28 11.00
N GLY A 40 6.45 -15.37 11.68
CA GLY A 40 6.75 -15.28 13.15
C GLY A 40 6.31 -16.57 13.83
N GLN A 41 7.19 -17.53 13.90
CA GLN A 41 6.82 -18.83 14.54
C GLN A 41 6.47 -18.64 16.02
N ASN A 42 5.52 -19.38 16.50
CA ASN A 42 5.13 -19.27 17.94
C ASN A 42 4.38 -20.54 18.37
N PRO A 43 3.22 -20.77 17.78
CA PRO A 43 2.44 -21.98 18.10
C PRO A 43 3.10 -23.19 17.44
N THR A 44 2.98 -24.36 18.02
CA THR A 44 3.59 -25.57 17.40
C THR A 44 2.58 -26.22 16.45
N GLU A 45 2.48 -27.52 16.46
CA GLU A 45 1.50 -28.19 15.56
C GLU A 45 0.26 -28.57 16.37
N ALA A 46 0.45 -29.00 17.59
CA ALA A 46 -0.70 -29.38 18.45
C ALA A 46 -1.41 -28.10 18.94
N GLU A 47 -0.68 -27.25 19.62
CA GLU A 47 -1.29 -25.98 20.10
C GLU A 47 -1.97 -25.27 18.94
N LEU A 48 -1.33 -25.28 17.79
CA LEU A 48 -1.93 -24.64 16.60
C LEU A 48 -3.29 -25.27 16.32
N GLN A 49 -3.39 -26.58 16.41
CA GLN A 49 -4.70 -27.24 16.17
C GLN A 49 -5.76 -26.59 17.06
N ASP A 50 -5.40 -26.26 18.27
CA ASP A 50 -6.38 -25.60 19.17
C ASP A 50 -6.72 -24.21 18.60
N MET A 51 -5.73 -23.55 18.03
CA MET A 51 -5.98 -22.22 17.42
C MET A 51 -6.90 -22.38 16.20
N ILE A 52 -6.99 -23.58 15.68
CA ILE A 52 -7.87 -23.81 14.50
C ILE A 52 -9.32 -24.00 14.96
N ASN A 53 -9.50 -24.56 16.14
CA ASN A 53 -10.89 -24.78 16.65
C ASN A 53 -11.65 -23.45 16.75
N GLU A 54 -11.05 -22.46 17.37
CA GLU A 54 -11.74 -21.15 17.50
C GLU A 54 -12.13 -20.61 16.11
N VAL A 55 -11.51 -21.12 15.08
CA VAL A 55 -11.85 -20.65 13.70
C VAL A 55 -12.89 -21.58 13.05
N ASP A 56 -12.94 -22.81 13.49
CA ASP A 56 -13.94 -23.76 12.91
C ASP A 56 -15.17 -23.86 13.79
N ALA A 57 -16.23 -23.18 13.43
CA ALA A 57 -17.48 -23.23 14.26
C ALA A 57 -18.41 -24.33 13.72
N ASP A 58 -17.88 -25.49 13.46
CA ASP A 58 -18.75 -26.59 12.93
C ASP A 58 -18.49 -27.90 13.70
N GLY A 59 -17.32 -28.45 13.58
CA GLY A 59 -17.01 -29.71 14.30
C GLY A 59 -16.29 -30.68 13.36
N ASN A 60 -15.21 -30.24 12.76
CA ASN A 60 -14.46 -31.13 11.83
C ASN A 60 -12.95 -30.91 11.99
N GLY A 61 -12.51 -29.67 12.02
CA GLY A 61 -11.05 -29.41 12.17
C GLY A 61 -10.56 -28.42 11.11
N THR A 62 -10.46 -28.86 9.88
CA THR A 62 -9.98 -27.94 8.80
C THR A 62 -11.00 -26.84 8.49
N ILE A 63 -10.61 -25.86 7.71
CA ILE A 63 -11.55 -24.75 7.37
C ILE A 63 -11.85 -24.75 5.86
N ASP A 64 -13.05 -24.43 5.48
CA ASP A 64 -13.40 -24.41 4.03
C ASP A 64 -13.28 -22.98 3.48
N PHE A 65 -13.77 -22.75 2.30
CA PHE A 65 -13.68 -21.38 1.71
C PHE A 65 -14.83 -20.48 2.22
N PRO A 66 -16.03 -21.02 2.31
CA PRO A 66 -17.17 -20.20 2.78
C PRO A 66 -17.08 -20.00 4.29
N GLU A 67 -16.49 -20.93 4.98
CA GLU A 67 -16.35 -20.78 6.45
C GLU A 67 -15.26 -19.76 6.73
N PHE A 68 -14.33 -19.62 5.83
CA PHE A 68 -13.24 -18.63 6.01
C PHE A 68 -13.76 -17.22 5.76
N LEU A 69 -14.48 -17.02 4.68
CA LEU A 69 -15.01 -15.65 4.38
C LEU A 69 -16.12 -15.29 5.38
N THR A 70 -16.71 -16.28 6.00
CA THR A 70 -17.80 -15.99 6.97
C THR A 70 -17.23 -15.51 8.32
N MET A 71 -16.19 -16.15 8.79
CA MET A 71 -15.60 -15.73 10.11
C MET A 71 -14.93 -14.36 9.99
N MET A 72 -14.12 -14.16 8.99
CA MET A 72 -13.41 -12.85 8.85
C MET A 72 -14.35 -11.80 8.25
N ALA A 73 -15.49 -12.19 7.76
CA ALA A 73 -16.44 -11.19 7.17
C ALA A 73 -16.95 -10.25 8.27
N ARG A 74 -17.28 -10.80 9.40
CA ARG A 74 -17.81 -9.96 10.51
C ARG A 74 -16.77 -9.84 11.63
N LYS A 75 -15.54 -9.58 11.30
CA LYS A 75 -14.48 -9.45 12.36
C LYS A 75 -13.44 -8.41 11.96
N MET A 76 -13.87 -7.27 11.49
CA MET A 76 -12.89 -6.22 11.09
C MET A 76 -12.45 -5.41 12.32
N LYS A 77 -11.18 -5.10 12.41
CA LYS A 77 -10.70 -4.31 13.58
C LYS A 77 -10.67 -2.81 13.24
N ASP A 78 -10.66 -2.49 11.97
CA ASP A 78 -10.62 -1.05 11.57
C ASP A 78 -11.02 -0.91 10.10
N THR A 79 -11.48 0.26 9.70
CA THR A 79 -11.88 0.46 8.27
C THR A 79 -11.09 1.60 7.64
N ASP A 80 -9.81 1.42 7.43
CA ASP A 80 -8.98 2.49 6.82
C ASP A 80 -8.50 2.06 5.43
N SER A 81 -7.91 2.97 4.69
CA SER A 81 -7.43 2.61 3.33
C SER A 81 -6.29 3.55 2.90
N GLU A 82 -5.21 3.58 3.65
CA GLU A 82 -4.08 4.48 3.29
C GLU A 82 -2.79 3.67 3.13
N GLU A 83 -1.69 4.32 2.84
CA GLU A 83 -0.40 3.59 2.68
C GLU A 83 -0.60 2.35 1.79
N GLU A 84 -0.52 2.52 0.50
CA GLU A 84 -0.70 1.36 -0.42
C GLU A 84 0.67 0.72 -0.71
N ILE A 85 1.70 1.50 -0.77
CA ILE A 85 3.06 0.94 -1.04
C ILE A 85 3.34 -0.22 -0.09
N ARG A 86 2.80 -0.17 1.09
CA ARG A 86 3.04 -1.28 2.06
C ARG A 86 2.37 -2.56 1.57
N GLU A 87 1.16 -2.45 1.08
CA GLU A 87 0.44 -3.67 0.58
C GLU A 87 1.21 -4.29 -0.59
N ALA A 88 1.79 -3.47 -1.43
CA ALA A 88 2.55 -4.01 -2.59
C ALA A 88 3.78 -4.79 -2.11
N PHE A 89 4.68 -4.13 -1.45
CA PHE A 89 5.90 -4.84 -0.96
C PHE A 89 5.51 -6.06 -0.11
N ARG A 90 4.36 -6.00 0.53
CA ARG A 90 3.91 -7.14 1.38
C ARG A 90 3.71 -8.40 0.52
N VAL A 91 2.92 -8.31 -0.52
CA VAL A 91 2.67 -9.49 -1.38
C VAL A 91 3.93 -9.86 -2.18
N PHE A 92 4.79 -8.92 -2.42
CA PHE A 92 6.03 -9.22 -3.20
C PHE A 92 7.01 -10.02 -2.33
N ASP A 93 6.96 -9.83 -1.05
CA ASP A 93 7.88 -10.60 -0.15
C ASP A 93 7.08 -11.64 0.65
N LYS A 94 6.58 -12.64 -0.03
CA LYS A 94 5.77 -13.69 0.67
C LYS A 94 6.70 -14.66 1.42
N ASP A 95 7.89 -14.87 0.92
CA ASP A 95 8.83 -15.80 1.60
C ASP A 95 9.30 -15.20 2.94
N GLY A 96 8.96 -13.97 3.22
CA GLY A 96 9.39 -13.35 4.50
C GLY A 96 10.89 -13.09 4.47
N ASN A 97 11.43 -12.88 3.30
CA ASN A 97 12.90 -12.62 3.20
C ASN A 97 13.20 -11.15 3.53
N GLY A 98 12.92 -10.26 2.63
CA GLY A 98 13.19 -8.82 2.90
C GLY A 98 13.47 -8.10 1.57
N TYR A 99 13.92 -8.81 0.59
CA TYR A 99 14.21 -8.16 -0.73
C TYR A 99 13.35 -8.77 -1.83
N ILE A 100 12.71 -7.94 -2.62
CA ILE A 100 11.84 -8.49 -3.71
C ILE A 100 12.71 -9.13 -4.81
N SER A 101 12.40 -10.34 -5.18
CA SER A 101 13.21 -11.02 -6.23
C SER A 101 12.35 -11.26 -7.47
N ALA A 102 12.95 -11.76 -8.52
CA ALA A 102 12.17 -12.02 -9.76
C ALA A 102 11.23 -13.22 -9.56
N ALA A 103 11.76 -14.33 -9.11
CA ALA A 103 10.89 -15.53 -8.89
C ALA A 103 9.63 -15.14 -8.12
N GLU A 104 9.78 -14.56 -6.96
CA GLU A 104 8.59 -14.14 -6.18
C GLU A 104 7.74 -13.17 -7.00
N LEU A 105 8.36 -12.25 -7.67
CA LEU A 105 7.59 -11.27 -8.49
C LEU A 105 6.68 -12.01 -9.47
N ARG A 106 7.08 -13.18 -9.91
CA ARG A 106 6.22 -13.95 -10.87
C ARG A 106 5.06 -14.60 -10.12
N HIS A 107 5.33 -15.18 -8.97
CA HIS A 107 4.24 -15.84 -8.20
C HIS A 107 3.17 -14.82 -7.80
N VAL A 108 3.51 -13.55 -7.81
CA VAL A 108 2.51 -12.51 -7.43
C VAL A 108 1.78 -11.99 -8.68
N MET A 109 2.50 -11.71 -9.73
CA MET A 109 1.85 -11.19 -10.97
C MET A 109 1.04 -12.29 -11.64
N THR A 110 1.28 -13.53 -11.31
CA THR A 110 0.51 -14.63 -11.94
C THR A 110 -0.90 -14.71 -11.33
N ASN A 111 -1.05 -14.24 -10.12
CA ASN A 111 -2.38 -14.29 -9.46
C ASN A 111 -3.18 -13.02 -9.81
N LEU A 112 -2.52 -11.88 -9.86
CA LEU A 112 -3.24 -10.62 -10.19
C LEU A 112 -3.91 -10.73 -11.56
N GLY A 113 -3.23 -11.29 -12.52
CA GLY A 113 -3.84 -11.43 -13.88
C GLY A 113 -2.90 -10.81 -14.93
N GLU A 114 -1.76 -10.31 -14.53
CA GLU A 114 -0.82 -9.70 -15.51
C GLU A 114 -0.15 -10.79 -16.34
N LYS A 115 0.27 -11.86 -15.71
CA LYS A 115 0.93 -12.97 -16.47
C LYS A 115 2.14 -12.43 -17.25
N LEU A 116 3.33 -12.74 -16.80
CA LEU A 116 4.55 -12.25 -17.51
C LEU A 116 5.54 -13.40 -17.72
N THR A 117 6.47 -13.25 -18.63
CA THR A 117 7.46 -14.33 -18.87
C THR A 117 8.64 -14.18 -17.90
N ASP A 118 9.48 -15.18 -17.82
CA ASP A 118 10.65 -15.10 -16.90
C ASP A 118 11.51 -13.87 -17.22
N GLU A 119 11.77 -13.61 -18.48
CA GLU A 119 12.61 -12.43 -18.84
C GLU A 119 11.89 -11.12 -18.47
N GLU A 120 10.58 -11.11 -18.57
CA GLU A 120 9.84 -9.86 -18.22
C GLU A 120 10.00 -9.56 -16.73
N VAL A 121 9.58 -10.47 -15.88
CA VAL A 121 9.73 -10.24 -14.41
C VAL A 121 11.17 -9.84 -14.08
N ASP A 122 12.12 -10.55 -14.63
CA ASP A 122 13.55 -10.21 -14.37
C ASP A 122 13.79 -8.74 -14.71
N GLU A 123 13.24 -8.28 -15.80
CA GLU A 123 13.44 -6.86 -16.20
C GLU A 123 12.79 -5.94 -15.16
N MET A 124 11.71 -6.38 -14.56
CA MET A 124 11.03 -5.55 -13.53
C MET A 124 11.96 -5.35 -12.32
N ILE A 125 12.52 -6.41 -11.81
CA ILE A 125 13.43 -6.28 -10.64
C ILE A 125 14.68 -5.48 -11.03
N ARG A 126 15.06 -5.49 -12.28
CA ARG A 126 16.26 -4.72 -12.70
C ARG A 126 15.98 -3.22 -12.62
N GLU A 127 14.89 -2.78 -13.19
CA GLU A 127 14.56 -1.33 -13.15
C GLU A 127 14.47 -0.86 -11.69
N ALA A 128 13.91 -1.67 -10.84
CA ALA A 128 13.79 -1.29 -9.41
C ALA A 128 15.18 -1.31 -8.74
N ASP A 129 16.04 -2.17 -9.20
CA ASP A 129 17.41 -2.26 -8.61
C ASP A 129 18.22 -1.01 -8.98
N ILE A 130 18.17 0.01 -8.15
CA ILE A 130 18.94 1.26 -8.45
C ILE A 130 20.44 1.05 -8.21
N ASP A 131 20.81 0.54 -7.06
CA ASP A 131 22.26 0.35 -6.77
C ASP A 131 22.84 -0.78 -7.63
N GLY A 132 22.01 -1.62 -8.19
CA GLY A 132 22.53 -2.73 -9.05
C GLY A 132 23.20 -3.78 -8.16
N ASP A 133 22.43 -4.53 -7.43
CA ASP A 133 23.03 -5.57 -6.54
C ASP A 133 22.42 -6.96 -6.82
N GLY A 134 21.22 -7.02 -7.32
CA GLY A 134 20.61 -8.36 -7.60
C GLY A 134 19.17 -8.40 -7.07
N GLN A 135 18.86 -7.61 -6.09
CA GLN A 135 17.47 -7.63 -5.52
C GLN A 135 17.01 -6.21 -5.19
N VAL A 136 15.74 -6.03 -4.93
CA VAL A 136 15.22 -4.67 -4.61
C VAL A 136 14.99 -4.52 -3.10
N ASN A 137 15.24 -3.35 -2.57
CA ASN A 137 15.03 -3.12 -1.11
C ASN A 137 13.78 -2.25 -0.91
N TYR A 138 13.28 -2.18 0.30
CA TYR A 138 12.08 -1.34 0.55
C TYR A 138 12.29 0.08 0.02
N GLU A 139 13.47 0.61 0.17
CA GLU A 139 13.74 1.98 -0.33
C GLU A 139 13.71 2.03 -1.86
N GLU A 140 14.56 1.28 -2.51
CA GLU A 140 14.58 1.28 -4.00
C GLU A 140 13.16 1.15 -4.56
N PHE A 141 12.33 0.39 -3.92
CA PHE A 141 10.93 0.22 -4.44
C PHE A 141 10.18 1.55 -4.35
N VAL A 142 10.27 2.23 -3.23
CA VAL A 142 9.56 3.53 -3.08
C VAL A 142 10.16 4.57 -4.04
N GLN A 143 11.39 4.37 -4.45
CA GLN A 143 12.04 5.35 -5.38
C GLN A 143 11.66 5.06 -6.84
N MET A 144 11.33 3.84 -7.15
CA MET A 144 10.96 3.50 -8.57
C MET A 144 9.47 3.71 -8.82
N MET A 145 8.68 3.67 -7.78
CA MET A 145 7.20 3.83 -7.95
C MET A 145 6.82 5.32 -7.87
N THR A 146 7.73 6.18 -7.49
CA THR A 146 7.40 7.63 -7.40
C THR A 146 8.20 8.44 -8.43
N ALA A 147 9.38 8.00 -8.77
CA ALA A 147 10.20 8.73 -9.76
C ALA A 147 9.99 8.16 -11.17
N LYS A 148 9.73 9.01 -12.13
CA LYS A 148 9.51 8.51 -13.52
C LYS A 148 9.81 9.63 -14.53
CA CA B . -4.87 -26.76 1.12
CA CA C . -14.76 -26.16 9.70
CA CA D . 12.22 -12.15 -0.69
CA CA E . 19.14 -3.24 -5.79
S1 WW7 F . -5.71 -14.68 11.86
O1 WW7 F . -6.02 -14.79 13.25
O2 WW7 F . -6.36 -13.66 11.08
N1 WW7 F . -4.02 -14.24 11.81
C4 WW7 F . -5.97 -18.64 9.32
C3 WW7 F . -5.72 -17.34 8.73
C2 WW7 F . -5.67 -16.14 9.56
C1 WW7 F . -5.86 -16.22 11.00
C9 WW7 F . -6.11 -17.53 11.63
C10 WW7 F . -6.18 -18.76 10.75
CL1 WW7 F . -6.55 -21.51 10.44
C5 WW7 F . -6.44 -20.06 11.36
C6 WW7 F . -6.63 -20.17 12.80
C7 WW7 F . -6.56 -18.99 13.65
C8 WW7 F . -6.30 -17.67 13.08
C11 WW7 F . -3.39 -14.10 10.51
C12 WW7 F . -2.44 -12.91 10.41
C14 WW7 F . -4.41 -11.44 9.91
C13 WW7 F . -3.18 -11.62 10.79
C15 WW7 F . -5.21 -10.21 10.34
C16 WW7 F . -4.43 -8.92 10.00
N2 WW7 F . -3.19 -8.70 10.74
HN1 WW7 F . -3.48 -14.87 12.39
H4 WW7 F . -5.99 -19.51 8.69
H3 WW7 F . -5.57 -17.26 7.66
H2 WW7 F . -5.48 -15.19 9.09
H6 WW7 F . -6.83 -21.14 13.24
H7 WW7 F . -6.71 -19.09 14.70
H8 WW7 F . -6.25 -16.83 13.75
H111 WW7 F . -2.85 -15.01 10.30
H112 WW7 F . -4.19 -13.98 9.79
H121 WW7 F . -1.60 -13.06 11.07
H122 WW7 F . -2.08 -12.82 9.39
H141 WW7 F . -5.04 -12.32 10.00
H142 WW7 F . -4.11 -11.33 8.87
H131 WW7 F . -3.49 -11.69 11.83
H132 WW7 F . -2.51 -10.78 10.67
H151 WW7 F . -6.15 -10.19 9.81
H152 WW7 F . -5.40 -10.25 11.40
H161 WW7 F . -5.04 -8.07 10.25
H162 WW7 F . -4.19 -8.91 8.95
HN21 WW7 F . -3.39 -8.63 11.73
HN22 WW7 F . -2.78 -7.82 10.47
S1 WW7 G . 3.85 -2.79 -9.97
O1 WW7 G . 2.74 -3.69 -9.95
O2 WW7 G . 4.16 -2.09 -11.18
N1 WW7 G . 3.41 -1.55 -8.82
C4 WW7 G . 7.45 -5.08 -7.94
C3 WW7 G . 6.07 -5.32 -7.59
C2 WW7 G . 4.98 -4.60 -8.26
C1 WW7 G . 5.27 -3.63 -9.31
C9 WW7 G . 6.66 -3.36 -9.69
C10 WW7 G . 7.78 -4.11 -8.98
CL1 WW7 G . 10.51 -4.67 -8.61
C5 WW7 G . 9.16 -3.86 -9.35
C6 WW7 G . 9.48 -2.90 -10.38
C7 WW7 G . 8.41 -2.17 -11.07
C8 WW7 G . 7.02 -2.39 -10.72
C11 WW7 G . 3.08 -1.98 -7.47
C12 WW7 G . 2.92 -0.82 -6.48
C14 WW7 G . 1.63 1.25 -5.96
C13 WW7 G . 1.77 0.08 -6.95
C15 WW7 G . 0.48 2.16 -6.41
C16 WW7 G . -0.83 1.37 -6.40
N2 WW7 G . -1.97 2.21 -6.77
HN1 WW7 G . 2.64 -1.02 -9.20
H4 WW7 G . 8.25 -5.62 -7.44
H3 WW7 G . 5.83 -6.03 -6.82
H2 WW7 G . 3.96 -4.78 -7.97
H6 WW7 G . 10.51 -2.72 -10.63
H7 WW7 G . 8.66 -1.45 -11.84
H8 WW7 G . 6.27 -1.81 -11.26
H111 WW7 G . 2.16 -2.55 -7.51
H112 WW7 G . 3.89 -2.62 -7.14
H121 WW7 G . 2.70 -1.21 -5.50
H122 WW7 G . 3.83 -0.25 -6.45
H141 WW7 G . 2.55 1.81 -5.95
H142 WW7 G . 1.42 0.88 -4.98
H131 WW7 G . 1.98 0.46 -7.93
H132 WW7 G . 0.85 -0.48 -6.96
H151 WW7 G . 0.40 3.00 -5.74
H152 WW7 G . 0.68 2.52 -7.42
H161 WW7 G . -1.00 1.00 -5.40
H162 WW7 G . -0.76 0.55 -7.10
HN21 WW7 G . -2.11 2.93 -6.08
HN22 WW7 G . -2.82 1.67 -6.80
N ALA A 1 -29.50 -21.23 -21.60
CA ALA A 1 -28.60 -20.16 -21.08
C ALA A 1 -27.15 -20.65 -21.07
N ASP A 2 -26.61 -20.98 -22.21
CA ASP A 2 -25.20 -21.46 -22.27
C ASP A 2 -24.23 -20.29 -22.09
N GLN A 3 -24.73 -19.08 -22.06
CA GLN A 3 -23.82 -17.91 -21.90
C GLN A 3 -24.30 -17.00 -20.75
N LEU A 4 -23.63 -15.90 -20.54
CA LEU A 4 -24.05 -14.98 -19.43
C LEU A 4 -25.51 -14.55 -19.61
N THR A 5 -25.90 -13.50 -18.96
CA THR A 5 -27.31 -13.02 -19.09
C THR A 5 -27.35 -11.49 -19.17
N GLU A 6 -28.31 -10.95 -19.87
CA GLU A 6 -28.39 -9.47 -19.99
C GLU A 6 -28.93 -8.85 -18.70
N GLU A 7 -29.44 -9.66 -17.81
CA GLU A 7 -29.98 -9.11 -16.53
C GLU A 7 -28.87 -8.46 -15.71
N GLN A 8 -27.65 -8.89 -15.90
CA GLN A 8 -26.52 -8.28 -15.14
C GLN A 8 -26.30 -6.83 -15.59
N ILE A 9 -26.20 -6.61 -16.87
CA ILE A 9 -25.99 -5.21 -17.37
C ILE A 9 -27.18 -4.34 -16.97
N ALA A 10 -28.37 -4.80 -17.20
CA ALA A 10 -29.57 -4.00 -16.83
C ALA A 10 -29.50 -3.63 -15.34
N GLU A 11 -29.06 -4.55 -14.53
CA GLU A 11 -28.96 -4.25 -13.07
C GLU A 11 -28.04 -3.04 -12.86
N PHE A 12 -26.94 -3.00 -13.53
CA PHE A 12 -26.00 -1.85 -13.38
C PHE A 12 -26.69 -0.57 -13.84
N LYS A 13 -27.64 -0.68 -14.73
CA LYS A 13 -28.35 0.54 -15.21
C LYS A 13 -29.36 1.02 -14.16
N GLU A 14 -29.89 0.13 -13.36
CA GLU A 14 -30.87 0.55 -12.32
C GLU A 14 -30.15 1.30 -11.19
N ALA A 15 -29.02 0.81 -10.76
CA ALA A 15 -28.29 1.51 -9.67
C ALA A 15 -27.62 2.76 -10.23
N PHE A 16 -26.89 2.64 -11.31
CA PHE A 16 -26.23 3.82 -11.91
C PHE A 16 -27.24 4.96 -12.08
N SER A 17 -28.39 4.66 -12.63
CA SER A 17 -29.43 5.71 -12.81
C SER A 17 -29.97 6.13 -11.44
N LEU A 18 -30.08 5.20 -10.54
CA LEU A 18 -30.58 5.55 -9.17
C LEU A 18 -29.67 6.59 -8.54
N PHE A 19 -28.44 6.64 -8.98
CA PHE A 19 -27.49 7.64 -8.41
C PHE A 19 -27.61 8.96 -9.20
N ASP A 20 -27.31 8.92 -10.47
CA ASP A 20 -27.39 10.16 -11.29
C ASP A 20 -28.79 10.82 -11.12
N LYS A 21 -28.83 12.00 -10.57
CA LYS A 21 -30.15 12.67 -10.37
C LYS A 21 -30.33 13.81 -11.38
N ASP A 22 -29.29 14.52 -11.70
CA ASP A 22 -29.42 15.64 -12.68
C ASP A 22 -29.69 15.08 -14.08
N GLY A 23 -29.27 13.87 -14.35
CA GLY A 23 -29.51 13.27 -15.69
C GLY A 23 -28.45 13.78 -16.68
N ASP A 24 -27.39 13.03 -16.87
CA ASP A 24 -26.33 13.48 -17.83
C ASP A 24 -25.49 12.28 -18.31
N GLY A 25 -25.07 11.41 -17.41
CA GLY A 25 -24.27 10.22 -17.85
C GLY A 25 -22.96 10.14 -17.07
N THR A 26 -22.89 10.73 -15.89
CA THR A 26 -21.60 10.66 -15.10
C THR A 26 -21.88 10.81 -13.61
N ILE A 27 -21.20 10.07 -12.78
CA ILE A 27 -21.41 10.18 -11.31
C ILE A 27 -20.32 11.06 -10.69
N THR A 28 -20.69 12.22 -10.20
CA THR A 28 -19.67 13.13 -9.57
C THR A 28 -19.67 12.97 -8.06
N THR A 29 -18.86 13.73 -7.36
CA THR A 29 -18.82 13.61 -5.87
C THR A 29 -20.08 14.20 -5.23
N LYS A 30 -20.65 15.22 -5.84
CA LYS A 30 -21.89 15.83 -5.24
C LYS A 30 -23.05 14.83 -5.30
N GLU A 31 -23.44 14.43 -6.47
CA GLU A 31 -24.56 13.45 -6.57
C GLU A 31 -24.23 12.21 -5.75
N LEU A 32 -23.05 11.69 -5.91
CA LEU A 32 -22.65 10.48 -5.13
C LEU A 32 -22.83 10.77 -3.63
N GLY A 33 -22.63 11.99 -3.22
CA GLY A 33 -22.80 12.33 -1.78
C GLY A 33 -24.23 12.02 -1.36
N THR A 34 -25.19 12.52 -2.09
CA THR A 34 -26.61 12.24 -1.73
C THR A 34 -26.95 10.77 -2.00
N VAL A 35 -26.10 10.07 -2.71
CA VAL A 35 -26.38 8.63 -3.00
C VAL A 35 -26.04 7.78 -1.77
N MET A 36 -25.08 8.17 -1.01
CA MET A 36 -24.70 7.37 0.20
C MET A 36 -25.55 7.82 1.40
N ARG A 37 -25.99 9.05 1.41
CA ARG A 37 -26.82 9.53 2.56
C ARG A 37 -28.28 9.08 2.37
N SER A 38 -28.81 9.26 1.19
CA SER A 38 -30.22 8.83 0.94
C SER A 38 -30.39 7.34 1.25
N LEU A 39 -29.32 6.60 1.23
CA LEU A 39 -29.42 5.13 1.53
C LEU A 39 -29.10 4.89 3.01
N GLY A 40 -27.86 5.06 3.40
CA GLY A 40 -27.50 4.84 4.82
C GLY A 40 -25.98 4.89 4.97
N GLN A 41 -25.44 6.05 5.21
CA GLN A 41 -23.95 6.17 5.36
C GLN A 41 -23.57 7.60 5.73
N ASN A 42 -23.96 8.56 4.93
CA ASN A 42 -23.60 9.98 5.24
C ASN A 42 -22.09 10.13 5.45
N PRO A 43 -21.35 9.88 4.40
CA PRO A 43 -19.87 9.98 4.48
C PRO A 43 -19.44 11.45 4.52
N THR A 44 -18.20 11.72 4.25
CA THR A 44 -17.71 13.13 4.25
C THR A 44 -17.41 13.59 2.83
N GLU A 45 -17.53 14.86 2.57
CA GLU A 45 -17.25 15.35 1.18
C GLU A 45 -15.80 15.03 0.79
N ALA A 46 -14.88 15.22 1.70
CA ALA A 46 -13.46 14.93 1.39
C ALA A 46 -13.23 13.42 1.27
N GLU A 47 -13.47 12.68 2.33
CA GLU A 47 -13.28 11.20 2.27
C GLU A 47 -14.00 10.63 1.06
N LEU A 48 -15.01 11.31 0.60
CA LEU A 48 -15.77 10.81 -0.59
C LEU A 48 -14.90 10.96 -1.84
N GLN A 49 -14.35 12.12 -2.07
CA GLN A 49 -13.49 12.30 -3.27
C GLN A 49 -12.39 11.25 -3.26
N ASP A 50 -11.99 10.81 -2.09
CA ASP A 50 -10.94 9.76 -2.00
C ASP A 50 -11.54 8.40 -2.34
N MET A 51 -12.78 8.18 -1.96
CA MET A 51 -13.44 6.88 -2.27
C MET A 51 -13.73 6.78 -3.76
N ILE A 52 -13.76 7.89 -4.45
CA ILE A 52 -14.05 7.86 -5.92
C ILE A 52 -12.73 7.68 -6.69
N ASN A 53 -11.67 8.28 -6.22
CA ASN A 53 -10.37 8.14 -6.93
C ASN A 53 -10.02 6.65 -7.08
N GLU A 54 -10.27 5.85 -6.07
CA GLU A 54 -9.95 4.39 -6.16
C GLU A 54 -10.92 3.71 -7.14
N VAL A 55 -12.12 4.21 -7.24
CA VAL A 55 -13.10 3.59 -8.19
C VAL A 55 -12.73 3.96 -9.61
N ASP A 56 -12.96 5.18 -9.98
CA ASP A 56 -12.62 5.64 -11.34
C ASP A 56 -11.18 5.30 -11.69
N ALA A 57 -10.97 4.22 -12.40
CA ALA A 57 -9.58 3.84 -12.77
C ALA A 57 -9.17 4.53 -14.07
N ASP A 58 -9.37 5.81 -14.14
CA ASP A 58 -9.02 6.57 -15.39
C ASP A 58 -8.34 7.90 -15.03
N GLY A 59 -8.02 8.11 -13.78
CA GLY A 59 -7.36 9.39 -13.38
C GLY A 59 -8.22 10.56 -13.87
N ASN A 60 -9.17 10.98 -13.08
CA ASN A 60 -10.03 12.12 -13.50
C ASN A 60 -10.88 12.60 -12.32
N GLY A 61 -11.70 11.75 -11.78
CA GLY A 61 -12.55 12.15 -10.62
C GLY A 61 -13.98 11.63 -10.82
N THR A 62 -14.61 11.99 -11.90
CA THR A 62 -16.00 11.51 -12.15
C THR A 62 -16.00 10.19 -12.91
N ILE A 63 -16.91 9.32 -12.60
CA ILE A 63 -16.97 8.01 -13.33
C ILE A 63 -17.96 8.11 -14.49
N ASP A 64 -17.74 7.35 -15.53
CA ASP A 64 -18.66 7.42 -16.71
C ASP A 64 -19.51 6.14 -16.80
N PHE A 65 -20.09 5.89 -17.93
CA PHE A 65 -20.93 4.67 -18.09
C PHE A 65 -20.06 3.41 -18.33
N PRO A 66 -19.03 3.54 -19.16
CA PRO A 66 -18.15 2.38 -19.44
C PRO A 66 -17.22 2.13 -18.26
N GLU A 67 -16.93 3.13 -17.48
CA GLU A 67 -16.03 2.94 -16.31
C GLU A 67 -16.82 2.30 -15.17
N PHE A 68 -18.10 2.55 -15.14
CA PHE A 68 -18.95 1.98 -14.07
C PHE A 68 -19.26 0.50 -14.38
N LEU A 69 -19.60 0.20 -15.60
CA LEU A 69 -19.92 -1.20 -15.97
C LEU A 69 -18.65 -2.04 -16.09
N THR A 70 -17.56 -1.45 -16.50
CA THR A 70 -16.29 -2.23 -16.66
C THR A 70 -15.62 -2.45 -15.28
N MET A 71 -15.78 -1.53 -14.37
CA MET A 71 -15.13 -1.71 -13.04
C MET A 71 -15.95 -2.65 -12.15
N MET A 72 -17.25 -2.66 -12.31
CA MET A 72 -18.10 -3.56 -11.47
C MET A 72 -18.26 -4.95 -12.12
N ALA A 73 -17.85 -5.08 -13.36
CA ALA A 73 -17.99 -6.40 -14.04
C ALA A 73 -16.91 -7.37 -13.56
N ARG A 74 -15.82 -6.86 -13.03
CA ARG A 74 -14.75 -7.76 -12.55
C ARG A 74 -14.65 -7.74 -11.02
N LYS A 75 -15.03 -6.64 -10.41
CA LYS A 75 -14.97 -6.54 -8.92
C LYS A 75 -13.52 -6.72 -8.44
N MET A 76 -13.06 -5.85 -7.57
CA MET A 76 -11.66 -5.96 -7.07
C MET A 76 -11.60 -5.65 -5.57
N LYS A 77 -10.46 -5.82 -4.97
CA LYS A 77 -10.32 -5.52 -3.51
C LYS A 77 -9.50 -4.26 -3.29
N ASP A 78 -10.09 -3.24 -2.76
CA ASP A 78 -9.33 -1.97 -2.52
C ASP A 78 -9.92 -1.23 -1.31
N THR A 79 -9.64 -1.70 -0.12
CA THR A 79 -10.19 -1.03 1.09
C THR A 79 -9.09 -0.22 1.79
N ASP A 80 -9.46 0.83 2.47
CA ASP A 80 -8.43 1.67 3.18
C ASP A 80 -7.37 2.18 2.20
N SER A 81 -7.29 3.47 2.00
CA SER A 81 -6.29 4.04 1.07
C SER A 81 -5.14 4.68 1.87
N GLU A 82 -4.29 3.89 2.45
CA GLU A 82 -3.17 4.46 3.24
C GLU A 82 -1.87 4.46 2.43
N GLU A 83 -1.60 3.40 1.71
CA GLU A 83 -0.36 3.35 0.90
C GLU A 83 -0.29 2.05 0.08
N GLU A 84 -0.61 2.11 -1.18
CA GLU A 84 -0.58 0.88 -2.02
C GLU A 84 0.84 0.32 -2.07
N ILE A 85 1.82 1.16 -2.23
CA ILE A 85 3.24 0.67 -2.29
C ILE A 85 3.52 -0.25 -1.09
N ARG A 86 2.78 -0.11 -0.03
CA ARG A 86 3.00 -0.96 1.16
C ARG A 86 2.37 -2.35 0.96
N GLU A 87 1.10 -2.39 0.65
CA GLU A 87 0.43 -3.71 0.43
C GLU A 87 1.20 -4.53 -0.61
N ALA A 88 1.69 -3.88 -1.63
CA ALA A 88 2.45 -4.61 -2.67
C ALA A 88 3.75 -5.19 -2.10
N PHE A 89 4.60 -4.35 -1.57
CA PHE A 89 5.88 -4.85 -0.99
C PHE A 89 5.62 -6.08 -0.10
N ARG A 90 4.45 -6.15 0.49
CA ARG A 90 4.13 -7.32 1.37
C ARG A 90 3.94 -8.58 0.53
N VAL A 91 3.05 -8.55 -0.43
CA VAL A 91 2.82 -9.75 -1.29
C VAL A 91 4.11 -10.14 -2.04
N PHE A 92 5.04 -9.23 -2.16
CA PHE A 92 6.31 -9.56 -2.88
C PHE A 92 7.37 -10.05 -1.90
N ASP A 93 7.20 -9.71 -0.64
CA ASP A 93 8.20 -10.17 0.38
C ASP A 93 7.48 -10.86 1.52
N LYS A 94 6.46 -11.62 1.23
CA LYS A 94 5.71 -12.32 2.31
C LYS A 94 6.38 -13.66 2.65
N ASP A 95 7.54 -13.92 2.11
CA ASP A 95 8.23 -15.21 2.41
C ASP A 95 8.97 -15.11 3.74
N GLY A 96 9.30 -13.91 4.16
CA GLY A 96 10.02 -13.75 5.45
C GLY A 96 11.45 -13.24 5.18
N ASN A 97 11.63 -12.50 4.13
CA ASN A 97 13.00 -11.98 3.81
C ASN A 97 12.97 -10.45 3.62
N GLY A 98 11.81 -9.88 3.44
CA GLY A 98 11.71 -8.40 3.25
C GLY A 98 12.40 -7.98 1.95
N TYR A 99 12.75 -8.92 1.11
CA TYR A 99 13.42 -8.56 -0.18
C TYR A 99 12.60 -9.06 -1.36
N ILE A 100 12.50 -8.28 -2.40
CA ILE A 100 11.70 -8.72 -3.58
C ILE A 100 12.61 -9.45 -4.59
N SER A 101 12.40 -10.72 -4.78
CA SER A 101 13.24 -11.48 -5.74
C SER A 101 12.45 -11.73 -7.03
N ALA A 102 13.13 -11.95 -8.12
CA ALA A 102 12.41 -12.20 -9.40
C ALA A 102 11.38 -13.33 -9.23
N ALA A 103 11.70 -14.30 -8.43
CA ALA A 103 10.74 -15.44 -8.22
C ALA A 103 9.48 -14.95 -7.48
N GLU A 104 9.63 -14.47 -6.28
CA GLU A 104 8.45 -13.99 -5.51
C GLU A 104 7.58 -13.08 -6.39
N LEU A 105 8.19 -12.22 -7.14
CA LEU A 105 7.41 -11.31 -8.01
C LEU A 105 6.49 -12.11 -8.93
N ARG A 106 7.04 -13.05 -9.66
CA ARG A 106 6.19 -13.87 -10.57
C ARG A 106 5.18 -14.68 -9.76
N HIS A 107 5.43 -14.86 -8.49
CA HIS A 107 4.49 -15.64 -7.64
C HIS A 107 3.27 -14.77 -7.27
N VAL A 108 3.45 -13.48 -7.22
CA VAL A 108 2.31 -12.58 -6.87
C VAL A 108 1.48 -12.29 -8.11
N MET A 109 2.12 -12.08 -9.23
CA MET A 109 1.37 -11.80 -10.49
C MET A 109 0.44 -12.97 -10.81
N THR A 110 0.90 -14.17 -10.65
CA THR A 110 0.04 -15.35 -10.95
C THR A 110 -1.26 -15.28 -10.15
N ASN A 111 -1.17 -14.96 -8.88
CA ASN A 111 -2.41 -14.89 -8.05
C ASN A 111 -3.35 -13.81 -8.61
N LEU A 112 -2.84 -12.64 -8.88
CA LEU A 112 -3.70 -11.56 -9.43
C LEU A 112 -4.24 -11.95 -10.81
N GLY A 113 -3.69 -12.96 -11.41
CA GLY A 113 -4.18 -13.39 -12.75
C GLY A 113 -3.46 -12.58 -13.84
N GLU A 114 -2.15 -12.53 -13.80
CA GLU A 114 -1.41 -11.76 -14.84
C GLU A 114 -0.81 -12.72 -15.87
N LYS A 115 -0.08 -12.20 -16.83
CA LYS A 115 0.51 -13.10 -17.87
C LYS A 115 1.84 -12.51 -18.37
N LEU A 116 2.70 -12.11 -17.48
CA LEU A 116 4.01 -11.54 -17.91
C LEU A 116 4.95 -12.66 -18.36
N THR A 117 6.18 -12.33 -18.69
CA THR A 117 7.13 -13.39 -19.14
C THR A 117 8.50 -13.19 -18.47
N ASP A 118 9.38 -14.13 -18.60
CA ASP A 118 10.73 -14.01 -17.97
C ASP A 118 11.40 -12.68 -18.37
N GLU A 119 11.14 -12.22 -19.58
CA GLU A 119 11.76 -10.93 -20.02
C GLU A 119 11.24 -9.76 -19.19
N GLU A 120 9.95 -9.60 -19.11
CA GLU A 120 9.37 -8.48 -18.32
C GLU A 120 9.78 -8.55 -16.84
N VAL A 121 9.64 -9.69 -16.23
CA VAL A 121 10.02 -9.83 -14.79
C VAL A 121 11.47 -9.40 -14.57
N ASP A 122 12.38 -9.97 -15.30
CA ASP A 122 13.82 -9.60 -15.12
C ASP A 122 14.04 -8.10 -15.36
N GLU A 123 13.32 -7.53 -16.29
CA GLU A 123 13.48 -6.07 -16.57
C GLU A 123 12.89 -5.24 -15.43
N MET A 124 11.94 -5.79 -14.71
CA MET A 124 11.33 -5.03 -13.58
C MET A 124 12.28 -5.01 -12.39
N ILE A 125 12.78 -6.15 -12.00
CA ILE A 125 13.71 -6.20 -10.84
C ILE A 125 15.04 -5.52 -11.17
N ARG A 126 15.40 -5.48 -12.43
CA ARG A 126 16.68 -4.84 -12.81
C ARG A 126 16.53 -3.31 -12.81
N GLU A 127 15.42 -2.81 -13.27
CA GLU A 127 15.22 -1.34 -13.29
C GLU A 127 15.08 -0.80 -11.87
N ALA A 128 14.53 -1.58 -10.99
CA ALA A 128 14.35 -1.12 -9.58
C ALA A 128 15.63 -1.41 -8.77
N ASP A 129 16.36 -2.40 -9.15
CA ASP A 129 17.62 -2.73 -8.42
C ASP A 129 18.67 -1.63 -8.62
N ILE A 130 18.72 -0.68 -7.73
CA ILE A 130 19.71 0.42 -7.87
C ILE A 130 21.13 -0.05 -7.50
N ASP A 131 21.27 -0.73 -6.39
CA ASP A 131 22.62 -1.21 -5.98
C ASP A 131 23.07 -2.39 -6.85
N GLY A 132 22.20 -2.88 -7.70
CA GLY A 132 22.59 -4.02 -8.58
C GLY A 132 23.04 -5.20 -7.72
N ASP A 133 22.16 -5.72 -6.92
CA ASP A 133 22.54 -6.89 -6.04
C ASP A 133 21.59 -8.07 -6.27
N GLY A 134 20.74 -8.00 -7.24
CA GLY A 134 19.80 -9.12 -7.51
C GLY A 134 18.71 -9.14 -6.44
N GLN A 135 18.30 -7.98 -6.01
CA GLN A 135 17.24 -7.92 -4.96
C GLN A 135 16.76 -6.47 -4.78
N VAL A 136 15.47 -6.26 -4.66
CA VAL A 136 14.96 -4.87 -4.49
C VAL A 136 14.42 -4.68 -3.06
N ASN A 137 14.99 -3.78 -2.32
CA ASN A 137 14.51 -3.55 -0.92
C ASN A 137 13.38 -2.51 -0.93
N TYR A 138 12.80 -2.24 0.21
CA TYR A 138 11.70 -1.24 0.28
C TYR A 138 12.20 0.14 -0.19
N GLU A 139 13.34 0.55 0.28
CA GLU A 139 13.88 1.90 -0.13
C GLU A 139 13.91 1.99 -1.65
N GLU A 140 14.56 1.07 -2.31
CA GLU A 140 14.62 1.12 -3.80
C GLU A 140 13.22 0.94 -4.38
N PHE A 141 12.35 0.32 -3.63
CA PHE A 141 10.95 0.10 -4.12
C PHE A 141 10.16 1.41 -4.04
N VAL A 142 10.58 2.32 -3.20
CA VAL A 142 9.86 3.61 -3.07
C VAL A 142 10.46 4.63 -4.04
N GLN A 143 11.69 4.44 -4.43
CA GLN A 143 12.33 5.40 -5.38
C GLN A 143 11.89 5.10 -6.81
N MET A 144 11.69 3.85 -7.13
CA MET A 144 11.25 3.49 -8.51
C MET A 144 9.74 3.67 -8.66
N MET A 145 9.04 3.82 -7.57
CA MET A 145 7.56 4.00 -7.64
C MET A 145 7.21 5.48 -7.81
N THR A 146 7.81 6.34 -7.03
CA THR A 146 7.51 7.79 -7.15
C THR A 146 8.50 8.47 -8.10
N ALA A 147 9.77 8.30 -7.87
CA ALA A 147 10.78 8.95 -8.76
C ALA A 147 11.22 7.98 -9.86
N LYS A 148 12.31 8.27 -10.52
CA LYS A 148 12.80 7.38 -11.61
C LYS A 148 14.33 7.27 -11.56
CA CA B . -24.82 13.26 -13.19
CA CA C . -13.29 9.28 -15.83
CA CA D . 10.85 -11.33 -0.88
CA CA E . 19.22 -3.53 -4.78
S1 WW7 F . -21.77 0.38 -5.66
O1 WW7 F . -20.63 -0.38 -5.25
O2 WW7 F . -22.71 -0.21 -6.56
N1 WW7 F . -22.69 0.70 -4.22
C4 WW7 F . -20.72 4.66 -7.36
C3 WW7 F . -21.91 3.94 -7.77
C2 WW7 F . -22.19 2.61 -7.23
C1 WW7 F . -21.29 1.98 -6.28
C9 WW7 F . -20.08 2.67 -5.85
C10 WW7 F . -19.80 4.05 -6.41
CL1 WW7 F . -18.13 6.32 -6.60
C5 WW7 F . -18.59 4.77 -5.99
C6 WW7 F . -17.69 4.17 -5.02
C7 WW7 F . -17.97 2.84 -4.48
C8 WW7 F . -19.15 2.09 -4.88
C11 WW7 F . -23.89 1.51 -4.37
C12 WW7 F . -24.34 2.13 -3.05
C14 WW7 F . -25.06 1.63 -0.71
C13 WW7 F . -24.65 1.01 -2.05
C15 WW7 F . -25.34 0.52 0.30
C16 WW7 F . -25.70 1.14 1.66
N2 WW7 F . -25.93 0.14 2.69
HN1 WW7 F . -22.07 1.12 -3.53
H4 WW7 F . -20.50 5.64 -7.75
H3 WW7 F . -22.60 4.36 -8.47
H2 WW7 F . -23.09 2.08 -7.54
H6 WW7 F . -16.82 4.72 -4.72
H7 WW7 F . -17.29 2.41 -3.77
H8 WW7 F . -19.32 1.11 -4.46
H111 WW7 F . -23.67 2.29 -5.07
H112 WW7 F . -24.68 0.88 -4.76
H121 WW7 F . -23.55 2.74 -2.65
H122 WW7 F . -25.22 2.72 -3.20
H141 WW7 F . -25.95 2.23 -0.85
H142 WW7 F . -24.26 2.25 -0.35
H131 WW7 F . -25.46 0.40 -2.43
H132 WW7 F . -23.78 0.40 -1.91
H151 WW7 F . -26.18 -0.08 -0.04
H152 WW7 F . -24.47 -0.10 0.41
H161 WW7 F . -26.58 1.75 1.57
H162 WW7 F . -24.87 1.75 1.99
HN21 WW7 F . -25.62 0.48 3.59
HN22 WW7 F . -26.92 -0.05 2.78
S1 WW7 G . 4.18 -2.86 -9.43
O1 WW7 G . 3.64 -3.35 -10.67
O2 WW7 G . 4.50 -1.48 -9.30
N1 WW7 G . 2.94 -3.16 -8.25
C4 WW7 G . 7.81 -5.50 -7.94
C3 WW7 G . 6.45 -5.71 -7.45
C2 WW7 G . 5.34 -4.89 -7.95
C1 WW7 G . 5.57 -3.84 -8.94
C9 WW7 G . 6.92 -3.62 -9.45
C10 WW7 G . 8.06 -4.46 -8.93
CL1 WW7 G . 10.78 -5.12 -8.93
C5 WW7 G . 9.41 -4.21 -9.45
C6 WW7 G . 9.62 -3.17 -10.44
C7 WW7 G . 8.51 -2.35 -10.94
C8 WW7 G . 7.15 -2.58 -10.44
C11 WW7 G . 1.90 -2.15 -8.01
C12 WW7 G . 2.47 -0.94 -7.28
C14 WW7 G . 0.77 0.54 -8.35
C13 WW7 G . 1.36 0.08 -7.01
C15 WW7 G . -0.31 1.59 -8.10
C16 WW7 G . -1.43 0.96 -7.26
N2 WW7 G . -2.51 1.89 -6.97
HN1 WW7 G . 2.54 -4.08 -8.37
H4 WW7 G . 8.62 -6.09 -7.54
H3 WW7 G . 6.26 -6.48 -6.71
H2 WW7 G . 4.33 -5.03 -7.59
H6 WW7 G . 10.62 -3.00 -10.82
H7 WW7 G . 8.68 -1.58 -11.67
H8 WW7 G . 6.31 -2.00 -10.81
H111 WW7 G . 1.50 -1.84 -8.96
H112 WW7 G . 1.13 -2.62 -7.42
H121 WW7 G . 2.89 -1.27 -6.32
H122 WW7 G . 3.25 -0.49 -7.86
H141 WW7 G . 0.35 -0.30 -8.87
H142 WW7 G . 1.55 0.97 -8.96
H131 WW7 G . 0.58 -0.39 -6.42
H132 WW7 G . 1.77 0.92 -6.49
H151 WW7 G . 0.11 2.42 -7.55
H152 WW7 G . -0.71 1.93 -9.03
H161 WW7 G . -1.04 0.62 -6.32
H162 WW7 G . -1.86 0.12 -7.80
HN21 WW7 G . -2.95 2.21 -7.84
HN22 WW7 G . -2.14 2.72 -6.51
N ALA A 1 -34.69 10.99 27.58
CA ALA A 1 -35.73 11.35 26.58
C ALA A 1 -36.44 10.08 26.08
N ASP A 2 -35.69 9.14 25.58
CA ASP A 2 -36.30 7.87 25.09
C ASP A 2 -35.50 6.66 25.57
N GLN A 3 -35.96 5.49 25.30
CA GLN A 3 -35.22 4.27 25.75
C GLN A 3 -34.88 3.39 24.55
N LEU A 4 -34.27 2.26 24.79
CA LEU A 4 -33.90 1.37 23.65
C LEU A 4 -33.87 -0.09 24.11
N THR A 5 -34.58 -0.96 23.45
CA THR A 5 -34.59 -2.39 23.85
C THR A 5 -34.98 -3.28 22.66
N GLU A 6 -36.18 -3.16 22.20
CA GLU A 6 -36.62 -4.00 21.04
C GLU A 6 -36.13 -3.39 19.72
N GLU A 7 -35.60 -2.20 19.77
CA GLU A 7 -35.10 -1.55 18.50
C GLU A 7 -33.90 -2.32 17.96
N GLN A 8 -32.86 -2.42 18.72
CA GLN A 8 -31.64 -3.16 18.24
C GLN A 8 -31.97 -4.64 18.00
N ILE A 9 -32.70 -5.25 18.89
CA ILE A 9 -33.06 -6.69 18.69
C ILE A 9 -33.74 -6.89 17.34
N ALA A 10 -34.62 -5.99 16.98
CA ALA A 10 -35.31 -6.11 15.67
C ALA A 10 -34.32 -5.91 14.52
N GLU A 11 -33.35 -5.05 14.71
CA GLU A 11 -32.35 -4.82 13.63
C GLU A 11 -31.65 -6.14 13.28
N PHE A 12 -31.19 -6.86 14.27
CA PHE A 12 -30.51 -8.16 13.98
C PHE A 12 -31.47 -9.11 13.26
N LYS A 13 -32.67 -9.24 13.76
CA LYS A 13 -33.65 -10.15 13.09
C LYS A 13 -33.70 -9.86 11.59
N GLU A 14 -33.69 -8.61 11.22
CA GLU A 14 -33.73 -8.26 9.78
C GLU A 14 -32.44 -8.72 9.07
N ALA A 15 -31.33 -8.60 9.73
CA ALA A 15 -30.05 -9.03 9.11
C ALA A 15 -30.11 -10.52 8.75
N PHE A 16 -30.54 -11.34 9.67
CA PHE A 16 -30.63 -12.80 9.39
C PHE A 16 -31.57 -13.05 8.21
N SER A 17 -32.72 -12.41 8.21
CA SER A 17 -33.68 -12.61 7.10
C SER A 17 -33.06 -12.14 5.78
N LEU A 18 -32.06 -11.29 5.85
CA LEU A 18 -31.41 -10.80 4.60
C LEU A 18 -30.34 -11.78 4.14
N PHE A 19 -29.79 -12.55 5.06
CA PHE A 19 -28.73 -13.53 4.67
C PHE A 19 -29.35 -14.89 4.36
N ASP A 20 -29.87 -15.56 5.36
CA ASP A 20 -30.48 -16.89 5.13
C ASP A 20 -31.79 -16.75 4.35
N LYS A 21 -31.72 -16.71 3.05
CA LYS A 21 -32.96 -16.57 2.24
C LYS A 21 -33.27 -17.89 1.51
N ASP A 22 -33.13 -19.01 2.18
CA ASP A 22 -33.41 -20.31 1.51
C ASP A 22 -34.44 -21.11 2.33
N GLY A 23 -34.29 -21.15 3.63
CA GLY A 23 -35.29 -21.90 4.47
C GLY A 23 -34.58 -22.65 5.61
N ASP A 24 -33.41 -23.18 5.37
CA ASP A 24 -32.70 -23.93 6.45
C ASP A 24 -32.52 -23.06 7.70
N GLY A 25 -32.66 -21.77 7.57
CA GLY A 25 -32.50 -20.88 8.76
C GLY A 25 -31.06 -21.00 9.31
N THR A 26 -30.16 -21.57 8.57
CA THR A 26 -28.76 -21.70 9.06
C THR A 26 -27.79 -21.02 8.08
N ILE A 27 -27.12 -19.98 8.51
CA ILE A 27 -26.16 -19.29 7.60
C ILE A 27 -24.94 -20.17 7.33
N THR A 28 -24.83 -20.68 6.14
CA THR A 28 -23.68 -21.55 5.81
C THR A 28 -22.65 -20.79 4.95
N THR A 29 -21.83 -21.48 4.22
CA THR A 29 -20.81 -20.79 3.39
C THR A 29 -21.41 -20.35 2.05
N LYS A 30 -22.30 -21.12 1.50
CA LYS A 30 -22.92 -20.73 0.20
C LYS A 30 -23.78 -19.48 0.38
N GLU A 31 -24.76 -19.53 1.23
CA GLU A 31 -25.62 -18.33 1.46
C GLU A 31 -24.77 -17.17 1.93
N LEU A 32 -24.00 -17.37 2.97
CA LEU A 32 -23.13 -16.28 3.48
C LEU A 32 -22.18 -15.81 2.37
N GLY A 33 -21.94 -16.66 1.41
CA GLY A 33 -21.03 -16.27 0.29
C GLY A 33 -21.68 -15.17 -0.54
N THR A 34 -22.94 -15.33 -0.84
CA THR A 34 -23.64 -14.29 -1.65
C THR A 34 -23.88 -13.02 -0.80
N VAL A 35 -24.11 -13.19 0.47
CA VAL A 35 -24.35 -12.00 1.35
C VAL A 35 -23.05 -11.20 1.53
N MET A 36 -21.93 -11.86 1.52
CA MET A 36 -20.63 -11.12 1.68
C MET A 36 -20.09 -10.69 0.31
N ARG A 37 -20.56 -11.31 -0.74
CA ARG A 37 -20.07 -10.94 -2.10
C ARG A 37 -20.75 -9.65 -2.58
N SER A 38 -21.98 -9.45 -2.21
CA SER A 38 -22.71 -8.22 -2.66
C SER A 38 -21.99 -6.97 -2.12
N LEU A 39 -21.21 -7.11 -1.09
CA LEU A 39 -20.49 -5.94 -0.53
C LEU A 39 -19.11 -6.35 -0.01
N GLY A 40 -18.17 -6.55 -0.90
CA GLY A 40 -16.81 -6.96 -0.46
C GLY A 40 -15.96 -7.35 -1.66
N GLN A 41 -16.33 -8.40 -2.34
CA GLN A 41 -15.52 -8.83 -3.53
C GLN A 41 -14.05 -8.99 -3.14
N ASN A 42 -13.79 -9.17 -1.87
CA ASN A 42 -12.37 -9.33 -1.42
C ASN A 42 -12.07 -10.81 -1.05
N PRO A 43 -12.69 -11.30 0.00
CA PRO A 43 -12.45 -12.72 0.41
C PRO A 43 -13.13 -13.67 -0.57
N THR A 44 -12.85 -14.95 -0.44
CA THR A 44 -13.48 -15.94 -1.36
C THR A 44 -14.33 -16.93 -0.54
N GLU A 45 -14.31 -18.19 -0.89
CA GLU A 45 -15.12 -19.17 -0.12
C GLU A 45 -14.28 -19.76 1.02
N ALA A 46 -12.99 -19.88 0.84
CA ALA A 46 -12.13 -20.43 1.92
C ALA A 46 -11.99 -19.42 3.05
N GLU A 47 -11.36 -18.31 2.81
CA GLU A 47 -11.21 -17.28 3.87
C GLU A 47 -12.57 -16.99 4.50
N LEU A 48 -13.62 -17.00 3.70
CA LEU A 48 -14.97 -16.74 4.25
C LEU A 48 -15.31 -17.80 5.30
N GLN A 49 -15.04 -19.05 5.02
CA GLN A 49 -15.33 -20.11 6.02
C GLN A 49 -14.66 -19.73 7.34
N ASP A 50 -13.48 -19.18 7.27
CA ASP A 50 -12.79 -18.77 8.52
C ASP A 50 -13.60 -17.65 9.18
N MET A 51 -14.15 -16.77 8.37
CA MET A 51 -14.97 -15.66 8.94
C MET A 51 -16.15 -16.26 9.69
N ILE A 52 -16.54 -17.46 9.35
CA ILE A 52 -17.67 -18.12 10.04
C ILE A 52 -17.18 -18.82 11.31
N ASN A 53 -15.92 -19.18 11.34
CA ASN A 53 -15.37 -19.86 12.55
C ASN A 53 -15.21 -18.85 13.70
N GLU A 54 -14.85 -17.63 13.38
CA GLU A 54 -14.67 -16.62 14.47
C GLU A 54 -16.03 -16.19 15.02
N VAL A 55 -17.00 -15.97 14.17
CA VAL A 55 -18.35 -15.56 14.65
C VAL A 55 -19.02 -16.74 15.38
N ASP A 56 -19.17 -17.84 14.70
CA ASP A 56 -19.81 -19.04 15.33
C ASP A 56 -18.89 -19.60 16.43
N ALA A 57 -19.42 -19.90 17.57
CA ALA A 57 -18.59 -20.46 18.67
C ALA A 57 -18.92 -21.93 18.91
N ASP A 58 -18.94 -22.73 17.87
CA ASP A 58 -19.27 -24.18 18.05
C ASP A 58 -18.31 -25.05 17.24
N GLY A 59 -18.49 -25.09 15.94
CA GLY A 59 -17.60 -25.93 15.08
C GLY A 59 -18.43 -26.56 13.97
N ASN A 60 -19.24 -25.79 13.30
CA ASN A 60 -20.07 -26.35 12.20
C ASN A 60 -20.15 -25.36 11.02
N GLY A 61 -19.29 -24.37 11.01
CA GLY A 61 -19.29 -23.37 9.90
C GLY A 61 -20.72 -22.91 9.61
N THR A 62 -21.52 -22.72 10.62
CA THR A 62 -22.92 -22.26 10.40
C THR A 62 -23.43 -21.48 11.62
N ILE A 63 -24.09 -20.37 11.39
CA ILE A 63 -24.63 -19.57 12.52
C ILE A 63 -26.16 -19.63 12.54
N ASP A 64 -26.75 -20.05 13.63
CA ASP A 64 -28.23 -20.13 13.69
C ASP A 64 -28.83 -18.78 14.05
N PHE A 65 -30.13 -18.73 14.26
CA PHE A 65 -30.79 -17.44 14.62
C PHE A 65 -30.34 -16.95 16.01
N PRO A 66 -30.35 -17.86 16.98
CA PRO A 66 -29.95 -17.48 18.34
C PRO A 66 -28.43 -17.29 18.42
N GLU A 67 -27.69 -18.02 17.64
CA GLU A 67 -26.21 -17.87 17.65
C GLU A 67 -25.83 -16.56 16.96
N PHE A 68 -26.69 -16.08 16.11
CA PHE A 68 -26.40 -14.81 15.39
C PHE A 68 -26.62 -13.61 16.32
N LEU A 69 -27.78 -13.50 16.90
CA LEU A 69 -28.05 -12.35 17.83
C LEU A 69 -27.13 -12.42 19.05
N THR A 70 -26.74 -13.60 19.44
CA THR A 70 -25.84 -13.74 20.62
C THR A 70 -24.45 -13.17 20.32
N MET A 71 -23.80 -13.66 19.30
CA MET A 71 -22.44 -13.15 18.96
C MET A 71 -22.52 -11.71 18.42
N MET A 72 -23.70 -11.26 18.09
CA MET A 72 -23.82 -9.87 17.56
C MET A 72 -23.82 -8.86 18.71
N ALA A 73 -24.20 -9.29 19.88
CA ALA A 73 -24.21 -8.36 21.04
C ALA A 73 -22.79 -7.88 21.33
N ARG A 74 -21.82 -8.74 21.16
CA ARG A 74 -20.40 -8.34 21.42
C ARG A 74 -19.60 -8.26 20.11
N LYS A 75 -19.94 -7.36 19.23
CA LYS A 75 -19.17 -7.24 17.95
C LYS A 75 -18.25 -6.02 17.99
N MET A 76 -17.03 -6.18 17.57
CA MET A 76 -16.08 -5.03 17.59
C MET A 76 -15.46 -4.82 16.20
N LYS A 77 -15.52 -3.61 15.69
CA LYS A 77 -14.93 -3.35 14.35
C LYS A 77 -13.42 -3.11 14.48
N ASP A 78 -12.70 -3.16 13.38
CA ASP A 78 -11.23 -2.95 13.46
C ASP A 78 -10.75 -2.00 12.34
N THR A 79 -9.88 -1.08 12.67
CA THR A 79 -9.38 -0.13 11.63
C THR A 79 -8.26 -0.78 10.80
N ASP A 80 -7.94 -0.21 9.67
CA ASP A 80 -6.85 -0.79 8.83
C ASP A 80 -5.75 0.25 8.59
N SER A 81 -5.01 0.14 7.53
CA SER A 81 -3.93 1.12 7.26
C SER A 81 -3.98 1.58 5.80
N GLU A 82 -3.44 2.73 5.51
CA GLU A 82 -3.46 3.23 4.09
C GLU A 82 -2.15 2.90 3.39
N GLU A 83 -1.73 3.72 2.47
CA GLU A 83 -0.47 3.44 1.74
C GLU A 83 -0.48 2.01 1.17
N GLU A 84 -1.01 1.84 -0.01
CA GLU A 84 -1.05 0.48 -0.61
C GLU A 84 0.36 0.00 -0.99
N ILE A 85 1.31 0.91 -1.06
CA ILE A 85 2.69 0.51 -1.42
C ILE A 85 3.18 -0.59 -0.48
N ARG A 86 2.96 -0.43 0.80
CA ARG A 86 3.42 -1.46 1.77
C ARG A 86 2.78 -2.82 1.44
N GLU A 87 1.47 -2.86 1.37
CA GLU A 87 0.78 -4.15 1.05
C GLU A 87 1.45 -4.82 -0.15
N ALA A 88 1.74 -4.05 -1.16
CA ALA A 88 2.40 -4.64 -2.36
C ALA A 88 3.70 -5.31 -1.95
N PHE A 89 4.60 -4.58 -1.34
CA PHE A 89 5.88 -5.20 -0.90
C PHE A 89 5.60 -6.48 -0.12
N ARG A 90 4.44 -6.57 0.47
CA ARG A 90 4.08 -7.79 1.25
C ARG A 90 3.94 -9.00 0.33
N VAL A 91 3.05 -8.94 -0.63
CA VAL A 91 2.88 -10.10 -1.56
C VAL A 91 4.17 -10.38 -2.33
N PHE A 92 4.94 -9.36 -2.62
CA PHE A 92 6.21 -9.56 -3.38
C PHE A 92 7.31 -10.11 -2.45
N ASP A 93 7.13 -10.01 -1.17
CA ASP A 93 8.17 -10.53 -0.22
C ASP A 93 7.64 -11.71 0.58
N LYS A 94 7.49 -12.84 -0.04
CA LYS A 94 6.96 -14.04 0.69
C LYS A 94 8.11 -14.96 1.12
N ASP A 95 9.08 -14.45 1.83
CA ASP A 95 10.22 -15.32 2.26
C ASP A 95 10.64 -14.97 3.71
N GLY A 96 10.60 -13.71 4.07
CA GLY A 96 11.01 -13.32 5.45
C GLY A 96 12.36 -12.61 5.42
N ASN A 97 12.57 -11.73 4.48
CA ASN A 97 13.89 -11.01 4.41
C ASN A 97 13.69 -9.50 4.15
N GLY A 98 12.54 -9.08 3.68
CA GLY A 98 12.33 -7.63 3.42
C GLY A 98 12.97 -7.25 2.08
N TYR A 99 12.83 -8.07 1.08
CA TYR A 99 13.43 -7.76 -0.25
C TYR A 99 12.62 -8.43 -1.37
N ILE A 100 12.52 -7.79 -2.50
CA ILE A 100 11.74 -8.38 -3.63
C ILE A 100 12.67 -9.11 -4.59
N SER A 101 12.35 -10.33 -4.94
CA SER A 101 13.21 -11.08 -5.89
C SER A 101 12.42 -11.41 -7.17
N ALA A 102 13.09 -11.83 -8.20
CA ALA A 102 12.38 -12.15 -9.47
C ALA A 102 11.46 -13.37 -9.28
N ALA A 103 11.84 -14.29 -8.44
CA ALA A 103 10.98 -15.49 -8.23
C ALA A 103 9.68 -15.11 -7.53
N GLU A 104 9.79 -14.42 -6.42
CA GLU A 104 8.55 -14.01 -5.68
C GLU A 104 7.65 -13.13 -6.55
N LEU A 105 8.22 -12.23 -7.31
CA LEU A 105 7.39 -11.35 -8.18
C LEU A 105 6.63 -12.17 -9.23
N ARG A 106 7.26 -13.20 -9.75
CA ARG A 106 6.58 -14.04 -10.78
C ARG A 106 5.39 -14.78 -10.17
N HIS A 107 5.54 -15.26 -8.97
CA HIS A 107 4.42 -16.00 -8.32
C HIS A 107 3.32 -15.02 -7.88
N VAL A 108 3.66 -13.77 -7.70
CA VAL A 108 2.62 -12.78 -7.27
C VAL A 108 1.82 -12.29 -8.48
N MET A 109 2.45 -12.20 -9.63
CA MET A 109 1.72 -11.72 -10.83
C MET A 109 0.65 -12.73 -11.24
N THR A 110 0.85 -13.99 -10.95
CA THR A 110 -0.17 -15.01 -11.32
C THR A 110 -1.48 -14.75 -10.58
N ASN A 111 -1.42 -14.64 -9.27
CA ASN A 111 -2.66 -14.37 -8.50
C ASN A 111 -3.27 -13.04 -8.91
N LEU A 112 -2.45 -12.04 -9.13
CA LEU A 112 -2.99 -10.71 -9.54
C LEU A 112 -3.87 -10.85 -10.79
N GLY A 113 -3.59 -11.81 -11.62
CA GLY A 113 -4.41 -12.00 -12.84
C GLY A 113 -3.66 -11.46 -14.05
N GLU A 114 -2.36 -11.44 -13.99
CA GLU A 114 -1.56 -10.92 -15.15
C GLU A 114 -0.50 -11.95 -15.55
N LYS A 115 -0.69 -12.61 -16.66
CA LYS A 115 0.31 -13.62 -17.11
C LYS A 115 1.43 -12.96 -17.91
N LEU A 116 2.61 -12.87 -17.35
CA LEU A 116 3.74 -12.25 -18.08
C LEU A 116 4.80 -13.30 -18.42
N THR A 117 5.95 -12.89 -18.87
CA THR A 117 7.01 -13.89 -19.23
C THR A 117 8.24 -13.71 -18.34
N ASP A 118 9.16 -14.64 -18.38
CA ASP A 118 10.38 -14.53 -17.55
C ASP A 118 11.15 -13.26 -17.90
N GLU A 119 11.16 -12.89 -19.15
CA GLU A 119 11.90 -11.66 -19.55
C GLU A 119 11.22 -10.42 -18.96
N GLU A 120 9.92 -10.42 -18.88
CA GLU A 120 9.21 -9.25 -18.31
C GLU A 120 9.57 -9.04 -16.84
N VAL A 121 9.47 -10.08 -16.04
CA VAL A 121 9.82 -9.96 -14.60
C VAL A 121 11.30 -9.62 -14.43
N ASP A 122 12.16 -10.45 -14.94
CA ASP A 122 13.63 -10.20 -14.82
C ASP A 122 13.95 -8.74 -15.17
N GLU A 123 13.36 -8.24 -16.21
CA GLU A 123 13.63 -6.83 -16.62
C GLU A 123 13.08 -5.86 -15.57
N MET A 124 11.94 -6.16 -14.99
CA MET A 124 11.37 -5.27 -13.96
C MET A 124 12.34 -5.09 -12.79
N ILE A 125 12.77 -6.18 -12.20
CA ILE A 125 13.71 -6.07 -11.06
C ILE A 125 14.97 -5.29 -11.48
N ARG A 126 15.44 -5.51 -12.67
CA ARG A 126 16.64 -4.78 -13.15
C ARG A 126 16.40 -3.26 -13.09
N GLU A 127 15.25 -2.83 -13.54
CA GLU A 127 14.94 -1.37 -13.50
C GLU A 127 14.77 -0.90 -12.05
N ALA A 128 14.41 -1.80 -11.17
CA ALA A 128 14.22 -1.41 -9.74
C ALA A 128 15.58 -1.36 -9.03
N ASP A 129 16.56 -2.03 -9.57
CA ASP A 129 17.90 -2.04 -8.91
C ASP A 129 18.54 -0.65 -9.01
N ILE A 130 18.29 0.20 -8.05
CA ILE A 130 18.90 1.56 -8.09
C ILE A 130 20.37 1.49 -7.68
N ASP A 131 20.71 0.54 -6.85
CA ASP A 131 22.14 0.41 -6.41
C ASP A 131 22.83 -0.68 -7.22
N GLY A 132 22.10 -1.64 -7.70
CA GLY A 132 22.73 -2.75 -8.49
C GLY A 132 22.99 -3.94 -7.57
N ASP A 133 21.98 -4.73 -7.31
CA ASP A 133 22.17 -5.91 -6.42
C ASP A 133 21.30 -7.08 -6.89
N GLY A 134 20.08 -6.82 -7.28
CA GLY A 134 19.20 -7.93 -7.75
C GLY A 134 17.88 -7.91 -6.97
N GLN A 135 17.87 -7.32 -5.81
CA GLN A 135 16.62 -7.28 -5.00
C GLN A 135 16.17 -5.84 -4.77
N VAL A 136 14.92 -5.64 -4.46
CA VAL A 136 14.41 -4.25 -4.23
C VAL A 136 13.87 -4.12 -2.79
N ASN A 137 14.52 -3.35 -1.96
CA ASN A 137 14.02 -3.20 -0.56
C ASN A 137 12.95 -2.11 -0.48
N TYR A 138 12.73 -1.54 0.68
CA TYR A 138 11.68 -0.49 0.80
C TYR A 138 12.08 0.80 0.08
N GLU A 139 13.11 1.46 0.53
CA GLU A 139 13.53 2.73 -0.13
C GLU A 139 13.61 2.56 -1.65
N GLU A 140 14.24 1.51 -2.11
CA GLU A 140 14.35 1.30 -3.59
C GLU A 140 12.97 1.04 -4.20
N PHE A 141 12.08 0.44 -3.47
CA PHE A 141 10.71 0.16 -4.01
C PHE A 141 9.94 1.47 -4.14
N VAL A 142 10.25 2.45 -3.32
CA VAL A 142 9.54 3.75 -3.40
C VAL A 142 10.25 4.71 -4.36
N GLN A 143 11.51 4.49 -4.60
CA GLN A 143 12.27 5.40 -5.51
C GLN A 143 12.07 4.98 -6.98
N MET A 144 11.95 3.71 -7.24
CA MET A 144 11.78 3.25 -8.64
C MET A 144 10.44 3.79 -9.21
N MET A 145 9.43 3.87 -8.38
CA MET A 145 8.12 4.38 -8.87
C MET A 145 8.07 5.89 -8.68
N THR A 146 8.63 6.37 -7.61
CA THR A 146 8.62 7.83 -7.35
C THR A 146 9.80 8.51 -8.04
N ALA A 147 9.65 8.85 -9.30
CA ALA A 147 10.75 9.51 -10.04
C ALA A 147 10.34 10.92 -10.46
N LYS A 148 10.75 11.92 -9.71
CA LYS A 148 10.38 13.32 -10.07
C LYS A 148 11.58 14.24 -9.93
CA CA B . -29.60 -20.96 5.44
CA CA C . -23.13 -23.04 15.30
CA CA D . 11.79 -11.41 -0.61
CA CA E . 18.55 -3.03 -5.63
S1 WW7 F . -22.34 -8.75 9.93
O1 WW7 F . -21.21 -8.40 10.72
O2 WW7 F . -23.63 -8.22 10.25
N1 WW7 F . -22.00 -8.14 8.34
C4 WW7 F . -22.93 -13.36 9.11
C3 WW7 F . -24.03 -12.41 9.09
C2 WW7 F . -23.81 -11.00 9.38
C1 WW7 F . -22.48 -10.51 9.72
C9 WW7 F . -21.35 -11.43 9.76
C10 WW7 F . -21.59 -12.90 9.44
CL1 WW7 F . -20.59 -15.51 9.13
C5 WW7 F . -20.45 -13.82 9.48
C6 WW7 F . -19.13 -13.34 9.82
C7 WW7 F . -18.90 -11.93 10.11
C8 WW7 F . -20.01 -10.98 10.10
C11 WW7 F . -22.94 -8.48 7.28
C12 WW7 F . -22.73 -7.74 5.96
C14 WW7 F . -22.30 -5.60 7.23
C13 WW7 F . -23.13 -6.26 6.12
C15 WW7 F . -22.61 -4.11 7.28
C16 WW7 F . -21.83 -3.46 8.42
N2 WW7 F . -20.37 -3.56 8.26
HN1 WW7 F . -21.06 -8.42 8.07
H4 WW7 F . -23.10 -14.40 8.87
H3 WW7 F . -25.03 -12.76 8.83
H2 WW7 F . -24.64 -10.31 9.34
H6 WW7 F . -18.31 -14.05 9.84
H7 WW7 F . -17.91 -11.59 10.36
H8 WW7 F . -19.80 -9.94 10.32
H111 WW7 F . -22.80 -9.55 7.12
H112 WW7 F . -23.94 -8.32 7.64
H121 WW7 F . -21.69 -7.81 5.67
H122 WW7 F . -23.34 -8.19 5.19
H141 WW7 F . -21.24 -5.75 7.03
H142 WW7 F . -22.55 -6.06 8.18
H131 WW7 F . -22.94 -5.75 5.18
H132 WW7 F . -24.18 -6.20 6.37
H151 WW7 F . -22.32 -3.65 6.34
H152 WW7 F . -23.67 -3.97 7.45
H161 WW7 F . -22.09 -3.92 9.35
H162 WW7 F . -22.06 -2.40 8.47
HN21 WW7 F . -20.09 -3.09 7.42
HN22 WW7 F . -20.10 -4.53 8.18
S1 WW7 G . 4.05 -2.90 -9.71
O1 WW7 G . 3.64 -3.60 -10.90
O2 WW7 G . 4.25 -1.48 -9.76
N1 WW7 G . 2.74 -3.15 -8.59
C4 WW7 G . 7.76 -5.16 -7.86
C3 WW7 G . 6.41 -5.35 -7.35
C2 WW7 G . 5.28 -4.62 -7.93
C1 WW7 G . 5.48 -3.70 -9.04
C9 WW7 G . 6.82 -3.49 -9.58
C10 WW7 G . 7.99 -4.25 -8.97
CL1 WW7 G . 10.72 -4.86 -8.91
C5 WW7 G . 9.33 -4.05 -9.52
C6 WW7 G . 9.53 -3.14 -10.64
C7 WW7 G . 8.40 -2.41 -11.22
C8 WW7 G . 7.05 -2.58 -10.70
C11 WW7 G . 2.87 -2.59 -7.24
C12 WW7 G . 2.47 -1.11 -7.16
C14 WW7 G . 0.57 0.50 -7.40
C13 WW7 G . 0.98 -0.97 -7.49
C15 WW7 G . -0.93 0.64 -7.66
C16 WW7 G . -1.26 0.10 -9.05
N2 WW7 G . -2.68 0.20 -9.37
HN1 WW7 G . 1.88 -2.82 -9.01
H4 WW7 G . 8.59 -5.71 -7.44
H3 WW7 G . 6.25 -6.03 -6.54
H2 WW7 G . 4.29 -4.76 -7.53
H6 WW7 G . 10.52 -3.00 -11.03
H7 WW7 G . 8.57 -1.73 -12.05
H8 WW7 G . 6.22 -2.04 -11.13
H111 WW7 G . 2.25 -3.18 -6.58
H112 WW7 G . 3.91 -2.70 -6.96
H121 WW7 G . 2.65 -0.75 -6.16
H122 WW7 G . 3.05 -0.55 -7.86
H141 WW7 G . 1.12 1.07 -8.13
H142 WW7 G . 0.81 0.88 -6.41
H131 WW7 G . 0.79 -1.34 -8.48
H132 WW7 G . 0.40 -1.55 -6.77
H151 WW7 G . -1.47 0.08 -6.91
H152 WW7 G . -1.21 1.68 -7.59
H161 WW7 G . -0.98 -0.94 -9.11
H162 WW7 G . -0.71 0.66 -9.79
HN21 WW7 G . -2.88 -0.23 -10.26
HN22 WW7 G . -3.23 -0.30 -8.68
N ALA A 1 -14.04 10.05 10.90
CA ALA A 1 -14.28 8.93 11.87
C ALA A 1 -13.16 8.90 12.92
N ASP A 2 -12.00 8.44 12.56
CA ASP A 2 -10.87 8.38 13.54
C ASP A 2 -9.81 9.43 13.20
N GLN A 3 -9.83 10.54 13.90
CA GLN A 3 -8.81 11.61 13.64
C GLN A 3 -8.91 12.10 12.19
N LEU A 4 -9.19 13.37 12.00
CA LEU A 4 -9.30 13.92 10.62
C LEU A 4 -7.90 14.01 9.98
N THR A 5 -7.84 14.14 8.68
CA THR A 5 -6.52 14.24 8.00
C THR A 5 -6.50 15.44 7.05
N GLU A 6 -5.42 15.64 6.35
CA GLU A 6 -5.35 16.80 5.41
C GLU A 6 -6.18 16.53 4.15
N GLU A 7 -6.65 15.31 3.98
CA GLU A 7 -7.47 15.01 2.77
C GLU A 7 -8.79 15.77 2.80
N GLN A 8 -9.51 15.70 3.88
CA GLN A 8 -10.81 16.42 3.97
C GLN A 8 -10.57 17.93 3.90
N ILE A 9 -9.54 18.41 4.54
CA ILE A 9 -9.26 19.87 4.50
C ILE A 9 -9.06 20.32 3.05
N ALA A 10 -8.33 19.54 2.28
CA ALA A 10 -8.10 19.91 0.86
C ALA A 10 -9.46 19.99 0.14
N GLU A 11 -10.33 19.06 0.39
CA GLU A 11 -11.66 19.09 -0.28
C GLU A 11 -12.39 20.39 0.07
N PHE A 12 -12.30 20.80 1.30
CA PHE A 12 -12.98 22.07 1.71
C PHE A 12 -12.33 23.25 0.97
N LYS A 13 -11.07 23.15 0.69
CA LYS A 13 -10.38 24.26 -0.03
C LYS A 13 -10.98 24.43 -1.43
N GLU A 14 -11.08 23.36 -2.17
CA GLU A 14 -11.68 23.47 -3.54
C GLU A 14 -13.11 23.98 -3.45
N ALA A 15 -13.89 23.41 -2.56
CA ALA A 15 -15.31 23.88 -2.42
C ALA A 15 -15.34 25.40 -2.33
N PHE A 16 -14.62 25.97 -1.40
CA PHE A 16 -14.61 27.45 -1.25
C PHE A 16 -14.28 28.12 -2.59
N SER A 17 -13.20 27.71 -3.21
CA SER A 17 -12.82 28.34 -4.52
C SER A 17 -13.99 28.24 -5.51
N LEU A 18 -14.81 27.24 -5.38
CA LEU A 18 -15.96 27.10 -6.31
C LEU A 18 -17.01 28.17 -6.02
N PHE A 19 -17.21 28.50 -4.77
CA PHE A 19 -18.22 29.53 -4.41
C PHE A 19 -17.71 30.93 -4.82
N ASP A 20 -16.66 31.40 -4.21
CA ASP A 20 -16.12 32.74 -4.56
C ASP A 20 -15.87 32.84 -6.07
N LYS A 21 -16.81 33.35 -6.81
CA LYS A 21 -16.62 33.47 -8.28
C LYS A 21 -16.34 34.93 -8.67
N ASP A 22 -15.39 35.55 -8.02
CA ASP A 22 -15.05 36.97 -8.36
C ASP A 22 -13.74 37.41 -7.68
N GLY A 23 -13.45 36.91 -6.51
CA GLY A 23 -12.17 37.29 -5.83
C GLY A 23 -12.44 38.25 -4.67
N ASP A 24 -12.58 37.73 -3.47
CA ASP A 24 -12.83 38.61 -2.29
C ASP A 24 -12.44 37.87 -1.01
N GLY A 25 -12.84 36.64 -0.89
CA GLY A 25 -12.49 35.86 0.35
C GLY A 25 -13.78 35.55 1.13
N THR A 26 -14.89 36.14 0.74
CA THR A 26 -16.16 35.87 1.46
C THR A 26 -17.25 35.43 0.47
N ILE A 27 -18.24 34.72 0.95
CA ILE A 27 -19.33 34.26 0.04
C ILE A 27 -20.60 35.08 0.30
N THR A 28 -21.08 35.78 -0.71
CA THR A 28 -22.31 36.60 -0.52
C THR A 28 -23.52 35.89 -1.14
N THR A 29 -24.59 36.61 -1.38
CA THR A 29 -25.80 35.97 -1.98
C THR A 29 -25.67 35.91 -3.49
N LYS A 30 -24.94 36.81 -4.09
CA LYS A 30 -24.80 36.79 -5.57
C LYS A 30 -23.92 35.62 -5.99
N GLU A 31 -22.71 35.56 -5.50
CA GLU A 31 -21.81 34.43 -5.87
C GLU A 31 -22.49 33.11 -5.50
N LEU A 32 -23.10 33.04 -4.36
CA LEU A 32 -23.78 31.78 -3.96
C LEU A 32 -24.98 31.53 -4.87
N GLY A 33 -25.55 32.59 -5.40
CA GLY A 33 -26.72 32.41 -6.30
C GLY A 33 -26.30 31.67 -7.56
N THR A 34 -25.12 31.96 -8.06
CA THR A 34 -24.65 31.26 -9.29
C THR A 34 -24.02 29.90 -8.91
N VAL A 35 -23.64 29.75 -7.67
CA VAL A 35 -23.04 28.46 -7.24
C VAL A 35 -24.13 27.41 -7.09
N MET A 36 -25.30 27.81 -6.68
CA MET A 36 -26.42 26.84 -6.53
C MET A 36 -27.21 26.76 -7.84
N ARG A 37 -27.28 27.85 -8.57
CA ARG A 37 -28.02 27.86 -9.85
C ARG A 37 -27.18 27.21 -10.96
N SER A 38 -25.89 27.16 -10.77
CA SER A 38 -25.01 26.54 -11.81
C SER A 38 -24.50 25.17 -11.32
N LEU A 39 -24.79 24.81 -10.09
CA LEU A 39 -24.32 23.50 -9.58
C LEU A 39 -25.04 23.15 -8.28
N GLY A 40 -26.12 22.42 -8.36
CA GLY A 40 -26.86 22.04 -7.11
C GLY A 40 -28.36 22.02 -7.40
N GLN A 41 -29.07 23.03 -6.97
CA GLN A 41 -30.54 23.08 -7.21
C GLN A 41 -30.92 24.35 -7.96
N ASN A 42 -32.16 24.75 -7.90
CA ASN A 42 -32.59 25.99 -8.59
C ASN A 42 -33.39 26.88 -7.64
N PRO A 43 -32.75 27.28 -6.58
CA PRO A 43 -33.42 28.15 -5.58
C PRO A 43 -33.63 29.55 -6.16
N THR A 44 -33.93 30.51 -5.33
CA THR A 44 -34.15 31.90 -5.85
C THR A 44 -33.23 32.87 -5.10
N GLU A 45 -33.30 34.13 -5.41
CA GLU A 45 -32.43 35.12 -4.72
C GLU A 45 -32.90 35.27 -3.26
N ALA A 46 -34.17 35.49 -3.05
CA ALA A 46 -34.69 35.64 -1.65
C ALA A 46 -34.49 34.32 -0.89
N GLU A 47 -35.03 33.25 -1.39
CA GLU A 47 -34.87 31.94 -0.70
C GLU A 47 -33.39 31.70 -0.40
N LEU A 48 -32.53 32.04 -1.31
CA LEU A 48 -31.08 31.85 -1.07
C LEU A 48 -30.68 32.54 0.23
N GLN A 49 -31.09 33.77 0.41
CA GLN A 49 -30.75 34.49 1.66
C GLN A 49 -31.18 33.66 2.88
N ASP A 50 -32.36 33.11 2.84
CA ASP A 50 -32.82 32.28 4.00
C ASP A 50 -31.76 31.24 4.33
N MET A 51 -31.20 30.59 3.33
CA MET A 51 -30.15 29.58 3.61
C MET A 51 -28.92 30.25 4.24
N ILE A 52 -28.63 31.45 3.84
CA ILE A 52 -27.46 32.17 4.41
C ILE A 52 -27.68 32.44 5.90
N ASN A 53 -28.91 32.56 6.31
CA ASN A 53 -29.19 32.82 7.75
C ASN A 53 -28.82 31.59 8.60
N GLU A 54 -29.06 30.41 8.10
CA GLU A 54 -28.71 29.19 8.87
C GLU A 54 -27.23 28.85 8.69
N VAL A 55 -26.56 29.50 7.77
CA VAL A 55 -25.11 29.22 7.54
C VAL A 55 -24.26 30.36 8.12
N ASP A 56 -24.88 31.45 8.50
CA ASP A 56 -24.11 32.59 9.07
C ASP A 56 -24.16 32.55 10.61
N ALA A 57 -23.11 32.11 11.23
CA ALA A 57 -23.11 32.05 12.73
C ALA A 57 -22.35 33.26 13.30
N ASP A 58 -21.65 34.00 12.48
CA ASP A 58 -20.89 35.18 13.00
C ASP A 58 -21.87 36.28 13.42
N GLY A 59 -22.68 36.76 12.52
CA GLY A 59 -23.66 37.83 12.88
C GLY A 59 -23.59 38.96 11.86
N ASN A 60 -22.59 38.99 11.02
CA ASN A 60 -22.49 40.07 10.00
C ASN A 60 -23.47 39.80 8.86
N GLY A 61 -23.56 38.57 8.42
CA GLY A 61 -24.50 38.26 7.30
C GLY A 61 -23.80 37.34 6.28
N THR A 62 -22.77 37.82 5.65
CA THR A 62 -22.05 36.99 4.64
C THR A 62 -21.16 35.96 5.33
N ILE A 63 -20.67 34.99 4.61
CA ILE A 63 -19.80 33.95 5.22
C ILE A 63 -18.33 34.32 5.02
N ASP A 64 -17.47 33.89 5.91
CA ASP A 64 -16.03 34.22 5.77
C ASP A 64 -15.20 32.95 5.52
N PHE A 65 -13.94 32.99 5.81
CA PHE A 65 -13.07 31.80 5.59
C PHE A 65 -13.14 30.82 6.79
N PRO A 66 -13.12 31.34 8.00
CA PRO A 66 -13.16 30.46 9.19
C PRO A 66 -14.57 29.89 9.39
N GLU A 67 -15.58 30.55 8.88
CA GLU A 67 -16.96 30.03 9.03
C GLU A 67 -17.18 28.92 8.01
N PHE A 68 -16.55 29.03 6.88
CA PHE A 68 -16.69 28.00 5.82
C PHE A 68 -16.01 26.70 6.25
N LEU A 69 -14.82 26.78 6.77
CA LEU A 69 -14.10 25.55 7.21
C LEU A 69 -14.68 25.02 8.53
N THR A 70 -15.28 25.87 9.31
CA THR A 70 -15.85 25.41 10.61
C THR A 70 -17.26 24.85 10.40
N MET A 71 -17.89 25.18 9.31
CA MET A 71 -19.28 24.66 9.07
C MET A 71 -19.24 23.31 8.32
N MET A 72 -18.33 23.17 7.38
CA MET A 72 -18.26 21.89 6.61
C MET A 72 -17.32 20.89 7.29
N ALA A 73 -16.52 21.33 8.23
CA ALA A 73 -15.58 20.39 8.92
C ALA A 73 -16.24 19.78 10.15
N ARG A 74 -17.38 20.26 10.54
CA ARG A 74 -18.06 19.68 11.75
C ARG A 74 -18.52 18.26 11.46
N LYS A 75 -19.02 18.02 10.28
CA LYS A 75 -19.50 16.64 9.92
C LYS A 75 -18.32 15.80 9.39
N MET A 76 -18.41 14.50 9.53
CA MET A 76 -17.31 13.63 9.04
C MET A 76 -17.63 13.10 7.64
N LYS A 77 -16.74 12.32 7.07
CA LYS A 77 -16.99 11.76 5.71
C LYS A 77 -16.15 10.50 5.50
N ASP A 78 -15.84 10.18 4.28
CA ASP A 78 -15.01 8.96 4.02
C ASP A 78 -13.56 9.35 3.74
N THR A 79 -12.64 8.87 4.52
CA THR A 79 -11.21 9.24 4.30
C THR A 79 -10.28 8.12 4.79
N ASP A 80 -9.19 7.89 4.10
CA ASP A 80 -8.24 6.82 4.53
C ASP A 80 -6.82 7.36 4.56
N SER A 81 -5.94 6.70 5.28
CA SER A 81 -4.52 7.19 5.35
C SER A 81 -3.76 6.74 4.09
N GLU A 82 -2.79 7.51 3.67
CA GLU A 82 -2.00 7.15 2.46
C GLU A 82 -1.07 5.98 2.76
N GLU A 83 -1.21 4.88 2.07
CA GLU A 83 -0.33 3.71 2.32
C GLU A 83 -0.57 2.62 1.27
N GLU A 84 -0.26 2.91 0.03
CA GLU A 84 -0.49 1.88 -1.04
C GLU A 84 0.77 1.03 -1.25
N ILE A 85 1.88 1.65 -1.57
CA ILE A 85 3.13 0.87 -1.77
C ILE A 85 3.35 -0.10 -0.61
N ARG A 86 2.98 0.28 0.57
CA ARG A 86 3.15 -0.62 1.75
C ARG A 86 2.45 -1.97 1.47
N GLU A 87 1.19 -1.93 1.13
CA GLU A 87 0.45 -3.19 0.84
C GLU A 87 1.19 -3.99 -0.24
N ALA A 88 1.71 -3.32 -1.23
CA ALA A 88 2.43 -4.04 -2.31
C ALA A 88 3.57 -4.88 -1.72
N PHE A 89 4.45 -4.26 -0.99
CA PHE A 89 5.58 -5.04 -0.40
C PHE A 89 5.05 -6.30 0.29
N ARG A 90 3.94 -6.19 0.97
CA ARG A 90 3.38 -7.39 1.67
C ARG A 90 3.04 -8.51 0.66
N VAL A 91 2.48 -8.16 -0.47
CA VAL A 91 2.12 -9.21 -1.47
C VAL A 91 3.34 -9.58 -2.33
N PHE A 92 4.40 -8.83 -2.23
CA PHE A 92 5.62 -9.14 -3.04
C PHE A 92 6.71 -9.77 -2.16
N ASP A 93 6.46 -9.90 -0.88
CA ASP A 93 7.50 -10.50 0.02
C ASP A 93 6.84 -11.51 0.97
N LYS A 94 6.46 -12.66 0.48
CA LYS A 94 5.82 -13.68 1.35
C LYS A 94 6.87 -14.41 2.19
N ASP A 95 8.09 -14.44 1.73
CA ASP A 95 9.16 -15.14 2.51
C ASP A 95 9.50 -14.35 3.77
N GLY A 96 9.33 -13.05 3.75
CA GLY A 96 9.65 -12.24 4.96
C GLY A 96 11.16 -12.05 5.06
N ASN A 97 11.75 -11.43 4.07
CA ASN A 97 13.23 -11.22 4.11
C ASN A 97 13.56 -9.72 3.95
N GLY A 98 12.80 -9.01 3.17
CA GLY A 98 13.08 -7.55 3.00
C GLY A 98 13.64 -7.28 1.59
N TYR A 99 13.49 -8.21 0.69
CA TYR A 99 14.03 -7.97 -0.69
C TYR A 99 13.13 -8.68 -1.72
N ILE A 100 12.79 -8.02 -2.79
CA ILE A 100 11.92 -8.67 -3.82
C ILE A 100 12.79 -9.37 -4.86
N SER A 101 12.62 -10.66 -5.01
CA SER A 101 13.44 -11.41 -6.01
C SER A 101 12.65 -11.57 -7.31
N ALA A 102 13.29 -12.06 -8.33
CA ALA A 102 12.57 -12.23 -9.63
C ALA A 102 11.56 -13.38 -9.52
N ALA A 103 11.98 -14.49 -8.99
CA ALA A 103 11.05 -15.65 -8.86
C ALA A 103 9.75 -15.23 -8.18
N GLU A 104 9.85 -14.65 -7.02
CA GLU A 104 8.61 -14.22 -6.29
C GLU A 104 7.77 -13.28 -7.18
N LEU A 105 8.38 -12.28 -7.74
CA LEU A 105 7.61 -11.33 -8.60
C LEU A 105 6.78 -12.11 -9.64
N ARG A 106 7.28 -13.22 -10.12
CA ARG A 106 6.51 -14.02 -11.11
C ARG A 106 5.35 -14.74 -10.43
N HIS A 107 5.56 -15.21 -9.23
CA HIS A 107 4.48 -15.92 -8.50
C HIS A 107 3.43 -14.92 -8.00
N VAL A 108 3.75 -13.66 -7.99
CA VAL A 108 2.77 -12.63 -7.52
C VAL A 108 1.86 -12.20 -8.67
N MET A 109 2.43 -11.89 -9.80
CA MET A 109 1.58 -11.48 -10.96
C MET A 109 0.64 -12.61 -11.35
N THR A 110 1.06 -13.83 -11.19
CA THR A 110 0.17 -14.98 -11.54
C THR A 110 -1.10 -14.91 -10.70
N ASN A 111 -1.00 -14.37 -9.52
CA ASN A 111 -2.19 -14.26 -8.63
C ASN A 111 -2.95 -12.98 -8.95
N LEU A 112 -2.26 -11.94 -9.37
CA LEU A 112 -2.95 -10.66 -9.71
C LEU A 112 -3.42 -10.69 -11.17
N GLY A 113 -3.47 -11.84 -11.78
CA GLY A 113 -3.91 -11.92 -13.19
C GLY A 113 -2.95 -11.13 -14.08
N GLU A 114 -1.86 -11.73 -14.47
CA GLU A 114 -0.88 -11.00 -15.33
C GLU A 114 0.00 -12.00 -16.09
N LYS A 115 0.18 -11.79 -17.36
CA LYS A 115 1.04 -12.71 -18.15
C LYS A 115 2.46 -12.16 -18.26
N LEU A 116 3.38 -12.72 -17.51
CA LEU A 116 4.79 -12.21 -17.55
C LEU A 116 5.78 -13.39 -17.60
N THR A 117 6.52 -13.49 -18.66
CA THR A 117 7.51 -14.60 -18.77
C THR A 117 8.67 -14.37 -17.80
N ASP A 118 9.56 -15.33 -17.66
CA ASP A 118 10.70 -15.15 -16.73
C ASP A 118 11.58 -13.97 -17.19
N GLU A 119 11.65 -13.73 -18.47
CA GLU A 119 12.48 -12.60 -18.98
C GLU A 119 11.84 -11.27 -18.59
N GLU A 120 10.56 -11.11 -18.84
CA GLU A 120 9.89 -9.84 -18.48
C GLU A 120 10.05 -9.56 -16.99
N VAL A 121 9.74 -10.52 -16.17
CA VAL A 121 9.88 -10.32 -14.70
C VAL A 121 11.31 -9.89 -14.35
N ASP A 122 12.29 -10.60 -14.84
CA ASP A 122 13.69 -10.23 -14.54
C ASP A 122 13.96 -8.79 -14.99
N GLU A 123 13.31 -8.34 -16.02
CA GLU A 123 13.53 -6.94 -16.50
C GLU A 123 12.93 -5.95 -15.49
N MET A 124 11.87 -6.33 -14.83
CA MET A 124 11.25 -5.42 -13.83
C MET A 124 12.19 -5.24 -12.64
N ILE A 125 12.75 -6.31 -12.16
CA ILE A 125 13.68 -6.23 -11.00
C ILE A 125 14.92 -5.39 -11.37
N ARG A 126 15.39 -5.50 -12.58
CA ARG A 126 16.58 -4.70 -13.00
C ARG A 126 16.21 -3.22 -13.11
N GLU A 127 15.03 -2.93 -13.58
CA GLU A 127 14.62 -1.49 -13.72
C GLU A 127 14.37 -0.90 -12.33
N ALA A 128 14.00 -1.71 -11.38
CA ALA A 128 13.75 -1.20 -10.01
C ALA A 128 15.07 -1.09 -9.24
N ASP A 129 16.03 -1.89 -9.58
CA ASP A 129 17.35 -1.83 -8.88
C ASP A 129 18.04 -0.50 -9.14
N ILE A 130 17.85 0.45 -8.26
CA ILE A 130 18.49 1.79 -8.47
C ILE A 130 20.02 1.67 -8.34
N ASP A 131 20.49 0.77 -7.52
CA ASP A 131 21.96 0.61 -7.36
C ASP A 131 22.47 -0.59 -8.18
N GLY A 132 21.59 -1.46 -8.57
CA GLY A 132 22.01 -2.65 -9.38
C GLY A 132 22.82 -3.61 -8.52
N ASP A 133 22.22 -4.16 -7.50
CA ASP A 133 22.97 -5.12 -6.63
C ASP A 133 22.56 -6.56 -6.97
N GLY A 134 21.30 -6.79 -7.21
CA GLY A 134 20.85 -8.17 -7.55
C GLY A 134 19.41 -8.36 -7.07
N GLN A 135 18.98 -7.58 -6.11
CA GLN A 135 17.59 -7.72 -5.60
C GLN A 135 17.00 -6.33 -5.28
N VAL A 136 15.71 -6.23 -5.15
CA VAL A 136 15.10 -4.90 -4.85
C VAL A 136 15.02 -4.69 -3.34
N ASN A 137 15.21 -3.48 -2.89
CA ASN A 137 15.13 -3.20 -1.43
C ASN A 137 13.91 -2.33 -1.13
N TYR A 138 13.36 -2.44 0.05
CA TYR A 138 12.16 -1.62 0.41
C TYR A 138 12.37 -0.16 -0.01
N GLU A 139 13.57 0.34 0.12
CA GLU A 139 13.83 1.75 -0.26
C GLU A 139 13.82 1.91 -1.79
N GLU A 140 14.46 1.03 -2.49
CA GLU A 140 14.48 1.12 -3.98
C GLU A 140 13.06 1.01 -4.54
N PHE A 141 12.17 0.39 -3.81
CA PHE A 141 10.76 0.25 -4.30
C PHE A 141 9.96 1.53 -4.06
N VAL A 142 10.16 2.17 -2.93
CA VAL A 142 9.41 3.43 -2.64
C VAL A 142 9.95 4.59 -3.47
N GLN A 143 11.17 4.48 -3.93
CA GLN A 143 11.77 5.59 -4.73
C GLN A 143 11.45 5.42 -6.23
N MET A 144 11.49 4.22 -6.73
CA MET A 144 11.20 4.01 -8.19
C MET A 144 9.70 4.19 -8.48
N MET A 145 8.87 4.08 -7.48
CA MET A 145 7.40 4.24 -7.72
C MET A 145 6.99 5.70 -7.54
N THR A 146 7.04 6.20 -6.34
CA THR A 146 6.63 7.63 -6.11
C THR A 146 7.51 8.57 -6.96
N ALA A 147 8.80 8.46 -6.84
CA ALA A 147 9.70 9.34 -7.63
C ALA A 147 9.64 8.97 -9.12
N LYS A 148 9.66 9.95 -9.98
CA LYS A 148 9.60 9.65 -11.45
C LYS A 148 10.66 10.45 -12.19
CA CA B . -16.04 36.89 -3.09
CA CA C . -20.90 34.89 8.64
CA CA D . 11.02 -11.81 -0.75
CA CA E . 19.67 -3.29 -4.79
S1 WW7 F . -23.37 23.12 1.46
O1 WW7 F . -24.23 22.91 2.57
O2 WW7 F . -22.13 22.41 1.40
N1 WW7 F . -24.25 22.53 0.09
C4 WW7 F . -22.33 27.70 0.94
C3 WW7 F . -21.41 26.66 0.52
C2 WW7 F . -21.77 25.25 0.67
C1 WW7 F . -23.04 24.85 1.25
C9 WW7 F . -24.00 25.89 1.67
C10 WW7 F . -23.62 27.35 1.52
CL1 WW7 F . -24.21 30.06 1.87
C5 WW7 F . -24.55 28.38 1.94
C6 WW7 F . -25.85 28.01 2.48
C7 WW7 F . -26.23 26.61 2.63
C8 WW7 F . -25.31 25.54 2.23
C11 WW7 F . -23.54 22.34 -1.17
C12 WW7 F . -23.53 23.57 -2.08
C14 WW7 F . -23.44 22.07 -4.09
C13 WW7 F . -22.76 23.25 -3.37
C15 WW7 F . -22.69 21.77 -5.39
C16 WW7 F . -23.35 20.59 -6.10
N2 WW7 F . -23.30 19.38 -5.30
HN1 WW7 F . -25.11 23.05 -0.04
H4 WW7 F . -22.05 28.74 0.81
H3 WW7 F . -20.46 26.93 0.09
H2 WW7 F . -21.08 24.49 0.32
H6 WW7 F . -26.52 28.80 2.79
H7 WW7 F . -27.19 26.36 3.03
H8 WW7 F . -25.62 24.52 2.34
H111 WW7 F . -22.53 22.06 -0.93
H112 WW7 F . -24.03 21.52 -1.68
H121 WW7 F . -24.55 23.85 -2.33
H122 WW7 F . -23.05 24.39 -1.57
H141 WW7 F . -24.46 22.33 -4.32
H142 WW7 F . -23.42 21.20 -3.46
H131 WW7 F . -22.77 24.12 -4.02
H132 WW7 F . -21.74 22.99 -3.12
H151 WW7 F . -22.72 22.64 -6.04
H152 WW7 F . -21.66 21.54 -5.17
H161 WW7 F . -22.83 20.38 -7.03
H162 WW7 F . -24.38 20.82 -6.30
HN21 WW7 F . -23.68 19.54 -4.37
HN22 WW7 F . -22.35 19.06 -5.17
S1 WW7 G . 4.25 -2.66 -9.98
O1 WW7 G . 4.22 -3.07 -11.35
O2 WW7 G . 4.33 -1.27 -9.66
N1 WW7 G . 2.70 -3.17 -9.36
C4 WW7 G . 7.61 -4.98 -7.61
C3 WW7 G . 6.23 -5.03 -7.19
C2 WW7 G . 5.19 -4.33 -7.93
C1 WW7 G . 5.52 -3.56 -9.13
C9 WW7 G . 6.91 -3.49 -9.58
C10 WW7 G . 7.98 -4.21 -8.79
CL1 WW7 G . 10.66 -4.93 -8.40
C5 WW7 G . 9.36 -4.17 -9.24
C6 WW7 G . 9.71 -3.44 -10.45
C7 WW7 G . 8.67 -2.75 -11.22
C8 WW7 G . 7.28 -2.76 -10.80
C11 WW7 G . 2.23 -2.66 -8.07
C12 WW7 G . 1.78 -1.20 -8.12
C14 WW7 G . 0.01 -1.68 -6.41
C13 WW7 G . 1.21 -0.78 -6.76
C15 WW7 G . -0.58 -1.23 -5.07
C16 WW7 G . -1.13 0.19 -5.19
N2 WW7 G . -2.17 0.30 -6.20
HN1 WW7 G . 2.64 -4.18 -9.39
H4 WW7 G . 8.38 -5.48 -7.03
H3 WW7 G . 6.00 -5.63 -6.34
H2 WW7 G . 4.16 -4.39 -7.60
H6 WW7 G . 10.74 -3.44 -10.77
H7 WW7 G . 8.95 -2.21 -12.11
H8 WW7 G . 6.53 -2.25 -11.37
H111 WW7 G . 1.38 -3.28 -7.80
H112 WW7 G . 3.00 -2.78 -7.34
H121 WW7 G . 2.63 -0.57 -8.36
H122 WW7 G . 1.02 -1.08 -8.88
H141 WW7 G . 0.35 -2.70 -6.33
H142 WW7 G . -0.74 -1.60 -7.18
H131 WW7 G . 1.97 -0.88 -6.00
H132 WW7 G . 0.89 0.24 -6.81
H151 WW7 G . -1.38 -1.90 -4.79
H152 WW7 G . 0.18 -1.26 -4.30
H161 WW7 G . -0.33 0.87 -5.46
H162 WW7 G . -1.55 0.50 -4.25
HN21 WW7 G . -2.82 -0.48 -6.13
HN22 WW7 G . -2.71 1.15 -6.07
N ALA A 1 -6.55 9.62 24.03
CA ALA A 1 -5.28 9.16 24.65
C ALA A 1 -4.87 7.81 24.06
N ASP A 2 -3.66 7.39 24.32
CA ASP A 2 -3.19 6.08 23.78
C ASP A 2 -2.40 5.32 24.85
N GLN A 3 -3.08 4.85 25.87
CA GLN A 3 -2.37 4.10 26.95
C GLN A 3 -1.73 2.81 26.39
N LEU A 4 -2.53 1.82 26.13
CA LEU A 4 -1.97 0.54 25.58
C LEU A 4 -1.44 0.77 24.16
N THR A 5 -0.70 -0.17 23.63
CA THR A 5 -0.16 0.01 22.25
C THR A 5 0.40 -1.32 21.72
N GLU A 6 1.32 -1.94 22.41
CA GLU A 6 1.88 -3.23 21.93
C GLU A 6 1.06 -4.41 22.48
N GLU A 7 0.31 -4.18 23.52
CA GLU A 7 -0.51 -5.28 24.12
C GLU A 7 -1.72 -5.60 23.23
N GLN A 8 -2.36 -4.59 22.70
CA GLN A 8 -3.55 -4.84 21.82
C GLN A 8 -3.13 -5.54 20.53
N ILE A 9 -2.16 -5.00 19.84
CA ILE A 9 -1.71 -5.64 18.57
C ILE A 9 -1.26 -7.09 18.86
N ALA A 10 -0.45 -7.27 19.86
CA ALA A 10 0.01 -8.65 20.19
C ALA A 10 -1.19 -9.53 20.50
N GLU A 11 -2.23 -8.96 21.05
CA GLU A 11 -3.44 -9.77 21.38
C GLU A 11 -4.01 -10.39 20.10
N PHE A 12 -4.22 -9.60 19.08
CA PHE A 12 -4.76 -10.16 17.82
C PHE A 12 -3.81 -11.24 17.29
N LYS A 13 -2.53 -11.08 17.49
CA LYS A 13 -1.56 -12.09 17.01
C LYS A 13 -1.81 -13.45 17.69
N GLU A 14 -1.97 -13.45 18.99
CA GLU A 14 -2.20 -14.73 19.71
C GLU A 14 -3.46 -15.43 19.18
N ALA A 15 -4.53 -14.69 19.01
CA ALA A 15 -5.78 -15.31 18.50
C ALA A 15 -5.54 -15.92 17.12
N PHE A 16 -4.82 -15.22 16.27
CA PHE A 16 -4.55 -15.75 14.91
C PHE A 16 -3.85 -17.11 15.01
N SER A 17 -2.73 -17.16 15.67
CA SER A 17 -2.00 -18.47 15.81
C SER A 17 -2.96 -19.54 16.34
N LEU A 18 -3.93 -19.13 17.12
CA LEU A 18 -4.90 -20.10 17.68
C LEU A 18 -5.74 -20.71 16.54
N PHE A 19 -6.15 -19.91 15.60
CA PHE A 19 -6.97 -20.43 14.46
C PHE A 19 -6.08 -21.16 13.46
N ASP A 20 -5.18 -20.45 12.81
CA ASP A 20 -4.29 -21.09 11.82
C ASP A 20 -3.65 -22.36 12.41
N LYS A 21 -4.10 -23.52 11.99
CA LYS A 21 -3.53 -24.79 12.54
C LYS A 21 -2.70 -25.52 11.46
N ASP A 22 -2.36 -24.86 10.39
CA ASP A 22 -1.55 -25.53 9.32
C ASP A 22 -0.28 -24.72 9.01
N GLY A 23 -0.40 -23.41 8.92
CA GLY A 23 0.81 -22.58 8.63
C GLY A 23 0.67 -21.90 7.25
N ASP A 24 -0.52 -21.79 6.73
CA ASP A 24 -0.70 -21.13 5.40
C ASP A 24 -0.96 -19.62 5.57
N GLY A 25 -1.16 -19.17 6.79
CA GLY A 25 -1.41 -17.72 7.01
C GLY A 25 -2.79 -17.34 6.49
N THR A 26 -3.77 -18.17 6.74
CA THR A 26 -5.15 -17.86 6.26
C THR A 26 -6.18 -18.62 7.09
N ILE A 27 -7.34 -18.08 7.28
CA ILE A 27 -8.37 -18.79 8.07
C ILE A 27 -9.49 -19.29 7.15
N THR A 28 -9.53 -20.56 6.88
CA THR A 28 -10.59 -21.12 6.00
C THR A 28 -11.74 -21.68 6.84
N THR A 29 -12.71 -22.28 6.22
CA THR A 29 -13.85 -22.85 6.99
C THR A 29 -13.41 -24.10 7.76
N LYS A 30 -12.45 -24.81 7.25
CA LYS A 30 -11.99 -26.04 7.95
C LYS A 30 -11.35 -25.69 9.29
N GLU A 31 -10.28 -24.94 9.27
CA GLU A 31 -9.61 -24.56 10.55
C GLU A 31 -10.61 -23.83 11.46
N LEU A 32 -11.37 -22.92 10.93
CA LEU A 32 -12.36 -22.20 11.78
C LEU A 32 -13.41 -23.18 12.30
N GLY A 33 -13.61 -24.27 11.60
CA GLY A 33 -14.61 -25.27 12.05
C GLY A 33 -14.12 -25.92 13.35
N THR A 34 -12.87 -26.32 13.39
CA THR A 34 -12.33 -26.95 14.62
C THR A 34 -12.15 -25.89 15.70
N VAL A 35 -12.05 -24.65 15.31
CA VAL A 35 -11.88 -23.55 16.30
C VAL A 35 -13.18 -23.34 17.07
N MET A 36 -14.29 -23.36 16.39
CA MET A 36 -15.60 -23.17 17.07
C MET A 36 -15.99 -24.43 17.85
N ARG A 37 -15.59 -25.57 17.38
CA ARG A 37 -15.95 -26.84 18.09
C ARG A 37 -14.90 -27.17 19.15
N SER A 38 -13.79 -26.46 19.16
CA SER A 38 -12.74 -26.73 20.17
C SER A 38 -12.80 -25.71 21.32
N LEU A 39 -13.82 -24.90 21.35
CA LEU A 39 -13.93 -23.88 22.44
C LEU A 39 -15.30 -23.99 23.12
N GLY A 40 -16.31 -23.39 22.54
CA GLY A 40 -17.67 -23.45 23.14
C GLY A 40 -18.72 -23.23 22.06
N GLN A 41 -18.48 -23.75 20.89
CA GLN A 41 -19.46 -23.58 19.78
C GLN A 41 -19.56 -24.88 18.97
N ASN A 42 -20.49 -24.96 18.06
CA ASN A 42 -20.63 -26.20 17.25
C ASN A 42 -21.31 -25.93 15.90
N PRO A 43 -20.78 -24.97 15.17
CA PRO A 43 -21.35 -24.61 13.86
C PRO A 43 -20.91 -25.63 12.80
N THR A 44 -21.61 -25.70 11.69
CA THR A 44 -21.23 -26.67 10.63
C THR A 44 -20.28 -25.99 9.63
N GLU A 45 -20.42 -26.30 8.36
CA GLU A 45 -19.53 -25.66 7.35
C GLU A 45 -20.31 -24.60 6.56
N ALA A 46 -21.59 -24.81 6.36
CA ALA A 46 -22.40 -23.81 5.60
C ALA A 46 -22.62 -22.57 6.47
N GLU A 47 -23.38 -22.70 7.53
CA GLU A 47 -23.62 -21.53 8.42
C GLU A 47 -22.29 -20.88 8.77
N LEU A 48 -21.27 -21.68 8.99
CA LEU A 48 -19.94 -21.12 9.33
C LEU A 48 -19.50 -20.18 8.21
N GLN A 49 -19.59 -20.61 6.99
CA GLN A 49 -19.18 -19.74 5.86
C GLN A 49 -19.87 -18.38 5.98
N ASP A 50 -21.14 -18.39 6.33
CA ASP A 50 -21.88 -17.10 6.48
C ASP A 50 -21.24 -16.27 7.59
N MET A 51 -20.89 -16.89 8.68
CA MET A 51 -20.26 -16.13 9.80
C MET A 51 -18.93 -15.55 9.32
N ILE A 52 -18.39 -16.09 8.26
CA ILE A 52 -17.10 -15.56 7.73
C ILE A 52 -17.37 -14.45 6.72
N ASN A 53 -18.52 -14.46 6.11
CA ASN A 53 -18.84 -13.39 5.12
C ASN A 53 -19.00 -12.03 5.81
N GLU A 54 -19.52 -12.02 7.02
CA GLU A 54 -19.68 -10.73 7.74
C GLU A 54 -18.32 -10.23 8.24
N VAL A 55 -17.44 -11.13 8.60
CA VAL A 55 -16.10 -10.71 9.09
C VAL A 55 -15.22 -10.30 7.90
N ASP A 56 -14.84 -11.25 7.08
CA ASP A 56 -13.99 -10.92 5.90
C ASP A 56 -14.56 -9.70 5.16
N ALA A 57 -13.76 -8.69 4.96
CA ALA A 57 -14.26 -7.47 4.25
C ALA A 57 -13.78 -7.47 2.80
N ASP A 58 -13.55 -8.62 2.24
CA ASP A 58 -13.07 -8.68 0.83
C ASP A 58 -14.05 -9.51 -0.02
N GLY A 59 -14.20 -10.76 0.31
CA GLY A 59 -15.13 -11.63 -0.47
C GLY A 59 -14.38 -12.85 -0.97
N ASN A 60 -13.47 -13.38 -0.19
CA ASN A 60 -12.71 -14.59 -0.63
C ASN A 60 -13.22 -15.83 0.09
N GLY A 61 -13.51 -15.71 1.36
CA GLY A 61 -14.02 -16.88 2.12
C GLY A 61 -13.11 -17.14 3.34
N THR A 62 -11.95 -16.54 3.36
CA THR A 62 -11.03 -16.76 4.51
C THR A 62 -10.51 -15.41 5.04
N ILE A 63 -9.95 -15.40 6.22
CA ILE A 63 -9.43 -14.13 6.79
C ILE A 63 -7.89 -14.17 6.83
N ASP A 64 -7.24 -13.24 6.19
CA ASP A 64 -5.75 -13.22 6.20
C ASP A 64 -5.23 -12.58 7.49
N PHE A 65 -3.95 -12.29 7.55
CA PHE A 65 -3.39 -11.66 8.77
C PHE A 65 -3.83 -10.19 8.92
N PRO A 66 -3.82 -9.44 7.82
CA PRO A 66 -4.22 -8.03 7.88
C PRO A 66 -5.74 -7.93 7.99
N GLU A 67 -6.44 -8.90 7.45
CA GLU A 67 -7.93 -8.89 7.54
C GLU A 67 -8.35 -9.23 8.97
N PHE A 68 -7.49 -9.90 9.68
CA PHE A 68 -7.81 -10.28 11.09
C PHE A 68 -7.46 -9.12 12.03
N LEU A 69 -6.32 -8.51 11.83
CA LEU A 69 -5.91 -7.37 12.72
C LEU A 69 -6.77 -6.14 12.41
N THR A 70 -7.41 -6.10 11.28
CA THR A 70 -8.25 -4.92 10.94
C THR A 70 -9.69 -5.13 11.43
N MET A 71 -10.23 -6.31 11.23
CA MET A 71 -11.63 -6.56 11.68
C MET A 71 -11.74 -6.46 13.20
N MET A 72 -10.77 -6.98 13.91
CA MET A 72 -10.82 -6.90 15.40
C MET A 72 -10.27 -5.56 15.90
N ALA A 73 -9.68 -4.79 15.04
CA ALA A 73 -9.13 -3.47 15.48
C ALA A 73 -10.17 -2.36 15.33
N ARG A 74 -11.12 -2.53 14.44
CA ARG A 74 -12.16 -1.47 14.25
C ARG A 74 -13.48 -1.88 14.94
N LYS A 75 -13.43 -2.24 16.19
CA LYS A 75 -14.68 -2.63 16.90
C LYS A 75 -15.28 -1.43 17.65
N MET A 76 -14.61 -0.30 17.63
CA MET A 76 -15.15 0.89 18.35
C MET A 76 -14.78 2.18 17.60
N LYS A 77 -13.53 2.34 17.26
CA LYS A 77 -13.11 3.58 16.52
C LYS A 77 -12.76 3.24 15.07
N ASP A 78 -12.21 4.18 14.36
CA ASP A 78 -11.85 3.91 12.94
C ASP A 78 -10.50 4.58 12.61
N THR A 79 -9.72 4.88 13.62
CA THR A 79 -8.39 5.54 13.37
C THR A 79 -7.51 4.63 12.51
N ASP A 80 -7.55 4.79 11.21
CA ASP A 80 -6.71 3.94 10.32
C ASP A 80 -6.38 4.67 9.02
N SER A 81 -5.12 4.79 8.68
CA SER A 81 -4.75 5.48 7.42
C SER A 81 -4.70 4.47 6.26
N GLU A 82 -3.92 4.74 5.25
CA GLU A 82 -3.84 3.78 4.10
C GLU A 82 -2.45 3.86 3.45
N GLU A 83 -1.98 2.75 2.94
CA GLU A 83 -0.64 2.73 2.28
C GLU A 83 -0.57 1.58 1.27
N GLU A 84 -0.99 1.83 0.05
CA GLU A 84 -0.96 0.75 -0.99
C GLU A 84 0.49 0.33 -1.27
N ILE A 85 1.43 1.20 -1.03
CA ILE A 85 2.86 0.85 -1.30
C ILE A 85 3.34 -0.22 -0.32
N ARG A 86 3.29 0.05 0.96
CA ARG A 86 3.73 -0.98 1.95
C ARG A 86 3.00 -2.29 1.68
N GLU A 87 1.72 -2.22 1.43
CA GLU A 87 0.94 -3.47 1.16
C GLU A 87 1.60 -4.23 0.01
N ALA A 88 1.99 -3.54 -1.03
CA ALA A 88 2.64 -4.22 -2.17
C ALA A 88 3.89 -4.96 -1.70
N PHE A 89 4.61 -4.38 -0.78
CA PHE A 89 5.85 -5.06 -0.27
C PHE A 89 5.47 -6.35 0.46
N ARG A 90 4.29 -6.38 1.03
CA ARG A 90 3.84 -7.60 1.77
C ARG A 90 3.55 -8.76 0.81
N VAL A 91 2.64 -8.58 -0.11
CA VAL A 91 2.30 -9.68 -1.06
C VAL A 91 3.53 -10.05 -1.94
N PHE A 92 4.25 -9.08 -2.42
CA PHE A 92 5.43 -9.38 -3.27
C PHE A 92 6.56 -10.00 -2.42
N ASP A 93 6.53 -9.77 -1.14
CA ASP A 93 7.59 -10.36 -0.27
C ASP A 93 7.02 -10.68 1.11
N LYS A 94 6.36 -11.80 1.25
CA LYS A 94 5.79 -12.19 2.57
C LYS A 94 6.57 -13.36 3.15
N ASP A 95 7.87 -13.29 3.14
CA ASP A 95 8.69 -14.41 3.69
C ASP A 95 9.47 -13.95 4.92
N GLY A 96 9.88 -12.71 4.97
CA GLY A 96 10.64 -12.23 6.17
C GLY A 96 11.80 -11.33 5.76
N ASN A 97 12.67 -11.77 4.87
CA ASN A 97 13.83 -10.92 4.46
C ASN A 97 13.37 -9.51 4.10
N GLY A 98 12.21 -9.37 3.53
CA GLY A 98 11.70 -8.01 3.16
C GLY A 98 12.34 -7.54 1.84
N TYR A 99 12.63 -8.43 0.95
CA TYR A 99 13.24 -8.02 -0.36
C TYR A 99 12.45 -8.64 -1.53
N ILE A 100 12.04 -7.84 -2.48
CA ILE A 100 11.26 -8.42 -3.63
C ILE A 100 12.21 -9.14 -4.60
N SER A 101 12.12 -10.44 -4.66
CA SER A 101 13.02 -11.20 -5.59
C SER A 101 12.30 -11.42 -6.93
N ALA A 102 13.04 -11.82 -7.94
CA ALA A 102 12.40 -12.05 -9.27
C ALA A 102 11.41 -13.22 -9.19
N ALA A 103 11.76 -14.27 -8.49
CA ALA A 103 10.85 -15.43 -8.37
C ALA A 103 9.57 -15.02 -7.63
N GLU A 104 9.72 -14.46 -6.46
CA GLU A 104 8.52 -14.03 -5.68
C GLU A 104 7.61 -13.17 -6.55
N LEU A 105 8.17 -12.34 -7.37
CA LEU A 105 7.34 -11.48 -8.26
C LEU A 105 6.63 -12.32 -9.31
N ARG A 106 7.27 -13.35 -9.78
CA ARG A 106 6.64 -14.21 -10.82
C ARG A 106 5.43 -14.95 -10.23
N HIS A 107 5.43 -15.17 -8.94
CA HIS A 107 4.28 -15.88 -8.31
C HIS A 107 3.15 -14.90 -7.98
N VAL A 108 3.48 -13.68 -7.67
CA VAL A 108 2.43 -12.67 -7.33
C VAL A 108 1.74 -12.18 -8.60
N MET A 109 2.44 -12.15 -9.70
CA MET A 109 1.80 -11.68 -10.97
C MET A 109 0.90 -12.77 -11.55
N THR A 110 1.18 -14.01 -11.25
CA THR A 110 0.33 -15.12 -11.77
C THR A 110 -1.05 -15.07 -11.12
N ASN A 111 -1.11 -14.80 -9.84
CA ASN A 111 -2.44 -14.74 -9.16
C ASN A 111 -3.11 -13.39 -9.43
N LEU A 112 -2.37 -12.34 -9.39
CA LEU A 112 -2.97 -10.99 -9.65
C LEU A 112 -3.85 -11.04 -10.91
N GLY A 113 -3.56 -11.95 -11.80
CA GLY A 113 -4.38 -12.04 -13.05
C GLY A 113 -3.56 -11.53 -14.23
N GLU A 114 -2.26 -11.51 -14.11
CA GLU A 114 -1.42 -11.01 -15.23
C GLU A 114 -0.40 -12.08 -15.65
N LYS A 115 -0.58 -12.66 -16.80
CA LYS A 115 0.37 -13.73 -17.27
C LYS A 115 1.67 -13.09 -17.77
N LEU A 116 2.73 -13.20 -17.03
CA LEU A 116 4.02 -12.61 -17.47
C LEU A 116 5.04 -13.71 -17.78
N THR A 117 6.25 -13.35 -18.09
CA THR A 117 7.29 -14.37 -18.40
C THR A 117 8.60 -14.02 -17.71
N ASP A 118 9.53 -14.94 -17.66
CA ASP A 118 10.83 -14.66 -17.01
C ASP A 118 11.49 -13.41 -17.63
N GLU A 119 11.27 -13.21 -18.90
CA GLU A 119 11.88 -12.01 -19.57
C GLU A 119 11.32 -10.71 -18.99
N GLU A 120 10.02 -10.62 -18.84
CA GLU A 120 9.43 -9.37 -18.29
C GLU A 120 9.86 -9.17 -16.83
N VAL A 121 9.57 -10.11 -15.97
CA VAL A 121 9.95 -9.96 -14.54
C VAL A 121 11.44 -9.56 -14.42
N ASP A 122 12.28 -10.15 -15.22
CA ASP A 122 13.73 -9.80 -15.15
C ASP A 122 13.94 -8.34 -15.56
N GLU A 123 13.22 -7.88 -16.54
CA GLU A 123 13.38 -6.46 -16.99
C GLU A 123 12.89 -5.51 -15.89
N MET A 124 11.93 -5.93 -15.10
CA MET A 124 11.42 -5.05 -14.02
C MET A 124 12.41 -5.00 -12.84
N ILE A 125 12.64 -6.11 -12.20
CA ILE A 125 13.59 -6.13 -11.04
C ILE A 125 14.93 -5.47 -11.43
N ARG A 126 15.31 -5.55 -12.67
CA ARG A 126 16.61 -4.93 -13.09
C ARG A 126 16.49 -3.40 -13.09
N GLU A 127 15.56 -2.86 -13.82
CA GLU A 127 15.41 -1.38 -13.85
C GLU A 127 14.88 -0.87 -12.50
N ALA A 128 14.50 -1.76 -11.62
CA ALA A 128 13.99 -1.32 -10.29
C ALA A 128 15.09 -1.43 -9.24
N ASP A 129 16.06 -2.28 -9.45
CA ASP A 129 17.16 -2.41 -8.46
C ASP A 129 18.22 -1.33 -8.71
N ILE A 130 18.00 -0.15 -8.18
CA ILE A 130 18.98 0.95 -8.38
C ILE A 130 20.42 0.46 -8.15
N ASP A 131 20.76 0.14 -6.93
CA ASP A 131 22.15 -0.35 -6.66
C ASP A 131 22.42 -1.64 -7.44
N GLY A 132 21.40 -2.37 -7.79
CA GLY A 132 21.62 -3.63 -8.55
C GLY A 132 22.43 -4.60 -7.70
N ASP A 133 21.91 -5.01 -6.58
CA ASP A 133 22.66 -5.95 -5.72
C ASP A 133 22.04 -7.36 -5.79
N GLY A 134 20.75 -7.45 -6.00
CA GLY A 134 20.10 -8.79 -6.10
C GLY A 134 18.59 -8.66 -5.88
N GLN A 135 18.18 -7.98 -4.86
CA GLN A 135 16.70 -7.85 -4.60
C GLN A 135 16.32 -6.37 -4.53
N VAL A 136 15.05 -6.08 -4.51
CA VAL A 136 14.59 -4.67 -4.44
C VAL A 136 14.07 -4.36 -3.03
N ASN A 137 14.89 -3.77 -2.20
CA ASN A 137 14.43 -3.44 -0.82
C ASN A 137 13.40 -2.31 -0.85
N TYR A 138 12.89 -1.93 0.29
CA TYR A 138 11.86 -0.84 0.33
C TYR A 138 12.41 0.49 -0.22
N GLU A 139 13.63 0.82 0.11
CA GLU A 139 14.20 2.11 -0.39
C GLU A 139 14.08 2.17 -1.92
N GLU A 140 14.53 1.16 -2.61
CA GLU A 140 14.44 1.17 -4.09
C GLU A 140 12.97 1.08 -4.52
N PHE A 141 12.12 0.59 -3.65
CA PHE A 141 10.69 0.48 -3.99
C PHE A 141 10.00 1.84 -3.91
N VAL A 142 10.54 2.75 -3.15
CA VAL A 142 9.91 4.10 -3.02
C VAL A 142 10.43 5.04 -4.12
N GLN A 143 11.58 4.76 -4.64
CA GLN A 143 12.14 5.65 -5.71
C GLN A 143 11.73 5.16 -7.10
N MET A 144 11.70 3.87 -7.32
CA MET A 144 11.32 3.35 -8.66
C MET A 144 9.83 3.63 -8.93
N MET A 145 9.08 3.93 -7.91
CA MET A 145 7.62 4.22 -8.13
C MET A 145 7.43 5.71 -8.42
N THR A 146 7.91 6.55 -7.55
CA THR A 146 7.75 8.02 -7.76
C THR A 146 9.13 8.67 -7.92
N ALA A 147 9.41 9.24 -9.06
CA ALA A 147 10.74 9.89 -9.27
C ALA A 147 10.57 11.39 -9.51
N LYS A 148 11.06 12.20 -8.61
CA LYS A 148 10.94 13.69 -8.79
C LYS A 148 12.31 14.35 -8.70
CA CA B . -4.43 -21.47 7.70
CA CA C . -10.88 -12.05 2.81
CA CA D . 11.73 -11.71 -0.69
CA CA E . 18.68 -3.19 -4.41
S1 WW7 F . -14.70 -13.73 17.21
O1 WW7 F . -15.88 -14.45 17.60
O2 WW7 F . -14.77 -12.31 16.98
N1 WW7 F . -13.60 -13.88 18.56
C4 WW7 F . -12.62 -15.77 13.50
C3 WW7 F . -11.90 -15.56 14.74
C2 WW7 F . -12.56 -14.93 15.89
C1 WW7 F . -13.95 -14.51 15.81
C9 WW7 F . -14.70 -14.72 14.57
C10 WW7 F . -14.02 -15.37 13.39
CL1 WW7 F . -14.08 -16.27 10.74
C5 WW7 F . -14.76 -15.58 12.16
C6 WW7 F . -16.16 -15.19 12.07
C7 WW7 F . -16.82 -14.56 13.22
C8 WW7 F . -16.10 -14.32 14.46
C11 WW7 F . -13.26 -15.22 19.02
C12 WW7 F . -14.20 -15.75 20.11
C14 WW7 F . -12.37 -17.45 20.64
C13 WW7 F . -13.88 -17.23 20.40
C15 WW7 F . -11.93 -16.85 22.00
C16 WW7 F . -11.55 -15.38 21.85
N2 WW7 F . -11.05 -14.84 23.11
HN1 WW7 F . -13.94 -13.33 19.35
H4 WW7 F . -12.13 -16.23 12.65
H3 WW7 F . -10.87 -15.87 14.82
H2 WW7 F . -12.00 -14.78 16.80
H6 WW7 F . -16.71 -15.36 11.16
H7 WW7 F . -17.86 -14.27 13.12
H8 WW7 F . -16.59 -13.86 15.30
H111 WW7 F . -13.32 -15.88 18.15
H112 WW7 F . -12.25 -15.21 19.37
H121 WW7 F . -14.06 -15.17 21.00
H122 WW7 F . -15.22 -15.66 19.78
H141 WW7 F . -11.80 -17.00 19.84
H142 WW7 F . -12.18 -18.50 20.65
H131 WW7 F . -14.43 -17.55 21.27
H132 WW7 F . -14.19 -17.81 19.54
H151 WW7 F . -12.73 -16.96 22.71
H152 WW7 F . -11.07 -17.40 22.35
H161 WW7 F . -12.41 -14.80 21.56
H162 WW7 F . -10.78 -15.27 21.10
HN21 WW7 F . -11.70 -15.01 23.86
HN22 WW7 F . -10.91 -13.83 23.04
S1 WW7 G . 3.77 -2.76 -9.89
O1 WW7 G . 3.41 -3.48 -11.07
O2 WW7 G . 4.05 -1.35 -9.96
N1 WW7 G . 2.40 -2.90 -8.85
C4 WW7 G . 7.32 -5.07 -7.79
C3 WW7 G . 5.95 -5.24 -7.37
C2 WW7 G . 4.85 -4.51 -8.01
C1 WW7 G . 5.12 -3.59 -9.10
C9 WW7 G . 6.50 -3.39 -9.55
C10 WW7 G . 7.62 -4.15 -8.88
CL1 WW7 G . 10.34 -4.78 -8.64
C5 WW7 G . 8.99 -3.96 -9.33
C6 WW7 G . 9.26 -3.04 -10.43
C7 WW7 G . 8.18 -2.30 -11.08
C8 WW7 G . 6.80 -2.47 -10.65
C11 WW7 G . 2.44 -2.29 -7.52
C12 WW7 G . 2.64 -0.76 -7.56
C14 WW7 G . 2.79 1.31 -6.17
C13 WW7 G . 2.59 -0.21 -6.14
C15 WW7 G . 1.69 1.95 -7.03
C16 WW7 G . 0.31 1.59 -6.46
N2 WW7 G . -0.78 2.18 -7.22
HN1 WW7 G . 2.16 -3.88 -8.76
H4 WW7 G . 8.12 -5.59 -7.29
H3 WW7 G . 5.76 -5.94 -6.57
H2 WW7 G . 3.83 -4.65 -7.68
H6 WW7 G . 10.28 -2.91 -10.76
H7 WW7 G . 8.40 -1.63 -11.88
H8 WW7 G . 6.00 -1.93 -11.12
H111 WW7 G . 1.50 -2.51 -7.05
H112 WW7 G . 3.25 -2.74 -6.96
H121 WW7 G . 3.59 -0.54 -8.00
H122 WW7 G . 1.85 -0.32 -8.15
H141 WW7 G . 3.75 1.53 -6.59
H142 WW7 G . 2.72 1.70 -5.16
H131 WW7 G . 1.64 -0.45 -5.70
H132 WW7 G . 3.38 -0.67 -5.55
H151 WW7 G . 1.81 3.03 -7.02
H152 WW7 G . 1.77 1.59 -8.05
H161 WW7 G . 0.23 1.95 -5.45
H162 WW7 G . 0.18 0.53 -6.48
HN21 WW7 G . -1.67 1.90 -6.84
HN22 WW7 G . -0.76 1.86 -8.18
N ALA A 1 -1.99 -8.39 50.08
CA ALA A 1 -1.90 -7.50 48.88
C ALA A 1 -0.87 -6.40 49.10
N ASP A 2 0.39 -6.75 49.18
CA ASP A 2 1.44 -5.71 49.40
C ASP A 2 1.83 -5.06 48.07
N GLN A 3 1.87 -3.76 48.03
CA GLN A 3 2.25 -3.06 46.76
C GLN A 3 3.73 -2.69 46.78
N LEU A 4 4.43 -2.95 45.73
CA LEU A 4 5.89 -2.61 45.69
C LEU A 4 6.36 -2.47 44.23
N THR A 5 7.26 -1.55 43.98
CA THR A 5 7.76 -1.38 42.59
C THR A 5 9.30 -1.46 42.58
N GLU A 6 9.90 -1.84 43.68
CA GLU A 6 11.38 -1.94 43.73
C GLU A 6 11.84 -3.16 42.92
N GLU A 7 11.07 -4.22 42.95
CA GLU A 7 11.44 -5.43 42.18
C GLU A 7 11.12 -5.21 40.70
N GLN A 8 10.09 -4.47 40.41
CA GLN A 8 9.72 -4.21 39.00
C GLN A 8 10.79 -3.33 38.32
N ILE A 9 11.03 -2.17 38.84
CA ILE A 9 12.06 -1.28 38.23
C ILE A 9 13.41 -1.98 38.24
N ALA A 10 13.68 -2.76 39.26
CA ALA A 10 14.97 -3.49 39.31
C ALA A 10 15.02 -4.48 38.15
N GLU A 11 13.90 -5.01 37.77
CA GLU A 11 13.86 -5.98 36.63
C GLU A 11 14.21 -5.26 35.34
N PHE A 12 13.55 -4.17 35.07
CA PHE A 12 13.83 -3.40 33.84
C PHE A 12 15.28 -2.94 33.83
N LYS A 13 15.84 -2.72 34.98
CA LYS A 13 17.26 -2.27 35.06
C LYS A 13 18.19 -3.38 34.56
N GLU A 14 18.11 -4.55 35.14
CA GLU A 14 18.99 -5.66 34.68
C GLU A 14 18.90 -5.83 33.17
N ALA A 15 17.73 -5.66 32.62
CA ALA A 15 17.59 -5.80 31.14
C ALA A 15 18.44 -4.74 30.44
N PHE A 16 18.24 -3.50 30.76
CA PHE A 16 19.04 -2.42 30.12
C PHE A 16 20.54 -2.66 30.30
N SER A 17 20.92 -3.34 31.35
CA SER A 17 22.37 -3.61 31.57
C SER A 17 22.85 -4.71 30.62
N LEU A 18 22.01 -5.67 30.34
CA LEU A 18 22.42 -6.77 29.41
C LEU A 18 22.55 -6.22 27.99
N PHE A 19 21.83 -5.17 27.68
CA PHE A 19 21.91 -4.58 26.31
C PHE A 19 23.07 -3.58 26.25
N ASP A 20 22.94 -2.46 26.91
CA ASP A 20 24.04 -1.44 26.90
C ASP A 20 25.35 -2.07 27.36
N LYS A 21 26.26 -2.34 26.44
CA LYS A 21 27.56 -2.94 26.83
C LYS A 21 28.69 -1.91 26.77
N ASP A 22 28.65 -1.03 25.80
CA ASP A 22 29.73 0.00 25.67
C ASP A 22 29.61 1.03 26.80
N GLY A 23 28.43 1.21 27.32
CA GLY A 23 28.23 2.21 28.41
C GLY A 23 27.96 3.58 27.80
N ASP A 24 26.74 4.03 27.86
CA ASP A 24 26.42 5.36 27.26
C ASP A 24 25.01 5.80 27.67
N GLY A 25 24.08 4.88 27.70
CA GLY A 25 22.68 5.24 28.11
C GLY A 25 21.73 5.11 26.91
N THR A 26 22.16 4.49 25.85
CA THR A 26 21.27 4.33 24.66
C THR A 26 21.44 2.94 24.04
N ILE A 27 20.52 2.54 23.20
CA ILE A 27 20.63 1.18 22.56
C ILE A 27 20.63 1.31 21.03
N THR A 28 21.66 0.85 20.38
CA THR A 28 21.74 0.95 18.90
C THR A 28 21.70 -0.45 18.27
N THR A 29 21.77 -0.53 16.96
CA THR A 29 21.73 -1.86 16.29
C THR A 29 23.00 -2.67 16.58
N LYS A 30 24.10 -1.99 16.84
CA LYS A 30 25.37 -2.73 17.14
C LYS A 30 25.22 -3.49 18.46
N GLU A 31 25.00 -2.80 19.54
CA GLU A 31 24.86 -3.49 20.86
C GLU A 31 23.65 -4.43 20.79
N LEU A 32 22.49 -3.92 20.51
CA LEU A 32 21.29 -4.79 20.44
C LEU A 32 21.57 -5.97 19.49
N GLY A 33 22.45 -5.78 18.54
CA GLY A 33 22.76 -6.88 17.59
C GLY A 33 23.38 -8.04 18.37
N THR A 34 24.40 -7.79 19.14
CA THR A 34 25.05 -8.88 19.93
C THR A 34 24.06 -9.42 20.97
N VAL A 35 23.11 -8.61 21.36
CA VAL A 35 22.10 -9.07 22.37
C VAL A 35 21.23 -10.18 21.79
N MET A 36 20.81 -10.03 20.56
CA MET A 36 19.97 -11.08 19.92
C MET A 36 20.86 -12.14 19.24
N ARG A 37 22.12 -11.86 19.10
CA ARG A 37 23.02 -12.84 18.44
C ARG A 37 23.61 -13.80 19.47
N SER A 38 23.64 -13.41 20.71
CA SER A 38 24.20 -14.30 21.78
C SER A 38 23.08 -14.85 22.68
N LEU A 39 21.96 -14.16 22.73
CA LEU A 39 20.84 -14.65 23.60
C LEU A 39 19.56 -14.83 22.78
N GLY A 40 19.55 -15.76 21.87
CA GLY A 40 18.33 -15.98 21.04
C GLY A 40 18.69 -15.94 19.57
N GLN A 41 19.68 -16.69 19.16
CA GLN A 41 20.08 -16.69 17.72
C GLN A 41 18.84 -16.84 16.82
N ASN A 42 18.39 -15.77 16.25
CA ASN A 42 17.20 -15.85 15.35
C ASN A 42 17.19 -14.66 14.35
N PRO A 43 17.04 -13.46 14.86
CA PRO A 43 17.02 -12.28 13.98
C PRO A 43 18.44 -11.98 13.45
N THR A 44 18.56 -11.09 12.52
CA THR A 44 19.91 -10.76 11.97
C THR A 44 20.22 -9.27 12.22
N GLU A 45 20.98 -8.64 11.36
CA GLU A 45 21.29 -7.20 11.57
C GLU A 45 20.32 -6.32 10.78
N ALA A 46 19.87 -6.80 9.64
CA ALA A 46 18.92 -5.99 8.82
C ALA A 46 17.52 -6.01 9.46
N GLU A 47 16.87 -7.14 9.47
CA GLU A 47 15.53 -7.22 10.09
C GLU A 47 15.55 -6.56 11.48
N LEU A 48 16.66 -6.65 12.16
CA LEU A 48 16.76 -6.02 13.51
C LEU A 48 16.60 -4.51 13.38
N GLN A 49 17.36 -3.91 12.51
CA GLN A 49 17.25 -2.43 12.31
C GLN A 49 15.78 -2.05 12.11
N ASP A 50 15.06 -2.83 11.35
CA ASP A 50 13.62 -2.52 11.13
C ASP A 50 12.86 -2.62 12.45
N MET A 51 13.19 -3.60 13.27
CA MET A 51 12.48 -3.74 14.58
C MET A 51 12.89 -2.60 15.51
N ILE A 52 13.93 -1.88 15.17
CA ILE A 52 14.38 -0.76 16.03
C ILE A 52 13.58 0.50 15.69
N ASN A 53 13.26 0.67 14.44
CA ASN A 53 12.47 1.87 14.03
C ASN A 53 11.11 1.89 14.76
N GLU A 54 10.48 0.76 14.90
CA GLU A 54 9.14 0.73 15.57
C GLU A 54 9.30 1.02 17.07
N VAL A 55 10.36 0.56 17.68
CA VAL A 55 10.56 0.82 19.14
C VAL A 55 10.90 2.30 19.37
N ASP A 56 11.51 2.93 18.40
CA ASP A 56 11.88 4.36 18.57
C ASP A 56 10.83 5.26 17.92
N ALA A 57 10.17 6.08 18.71
CA ALA A 57 9.13 6.99 18.15
C ALA A 57 9.66 8.43 18.13
N ASP A 58 10.95 8.60 18.07
CA ASP A 58 11.54 9.97 18.06
C ASP A 58 12.06 10.30 16.65
N GLY A 59 13.10 9.64 16.22
CA GLY A 59 13.66 9.92 14.86
C GLY A 59 15.18 9.79 14.89
N ASN A 60 15.76 9.75 16.06
CA ASN A 60 17.25 9.63 16.15
C ASN A 60 17.69 8.22 15.70
N GLY A 61 16.77 7.30 15.60
CA GLY A 61 17.14 5.93 15.15
C GLY A 61 17.76 5.13 16.30
N THR A 62 17.47 5.49 17.53
CA THR A 62 18.04 4.73 18.68
C THR A 62 17.16 4.90 19.93
N ILE A 63 17.39 4.11 20.95
CA ILE A 63 16.56 4.23 22.18
C ILE A 63 17.38 4.83 23.33
N ASP A 64 16.74 5.19 24.41
CA ASP A 64 17.48 5.80 25.56
C ASP A 64 17.07 5.10 26.86
N PHE A 65 17.35 5.70 27.99
CA PHE A 65 16.96 5.07 29.28
C PHE A 65 15.48 5.34 29.64
N PRO A 66 15.04 6.58 29.45
CA PRO A 66 13.63 6.91 29.78
C PRO A 66 12.68 6.30 28.72
N GLU A 67 13.14 6.13 27.52
CA GLU A 67 12.28 5.51 26.47
C GLU A 67 12.23 4.00 26.67
N PHE A 68 13.24 3.47 27.31
CA PHE A 68 13.27 1.99 27.55
C PHE A 68 12.31 1.62 28.68
N LEU A 69 12.36 2.32 29.78
CA LEU A 69 11.46 2.00 30.92
C LEU A 69 10.04 2.51 30.63
N THR A 70 9.91 3.46 29.74
CA THR A 70 8.55 3.99 29.42
C THR A 70 7.91 3.19 28.29
N MET A 71 8.70 2.51 27.49
CA MET A 71 8.10 1.72 26.36
C MET A 71 7.75 0.29 26.83
N MET A 72 8.55 -0.28 27.69
CA MET A 72 8.26 -1.66 28.18
C MET A 72 7.28 -1.59 29.36
N ALA A 73 7.22 -0.49 30.04
CA ALA A 73 6.28 -0.36 31.19
C ALA A 73 4.89 0.02 30.70
N ARG A 74 4.81 1.05 29.92
CA ARG A 74 3.48 1.50 29.39
C ARG A 74 3.40 1.22 27.88
N LYS A 75 3.45 -0.03 27.49
CA LYS A 75 3.39 -0.37 26.04
C LYS A 75 1.93 -0.56 25.61
N MET A 76 1.28 0.48 25.16
CA MET A 76 -0.15 0.34 24.72
C MET A 76 -0.21 -0.14 23.26
N LYS A 77 -1.12 -1.02 22.96
CA LYS A 77 -1.23 -1.53 21.55
C LYS A 77 -2.10 -0.58 20.71
N ASP A 78 -1.49 0.16 19.82
CA ASP A 78 -2.29 1.10 18.97
C ASP A 78 -1.55 1.35 17.65
N THR A 79 -2.24 1.19 16.54
CA THR A 79 -1.58 1.41 15.22
C THR A 79 -2.40 2.39 14.38
N ASP A 80 -1.77 3.17 13.56
CA ASP A 80 -2.51 4.15 12.71
C ASP A 80 -1.59 4.72 11.62
N SER A 81 -1.67 4.19 10.43
CA SER A 81 -0.79 4.70 9.33
C SER A 81 -1.59 4.82 8.03
N GLU A 82 -0.95 5.30 6.99
CA GLU A 82 -1.67 5.44 5.69
C GLU A 82 -0.68 5.30 4.52
N GLU A 83 -0.62 4.14 3.92
CA GLU A 83 0.32 3.96 2.78
C GLU A 83 0.06 2.60 2.10
N GLU A 84 -0.68 2.60 1.03
CA GLU A 84 -0.97 1.31 0.33
C GLU A 84 0.33 0.66 -0.15
N ILE A 85 1.32 1.45 -0.46
CA ILE A 85 2.60 0.86 -0.93
C ILE A 85 3.08 -0.20 0.07
N ARG A 86 2.84 0.00 1.33
CA ARG A 86 3.27 -1.01 2.35
C ARG A 86 2.63 -2.35 2.02
N GLU A 87 1.37 -2.35 1.69
CA GLU A 87 0.68 -3.63 1.35
C GLU A 87 1.33 -4.26 0.12
N ALA A 88 1.80 -3.44 -0.78
CA ALA A 88 2.45 -3.98 -2.01
C ALA A 88 3.74 -4.70 -1.63
N PHE A 89 4.72 -3.99 -1.16
CA PHE A 89 6.00 -4.65 -0.77
C PHE A 89 5.73 -5.85 0.13
N ARG A 90 4.64 -5.85 0.84
CA ARG A 90 4.33 -6.99 1.73
C ARG A 90 4.00 -8.24 0.90
N VAL A 91 3.20 -8.09 -0.12
CA VAL A 91 2.85 -9.27 -0.96
C VAL A 91 4.00 -9.63 -1.90
N PHE A 92 4.94 -8.73 -2.07
CA PHE A 92 6.10 -9.01 -2.97
C PHE A 92 7.24 -9.66 -2.19
N ASP A 93 7.24 -9.52 -0.90
CA ASP A 93 8.34 -10.14 -0.08
C ASP A 93 7.75 -10.98 1.04
N LYS A 94 6.75 -11.77 0.75
CA LYS A 94 6.13 -12.62 1.81
C LYS A 94 6.53 -14.08 1.63
N ASP A 95 7.79 -14.34 1.43
CA ASP A 95 8.24 -15.76 1.25
C ASP A 95 9.20 -16.14 2.38
N GLY A 96 9.82 -15.18 3.00
CA GLY A 96 10.77 -15.49 4.09
C GLY A 96 12.19 -15.20 3.63
N ASN A 97 12.33 -14.25 2.73
CA ASN A 97 13.69 -13.91 2.21
C ASN A 97 14.16 -12.58 2.80
N GLY A 98 13.57 -11.48 2.39
CA GLY A 98 13.99 -10.16 2.94
C GLY A 98 13.73 -9.07 1.91
N TYR A 99 13.93 -9.37 0.65
CA TYR A 99 13.70 -8.34 -0.41
C TYR A 99 12.90 -8.95 -1.56
N ILE A 100 12.44 -8.13 -2.47
CA ILE A 100 11.66 -8.67 -3.63
C ILE A 100 12.61 -9.37 -4.60
N SER A 101 12.25 -10.57 -5.01
CA SER A 101 13.12 -11.32 -5.96
C SER A 101 12.40 -11.49 -7.31
N ALA A 102 13.10 -11.99 -8.29
CA ALA A 102 12.45 -12.18 -9.63
C ALA A 102 11.40 -13.28 -9.55
N ALA A 103 11.73 -14.41 -8.98
CA ALA A 103 10.73 -15.52 -8.87
C ALA A 103 9.49 -15.04 -8.10
N GLU A 104 9.69 -14.49 -6.93
CA GLU A 104 8.53 -14.02 -6.13
C GLU A 104 7.59 -13.15 -6.98
N LEU A 105 8.11 -12.13 -7.60
CA LEU A 105 7.26 -11.24 -8.43
C LEU A 105 6.64 -12.03 -9.60
N ARG A 106 7.30 -13.04 -10.07
CA ARG A 106 6.74 -13.84 -11.20
C ARG A 106 5.49 -14.60 -10.76
N HIS A 107 5.49 -15.12 -9.57
CA HIS A 107 4.29 -15.87 -9.09
C HIS A 107 3.24 -14.91 -8.52
N VAL A 108 3.62 -13.69 -8.26
CA VAL A 108 2.64 -12.71 -7.71
C VAL A 108 1.81 -12.07 -8.83
N MET A 109 2.38 -11.95 -10.00
CA MET A 109 1.62 -11.33 -11.13
C MET A 109 0.69 -12.36 -11.77
N THR A 110 1.17 -13.53 -12.04
CA THR A 110 0.31 -14.57 -12.67
C THR A 110 -1.00 -14.72 -11.88
N ASN A 111 -0.96 -14.52 -10.60
CA ASN A 111 -2.21 -14.64 -9.78
C ASN A 111 -2.98 -13.31 -9.77
N LEU A 112 -2.30 -12.23 -9.49
CA LEU A 112 -2.99 -10.90 -9.47
C LEU A 112 -3.88 -10.73 -10.71
N GLY A 113 -3.48 -11.29 -11.81
CA GLY A 113 -4.30 -11.15 -13.05
C GLY A 113 -3.50 -10.39 -14.10
N GLU A 114 -2.22 -10.64 -14.18
CA GLU A 114 -1.39 -9.92 -15.18
C GLU A 114 -0.75 -10.92 -16.16
N LYS A 115 -0.20 -10.44 -17.24
CA LYS A 115 0.44 -11.38 -18.22
C LYS A 115 1.91 -11.02 -18.41
N LEU A 116 2.79 -11.66 -17.68
CA LEU A 116 4.24 -11.34 -17.81
C LEU A 116 5.03 -12.63 -18.03
N THR A 117 6.15 -12.55 -18.70
CA THR A 117 6.97 -13.77 -18.95
C THR A 117 8.13 -13.84 -17.95
N ASP A 118 8.86 -14.91 -17.93
CA ASP A 118 10.00 -15.04 -16.98
C ASP A 118 10.99 -13.88 -17.17
N GLU A 119 11.60 -13.79 -18.32
CA GLU A 119 12.57 -12.68 -18.55
C GLU A 119 11.94 -11.33 -18.21
N GLU A 120 10.70 -11.13 -18.59
CA GLU A 120 10.02 -9.83 -18.28
C GLU A 120 10.17 -9.51 -16.79
N VAL A 121 9.83 -10.44 -15.94
CA VAL A 121 9.95 -10.18 -14.47
C VAL A 121 11.39 -9.81 -14.13
N ASP A 122 12.34 -10.51 -14.66
CA ASP A 122 13.77 -10.19 -14.38
C ASP A 122 14.08 -8.75 -14.81
N GLU A 123 13.37 -8.27 -15.81
CA GLU A 123 13.61 -6.87 -16.28
C GLU A 123 13.05 -5.88 -15.26
N MET A 124 11.92 -6.20 -14.66
CA MET A 124 11.32 -5.28 -13.67
C MET A 124 12.23 -5.19 -12.43
N ILE A 125 12.80 -6.30 -12.02
CA ILE A 125 13.69 -6.27 -10.83
C ILE A 125 14.99 -5.53 -11.16
N ARG A 126 15.51 -5.69 -12.35
CA ARG A 126 16.76 -5.00 -12.73
C ARG A 126 16.55 -3.48 -12.71
N GLU A 127 15.48 -3.01 -13.29
CA GLU A 127 15.21 -1.54 -13.30
C GLU A 127 15.04 -1.02 -11.87
N ALA A 128 14.39 -1.79 -11.02
CA ALA A 128 14.20 -1.34 -9.62
C ALA A 128 15.50 -1.46 -8.83
N ASP A 129 16.45 -2.19 -9.36
CA ASP A 129 17.75 -2.34 -8.64
C ASP A 129 18.71 -1.21 -9.03
N ILE A 130 18.33 0.01 -8.76
CA ILE A 130 19.20 1.16 -9.11
C ILE A 130 20.60 1.03 -8.50
N ASP A 131 20.69 0.61 -7.27
CA ASP A 131 22.03 0.47 -6.62
C ASP A 131 22.80 -0.73 -7.19
N GLY A 132 22.13 -1.66 -7.81
CA GLY A 132 22.84 -2.84 -8.38
C GLY A 132 23.37 -3.71 -7.23
N ASP A 133 22.49 -4.40 -6.56
CA ASP A 133 22.93 -5.27 -5.44
C ASP A 133 22.42 -6.71 -5.61
N GLY A 134 21.44 -6.90 -6.46
CA GLY A 134 20.91 -8.29 -6.68
C GLY A 134 19.41 -8.32 -6.39
N GLN A 135 19.00 -7.81 -5.26
CA GLN A 135 17.54 -7.81 -4.92
C GLN A 135 17.01 -6.39 -4.75
N VAL A 136 15.71 -6.22 -4.75
CA VAL A 136 15.12 -4.86 -4.59
C VAL A 136 14.60 -4.67 -3.17
N ASN A 137 15.01 -3.64 -2.50
CA ASN A 137 14.53 -3.42 -1.10
C ASN A 137 13.35 -2.43 -1.09
N TYR A 138 12.92 -2.02 0.07
CA TYR A 138 11.76 -1.08 0.16
C TYR A 138 12.09 0.29 -0.47
N GLU A 139 13.06 0.99 0.05
CA GLU A 139 13.41 2.34 -0.50
C GLU A 139 13.45 2.31 -2.04
N GLU A 140 14.20 1.41 -2.61
CA GLU A 140 14.26 1.34 -4.11
C GLU A 140 12.85 1.16 -4.69
N PHE A 141 12.05 0.36 -4.07
CA PHE A 141 10.66 0.13 -4.58
C PHE A 141 9.81 1.40 -4.49
N VAL A 142 10.12 2.28 -3.57
CA VAL A 142 9.31 3.53 -3.44
C VAL A 142 9.90 4.65 -4.30
N GLN A 143 11.14 4.54 -4.67
CA GLN A 143 11.77 5.61 -5.50
C GLN A 143 11.46 5.39 -6.99
N MET A 144 11.29 4.17 -7.39
CA MET A 144 10.99 3.91 -8.84
C MET A 144 9.48 3.93 -9.09
N MET A 145 8.70 3.88 -8.05
CA MET A 145 7.21 3.89 -8.24
C MET A 145 6.67 5.33 -8.25
N THR A 146 7.35 6.23 -7.58
CA THR A 146 6.87 7.65 -7.57
C THR A 146 7.95 8.57 -8.13
N ALA A 147 9.16 8.47 -7.62
CA ALA A 147 10.25 9.34 -8.12
C ALA A 147 10.72 8.86 -9.50
N LYS A 148 10.75 9.73 -10.47
CA LYS A 148 11.20 9.32 -11.83
C LYS A 148 12.62 9.82 -12.10
CA CA B . 25.05 1.47 24.63
CA CA C . 14.80 8.03 20.70
CA CA D . 12.47 -12.22 -0.69
CA CA E . 18.61 -2.89 -5.09
S1 WW7 F . 12.09 -7.48 23.96
O1 WW7 F . 11.38 -7.95 22.81
O2 WW7 F . 11.37 -7.06 25.12
N1 WW7 F . 13.00 -8.88 24.48
C4 WW7 F . 15.34 -4.17 23.00
C3 WW7 F . 15.35 -4.94 24.23
C2 WW7 F . 14.33 -5.95 24.48
C1 WW7 F . 13.27 -6.22 23.51
C9 WW7 F . 13.23 -5.45 22.26
C10 WW7 F . 14.30 -4.40 22.01
CL1 WW7 F . 15.41 -2.37 20.42
C5 WW7 F . 14.28 -3.63 20.77
C6 WW7 F . 13.23 -3.86 19.79
C7 WW7 F . 12.19 -4.87 20.03
C8 WW7 F . 12.19 -5.66 21.26
C11 WW7 F . 13.80 -8.80 25.69
C12 WW7 F . 14.04 -10.17 26.34
C14 WW7 F . 16.21 -10.47 25.13
C13 WW7 F . 14.83 -11.07 25.39
C15 WW7 F . 17.01 -10.41 26.45
C16 WW7 F . 17.18 -11.83 27.00
N2 WW7 F . 17.96 -11.84 28.23
HN1 WW7 F . 13.57 -9.22 23.71
H4 WW7 F . 16.10 -3.44 22.80
H3 WW7 F . 16.12 -4.77 24.96
H2 WW7 F . 14.36 -6.48 25.43
H6 WW7 F . 13.25 -3.29 18.87
H7 WW7 F . 11.41 -5.01 19.30
H8 WW7 F . 11.39 -6.35 21.41
H111 WW7 F . 14.75 -8.35 25.45
H112 WW7 F . 13.26 -8.17 26.37
H121 WW7 F . 14.60 -10.04 27.26
H122 WW7 F . 13.09 -10.63 26.56
H141 WW7 F . 16.11 -9.47 24.72
H142 WW7 F . 16.75 -11.08 24.42
H131 WW7 F . 14.93 -12.04 25.82
H132 WW7 F . 14.30 -11.14 24.45
H151 WW7 F . 17.99 -9.98 26.25
H152 WW7 F . 16.49 -9.80 27.15
H161 WW7 F . 17.69 -12.44 26.28
H162 WW7 F . 16.21 -12.24 27.22
HN21 WW7 F . 17.45 -11.40 28.98
HN22 WW7 F . 18.15 -12.79 28.52
S1 WW7 G . 4.01 -2.98 -9.65
O1 WW7 G . 3.78 -3.70 -10.86
O2 WW7 G . 4.11 -1.56 -9.68
N1 WW7 G . 2.59 -3.33 -8.68
C4 WW7 G . 7.78 -4.93 -7.56
C3 WW7 G . 6.44 -5.12 -7.03
C2 WW7 G . 5.28 -4.49 -7.68
C1 WW7 G . 5.45 -3.68 -8.87
C9 WW7 G . 6.78 -3.48 -9.43
C10 WW7 G . 7.97 -4.12 -8.75
CL1 WW7 G . 10.73 -4.61 -8.62
C5 WW7 G . 9.31 -3.93 -9.31
C6 WW7 G . 9.48 -3.11 -10.52
C7 WW7 G . 8.32 -2.50 -11.17
C8 WW7 G . 6.98 -2.68 -10.63
C11 WW7 G . 2.36 -2.63 -7.42
C12 WW7 G . 2.35 -1.10 -7.59
C14 WW7 G . 0.43 -0.83 -6.00
C13 WW7 G . 1.89 -0.44 -6.28
C15 WW7 G . -0.05 -0.11 -4.74
C16 WW7 G . -0.02 1.41 -4.96
N2 WW7 G . -0.50 2.15 -3.81
HN1 WW7 G . 1.78 -3.19 -9.26
H4 WW7 G . 8.62 -5.38 -7.05
H3 WW7 G . 6.29 -5.73 -6.15
H2 WW7 G . 4.29 -4.63 -7.27
H6 WW7 G . 10.47 -2.98 -10.92
H7 WW7 G . 8.48 -1.91 -12.06
H8 WW7 G . 6.13 -2.22 -11.12
H111 WW7 G . 1.39 -2.95 -7.07
H112 WW7 G . 3.11 -2.91 -6.70
H121 WW7 G . 3.34 -0.76 -7.84
H122 WW7 G . 1.67 -0.83 -8.38
H141 WW7 G . 0.38 -1.89 -5.84
H142 WW7 G . -0.18 -0.55 -6.83
H131 WW7 G . 2.52 -0.75 -5.48
H132 WW7 G . 1.95 0.64 -6.40
H151 WW7 G . -1.07 -0.41 -4.52
H152 WW7 G . 0.59 -0.37 -3.90
H161 WW7 G . -0.63 1.66 -5.81
H162 WW7 G . 1.00 1.72 -5.15
HN21 WW7 G . 0.03 1.91 -2.99
HN22 WW7 G . -0.37 3.14 -3.96
N ALA A 1 -5.19 -13.52 37.28
CA ALA A 1 -5.61 -12.58 38.35
C ALA A 1 -4.69 -11.34 38.37
N ASP A 2 -3.41 -11.54 38.26
CA ASP A 2 -2.47 -10.39 38.27
C ASP A 2 -2.67 -9.53 37.01
N GLN A 3 -3.23 -8.35 37.16
CA GLN A 3 -3.45 -7.48 35.98
C GLN A 3 -3.35 -6.00 36.39
N LEU A 4 -2.95 -5.15 35.48
CA LEU A 4 -2.83 -3.70 35.82
C LEU A 4 -4.18 -3.16 36.32
N THR A 5 -4.17 -2.49 37.44
CA THR A 5 -5.44 -1.93 37.99
C THR A 5 -5.14 -0.84 39.01
N GLU A 6 -4.21 -1.11 39.89
CA GLU A 6 -3.85 -0.09 40.93
C GLU A 6 -2.75 0.83 40.38
N GLU A 7 -2.10 0.44 39.32
CA GLU A 7 -1.03 1.29 38.74
C GLU A 7 -1.65 2.48 38.01
N GLN A 8 -2.35 2.23 36.95
CA GLN A 8 -3.00 3.35 36.19
C GLN A 8 -3.87 4.18 37.14
N ILE A 9 -4.85 3.56 37.76
CA ILE A 9 -5.73 4.32 38.70
C ILE A 9 -4.88 5.18 39.64
N ALA A 10 -3.88 4.59 40.25
CA ALA A 10 -3.02 5.37 41.19
C ALA A 10 -2.49 6.62 40.50
N GLU A 11 -2.09 6.51 39.26
CA GLU A 11 -1.56 7.70 38.53
C GLU A 11 -2.64 8.79 38.45
N PHE A 12 -3.86 8.41 38.18
CA PHE A 12 -4.95 9.42 38.10
C PHE A 12 -5.15 10.08 39.45
N LYS A 13 -4.89 9.38 40.52
CA LYS A 13 -5.04 9.98 41.87
C LYS A 13 -3.97 11.05 42.08
N GLU A 14 -2.77 10.81 41.61
CA GLU A 14 -1.70 11.83 41.77
C GLU A 14 -2.10 13.11 41.04
N ALA A 15 -2.60 12.99 39.84
CA ALA A 15 -3.02 14.19 39.09
C ALA A 15 -4.08 14.95 39.90
N PHE A 16 -5.03 14.25 40.44
CA PHE A 16 -6.07 14.93 41.25
C PHE A 16 -5.42 15.73 42.37
N SER A 17 -4.43 15.18 43.01
CA SER A 17 -3.74 15.91 44.11
C SER A 17 -3.16 17.22 43.57
N LEU A 18 -2.56 17.17 42.41
CA LEU A 18 -1.98 18.41 41.82
C LEU A 18 -3.08 19.45 41.63
N PHE A 19 -4.29 19.00 41.42
CA PHE A 19 -5.43 19.96 41.23
C PHE A 19 -6.05 20.30 42.58
N ASP A 20 -5.79 19.51 43.58
CA ASP A 20 -6.35 19.79 44.93
C ASP A 20 -5.25 20.36 45.83
N LYS A 21 -4.74 21.50 45.50
CA LYS A 21 -3.66 22.12 46.30
C LYS A 21 -3.96 22.02 47.81
N ASP A 22 -5.11 22.47 48.23
CA ASP A 22 -5.43 22.40 49.69
C ASP A 22 -5.65 20.93 50.11
N GLY A 23 -6.35 20.17 49.32
CA GLY A 23 -6.58 18.74 49.67
C GLY A 23 -7.94 18.57 50.36
N ASP A 24 -9.00 19.08 49.78
CA ASP A 24 -10.34 18.93 50.40
C ASP A 24 -11.15 17.88 49.64
N GLY A 25 -10.84 17.66 48.39
CA GLY A 25 -11.60 16.64 47.59
C GLY A 25 -12.44 17.33 46.50
N THR A 26 -11.99 18.45 46.00
CA THR A 26 -12.78 19.15 44.94
C THR A 26 -11.86 20.00 44.05
N ILE A 27 -12.28 20.31 42.85
CA ILE A 27 -11.44 21.14 41.95
C ILE A 27 -12.22 22.39 41.50
N THR A 28 -11.86 23.55 41.98
CA THR A 28 -12.58 24.80 41.58
C THR A 28 -11.85 25.48 40.42
N THR A 29 -12.16 26.72 40.16
CA THR A 29 -11.50 27.46 39.04
C THR A 29 -10.18 28.07 39.53
N LYS A 30 -10.07 28.35 40.80
CA LYS A 30 -8.81 28.94 41.32
C LYS A 30 -7.69 27.91 41.29
N GLU A 31 -7.83 26.83 42.02
CA GLU A 31 -6.77 25.79 42.02
C GLU A 31 -6.55 25.27 40.60
N LEU A 32 -7.60 25.00 39.88
CA LEU A 32 -7.44 24.52 38.49
C LEU A 32 -6.71 25.57 37.65
N GLY A 33 -6.91 26.83 37.96
CA GLY A 33 -6.23 27.90 37.20
C GLY A 33 -4.72 27.73 37.34
N THR A 34 -4.22 27.59 38.55
CA THR A 34 -2.76 27.42 38.73
C THR A 34 -2.34 26.04 38.21
N VAL A 35 -3.26 25.13 38.15
CA VAL A 35 -2.93 23.77 37.65
C VAL A 35 -2.65 23.82 36.14
N MET A 36 -3.30 24.71 35.45
CA MET A 36 -3.06 24.83 33.99
C MET A 36 -1.88 25.77 33.73
N ARG A 37 -1.59 26.64 34.67
CA ARG A 37 -0.45 27.58 34.48
C ARG A 37 0.87 26.80 34.51
N SER A 38 1.02 25.90 35.44
CA SER A 38 2.28 25.11 35.51
C SER A 38 2.12 23.78 34.76
N LEU A 39 1.03 23.61 34.06
CA LEU A 39 0.81 22.33 33.31
C LEU A 39 -0.29 22.51 32.27
N GLY A 40 0.00 23.18 31.18
CA GLY A 40 -1.04 23.38 30.14
C GLY A 40 -0.79 24.70 29.41
N GLN A 41 -1.38 25.77 29.87
CA GLN A 41 -1.17 27.07 29.20
C GLN A 41 -1.57 28.22 30.14
N ASN A 42 -2.11 29.28 29.62
CA ASN A 42 -2.51 30.42 30.49
C ASN A 42 -4.01 30.71 30.34
N PRO A 43 -4.81 29.82 30.87
CA PRO A 43 -6.28 29.98 30.79
C PRO A 43 -6.74 31.06 31.79
N THR A 44 -7.62 31.92 31.38
CA THR A 44 -8.11 32.99 32.29
C THR A 44 -9.06 32.39 33.34
N GLU A 45 -10.00 33.17 33.80
CA GLU A 45 -10.97 32.65 34.81
C GLU A 45 -12.32 32.36 34.15
N ALA A 46 -12.77 33.24 33.29
CA ALA A 46 -14.07 33.01 32.60
C ALA A 46 -13.95 31.85 31.62
N GLU A 47 -13.12 32.00 30.61
CA GLU A 47 -12.95 30.89 29.63
C GLU A 47 -12.63 29.59 30.36
N LEU A 48 -11.81 29.66 31.37
CA LEU A 48 -11.46 28.43 32.14
C LEU A 48 -12.74 27.76 32.65
N GLN A 49 -13.57 28.50 33.33
CA GLN A 49 -14.84 27.91 33.85
C GLN A 49 -15.57 27.20 32.71
N ASP A 50 -15.55 27.76 31.53
CA ASP A 50 -16.24 27.11 30.39
C ASP A 50 -15.60 25.74 30.11
N MET A 51 -14.30 25.66 30.18
CA MET A 51 -13.62 24.36 29.94
C MET A 51 -13.99 23.37 31.04
N ILE A 52 -14.46 23.86 32.16
CA ILE A 52 -14.82 22.95 33.28
C ILE A 52 -16.29 22.49 33.13
N ASN A 53 -17.10 23.26 32.47
CA ASN A 53 -18.53 22.86 32.31
C ASN A 53 -18.63 21.56 31.51
N GLU A 54 -17.80 21.38 30.52
CA GLU A 54 -17.86 20.12 29.71
C GLU A 54 -17.46 18.92 30.58
N VAL A 55 -16.81 19.16 31.68
CA VAL A 55 -16.40 18.02 32.56
C VAL A 55 -17.43 17.83 33.69
N ASP A 56 -17.49 18.76 34.61
CA ASP A 56 -18.47 18.65 35.73
C ASP A 56 -19.84 18.24 35.21
N ALA A 57 -20.38 17.15 35.70
CA ALA A 57 -21.72 16.69 35.23
C ALA A 57 -22.77 16.88 36.35
N ASP A 58 -22.67 17.93 37.10
CA ASP A 58 -23.65 18.16 38.20
C ASP A 58 -24.32 19.53 38.03
N GLY A 59 -23.54 20.56 37.90
CA GLY A 59 -24.11 21.92 37.75
C GLY A 59 -23.74 22.77 38.97
N ASN A 60 -22.77 22.32 39.74
CA ASN A 60 -22.36 23.10 40.95
C ASN A 60 -21.19 24.03 40.60
N GLY A 61 -20.49 23.74 39.53
CA GLY A 61 -19.35 24.63 39.14
C GLY A 61 -18.02 23.89 39.38
N THR A 62 -17.88 23.25 40.51
CA THR A 62 -16.61 22.53 40.79
C THR A 62 -16.76 21.03 40.48
N ILE A 63 -15.67 20.32 40.40
CA ILE A 63 -15.75 18.85 40.11
C ILE A 63 -15.54 18.05 41.40
N ASP A 64 -15.99 16.83 41.43
CA ASP A 64 -15.82 16.00 42.65
C ASP A 64 -14.87 14.82 42.40
N PHE A 65 -14.82 13.89 43.31
CA PHE A 65 -13.92 12.72 43.13
C PHE A 65 -14.49 11.72 42.11
N PRO A 66 -15.79 11.44 42.18
CA PRO A 66 -16.39 10.49 41.24
C PRO A 66 -16.49 11.10 39.84
N GLU A 67 -16.55 12.40 39.76
CA GLU A 67 -16.64 13.06 38.42
C GLU A 67 -15.26 13.09 37.79
N PHE A 68 -14.24 13.05 38.61
CA PHE A 68 -12.85 13.09 38.07
C PHE A 68 -12.45 11.72 37.53
N LEU A 69 -12.61 10.68 38.31
CA LEU A 69 -12.23 9.32 37.85
C LEU A 69 -13.26 8.78 36.84
N THR A 70 -14.45 9.33 36.82
CA THR A 70 -15.49 8.82 35.88
C THR A 70 -15.29 9.48 34.49
N MET A 71 -15.19 10.77 34.43
CA MET A 71 -15.00 11.44 33.11
C MET A 71 -13.61 11.10 32.55
N MET A 72 -12.65 10.87 33.40
CA MET A 72 -11.28 10.53 32.92
C MET A 72 -11.17 9.02 32.67
N ALA A 73 -12.11 8.25 33.14
CA ALA A 73 -12.05 6.77 32.95
C ALA A 73 -12.41 6.41 31.51
N ARG A 74 -13.17 7.23 30.84
CA ARG A 74 -13.55 6.91 29.43
C ARG A 74 -12.67 7.69 28.45
N LYS A 75 -11.43 7.93 28.80
CA LYS A 75 -10.53 8.68 27.88
C LYS A 75 -10.53 8.02 26.50
N MET A 76 -10.86 8.74 25.48
CA MET A 76 -10.90 8.14 24.11
C MET A 76 -10.32 9.10 23.07
N LYS A 77 -9.36 8.64 22.30
CA LYS A 77 -8.77 9.52 21.25
C LYS A 77 -8.83 8.81 19.90
N ASP A 78 -8.64 9.53 18.82
CA ASP A 78 -8.71 8.88 17.48
C ASP A 78 -7.72 9.54 16.52
N THR A 79 -7.25 8.82 15.54
CA THR A 79 -6.28 9.40 14.57
C THR A 79 -6.37 8.67 13.22
N ASP A 80 -6.06 9.33 12.15
CA ASP A 80 -6.13 8.67 10.82
C ASP A 80 -4.73 8.24 10.35
N SER A 81 -4.66 7.36 9.39
CA SER A 81 -3.33 6.89 8.89
C SER A 81 -3.45 6.43 7.44
N GLU A 82 -2.39 5.88 6.89
CA GLU A 82 -2.45 5.40 5.47
C GLU A 82 -1.76 4.03 5.35
N GLU A 83 -1.98 3.34 4.26
CA GLU A 83 -1.35 2.00 4.09
C GLU A 83 -1.39 1.57 2.61
N GLU A 84 -0.60 2.19 1.78
CA GLU A 84 -0.59 1.82 0.33
C GLU A 84 0.68 1.02 -0.01
N ILE A 85 1.81 1.67 -0.01
CA ILE A 85 3.08 0.94 -0.33
C ILE A 85 3.28 -0.20 0.66
N ARG A 86 2.87 -0.02 1.88
CA ARG A 86 3.03 -1.10 2.89
C ARG A 86 2.37 -2.38 2.36
N GLU A 87 1.20 -2.28 1.82
CA GLU A 87 0.50 -3.48 1.26
C GLU A 87 1.29 -4.04 0.08
N ALA A 88 1.88 -3.19 -0.70
CA ALA A 88 2.66 -3.67 -1.88
C ALA A 88 3.81 -4.56 -1.42
N PHE A 89 4.71 -4.02 -0.66
CA PHE A 89 5.87 -4.82 -0.17
C PHE A 89 5.39 -6.08 0.56
N ARG A 90 4.22 -6.03 1.15
CA ARG A 90 3.69 -7.22 1.88
C ARG A 90 3.35 -8.36 0.89
N VAL A 91 2.65 -8.06 -0.17
CA VAL A 91 2.29 -9.13 -1.13
C VAL A 91 3.53 -9.62 -1.90
N PHE A 92 4.54 -8.78 -1.99
CA PHE A 92 5.78 -9.20 -2.72
C PHE A 92 6.72 -9.95 -1.78
N ASP A 93 6.51 -9.83 -0.50
CA ASP A 93 7.40 -10.54 0.47
C ASP A 93 6.64 -11.69 1.15
N LYS A 94 6.80 -12.89 0.65
CA LYS A 94 6.08 -14.04 1.26
C LYS A 94 7.04 -14.88 2.12
N ASP A 95 8.21 -14.37 2.40
CA ASP A 95 9.18 -15.15 3.23
C ASP A 95 9.46 -14.42 4.56
N GLY A 96 9.62 -13.13 4.52
CA GLY A 96 9.90 -12.37 5.76
C GLY A 96 11.34 -11.81 5.75
N ASN A 97 11.82 -11.39 4.60
CA ASN A 97 13.21 -10.83 4.54
C ASN A 97 13.19 -9.36 4.11
N GLY A 98 12.06 -8.86 3.69
CA GLY A 98 11.98 -7.43 3.28
C GLY A 98 12.72 -7.20 1.96
N TYR A 99 12.67 -8.16 1.07
CA TYR A 99 13.38 -8.00 -0.25
C TYR A 99 12.51 -8.59 -1.37
N ILE A 100 12.41 -7.90 -2.48
CA ILE A 100 11.57 -8.45 -3.59
C ILE A 100 12.43 -9.28 -4.53
N SER A 101 12.11 -10.53 -4.69
CA SER A 101 12.93 -11.41 -5.60
C SER A 101 12.13 -11.76 -6.85
N ALA A 102 12.79 -12.00 -7.95
CA ALA A 102 12.06 -12.35 -9.21
C ALA A 102 11.16 -13.57 -8.99
N ALA A 103 11.54 -14.44 -8.09
CA ALA A 103 10.70 -15.65 -7.83
C ALA A 103 9.33 -15.24 -7.29
N GLU A 104 9.29 -14.45 -6.27
CA GLU A 104 7.99 -14.02 -5.70
C GLU A 104 7.25 -13.12 -6.70
N LEU A 105 7.86 -12.06 -7.14
CA LEU A 105 7.18 -11.16 -8.12
C LEU A 105 6.68 -11.96 -9.33
N ARG A 106 7.30 -13.08 -9.61
CA ARG A 106 6.87 -13.91 -10.77
C ARG A 106 5.53 -14.59 -10.48
N HIS A 107 5.42 -15.22 -9.35
CA HIS A 107 4.14 -15.91 -9.00
C HIS A 107 3.11 -14.90 -8.46
N VAL A 108 3.52 -13.69 -8.22
CA VAL A 108 2.55 -12.67 -7.70
C VAL A 108 1.78 -12.03 -8.85
N MET A 109 2.46 -11.64 -9.89
CA MET A 109 1.74 -11.00 -11.04
C MET A 109 1.13 -12.07 -11.95
N THR A 110 1.77 -13.20 -12.07
CA THR A 110 1.23 -14.28 -12.95
C THR A 110 -0.09 -14.82 -12.37
N ASN A 111 -0.24 -14.81 -11.07
CA ASN A 111 -1.49 -15.34 -10.46
C ASN A 111 -2.54 -14.22 -10.37
N LEU A 112 -2.14 -13.04 -9.98
CA LEU A 112 -3.11 -11.91 -9.87
C LEU A 112 -4.00 -11.86 -11.11
N GLY A 113 -3.52 -12.34 -12.23
CA GLY A 113 -4.34 -12.32 -13.47
C GLY A 113 -3.58 -11.58 -14.57
N GLU A 114 -2.29 -11.75 -14.64
CA GLU A 114 -1.50 -11.05 -15.71
C GLU A 114 -0.63 -12.06 -16.46
N LYS A 115 -0.71 -12.07 -17.76
CA LYS A 115 0.11 -13.03 -18.55
C LYS A 115 1.51 -12.46 -18.78
N LEU A 116 2.44 -12.79 -17.91
CA LEU A 116 3.83 -12.27 -18.07
C LEU A 116 4.81 -13.43 -18.25
N THR A 117 6.08 -13.14 -18.33
CA THR A 117 7.07 -14.23 -18.50
C THR A 117 8.37 -13.91 -17.75
N ASP A 118 9.35 -14.77 -17.84
CA ASP A 118 10.64 -14.53 -17.11
C ASP A 118 11.31 -13.23 -17.61
N GLU A 119 11.12 -12.91 -18.84
CA GLU A 119 11.77 -11.67 -19.39
C GLU A 119 11.17 -10.41 -18.74
N GLU A 120 9.88 -10.38 -18.54
CA GLU A 120 9.25 -9.18 -17.92
C GLU A 120 9.67 -9.05 -16.45
N VAL A 121 9.44 -10.07 -15.66
CA VAL A 121 9.84 -10.00 -14.22
C VAL A 121 11.32 -9.60 -14.09
N ASP A 122 12.17 -10.26 -14.81
CA ASP A 122 13.63 -9.93 -14.73
C ASP A 122 13.87 -8.46 -15.08
N GLU A 123 13.20 -7.96 -16.07
CA GLU A 123 13.39 -6.53 -16.46
C GLU A 123 12.90 -5.59 -15.35
N MET A 124 11.89 -5.97 -14.63
CA MET A 124 11.38 -5.09 -13.54
C MET A 124 12.34 -5.08 -12.35
N ILE A 125 12.93 -6.21 -12.03
CA ILE A 125 13.88 -6.25 -10.88
C ILE A 125 15.16 -5.50 -11.25
N ARG A 126 15.49 -5.45 -12.50
CA ARG A 126 16.73 -4.73 -12.93
C ARG A 126 16.53 -3.21 -12.81
N GLU A 127 15.42 -2.71 -13.28
CA GLU A 127 15.17 -1.24 -13.19
C GLU A 127 14.92 -0.83 -11.73
N ALA A 128 14.39 -1.73 -10.95
CA ALA A 128 14.12 -1.41 -9.51
C ALA A 128 15.39 -1.55 -8.68
N ASP A 129 16.32 -2.36 -9.12
CA ASP A 129 17.59 -2.54 -8.34
C ASP A 129 18.60 -1.46 -8.74
N ILE A 130 18.44 -0.26 -8.26
CA ILE A 130 19.38 0.84 -8.60
C ILE A 130 20.83 0.34 -8.47
N ASP A 131 21.24 -0.07 -7.30
CA ASP A 131 22.64 -0.56 -7.12
C ASP A 131 22.86 -1.84 -7.93
N GLY A 132 21.83 -2.61 -8.17
CA GLY A 132 22.01 -3.87 -8.94
C GLY A 132 22.87 -4.83 -8.14
N ASP A 133 22.38 -5.30 -7.02
CA ASP A 133 23.18 -6.24 -6.20
C ASP A 133 22.61 -7.67 -6.28
N GLY A 134 21.31 -7.79 -6.38
CA GLY A 134 20.71 -9.16 -6.46
C GLY A 134 19.20 -9.08 -6.25
N GLN A 135 18.75 -8.23 -5.38
CA GLN A 135 17.28 -8.12 -5.14
C GLN A 135 16.87 -6.65 -4.94
N VAL A 136 15.60 -6.36 -4.99
CA VAL A 136 15.16 -4.94 -4.81
C VAL A 136 14.93 -4.64 -3.32
N ASN A 137 15.20 -3.44 -2.90
CA ASN A 137 15.00 -3.09 -1.47
C ASN A 137 13.80 -2.14 -1.33
N TYR A 138 13.36 -1.90 -0.12
CA TYR A 138 12.18 -0.99 0.07
C TYR A 138 12.51 0.43 -0.45
N GLU A 139 13.63 0.97 -0.09
CA GLU A 139 13.99 2.33 -0.57
C GLU A 139 14.05 2.36 -2.10
N GLU A 140 14.60 1.34 -2.70
CA GLU A 140 14.68 1.30 -4.18
C GLU A 140 13.29 1.10 -4.79
N PHE A 141 12.39 0.53 -4.03
CA PHE A 141 11.00 0.31 -4.55
C PHE A 141 10.21 1.62 -4.51
N VAL A 142 10.59 2.52 -3.63
CA VAL A 142 9.86 3.82 -3.55
C VAL A 142 10.35 4.77 -4.64
N GLN A 143 11.54 4.56 -5.13
CA GLN A 143 12.07 5.44 -6.21
C GLN A 143 11.67 4.91 -7.58
N MET A 144 11.56 3.61 -7.73
CA MET A 144 11.17 3.04 -9.05
C MET A 144 9.65 3.09 -9.23
N MET A 145 8.92 3.17 -8.15
CA MET A 145 7.43 3.22 -8.26
C MET A 145 7.00 4.58 -8.80
N THR A 146 7.76 5.61 -8.53
CA THR A 146 7.39 6.97 -9.02
C THR A 146 8.48 7.49 -9.97
N ALA A 147 8.81 6.75 -10.99
CA ALA A 147 9.86 7.21 -11.94
C ALA A 147 9.21 7.86 -13.16
N LYS A 148 10.01 8.31 -14.10
CA LYS A 148 9.44 8.95 -15.32
C LYS A 148 9.12 7.89 -16.38
CA CA B . -9.27 21.75 46.34
CA CA C . -20.05 18.85 39.75
CA CA D . 10.64 -11.71 0.15
CA CA E . 18.86 -3.29 -4.85
S1 WW7 F . -6.74 17.46 31.61
O1 WW7 F . -6.22 18.58 30.90
O2 WW7 F . -7.46 16.45 30.89
N1 WW7 F . -5.35 16.64 32.26
C4 WW7 F . -9.21 18.92 35.35
C3 WW7 F . -8.12 17.97 35.49
C2 WW7 F . -7.37 17.52 34.32
C1 WW7 F . -7.69 18.03 32.99
C9 WW7 F . -8.78 18.97 32.81
C10 WW7 F . -9.56 19.44 34.03
CL1 WW7 F . -11.61 20.97 35.17
C5 WW7 F . -10.65 20.39 33.86
C6 WW7 F . -10.98 20.89 32.52
C7 WW7 F . -10.22 20.44 31.36
C8 WW7 F . -9.13 19.49 31.49
C11 WW7 F . -4.55 17.36 33.25
C12 WW7 F . -3.10 17.56 32.84
C14 WW7 F . -1.57 18.61 31.18
C13 WW7 F . -3.03 18.38 31.55
C15 WW7 F . -1.48 19.38 29.86
C16 WW7 F . -0.02 19.61 29.50
N2 WW7 F . 0.15 20.32 28.23
HN1 WW7 F . -5.65 15.76 32.65
H4 WW7 F . -9.75 19.26 36.23
H3 WW7 F . -7.86 17.61 36.47
H2 WW7 F . -6.56 16.83 34.44
H6 WW7 F . -11.80 21.59 32.42
H7 WW7 F . -10.48 20.83 30.38
H8 WW7 F . -8.57 19.18 30.63
H111 WW7 F . -5.02 18.32 33.39
H112 WW7 F . -4.60 16.79 34.16
H121 WW7 F . -2.57 18.07 33.63
H122 WW7 F . -2.63 16.59 32.68
H141 WW7 F . -1.06 17.67 31.08
H142 WW7 F . -1.08 19.20 31.96
H131 WW7 F . -3.52 17.83 30.76
H132 WW7 F . -3.52 19.32 31.70
H151 WW7 F . -1.96 18.79 29.08
H152 WW7 F . -1.99 20.32 29.95
H161 WW7 F . 0.49 18.66 29.40
H162 WW7 F . 0.45 20.20 30.27
HN21 WW7 F . -0.38 21.19 28.23
HN22 WW7 F . -0.22 19.77 27.47
S1 WW7 G . 3.63 -2.61 -9.61
O1 WW7 G . 2.53 -3.53 -9.68
O2 WW7 G . 3.94 -1.82 -10.76
N1 WW7 G . 3.12 -1.43 -8.42
C4 WW7 G . 7.22 -5.03 -7.72
C3 WW7 G . 5.85 -5.19 -7.28
C2 WW7 G . 4.77 -4.41 -7.90
C1 WW7 G . 5.04 -3.47 -8.97
C9 WW7 G . 6.42 -3.29 -9.43
C10 WW7 G . 7.53 -4.10 -8.79
CL1 WW7 G . 10.25 -4.80 -8.55
C5 WW7 G . 8.91 -3.92 -9.22
C6 WW7 G . 9.23 -2.98 -10.28
C7 WW7 G . 8.16 -2.20 -10.91
C8 WW7 G . 6.78 -2.35 -10.50
C11 WW7 G . 2.58 -1.91 -7.14
C12 WW7 G . 1.76 -0.83 -6.42
C14 WW7 G . 0.36 -0.35 -4.41
C13 WW7 G . 1.17 -1.42 -5.14
C15 WW7 G . -0.25 -0.94 -3.14
C16 WW7 G . -1.16 -2.11 -3.50
N2 WW7 G . -1.81 -2.71 -2.34
HN1 WW7 G . 3.85 -0.75 -8.28
H4 WW7 G . 8.02 -5.59 -7.24
H3 WW7 G . 5.61 -5.89 -6.49
H2 WW7 G . 3.76 -4.52 -7.55
H6 WW7 G . 10.25 -2.86 -10.60
H7 WW7 G . 8.41 -1.50 -11.71
H8 WW7 G . 6.04 -1.75 -11.01
H111 WW7 G . 1.95 -2.76 -7.35
H112 WW7 G . 3.40 -2.21 -6.51
H121 WW7 G . 2.39 0.01 -6.19
H122 WW7 G . 0.96 -0.51 -7.07
H141 WW7 G . -0.44 -0.01 -5.06
H142 WW7 G . 0.99 0.48 -4.16
H131 WW7 G . 0.54 -2.26 -5.39
H132 WW7 G . 1.97 -1.75 -4.50
H151 WW7 G . 0.54 -1.29 -2.50
H152 WW7 G . -0.82 -0.19 -2.64
H161 WW7 G . -0.59 -2.90 -3.99
H162 WW7 G . -1.94 -1.77 -4.17
HN21 WW7 G . -1.11 -3.15 -1.74
HN22 WW7 G . -2.45 -3.44 -2.62
N ALA A 1 -5.40 -2.75 15.38
CA ALA A 1 -5.86 -2.29 14.04
C ALA A 1 -4.88 -2.76 12.95
N ASP A 2 -4.14 -3.80 13.21
CA ASP A 2 -3.17 -4.29 12.19
C ASP A 2 -3.10 -5.82 12.22
N GLN A 3 -2.07 -6.40 11.66
CA GLN A 3 -1.96 -7.89 11.66
C GLN A 3 -1.66 -8.40 13.06
N LEU A 4 -2.20 -9.53 13.43
CA LEU A 4 -1.94 -10.09 14.78
C LEU A 4 -0.97 -11.27 14.69
N THR A 5 -0.82 -12.01 15.74
CA THR A 5 0.11 -13.19 15.70
C THR A 5 -0.58 -14.41 16.32
N GLU A 6 0.16 -15.41 16.69
CA GLU A 6 -0.45 -16.63 17.29
C GLU A 6 -1.19 -16.25 18.58
N GLU A 7 -0.93 -15.10 19.12
CA GLU A 7 -1.61 -14.67 20.38
C GLU A 7 -3.12 -14.95 20.28
N GLN A 8 -3.73 -14.54 19.20
CA GLN A 8 -5.19 -14.79 19.04
C GLN A 8 -5.48 -16.28 19.23
N ILE A 9 -4.71 -17.12 18.60
CA ILE A 9 -4.94 -18.59 18.74
C ILE A 9 -4.87 -18.97 20.23
N ALA A 10 -4.04 -18.29 20.97
CA ALA A 10 -3.93 -18.59 22.42
C ALA A 10 -5.27 -18.29 23.10
N GLU A 11 -5.94 -17.26 22.67
CA GLU A 11 -7.26 -16.93 23.28
C GLU A 11 -8.25 -18.07 23.01
N PHE A 12 -8.36 -18.47 21.77
CA PHE A 12 -9.29 -19.58 21.43
C PHE A 12 -8.88 -20.85 22.19
N LYS A 13 -7.62 -20.99 22.51
CA LYS A 13 -7.17 -22.19 23.26
C LYS A 13 -7.83 -22.21 24.64
N GLU A 14 -7.70 -21.14 25.37
CA GLU A 14 -8.32 -21.08 26.72
C GLU A 14 -9.80 -21.43 26.62
N ALA A 15 -10.44 -20.99 25.56
CA ALA A 15 -11.89 -21.30 25.39
C ALA A 15 -12.07 -22.81 25.24
N PHE A 16 -11.23 -23.45 24.46
CA PHE A 16 -11.35 -24.93 24.28
C PHE A 16 -11.34 -25.60 25.66
N SER A 17 -10.52 -25.12 26.55
CA SER A 17 -10.47 -25.73 27.91
C SER A 17 -11.73 -25.34 28.69
N LEU A 18 -12.27 -24.19 28.41
CA LEU A 18 -13.50 -23.74 29.12
C LEU A 18 -14.63 -24.77 28.87
N PHE A 19 -14.67 -25.33 27.70
CA PHE A 19 -15.73 -26.33 27.39
C PHE A 19 -15.32 -27.70 27.93
N ASP A 20 -14.17 -28.19 27.52
CA ASP A 20 -13.71 -29.53 28.01
C ASP A 20 -13.73 -29.57 29.55
N LYS A 21 -14.68 -30.27 30.11
CA LYS A 21 -14.75 -30.33 31.61
C LYS A 21 -14.39 -31.73 32.11
N ASP A 22 -13.38 -32.34 31.56
CA ASP A 22 -12.99 -33.71 32.01
C ASP A 22 -11.48 -33.92 31.82
N GLY A 23 -10.97 -33.65 30.64
CA GLY A 23 -9.50 -33.84 30.42
C GLY A 23 -9.26 -34.93 29.37
N ASP A 24 -9.80 -34.78 28.20
CA ASP A 24 -9.57 -35.81 27.14
C ASP A 24 -9.26 -35.16 25.78
N GLY A 25 -9.21 -33.85 25.73
CA GLY A 25 -8.89 -33.17 24.45
C GLY A 25 -9.99 -33.44 23.42
N THR A 26 -11.23 -33.44 23.85
CA THR A 26 -12.35 -33.70 22.90
C THR A 26 -13.64 -33.05 23.42
N ILE A 27 -14.42 -32.46 22.56
CA ILE A 27 -15.68 -31.82 23.01
C ILE A 27 -16.88 -32.67 22.62
N THR A 28 -17.78 -32.91 23.53
CA THR A 28 -18.98 -33.75 23.22
C THR A 28 -20.27 -33.00 23.55
N THR A 29 -21.39 -33.58 23.22
CA THR A 29 -22.68 -32.90 23.52
C THR A 29 -22.87 -32.77 25.04
N LYS A 30 -22.18 -33.57 25.80
CA LYS A 30 -22.30 -33.49 27.28
C LYS A 30 -21.65 -32.21 27.80
N GLU A 31 -20.35 -32.13 27.73
CA GLU A 31 -19.66 -30.91 28.21
C GLU A 31 -20.26 -29.67 27.54
N LEU A 32 -20.46 -29.73 26.25
CA LEU A 32 -21.06 -28.56 25.54
C LEU A 32 -22.45 -28.27 26.11
N GLY A 33 -23.15 -29.29 26.53
CA GLY A 33 -24.51 -29.08 27.10
C GLY A 33 -24.39 -28.17 28.32
N THR A 34 -23.41 -28.40 29.14
CA THR A 34 -23.23 -27.54 30.35
C THR A 34 -22.74 -26.16 29.93
N VAL A 35 -22.10 -26.06 28.80
CA VAL A 35 -21.60 -24.75 28.32
C VAL A 35 -22.79 -23.85 27.93
N MET A 36 -23.82 -24.44 27.38
CA MET A 36 -25.01 -23.62 26.98
C MET A 36 -26.02 -23.55 28.13
N ARG A 37 -25.94 -24.47 29.06
CA ARG A 37 -26.90 -24.44 30.21
C ARG A 37 -26.36 -23.59 31.36
N SER A 38 -25.08 -23.33 31.37
CA SER A 38 -24.50 -22.50 32.46
C SER A 38 -24.26 -21.07 31.97
N LEU A 39 -24.26 -20.86 30.70
CA LEU A 39 -24.04 -19.49 30.16
C LEU A 39 -25.12 -19.15 29.12
N GLY A 40 -26.37 -19.25 29.49
CA GLY A 40 -27.45 -18.93 28.52
C GLY A 40 -28.10 -20.23 28.05
N GLN A 41 -29.07 -20.73 28.79
CA GLN A 41 -29.75 -22.01 28.38
C GLN A 41 -30.84 -21.75 27.34
N ASN A 42 -30.47 -21.33 26.16
CA ASN A 42 -31.48 -21.05 25.10
C ASN A 42 -31.87 -22.34 24.35
N PRO A 43 -30.89 -22.97 23.75
CA PRO A 43 -31.15 -24.22 22.98
C PRO A 43 -31.43 -25.41 23.91
N THR A 44 -31.45 -26.60 23.38
CA THR A 44 -31.72 -27.79 24.23
C THR A 44 -30.70 -28.89 23.92
N GLU A 45 -30.85 -30.06 24.49
CA GLU A 45 -29.88 -31.16 24.22
C GLU A 45 -29.97 -31.61 22.74
N ALA A 46 -31.17 -31.76 22.23
CA ALA A 46 -31.31 -32.20 20.81
C ALA A 46 -30.74 -31.13 19.86
N GLU A 47 -31.38 -29.99 19.78
CA GLU A 47 -30.89 -28.91 18.88
C GLU A 47 -29.38 -28.73 19.07
N LEU A 48 -28.88 -28.98 20.24
CA LEU A 48 -27.41 -28.83 20.47
C LEU A 48 -26.66 -29.88 19.64
N GLN A 49 -27.07 -31.13 19.73
CA GLN A 49 -26.39 -32.19 18.93
C GLN A 49 -26.27 -31.74 17.48
N ASP A 50 -27.28 -31.08 16.97
CA ASP A 50 -27.22 -30.58 15.56
C ASP A 50 -26.10 -29.54 15.44
N MET A 51 -25.99 -28.66 16.40
CA MET A 51 -24.92 -27.63 16.35
C MET A 51 -23.54 -28.30 16.46
N ILE A 52 -23.51 -29.54 16.87
CA ILE A 52 -22.19 -30.24 16.99
C ILE A 52 -21.82 -30.91 15.66
N ASN A 53 -22.78 -31.38 14.93
CA ASN A 53 -22.49 -32.04 13.62
C ASN A 53 -21.88 -31.04 12.64
N GLU A 54 -22.28 -29.80 12.69
CA GLU A 54 -21.72 -28.79 11.74
C GLU A 54 -20.26 -28.47 12.09
N VAL A 55 -19.78 -28.96 13.20
CA VAL A 55 -18.35 -28.67 13.58
C VAL A 55 -17.51 -29.94 13.43
N ASP A 56 -18.14 -31.09 13.39
CA ASP A 56 -17.36 -32.36 13.26
C ASP A 56 -17.56 -32.98 11.88
N ALA A 57 -16.54 -32.96 11.06
CA ALA A 57 -16.65 -33.57 9.71
C ALA A 57 -15.81 -34.86 9.66
N ASP A 58 -15.42 -35.37 10.80
CA ASP A 58 -14.60 -36.62 10.83
C ASP A 58 -15.51 -37.84 10.67
N GLY A 59 -16.61 -37.87 11.38
CA GLY A 59 -17.53 -39.02 11.27
C GLY A 59 -17.56 -39.79 12.60
N ASN A 60 -17.06 -39.19 13.66
CA ASN A 60 -17.05 -39.90 14.97
C ASN A 60 -18.14 -39.32 15.89
N GLY A 61 -18.44 -38.06 15.76
CA GLY A 61 -19.50 -37.45 16.62
C GLY A 61 -18.92 -36.29 17.44
N THR A 62 -17.78 -36.50 18.06
CA THR A 62 -17.18 -35.40 18.88
C THR A 62 -16.12 -34.64 18.08
N ILE A 63 -15.69 -33.51 18.57
CA ILE A 63 -14.66 -32.71 17.83
C ILE A 63 -13.29 -32.88 18.51
N ASP A 64 -12.23 -32.57 17.80
CA ASP A 64 -10.87 -32.72 18.40
C ASP A 64 -10.21 -31.35 18.56
N PHE A 65 -8.91 -31.31 18.71
CA PHE A 65 -8.20 -30.01 18.88
C PHE A 65 -7.95 -29.31 17.52
N PRO A 66 -7.53 -30.06 16.53
CA PRO A 66 -7.25 -29.45 15.21
C PRO A 66 -8.55 -29.07 14.50
N GLU A 67 -9.63 -29.71 14.85
CA GLU A 67 -10.93 -29.37 14.20
C GLU A 67 -11.46 -28.08 14.82
N PHE A 68 -11.20 -27.88 16.07
CA PHE A 68 -11.68 -26.64 16.75
C PHE A 68 -10.87 -25.44 16.26
N LEU A 69 -9.59 -25.62 16.11
CA LEU A 69 -8.71 -24.50 15.65
C LEU A 69 -8.84 -24.30 14.13
N THR A 70 -9.34 -25.28 13.43
CA THR A 70 -9.49 -25.13 11.95
C THR A 70 -10.86 -24.54 11.59
N MET A 71 -11.84 -24.70 12.44
CA MET A 71 -13.19 -24.15 12.14
C MET A 71 -13.35 -22.72 12.67
N MET A 72 -12.78 -22.41 13.80
CA MET A 72 -12.93 -21.04 14.38
C MET A 72 -11.80 -20.11 13.89
N ALA A 73 -10.57 -20.50 14.05
CA ALA A 73 -9.44 -19.62 13.60
C ALA A 73 -9.43 -19.46 12.08
N ARG A 74 -10.22 -20.23 11.39
CA ARG A 74 -10.25 -20.14 9.89
C ARG A 74 -11.24 -19.05 9.45
N LYS A 75 -11.75 -18.26 10.36
CA LYS A 75 -12.71 -17.20 9.98
C LYS A 75 -12.01 -15.83 9.96
N MET A 76 -12.72 -14.80 9.59
CA MET A 76 -12.09 -13.45 9.53
C MET A 76 -10.84 -13.48 8.64
N LYS A 77 -10.94 -13.02 7.43
CA LYS A 77 -9.76 -13.03 6.53
C LYS A 77 -9.78 -11.80 5.61
N ASP A 78 -10.56 -10.81 5.95
CA ASP A 78 -10.62 -9.59 5.10
C ASP A 78 -9.25 -8.90 5.08
N THR A 79 -8.94 -8.20 4.03
CA THR A 79 -7.61 -7.52 3.96
C THR A 79 -7.80 -6.00 3.92
N ASP A 80 -6.99 -5.27 4.63
CA ASP A 80 -7.11 -3.79 4.62
C ASP A 80 -5.95 -3.16 3.86
N SER A 81 -6.23 -2.49 2.78
CA SER A 81 -5.12 -1.86 2.00
C SER A 81 -5.33 -0.35 1.86
N GLU A 82 -4.48 0.43 2.48
CA GLU A 82 -4.60 1.91 2.39
C GLU A 82 -3.32 2.51 1.79
N GLU A 83 -2.36 1.68 1.48
CA GLU A 83 -1.09 2.19 0.89
C GLU A 83 -0.50 1.13 -0.06
N GLU A 84 -0.86 1.18 -1.32
CA GLU A 84 -0.33 0.18 -2.29
C GLU A 84 1.17 -0.02 -2.10
N ILE A 85 1.85 0.95 -1.59
CA ILE A 85 3.33 0.81 -1.36
C ILE A 85 3.60 -0.25 -0.29
N ARG A 86 3.09 -0.04 0.89
CA ARG A 86 3.31 -1.02 1.99
C ARG A 86 2.68 -2.38 1.64
N GLU A 87 1.41 -2.39 1.37
CA GLU A 87 0.73 -3.68 1.02
C GLU A 87 1.49 -4.40 -0.10
N ALA A 88 2.12 -3.66 -0.98
CA ALA A 88 2.88 -4.31 -2.09
C ALA A 88 4.18 -4.94 -1.55
N PHE A 89 4.84 -4.27 -0.67
CA PHE A 89 6.12 -4.84 -0.12
C PHE A 89 5.84 -6.15 0.63
N ARG A 90 4.68 -6.29 1.20
CA ARG A 90 4.34 -7.54 1.95
C ARG A 90 3.93 -8.66 0.99
N VAL A 91 2.98 -8.40 0.12
CA VAL A 91 2.51 -9.45 -0.82
C VAL A 91 3.67 -9.96 -1.70
N PHE A 92 4.55 -9.09 -2.08
CA PHE A 92 5.70 -9.53 -2.95
C PHE A 92 6.77 -10.22 -2.11
N ASP A 93 7.04 -9.74 -0.93
CA ASP A 93 8.07 -10.39 -0.08
C ASP A 93 7.42 -11.06 1.13
N LYS A 94 6.72 -12.14 0.92
CA LYS A 94 6.06 -12.83 2.06
C LYS A 94 6.78 -14.15 2.38
N ASP A 95 8.09 -14.14 2.37
CA ASP A 95 8.84 -15.40 2.68
C ASP A 95 9.85 -15.17 3.82
N GLY A 96 10.30 -13.95 4.00
CA GLY A 96 11.27 -13.68 5.09
C GLY A 96 12.66 -13.42 4.49
N ASN A 97 12.70 -12.86 3.31
CA ASN A 97 14.01 -12.58 2.65
C ASN A 97 14.47 -11.16 2.98
N GLY A 98 13.59 -10.21 2.88
CA GLY A 98 13.97 -8.80 3.18
C GLY A 98 13.95 -7.98 1.89
N TYR A 99 13.91 -8.62 0.75
CA TYR A 99 13.90 -7.87 -0.54
C TYR A 99 13.02 -8.59 -1.55
N ILE A 100 12.37 -7.86 -2.43
CA ILE A 100 11.51 -8.54 -3.45
C ILE A 100 12.40 -9.24 -4.48
N SER A 101 12.05 -10.42 -4.87
CA SER A 101 12.88 -11.17 -5.87
C SER A 101 12.11 -11.35 -7.18
N ALA A 102 12.78 -11.79 -8.22
CA ALA A 102 12.08 -12.00 -9.52
C ALA A 102 11.18 -13.23 -9.45
N ALA A 103 11.67 -14.31 -8.92
CA ALA A 103 10.82 -15.54 -8.81
C ALA A 103 9.52 -15.22 -8.08
N GLU A 104 9.62 -14.65 -6.90
CA GLU A 104 8.38 -14.32 -6.13
C GLU A 104 7.51 -13.36 -6.96
N LEU A 105 8.11 -12.44 -7.66
CA LEU A 105 7.32 -11.49 -8.48
C LEU A 105 6.47 -12.25 -9.50
N ARG A 106 6.99 -13.32 -10.04
CA ARG A 106 6.20 -14.10 -11.04
C ARG A 106 5.03 -14.81 -10.36
N HIS A 107 5.26 -15.42 -9.22
CA HIS A 107 4.15 -16.13 -8.52
C HIS A 107 3.14 -15.12 -7.95
N VAL A 108 3.49 -13.86 -7.94
CA VAL A 108 2.55 -12.84 -7.40
C VAL A 108 1.66 -12.28 -8.52
N MET A 109 2.23 -12.04 -9.68
CA MET A 109 1.42 -11.49 -10.80
C MET A 109 0.44 -12.55 -11.32
N THR A 110 0.93 -13.72 -11.65
CA THR A 110 0.02 -14.78 -12.17
C THR A 110 -1.10 -15.07 -11.17
N ASN A 111 -0.89 -14.79 -9.92
CA ASN A 111 -1.95 -15.06 -8.90
C ASN A 111 -2.94 -13.89 -8.82
N LEU A 112 -2.46 -12.68 -9.01
CA LEU A 112 -3.37 -11.50 -8.94
C LEU A 112 -4.27 -11.44 -10.18
N GLY A 113 -3.68 -11.41 -11.34
CA GLY A 113 -4.49 -11.36 -12.59
C GLY A 113 -3.58 -11.02 -13.78
N GLU A 114 -2.55 -10.25 -13.53
CA GLU A 114 -1.62 -9.88 -14.65
C GLU A 114 -0.79 -11.10 -15.06
N LYS A 115 -0.57 -11.27 -16.35
CA LYS A 115 0.23 -12.43 -16.80
C LYS A 115 1.55 -11.97 -17.45
N LEU A 116 2.63 -12.06 -16.73
CA LEU A 116 3.94 -11.61 -17.30
C LEU A 116 4.87 -12.83 -17.50
N THR A 117 5.95 -12.64 -18.20
CA THR A 117 6.88 -13.78 -18.44
C THR A 117 8.24 -13.52 -17.77
N ASP A 118 9.08 -14.51 -17.72
CA ASP A 118 10.42 -14.34 -17.07
C ASP A 118 11.14 -13.09 -17.62
N GLU A 119 10.97 -12.80 -18.88
CA GLU A 119 11.65 -11.60 -19.47
C GLU A 119 11.17 -10.31 -18.79
N GLU A 120 9.89 -10.08 -18.76
CA GLU A 120 9.37 -8.84 -18.13
C GLU A 120 9.74 -8.79 -16.64
N VAL A 121 9.39 -9.81 -15.90
CA VAL A 121 9.71 -9.82 -14.44
C VAL A 121 11.19 -9.50 -14.21
N ASP A 122 12.06 -10.03 -15.02
CA ASP A 122 13.51 -9.77 -14.84
C ASP A 122 13.81 -8.29 -15.12
N GLU A 123 13.19 -7.73 -16.13
CA GLU A 123 13.45 -6.28 -16.44
C GLU A 123 12.80 -5.41 -15.35
N MET A 124 11.88 -5.94 -14.61
CA MET A 124 11.22 -5.14 -13.53
C MET A 124 12.14 -5.04 -12.31
N ILE A 125 12.65 -6.15 -11.86
CA ILE A 125 13.55 -6.13 -10.68
C ILE A 125 14.88 -5.46 -11.02
N ARG A 126 15.38 -5.67 -12.21
CA ARG A 126 16.67 -5.05 -12.60
C ARG A 126 16.50 -3.55 -12.81
N GLU A 127 15.49 -3.14 -13.53
CA GLU A 127 15.27 -1.68 -13.78
C GLU A 127 14.83 -0.99 -12.48
N ALA A 128 14.26 -1.73 -11.57
CA ALA A 128 13.81 -1.11 -10.30
C ALA A 128 14.92 -1.24 -9.23
N ASP A 129 15.89 -2.08 -9.48
CA ASP A 129 16.99 -2.24 -8.48
C ASP A 129 18.01 -1.10 -8.59
N ILE A 130 17.78 -0.03 -7.90
CA ILE A 130 18.74 1.12 -7.93
C ILE A 130 20.08 0.75 -7.29
N ASP A 131 20.21 -0.44 -6.73
CA ASP A 131 21.52 -0.82 -6.09
C ASP A 131 21.51 -2.29 -5.56
N GLY A 132 20.36 -2.87 -5.36
CA GLY A 132 20.31 -4.26 -4.85
C GLY A 132 20.76 -5.22 -5.94
N ASP A 133 20.16 -5.10 -7.09
CA ASP A 133 20.55 -5.99 -8.22
C ASP A 133 20.41 -7.43 -7.75
N GLY A 134 19.30 -8.03 -8.08
CA GLY A 134 19.05 -9.42 -7.64
C GLY A 134 18.02 -9.35 -6.50
N GLN A 135 17.89 -8.20 -5.87
CA GLN A 135 16.91 -8.02 -4.77
C GLN A 135 16.49 -6.55 -4.67
N VAL A 136 15.29 -6.29 -4.18
CA VAL A 136 14.83 -4.88 -4.07
C VAL A 136 14.56 -4.53 -2.60
N ASN A 137 14.79 -3.30 -2.22
CA ASN A 137 14.55 -2.88 -0.81
C ASN A 137 13.28 -2.03 -0.70
N TYR A 138 12.94 -1.60 0.48
CA TYR A 138 11.74 -0.74 0.66
C TYR A 138 12.05 0.66 0.12
N GLU A 139 13.15 1.22 0.54
CA GLU A 139 13.53 2.57 0.04
C GLU A 139 13.67 2.53 -1.48
N GLU A 140 14.26 1.49 -1.99
CA GLU A 140 14.42 1.36 -3.46
C GLU A 140 13.06 1.23 -4.13
N PHE A 141 12.11 0.61 -3.47
CA PHE A 141 10.76 0.44 -4.06
C PHE A 141 10.05 1.79 -4.14
N VAL A 142 10.40 2.71 -3.29
CA VAL A 142 9.75 4.05 -3.32
C VAL A 142 10.40 4.91 -4.42
N GLN A 143 11.68 4.77 -4.61
CA GLN A 143 12.37 5.58 -5.65
C GLN A 143 12.02 5.08 -7.05
N MET A 144 11.73 3.81 -7.19
CA MET A 144 11.39 3.27 -8.55
C MET A 144 9.96 3.69 -8.96
N MET A 145 9.11 3.96 -8.00
CA MET A 145 7.72 4.38 -8.35
C MET A 145 7.64 5.89 -8.55
N THR A 146 7.84 6.66 -7.51
CA THR A 146 7.76 8.15 -7.66
C THR A 146 8.90 8.64 -8.56
N ALA A 147 8.57 9.41 -9.57
CA ALA A 147 9.63 9.93 -10.48
C ALA A 147 10.41 11.06 -9.81
N LYS A 148 10.91 11.98 -10.58
CA LYS A 148 11.69 13.10 -9.98
C LYS A 148 11.68 14.31 -10.93
CA CA B . -13.89 -33.05 26.99
CA CA C . -13.97 -35.35 14.80
CA CA D . 12.33 -12.18 -0.96
CA CA E . 18.85 -3.29 -6.13
S1 WW7 F . -19.14 -20.64 19.21
O1 WW7 F . -20.42 -20.55 18.57
O2 WW7 F . -17.98 -20.12 18.55
N1 WW7 F . -19.32 -19.66 20.63
C4 WW7 F . -18.21 -25.03 20.73
C3 WW7 F . -17.66 -23.85 21.38
C2 WW7 F . -17.96 -22.50 20.88
C1 WW7 F . -18.84 -22.31 19.73
C9 WW7 F . -19.40 -23.47 19.05
C10 WW7 F . -19.07 -24.87 19.57
CL1 WW7 F . -19.32 -27.66 19.42
C5 WW7 F . -19.64 -26.04 18.90
C6 WW7 F . -20.50 -25.86 17.74
C7 WW7 F . -20.82 -24.53 17.24
C8 WW7 F . -20.28 -23.34 17.89
C11 WW7 F . -18.14 -19.37 21.44
C12 WW7 F . -17.91 -17.91 21.84
C14 WW7 F . -20.37 -17.44 22.10
C13 WW7 F . -19.01 -17.44 22.81
C15 WW7 F . -21.41 -16.78 23.00
C16 WW7 F . -22.77 -16.79 22.29
N2 WW7 F . -22.73 -16.10 21.01
HN1 WW7 F . -20.03 -20.10 21.21
H4 WW7 F . -17.97 -26.00 21.11
H3 WW7 F . -17.01 -23.99 22.23
H2 WW7 F . -17.51 -21.67 21.39
H6 WW7 F . -20.90 -26.74 17.26
H7 WW7 F . -21.46 -24.42 16.38
H8 WW7 F . -20.53 -22.37 17.48
H111 WW7 F . -18.20 -19.98 22.32
H112 WW7 F . -17.31 -19.71 20.83
H121 WW7 F . -16.94 -17.83 22.33
H122 WW7 F . -17.91 -17.29 20.96
H141 WW7 F . -20.66 -18.45 21.88
H142 WW7 F . -20.29 -16.88 21.18
H131 WW7 F . -19.05 -18.11 23.66
H132 WW7 F . -18.78 -16.45 23.14
H151 WW7 F . -21.49 -17.33 23.93
H152 WW7 F . -21.11 -15.76 23.20
H161 WW7 F . -23.50 -16.30 22.91
H162 WW7 F . -23.07 -17.81 22.11
HN21 WW7 F . -22.11 -16.58 20.37
HN22 WW7 F . -23.65 -16.10 20.58
S1 WW7 G . 3.63 -3.04 -9.61
O1 WW7 G . 2.58 -4.02 -9.49
O2 WW7 G . 3.91 -2.48 -10.90
N1 WW7 G . 3.08 -1.70 -8.66
C4 WW7 G . 7.33 -4.84 -7.29
C3 WW7 G . 5.95 -5.03 -6.86
C2 WW7 G . 4.85 -4.46 -7.63
C1 WW7 G . 5.09 -3.71 -8.84
C9 WW7 G . 6.47 -3.50 -9.31
C10 WW7 G . 7.61 -4.10 -8.50
CL1 WW7 G . 10.36 -4.57 -8.11
C5 WW7 G . 8.98 -3.93 -8.96
C6 WW7 G . 9.26 -3.20 -10.18
C7 WW7 G . 8.16 -2.62 -10.96
C8 WW7 G . 6.78 -2.76 -10.53
C11 WW7 G . 2.86 -1.93 -7.24
C12 WW7 G . 2.04 -0.83 -6.58
C14 WW7 G . 1.96 1.62 -6.01
C13 WW7 G . 2.78 0.51 -6.70
C15 WW7 G . 0.53 1.66 -6.59
C16 WW7 G . 0.56 1.95 -8.09
N2 WW7 G . 1.08 0.87 -8.93
HN1 WW7 G . 2.24 -1.32 -9.09
H4 WW7 G . 8.16 -5.27 -6.72
H3 WW7 G . 5.75 -5.59 -5.95
H2 WW7 G . 3.83 -4.60 -7.28
H6 WW7 G . 10.28 -3.09 -10.50
H7 WW7 G . 8.40 -2.07 -11.86
H8 WW7 G . 6.01 -2.32 -11.14
H111 WW7 G . 2.35 -2.87 -7.15
H112 WW7 G . 3.82 -2.00 -6.75
H121 WW7 G . 1.07 -0.76 -7.06
H122 WW7 G . 1.89 -1.06 -5.53
H141 WW7 G . 2.44 2.57 -6.18
H142 WW7 G . 1.91 1.41 -4.95
H131 WW7 G . 3.74 0.43 -6.22
H132 WW7 G . 2.91 0.75 -7.74
H151 WW7 G . 0.04 0.70 -6.41
H152 WW7 G . -0.03 2.44 -6.09
H161 WW7 G . 1.15 2.84 -8.27
H162 WW7 G . -0.44 2.10 -8.45
HN21 WW7 G . 0.97 1.12 -9.90
HN22 WW7 G . 0.56 0.02 -8.78
N ALA A 1 15.29 23.14 17.99
CA ALA A 1 15.40 21.87 17.21
C ALA A 1 16.75 21.20 17.46
N ASP A 2 17.05 20.92 18.70
CA ASP A 2 18.35 20.25 19.02
C ASP A 2 18.17 18.74 19.11
N GLN A 3 17.99 18.09 18.00
CA GLN A 3 17.81 16.60 18.03
C GLN A 3 19.16 15.90 18.05
N LEU A 4 19.90 15.98 16.97
CA LEU A 4 21.24 15.30 16.94
C LEU A 4 22.07 15.71 18.16
N THR A 5 23.15 15.02 18.41
CA THR A 5 24.00 15.36 19.58
C THR A 5 25.11 16.33 19.17
N GLU A 6 25.87 16.80 20.10
CA GLU A 6 26.98 17.75 19.76
C GLU A 6 28.25 16.98 19.43
N GLU A 7 28.34 15.74 19.84
CA GLU A 7 29.57 14.94 19.53
C GLU A 7 29.80 14.88 18.02
N GLN A 8 28.83 14.42 17.28
CA GLN A 8 29.00 14.35 15.80
C GLN A 8 29.34 15.73 15.25
N ILE A 9 28.82 16.76 15.85
CA ILE A 9 29.11 18.14 15.37
C ILE A 9 30.59 18.45 15.56
N ALA A 10 31.18 17.97 16.63
CA ALA A 10 32.63 18.23 16.87
C ALA A 10 33.46 17.48 15.85
N GLU A 11 33.01 16.33 15.44
CA GLU A 11 33.77 15.54 14.42
C GLU A 11 33.85 16.34 13.11
N PHE A 12 32.72 16.80 12.63
CA PHE A 12 32.73 17.59 11.36
C PHE A 12 33.62 18.82 11.53
N LYS A 13 33.59 19.44 12.68
CA LYS A 13 34.44 20.64 12.90
C LYS A 13 35.91 20.26 12.83
N GLU A 14 36.24 19.06 13.21
CA GLU A 14 37.66 18.61 13.17
C GLU A 14 38.13 18.49 11.71
N ALA A 15 37.33 17.87 10.88
CA ALA A 15 37.74 17.71 9.45
C ALA A 15 37.87 19.09 8.78
N PHE A 16 36.93 19.97 9.00
CA PHE A 16 36.99 21.32 8.37
C PHE A 16 38.28 22.03 8.80
N SER A 17 38.63 21.96 10.05
CA SER A 17 39.87 22.64 10.51
C SER A 17 41.10 21.96 9.89
N LEU A 18 41.05 20.68 9.69
CA LEU A 18 42.21 19.97 9.09
C LEU A 18 42.46 20.50 7.68
N PHE A 19 41.41 20.80 6.95
CA PHE A 19 41.60 21.33 5.57
C PHE A 19 42.11 22.76 5.62
N ASP A 20 41.33 23.67 6.16
CA ASP A 20 41.77 25.08 6.24
C ASP A 20 43.16 25.16 6.89
N LYS A 21 44.13 25.70 6.20
CA LYS A 21 45.49 25.78 6.79
C LYS A 21 45.81 27.22 7.24
N ASP A 22 44.97 28.17 6.90
CA ASP A 22 45.25 29.58 7.32
C ASP A 22 44.39 29.96 8.53
N GLY A 23 43.14 29.57 8.53
CA GLY A 23 42.25 29.90 9.68
C GLY A 23 41.36 31.10 9.34
N ASP A 24 40.63 31.02 8.27
CA ASP A 24 39.74 32.16 7.90
C ASP A 24 38.28 31.69 7.78
N GLY A 25 38.05 30.39 7.77
CA GLY A 25 36.65 29.88 7.66
C GLY A 25 36.27 29.71 6.19
N THR A 26 37.19 29.29 5.36
CA THR A 26 36.88 29.09 3.92
C THR A 26 37.88 28.13 3.27
N ILE A 27 37.41 27.14 2.59
CA ILE A 27 38.33 26.16 1.93
C ILE A 27 38.61 26.59 0.49
N THR A 28 39.85 26.88 0.18
CA THR A 28 40.19 27.30 -1.21
C THR A 28 40.87 26.15 -1.96
N THR A 29 41.30 26.39 -3.17
CA THR A 29 41.96 25.31 -3.95
C THR A 29 43.39 25.07 -3.43
N LYS A 30 44.06 26.10 -3.01
CA LYS A 30 45.45 25.93 -2.50
C LYS A 30 45.45 25.03 -1.26
N GLU A 31 44.75 25.43 -0.23
CA GLU A 31 44.70 24.59 1.00
C GLU A 31 44.14 23.23 0.67
N LEU A 32 42.99 23.18 0.04
CA LEU A 32 42.40 21.87 -0.31
C LEU A 32 43.36 21.10 -1.22
N GLY A 33 44.29 21.79 -1.83
CA GLY A 33 45.26 21.09 -2.71
C GLY A 33 46.16 20.21 -1.85
N THR A 34 46.70 20.76 -0.79
CA THR A 34 47.58 19.94 0.08
C THR A 34 46.73 18.91 0.86
N VAL A 35 45.46 19.15 0.95
CA VAL A 35 44.58 18.20 1.69
C VAL A 35 44.30 16.95 0.83
N MET A 36 44.13 17.11 -0.44
CA MET A 36 43.86 15.92 -1.31
C MET A 36 45.19 15.26 -1.72
N ARG A 37 46.26 16.00 -1.69
CA ARG A 37 47.59 15.41 -2.07
C ARG A 37 48.29 14.83 -0.83
N SER A 38 47.86 15.20 0.34
CA SER A 38 48.52 14.68 1.57
C SER A 38 47.82 13.41 2.08
N LEU A 39 46.92 12.86 1.30
CA LEU A 39 46.22 11.62 1.75
C LEU A 39 46.71 10.39 0.97
N GLY A 40 47.19 10.58 -0.22
CA GLY A 40 47.70 9.42 -1.02
C GLY A 40 47.51 9.69 -2.51
N GLN A 41 46.51 10.42 -2.88
CA GLN A 41 46.29 10.71 -4.33
C GLN A 41 47.20 11.85 -4.79
N ASN A 42 47.45 11.94 -6.08
CA ASN A 42 48.33 13.04 -6.59
C ASN A 42 47.65 13.75 -7.77
N PRO A 43 46.51 14.33 -7.49
CA PRO A 43 45.76 15.05 -8.54
C PRO A 43 46.47 16.36 -8.89
N THR A 44 45.78 17.26 -9.54
CA THR A 44 46.42 18.56 -9.92
C THR A 44 45.48 19.72 -9.61
N GLU A 45 45.95 20.93 -9.73
CA GLU A 45 45.07 22.10 -9.45
C GLU A 45 43.84 22.10 -10.37
N ALA A 46 43.98 21.55 -11.56
CA ALA A 46 42.82 21.52 -12.49
C ALA A 46 41.76 20.54 -11.98
N GLU A 47 42.06 19.27 -11.96
CA GLU A 47 41.06 18.29 -11.45
C GLU A 47 40.59 18.69 -10.07
N LEU A 48 41.40 19.46 -9.38
CA LEU A 48 41.02 19.91 -8.00
C LEU A 48 39.84 20.87 -8.08
N GLN A 49 39.98 21.95 -8.80
CA GLN A 49 38.84 22.91 -8.92
C GLN A 49 37.58 22.17 -9.32
N ASP A 50 37.70 21.20 -10.19
CA ASP A 50 36.50 20.42 -10.61
C ASP A 50 35.94 19.65 -9.42
N MET A 51 36.81 19.11 -8.59
CA MET A 51 36.33 18.35 -7.39
C MET A 51 35.64 19.30 -6.41
N ILE A 52 36.00 20.57 -6.44
CA ILE A 52 35.36 21.54 -5.51
C ILE A 52 34.04 22.03 -6.11
N ASN A 53 33.92 22.01 -7.41
CA ASN A 53 32.65 22.46 -8.05
C ASN A 53 31.46 21.63 -7.55
N GLU A 54 31.61 20.33 -7.53
CA GLU A 54 30.49 19.47 -7.05
C GLU A 54 30.21 19.75 -5.57
N VAL A 55 31.20 20.19 -4.84
CA VAL A 55 30.98 20.49 -3.40
C VAL A 55 30.71 21.98 -3.19
N ASP A 56 30.77 22.77 -4.24
CA ASP A 56 30.50 24.23 -4.11
C ASP A 56 29.41 24.67 -5.09
N ALA A 57 28.22 24.92 -4.61
CA ALA A 57 27.12 25.34 -5.53
C ALA A 57 26.77 26.82 -5.30
N ASP A 58 27.75 27.64 -4.96
CA ASP A 58 27.46 29.08 -4.72
C ASP A 58 27.96 29.92 -5.90
N GLY A 59 29.17 29.70 -6.32
CA GLY A 59 29.71 30.49 -7.45
C GLY A 59 30.93 31.29 -7.01
N ASN A 60 31.89 30.63 -6.39
CA ASN A 60 33.11 31.36 -5.94
C ASN A 60 34.33 30.43 -6.00
N GLY A 61 34.19 29.21 -5.56
CA GLY A 61 35.34 28.27 -5.63
C GLY A 61 35.77 27.83 -4.21
N THR A 62 35.16 28.38 -3.19
CA THR A 62 35.55 28.00 -1.81
C THR A 62 34.33 27.48 -1.03
N ILE A 63 34.56 26.81 0.07
CA ILE A 63 33.40 26.29 0.87
C ILE A 63 33.35 27.01 2.22
N ASP A 64 32.21 27.49 2.61
CA ASP A 64 32.10 28.19 3.92
C ASP A 64 31.90 27.16 5.03
N PHE A 65 31.66 27.63 6.23
CA PHE A 65 31.47 26.68 7.37
C PHE A 65 30.02 26.12 7.38
N PRO A 66 29.03 26.97 7.14
CA PRO A 66 27.63 26.50 7.14
C PRO A 66 27.34 25.71 5.86
N GLU A 67 28.06 26.00 4.80
CA GLU A 67 27.84 25.26 3.54
C GLU A 67 28.52 23.89 3.64
N PHE A 68 29.52 23.80 4.46
CA PHE A 68 30.24 22.51 4.62
C PHE A 68 29.44 21.58 5.54
N LEU A 69 29.10 22.03 6.72
CA LEU A 69 28.32 21.18 7.66
C LEU A 69 26.97 20.79 7.04
N THR A 70 26.38 21.66 6.28
CA THR A 70 25.06 21.33 5.64
C THR A 70 25.27 20.39 4.44
N MET A 71 26.37 20.52 3.76
CA MET A 71 26.63 19.64 2.58
C MET A 71 26.70 18.17 3.03
N MET A 72 27.52 17.87 4.00
CA MET A 72 27.62 16.46 4.47
C MET A 72 26.47 16.13 5.45
N ALA A 73 25.74 17.12 5.87
CA ALA A 73 24.61 16.86 6.81
C ALA A 73 23.38 16.36 6.04
N ARG A 74 23.30 16.69 4.77
CA ARG A 74 22.12 16.24 3.96
C ARG A 74 22.52 15.11 3.00
N LYS A 75 22.96 14.01 3.53
CA LYS A 75 23.37 12.87 2.64
C LYS A 75 22.26 11.82 2.60
N MET A 76 21.74 11.46 3.75
CA MET A 76 20.65 10.44 3.79
C MET A 76 19.44 11.01 4.52
N LYS A 77 18.31 11.05 3.88
CA LYS A 77 17.09 11.60 4.53
C LYS A 77 16.03 10.51 4.69
N ASP A 78 15.05 10.74 5.51
CA ASP A 78 13.99 9.71 5.70
C ASP A 78 13.28 9.42 4.38
N THR A 79 12.26 8.62 4.40
CA THR A 79 11.53 8.29 3.15
C THR A 79 10.02 8.44 3.35
N ASP A 80 9.24 8.10 2.37
CA ASP A 80 7.76 8.22 2.52
C ASP A 80 7.11 6.82 2.47
N SER A 81 6.24 6.53 3.38
CA SER A 81 5.59 5.18 3.39
C SER A 81 4.07 5.32 3.35
N GLU A 82 3.46 5.07 2.22
CA GLU A 82 1.98 5.18 2.12
C GLU A 82 1.31 3.85 2.52
N GLU A 83 0.04 3.87 2.79
CA GLU A 83 -0.66 2.59 3.18
C GLU A 83 -0.67 1.61 2.01
N GLU A 84 -1.15 2.04 0.87
CA GLU A 84 -1.18 1.12 -0.31
C GLU A 84 0.22 0.58 -0.59
N ILE A 85 1.20 1.43 -0.65
CA ILE A 85 2.59 0.95 -0.91
C ILE A 85 2.95 -0.18 0.07
N ARG A 86 2.64 0.00 1.33
CA ARG A 86 2.96 -1.05 2.33
C ARG A 86 2.35 -2.39 1.91
N GLU A 87 1.12 -2.38 1.47
CA GLU A 87 0.46 -3.65 1.04
C GLU A 87 1.29 -4.31 -0.07
N ALA A 88 1.60 -3.58 -1.10
CA ALA A 88 2.40 -4.17 -2.22
C ALA A 88 3.70 -4.79 -1.69
N PHE A 89 4.23 -4.27 -0.63
CA PHE A 89 5.50 -4.81 -0.08
C PHE A 89 5.26 -6.18 0.59
N ARG A 90 4.14 -6.34 1.23
CA ARG A 90 3.86 -7.64 1.92
C ARG A 90 3.46 -8.72 0.91
N VAL A 91 2.63 -8.40 -0.05
CA VAL A 91 2.20 -9.42 -1.05
C VAL A 91 3.36 -9.79 -1.98
N PHE A 92 4.13 -8.83 -2.43
CA PHE A 92 5.26 -9.16 -3.33
C PHE A 92 6.41 -9.80 -2.54
N ASP A 93 6.48 -9.52 -1.28
CA ASP A 93 7.58 -10.12 -0.45
C ASP A 93 6.98 -10.85 0.75
N LYS A 94 6.32 -11.96 0.51
CA LYS A 94 5.71 -12.73 1.63
C LYS A 94 6.47 -14.05 1.85
N ASP A 95 7.71 -13.97 2.27
CA ASP A 95 8.49 -15.22 2.49
C ASP A 95 9.53 -15.00 3.59
N GLY A 96 9.27 -14.07 4.48
CA GLY A 96 10.24 -13.80 5.57
C GLY A 96 11.59 -13.37 4.98
N ASN A 97 11.57 -12.84 3.79
CA ASN A 97 12.86 -12.40 3.16
C ASN A 97 13.08 -10.90 3.40
N GLY A 98 12.30 -10.06 2.77
CA GLY A 98 12.46 -8.60 2.96
C GLY A 98 12.74 -7.92 1.62
N TYR A 99 13.00 -8.70 0.59
CA TYR A 99 13.30 -8.09 -0.75
C TYR A 99 12.49 -8.80 -1.84
N ILE A 100 12.20 -8.11 -2.91
CA ILE A 100 11.43 -8.74 -4.01
C ILE A 100 12.38 -9.36 -5.03
N SER A 101 12.35 -10.66 -5.19
CA SER A 101 13.26 -11.32 -6.16
C SER A 101 12.56 -11.52 -7.50
N ALA A 102 13.25 -12.02 -8.48
CA ALA A 102 12.61 -12.23 -9.81
C ALA A 102 11.63 -13.41 -9.74
N ALA A 103 12.00 -14.47 -9.08
CA ALA A 103 11.09 -15.65 -8.98
C ALA A 103 9.85 -15.29 -8.15
N GLU A 104 10.04 -14.72 -6.98
CA GLU A 104 8.87 -14.35 -6.14
C GLU A 104 7.98 -13.37 -6.89
N LEU A 105 8.57 -12.43 -7.58
CA LEU A 105 7.76 -11.44 -8.34
C LEU A 105 6.93 -12.15 -9.42
N ARG A 106 7.46 -13.20 -9.98
CA ARG A 106 6.71 -13.93 -11.05
C ARG A 106 5.51 -14.65 -10.42
N HIS A 107 5.65 -15.11 -9.22
CA HIS A 107 4.52 -15.82 -8.54
C HIS A 107 3.45 -14.82 -8.10
N VAL A 108 3.83 -13.59 -7.91
CA VAL A 108 2.84 -12.56 -7.47
C VAL A 108 1.98 -12.13 -8.66
N MET A 109 2.57 -11.96 -9.81
CA MET A 109 1.79 -11.54 -11.00
C MET A 109 0.72 -12.58 -11.33
N THR A 110 1.02 -13.83 -11.15
CA THR A 110 0.01 -14.88 -11.46
C THR A 110 -1.29 -14.59 -10.71
N ASN A 111 -1.18 -14.21 -9.46
CA ASN A 111 -2.41 -13.88 -8.67
C ASN A 111 -3.19 -12.74 -9.33
N LEU A 112 -2.51 -11.68 -9.70
CA LEU A 112 -3.22 -10.54 -10.35
C LEU A 112 -3.98 -11.03 -11.59
N GLY A 113 -3.42 -11.97 -12.31
CA GLY A 113 -4.10 -12.49 -13.53
C GLY A 113 -3.50 -11.85 -14.77
N GLU A 114 -2.21 -11.71 -14.82
CA GLU A 114 -1.56 -11.08 -16.01
C GLU A 114 -0.59 -12.07 -16.66
N LYS A 115 -0.65 -12.20 -17.95
CA LYS A 115 0.26 -13.15 -18.65
C LYS A 115 1.61 -12.46 -18.92
N LEU A 116 2.63 -12.85 -18.20
CA LEU A 116 3.97 -12.23 -18.42
C LEU A 116 5.02 -13.30 -18.66
N THR A 117 6.16 -12.93 -19.18
CA THR A 117 7.22 -13.93 -19.44
C THR A 117 8.36 -13.79 -18.43
N ASP A 118 9.18 -14.79 -18.30
CA ASP A 118 10.30 -14.72 -17.33
C ASP A 118 11.20 -13.52 -17.63
N GLU A 119 11.45 -13.27 -18.89
CA GLU A 119 12.32 -12.12 -19.28
C GLU A 119 11.72 -10.80 -18.75
N GLU A 120 10.42 -10.69 -18.73
CA GLU A 120 9.78 -9.43 -18.24
C GLU A 120 10.02 -9.25 -16.74
N VAL A 121 9.75 -10.26 -15.96
CA VAL A 121 9.96 -10.15 -14.48
C VAL A 121 11.43 -9.82 -14.18
N ASP A 122 12.34 -10.60 -14.69
CA ASP A 122 13.78 -10.32 -14.44
C ASP A 122 14.12 -8.87 -14.82
N GLU A 123 13.61 -8.42 -15.94
CA GLU A 123 13.89 -7.02 -16.36
C GLU A 123 13.32 -6.03 -15.34
N MET A 124 12.22 -6.36 -14.72
CA MET A 124 11.62 -5.44 -13.71
C MET A 124 12.56 -5.30 -12.51
N ILE A 125 12.96 -6.40 -11.93
CA ILE A 125 13.88 -6.33 -10.76
C ILE A 125 15.13 -5.52 -11.11
N ARG A 126 15.56 -5.58 -12.35
CA ARG A 126 16.77 -4.82 -12.76
C ARG A 126 16.47 -3.31 -12.77
N GLU A 127 15.33 -2.94 -13.29
CA GLU A 127 14.97 -1.48 -13.33
C GLU A 127 14.79 -0.94 -11.92
N ALA A 128 14.48 -1.80 -10.98
CA ALA A 128 14.29 -1.33 -9.57
C ALA A 128 15.60 -1.43 -8.80
N ASP A 129 16.49 -2.27 -9.24
CA ASP A 129 17.79 -2.42 -8.53
C ASP A 129 18.67 -1.18 -8.77
N ILE A 130 18.57 -0.19 -7.93
CA ILE A 130 19.41 1.03 -8.11
C ILE A 130 20.75 0.87 -7.39
N ASP A 131 20.80 0.07 -6.36
CA ASP A 131 22.07 -0.12 -5.61
C ASP A 131 22.92 -1.23 -6.26
N GLY A 132 22.32 -2.03 -7.09
CA GLY A 132 23.10 -3.12 -7.75
C GLY A 132 23.37 -4.26 -6.76
N ASP A 133 22.35 -4.99 -6.38
CA ASP A 133 22.56 -6.11 -5.43
C ASP A 133 21.90 -7.40 -5.95
N GLY A 134 20.79 -7.26 -6.64
CA GLY A 134 20.09 -8.47 -7.16
C GLY A 134 18.76 -8.63 -6.42
N GLN A 135 18.30 -7.59 -5.79
CA GLN A 135 17.01 -7.69 -5.04
C GLN A 135 16.44 -6.28 -4.80
N VAL A 136 15.15 -6.16 -4.78
CA VAL A 136 14.54 -4.81 -4.56
C VAL A 136 14.29 -4.58 -3.07
N ASN A 137 14.68 -3.45 -2.55
CA ASN A 137 14.46 -3.16 -1.11
C ASN A 137 13.33 -2.14 -0.96
N TYR A 138 12.89 -1.90 0.25
CA TYR A 138 11.79 -0.92 0.46
C TYR A 138 12.15 0.43 -0.18
N GLU A 139 13.39 0.83 -0.09
CA GLU A 139 13.80 2.13 -0.69
C GLU A 139 13.71 2.07 -2.22
N GLU A 140 14.49 1.22 -2.85
CA GLU A 140 14.46 1.12 -4.34
C GLU A 140 13.01 1.05 -4.86
N PHE A 141 12.14 0.44 -4.11
CA PHE A 141 10.72 0.31 -4.57
C PHE A 141 10.02 1.67 -4.52
N VAL A 142 10.24 2.45 -3.50
CA VAL A 142 9.56 3.78 -3.41
C VAL A 142 10.24 4.80 -4.35
N GLN A 143 11.46 4.55 -4.73
CA GLN A 143 12.17 5.52 -5.62
C GLN A 143 11.84 5.24 -7.10
N MET A 144 11.53 4.02 -7.44
CA MET A 144 11.21 3.71 -8.86
C MET A 144 9.74 4.05 -9.17
N MET A 145 8.92 4.15 -8.15
CA MET A 145 7.48 4.50 -8.38
C MET A 145 7.28 6.00 -8.33
N THR A 146 7.61 6.62 -7.23
CA THR A 146 7.43 8.10 -7.12
C THR A 146 8.14 8.80 -8.27
N ALA A 147 7.49 9.71 -8.92
CA ALA A 147 8.13 10.43 -10.07
C ALA A 147 7.20 11.54 -10.57
N LYS A 148 7.71 12.74 -10.64
CA LYS A 148 6.86 13.88 -11.12
C LYS A 148 7.66 14.75 -12.11
CA CA B . 41.39 29.44 4.34
CA CA C . 30.63 27.96 -2.15
CA CA D . 11.21 -12.06 -0.66
CA CA E . 19.50 -3.69 -4.31
S1 WW7 F . 35.62 14.74 1.68
O1 WW7 F . 35.97 13.98 0.53
O2 WW7 F . 34.35 14.53 2.31
N1 WW7 F . 36.80 14.26 2.87
C4 WW7 F . 36.39 19.36 1.07
C3 WW7 F . 36.52 18.73 2.37
C2 WW7 F . 36.28 17.29 2.53
C1 WW7 F . 35.90 16.47 1.40
C9 WW7 F . 35.76 17.08 0.07
C10 WW7 F . 36.02 18.56 -0.09
CL1 WW7 F . 36.19 20.84 -1.71
C5 WW7 F . 35.90 19.17 -1.41
C6 WW7 F . 35.52 18.36 -2.56
C7 WW7 F . 35.26 16.94 -2.39
C8 WW7 F . 35.38 16.29 -1.10
C11 WW7 F . 38.16 14.71 2.64
C12 WW7 F . 39.23 13.85 3.31
C14 WW7 F . 41.69 13.58 3.68
C13 WW7 F . 40.61 14.45 3.02
C15 WW7 F . 41.46 13.52 5.19
C16 WW7 F . 42.56 12.69 5.85
N2 WW7 F . 42.59 11.32 5.37
HN1 WW7 F . 36.76 13.26 3.00
H4 WW7 F . 36.59 20.42 0.96
H3 WW7 F . 36.78 19.31 3.24
H2 WW7 F . 36.38 16.84 3.51
H6 WW7 F . 35.43 18.82 -3.53
H7 WW7 F . 34.97 16.34 -3.26
H8 WW7 F . 35.15 15.24 -1.00
H111 WW7 F . 38.31 14.71 1.56
H112 WW7 F . 38.23 15.72 3.00
H121 WW7 F . 39.06 13.83 4.38
H122 WW7 F . 39.18 12.84 2.92
H141 WW7 F . 42.66 14.00 3.47
H142 WW7 F . 41.64 12.58 3.27
H131 WW7 F . 40.77 14.48 1.95
H132 WW7 F . 40.66 15.44 3.42
H151 WW7 F . 41.49 14.54 5.59
H152 WW7 F . 40.50 13.08 5.39
H161 WW7 F . 42.40 12.67 6.91
H162 WW7 F . 43.53 13.14 5.63
HN21 WW7 F . 41.68 10.89 5.50
HN22 WW7 F . 42.78 11.29 4.37
S1 WW7 G . 3.61 -2.86 -9.77
O1 WW7 G . 2.59 -3.87 -9.83
O2 WW7 G . 3.92 -2.12 -10.96
N1 WW7 G . 2.95 -1.67 -8.68
C4 WW7 G . 7.28 -4.88 -7.56
C3 WW7 G . 5.91 -5.03 -7.12
C2 WW7 G . 4.81 -4.39 -7.85
C1 WW7 G . 5.06 -3.58 -9.03
C9 WW7 G . 6.44 -3.41 -9.51
C10 WW7 G . 7.58 -4.08 -8.76
CL1 WW7 G . 10.30 -4.66 -8.42
C5 WW7 G . 8.95 -3.93 -9.22
C6 WW7 G . 9.23 -3.16 -10.41
C7 WW7 G . 8.15 -2.50 -11.15
C8 WW7 G . 6.77 -2.63 -10.71
C11 WW7 G . 2.56 -2.11 -7.34
C12 WW7 G . 1.85 -1.00 -6.54
C14 WW7 G . -0.16 0.48 -6.45
C13 WW7 G . 0.57 -0.58 -7.27
C15 WW7 G . -1.44 0.90 -7.19
C16 WW7 G . -2.37 -0.31 -7.34
N2 WW7 G . -3.60 0.00 -8.05
HN1 WW7 G . 2.16 -1.23 -9.13
H4 WW7 G . 8.08 -5.35 -7.02
H3 WW7 G . 5.71 -5.59 -6.23
H2 WW7 G . 3.80 -4.52 -7.50
H6 WW7 G . 10.25 -3.06 -10.73
H7 WW7 G . 8.38 -1.94 -12.03
H8 WW7 G . 6.01 -2.13 -11.29
H111 WW7 G . 1.90 -2.95 -7.45
H112 WW7 G . 3.45 -2.42 -6.81
H121 WW7 G . 1.60 -1.38 -5.56
H122 WW7 G . 2.51 -0.15 -6.44
H141 WW7 G . 0.48 1.34 -6.33
H142 WW7 G . -0.42 0.08 -5.48
H131 WW7 G . 0.83 -0.18 -8.24
H132 WW7 G . -0.07 -1.44 -7.40
H151 WW7 G . -1.95 1.67 -6.62
H152 WW7 G . -1.19 1.29 -8.16
H161 WW7 G . -2.64 -0.69 -6.36
H162 WW7 G . -1.87 -1.08 -7.91
HN21 WW7 G . -4.15 -0.84 -8.19
HN22 WW7 G . -3.40 0.37 -8.97
N ALA A 1 -17.35 17.02 25.72
CA ALA A 1 -16.81 16.42 24.47
C ALA A 1 -15.27 16.48 24.48
N ASP A 2 -14.64 15.77 23.60
CA ASP A 2 -13.14 15.79 23.56
C ASP A 2 -12.65 15.50 22.13
N GLN A 3 -11.90 16.40 21.57
CA GLN A 3 -11.38 16.18 20.19
C GLN A 3 -9.95 16.73 20.06
N LEU A 4 -9.12 16.09 19.28
CA LEU A 4 -7.72 16.57 19.12
C LEU A 4 -7.39 16.81 17.65
N THR A 5 -8.03 16.10 16.75
CA THR A 5 -7.74 16.30 15.30
C THR A 5 -8.92 15.81 14.45
N GLU A 6 -9.03 16.30 13.24
CA GLU A 6 -10.15 15.85 12.36
C GLU A 6 -9.72 14.62 11.56
N GLU A 7 -8.46 14.27 11.60
CA GLU A 7 -7.99 13.07 10.84
C GLU A 7 -8.64 11.80 11.38
N GLN A 8 -8.48 11.52 12.65
CA GLN A 8 -9.09 10.30 13.23
C GLN A 8 -10.56 10.17 12.80
N ILE A 9 -11.34 11.20 12.97
CA ILE A 9 -12.77 11.13 12.55
C ILE A 9 -12.87 10.80 11.06
N ALA A 10 -12.14 11.50 10.25
CA ALA A 10 -12.17 11.23 8.79
C ALA A 10 -11.86 9.76 8.52
N GLU A 11 -11.12 9.14 9.40
CA GLU A 11 -10.79 7.70 9.20
C GLU A 11 -12.02 6.85 9.45
N PHE A 12 -12.58 6.94 10.62
CA PHE A 12 -13.81 6.14 10.92
C PHE A 12 -14.89 6.43 9.89
N LYS A 13 -14.82 7.57 9.24
CA LYS A 13 -15.85 7.91 8.21
C LYS A 13 -15.58 7.13 6.93
N GLU A 14 -14.33 7.01 6.55
CA GLU A 14 -14.00 6.25 5.30
C GLU A 14 -14.43 4.79 5.45
N ALA A 15 -14.00 4.14 6.50
CA ALA A 15 -14.39 2.72 6.70
C ALA A 15 -15.90 2.61 6.84
N PHE A 16 -16.50 3.44 7.65
CA PHE A 16 -17.98 3.38 7.83
C PHE A 16 -18.67 3.31 6.47
N SER A 17 -18.31 4.18 5.57
CA SER A 17 -18.96 4.15 4.22
C SER A 17 -18.73 2.79 3.56
N LEU A 18 -17.54 2.25 3.67
CA LEU A 18 -17.26 0.93 3.05
C LEU A 18 -18.34 -0.08 3.45
N PHE A 19 -18.71 -0.10 4.69
CA PHE A 19 -19.76 -1.07 5.15
C PHE A 19 -21.14 -0.60 4.69
N ASP A 20 -21.34 0.68 4.59
CA ASP A 20 -22.68 1.20 4.16
C ASP A 20 -22.84 1.09 2.64
N LYS A 21 -23.64 0.18 2.17
CA LYS A 21 -23.83 0.04 0.70
C LYS A 21 -25.21 0.58 0.29
N ASP A 22 -26.20 0.41 1.12
CA ASP A 22 -27.56 0.93 0.77
C ASP A 22 -27.59 2.46 0.90
N GLY A 23 -26.70 3.01 1.66
CA GLY A 23 -26.67 4.49 1.84
C GLY A 23 -27.89 4.92 2.66
N ASP A 24 -27.70 5.18 3.93
CA ASP A 24 -28.84 5.62 4.78
C ASP A 24 -28.36 6.13 6.16
N GLY A 25 -27.22 5.66 6.64
CA GLY A 25 -26.72 6.14 7.96
C GLY A 25 -26.80 5.02 8.98
N THR A 26 -26.70 3.79 8.55
CA THR A 26 -26.77 2.65 9.52
C THR A 26 -26.01 1.44 8.96
N ILE A 27 -25.82 0.43 9.77
CA ILE A 27 -25.10 -0.79 9.29
C ILE A 27 -25.90 -2.05 9.64
N THR A 28 -26.38 -2.75 8.65
CA THR A 28 -27.18 -3.99 8.92
C THR A 28 -26.31 -5.24 8.71
N THR A 29 -26.83 -6.39 9.02
CA THR A 29 -26.04 -7.64 8.82
C THR A 29 -25.90 -7.95 7.33
N LYS A 30 -26.79 -7.43 6.53
CA LYS A 30 -26.71 -7.70 5.06
C LYS A 30 -25.51 -6.96 4.46
N GLU A 31 -25.45 -5.67 4.62
CA GLU A 31 -24.30 -4.91 4.07
C GLU A 31 -23.00 -5.40 4.70
N LEU A 32 -22.91 -5.34 6.00
CA LEU A 32 -21.68 -5.82 6.68
C LEU A 32 -21.35 -7.24 6.19
N GLY A 33 -22.35 -8.04 5.94
CA GLY A 33 -22.09 -9.42 5.47
C GLY A 33 -21.21 -9.35 4.21
N THR A 34 -21.56 -8.50 3.28
CA THR A 34 -20.74 -8.38 2.03
C THR A 34 -19.33 -7.89 2.37
N VAL A 35 -19.20 -7.10 3.41
CA VAL A 35 -17.85 -6.59 3.80
C VAL A 35 -16.99 -7.75 4.31
N MET A 36 -17.59 -8.73 4.91
CA MET A 36 -16.80 -9.89 5.43
C MET A 36 -16.70 -10.99 4.35
N ARG A 37 -17.50 -10.91 3.32
CA ARG A 37 -17.44 -11.94 2.25
C ARG A 37 -16.42 -11.56 1.18
N SER A 38 -16.25 -10.29 0.95
CA SER A 38 -15.26 -9.84 -0.08
C SER A 38 -13.89 -9.62 0.55
N LEU A 39 -13.86 -9.35 1.83
CA LEU A 39 -12.55 -9.12 2.51
C LEU A 39 -12.03 -10.43 3.09
N GLY A 40 -12.70 -10.96 4.09
CA GLY A 40 -12.25 -12.23 4.70
C GLY A 40 -13.42 -13.20 4.76
N GLN A 41 -13.62 -13.99 3.75
CA GLN A 41 -14.75 -14.95 3.75
C GLN A 41 -14.62 -15.93 4.92
N ASN A 42 -15.56 -15.91 5.83
CA ASN A 42 -15.49 -16.83 7.00
C ASN A 42 -16.79 -16.75 7.82
N PRO A 43 -17.07 -15.58 8.34
CA PRO A 43 -18.30 -15.39 9.14
C PRO A 43 -19.52 -15.34 8.22
N THR A 44 -20.64 -15.87 8.65
CA THR A 44 -21.85 -15.84 7.80
C THR A 44 -22.87 -14.82 8.35
N GLU A 45 -24.13 -15.13 8.32
CA GLU A 45 -25.14 -14.16 8.85
C GLU A 45 -25.36 -14.40 10.34
N ALA A 46 -25.22 -15.62 10.79
CA ALA A 46 -25.41 -15.92 12.24
C ALA A 46 -24.21 -15.38 13.03
N GLU A 47 -23.04 -15.92 12.80
CA GLU A 47 -21.84 -15.43 13.53
C GLU A 47 -21.74 -13.92 13.38
N LEU A 48 -21.86 -13.42 12.18
CA LEU A 48 -21.79 -11.96 11.97
C LEU A 48 -22.78 -11.27 12.91
N GLN A 49 -23.96 -11.83 13.07
CA GLN A 49 -24.96 -11.23 13.99
C GLN A 49 -24.34 -11.03 15.37
N ASP A 50 -23.63 -12.01 15.86
CA ASP A 50 -22.99 -11.86 17.21
C ASP A 50 -22.06 -10.64 17.20
N MET A 51 -21.28 -10.49 16.16
CA MET A 51 -20.36 -9.32 16.09
C MET A 51 -21.16 -8.02 16.13
N ILE A 52 -22.39 -8.06 15.69
CA ILE A 52 -23.24 -6.85 15.70
C ILE A 52 -23.75 -6.56 17.13
N ASN A 53 -23.92 -7.59 17.91
CA ASN A 53 -24.40 -7.39 19.31
C ASN A 53 -23.34 -6.67 20.16
N GLU A 54 -22.11 -7.07 20.03
CA GLU A 54 -21.02 -6.42 20.82
C GLU A 54 -20.82 -4.97 20.37
N VAL A 55 -21.16 -4.67 19.14
CA VAL A 55 -20.97 -3.27 18.64
C VAL A 55 -22.23 -2.44 18.93
N ASP A 56 -23.34 -3.09 19.13
CA ASP A 56 -24.60 -2.34 19.41
C ASP A 56 -24.92 -2.38 20.91
N ALA A 57 -24.76 -1.28 21.59
CA ALA A 57 -25.06 -1.26 23.06
C ALA A 57 -26.49 -0.74 23.30
N ASP A 58 -27.30 -0.74 22.28
CA ASP A 58 -28.70 -0.24 22.44
C ASP A 58 -29.68 -1.42 22.41
N GLY A 59 -29.58 -2.24 21.39
CA GLY A 59 -30.51 -3.39 21.28
C GLY A 59 -31.40 -3.23 20.06
N ASN A 60 -30.99 -2.41 19.12
CA ASN A 60 -31.81 -2.20 17.89
C ASN A 60 -31.44 -3.24 16.81
N GLY A 61 -30.39 -3.99 17.03
CA GLY A 61 -30.00 -5.02 16.03
C GLY A 61 -28.98 -4.43 15.05
N THR A 62 -29.15 -3.19 14.67
CA THR A 62 -28.19 -2.58 13.70
C THR A 62 -27.34 -1.50 14.39
N ILE A 63 -26.23 -1.16 13.80
CA ILE A 63 -25.35 -0.12 14.41
C ILE A 63 -25.64 1.24 13.79
N ASP A 64 -25.30 2.29 14.46
CA ASP A 64 -25.56 3.66 13.91
C ASP A 64 -24.24 4.37 13.61
N PHE A 65 -24.30 5.64 13.30
CA PHE A 65 -23.05 6.40 12.99
C PHE A 65 -22.29 6.76 14.28
N PRO A 66 -23.01 7.26 15.27
CA PRO A 66 -22.36 7.63 16.54
C PRO A 66 -21.98 6.38 17.34
N GLU A 67 -22.53 5.25 16.99
CA GLU A 67 -22.17 4.00 17.71
C GLU A 67 -20.90 3.42 17.11
N PHE A 68 -20.74 3.56 15.82
CA PHE A 68 -19.52 3.04 15.15
C PHE A 68 -18.30 3.87 15.56
N LEU A 69 -18.48 5.17 15.66
CA LEU A 69 -17.34 6.05 16.05
C LEU A 69 -17.09 5.96 17.57
N THR A 70 -18.13 5.87 18.35
CA THR A 70 -17.93 5.79 19.84
C THR A 70 -17.36 4.42 20.23
N MET A 71 -17.53 3.43 19.40
CA MET A 71 -16.99 2.07 19.73
C MET A 71 -15.51 2.00 19.37
N MET A 72 -15.17 2.36 18.17
CA MET A 72 -13.74 2.30 17.74
C MET A 72 -12.97 3.51 18.29
N ALA A 73 -13.64 4.48 18.85
CA ALA A 73 -12.94 5.67 19.41
C ALA A 73 -12.25 5.32 20.73
N ARG A 74 -12.71 4.29 21.39
CA ARG A 74 -12.09 3.90 22.69
C ARG A 74 -11.26 2.63 22.51
N LYS A 75 -10.53 2.53 21.42
CA LYS A 75 -9.69 1.32 21.19
C LYS A 75 -8.33 1.72 20.62
N MET A 76 -7.49 0.77 20.32
CA MET A 76 -6.16 1.11 19.76
C MET A 76 -6.32 1.90 18.46
N LYS A 77 -5.27 2.53 17.99
CA LYS A 77 -5.38 3.32 16.73
C LYS A 77 -4.26 2.93 15.77
N ASP A 78 -4.17 3.59 14.65
CA ASP A 78 -3.10 3.27 13.66
C ASP A 78 -2.61 4.56 13.00
N THR A 79 -1.39 4.93 13.23
CA THR A 79 -0.86 6.18 12.60
C THR A 79 0.66 6.11 12.46
N ASP A 80 1.18 5.00 11.99
CA ASP A 80 2.66 4.89 11.82
C ASP A 80 2.98 3.93 10.67
N SER A 81 2.27 4.03 9.58
CA SER A 81 2.54 3.12 8.42
C SER A 81 2.40 3.88 7.11
N GLU A 82 2.56 3.21 6.00
CA GLU A 82 2.43 3.90 4.67
C GLU A 82 0.98 3.82 4.17
N GLU A 83 0.79 3.84 2.89
CA GLU A 83 -0.60 3.77 2.34
C GLU A 83 -0.78 2.46 1.55
N GLU A 84 -0.57 2.49 0.27
CA GLU A 84 -0.72 1.25 -0.54
C GLU A 84 0.65 0.64 -0.83
N ILE A 85 1.65 1.47 -0.97
CA ILE A 85 3.01 0.94 -1.24
C ILE A 85 3.38 -0.12 -0.20
N ARG A 86 2.92 0.03 1.01
CA ARG A 86 3.23 -0.97 2.06
C ARG A 86 2.61 -2.31 1.66
N GLU A 87 1.36 -2.30 1.27
CA GLU A 87 0.69 -3.57 0.87
C GLU A 87 1.47 -4.22 -0.27
N ALA A 88 2.13 -3.44 -1.07
CA ALA A 88 2.92 -4.00 -2.20
C ALA A 88 4.08 -4.83 -1.67
N PHE A 89 5.00 -4.21 -0.97
CA PHE A 89 6.16 -4.97 -0.43
C PHE A 89 5.69 -6.24 0.32
N ARG A 90 4.51 -6.20 0.88
CA ARG A 90 4.00 -7.39 1.62
C ARG A 90 3.70 -8.54 0.64
N VAL A 91 2.89 -8.31 -0.36
CA VAL A 91 2.57 -9.39 -1.34
C VAL A 91 3.83 -9.83 -2.09
N PHE A 92 4.82 -8.99 -2.12
CA PHE A 92 6.08 -9.35 -2.84
C PHE A 92 7.08 -10.00 -1.88
N ASP A 93 6.84 -9.91 -0.60
CA ASP A 93 7.77 -10.55 0.38
C ASP A 93 6.98 -11.51 1.29
N LYS A 94 6.46 -12.57 0.74
CA LYS A 94 5.69 -13.54 1.55
C LYS A 94 6.58 -14.70 2.01
N ASP A 95 7.60 -14.42 2.76
CA ASP A 95 8.50 -15.52 3.23
C ASP A 95 9.37 -15.05 4.40
N GLY A 96 9.79 -13.80 4.39
CA GLY A 96 10.64 -13.30 5.50
C GLY A 96 12.06 -13.06 4.98
N ASN A 97 12.18 -12.57 3.78
CA ASN A 97 13.53 -12.32 3.20
C ASN A 97 13.97 -10.87 3.48
N GLY A 98 13.19 -9.92 3.05
CA GLY A 98 13.56 -8.50 3.28
C GLY A 98 13.69 -7.78 1.94
N TYR A 99 13.91 -8.51 0.88
CA TYR A 99 14.04 -7.86 -0.46
C TYR A 99 13.18 -8.60 -1.49
N ILE A 100 12.83 -7.94 -2.57
CA ILE A 100 11.98 -8.59 -3.61
C ILE A 100 12.85 -9.23 -4.70
N SER A 101 12.52 -10.42 -5.10
CA SER A 101 13.31 -11.10 -6.16
C SER A 101 12.42 -11.37 -7.38
N ALA A 102 12.98 -11.89 -8.44
CA ALA A 102 12.16 -12.16 -9.65
C ALA A 102 11.18 -13.32 -9.40
N ALA A 103 11.62 -14.32 -8.66
CA ALA A 103 10.71 -15.47 -8.39
C ALA A 103 9.44 -14.99 -7.67
N GLU A 104 9.59 -14.38 -6.52
CA GLU A 104 8.40 -13.89 -5.78
C GLU A 104 7.53 -13.02 -6.69
N LEU A 105 8.12 -12.09 -7.38
CA LEU A 105 7.33 -11.21 -8.28
C LEU A 105 6.51 -12.06 -9.27
N ARG A 106 7.04 -13.17 -9.70
CA ARG A 106 6.28 -14.03 -10.65
C ARG A 106 5.08 -14.67 -9.96
N HIS A 107 5.20 -14.98 -8.69
CA HIS A 107 4.06 -15.61 -7.97
C HIS A 107 2.90 -14.61 -7.81
N VAL A 108 3.21 -13.37 -7.56
CA VAL A 108 2.11 -12.36 -7.40
C VAL A 108 1.48 -12.01 -8.76
N MET A 109 2.30 -11.72 -9.74
CA MET A 109 1.74 -11.36 -11.08
C MET A 109 0.76 -12.43 -11.57
N THR A 110 1.23 -13.63 -11.76
CA THR A 110 0.33 -14.72 -12.24
C THR A 110 -1.01 -14.72 -11.48
N ASN A 111 -1.01 -14.24 -10.27
CA ASN A 111 -2.29 -14.23 -9.49
C ASN A 111 -3.14 -13.01 -9.87
N LEU A 112 -2.53 -11.88 -10.08
CA LEU A 112 -3.30 -10.65 -10.45
C LEU A 112 -3.80 -10.78 -11.90
N GLY A 113 -3.26 -11.69 -12.65
CA GLY A 113 -3.71 -11.84 -14.07
C GLY A 113 -2.72 -11.15 -14.99
N GLU A 114 -1.46 -11.49 -14.88
CA GLU A 114 -0.44 -10.86 -15.76
C GLU A 114 0.42 -11.94 -16.43
N LYS A 115 0.13 -12.24 -17.67
CA LYS A 115 0.93 -13.29 -18.38
C LYS A 115 2.16 -12.65 -19.04
N LEU A 116 3.32 -12.89 -18.49
CA LEU A 116 4.56 -12.30 -19.10
C LEU A 116 5.62 -13.39 -19.27
N THR A 117 6.77 -13.04 -19.76
CA THR A 117 7.84 -14.05 -19.96
C THR A 117 8.89 -13.94 -18.85
N ASP A 118 9.61 -15.01 -18.58
CA ASP A 118 10.65 -14.96 -17.50
C ASP A 118 11.54 -13.73 -17.68
N GLU A 119 11.94 -13.44 -18.89
CA GLU A 119 12.82 -12.26 -19.13
C GLU A 119 12.09 -10.97 -18.70
N GLU A 120 10.83 -10.86 -19.01
CA GLU A 120 10.07 -9.63 -18.61
C GLU A 120 10.24 -9.37 -17.11
N VAL A 121 9.83 -10.31 -16.28
CA VAL A 121 9.97 -10.11 -14.81
C VAL A 121 11.41 -9.75 -14.46
N ASP A 122 12.37 -10.44 -15.02
CA ASP A 122 13.79 -10.14 -14.71
C ASP A 122 14.05 -8.64 -14.94
N GLU A 123 13.46 -8.08 -15.96
CA GLU A 123 13.67 -6.63 -16.24
C GLU A 123 12.98 -5.77 -15.17
N MET A 124 11.87 -6.23 -14.66
CA MET A 124 11.15 -5.45 -13.61
C MET A 124 12.03 -5.30 -12.37
N ILE A 125 12.50 -6.39 -11.83
CA ILE A 125 13.36 -6.32 -10.61
C ILE A 125 14.62 -5.48 -10.92
N ARG A 126 15.16 -5.61 -12.09
CA ARG A 126 16.38 -4.82 -12.43
C ARG A 126 16.00 -3.34 -12.62
N GLU A 127 14.77 -3.06 -12.91
CA GLU A 127 14.35 -1.64 -13.10
C GLU A 127 14.22 -0.95 -11.75
N ALA A 128 13.67 -1.62 -10.78
CA ALA A 128 13.52 -1.01 -9.42
C ALA A 128 14.90 -0.89 -8.75
N ASP A 129 15.78 -1.82 -9.01
CA ASP A 129 17.13 -1.76 -8.39
C ASP A 129 17.83 -0.45 -8.81
N ILE A 130 17.78 0.54 -7.96
CA ILE A 130 18.43 1.84 -8.31
C ILE A 130 19.96 1.75 -8.23
N ASP A 131 20.48 1.14 -7.20
CA ASP A 131 21.97 1.03 -7.07
C ASP A 131 22.51 -0.17 -7.84
N GLY A 132 21.75 -1.23 -7.95
CA GLY A 132 22.23 -2.42 -8.69
C GLY A 132 22.79 -3.47 -7.71
N ASP A 133 22.01 -3.85 -6.72
CA ASP A 133 22.50 -4.87 -5.75
C ASP A 133 22.03 -6.27 -6.17
N GLY A 134 21.58 -6.43 -7.38
CA GLY A 134 21.10 -7.77 -7.83
C GLY A 134 19.87 -8.15 -7.01
N GLN A 135 19.20 -7.18 -6.46
CA GLN A 135 17.98 -7.48 -5.64
C GLN A 135 17.26 -6.16 -5.31
N VAL A 136 15.95 -6.16 -5.33
CA VAL A 136 15.20 -4.91 -5.03
C VAL A 136 14.99 -4.78 -3.50
N ASN A 137 14.93 -3.57 -3.01
CA ASN A 137 14.74 -3.38 -1.54
C ASN A 137 13.53 -2.46 -1.29
N TYR A 138 13.09 -2.38 -0.06
CA TYR A 138 11.92 -1.51 0.27
C TYR A 138 12.19 -0.05 -0.15
N GLU A 139 13.30 0.49 0.25
CA GLU A 139 13.62 1.90 -0.11
C GLU A 139 13.56 2.09 -1.62
N GLU A 140 14.29 1.30 -2.35
CA GLU A 140 14.27 1.43 -3.84
C GLU A 140 12.85 1.17 -4.37
N PHE A 141 12.05 0.50 -3.59
CA PHE A 141 10.65 0.20 -4.05
C PHE A 141 9.78 1.45 -3.94
N VAL A 142 10.09 2.33 -3.03
CA VAL A 142 9.25 3.56 -2.87
C VAL A 142 9.74 4.68 -3.80
N GLN A 143 10.98 4.64 -4.20
CA GLN A 143 11.51 5.72 -5.09
C GLN A 143 11.58 5.24 -6.55
N MET A 144 11.37 3.98 -6.80
CA MET A 144 11.41 3.48 -8.20
C MET A 144 10.02 3.58 -8.84
N MET A 145 8.99 3.50 -8.05
CA MET A 145 7.61 3.58 -8.61
C MET A 145 7.14 5.05 -8.65
N THR A 146 7.40 5.78 -7.60
CA THR A 146 6.97 7.21 -7.58
C THR A 146 7.52 7.94 -8.80
N ALA A 147 8.56 7.43 -9.40
CA ALA A 147 9.15 8.10 -10.59
C ALA A 147 8.05 8.42 -11.61
N LYS A 148 7.93 9.66 -11.99
CA LYS A 148 6.87 10.05 -12.97
C LYS A 148 7.47 10.14 -14.38
CA CA B . -26.57 1.03 5.33
CA CA C . -28.20 0.60 17.77
CA CA D . 11.78 -11.97 -0.04
CA CA E . 19.48 -2.89 -4.42
S1 WW7 F . -13.64 -3.45 13.12
O1 WW7 F . -13.35 -4.79 13.51
O2 WW7 F . -13.51 -2.38 14.07
N1 WW7 F . -12.50 -3.07 11.88
C4 WW7 F . -17.99 -3.13 11.30
C3 WW7 F . -16.85 -2.45 10.67
C2 WW7 F . -15.51 -2.58 11.22
C1 WW7 F . -15.26 -3.39 12.41
C9 WW7 F . -16.37 -4.08 13.06
C10 WW7 F . -17.77 -3.94 12.48
CL1 WW7 F . -20.51 -4.55 12.55
C5 WW7 F . -18.87 -4.65 13.12
C6 WW7 F . -18.64 -5.47 14.29
C7 WW7 F . -17.28 -5.59 14.85
C8 WW7 F . -16.16 -4.91 14.24
C11 WW7 F . -12.38 -3.99 10.74
C12 WW7 F . -11.19 -3.63 9.86
C14 WW7 F . -10.81 -6.04 9.30
C13 WW7 F . -11.09 -4.66 8.72
C15 WW7 F . -10.62 -7.05 8.17
C16 WW7 F . -10.27 -8.42 8.76
N2 WW7 F . -9.02 -8.43 9.51
HN1 WW7 F . -12.64 -2.13 11.55
H4 WW7 F . -18.98 -3.02 10.89
H3 WW7 F . -17.03 -1.85 9.79
H2 WW7 F . -14.69 -2.08 10.71
H6 WW7 F . -19.47 -5.99 14.76
H7 WW7 F . -17.14 -6.20 15.73
H8 WW7 F . -15.17 -5.01 14.66
H111 WW7 F . -12.26 -4.98 11.13
H112 WW7 F . -13.30 -3.93 10.18
H121 WW7 F . -11.33 -2.64 9.45
H122 WW7 F . -10.29 -3.66 10.44
H141 WW7 F . -11.63 -6.34 9.93
H142 WW7 F . -9.91 -6.00 9.90
H131 WW7 F . -12.02 -4.68 8.17
H132 WW7 F . -10.29 -4.37 8.06
H151 WW7 F . -11.53 -7.12 7.60
H152 WW7 F . -9.82 -6.72 7.52
H161 WW7 F . -10.16 -9.13 7.95
H162 WW7 F . -11.06 -8.74 9.42
HN21 WW7 F . -8.98 -7.67 10.17
HN22 WW7 F . -8.94 -9.29 10.05
S1 WW7 G . 4.09 -2.86 -9.90
O1 WW7 G . 3.09 -3.82 -10.22
O2 WW7 G . 4.49 -1.90 -10.89
N1 WW7 G . 3.35 -1.89 -8.64
C4 WW7 G . 7.60 -5.29 -7.88
C3 WW7 G . 6.20 -5.58 -7.64
C2 WW7 G . 5.15 -4.80 -8.30
C1 WW7 G . 5.49 -3.71 -9.20
C9 WW7 G . 6.89 -3.39 -9.47
C10 WW7 G . 7.98 -4.20 -8.77
CL1 WW7 G . 10.68 -4.75 -8.24
C5 WW7 G . 9.38 -3.90 -9.00
C6 WW7 G . 9.75 -2.81 -9.89
C7 WW7 G . 8.73 -2.02 -10.56
C8 WW7 G . 7.30 -2.30 -10.35
C11 WW7 G . 2.63 -2.55 -7.55
C12 WW7 G . 1.77 -1.55 -6.79
C14 WW7 G . 0.11 -1.25 -4.95
C13 WW7 G . 0.96 -2.28 -5.72
C15 WW7 G . -0.70 -1.96 -3.85
C16 WW7 G . -1.79 -2.84 -4.47
N2 WW7 G . -1.33 -4.03 -5.20
HN1 WW7 G . 4.00 -1.20 -8.30
H4 WW7 G . 8.36 -5.85 -7.36
H3 WW7 G . 5.95 -6.39 -6.98
H2 WW7 G . 4.13 -5.00 -8.08
H6 WW7 G . 10.80 -2.60 -10.05
H7 WW7 G . 9.01 -1.21 -11.21
H8 WW7 G . 6.59 -1.68 -10.87
H111 WW7 G . 2.00 -3.31 -7.98
H112 WW7 G . 3.35 -3.01 -6.88
H121 WW7 G . 2.40 -0.81 -6.31
H122 WW7 G . 1.10 -1.05 -7.48
H141 WW7 G . -0.58 -0.76 -5.63
H142 WW7 G . 0.75 -0.53 -4.50
H131 WW7 G . 0.31 -3.00 -6.19
H132 WW7 G . 1.62 -2.78 -5.03
H151 WW7 G . -0.04 -2.56 -3.25
H152 WW7 G . -1.17 -1.21 -3.23
H161 WW7 G . -2.39 -2.25 -5.15
H162 WW7 G . -2.41 -3.25 -3.68
HN21 WW7 G . -0.95 -4.72 -4.57
HN22 WW7 G . -2.12 -4.48 -5.66
N ALA A 1 3.46 29.93 -36.50
CA ALA A 1 3.84 28.78 -35.65
C ALA A 1 5.01 29.15 -34.74
N ASP A 2 4.97 30.30 -34.14
CA ASP A 2 6.09 30.72 -33.26
C ASP A 2 6.00 30.00 -31.91
N GLN A 3 4.85 30.00 -31.29
CA GLN A 3 4.70 29.31 -29.98
C GLN A 3 3.42 28.48 -29.97
N LEU A 4 3.45 27.30 -29.41
CA LEU A 4 2.22 26.46 -29.36
C LEU A 4 1.83 26.16 -27.92
N THR A 5 0.56 26.24 -27.61
CA THR A 5 0.10 25.96 -26.22
C THR A 5 -1.41 25.67 -26.20
N GLU A 6 -2.23 26.67 -26.37
CA GLU A 6 -3.70 26.43 -26.37
C GLU A 6 -4.15 25.98 -27.76
N GLU A 7 -3.39 26.31 -28.76
CA GLU A 7 -3.76 25.89 -30.15
C GLU A 7 -3.93 24.37 -30.20
N GLN A 8 -3.24 23.66 -29.35
CA GLN A 8 -3.37 22.18 -29.33
C GLN A 8 -4.76 21.79 -28.86
N ILE A 9 -5.26 22.46 -27.86
CA ILE A 9 -6.62 22.14 -27.36
C ILE A 9 -7.66 22.36 -28.47
N ALA A 10 -7.56 23.45 -29.16
CA ALA A 10 -8.52 23.72 -30.26
C ALA A 10 -8.42 22.61 -31.32
N GLU A 11 -7.23 22.21 -31.66
CA GLU A 11 -7.06 21.13 -32.68
C GLU A 11 -7.85 19.90 -32.26
N PHE A 12 -7.75 19.52 -31.01
CA PHE A 12 -8.49 18.32 -30.54
C PHE A 12 -9.99 18.50 -30.80
N LYS A 13 -10.54 19.61 -30.37
CA LYS A 13 -12.00 19.85 -30.60
C LYS A 13 -12.34 19.65 -32.08
N GLU A 14 -11.44 19.99 -32.97
CA GLU A 14 -11.73 19.81 -34.42
C GLU A 14 -11.84 18.32 -34.75
N ALA A 15 -10.96 17.52 -34.20
CA ALA A 15 -11.01 16.05 -34.50
C ALA A 15 -12.32 15.45 -33.95
N PHE A 16 -12.68 15.78 -32.74
CA PHE A 16 -13.94 15.23 -32.16
C PHE A 16 -15.13 15.71 -32.98
N SER A 17 -15.06 16.90 -33.52
CA SER A 17 -16.18 17.43 -34.33
C SER A 17 -16.25 16.67 -35.66
N LEU A 18 -15.11 16.26 -36.17
CA LEU A 18 -15.10 15.50 -37.45
C LEU A 18 -15.52 14.05 -37.21
N PHE A 19 -15.34 13.57 -36.01
CA PHE A 19 -15.74 12.17 -35.71
C PHE A 19 -17.23 12.10 -35.40
N ASP A 20 -17.65 12.69 -34.30
CA ASP A 20 -19.11 12.66 -33.95
C ASP A 20 -19.94 13.07 -35.18
N LYS A 21 -20.69 12.16 -35.74
CA LYS A 21 -21.50 12.49 -36.94
C LYS A 21 -22.79 13.25 -36.54
N ASP A 22 -23.60 12.66 -35.71
CA ASP A 22 -24.85 13.35 -35.29
C ASP A 22 -24.51 14.55 -34.40
N GLY A 23 -23.59 14.39 -33.50
CA GLY A 23 -23.20 15.53 -32.61
C GLY A 23 -23.89 15.40 -31.26
N ASP A 24 -23.89 14.23 -30.67
CA ASP A 24 -24.55 14.05 -29.34
C ASP A 24 -23.52 14.21 -28.22
N GLY A 25 -22.26 13.96 -28.50
CA GLY A 25 -21.21 14.10 -27.46
C GLY A 25 -20.68 12.72 -27.05
N THR A 26 -20.63 11.79 -27.97
CA THR A 26 -20.12 10.42 -27.63
C THR A 26 -19.56 9.74 -28.89
N ILE A 27 -18.60 8.88 -28.73
CA ILE A 27 -18.01 8.18 -29.91
C ILE A 27 -18.24 6.67 -29.80
N THR A 28 -19.12 6.13 -30.59
CA THR A 28 -19.39 4.67 -30.52
C THR A 28 -18.66 3.95 -31.66
N THR A 29 -18.89 2.67 -31.82
CA THR A 29 -18.22 1.93 -32.91
C THR A 29 -18.86 2.26 -34.26
N LYS A 30 -20.10 2.68 -34.24
CA LYS A 30 -20.80 3.02 -35.51
C LYS A 30 -20.24 4.33 -36.07
N GLU A 31 -20.38 5.41 -35.36
CA GLU A 31 -19.85 6.71 -35.86
C GLU A 31 -18.35 6.58 -36.13
N LEU A 32 -17.60 6.05 -35.20
CA LEU A 32 -16.15 5.89 -35.42
C LEU A 32 -15.91 4.98 -36.62
N GLY A 33 -16.80 4.05 -36.85
CA GLY A 33 -16.63 3.13 -38.01
C GLY A 33 -16.58 3.96 -39.30
N THR A 34 -17.44 4.94 -39.40
CA THR A 34 -17.44 5.80 -40.63
C THR A 34 -16.22 6.74 -40.61
N VAL A 35 -15.72 7.04 -39.44
CA VAL A 35 -14.54 7.95 -39.34
C VAL A 35 -13.28 7.25 -39.87
N MET A 36 -13.18 5.96 -39.68
CA MET A 36 -11.98 5.22 -40.16
C MET A 36 -12.20 4.73 -41.60
N ARG A 37 -13.43 4.57 -42.00
CA ARG A 37 -13.72 4.09 -43.38
C ARG A 37 -13.86 5.28 -44.35
N SER A 38 -13.95 6.47 -43.84
CA SER A 38 -14.10 7.66 -44.74
C SER A 38 -12.81 7.88 -45.54
N LEU A 39 -11.76 8.27 -44.90
CA LEU A 39 -10.47 8.51 -45.63
C LEU A 39 -9.30 7.97 -44.82
N GLY A 40 -9.20 6.68 -44.67
CA GLY A 40 -8.06 6.11 -43.88
C GLY A 40 -7.86 4.64 -44.27
N GLN A 41 -8.18 3.73 -43.39
CA GLN A 41 -8.02 2.29 -43.71
C GLN A 41 -9.39 1.61 -43.81
N ASN A 42 -9.42 0.31 -43.78
CA ASN A 42 -10.72 -0.41 -43.87
C ASN A 42 -10.90 -1.35 -42.68
N PRO A 43 -10.99 -0.77 -41.51
CA PRO A 43 -11.17 -1.58 -40.28
C PRO A 43 -12.60 -2.13 -40.21
N THR A 44 -12.79 -3.24 -39.56
CA THR A 44 -14.16 -3.82 -39.45
C THR A 44 -14.76 -3.49 -38.08
N GLU A 45 -16.01 -3.82 -37.88
CA GLU A 45 -16.65 -3.51 -36.56
C GLU A 45 -16.00 -4.36 -35.45
N ALA A 46 -15.40 -5.47 -35.81
CA ALA A 46 -14.76 -6.33 -34.77
C ALA A 46 -13.44 -5.70 -34.32
N GLU A 47 -12.44 -5.71 -35.16
CA GLU A 47 -11.14 -5.11 -34.78
C GLU A 47 -11.37 -3.68 -34.29
N LEU A 48 -12.37 -3.03 -34.81
CA LEU A 48 -12.66 -1.65 -34.37
C LEU A 48 -13.11 -1.66 -32.91
N GLN A 49 -14.01 -2.55 -32.57
CA GLN A 49 -14.47 -2.63 -31.15
C GLN A 49 -13.25 -2.69 -30.24
N ASP A 50 -12.24 -3.42 -30.65
CA ASP A 50 -11.00 -3.50 -29.82
C ASP A 50 -10.40 -2.10 -29.67
N MET A 51 -10.32 -1.37 -30.75
CA MET A 51 -9.76 0.01 -30.66
C MET A 51 -10.57 0.83 -29.67
N ILE A 52 -11.80 0.44 -29.45
CA ILE A 52 -12.65 1.19 -28.48
C ILE A 52 -12.37 0.71 -27.06
N ASN A 53 -12.02 -0.54 -26.90
CA ASN A 53 -11.73 -1.07 -25.53
C ASN A 53 -10.35 -0.59 -25.06
N GLU A 54 -9.47 -0.27 -25.98
CA GLU A 54 -8.12 0.20 -25.58
C GLU A 54 -8.13 1.71 -25.28
N VAL A 55 -8.91 2.46 -26.02
CA VAL A 55 -8.97 3.94 -25.77
C VAL A 55 -9.84 4.22 -24.55
N ASP A 56 -10.84 3.41 -24.33
CA ASP A 56 -11.73 3.63 -23.15
C ASP A 56 -11.30 2.74 -21.99
N ALA A 57 -10.60 3.28 -21.04
CA ALA A 57 -10.15 2.45 -19.89
C ALA A 57 -11.07 2.69 -18.68
N ASP A 58 -12.26 3.14 -18.92
CA ASP A 58 -13.21 3.40 -17.79
C ASP A 58 -14.07 2.18 -17.54
N GLY A 59 -14.78 1.72 -18.54
CA GLY A 59 -15.64 0.52 -18.36
C GLY A 59 -17.09 0.83 -18.76
N ASN A 60 -17.29 1.79 -19.63
CA ASN A 60 -18.69 2.11 -20.06
C ASN A 60 -18.91 1.68 -21.51
N GLY A 61 -17.95 1.90 -22.37
CA GLY A 61 -18.12 1.48 -23.79
C GLY A 61 -17.61 2.57 -24.74
N THR A 62 -18.43 3.55 -25.00
CA THR A 62 -18.01 4.65 -25.93
C THR A 62 -17.08 5.64 -25.24
N ILE A 63 -16.50 6.53 -25.99
CA ILE A 63 -15.58 7.55 -25.38
C ILE A 63 -16.33 8.86 -25.12
N ASP A 64 -15.88 9.63 -24.17
CA ASP A 64 -16.57 10.93 -23.87
C ASP A 64 -15.73 12.10 -24.38
N PHE A 65 -16.11 13.31 -24.05
CA PHE A 65 -15.33 14.49 -24.52
C PHE A 65 -14.11 14.78 -23.63
N PRO A 66 -14.27 14.65 -22.32
CA PRO A 66 -13.14 14.92 -21.41
C PRO A 66 -12.15 13.76 -21.46
N GLU A 67 -12.58 12.62 -21.90
CA GLU A 67 -11.67 11.44 -21.98
C GLU A 67 -10.87 11.51 -23.28
N PHE A 68 -11.44 12.12 -24.29
CA PHE A 68 -10.74 12.24 -25.61
C PHE A 68 -9.64 13.30 -25.52
N LEU A 69 -9.95 14.44 -24.96
CA LEU A 69 -8.92 15.52 -24.85
C LEU A 69 -7.90 15.19 -23.76
N THR A 70 -8.32 14.52 -22.72
CA THR A 70 -7.37 14.17 -21.62
C THR A 70 -6.52 12.96 -22.00
N MET A 71 -6.96 12.15 -22.92
CA MET A 71 -6.17 10.94 -23.31
C MET A 71 -5.20 11.27 -24.46
N MET A 72 -5.52 12.25 -25.26
CA MET A 72 -4.60 12.59 -26.40
C MET A 72 -3.58 13.66 -25.98
N ALA A 73 -4.04 14.77 -25.50
CA ALA A 73 -3.10 15.85 -25.09
C ALA A 73 -2.14 15.36 -24.01
N ARG A 74 -2.67 14.92 -22.90
CA ARG A 74 -1.79 14.43 -21.79
C ARG A 74 -1.92 12.91 -21.63
N LYS A 75 -1.51 12.16 -22.61
CA LYS A 75 -1.60 10.67 -22.49
C LYS A 75 -0.82 10.19 -21.27
N MET A 76 0.11 10.99 -20.80
CA MET A 76 0.92 10.57 -19.61
C MET A 76 0.22 11.03 -18.32
N LYS A 77 -0.53 10.16 -17.70
CA LYS A 77 -1.23 10.54 -16.43
C LYS A 77 -0.51 9.92 -15.24
N ASP A 78 -0.62 10.54 -14.08
CA ASP A 78 0.06 9.97 -12.88
C ASP A 78 -0.32 10.78 -11.64
N THR A 79 -1.24 10.29 -10.85
CA THR A 79 -1.65 11.03 -9.62
C THR A 79 -0.75 10.61 -8.45
N ASP A 80 -1.01 11.12 -7.28
CA ASP A 80 -0.18 10.76 -6.10
C ASP A 80 -1.02 10.01 -5.07
N SER A 81 -0.62 8.82 -4.71
CA SER A 81 -1.39 8.05 -3.69
C SER A 81 -0.59 7.95 -2.40
N GLU A 82 -0.94 7.03 -1.54
CA GLU A 82 -0.18 6.90 -0.26
C GLU A 82 -0.69 5.68 0.52
N GLU A 83 0.12 5.16 1.40
CA GLU A 83 -0.31 3.97 2.20
C GLU A 83 -0.70 2.83 1.26
N GLU A 84 -0.23 2.84 0.05
CA GLU A 84 -0.58 1.76 -0.92
C GLU A 84 0.65 0.90 -1.20
N ILE A 85 1.78 1.50 -1.42
CA ILE A 85 3.02 0.74 -1.69
C ILE A 85 3.31 -0.20 -0.52
N ARG A 86 2.72 0.04 0.62
CA ARG A 86 2.95 -0.84 1.79
C ARG A 86 2.34 -2.22 1.53
N GLU A 87 1.09 -2.26 1.16
CA GLU A 87 0.43 -3.56 0.87
C GLU A 87 1.13 -4.26 -0.28
N ALA A 88 1.60 -3.50 -1.24
CA ALA A 88 2.30 -4.12 -2.40
C ALA A 88 3.54 -4.86 -1.92
N PHE A 89 4.47 -4.15 -1.32
CA PHE A 89 5.71 -4.81 -0.82
C PHE A 89 5.35 -5.97 0.12
N ARG A 90 4.17 -5.95 0.68
CA ARG A 90 3.78 -7.07 1.59
C ARG A 90 3.60 -8.36 0.79
N VAL A 91 2.94 -8.28 -0.34
CA VAL A 91 2.75 -9.50 -1.17
C VAL A 91 4.01 -9.84 -1.96
N PHE A 92 4.88 -8.87 -2.16
CA PHE A 92 6.14 -9.14 -2.93
C PHE A 92 7.23 -9.66 -2.00
N ASP A 93 7.07 -9.51 -0.71
CA ASP A 93 8.12 -10.00 0.23
C ASP A 93 7.49 -10.97 1.24
N LYS A 94 6.73 -11.91 0.78
CA LYS A 94 6.10 -12.89 1.71
C LYS A 94 6.79 -14.25 1.60
N ASP A 95 8.09 -14.26 1.48
CA ASP A 95 8.82 -15.56 1.37
C ASP A 95 9.90 -15.67 2.46
N GLY A 96 10.39 -14.55 2.95
CA GLY A 96 11.44 -14.60 4.00
C GLY A 96 12.70 -13.91 3.49
N ASN A 97 12.96 -13.99 2.22
CA ASN A 97 14.17 -13.34 1.65
C ASN A 97 14.31 -11.90 2.18
N GLY A 98 13.22 -11.20 2.31
CA GLY A 98 13.28 -9.80 2.81
C GLY A 98 13.29 -8.81 1.64
N TYR A 99 13.52 -9.29 0.44
CA TYR A 99 13.54 -8.37 -0.73
C TYR A 99 12.76 -8.99 -1.89
N ILE A 100 12.48 -8.23 -2.92
CA ILE A 100 11.73 -8.79 -4.08
C ILE A 100 12.70 -9.42 -5.07
N SER A 101 12.46 -10.65 -5.42
CA SER A 101 13.37 -11.33 -6.39
C SER A 101 12.60 -11.62 -7.69
N ALA A 102 13.28 -12.13 -8.68
CA ALA A 102 12.58 -12.42 -9.97
C ALA A 102 11.59 -13.57 -9.78
N ALA A 103 11.97 -14.60 -9.08
CA ALA A 103 11.04 -15.75 -8.88
C ALA A 103 9.83 -15.30 -8.06
N GLU A 104 10.05 -14.68 -6.94
CA GLU A 104 8.91 -14.22 -6.09
C GLU A 104 7.95 -13.36 -6.93
N LEU A 105 8.47 -12.35 -7.57
CA LEU A 105 7.59 -11.47 -8.40
C LEU A 105 6.71 -12.32 -9.35
N ARG A 106 7.27 -13.37 -9.90
CA ARG A 106 6.47 -14.23 -10.81
C ARG A 106 5.31 -14.89 -10.06
N HIS A 107 5.55 -15.31 -8.84
CA HIS A 107 4.46 -15.97 -8.05
C HIS A 107 3.42 -14.95 -7.61
N VAL A 108 3.75 -13.69 -7.62
CA VAL A 108 2.77 -12.64 -7.20
C VAL A 108 1.87 -12.25 -8.38
N MET A 109 2.43 -12.02 -9.53
CA MET A 109 1.61 -11.62 -10.70
C MET A 109 0.61 -12.72 -11.05
N THR A 110 1.05 -13.94 -11.13
CA THR A 110 0.12 -15.05 -11.48
C THR A 110 -1.13 -15.00 -10.61
N ASN A 111 -0.99 -14.64 -9.35
CA ASN A 111 -2.18 -14.57 -8.46
C ASN A 111 -3.04 -13.35 -8.80
N LEU A 112 -2.43 -12.20 -8.93
CA LEU A 112 -3.21 -10.98 -9.26
C LEU A 112 -3.96 -11.16 -10.59
N GLY A 113 -3.49 -12.05 -11.42
CA GLY A 113 -4.17 -12.28 -12.73
C GLY A 113 -3.59 -11.33 -13.77
N GLU A 114 -2.29 -11.22 -13.85
CA GLU A 114 -1.68 -10.30 -14.85
C GLU A 114 -0.97 -11.12 -15.94
N LYS A 115 -0.48 -12.28 -15.61
CA LYS A 115 0.20 -13.12 -16.63
C LYS A 115 1.35 -12.34 -17.27
N LEU A 116 2.56 -12.58 -16.83
CA LEU A 116 3.73 -11.84 -17.42
C LEU A 116 4.80 -12.84 -17.86
N THR A 117 5.58 -12.49 -18.84
CA THR A 117 6.64 -13.42 -19.32
C THR A 117 7.83 -13.40 -18.35
N ASP A 118 8.62 -14.44 -18.35
CA ASP A 118 9.79 -14.47 -17.41
C ASP A 118 10.78 -13.37 -17.76
N GLU A 119 11.05 -13.17 -19.02
CA GLU A 119 12.03 -12.11 -19.42
C GLU A 119 11.58 -10.75 -18.86
N GLU A 120 10.30 -10.48 -18.90
CA GLU A 120 9.82 -9.16 -18.37
C GLU A 120 10.11 -9.06 -16.87
N VAL A 121 9.81 -10.09 -16.12
CA VAL A 121 10.07 -10.04 -14.65
C VAL A 121 11.54 -9.70 -14.39
N ASP A 122 12.44 -10.42 -15.00
CA ASP A 122 13.89 -10.13 -14.78
C ASP A 122 14.20 -8.67 -15.10
N GLU A 123 13.73 -8.19 -16.22
CA GLU A 123 14.00 -6.77 -16.59
C GLU A 123 13.37 -5.82 -15.56
N MET A 124 12.34 -6.26 -14.88
CA MET A 124 11.69 -5.38 -13.86
C MET A 124 12.58 -5.28 -12.62
N ILE A 125 13.09 -6.39 -12.14
CA ILE A 125 13.97 -6.34 -10.94
C ILE A 125 15.22 -5.50 -11.22
N ARG A 126 15.66 -5.49 -12.46
CA ARG A 126 16.88 -4.68 -12.80
C ARG A 126 16.53 -3.19 -12.87
N GLU A 127 15.42 -2.86 -13.47
CA GLU A 127 15.03 -1.42 -13.57
C GLU A 127 14.68 -0.88 -12.18
N ALA A 128 14.30 -1.74 -11.27
CA ALA A 128 13.95 -1.28 -9.89
C ALA A 128 15.21 -1.16 -9.04
N ASP A 129 16.16 -2.04 -9.25
CA ASP A 129 17.41 -1.98 -8.44
C ASP A 129 18.13 -0.65 -8.70
N ILE A 130 17.92 0.32 -7.86
CA ILE A 130 18.57 1.65 -8.06
C ILE A 130 20.10 1.53 -7.86
N ASP A 131 20.53 1.22 -6.67
CA ASP A 131 22.00 1.12 -6.42
C ASP A 131 22.58 -0.16 -7.06
N GLY A 132 21.76 -1.13 -7.35
CA GLY A 132 22.27 -2.37 -7.99
C GLY A 132 22.88 -3.31 -6.94
N ASP A 133 22.08 -3.97 -6.16
CA ASP A 133 22.63 -4.90 -5.11
C ASP A 133 22.30 -6.35 -5.49
N GLY A 134 21.27 -6.56 -6.27
CA GLY A 134 20.89 -7.94 -6.67
C GLY A 134 19.37 -8.09 -6.55
N GLN A 135 18.80 -7.52 -5.53
CA GLN A 135 17.32 -7.59 -5.35
C GLN A 135 16.76 -6.21 -5.03
N VAL A 136 15.46 -6.06 -5.02
CA VAL A 136 14.87 -4.72 -4.72
C VAL A 136 14.51 -4.62 -3.24
N ASN A 137 14.87 -3.53 -2.61
CA ASN A 137 14.55 -3.38 -1.16
C ASN A 137 13.35 -2.45 -0.99
N TYR A 138 12.82 -2.35 0.20
CA TYR A 138 11.64 -1.46 0.44
C TYR A 138 11.95 -0.03 -0.01
N GLU A 139 13.09 0.48 0.39
CA GLU A 139 13.45 1.88 -0.01
C GLU A 139 13.41 2.03 -1.52
N GLU A 140 14.14 1.21 -2.23
CA GLU A 140 14.15 1.29 -3.71
C GLU A 140 12.72 1.12 -4.26
N PHE A 141 11.88 0.44 -3.55
CA PHE A 141 10.49 0.23 -4.04
C PHE A 141 9.72 1.55 -3.98
N VAL A 142 10.02 2.39 -3.02
CA VAL A 142 9.30 3.69 -2.90
C VAL A 142 9.90 4.72 -3.87
N GLN A 143 11.17 4.61 -4.16
CA GLN A 143 11.82 5.58 -5.08
C GLN A 143 11.51 5.21 -6.54
N MET A 144 11.21 3.97 -6.81
CA MET A 144 10.91 3.57 -8.19
C MET A 144 9.47 3.92 -8.56
N MET A 145 8.57 3.88 -7.61
CA MET A 145 7.15 4.22 -7.91
C MET A 145 6.92 5.73 -7.85
N THR A 146 7.87 6.47 -7.36
CA THR A 146 7.69 7.95 -7.29
C THR A 146 8.78 8.65 -8.13
N ALA A 147 8.39 9.61 -8.93
CA ALA A 147 9.38 10.33 -9.78
C ALA A 147 10.12 9.36 -10.70
N LYS A 148 10.67 9.86 -11.77
CA LYS A 148 11.42 8.98 -12.71
C LYS A 148 12.92 9.06 -12.44
CA CA B . -22.28 10.95 -31.32
CA CA C . -14.85 5.86 -22.11
CA CA D . 12.33 -11.63 -0.69
CA CA E . 19.04 -2.92 -4.84
S1 WW7 F . -6.79 9.30 -33.39
O1 WW7 F . -6.00 8.18 -33.83
O2 WW7 F . -6.24 10.26 -32.49
N1 WW7 F . -7.12 10.16 -34.87
C4 WW7 F . -11.14 8.11 -31.96
C3 WW7 F . -10.80 9.45 -32.41
C2 WW7 F . -9.44 9.77 -32.83
C1 WW7 F . -8.39 8.76 -32.83
C9 WW7 F . -8.70 7.41 -32.38
C10 WW7 F . -10.11 7.07 -31.94
CL1 WW7 F . -11.99 5.24 -30.97
C5 WW7 F . -10.43 5.71 -31.51
C6 WW7 F . -9.40 4.69 -31.50
C7 WW7 F . -8.03 5.01 -31.92
C8 WW7 F . -7.68 6.35 -32.35
C11 WW7 F . -7.84 9.42 -35.89
C12 WW7 F . -8.36 10.24 -37.07
C14 WW7 F . -9.70 10.14 -39.18
C13 WW7 F . -9.09 9.31 -38.05
C15 WW7 F . -8.58 10.87 -39.94
C16 WW7 F . -9.20 11.70 -41.07
N2 WW7 F . -10.12 12.71 -40.58
HN1 WW7 F . -6.25 10.52 -35.24
H4 WW7 F . -12.14 7.85 -31.65
H3 WW7 F . -11.56 10.21 -32.41
H2 WW7 F . -9.21 10.79 -33.15
H6 WW7 F . -9.65 3.70 -31.18
H7 WW7 F . -7.28 4.23 -31.90
H8 WW7 F . -6.66 6.53 -32.65
H111 WW7 F . -7.18 8.65 -36.24
H112 WW7 F . -8.69 8.95 -35.38
H121 WW7 F . -9.05 10.99 -36.72
H122 WW7 F . -7.53 10.71 -37.57
H141 WW7 F . -10.39 10.87 -38.77
H142 WW7 F . -10.22 9.49 -39.86
H131 WW7 F . -8.39 8.60 -38.45
H132 WW7 F . -9.88 8.80 -37.52
H151 WW7 F . -8.06 11.52 -39.25
H152 WW7 F . -7.89 10.14 -40.34
H161 WW7 F . -9.73 11.05 -41.73
H162 WW7 F . -8.41 12.20 -41.60
HN21 WW7 F . -10.50 13.23 -41.36
HN22 WW7 F . -10.90 12.29 -40.11
S1 WW7 G . 4.15 -2.59 -9.82
O1 WW7 G . 4.05 -2.93 -11.20
O2 WW7 G . 4.29 -1.22 -9.45
N1 WW7 G . 2.61 -3.09 -9.15
C4 WW7 G . 7.74 -5.00 -7.90
C3 WW7 G . 6.40 -5.08 -7.34
C2 WW7 G . 5.29 -4.35 -7.95
C1 WW7 G . 5.50 -3.52 -9.13
C9 WW7 G . 6.83 -3.42 -9.71
C10 WW7 G . 7.98 -4.18 -9.08
CL1 WW7 G . 10.68 -4.92 -9.04
C5 WW7 G . 9.31 -4.08 -9.68
C6 WW7 G . 9.52 -3.27 -10.86
C7 WW7 G . 8.40 -2.54 -11.47
C8 WW7 G . 7.07 -2.61 -10.90
C11 WW7 G . 2.24 -2.77 -7.77
C12 WW7 G . 2.30 -1.28 -7.41
C14 WW7 G . 1.31 0.97 -7.89
C13 WW7 G . 1.31 -0.51 -8.29
C15 WW7 G . 0.32 1.74 -8.76
C16 WW7 G . 0.32 3.21 -8.33
N2 WW7 G . 1.61 3.86 -8.52
HN1 WW7 G . 2.46 -4.07 -9.33
H4 WW7 G . 8.56 -5.51 -7.43
H3 WW7 G . 6.23 -5.69 -6.47
H2 WW7 G . 4.32 -4.45 -7.52
H6 WW7 G . 10.51 -3.21 -11.30
H7 WW7 G . 8.58 -1.94 -12.35
H8 WW7 G . 6.26 -2.06 -11.36
H111 WW7 G . 1.23 -3.13 -7.62
H112 WW7 G . 2.90 -3.32 -7.11
H121 WW7 G . 2.03 -1.14 -6.38
H122 WW7 G . 3.29 -0.90 -7.58
H141 WW7 G . 2.31 1.37 -8.03
H142 WW7 G . 1.04 1.06 -6.85
H131 WW7 G . 1.60 -0.60 -9.33
H132 WW7 G . 0.32 -0.91 -8.16
H151 WW7 G . 0.61 1.67 -9.79
H152 WW7 G . -0.67 1.32 -8.62
H161 WW7 G . 0.05 3.28 -7.29
H162 WW7 G . -0.40 3.76 -8.93
HN21 WW7 G . 1.58 4.81 -8.17
HN22 WW7 G . 1.84 3.90 -9.50
N ALA A 1 -10.75 -6.82 25.98
CA ALA A 1 -10.15 -7.09 24.64
C ALA A 1 -10.14 -5.82 23.79
N ASP A 2 -9.01 -5.15 23.72
CA ASP A 2 -8.95 -3.90 22.91
C ASP A 2 -8.06 -4.11 21.68
N GLN A 3 -8.34 -3.41 20.61
CA GLN A 3 -7.51 -3.58 19.38
C GLN A 3 -6.22 -2.77 19.48
N LEU A 4 -5.97 -2.17 20.62
CA LEU A 4 -4.72 -1.36 20.78
C LEU A 4 -4.61 -0.31 19.65
N THR A 5 -4.01 -0.67 18.54
CA THR A 5 -3.86 0.31 17.41
C THR A 5 -3.19 1.60 17.88
N GLU A 6 -3.20 2.62 17.07
CA GLU A 6 -2.55 3.91 17.47
C GLU A 6 -3.17 4.45 18.76
N GLU A 7 -4.33 3.99 19.13
CA GLU A 7 -4.97 4.50 20.37
C GLU A 7 -4.15 4.07 21.59
N GLN A 8 -3.61 2.89 21.56
CA GLN A 8 -2.78 2.40 22.71
C GLN A 8 -1.44 3.13 22.75
N ILE A 9 -0.70 3.08 21.66
CA ILE A 9 0.62 3.77 21.62
C ILE A 9 0.45 5.22 22.06
N ALA A 10 -0.62 5.86 21.65
CA ALA A 10 -0.83 7.27 22.04
C ALA A 10 -1.06 7.35 23.55
N GLU A 11 -1.73 6.38 24.11
CA GLU A 11 -1.97 6.39 25.58
C GLU A 11 -0.63 6.41 26.32
N PHE A 12 0.26 5.52 25.97
CA PHE A 12 1.58 5.49 26.66
C PHE A 12 2.34 6.79 26.40
N LYS A 13 2.15 7.38 25.24
CA LYS A 13 2.86 8.65 24.93
C LYS A 13 2.38 9.76 25.86
N GLU A 14 1.11 9.78 26.19
CA GLU A 14 0.60 10.84 27.10
C GLU A 14 1.15 10.62 28.52
N ALA A 15 1.25 9.39 28.93
CA ALA A 15 1.79 9.11 30.30
C ALA A 15 3.25 9.55 30.39
N PHE A 16 4.02 9.34 29.36
CA PHE A 16 5.45 9.75 29.38
C PHE A 16 5.56 11.27 29.54
N SER A 17 4.98 12.00 28.64
CA SER A 17 5.05 13.48 28.74
C SER A 17 4.52 13.92 30.11
N LEU A 18 3.66 13.15 30.69
CA LEU A 18 3.09 13.51 32.03
C LEU A 18 4.17 13.33 33.11
N PHE A 19 5.00 12.32 32.98
CA PHE A 19 6.07 12.10 34.00
C PHE A 19 7.14 13.20 33.86
N ASP A 20 7.71 13.32 32.68
CA ASP A 20 8.74 14.37 32.47
C ASP A 20 8.20 15.73 32.88
N LYS A 21 8.57 16.21 34.04
CA LYS A 21 8.07 17.54 34.49
C LYS A 21 8.65 18.64 33.60
N ASP A 22 9.91 18.56 33.28
CA ASP A 22 10.54 19.60 32.42
C ASP A 22 10.35 19.27 30.94
N GLY A 23 9.97 18.05 30.63
CA GLY A 23 9.78 17.67 29.20
C GLY A 23 11.12 17.67 28.48
N ASP A 24 12.16 17.24 29.14
CA ASP A 24 13.51 17.22 28.49
C ASP A 24 13.64 15.98 27.57
N GLY A 25 12.80 15.00 27.75
CA GLY A 25 12.89 13.78 26.87
C GLY A 25 13.37 12.57 27.68
N THR A 26 14.03 12.80 28.78
CA THR A 26 14.53 11.65 29.60
C THR A 26 13.91 11.67 31.00
N ILE A 27 13.89 10.54 31.67
CA ILE A 27 13.31 10.48 33.05
C ILE A 27 14.41 10.08 34.05
N THR A 28 14.60 10.86 35.09
CA THR A 28 15.64 10.52 36.10
C THR A 28 14.98 9.96 37.37
N THR A 29 15.69 9.94 38.46
CA THR A 29 15.09 9.40 39.73
C THR A 29 14.36 10.51 40.49
N LYS A 30 14.91 11.69 40.54
CA LYS A 30 14.24 12.80 41.29
C LYS A 30 12.87 13.12 40.65
N GLU A 31 12.87 13.46 39.39
CA GLU A 31 11.58 13.78 38.71
C GLU A 31 10.63 12.59 38.84
N LEU A 32 11.13 11.41 38.65
CA LEU A 32 10.26 10.20 38.76
C LEU A 32 9.72 10.08 40.19
N GLY A 33 10.45 10.58 41.14
CA GLY A 33 9.97 10.50 42.55
C GLY A 33 8.71 11.34 42.69
N THR A 34 8.73 12.54 42.19
CA THR A 34 7.53 13.41 42.27
C THR A 34 6.41 12.82 41.41
N VAL A 35 6.76 12.11 40.37
CA VAL A 35 5.73 11.50 39.50
C VAL A 35 5.07 10.30 40.20
N MET A 36 5.78 9.65 41.10
CA MET A 36 5.19 8.49 41.82
C MET A 36 4.37 8.96 43.02
N ARG A 37 4.69 10.12 43.53
CA ARG A 37 3.93 10.66 44.70
C ARG A 37 2.74 11.49 44.22
N SER A 38 2.75 11.90 42.98
CA SER A 38 1.62 12.72 42.45
C SER A 38 0.29 12.04 42.77
N LEU A 39 0.12 10.81 42.37
CA LEU A 39 -1.16 10.10 42.65
C LEU A 39 -0.89 8.63 43.04
N GLY A 40 0.14 8.40 43.81
CA GLY A 40 0.44 7.01 44.23
C GLY A 40 0.67 6.96 45.74
N GLN A 41 1.90 6.93 46.16
CA GLN A 41 2.18 6.89 47.63
C GLN A 41 3.35 7.82 47.96
N ASN A 42 4.04 7.58 49.05
CA ASN A 42 5.18 8.46 49.42
C ASN A 42 6.46 7.62 49.60
N PRO A 43 6.96 7.09 48.50
CA PRO A 43 8.18 6.27 48.54
C PRO A 43 9.40 7.15 48.78
N THR A 44 10.57 6.66 48.48
CA THR A 44 11.80 7.50 48.69
C THR A 44 12.72 7.41 47.47
N GLU A 45 13.68 8.28 47.39
CA GLU A 45 14.62 8.25 46.21
C GLU A 45 15.39 6.93 46.20
N ALA A 46 15.51 6.28 47.33
CA ALA A 46 16.26 4.98 47.36
C ALA A 46 15.43 3.88 46.70
N GLU A 47 14.35 3.48 47.34
CA GLU A 47 13.50 2.41 46.75
C GLU A 47 13.16 2.76 45.30
N LEU A 48 13.05 4.03 44.99
CA LEU A 48 12.73 4.43 43.59
C LEU A 48 13.84 3.99 42.64
N GLN A 49 15.07 4.31 42.96
CA GLN A 49 16.18 3.88 42.07
C GLN A 49 16.10 2.38 41.82
N ASP A 50 15.83 1.62 42.85
CA ASP A 50 15.71 0.14 42.68
C ASP A 50 14.56 -0.18 41.72
N MET A 51 13.50 0.60 41.78
CA MET A 51 12.35 0.36 40.88
C MET A 51 12.73 0.67 39.43
N ILE A 52 13.75 1.47 39.24
CA ILE A 52 14.19 1.82 37.86
C ILE A 52 15.20 0.77 37.36
N ASN A 53 15.95 0.19 38.25
CA ASN A 53 16.94 -0.84 37.82
C ASN A 53 16.27 -1.90 36.95
N GLU A 54 15.09 -2.33 37.34
CA GLU A 54 14.37 -3.37 36.53
C GLU A 54 13.93 -2.79 35.19
N VAL A 55 13.65 -1.51 35.14
CA VAL A 55 13.20 -0.89 33.86
C VAL A 55 14.41 -0.70 32.92
N ASP A 56 15.29 0.20 33.25
CA ASP A 56 16.49 0.45 32.39
C ASP A 56 17.11 -0.87 31.92
N ALA A 57 16.73 -1.32 30.75
CA ALA A 57 17.30 -2.60 30.23
C ALA A 57 18.24 -2.31 29.06
N ASP A 58 19.28 -1.56 29.29
CA ASP A 58 20.23 -1.24 28.18
C ASP A 58 21.56 -0.70 28.73
N GLY A 59 21.53 0.01 29.83
CA GLY A 59 22.81 0.54 30.40
C GLY A 59 22.92 2.04 30.15
N ASN A 60 21.88 2.78 30.43
CA ASN A 60 21.92 4.26 30.21
C ASN A 60 21.75 5.00 31.54
N GLY A 61 21.34 4.32 32.56
CA GLY A 61 21.14 5.00 33.88
C GLY A 61 19.72 5.55 33.95
N THR A 62 19.34 6.37 33.02
CA THR A 62 17.96 6.95 33.04
C THR A 62 17.13 6.34 31.90
N ILE A 63 15.84 6.59 31.90
CA ILE A 63 14.97 6.04 30.82
C ILE A 63 14.90 7.02 29.65
N ASP A 64 14.94 6.52 28.44
CA ASP A 64 14.88 7.42 27.26
C ASP A 64 13.49 7.38 26.62
N PHE A 65 13.28 8.11 25.57
CA PHE A 65 11.93 8.11 24.91
C PHE A 65 11.72 6.80 24.12
N PRO A 66 12.71 6.40 23.34
CA PRO A 66 12.57 5.15 22.55
C PRO A 66 12.63 3.92 23.47
N GLU A 67 13.21 4.06 24.63
CA GLU A 67 13.28 2.91 25.56
C GLU A 67 11.95 2.78 26.31
N PHE A 68 11.37 3.89 26.65
CA PHE A 68 10.08 3.86 27.37
C PHE A 68 8.99 3.30 26.46
N LEU A 69 9.03 3.64 25.20
CA LEU A 69 8.00 3.12 24.25
C LEU A 69 8.26 1.64 23.96
N THR A 70 9.50 1.24 23.89
CA THR A 70 9.80 -0.18 23.61
C THR A 70 9.58 -1.03 24.87
N MET A 71 9.43 -0.41 26.00
CA MET A 71 9.20 -1.19 27.26
C MET A 71 7.71 -1.45 27.48
N MET A 72 6.87 -0.46 27.30
CA MET A 72 5.40 -0.68 27.52
C MET A 72 4.70 -1.13 26.23
N ALA A 73 5.10 -0.60 25.11
CA ALA A 73 4.45 -1.01 23.82
C ALA A 73 4.56 -2.53 23.62
N ARG A 74 5.45 -3.17 24.32
CA ARG A 74 5.59 -4.65 24.16
C ARG A 74 4.24 -5.35 24.26
N LYS A 75 3.32 -4.78 25.00
CA LYS A 75 1.98 -5.42 25.14
C LYS A 75 1.28 -5.54 23.79
N MET A 76 1.36 -6.67 23.17
CA MET A 76 0.69 -6.85 21.84
C MET A 76 1.05 -5.68 20.91
N LYS A 77 0.45 -5.62 19.75
CA LYS A 77 0.76 -4.51 18.82
C LYS A 77 -0.07 -4.63 17.54
N ASP A 78 -0.48 -3.53 16.98
CA ASP A 78 -1.30 -3.57 15.73
C ASP A 78 -1.01 -2.34 14.87
N THR A 79 -0.81 -2.53 13.59
CA THR A 79 -0.51 -1.37 12.71
C THR A 79 -1.17 -1.56 11.35
N ASP A 80 -1.66 -0.51 10.76
CA ASP A 80 -2.32 -0.61 9.42
C ASP A 80 -2.76 0.77 8.94
N SER A 81 -1.85 1.53 8.39
CA SER A 81 -2.21 2.89 7.90
C SER A 81 -2.50 2.85 6.40
N GLU A 82 -2.70 3.99 5.79
CA GLU A 82 -2.98 4.03 4.33
C GLU A 82 -1.68 4.06 3.54
N GLU A 83 -1.48 3.14 2.63
CA GLU A 83 -0.23 3.13 1.84
C GLU A 83 -0.23 1.96 0.85
N GLU A 84 -0.57 2.22 -0.39
CA GLU A 84 -0.60 1.12 -1.40
C GLU A 84 0.79 0.51 -1.55
N ILE A 85 1.80 1.33 -1.60
CA ILE A 85 3.18 0.80 -1.75
C ILE A 85 3.48 -0.25 -0.67
N ARG A 86 3.00 -0.03 0.52
CA ARG A 86 3.25 -1.03 1.62
C ARG A 86 2.59 -2.37 1.25
N GLU A 87 1.31 -2.36 0.99
CA GLU A 87 0.61 -3.63 0.62
C GLU A 87 1.40 -4.36 -0.47
N ALA A 88 1.90 -3.64 -1.43
CA ALA A 88 2.67 -4.28 -2.53
C ALA A 88 3.87 -5.04 -1.95
N PHE A 89 4.75 -4.34 -1.29
CA PHE A 89 5.94 -5.00 -0.69
C PHE A 89 5.50 -6.23 0.12
N ARG A 90 4.28 -6.26 0.56
CA ARG A 90 3.80 -7.42 1.36
C ARG A 90 3.63 -8.66 0.48
N VAL A 91 2.80 -8.57 -0.54
CA VAL A 91 2.60 -9.75 -1.42
C VAL A 91 3.93 -10.17 -2.07
N PHE A 92 4.79 -9.23 -2.33
CA PHE A 92 6.11 -9.57 -2.96
C PHE A 92 7.07 -10.08 -1.90
N ASP A 93 6.81 -9.80 -0.65
CA ASP A 93 7.71 -10.27 0.43
C ASP A 93 6.91 -11.10 1.44
N LYS A 94 6.26 -12.14 1.00
CA LYS A 94 5.47 -12.99 1.94
C LYS A 94 6.35 -14.09 2.55
N ASP A 95 7.57 -13.77 2.88
CA ASP A 95 8.47 -14.79 3.48
C ASP A 95 9.06 -14.27 4.80
N GLY A 96 9.23 -12.99 4.93
CA GLY A 96 9.78 -12.44 6.21
C GLY A 96 11.28 -12.11 6.07
N ASN A 97 11.69 -11.58 4.95
CA ASN A 97 13.15 -11.23 4.81
C ASN A 97 13.32 -9.78 4.30
N GLY A 98 12.31 -9.22 3.67
CA GLY A 98 12.42 -7.81 3.18
C GLY A 98 13.22 -7.77 1.87
N TYR A 99 12.87 -8.61 0.93
CA TYR A 99 13.61 -8.60 -0.38
C TYR A 99 12.67 -9.07 -1.52
N ILE A 100 12.80 -8.48 -2.68
CA ILE A 100 11.93 -8.91 -3.82
C ILE A 100 12.79 -9.58 -4.89
N SER A 101 12.64 -10.86 -5.06
CA SER A 101 13.46 -11.57 -6.09
C SER A 101 12.61 -11.88 -7.32
N ALA A 102 13.22 -11.97 -8.47
CA ALA A 102 12.45 -12.27 -9.71
C ALA A 102 11.48 -13.44 -9.47
N ALA A 103 11.84 -14.33 -8.57
CA ALA A 103 10.94 -15.49 -8.28
C ALA A 103 9.66 -15.02 -7.60
N GLU A 104 9.78 -14.33 -6.50
CA GLU A 104 8.56 -13.84 -5.79
C GLU A 104 7.72 -12.95 -6.72
N LEU A 105 8.36 -12.25 -7.62
CA LEU A 105 7.61 -11.37 -8.55
C LEU A 105 6.80 -12.22 -9.53
N ARG A 106 7.33 -13.36 -9.92
CA ARG A 106 6.60 -14.23 -10.87
C ARG A 106 5.48 -15.00 -10.14
N HIS A 107 5.59 -15.10 -8.84
CA HIS A 107 4.54 -15.84 -8.07
C HIS A 107 3.46 -14.87 -7.60
N VAL A 108 3.76 -13.60 -7.55
CA VAL A 108 2.74 -12.61 -7.11
C VAL A 108 1.98 -12.06 -8.31
N MET A 109 2.68 -11.60 -9.31
CA MET A 109 2.00 -11.06 -10.52
C MET A 109 0.87 -12.00 -10.97
N THR A 110 1.06 -13.29 -10.82
CA THR A 110 0.00 -14.24 -11.24
C THR A 110 -1.27 -14.00 -10.42
N ASN A 111 -1.13 -13.99 -9.12
CA ASN A 111 -2.33 -13.76 -8.25
C ASN A 111 -3.04 -12.48 -8.67
N LEU A 112 -2.31 -11.44 -8.95
CA LEU A 112 -2.95 -10.15 -9.37
C LEU A 112 -3.77 -10.37 -10.64
N GLY A 113 -3.28 -11.18 -11.54
CA GLY A 113 -4.02 -11.42 -12.80
C GLY A 113 -3.12 -11.12 -14.00
N GLU A 114 -2.09 -10.35 -13.79
CA GLU A 114 -1.16 -10.02 -14.92
C GLU A 114 -0.16 -11.15 -15.14
N LYS A 115 -0.30 -11.90 -16.19
CA LYS A 115 0.66 -13.02 -16.45
C LYS A 115 1.87 -12.48 -17.21
N LEU A 116 3.04 -12.72 -16.72
CA LEU A 116 4.27 -12.23 -17.41
C LEU A 116 5.29 -13.36 -17.57
N THR A 117 6.17 -13.24 -18.52
CA THR A 117 7.19 -14.31 -18.73
C THR A 117 8.45 -14.01 -17.92
N ASP A 118 9.21 -15.02 -17.60
CA ASP A 118 10.45 -14.81 -16.80
C ASP A 118 11.27 -13.65 -17.38
N GLU A 119 11.27 -13.49 -18.67
CA GLU A 119 12.04 -12.37 -19.29
C GLU A 119 11.56 -11.02 -18.76
N GLU A 120 10.33 -10.66 -19.05
CA GLU A 120 9.82 -9.34 -18.57
C GLU A 120 10.08 -9.18 -17.07
N VAL A 121 9.83 -10.20 -16.29
CA VAL A 121 10.07 -10.11 -14.83
C VAL A 121 11.51 -9.64 -14.56
N ASP A 122 12.47 -10.24 -15.20
CA ASP A 122 13.90 -9.83 -14.98
C ASP A 122 14.08 -8.37 -15.40
N GLU A 123 13.33 -7.91 -16.36
CA GLU A 123 13.47 -6.49 -16.80
C GLU A 123 12.94 -5.54 -15.71
N MET A 124 11.89 -5.93 -15.04
CA MET A 124 11.34 -5.05 -13.96
C MET A 124 12.27 -5.03 -12.75
N ILE A 125 12.59 -6.18 -12.21
CA ILE A 125 13.50 -6.21 -11.03
C ILE A 125 14.78 -5.42 -11.33
N ARG A 126 15.25 -5.48 -12.53
CA ARG A 126 16.49 -4.73 -12.88
C ARG A 126 16.24 -3.22 -12.83
N GLU A 127 15.21 -2.76 -13.48
CA GLU A 127 14.91 -1.29 -13.46
C GLU A 127 14.59 -0.82 -12.04
N ALA A 128 14.22 -1.72 -11.17
CA ALA A 128 13.89 -1.31 -9.77
C ALA A 128 15.12 -1.44 -8.87
N ASP A 129 16.12 -2.15 -9.30
CA ASP A 129 17.34 -2.30 -8.46
C ASP A 129 18.26 -1.08 -8.64
N ILE A 130 17.92 0.01 -8.01
CA ILE A 130 18.77 1.23 -8.16
C ILE A 130 20.25 0.91 -7.94
N ASP A 131 20.60 0.36 -6.80
CA ASP A 131 22.04 0.04 -6.54
C ASP A 131 22.43 -1.29 -7.20
N GLY A 132 21.48 -2.11 -7.54
CA GLY A 132 21.81 -3.41 -8.19
C GLY A 132 22.34 -4.42 -7.16
N ASP A 133 21.50 -4.88 -6.27
CA ASP A 133 21.98 -5.87 -5.25
C ASP A 133 21.33 -7.23 -5.52
N GLY A 134 20.83 -7.44 -6.71
CA GLY A 134 20.17 -8.74 -7.03
C GLY A 134 18.87 -8.85 -6.25
N GLN A 135 18.36 -7.76 -5.76
CA GLN A 135 17.08 -7.81 -4.99
C GLN A 135 16.57 -6.40 -4.74
N VAL A 136 15.29 -6.18 -4.86
CA VAL A 136 14.74 -4.81 -4.62
C VAL A 136 14.27 -4.69 -3.18
N ASN A 137 14.78 -3.73 -2.44
CA ASN A 137 14.34 -3.56 -1.03
C ASN A 137 13.20 -2.54 -0.96
N TYR A 138 12.65 -2.34 0.21
CA TYR A 138 11.53 -1.36 0.35
C TYR A 138 11.97 0.03 -0.09
N GLU A 139 13.09 0.49 0.39
CA GLU A 139 13.58 1.85 0.00
C GLU A 139 13.63 1.99 -1.53
N GLU A 140 14.25 1.06 -2.20
CA GLU A 140 14.33 1.15 -3.70
C GLU A 140 12.94 1.05 -4.31
N PHE A 141 12.04 0.38 -3.64
CA PHE A 141 10.66 0.24 -4.16
C PHE A 141 9.91 1.56 -4.02
N VAL A 142 10.36 2.42 -3.15
CA VAL A 142 9.67 3.73 -2.96
C VAL A 142 10.22 4.78 -3.95
N GLN A 143 11.48 4.69 -4.29
CA GLN A 143 12.06 5.70 -5.22
C GLN A 143 11.81 5.31 -6.68
N MET A 144 11.52 4.06 -6.95
CA MET A 144 11.29 3.64 -8.36
C MET A 144 9.83 3.95 -8.79
N MET A 145 8.89 3.87 -7.88
CA MET A 145 7.47 4.15 -8.25
C MET A 145 7.15 5.65 -8.05
N THR A 146 7.83 6.30 -7.15
CA THR A 146 7.55 7.75 -6.92
C THR A 146 7.57 8.53 -8.23
N ALA A 147 8.73 8.89 -8.70
CA ALA A 147 8.80 9.67 -9.97
C ALA A 147 9.96 9.15 -10.84
N LYS A 148 9.86 9.31 -12.13
CA LYS A 148 10.94 8.83 -13.03
C LYS A 148 12.02 9.90 -13.17
CA CA B . 13.43 15.28 32.66
CA CA C . 18.19 3.36 29.50
CA CA D . 11.03 -12.02 0.09
CA CA E . 19.24 -3.40 -4.04
S1 WW7 F . 4.69 2.35 35.98
O1 WW7 F . 4.72 2.00 37.37
O2 WW7 F . 4.57 1.32 34.99
N1 WW7 F . 3.27 3.33 35.79
C4 WW7 F . 8.26 5.20 34.81
C3 WW7 F . 6.92 5.39 34.28
C2 WW7 F . 5.83 4.50 34.67
C1 WW7 F . 6.05 3.40 35.59
C9 WW7 F . 7.39 3.18 36.14
C10 WW7 F . 8.52 4.11 35.74
CL1 WW7 F . 11.20 4.91 35.92
C5 WW7 F . 9.85 3.90 36.30
C6 WW7 F . 10.08 2.81 37.23
C7 WW7 F . 8.99 1.91 37.61
C8 WW7 F . 7.65 2.09 37.08
C11 WW7 F . 3.26 4.63 36.46
C12 WW7 F . 2.30 4.69 37.65
C14 WW7 F . 2.03 7.15 37.32
C13 WW7 F . 2.41 6.05 38.33
C15 WW7 F . 0.59 6.94 36.85
C16 WW7 F . 0.21 8.05 35.87
N2 WW7 F . -1.15 7.91 35.37
HN1 WW7 F . 2.44 2.79 36.01
H4 WW7 F . 9.05 5.86 34.51
H3 WW7 F . 6.71 6.19 33.58
H2 WW7 F . 4.83 4.65 34.26
H6 WW7 F . 11.06 2.66 37.65
H7 WW7 F . 9.19 1.10 38.31
H8 WW7 F . 6.86 1.42 37.37
H111 WW7 F . 4.26 4.82 36.79
H112 WW7 F . 2.96 5.36 35.73
H121 WW7 F . 1.29 4.53 37.32
H122 WW7 F . 2.57 3.91 38.37
H141 WW7 F . 2.70 7.11 36.48
H142 WW7 F . 2.12 8.12 37.80
H131 WW7 F . 1.74 6.09 39.17
H132 WW7 F . 3.43 6.21 38.66
H151 WW7 F . 0.51 5.99 36.38
H152 WW7 F . -0.07 6.97 37.71
H161 WW7 F . 0.88 8.00 35.01
H162 WW7 F . 0.30 9.01 36.35
HN21 WW7 F . -1.32 6.96 35.05
HN22 WW7 F . -1.32 8.52 34.58
S1 WW7 G . 4.10 -3.10 -9.70
O1 WW7 G . 3.65 -3.59 -10.96
O2 WW7 G . 4.29 -1.69 -9.49
N1 WW7 G . 2.89 -3.57 -8.55
C4 WW7 G . 7.77 -5.61 -8.08
C3 WW7 G . 6.42 -5.74 -7.55
C2 WW7 G . 5.33 -4.94 -8.08
C1 WW7 G . 5.54 -3.98 -9.15
C9 WW7 G . 6.88 -3.83 -9.71
C10 WW7 G . 8.02 -4.65 -9.15
CL1 WW7 G . 10.73 -5.34 -9.11
C5 WW7 G . 9.36 -4.47 -9.69
C6 WW7 G . 9.60 -3.52 -10.75
C7 WW7 G . 8.50 -2.72 -11.29
C8 WW7 G . 7.15 -2.86 -10.78
C11 WW7 G . 1.81 -2.67 -8.15
C12 WW7 G . 2.32 -1.33 -7.64
C14 WW7 G . 0.01 -0.27 -7.76
C13 WW7 G . 1.23 -0.58 -6.86
C15 WW7 G . -0.99 -1.45 -7.81
C16 WW7 G . -1.60 -1.70 -6.43
N2 WW7 G . -0.78 -2.35 -5.42
HN1 WW7 G . 2.58 -4.52 -8.70
H4 WW7 G . 8.58 -6.20 -7.68
H3 WW7 G . 6.23 -6.46 -6.76
H2 WW7 G . 4.33 -5.01 -7.67
H6 WW7 G . 10.61 -3.40 -11.14
H7 WW7 G . 8.69 -2.01 -12.08
H8 WW7 G . 6.34 -2.26 -11.19
H111 WW7 G . 1.16 -2.52 -8.99
H112 WW7 G . 1.28 -3.18 -7.36
H121 WW7 G . 3.16 -1.50 -6.99
H122 WW7 G . 2.64 -0.73 -8.48
H141 WW7 G . 0.36 -0.04 -8.75
H142 WW7 G . -0.51 0.60 -7.36
H131 WW7 G . 0.91 -1.18 -6.02
H132 WW7 G . 1.64 0.35 -6.49
H151 WW7 G . -1.78 -1.20 -8.50
H152 WW7 G . -0.50 -2.34 -8.15
H161 WW7 G . -2.43 -2.40 -6.54
H162 WW7 G . -1.98 -0.77 -6.02
HN21 WW7 G . -0.40 -3.22 -5.76
HN22 WW7 G . -1.32 -2.58 -4.60
N ALA A 1 -7.24 -7.70 9.05
CA ALA A 1 -6.19 -7.76 8.00
C ALA A 1 -5.43 -9.09 8.06
N ASP A 2 -4.20 -9.09 7.70
CA ASP A 2 -3.40 -10.36 7.73
C ASP A 2 -1.98 -10.07 8.21
N GLN A 3 -1.84 -9.55 9.40
CA GLN A 3 -0.47 -9.24 9.92
C GLN A 3 0.01 -10.37 10.84
N LEU A 4 -0.69 -10.63 11.91
CA LEU A 4 -0.26 -11.72 12.84
C LEU A 4 -1.39 -12.76 13.01
N THR A 5 -1.70 -13.16 14.22
CA THR A 5 -2.78 -14.16 14.41
C THR A 5 -4.02 -13.51 15.04
N GLU A 6 -5.12 -14.20 15.03
CA GLU A 6 -6.37 -13.63 15.62
C GLU A 6 -6.19 -13.41 17.14
N GLU A 7 -5.17 -13.99 17.71
CA GLU A 7 -4.95 -13.81 19.18
C GLU A 7 -4.59 -12.36 19.48
N GLN A 8 -4.01 -11.67 18.53
CA GLN A 8 -3.65 -10.24 18.76
C GLN A 8 -4.92 -9.38 18.81
N ILE A 9 -5.83 -9.60 17.90
CA ILE A 9 -7.09 -8.82 17.90
C ILE A 9 -7.87 -9.10 19.18
N ALA A 10 -8.04 -10.35 19.53
CA ALA A 10 -8.79 -10.69 20.77
C ALA A 10 -8.08 -10.07 21.98
N GLU A 11 -6.78 -9.96 21.93
CA GLU A 11 -6.04 -9.36 23.08
C GLU A 11 -6.44 -7.90 23.26
N PHE A 12 -6.39 -7.13 22.22
CA PHE A 12 -6.78 -5.69 22.33
C PHE A 12 -8.20 -5.57 22.88
N LYS A 13 -9.12 -6.33 22.34
CA LYS A 13 -10.53 -6.27 22.82
C LYS A 13 -10.60 -6.67 24.30
N GLU A 14 -9.68 -7.47 24.75
CA GLU A 14 -9.71 -7.91 26.19
C GLU A 14 -9.36 -6.72 27.09
N ALA A 15 -8.15 -6.24 27.02
CA ALA A 15 -7.77 -5.09 27.88
C ALA A 15 -8.82 -3.98 27.79
N PHE A 16 -9.35 -3.75 26.62
CA PHE A 16 -10.39 -2.70 26.47
C PHE A 16 -11.62 -3.05 27.31
N SER A 17 -12.04 -4.29 27.29
CA SER A 17 -13.23 -4.69 28.10
C SER A 17 -12.90 -4.54 29.59
N LEU A 18 -11.64 -4.49 29.93
CA LEU A 18 -11.26 -4.34 31.37
C LEU A 18 -11.22 -2.86 31.76
N PHE A 19 -10.88 -2.00 30.83
CA PHE A 19 -10.82 -0.54 31.15
C PHE A 19 -12.23 0.02 31.27
N ASP A 20 -13.10 -0.33 30.36
CA ASP A 20 -14.50 0.19 30.42
C ASP A 20 -15.27 -0.45 31.59
N LYS A 21 -15.83 0.35 32.46
CA LYS A 21 -16.59 -0.22 33.62
C LYS A 21 -18.10 -0.02 33.45
N ASP A 22 -18.53 1.20 33.19
CA ASP A 22 -19.98 1.46 33.01
C ASP A 22 -20.48 0.84 31.70
N GLY A 23 -19.59 0.62 30.77
CA GLY A 23 -20.01 0.01 29.48
C GLY A 23 -20.52 1.11 28.54
N ASP A 24 -19.76 2.16 28.36
CA ASP A 24 -20.21 3.25 27.45
C ASP A 24 -19.44 3.19 26.12
N GLY A 25 -18.83 2.07 25.81
CA GLY A 25 -18.07 1.95 24.54
C GLY A 25 -17.13 3.13 24.39
N THR A 26 -16.48 3.54 25.45
CA THR A 26 -15.54 4.69 25.37
C THR A 26 -14.65 4.74 26.63
N ILE A 27 -13.54 5.42 26.55
CA ILE A 27 -12.65 5.52 27.73
C ILE A 27 -12.43 7.00 28.12
N THR A 28 -12.85 7.37 29.29
CA THR A 28 -12.68 8.79 29.73
C THR A 28 -11.55 8.90 30.76
N THR A 29 -11.28 10.08 31.25
CA THR A 29 -10.19 10.23 32.25
C THR A 29 -10.61 9.64 33.60
N LYS A 30 -11.87 9.41 33.78
CA LYS A 30 -12.34 8.82 35.07
C LYS A 30 -12.03 7.33 35.11
N GLU A 31 -12.66 6.56 34.28
CA GLU A 31 -12.39 5.09 34.27
C GLU A 31 -10.89 4.87 34.08
N LEU A 32 -10.27 5.63 33.22
CA LEU A 32 -8.81 5.46 33.00
C LEU A 32 -8.07 5.80 34.29
N GLY A 33 -8.52 6.79 35.00
CA GLY A 33 -7.85 7.17 36.27
C GLY A 33 -7.72 5.93 37.14
N THR A 34 -8.75 5.12 37.21
CA THR A 34 -8.67 3.89 38.05
C THR A 34 -7.71 2.88 37.42
N VAL A 35 -7.82 2.67 36.13
CA VAL A 35 -6.92 1.69 35.44
C VAL A 35 -5.45 1.95 35.81
N MET A 36 -5.04 3.19 35.83
CA MET A 36 -3.63 3.51 36.18
C MET A 36 -3.46 3.60 37.69
N ARG A 37 -4.51 3.88 38.41
CA ARG A 37 -4.42 3.98 39.89
C ARG A 37 -4.19 2.60 40.50
N SER A 38 -4.44 1.56 39.75
CA SER A 38 -4.25 0.19 40.30
C SER A 38 -2.95 -0.41 39.75
N LEU A 39 -2.48 0.07 38.63
CA LEU A 39 -1.21 -0.47 38.05
C LEU A 39 -0.11 0.59 38.10
N GLY A 40 0.23 1.05 39.28
CA GLY A 40 1.29 2.09 39.39
C GLY A 40 0.70 3.38 39.96
N GLN A 41 0.32 3.37 41.21
CA GLN A 41 -0.27 4.59 41.82
C GLN A 41 0.73 5.75 41.74
N ASN A 42 0.48 6.69 40.87
CA ASN A 42 1.42 7.85 40.75
C ASN A 42 0.67 9.09 40.18
N PRO A 43 0.23 8.99 38.94
CA PRO A 43 -0.50 10.12 38.32
C PRO A 43 -1.88 10.29 38.98
N THR A 44 -2.53 11.39 38.74
CA THR A 44 -3.87 11.61 39.36
C THR A 44 -4.87 12.09 38.28
N GLU A 45 -5.11 13.39 38.21
CA GLU A 45 -6.07 13.89 37.19
C GLU A 45 -5.32 14.69 36.11
N ALA A 46 -4.43 15.56 36.52
CA ALA A 46 -3.67 16.35 35.52
C ALA A 46 -2.75 15.44 34.69
N GLU A 47 -1.82 14.81 35.34
CA GLU A 47 -0.90 13.89 34.59
C GLU A 47 -1.72 12.93 33.73
N LEU A 48 -2.81 12.44 34.27
CA LEU A 48 -3.66 11.51 33.48
C LEU A 48 -4.04 12.17 32.15
N GLN A 49 -4.60 13.35 32.20
CA GLN A 49 -4.98 14.06 30.95
C GLN A 49 -3.82 14.03 29.96
N ASP A 50 -2.62 14.21 30.44
CA ASP A 50 -1.44 14.18 29.51
C ASP A 50 -1.41 12.85 28.77
N MET A 51 -1.60 11.76 29.48
CA MET A 51 -1.59 10.43 28.80
C MET A 51 -2.72 10.34 27.79
N ILE A 52 -3.75 11.12 27.98
CA ILE A 52 -4.90 11.10 27.03
C ILE A 52 -4.56 11.94 25.79
N ASN A 53 -3.65 12.87 25.91
CA ASN A 53 -3.29 13.71 24.74
C ASN A 53 -2.34 12.94 23.82
N GLU A 54 -1.53 12.07 24.37
CA GLU A 54 -0.58 11.30 23.52
C GLU A 54 -1.33 10.17 22.79
N VAL A 55 -2.54 9.89 23.19
CA VAL A 55 -3.32 8.81 22.53
C VAL A 55 -4.37 9.43 21.58
N ASP A 56 -5.27 10.20 22.12
CA ASP A 56 -6.33 10.84 21.27
C ASP A 56 -5.69 11.43 20.01
N ALA A 57 -5.92 10.84 18.87
CA ALA A 57 -5.31 11.37 17.61
C ALA A 57 -6.39 12.01 16.73
N ASP A 58 -7.55 12.25 17.27
CA ASP A 58 -8.64 12.87 16.46
C ASP A 58 -8.91 14.30 16.95
N GLY A 59 -9.28 14.44 18.19
CA GLY A 59 -9.56 15.80 18.74
C GLY A 59 -10.89 15.78 19.49
N ASN A 60 -11.09 14.79 20.33
CA ASN A 60 -12.37 14.71 21.09
C ASN A 60 -12.10 14.61 22.59
N GLY A 61 -11.01 13.99 22.97
CA GLY A 61 -10.69 13.87 24.43
C GLY A 61 -10.70 12.39 24.83
N THR A 62 -11.82 11.72 24.67
CA THR A 62 -11.88 10.28 25.07
C THR A 62 -11.47 9.38 23.89
N ILE A 63 -11.31 8.12 24.13
CA ILE A 63 -10.91 7.19 23.02
C ILE A 63 -12.08 6.29 22.64
N ASP A 64 -12.13 5.84 21.41
CA ASP A 64 -13.25 4.96 20.98
C ASP A 64 -12.78 3.50 20.94
N PHE A 65 -13.65 2.59 20.59
CA PHE A 65 -13.27 1.16 20.53
C PHE A 65 -12.35 0.87 19.31
N PRO A 66 -12.68 1.45 18.17
CA PRO A 66 -11.86 1.23 16.96
C PRO A 66 -10.59 2.08 17.05
N GLU A 67 -10.67 3.21 17.69
CA GLU A 67 -9.48 4.07 17.82
C GLU A 67 -8.50 3.44 18.81
N PHE A 68 -9.00 2.56 19.64
CA PHE A 68 -8.11 1.89 20.63
C PHE A 68 -7.38 0.71 19.97
N LEU A 69 -8.10 -0.14 19.29
CA LEU A 69 -7.43 -1.29 18.62
C LEU A 69 -6.56 -0.80 17.46
N THR A 70 -6.78 0.39 16.99
CA THR A 70 -5.95 0.92 15.86
C THR A 70 -4.72 1.66 16.40
N MET A 71 -4.85 2.31 17.52
CA MET A 71 -3.68 3.05 18.09
C MET A 71 -2.71 2.08 18.76
N MET A 72 -3.19 0.95 19.20
CA MET A 72 -2.30 -0.05 19.87
C MET A 72 -1.59 -0.92 18.82
N ALA A 73 -2.25 -1.20 17.73
CA ALA A 73 -1.62 -2.04 16.67
C ALA A 73 -0.58 -1.22 15.90
N ARG A 74 -0.96 -0.09 15.41
CA ARG A 74 -0.01 0.76 14.66
C ARG A 74 0.31 2.03 15.46
N LYS A 75 1.09 1.88 16.51
CA LYS A 75 1.45 3.07 17.35
C LYS A 75 1.77 4.28 16.48
N MET A 76 0.79 5.13 16.27
CA MET A 76 1.03 6.34 15.42
C MET A 76 2.04 7.27 16.07
N LYS A 77 2.93 7.84 15.29
CA LYS A 77 3.95 8.76 15.87
C LYS A 77 3.53 10.22 15.66
N ASP A 78 2.99 10.54 14.51
CA ASP A 78 2.55 11.94 14.24
C ASP A 78 1.84 12.03 12.90
N THR A 79 2.48 11.61 11.85
CA THR A 79 1.83 11.67 10.50
C THR A 79 1.40 10.26 10.07
N ASP A 80 0.35 10.17 9.29
CA ASP A 80 -0.12 8.83 8.84
C ASP A 80 -0.56 8.88 7.38
N SER A 81 -0.11 7.95 6.58
CA SER A 81 -0.51 7.94 5.15
C SER A 81 -0.96 6.54 4.73
N GLU A 82 -1.96 6.45 3.89
CA GLU A 82 -2.44 5.11 3.46
C GLU A 82 -1.26 4.23 3.02
N GLU A 83 -0.25 4.82 2.47
CA GLU A 83 0.95 4.04 2.02
C GLU A 83 0.50 2.77 1.28
N GLU A 84 0.07 2.90 0.05
CA GLU A 84 -0.36 1.70 -0.71
C GLU A 84 0.85 0.85 -1.12
N ILE A 85 1.96 1.49 -1.37
CA ILE A 85 3.18 0.74 -1.77
C ILE A 85 3.47 -0.35 -0.73
N ARG A 86 3.37 -0.02 0.53
CA ARG A 86 3.63 -1.03 1.60
C ARG A 86 2.81 -2.29 1.33
N GLU A 87 1.54 -2.15 1.08
CA GLU A 87 0.69 -3.35 0.80
C GLU A 87 1.30 -4.17 -0.33
N ALA A 88 1.76 -3.51 -1.36
CA ALA A 88 2.35 -4.25 -2.51
C ALA A 88 3.57 -5.06 -2.06
N PHE A 89 4.60 -4.39 -1.60
CA PHE A 89 5.82 -5.13 -1.14
C PHE A 89 5.43 -6.31 -0.26
N ARG A 90 4.32 -6.22 0.42
CA ARG A 90 3.89 -7.35 1.29
C ARG A 90 3.56 -8.57 0.44
N VAL A 91 2.73 -8.40 -0.57
CA VAL A 91 2.38 -9.55 -1.45
C VAL A 91 3.58 -9.97 -2.30
N PHE A 92 4.56 -9.10 -2.44
CA PHE A 92 5.77 -9.46 -3.25
C PHE A 92 6.87 -10.02 -2.35
N ASP A 93 6.70 -9.95 -1.05
CA ASP A 93 7.75 -10.48 -0.14
C ASP A 93 7.11 -11.20 1.05
N LYS A 94 6.01 -11.87 0.83
CA LYS A 94 5.34 -12.58 1.95
C LYS A 94 5.91 -13.99 2.10
N ASP A 95 7.00 -14.29 1.43
CA ASP A 95 7.60 -15.65 1.54
C ASP A 95 8.50 -15.73 2.79
N GLY A 96 8.92 -14.60 3.29
CA GLY A 96 9.80 -14.61 4.51
C GLY A 96 11.24 -14.30 4.09
N ASN A 97 11.40 -13.54 3.04
CA ASN A 97 12.78 -13.20 2.57
C ASN A 97 13.17 -11.80 3.07
N GLY A 98 12.59 -10.77 2.52
CA GLY A 98 12.94 -9.39 2.98
C GLY A 98 13.13 -8.47 1.78
N TYR A 99 13.27 -9.03 0.60
CA TYR A 99 13.46 -8.16 -0.61
C TYR A 99 12.67 -8.72 -1.79
N ILE A 100 12.26 -7.89 -2.70
CA ILE A 100 11.46 -8.41 -3.87
C ILE A 100 12.40 -8.99 -4.92
N SER A 101 12.23 -10.24 -5.26
CA SER A 101 13.10 -10.86 -6.28
C SER A 101 12.28 -11.16 -7.54
N ALA A 102 12.92 -11.65 -8.58
CA ALA A 102 12.17 -11.96 -9.83
C ALA A 102 11.20 -13.12 -9.60
N ALA A 103 11.70 -14.24 -9.15
CA ALA A 103 10.80 -15.41 -8.90
C ALA A 103 9.59 -14.98 -8.05
N GLU A 104 9.83 -14.37 -6.93
CA GLU A 104 8.69 -13.94 -6.06
C GLU A 104 7.72 -13.08 -6.87
N LEU A 105 8.23 -12.17 -7.65
CA LEU A 105 7.34 -11.29 -8.47
C LEU A 105 6.46 -12.13 -9.40
N ARG A 106 7.00 -13.20 -9.95
CA ARG A 106 6.18 -14.05 -10.85
C ARG A 106 5.11 -14.79 -10.05
N HIS A 107 5.38 -15.05 -8.80
CA HIS A 107 4.39 -15.76 -7.93
C HIS A 107 3.21 -14.83 -7.63
N VAL A 108 3.47 -13.55 -7.57
CA VAL A 108 2.36 -12.58 -7.28
C VAL A 108 1.53 -12.34 -8.54
N MET A 109 2.17 -12.02 -9.63
CA MET A 109 1.42 -11.78 -10.89
C MET A 109 0.43 -12.91 -11.16
N THR A 110 0.85 -14.13 -10.97
CA THR A 110 -0.05 -15.28 -11.21
C THR A 110 -1.38 -15.06 -10.47
N ASN A 111 -1.31 -14.62 -9.25
CA ASN A 111 -2.56 -14.38 -8.48
C ASN A 111 -3.46 -13.38 -9.21
N LEU A 112 -2.89 -12.34 -9.76
CA LEU A 112 -3.71 -11.34 -10.49
C LEU A 112 -4.42 -11.99 -11.68
N GLY A 113 -3.68 -12.65 -12.54
CA GLY A 113 -4.32 -13.30 -13.73
C GLY A 113 -3.61 -12.86 -15.00
N GLU A 114 -2.30 -12.75 -14.96
CA GLU A 114 -1.56 -12.34 -16.19
C GLU A 114 -0.73 -13.50 -16.73
N LYS A 115 0.06 -13.26 -17.75
CA LYS A 115 0.88 -14.36 -18.32
C LYS A 115 2.24 -13.82 -18.77
N LEU A 116 3.16 -13.65 -17.87
CA LEU A 116 4.50 -13.12 -18.24
C LEU A 116 5.54 -14.23 -18.17
N THR A 117 6.66 -14.06 -18.82
CA THR A 117 7.72 -15.10 -18.79
C THR A 117 8.79 -14.74 -17.74
N ASP A 118 9.93 -15.37 -17.78
CA ASP A 118 11.00 -15.06 -16.79
C ASP A 118 11.77 -13.80 -17.24
N GLU A 119 12.11 -13.72 -18.49
CA GLU A 119 12.87 -12.54 -19.00
C GLU A 119 12.19 -11.24 -18.55
N GLU A 120 10.94 -11.08 -18.85
CA GLU A 120 10.22 -9.83 -18.47
C GLU A 120 10.47 -9.50 -16.98
N VAL A 121 10.07 -10.36 -16.10
CA VAL A 121 10.28 -10.09 -14.65
C VAL A 121 11.73 -9.64 -14.38
N ASP A 122 12.68 -10.23 -15.05
CA ASP A 122 14.09 -9.83 -14.83
C ASP A 122 14.27 -8.33 -15.08
N GLU A 123 13.74 -7.84 -16.18
CA GLU A 123 13.87 -6.38 -16.49
C GLU A 123 13.08 -5.56 -15.46
N MET A 124 12.06 -6.13 -14.86
CA MET A 124 11.25 -5.37 -13.86
C MET A 124 12.08 -5.15 -12.59
N ILE A 125 12.55 -6.20 -11.98
CA ILE A 125 13.36 -6.06 -10.75
C ILE A 125 14.58 -5.16 -11.00
N ARG A 126 15.10 -5.18 -12.19
CA ARG A 126 16.29 -4.33 -12.49
C ARG A 126 15.87 -2.86 -12.67
N GLU A 127 14.70 -2.63 -13.18
CA GLU A 127 14.24 -1.23 -13.38
C GLU A 127 13.95 -0.58 -12.02
N ALA A 128 13.48 -1.35 -11.07
CA ALA A 128 13.18 -0.77 -9.73
C ALA A 128 14.48 -0.63 -8.91
N ASP A 129 15.32 -1.61 -8.94
CA ASP A 129 16.59 -1.52 -8.17
C ASP A 129 17.41 -0.32 -8.65
N ILE A 130 17.33 0.78 -7.96
CA ILE A 130 18.11 1.99 -8.38
C ILE A 130 19.60 1.66 -8.48
N ASP A 131 20.13 0.94 -7.53
CA ASP A 131 21.59 0.58 -7.59
C ASP A 131 21.82 -0.54 -8.61
N GLY A 132 20.79 -1.22 -9.02
CA GLY A 132 20.93 -2.31 -10.01
C GLY A 132 21.95 -3.33 -9.50
N ASP A 133 21.74 -3.85 -8.32
CA ASP A 133 22.69 -4.85 -7.77
C ASP A 133 22.19 -6.28 -8.01
N GLY A 134 20.91 -6.44 -8.23
CA GLY A 134 20.36 -7.80 -8.50
C GLY A 134 19.14 -8.07 -7.61
N GLN A 135 18.76 -7.13 -6.79
CA GLN A 135 17.57 -7.36 -5.91
C GLN A 135 16.92 -6.03 -5.52
N VAL A 136 15.64 -6.04 -5.28
CA VAL A 136 14.94 -4.77 -4.90
C VAL A 136 14.75 -4.71 -3.38
N ASN A 137 14.88 -3.56 -2.80
CA ASN A 137 14.70 -3.43 -1.32
C ASN A 137 13.43 -2.62 -1.02
N TYR A 138 13.24 -2.25 0.21
CA TYR A 138 12.03 -1.45 0.57
C TYR A 138 12.19 0.00 0.11
N GLU A 139 13.22 0.67 0.55
CA GLU A 139 13.43 2.09 0.13
C GLU A 139 13.45 2.20 -1.40
N GLU A 140 14.27 1.42 -2.05
CA GLU A 140 14.34 1.49 -3.52
C GLU A 140 12.97 1.27 -4.16
N PHE A 141 12.26 0.26 -3.72
CA PHE A 141 10.91 0.00 -4.29
C PHE A 141 9.99 1.22 -4.08
N VAL A 142 10.27 2.01 -3.07
CA VAL A 142 9.40 3.20 -2.81
C VAL A 142 9.89 4.39 -3.64
N GLN A 143 11.13 4.39 -4.04
CA GLN A 143 11.68 5.52 -4.85
C GLN A 143 11.66 5.19 -6.35
N MET A 144 11.37 3.96 -6.70
CA MET A 144 11.37 3.59 -8.15
C MET A 144 9.96 3.77 -8.74
N MET A 145 8.94 3.60 -7.95
CA MET A 145 7.55 3.77 -8.48
C MET A 145 7.12 5.23 -8.33
N THR A 146 7.36 5.81 -7.19
CA THR A 146 6.98 7.24 -6.98
C THR A 146 7.94 8.14 -7.73
N ALA A 147 7.45 8.97 -8.60
CA ALA A 147 8.34 9.88 -9.37
C ALA A 147 7.52 10.85 -10.23
N LYS A 148 7.11 11.95 -9.66
CA LYS A 148 6.32 12.94 -10.44
C LYS A 148 7.24 13.92 -11.15
CA CA B . -16.98 3.59 29.49
CA CA C . -10.03 10.17 20.26
CA CA D . 12.08 -12.45 -0.71
CA CA E . 19.04 -2.70 -4.79
S1 WW7 F . -1.48 0.88 27.65
O1 WW7 F . -0.30 1.68 27.55
O2 WW7 F . -1.65 -0.21 26.74
N1 WW7 F . -1.36 0.12 29.20
C4 WW7 F . -5.58 3.23 27.62
C3 WW7 F . -5.50 1.78 27.63
C2 WW7 F . -4.21 1.10 27.64
C1 WW7 F . -2.96 1.86 27.64
C9 WW7 F . -3.00 3.33 27.63
C10 WW7 F . -4.36 4.03 27.61
CL1 WW7 F . -5.91 6.36 27.51
C5 WW7 F . -4.42 5.48 27.59
C6 WW7 F . -3.20 6.27 27.60
C7 WW7 F . -1.90 5.60 27.61
C8 WW7 F . -1.80 4.16 27.63
C11 WW7 F . -2.41 -0.82 29.59
C12 WW7 F . -1.92 -1.74 30.72
C14 WW7 F . -1.06 -1.81 33.06
C13 WW7 F . -1.63 -0.91 31.97
C15 WW7 F . 0.29 -2.38 32.60
C16 WW7 F . 0.89 -3.26 33.70
N2 WW7 F . 0.04 -4.39 34.05
HN1 WW7 F . -0.47 -0.36 29.25
H4 WW7 F . -6.55 3.71 27.62
H3 WW7 F . -6.40 1.19 27.64
H2 WW7 F . -4.16 0.02 27.66
H6 WW7 F . -3.25 7.34 27.57
H7 WW7 F . -1.00 6.20 27.62
H8 WW7 F . -0.81 3.73 27.65
H111 WW7 F . -3.27 -0.28 29.92
H112 WW7 F . -2.66 -1.42 28.72
H121 WW7 F . -2.68 -2.47 30.94
H122 WW7 F . -1.02 -2.24 30.40
H141 WW7 F . -1.73 -2.62 33.27
H142 WW7 F . -0.90 -1.23 33.96
H131 WW7 F . -0.92 -0.14 31.73
H132 WW7 F . -2.55 -0.46 32.32
H151 WW7 F . 0.14 -2.98 31.71
H152 WW7 F . 0.98 -1.57 32.37
H161 WW7 F . 1.03 -2.66 34.59
H162 WW7 F . 1.84 -3.65 33.38
HN21 WW7 F . 0.43 -4.91 34.83
HN22 WW7 F . -0.88 -4.07 34.32
S1 WW7 G . 3.67 -2.63 -9.67
O1 WW7 G . 3.04 -3.28 -10.78
O2 WW7 G . 4.07 -1.26 -9.77
N1 WW7 G . 2.50 -2.68 -8.39
C4 WW7 G . 7.27 -5.27 -8.12
C3 WW7 G . 5.94 -5.38 -7.56
C2 WW7 G . 4.84 -4.55 -8.06
C1 WW7 G . 5.06 -3.60 -9.14
C9 WW7 G . 6.38 -3.48 -9.74
C10 WW7 G . 7.52 -4.34 -9.22
CL1 WW7 G . 10.20 -5.16 -9.29
C5 WW7 G . 8.85 -4.22 -9.81
C6 WW7 G . 9.08 -3.29 -10.90
C7 WW7 G . 7.98 -2.45 -11.40
C8 WW7 G . 6.63 -2.54 -10.83
C11 WW7 G . 2.81 -2.07 -7.11
C12 WW7 G . 1.63 -2.14 -6.13
C14 WW7 G . -0.77 -1.55 -5.80
C13 WW7 G . 0.42 -1.44 -6.75
C15 WW7 G . -1.08 -3.02 -5.54
C16 WW7 G . -2.34 -3.14 -4.67
N2 WW7 G . -2.23 -2.44 -3.39
HN1 WW7 G . 2.20 -3.64 -8.25
H4 WW7 G . 8.07 -5.87 -7.73
H3 WW7 G . 5.77 -6.07 -6.76
H2 WW7 G . 3.86 -4.65 -7.63
H6 WW7 G . 10.06 -3.21 -11.32
H7 WW7 G . 8.17 -1.77 -12.21
H8 WW7 G . 5.85 -1.92 -11.22
H111 WW7 G . 3.66 -2.59 -6.68
H112 WW7 G . 3.06 -1.04 -7.28
H121 WW7 G . 1.39 -3.18 -5.95
H122 WW7 G . 1.90 -1.66 -5.20
H141 WW7 G . -1.63 -1.07 -6.24
H142 WW7 G . -0.54 -1.05 -4.87
H131 WW7 G . 0.66 -0.40 -6.91
H132 WW7 G . 0.18 -1.91 -7.69
H151 WW7 G . -1.25 -3.53 -6.47
H152 WW7 G . -0.25 -3.48 -5.02
H161 WW7 G . -2.55 -4.17 -4.47
H162 WW7 G . -3.18 -2.70 -5.20
HN21 WW7 G . -2.13 -1.44 -3.54
HN22 WW7 G . -3.08 -2.56 -2.86
N ALA A 1 -25.13 -4.66 -33.22
CA ALA A 1 -25.00 -5.83 -32.30
C ALA A 1 -25.18 -5.39 -30.85
N ASP A 2 -25.04 -6.29 -29.91
CA ASP A 2 -25.21 -5.92 -28.49
C ASP A 2 -24.07 -6.53 -27.66
N GLN A 3 -23.20 -5.70 -27.13
CA GLN A 3 -22.07 -6.23 -26.31
C GLN A 3 -21.96 -5.46 -24.99
N LEU A 4 -22.91 -5.66 -24.12
CA LEU A 4 -22.88 -4.93 -22.82
C LEU A 4 -23.32 -5.86 -21.68
N THR A 5 -23.26 -5.40 -20.46
CA THR A 5 -23.69 -6.25 -19.32
C THR A 5 -24.89 -5.62 -18.61
N GLU A 6 -25.87 -6.40 -18.26
CA GLU A 6 -27.07 -5.85 -17.57
C GLU A 6 -26.74 -5.51 -16.10
N GLU A 7 -25.65 -6.02 -15.60
CA GLU A 7 -25.29 -5.72 -14.18
C GLU A 7 -25.03 -4.22 -14.00
N GLN A 8 -24.59 -3.56 -15.03
CA GLN A 8 -24.32 -2.11 -14.92
C GLN A 8 -25.64 -1.32 -14.86
N ILE A 9 -26.50 -1.53 -15.81
CA ILE A 9 -27.80 -0.80 -15.80
C ILE A 9 -28.52 -1.01 -14.47
N ALA A 10 -28.54 -2.23 -13.99
CA ALA A 10 -29.23 -2.50 -12.69
C ALA A 10 -28.55 -1.71 -11.58
N GLU A 11 -27.25 -1.58 -11.66
CA GLU A 11 -26.52 -0.81 -10.62
C GLU A 11 -26.98 0.65 -10.63
N PHE A 12 -27.23 1.19 -11.80
CA PHE A 12 -27.68 2.61 -11.88
C PHE A 12 -29.14 2.72 -11.41
N LYS A 13 -29.87 1.64 -11.46
CA LYS A 13 -31.29 1.68 -11.00
C LYS A 13 -31.34 1.79 -9.47
N GLU A 14 -30.47 1.08 -8.80
CA GLU A 14 -30.45 1.13 -7.30
C GLU A 14 -29.93 2.49 -6.84
N ALA A 15 -28.95 3.02 -7.50
CA ALA A 15 -28.40 4.35 -7.09
C ALA A 15 -29.45 5.43 -7.28
N PHE A 16 -30.01 5.52 -8.46
CA PHE A 16 -31.06 6.56 -8.71
C PHE A 16 -32.19 6.42 -7.68
N SER A 17 -32.55 5.21 -7.35
CA SER A 17 -33.64 5.01 -6.36
C SER A 17 -33.18 5.46 -4.98
N LEU A 18 -31.90 5.35 -4.71
CA LEU A 18 -31.39 5.78 -3.37
C LEU A 18 -31.56 7.30 -3.20
N PHE A 19 -31.35 8.05 -4.24
CA PHE A 19 -31.51 9.54 -4.14
C PHE A 19 -32.99 9.91 -4.12
N ASP A 20 -33.70 9.59 -5.18
CA ASP A 20 -35.15 9.93 -5.23
C ASP A 20 -35.84 9.44 -3.94
N LYS A 21 -36.31 10.35 -3.13
CA LYS A 21 -36.99 9.93 -1.87
C LYS A 21 -38.50 10.20 -1.94
N ASP A 22 -38.88 11.34 -2.48
CA ASP A 22 -40.33 11.66 -2.57
C ASP A 22 -41.00 10.79 -3.64
N GLY A 23 -40.30 10.45 -4.68
CA GLY A 23 -40.90 9.59 -5.75
C GLY A 23 -41.34 10.46 -6.93
N ASP A 24 -40.41 10.94 -7.70
CA ASP A 24 -40.77 11.79 -8.87
C ASP A 24 -39.85 11.49 -10.07
N GLY A 25 -39.14 10.38 -10.01
CA GLY A 25 -38.23 10.02 -11.14
C GLY A 25 -37.34 11.21 -11.51
N THR A 26 -36.94 12.00 -10.55
CA THR A 26 -36.06 13.16 -10.85
C THR A 26 -35.27 13.57 -9.60
N ILE A 27 -34.09 14.10 -9.77
CA ILE A 27 -33.28 14.51 -8.59
C ILE A 27 -33.13 16.03 -8.55
N THR A 28 -33.56 16.65 -7.49
CA THR A 28 -33.43 18.13 -7.39
C THR A 28 -32.63 18.50 -6.14
N THR A 29 -32.49 19.77 -5.84
CA THR A 29 -31.72 20.17 -4.63
C THR A 29 -32.39 19.61 -3.36
N LYS A 30 -33.67 19.38 -3.40
CA LYS A 30 -34.36 18.84 -2.21
C LYS A 30 -33.94 17.39 -1.97
N GLU A 31 -34.19 16.52 -2.91
CA GLU A 31 -33.79 15.09 -2.74
C GLU A 31 -32.28 15.00 -2.51
N LEU A 32 -31.51 15.43 -3.48
CA LEU A 32 -30.03 15.38 -3.33
C LEU A 32 -29.62 16.03 -2.00
N GLY A 33 -30.34 17.04 -1.58
CA GLY A 33 -29.99 17.70 -0.29
C GLY A 33 -30.03 16.67 0.83
N THR A 34 -31.04 15.85 0.86
CA THR A 34 -31.12 14.81 1.93
C THR A 34 -30.16 13.66 1.61
N VAL A 35 -29.71 13.57 0.39
CA VAL A 35 -28.77 12.47 0.02
C VAL A 35 -27.38 12.76 0.60
N MET A 36 -26.96 13.99 0.58
CA MET A 36 -25.61 14.33 1.12
C MET A 36 -25.71 14.68 2.60
N ARG A 37 -26.83 15.16 3.04
CA ARG A 37 -26.98 15.54 4.49
C ARG A 37 -27.33 14.30 5.31
N SER A 38 -27.95 13.32 4.72
CA SER A 38 -28.30 12.08 5.49
C SER A 38 -27.07 11.54 6.21
N LEU A 39 -25.91 11.71 5.63
CA LEU A 39 -24.68 11.20 6.29
C LEU A 39 -23.45 11.94 5.74
N GLY A 40 -23.32 13.19 6.06
CA GLY A 40 -22.15 13.97 5.57
C GLY A 40 -22.26 15.42 6.02
N GLN A 41 -23.25 16.12 5.56
CA GLN A 41 -23.41 17.55 5.96
C GLN A 41 -22.13 18.33 5.66
N ASN A 42 -21.30 17.83 4.79
CA ASN A 42 -20.04 18.54 4.45
C ASN A 42 -20.34 19.78 3.59
N PRO A 43 -20.97 19.56 2.46
CA PRO A 43 -21.31 20.68 1.56
C PRO A 43 -22.44 21.53 2.18
N THR A 44 -23.00 22.43 1.41
CA THR A 44 -24.09 23.29 1.95
C THR A 44 -25.23 23.38 0.93
N GLU A 45 -26.25 24.14 1.21
CA GLU A 45 -27.37 24.27 0.24
C GLU A 45 -26.90 24.99 -1.03
N ALA A 46 -26.27 26.12 -0.88
CA ALA A 46 -25.79 26.87 -2.08
C ALA A 46 -24.77 26.03 -2.85
N GLU A 47 -23.71 25.63 -2.19
CA GLU A 47 -22.68 24.81 -2.87
C GLU A 47 -23.35 23.62 -3.55
N LEU A 48 -24.38 23.09 -2.94
CA LEU A 48 -25.10 21.94 -3.54
C LEU A 48 -25.72 22.37 -4.87
N GLN A 49 -26.34 23.51 -4.90
CA GLN A 49 -26.95 24.00 -6.16
C GLN A 49 -25.92 23.91 -7.28
N ASP A 50 -24.71 24.30 -7.00
CA ASP A 50 -23.65 24.21 -8.04
C ASP A 50 -23.43 22.75 -8.42
N MET A 51 -23.35 21.88 -7.44
CA MET A 51 -23.15 20.43 -7.75
C MET A 51 -24.30 19.92 -8.62
N ILE A 52 -25.39 20.63 -8.65
CA ILE A 52 -26.55 20.19 -9.48
C ILE A 52 -26.45 20.78 -10.90
N ASN A 53 -25.83 21.93 -11.02
CA ASN A 53 -25.69 22.56 -12.37
C ASN A 53 -24.63 21.82 -13.21
N GLU A 54 -23.68 21.21 -12.56
CA GLU A 54 -22.62 20.49 -13.33
C GLU A 54 -23.18 19.17 -13.90
N VAL A 55 -24.36 18.78 -13.52
CA VAL A 55 -24.93 17.51 -14.04
C VAL A 55 -26.14 17.80 -14.95
N ASP A 56 -26.76 18.94 -14.78
CA ASP A 56 -27.95 19.27 -15.64
C ASP A 56 -27.49 20.03 -16.88
N ALA A 57 -27.55 19.41 -18.03
CA ALA A 57 -27.13 20.10 -19.28
C ALA A 57 -28.35 20.38 -20.16
N ASP A 58 -29.54 20.31 -19.61
CA ASP A 58 -30.76 20.57 -20.43
C ASP A 58 -31.24 22.00 -20.21
N GLY A 59 -31.75 22.31 -19.05
CA GLY A 59 -32.23 23.70 -18.79
C GLY A 59 -33.23 23.70 -17.64
N ASN A 60 -33.84 22.58 -17.36
CA ASN A 60 -34.83 22.54 -16.23
C ASN A 60 -34.11 22.69 -14.89
N GLY A 61 -32.83 22.39 -14.85
CA GLY A 61 -32.08 22.53 -13.57
C GLY A 61 -31.97 21.18 -12.87
N THR A 62 -33.03 20.41 -12.86
CA THR A 62 -32.98 19.08 -12.18
C THR A 62 -32.52 18.00 -13.16
N ILE A 63 -32.24 16.83 -12.66
CA ILE A 63 -31.79 15.72 -13.56
C ILE A 63 -32.93 14.73 -13.77
N ASP A 64 -32.96 14.06 -14.89
CA ASP A 64 -34.05 13.08 -15.15
C ASP A 64 -33.49 11.66 -15.16
N PHE A 65 -34.26 10.71 -15.62
CA PHE A 65 -33.76 9.31 -15.67
C PHE A 65 -32.73 9.11 -16.80
N PRO A 66 -33.02 9.67 -17.97
CA PRO A 66 -32.08 9.52 -19.10
C PRO A 66 -30.85 10.42 -18.88
N GLU A 67 -31.03 11.52 -18.21
CA GLU A 67 -29.87 12.42 -17.95
C GLU A 67 -28.99 11.80 -16.87
N PHE A 68 -29.59 11.00 -16.03
CA PHE A 68 -28.83 10.35 -14.93
C PHE A 68 -27.97 9.20 -15.49
N LEU A 69 -28.52 8.40 -16.36
CA LEU A 69 -27.74 7.27 -16.94
C LEU A 69 -26.83 7.75 -18.06
N THR A 70 -27.09 8.93 -18.58
CA THR A 70 -26.24 9.45 -19.69
C THR A 70 -24.99 10.13 -19.13
N MET A 71 -25.09 10.77 -17.99
CA MET A 71 -23.89 11.45 -17.42
C MET A 71 -23.09 10.48 -16.53
N MET A 72 -23.75 9.54 -15.91
CA MET A 72 -23.02 8.57 -15.03
C MET A 72 -22.39 7.46 -15.87
N ALA A 73 -22.74 7.37 -17.13
CA ALA A 73 -22.15 6.30 -17.99
C ALA A 73 -20.64 6.54 -18.16
N ARG A 74 -20.20 7.76 -17.96
CA ARG A 74 -18.75 8.06 -18.11
C ARG A 74 -18.10 8.35 -16.75
N LYS A 75 -18.12 7.40 -15.85
CA LYS A 75 -17.53 7.63 -14.50
C LYS A 75 -16.08 7.11 -14.47
N MET A 76 -15.23 7.74 -13.70
CA MET A 76 -13.80 7.26 -13.64
C MET A 76 -13.44 6.80 -12.23
N LYS A 77 -12.33 6.12 -12.09
CA LYS A 77 -11.91 5.64 -10.74
C LYS A 77 -10.77 6.51 -10.20
N ASP A 78 -10.89 6.99 -8.99
CA ASP A 78 -9.82 7.85 -8.41
C ASP A 78 -10.11 8.15 -6.95
N THR A 79 -9.32 7.60 -6.05
CA THR A 79 -9.56 7.85 -4.60
C THR A 79 -8.25 8.26 -3.92
N ASP A 80 -8.34 9.02 -2.87
CA ASP A 80 -7.10 9.47 -2.15
C ASP A 80 -6.28 8.27 -1.68
N SER A 81 -5.03 8.20 -2.06
CA SER A 81 -4.18 7.05 -1.62
C SER A 81 -3.53 7.38 -0.28
N GLU A 82 -3.62 6.48 0.67
CA GLU A 82 -3.00 6.74 2.01
C GLU A 82 -1.96 5.65 2.33
N GLU A 83 -2.11 4.49 1.77
CA GLU A 83 -1.15 3.39 2.05
C GLU A 83 -1.16 2.38 0.91
N GLU A 84 -0.56 2.71 -0.20
CA GLU A 84 -0.55 1.77 -1.36
C GLU A 84 0.84 1.12 -1.52
N ILE A 85 1.88 1.90 -1.45
CA ILE A 85 3.26 1.33 -1.61
C ILE A 85 3.51 0.29 -0.52
N ARG A 86 3.24 0.61 0.72
CA ARG A 86 3.48 -0.36 1.82
C ARG A 86 2.72 -1.66 1.54
N GLU A 87 1.44 -1.57 1.31
CA GLU A 87 0.63 -2.81 1.04
C GLU A 87 1.35 -3.69 0.02
N ALA A 88 1.91 -3.10 -1.00
CA ALA A 88 2.63 -3.91 -2.04
C ALA A 88 3.77 -4.69 -1.39
N PHE A 89 4.70 -4.01 -0.79
CA PHE A 89 5.84 -4.72 -0.13
C PHE A 89 5.33 -5.84 0.78
N ARG A 90 4.12 -5.74 1.23
CA ARG A 90 3.56 -6.80 2.12
C ARG A 90 3.18 -8.06 1.32
N VAL A 91 2.53 -7.90 0.20
CA VAL A 91 2.13 -9.10 -0.60
C VAL A 91 3.32 -9.66 -1.41
N PHE A 92 4.33 -8.87 -1.60
CA PHE A 92 5.52 -9.36 -2.38
C PHE A 92 6.53 -10.01 -1.42
N ASP A 93 6.50 -9.62 -0.18
CA ASP A 93 7.44 -10.22 0.81
C ASP A 93 6.68 -11.19 1.73
N LYS A 94 6.63 -12.45 1.39
CA LYS A 94 5.88 -13.42 2.25
C LYS A 94 6.83 -14.21 3.16
N ASP A 95 8.01 -14.50 2.70
CA ASP A 95 8.97 -15.29 3.55
C ASP A 95 9.44 -14.45 4.75
N GLY A 96 9.67 -13.18 4.54
CA GLY A 96 10.13 -12.32 5.67
C GLY A 96 11.62 -11.99 5.50
N ASN A 97 12.03 -11.69 4.29
CA ASN A 97 13.47 -11.36 4.06
C ASN A 97 13.62 -9.87 3.71
N GLY A 98 12.54 -9.22 3.37
CA GLY A 98 12.63 -7.77 3.01
C GLY A 98 13.36 -7.62 1.67
N TYR A 99 13.03 -8.45 0.72
CA TYR A 99 13.70 -8.37 -0.61
C TYR A 99 12.82 -9.01 -1.68
N ILE A 100 12.38 -8.24 -2.64
CA ILE A 100 11.53 -8.82 -3.72
C ILE A 100 12.41 -9.37 -4.85
N SER A 101 12.43 -10.65 -5.03
CA SER A 101 13.28 -11.23 -6.12
C SER A 101 12.43 -11.54 -7.36
N ALA A 102 13.04 -11.65 -8.50
CA ALA A 102 12.27 -11.94 -9.74
C ALA A 102 11.50 -13.25 -9.58
N ALA A 103 11.87 -14.07 -8.64
CA ALA A 103 11.16 -15.36 -8.43
C ALA A 103 9.80 -15.10 -7.78
N GLU A 104 9.80 -14.65 -6.56
CA GLU A 104 8.50 -14.36 -5.86
C GLU A 104 7.63 -13.47 -6.74
N LEU A 105 8.24 -12.53 -7.40
CA LEU A 105 7.47 -11.60 -8.28
C LEU A 105 6.84 -12.37 -9.45
N ARG A 106 7.57 -13.29 -10.03
CA ARG A 106 7.02 -14.08 -11.16
C ARG A 106 5.86 -14.95 -10.69
N HIS A 107 5.83 -15.25 -9.42
CA HIS A 107 4.73 -16.11 -8.88
C HIS A 107 3.61 -15.22 -8.32
N VAL A 108 3.87 -13.96 -8.13
CA VAL A 108 2.82 -13.05 -7.59
C VAL A 108 1.89 -12.57 -8.71
N MET A 109 2.46 -12.10 -9.79
CA MET A 109 1.61 -11.62 -10.92
C MET A 109 0.73 -12.75 -11.44
N THR A 110 1.31 -13.85 -11.82
CA THR A 110 0.50 -14.99 -12.35
C THR A 110 -0.67 -15.31 -11.40
N ASN A 111 -0.49 -15.07 -10.13
CA ASN A 111 -1.59 -15.35 -9.17
C ASN A 111 -2.69 -14.30 -9.29
N LEU A 112 -2.36 -13.06 -9.09
CA LEU A 112 -3.39 -11.99 -9.19
C LEU A 112 -4.22 -12.16 -10.47
N GLY A 113 -3.67 -11.80 -11.60
CA GLY A 113 -4.43 -11.95 -12.88
C GLY A 113 -3.59 -11.40 -14.04
N GLU A 114 -2.32 -11.70 -14.06
CA GLU A 114 -1.46 -11.20 -15.17
C GLU A 114 -0.74 -12.37 -15.85
N LYS A 115 -0.28 -12.18 -17.05
CA LYS A 115 0.43 -13.28 -17.76
C LYS A 115 1.77 -12.79 -18.33
N LEU A 116 2.65 -12.33 -17.48
CA LEU A 116 3.97 -11.83 -17.96
C LEU A 116 4.90 -13.02 -18.21
N THR A 117 6.15 -12.75 -18.54
CA THR A 117 7.10 -13.87 -18.79
C THR A 117 8.36 -13.71 -17.93
N ASP A 118 9.22 -14.67 -17.95
CA ASP A 118 10.47 -14.58 -17.13
C ASP A 118 11.28 -13.34 -17.53
N GLU A 119 11.32 -13.04 -18.80
CA GLU A 119 12.09 -11.84 -19.26
C GLU A 119 11.53 -10.55 -18.65
N GLU A 120 10.35 -10.16 -19.03
CA GLU A 120 9.75 -8.90 -18.48
C GLU A 120 9.88 -8.85 -16.95
N VAL A 121 9.55 -9.91 -16.27
CA VAL A 121 9.65 -9.90 -14.78
C VAL A 121 11.07 -9.51 -14.35
N ASP A 122 12.07 -10.12 -14.92
CA ASP A 122 13.48 -9.78 -14.54
C ASP A 122 13.76 -8.31 -14.87
N GLU A 123 13.12 -7.79 -15.89
CA GLU A 123 13.36 -6.37 -16.25
C GLU A 123 12.75 -5.46 -15.19
N MET A 124 11.67 -5.87 -14.59
CA MET A 124 11.03 -5.04 -13.53
C MET A 124 11.96 -4.94 -12.31
N ILE A 125 12.39 -6.06 -11.80
CA ILE A 125 13.30 -6.02 -10.62
C ILE A 125 14.59 -5.26 -10.96
N ARG A 126 14.98 -5.27 -12.21
CA ARG A 126 16.21 -4.53 -12.60
C ARG A 126 15.92 -3.02 -12.72
N GLU A 127 14.69 -2.68 -13.03
CA GLU A 127 14.33 -1.25 -13.15
C GLU A 127 14.25 -0.61 -11.76
N ALA A 128 13.93 -1.37 -10.76
CA ALA A 128 13.83 -0.81 -9.38
C ALA A 128 15.14 -1.02 -8.63
N ASP A 129 15.92 -2.00 -9.02
CA ASP A 129 17.20 -2.26 -8.31
C ASP A 129 18.24 -1.19 -8.65
N ILE A 130 18.35 -0.18 -7.83
CA ILE A 130 19.35 0.89 -8.09
C ILE A 130 20.68 0.58 -7.39
N ASP A 131 20.71 -0.42 -6.54
CA ASP A 131 21.97 -0.77 -5.83
C ASP A 131 22.08 -2.28 -5.51
N GLY A 132 20.99 -3.00 -5.53
CA GLY A 132 21.05 -4.46 -5.23
C GLY A 132 21.18 -5.23 -6.53
N ASP A 133 20.30 -4.96 -7.47
CA ASP A 133 20.37 -5.66 -8.76
C ASP A 133 20.20 -7.15 -8.53
N GLY A 134 19.08 -7.67 -8.89
CA GLY A 134 18.79 -9.10 -8.65
C GLY A 134 17.90 -9.18 -7.41
N GLN A 135 18.00 -8.18 -6.55
CA GLN A 135 17.16 -8.13 -5.33
C GLN A 135 16.68 -6.69 -5.09
N VAL A 136 15.43 -6.52 -4.78
CA VAL A 136 14.89 -5.15 -4.53
C VAL A 136 14.66 -4.90 -3.04
N ASN A 137 14.93 -3.72 -2.56
CA ASN A 137 14.73 -3.43 -1.11
C ASN A 137 13.58 -2.41 -0.95
N TYR A 138 13.31 -1.99 0.26
CA TYR A 138 12.20 -1.01 0.47
C TYR A 138 12.56 0.33 -0.17
N GLU A 139 13.80 0.72 -0.12
CA GLU A 139 14.20 2.03 -0.71
C GLU A 139 14.17 1.95 -2.25
N GLU A 140 14.52 0.81 -2.80
CA GLU A 140 14.50 0.67 -4.28
C GLU A 140 13.07 0.65 -4.81
N PHE A 141 12.15 0.14 -4.04
CA PHE A 141 10.74 0.07 -4.51
C PHE A 141 10.06 1.45 -4.33
N VAL A 142 10.47 2.22 -3.36
CA VAL A 142 9.84 3.56 -3.14
C VAL A 142 10.41 4.59 -4.12
N GLN A 143 11.58 4.35 -4.64
CA GLN A 143 12.18 5.33 -5.60
C GLN A 143 11.84 4.95 -7.05
N MET A 144 11.70 3.69 -7.32
CA MET A 144 11.38 3.26 -8.72
C MET A 144 9.89 3.46 -9.01
N MET A 145 9.07 3.36 -8.01
CA MET A 145 7.60 3.55 -8.22
C MET A 145 7.24 5.02 -8.05
N THR A 146 7.52 5.59 -6.90
CA THR A 146 7.20 7.02 -6.67
C THR A 146 8.48 7.85 -6.66
N ALA A 147 8.76 8.53 -7.72
CA ALA A 147 10.00 9.36 -7.78
C ALA A 147 9.65 10.82 -8.04
N LYS A 148 10.18 11.72 -7.26
CA LYS A 148 9.88 13.17 -7.47
C LYS A 148 10.71 13.72 -8.64
CA CA B . -37.12 12.16 -6.51
CA CA C . -31.70 18.22 -17.08
CA CA D . 10.78 -11.89 -0.29
CA CA E . 19.11 -3.40 -6.20
S1 WW7 F . -21.97 10.81 -7.21
O1 WW7 F . -21.10 11.74 -6.54
O2 WW7 F . -21.53 10.15 -8.39
N1 WW7 F . -22.21 9.54 -6.05
C4 WW7 F . -26.27 12.64 -7.84
C3 WW7 F . -26.08 11.23 -7.50
C2 WW7 F . -24.73 10.69 -7.30
C1 WW7 F . -23.56 11.53 -7.45
C9 WW7 F . -23.71 12.94 -7.80
C10 WW7 F . -25.10 13.50 -8.00
CL1 WW7 F . -26.81 15.65 -8.61
C5 WW7 F . -25.26 14.91 -8.36
C6 WW7 F . -24.09 15.75 -8.52
C7 WW7 F . -22.75 15.20 -8.32
C8 WW7 F . -22.55 13.81 -7.96
C11 WW7 F . -22.82 9.93 -4.78
C12 WW7 F . -23.27 8.73 -3.95
C14 WW7 F . -24.39 8.02 -1.84
C13 WW7 F . -23.92 9.22 -2.66
C15 WW7 F . -25.05 8.51 -0.55
C16 WW7 F . -25.51 7.30 0.26
N2 WW7 F . -26.16 7.67 1.52
HN1 WW7 F . -22.79 8.83 -6.48
H4 WW7 F . -27.26 13.03 -7.97
H3 WW7 F . -26.94 10.59 -7.39
H2 WW7 F . -24.61 9.64 -7.03
H6 WW7 F . -24.21 16.78 -8.78
H7 WW7 F . -21.88 15.84 -8.44
H8 WW7 F . -21.56 13.40 -7.83
H111 WW7 F . -22.08 10.49 -4.21
H112 WW7 F . -23.66 10.56 -5.01
H121 WW7 F . -23.99 8.16 -4.52
H122 WW7 F . -22.43 8.10 -3.71
H141 WW7 F . -23.55 7.40 -1.60
H142 WW7 F . -25.11 7.46 -2.42
H131 WW7 F . -23.20 9.79 -2.09
H132 WW7 F . -24.77 9.85 -2.90
H151 WW7 F . -24.34 9.08 0.03
H152 WW7 F . -25.91 9.13 -0.80
H161 WW7 F . -24.67 6.68 0.51
H162 WW7 F . -26.23 6.72 -0.30
HN21 WW7 F . -26.34 6.84 2.08
HN22 WW7 F . -27.06 8.09 1.35
S1 WW7 G . 3.71 -3.17 -9.62
O1 WW7 G . 2.67 -4.17 -9.61
O2 WW7 G . 4.06 -2.53 -10.86
N1 WW7 G . 3.09 -1.89 -8.64
C4 WW7 G . 7.34 -4.97 -7.18
C3 WW7 G . 5.96 -5.17 -6.79
C2 WW7 G . 4.88 -4.61 -7.60
C1 WW7 G . 5.15 -3.84 -8.80
C9 WW7 G . 6.54 -3.62 -9.22
C10 WW7 G . 7.65 -4.20 -8.38
CL1 WW7 G . 10.39 -4.64 -7.88
C5 WW7 G . 9.05 -4.01 -8.77
C6 WW7 G . 9.36 -3.27 -9.98
C7 WW7 G . 8.30 -2.71 -10.80
C8 WW7 G . 6.89 -2.87 -10.43
C11 WW7 G . 2.47 -2.23 -7.35
C12 WW7 G . 2.39 -1.04 -6.39
C14 WW7 G . 0.18 -0.38 -7.37
C13 WW7 G . 1.60 0.11 -7.04
C15 WW7 G . -0.61 0.77 -8.01
C16 WW7 G . -2.01 0.29 -8.37
N2 WW7 G . -2.77 -0.13 -7.20
HN1 WW7 G . 2.40 -1.36 -9.18
H4 WW7 G . 8.14 -5.36 -6.57
H3 WW7 G . 5.74 -5.74 -5.90
H2 WW7 G . 3.85 -4.76 -7.27
H6 WW7 G . 10.40 -3.15 -10.26
H7 WW7 G . 8.55 -2.17 -11.70
H8 WW7 G . 6.16 -2.44 -11.08
H111 WW7 G . 1.47 -2.59 -7.56
H112 WW7 G . 3.05 -3.02 -6.90
H121 WW7 G . 1.90 -1.34 -5.48
H122 WW7 G . 3.39 -0.70 -6.17
H141 WW7 G . -0.31 -0.69 -6.46
H142 WW7 G . 0.23 -1.22 -8.05
H131 WW7 G . 1.55 0.94 -6.37
H132 WW7 G . 2.09 0.41 -7.95
H151 WW7 G . -0.66 1.59 -7.33
H152 WW7 G . -0.10 1.09 -8.91
H161 WW7 G . -1.95 -0.55 -9.06
H162 WW7 G . -2.56 1.10 -8.84
HN21 WW7 G . -3.70 -0.44 -7.47
HN22 WW7 G . -2.33 -0.91 -6.74
N ALA A 1 -11.54 18.70 16.45
CA ALA A 1 -11.44 19.02 14.99
C ALA A 1 -12.49 20.07 14.60
N ASP A 2 -12.41 21.24 15.17
CA ASP A 2 -13.41 22.30 14.83
C ASP A 2 -12.80 23.69 15.06
N GLN A 3 -12.39 23.98 16.28
CA GLN A 3 -11.79 25.32 16.56
C GLN A 3 -10.31 25.15 16.98
N LEU A 4 -9.60 26.23 17.07
CA LEU A 4 -8.16 26.14 17.47
C LEU A 4 -8.03 25.93 18.98
N THR A 5 -6.84 26.04 19.51
CA THR A 5 -6.65 25.84 20.98
C THR A 5 -6.90 27.16 21.74
N GLU A 6 -7.69 27.11 22.77
CA GLU A 6 -7.97 28.36 23.54
C GLU A 6 -6.65 28.95 24.05
N GLU A 7 -5.62 28.14 24.13
CA GLU A 7 -4.30 28.66 24.62
C GLU A 7 -3.66 29.52 23.54
N GLN A 8 -3.65 29.04 22.32
CA GLN A 8 -3.05 29.83 21.21
C GLN A 8 -3.87 31.09 20.98
N ILE A 9 -5.15 30.95 20.75
CA ILE A 9 -6.00 32.14 20.53
C ILE A 9 -5.83 33.13 21.69
N ALA A 10 -5.79 32.64 22.89
CA ALA A 10 -5.61 33.55 24.06
C ALA A 10 -4.29 34.32 23.92
N GLU A 11 -3.27 33.69 23.40
CA GLU A 11 -1.97 34.39 23.24
C GLU A 11 -2.14 35.59 22.29
N PHE A 12 -2.66 35.35 21.12
CA PHE A 12 -2.86 36.47 20.16
C PHE A 12 -3.69 37.57 20.82
N LYS A 13 -4.64 37.19 21.64
CA LYS A 13 -5.49 38.21 22.32
C LYS A 13 -4.61 39.13 23.18
N GLU A 14 -3.68 38.56 23.89
CA GLU A 14 -2.79 39.39 24.75
C GLU A 14 -2.00 40.38 23.88
N ALA A 15 -1.58 39.95 22.73
CA ALA A 15 -0.80 40.86 21.83
C ALA A 15 -1.69 42.05 21.43
N PHE A 16 -2.91 41.79 21.04
CA PHE A 16 -3.81 42.91 20.65
C PHE A 16 -3.98 43.89 21.82
N SER A 17 -4.24 43.38 22.99
CA SER A 17 -4.41 44.29 24.17
C SER A 17 -3.12 45.08 24.37
N LEU A 18 -2.01 44.54 23.95
CA LEU A 18 -0.71 45.26 24.11
C LEU A 18 -0.63 46.40 23.09
N PHE A 19 -1.20 46.21 21.92
CA PHE A 19 -1.17 47.28 20.88
C PHE A 19 -2.27 48.31 21.16
N ASP A 20 -3.50 47.94 21.02
CA ASP A 20 -4.62 48.90 21.29
C ASP A 20 -4.53 49.41 22.73
N LYS A 21 -4.29 50.68 22.92
CA LYS A 21 -4.20 51.24 24.30
C LYS A 21 -5.47 52.02 24.64
N ASP A 22 -6.02 52.71 23.69
CA ASP A 22 -7.26 53.50 23.95
C ASP A 22 -8.46 52.55 24.16
N GLY A 23 -8.29 51.28 23.87
CA GLY A 23 -9.41 50.32 24.07
C GLY A 23 -10.59 50.73 23.19
N ASP A 24 -10.72 50.13 22.04
CA ASP A 24 -11.85 50.50 21.14
C ASP A 24 -12.26 49.29 20.29
N GLY A 25 -11.30 48.57 19.77
CA GLY A 25 -11.63 47.37 18.94
C GLY A 25 -11.05 47.55 17.53
N THR A 26 -10.14 48.46 17.35
CA THR A 26 -9.55 48.67 15.99
C THR A 26 -8.16 49.30 16.11
N ILE A 27 -7.18 48.77 15.41
CA ILE A 27 -5.80 49.34 15.48
C ILE A 27 -5.62 50.41 14.40
N THR A 28 -5.18 51.58 14.78
CA THR A 28 -4.97 52.67 13.78
C THR A 28 -3.48 52.89 13.53
N THR A 29 -3.13 54.00 12.95
CA THR A 29 -1.69 54.28 12.67
C THR A 29 -1.02 54.93 13.89
N LYS A 30 -1.71 55.79 14.57
CA LYS A 30 -1.12 56.45 15.77
C LYS A 30 -0.74 55.39 16.83
N GLU A 31 -1.71 54.62 17.26
CA GLU A 31 -1.42 53.58 18.28
C GLU A 31 -0.32 52.65 17.79
N LEU A 32 -0.46 52.09 16.62
CA LEU A 32 0.59 51.20 16.10
C LEU A 32 1.92 51.94 16.05
N GLY A 33 1.88 53.24 15.96
CA GLY A 33 3.12 54.03 15.92
C GLY A 33 3.89 53.80 17.21
N THR A 34 3.27 54.00 18.34
CA THR A 34 3.98 53.77 19.64
C THR A 34 4.32 52.29 19.80
N VAL A 35 3.45 51.42 19.34
CA VAL A 35 3.72 49.96 19.44
C VAL A 35 5.05 49.62 18.78
N MET A 36 5.34 50.24 17.67
CA MET A 36 6.63 49.96 16.96
C MET A 36 7.74 50.85 17.54
N ARG A 37 7.37 51.87 18.28
CA ARG A 37 8.40 52.79 18.86
C ARG A 37 8.94 52.20 20.18
N SER A 38 8.28 51.23 20.73
CA SER A 38 8.75 50.63 22.02
C SER A 38 9.59 49.38 21.76
N LEU A 39 9.44 48.76 20.62
CA LEU A 39 10.24 47.53 20.33
C LEU A 39 11.45 47.87 19.45
N GLY A 40 12.21 48.85 19.83
CA GLY A 40 13.41 49.23 19.03
C GLY A 40 13.03 49.34 17.55
N GLN A 41 12.68 50.51 17.09
CA GLN A 41 12.30 50.68 15.68
C GLN A 41 12.03 52.16 15.37
N ASN A 42 11.36 52.84 16.28
CA ASN A 42 11.04 54.30 16.08
C ASN A 42 10.73 54.60 14.60
N PRO A 43 9.69 53.98 14.10
CA PRO A 43 9.29 54.20 12.69
C PRO A 43 8.60 55.55 12.55
N THR A 44 8.13 55.85 11.37
CA THR A 44 7.44 57.16 11.17
C THR A 44 5.96 56.92 10.86
N GLU A 45 5.14 57.93 11.02
CA GLU A 45 3.68 57.76 10.74
C GLU A 45 3.46 57.46 9.25
N ALA A 46 4.32 57.95 8.40
CA ALA A 46 4.15 57.69 6.94
C ALA A 46 4.52 56.24 6.61
N GLU A 47 5.77 55.89 6.70
CA GLU A 47 6.19 54.49 6.41
C GLU A 47 5.28 53.52 7.17
N LEU A 48 4.81 53.94 8.32
CA LEU A 48 3.91 53.06 9.11
C LEU A 48 2.62 52.79 8.33
N GLN A 49 2.02 53.83 7.79
CA GLN A 49 0.77 53.62 7.00
C GLN A 49 1.02 52.58 5.90
N ASP A 50 2.09 52.73 5.18
CA ASP A 50 2.39 51.74 4.10
C ASP A 50 2.53 50.34 4.71
N MET A 51 3.05 50.26 5.90
CA MET A 51 3.20 48.93 6.55
C MET A 51 1.83 48.35 6.90
N ILE A 52 0.86 49.21 7.11
CA ILE A 52 -0.52 48.72 7.45
C ILE A 52 -1.22 48.30 6.16
N ASN A 53 -0.81 48.84 5.04
CA ASN A 53 -1.45 48.47 3.74
C ASN A 53 -1.30 46.97 3.48
N GLU A 54 -0.22 46.39 3.93
CA GLU A 54 -0.02 44.92 3.70
C GLU A 54 -0.79 44.12 4.74
N VAL A 55 -1.09 44.71 5.87
CA VAL A 55 -1.84 43.97 6.91
C VAL A 55 -3.36 44.21 6.76
N ASP A 56 -3.73 45.16 5.95
CA ASP A 56 -5.19 45.44 5.78
C ASP A 56 -5.61 45.20 4.32
N ALA A 57 -6.44 44.22 4.10
CA ALA A 57 -6.91 43.93 2.71
C ALA A 57 -8.38 44.35 2.56
N ASP A 58 -8.92 45.03 3.54
CA ASP A 58 -10.34 45.46 3.47
C ASP A 58 -10.47 46.74 2.64
N GLY A 59 -9.74 47.76 3.00
CA GLY A 59 -9.81 49.04 2.24
C GLY A 59 -10.21 50.17 3.19
N ASN A 60 -9.87 50.06 4.45
CA ASN A 60 -10.23 51.13 5.44
C ASN A 60 -8.96 51.74 6.05
N GLY A 61 -7.88 51.01 6.04
CA GLY A 61 -6.61 51.56 6.62
C GLY A 61 -6.44 51.10 8.07
N THR A 62 -7.48 50.60 8.67
CA THR A 62 -7.37 50.14 10.09
C THR A 62 -7.68 48.65 10.22
N ILE A 63 -7.33 48.05 11.33
CA ILE A 63 -7.59 46.60 11.53
C ILE A 63 -8.74 46.40 12.53
N ASP A 64 -9.38 45.26 12.49
CA ASP A 64 -10.50 45.00 13.45
C ASP A 64 -10.09 43.87 14.40
N PHE A 65 -11.03 43.34 15.13
CA PHE A 65 -10.68 42.24 16.08
C PHE A 65 -10.65 40.86 15.36
N PRO A 66 -11.65 40.60 14.54
CA PRO A 66 -11.71 39.31 13.83
C PRO A 66 -10.69 39.29 12.68
N GLU A 67 -10.28 40.44 12.23
CA GLU A 67 -9.27 40.49 11.14
C GLU A 67 -7.90 40.22 11.72
N PHE A 68 -7.69 40.64 12.94
CA PHE A 68 -6.37 40.42 13.60
C PHE A 68 -6.19 38.94 13.95
N LEU A 69 -7.14 38.37 14.63
CA LEU A 69 -7.04 36.94 15.01
C LEU A 69 -6.96 36.07 13.75
N THR A 70 -7.72 36.39 12.74
CA THR A 70 -7.69 35.58 11.49
C THR A 70 -6.40 35.86 10.71
N MET A 71 -5.73 36.94 11.01
CA MET A 71 -4.47 37.25 10.27
C MET A 71 -3.31 36.38 10.76
N MET A 72 -3.10 36.33 12.06
CA MET A 72 -1.97 35.52 12.61
C MET A 72 -2.42 34.08 12.93
N ALA A 73 -3.56 33.93 13.54
CA ALA A 73 -4.05 32.56 13.89
C ALA A 73 -4.24 31.70 12.64
N ARG A 74 -4.22 32.29 11.49
CA ARG A 74 -4.41 31.48 10.24
C ARG A 74 -3.06 31.18 9.58
N LYS A 75 -2.08 30.77 10.36
CA LYS A 75 -0.75 30.44 9.78
C LYS A 75 -0.49 28.94 9.88
N MET A 76 -1.49 28.15 9.61
CA MET A 76 -1.30 26.67 9.69
C MET A 76 -1.31 26.04 8.29
N LYS A 77 -1.07 24.76 8.20
CA LYS A 77 -1.06 24.08 6.88
C LYS A 77 -1.88 22.79 6.96
N ASP A 78 -1.58 21.83 6.13
CA ASP A 78 -2.33 20.55 6.16
C ASP A 78 -1.38 19.37 5.91
N THR A 79 -1.35 18.41 6.80
CA THR A 79 -0.44 17.24 6.60
C THR A 79 -1.25 16.01 6.23
N ASP A 80 -0.96 15.41 5.09
CA ASP A 80 -1.70 14.20 4.67
C ASP A 80 -0.72 13.03 4.51
N SER A 81 -1.22 11.86 4.20
CA SER A 81 -0.30 10.69 4.02
C SER A 81 -1.06 9.45 3.55
N GLU A 82 -0.36 8.41 3.20
CA GLU A 82 -1.04 7.17 2.72
C GLU A 82 -0.01 6.06 2.49
N GLU A 83 0.76 6.17 1.45
CA GLU A 83 1.80 5.13 1.17
C GLU A 83 1.14 3.76 0.96
N GLU A 84 0.74 3.45 -0.25
CA GLU A 84 0.10 2.12 -0.51
C GLU A 84 1.17 1.07 -0.83
N ILE A 85 2.37 1.50 -1.13
CA ILE A 85 3.45 0.53 -1.45
C ILE A 85 3.62 -0.48 -0.30
N ARG A 86 3.45 -0.04 0.91
CA ARG A 86 3.59 -0.98 2.05
C ARG A 86 2.76 -2.24 1.80
N GLU A 87 1.52 -2.08 1.44
CA GLU A 87 0.67 -3.27 1.16
C GLU A 87 1.27 -4.06 -0.02
N ALA A 88 1.59 -3.38 -1.09
CA ALA A 88 2.19 -4.09 -2.26
C ALA A 88 3.45 -4.84 -1.83
N PHE A 89 4.02 -4.46 -0.72
CA PHE A 89 5.24 -5.17 -0.26
C PHE A 89 4.85 -6.46 0.48
N ARG A 90 3.82 -6.40 1.27
CA ARG A 90 3.38 -7.62 2.01
C ARG A 90 3.09 -8.75 1.01
N VAL A 91 2.47 -8.44 -0.10
CA VAL A 91 2.16 -9.50 -1.10
C VAL A 91 3.44 -9.94 -1.85
N PHE A 92 4.27 -9.00 -2.23
CA PHE A 92 5.54 -9.39 -2.95
C PHE A 92 6.60 -9.87 -1.96
N ASP A 93 6.26 -9.96 -0.71
CA ASP A 93 7.26 -10.45 0.28
C ASP A 93 6.55 -11.19 1.43
N LYS A 94 6.20 -12.42 1.23
CA LYS A 94 5.51 -13.19 2.29
C LYS A 94 6.53 -13.92 3.17
N ASP A 95 7.70 -13.36 3.33
CA ASP A 95 8.75 -14.03 4.17
C ASP A 95 9.29 -13.03 5.23
N GLY A 96 10.53 -12.65 5.15
CA GLY A 96 11.08 -11.70 6.15
C GLY A 96 12.44 -11.18 5.68
N ASN A 97 12.62 -11.06 4.40
CA ASN A 97 13.94 -10.57 3.87
C ASN A 97 13.76 -9.18 3.25
N GLY A 98 12.57 -8.82 2.88
CA GLY A 98 12.34 -7.48 2.27
C GLY A 98 13.03 -7.39 0.90
N TYR A 99 13.50 -8.49 0.39
CA TYR A 99 14.17 -8.46 -0.94
C TYR A 99 13.27 -9.09 -2.01
N ILE A 100 12.67 -8.30 -2.84
CA ILE A 100 11.78 -8.86 -3.89
C ILE A 100 12.62 -9.44 -5.02
N SER A 101 12.33 -10.66 -5.41
CA SER A 101 13.13 -11.29 -6.49
C SER A 101 12.24 -11.57 -7.71
N ALA A 102 12.85 -11.98 -8.78
CA ALA A 102 12.05 -12.27 -10.00
C ALA A 102 11.14 -13.48 -9.77
N ALA A 103 11.61 -14.47 -9.05
CA ALA A 103 10.76 -15.67 -8.80
C ALA A 103 9.47 -15.27 -8.07
N GLU A 104 9.58 -14.70 -6.91
CA GLU A 104 8.35 -14.28 -6.16
C GLU A 104 7.51 -13.34 -7.01
N LEU A 105 8.13 -12.60 -7.89
CA LEU A 105 7.36 -11.66 -8.75
C LEU A 105 6.43 -12.43 -9.70
N ARG A 106 6.88 -13.52 -10.25
CA ARG A 106 6.01 -14.30 -11.17
C ARG A 106 4.94 -15.06 -10.38
N HIS A 107 5.25 -15.44 -9.17
CA HIS A 107 4.25 -16.18 -8.35
C HIS A 107 3.22 -15.21 -7.77
N VAL A 108 3.55 -13.95 -7.68
CA VAL A 108 2.60 -12.95 -7.13
C VAL A 108 1.65 -12.49 -8.23
N MET A 109 2.18 -12.12 -9.36
CA MET A 109 1.31 -11.65 -10.47
C MET A 109 0.40 -12.79 -10.93
N THR A 110 0.86 -14.00 -10.84
CA THR A 110 0.01 -15.15 -11.27
C THR A 110 -1.32 -15.11 -10.50
N ASN A 111 -1.28 -14.81 -9.23
CA ASN A 111 -2.53 -14.75 -8.44
C ASN A 111 -3.32 -13.48 -8.80
N LEU A 112 -2.65 -12.37 -8.90
CA LEU A 112 -3.37 -11.10 -9.26
C LEU A 112 -4.07 -11.25 -10.62
N GLY A 113 -3.30 -11.25 -11.69
CA GLY A 113 -3.92 -11.39 -13.03
C GLY A 113 -2.99 -10.78 -14.09
N GLU A 114 -1.81 -11.32 -14.23
CA GLU A 114 -0.86 -10.76 -15.24
C GLU A 114 -0.04 -11.88 -15.88
N LYS A 115 0.49 -11.66 -17.05
CA LYS A 115 1.32 -12.71 -17.72
C LYS A 115 2.70 -12.15 -18.11
N LEU A 116 3.73 -12.58 -17.44
CA LEU A 116 5.10 -12.06 -17.77
C LEU A 116 6.06 -13.23 -18.07
N THR A 117 7.17 -12.94 -18.71
CA THR A 117 8.15 -14.02 -19.03
C THR A 117 9.45 -13.79 -18.24
N ASP A 118 10.37 -14.72 -18.31
CA ASP A 118 11.65 -14.55 -17.56
C ASP A 118 12.31 -13.22 -17.91
N GLU A 119 12.25 -12.81 -19.16
CA GLU A 119 12.89 -11.51 -19.54
C GLU A 119 12.19 -10.33 -18.87
N GLU A 120 10.88 -10.27 -18.98
CA GLU A 120 10.14 -9.13 -18.35
C GLU A 120 10.46 -9.04 -16.84
N VAL A 121 10.22 -10.09 -16.12
CA VAL A 121 10.51 -10.07 -14.66
C VAL A 121 11.96 -9.60 -14.41
N ASP A 122 12.90 -10.14 -15.12
CA ASP A 122 14.32 -9.71 -14.91
C ASP A 122 14.45 -8.20 -15.14
N GLU A 123 13.68 -7.67 -16.05
CA GLU A 123 13.75 -6.21 -16.32
C GLU A 123 13.05 -5.43 -15.20
N MET A 124 12.12 -6.05 -14.53
CA MET A 124 11.39 -5.35 -13.42
C MET A 124 12.30 -5.24 -12.19
N ILE A 125 12.92 -6.32 -11.81
CA ILE A 125 13.82 -6.30 -10.62
C ILE A 125 15.08 -5.50 -10.94
N ARG A 126 15.47 -5.45 -12.19
CA ARG A 126 16.69 -4.70 -12.57
C ARG A 126 16.41 -3.19 -12.54
N GLU A 127 15.43 -2.74 -13.27
CA GLU A 127 15.12 -1.29 -13.27
C GLU A 127 14.82 -0.81 -11.85
N ALA A 128 14.27 -1.67 -11.04
CA ALA A 128 13.99 -1.27 -9.62
C ALA A 128 15.28 -1.34 -8.82
N ASP A 129 16.18 -2.20 -9.21
CA ASP A 129 17.48 -2.33 -8.48
C ASP A 129 18.26 -1.02 -8.58
N ILE A 130 18.14 -0.17 -7.60
CA ILE A 130 18.88 1.13 -7.64
C ILE A 130 20.34 0.93 -7.22
N ASP A 131 20.62 -0.02 -6.40
CA ASP A 131 22.03 -0.24 -5.94
C ASP A 131 22.78 -1.13 -6.94
N GLY A 132 22.10 -2.00 -7.63
CA GLY A 132 22.79 -2.88 -8.60
C GLY A 132 23.24 -4.17 -7.89
N ASP A 133 22.34 -4.82 -7.20
CA ASP A 133 22.72 -6.09 -6.47
C ASP A 133 21.91 -7.28 -7.01
N GLY A 134 20.78 -7.02 -7.62
CA GLY A 134 19.96 -8.14 -8.17
C GLY A 134 18.58 -8.16 -7.52
N GLN A 135 18.46 -7.66 -6.32
CA GLN A 135 17.14 -7.66 -5.63
C GLN A 135 16.63 -6.24 -5.43
N VAL A 136 15.36 -6.10 -5.11
CA VAL A 136 14.79 -4.74 -4.88
C VAL A 136 14.49 -4.57 -3.39
N ASN A 137 14.92 -3.49 -2.80
CA ASN A 137 14.64 -3.28 -1.33
C ASN A 137 13.37 -2.46 -1.13
N TYR A 138 13.07 -2.13 0.09
CA TYR A 138 11.86 -1.32 0.38
C TYR A 138 12.03 0.12 -0.12
N GLU A 139 13.01 0.83 0.39
CA GLU A 139 13.21 2.24 -0.06
C GLU A 139 13.28 2.31 -1.58
N GLU A 140 13.98 1.39 -2.21
CA GLU A 140 14.07 1.42 -3.70
C GLU A 140 12.70 1.13 -4.31
N PHE A 141 11.92 0.31 -3.66
CA PHE A 141 10.57 -0.02 -4.19
C PHE A 141 9.66 1.22 -4.10
N VAL A 142 10.02 2.15 -3.26
CA VAL A 142 9.18 3.39 -3.12
C VAL A 142 9.64 4.48 -4.10
N GLN A 143 10.93 4.65 -4.26
CA GLN A 143 11.43 5.71 -5.19
C GLN A 143 11.31 5.25 -6.65
N MET A 144 11.11 3.99 -6.87
CA MET A 144 11.00 3.50 -8.27
C MET A 144 9.55 3.65 -8.76
N MET A 145 8.61 3.63 -7.86
CA MET A 145 7.18 3.78 -8.25
C MET A 145 6.81 5.25 -8.37
N THR A 146 6.78 5.95 -7.26
CA THR A 146 6.41 7.41 -7.29
C THR A 146 7.17 8.11 -8.42
N ALA A 147 6.47 8.75 -9.31
CA ALA A 147 7.14 9.45 -10.44
C ALA A 147 7.33 10.94 -10.14
N LYS A 148 7.34 11.76 -11.16
CA LYS A 148 7.53 13.22 -10.95
C LYS A 148 8.84 13.48 -10.21
CA CA B . -7.66 51.46 18.98
CA CA C . -9.50 46.12 7.59
CA CA D . 10.97 -11.58 -0.75
CA CA E . 18.72 -3.02 -5.13
S1 WW7 F . 3.30 41.66 13.99
O1 WW7 F . 4.44 42.01 13.23
O2 WW7 F . 2.64 40.40 13.75
N1 WW7 F . 3.87 41.57 15.61
C4 WW7 F . -0.06 44.98 14.10
C3 WW7 F . 0.12 44.03 15.19
C2 WW7 F . 1.19 43.03 15.13
C1 WW7 F . 2.10 42.96 13.99
C9 WW7 F . 1.94 43.92 12.89
C10 WW7 F . 0.83 44.95 12.95
CL1 WW7 F . -0.57 47.11 11.84
C5 WW7 F . 0.68 45.91 11.87
C6 WW7 F . 1.58 45.89 10.75
C7 WW7 F . 2.67 44.90 10.67
C8 WW7 F . 2.85 43.91 11.74
C11 WW7 F . 4.56 42.75 16.10
C12 WW7 F . 3.88 43.39 17.30
C14 WW7 F . 6.05 44.53 17.92
C13 WW7 F . 4.56 44.73 17.64
C15 WW7 F . 6.87 44.71 16.63
C16 WW7 F . 8.35 44.55 16.94
N2 WW7 F . 9.19 44.74 15.77
HN1 WW7 F . 3.10 41.34 16.24
H4 WW7 F . -0.85 45.72 14.13
H3 WW7 F . -0.54 44.04 16.04
H2 WW7 F . 1.29 42.32 15.93
H6 WW7 F . 1.46 46.62 9.96
H7 WW7 F . 3.33 44.91 9.83
H8 WW7 F . 3.64 43.20 11.65
H111 WW7 F . 5.57 42.46 16.37
H112 WW7 F . 4.60 43.45 15.28
H121 WW7 F . 2.84 43.56 17.07
H122 WW7 F . 3.95 42.73 18.15
H141 WW7 F . 6.21 43.55 18.34
H142 WW7 F . 6.37 45.28 18.65
H131 WW7 F . 4.44 45.43 16.81
H132 WW7 F . 4.08 45.15 18.52
H151 WW7 F . 6.58 43.96 15.91
H152 WW7 F . 6.68 45.69 16.23
H161 WW7 F . 8.54 43.57 17.34
H162 WW7 F . 8.65 45.29 17.67
HN21 WW7 F . 8.84 44.17 15.00
HN22 WW7 F . 9.14 45.70 15.46
S1 WW7 G . 3.87 -2.93 -9.52
O1 WW7 G . 3.38 -3.46 -10.75
O2 WW7 G . 4.21 -1.54 -9.42
N1 WW7 G . 2.55 -3.15 -8.39
C4 WW7 G . 7.42 -5.71 -8.07
C3 WW7 G . 6.07 -5.83 -7.53
C2 WW7 G . 4.99 -4.95 -7.98
C1 WW7 G . 5.24 -3.92 -8.98
C9 WW7 G . 6.58 -3.76 -9.54
C10 WW7 G . 7.69 -4.68 -9.06
CL1 WW7 G . 10.37 -5.55 -9.15
C5 WW7 G . 9.04 -4.56 -9.63
C6 WW7 G . 9.29 -3.56 -10.64
C7 WW7 G . 8.23 -2.66 -11.10
C8 WW7 G . 6.88 -2.76 -10.55
C11 WW7 G . 2.73 -2.70 -7.01
C12 WW7 G . 1.61 -1.76 -6.54
C14 WW7 G . 0.38 0.37 -7.02
C13 WW7 G . 1.53 -0.55 -7.47
C15 WW7 G . -0.95 -0.40 -7.11
C16 WW7 G . -1.18 -0.87 -8.55
N2 WW7 G . -2.45 -1.57 -8.72
HN1 WW7 G . 1.72 -2.74 -8.77
H4 WW7 G . 8.21 -6.35 -7.73
H3 WW7 G . 5.87 -6.59 -6.81
H2 WW7 G . 4.00 -5.07 -7.57
H6 WW7 G . 10.30 -3.49 -11.04
H7 WW7 G . 8.45 -1.93 -11.85
H8 WW7 G . 6.10 -2.10 -10.89
H111 WW7 G . 2.78 -3.55 -6.37
H112 WW7 G . 3.67 -2.17 -6.98
H121 WW7 G . 0.67 -2.29 -6.57
H122 WW7 G . 1.81 -1.44 -5.53
H141 WW7 G . 0.34 1.23 -7.66
H142 WW7 G . 0.54 0.68 -6.00
H131 WW7 G . 2.46 0.00 -7.42
H132 WW7 G . 1.36 -0.87 -8.48
H151 WW7 G . -0.92 -1.26 -6.46
H152 WW7 G . -1.76 0.25 -6.81
H161 WW7 G . -0.39 -1.55 -8.84
H162 WW7 G . -1.19 -0.02 -9.21
HN21 WW7 G . -2.52 -2.34 -8.07
HN22 WW7 G . -3.23 -0.96 -8.53
N ALA A 1 -0.05 32.41 -6.74
CA ALA A 1 -0.65 31.05 -6.74
C ALA A 1 0.36 30.03 -7.29
N ASP A 2 -0.06 28.81 -7.48
CA ASP A 2 0.87 27.78 -8.01
C ASP A 2 1.07 27.97 -9.53
N GLN A 3 2.05 28.73 -9.91
CA GLN A 3 2.30 28.96 -11.37
C GLN A 3 3.13 27.82 -11.96
N LEU A 4 2.98 27.55 -13.23
CA LEU A 4 3.77 26.45 -13.86
C LEU A 4 5.16 26.96 -14.27
N THR A 5 6.05 26.06 -14.62
CA THR A 5 7.42 26.50 -15.04
C THR A 5 7.89 25.67 -16.24
N GLU A 6 9.11 25.87 -16.67
CA GLU A 6 9.61 25.09 -17.85
C GLU A 6 10.08 23.69 -17.43
N GLU A 7 10.16 23.43 -16.15
CA GLU A 7 10.61 22.08 -15.70
C GLU A 7 9.57 21.02 -16.08
N GLN A 8 8.44 21.04 -15.45
CA GLN A 8 7.39 20.03 -15.78
C GLN A 8 7.19 19.95 -17.29
N ILE A 9 6.90 21.07 -17.92
CA ILE A 9 6.70 21.04 -19.40
C ILE A 9 7.86 20.32 -20.08
N ALA A 10 9.05 20.54 -19.62
CA ALA A 10 10.22 19.86 -20.24
C ALA A 10 10.09 18.34 -20.10
N GLU A 11 9.63 17.88 -18.98
CA GLU A 11 9.46 16.41 -18.78
C GLU A 11 8.46 15.85 -19.79
N PHE A 12 7.39 16.56 -20.04
CA PHE A 12 6.38 16.06 -21.02
C PHE A 12 7.03 15.94 -22.41
N LYS A 13 7.64 16.99 -22.89
CA LYS A 13 8.30 16.92 -24.23
C LYS A 13 9.17 15.67 -24.31
N GLU A 14 9.96 15.43 -23.29
CA GLU A 14 10.84 14.22 -23.30
C GLU A 14 9.99 12.98 -23.58
N ALA A 15 8.92 12.81 -22.85
CA ALA A 15 8.05 11.61 -23.09
C ALA A 15 7.68 11.52 -24.56
N PHE A 16 7.44 12.64 -25.19
CA PHE A 16 7.07 12.62 -26.63
C PHE A 16 8.17 11.94 -27.44
N SER A 17 9.40 12.35 -27.25
CA SER A 17 10.52 11.73 -28.00
C SER A 17 10.60 10.23 -27.70
N LEU A 18 10.24 9.83 -26.50
CA LEU A 18 10.30 8.39 -26.15
C LEU A 18 9.35 7.59 -27.06
N PHE A 19 8.16 8.08 -27.26
CA PHE A 19 7.20 7.34 -28.15
C PHE A 19 7.65 7.41 -29.61
N ASP A 20 7.80 8.59 -30.14
CA ASP A 20 8.24 8.73 -31.56
C ASP A 20 9.60 8.05 -31.76
N LYS A 21 9.61 6.92 -32.42
CA LYS A 21 10.91 6.21 -32.63
C LYS A 21 11.32 6.26 -34.12
N ASP A 22 11.37 7.43 -34.70
CA ASP A 22 11.77 7.53 -36.14
C ASP A 22 12.42 8.91 -36.40
N GLY A 23 11.85 9.95 -35.87
CA GLY A 23 12.44 11.31 -36.08
C GLY A 23 11.55 12.13 -37.02
N ASP A 24 10.35 12.44 -36.61
CA ASP A 24 9.45 13.24 -37.49
C ASP A 24 8.59 14.20 -36.65
N GLY A 25 8.03 13.73 -35.56
CA GLY A 25 7.19 14.62 -34.70
C GLY A 25 5.72 14.17 -34.73
N THR A 26 5.47 12.90 -34.87
CA THR A 26 4.05 12.42 -34.89
C THR A 26 3.94 11.01 -34.30
N ILE A 27 2.87 10.71 -33.62
CA ILE A 27 2.71 9.36 -33.01
C ILE A 27 1.66 8.55 -33.78
N THR A 28 2.06 7.46 -34.37
CA THR A 28 1.09 6.63 -35.14
C THR A 28 0.67 5.40 -34.32
N THR A 29 0.03 4.44 -34.93
CA THR A 29 -0.39 3.23 -34.17
C THR A 29 0.76 2.23 -34.07
N LYS A 30 1.61 2.19 -35.06
CA LYS A 30 2.76 1.23 -35.01
C LYS A 30 3.71 1.59 -33.86
N GLU A 31 4.31 2.75 -33.92
CA GLU A 31 5.23 3.16 -32.83
C GLU A 31 4.50 3.11 -31.50
N LEU A 32 3.43 3.85 -31.38
CA LEU A 32 2.67 3.84 -30.11
C LEU A 32 2.30 2.39 -29.76
N GLY A 33 2.26 1.54 -30.76
CA GLY A 33 1.91 0.11 -30.51
C GLY A 33 2.98 -0.52 -29.61
N THR A 34 4.22 -0.30 -29.92
CA THR A 34 5.31 -0.87 -29.08
C THR A 34 5.39 -0.13 -27.74
N VAL A 35 4.90 1.08 -27.68
CA VAL A 35 4.94 1.86 -26.41
C VAL A 35 3.94 1.29 -25.40
N MET A 36 2.68 1.35 -25.70
CA MET A 36 1.65 0.82 -24.76
C MET A 36 1.76 -0.70 -24.65
N ARG A 37 1.98 -1.38 -25.74
CA ARG A 37 2.09 -2.87 -25.70
C ARG A 37 3.30 -3.30 -24.89
N SER A 38 4.36 -2.55 -24.92
CA SER A 38 5.58 -2.93 -24.15
C SER A 38 5.50 -2.43 -22.71
N LEU A 39 4.36 -1.93 -22.30
CA LEU A 39 4.22 -1.42 -20.91
C LEU A 39 2.90 -1.89 -20.28
N GLY A 40 2.74 -3.18 -20.12
CA GLY A 40 1.47 -3.69 -19.51
C GLY A 40 0.78 -4.64 -20.49
N GLN A 41 0.88 -4.39 -21.76
CA GLN A 41 0.23 -5.28 -22.76
C GLN A 41 -1.27 -5.43 -22.47
N ASN A 42 -1.93 -4.37 -22.09
CA ASN A 42 -3.38 -4.47 -21.80
C ASN A 42 -4.19 -4.28 -23.09
N PRO A 43 -3.86 -3.25 -23.82
CA PRO A 43 -4.55 -2.96 -25.09
C PRO A 43 -3.93 -3.78 -26.24
N THR A 44 -4.32 -3.52 -27.44
CA THR A 44 -3.75 -4.27 -28.60
C THR A 44 -3.48 -3.31 -29.77
N GLU A 45 -3.08 -3.81 -30.90
CA GLU A 45 -2.81 -2.91 -32.05
C GLU A 45 -4.09 -2.19 -32.48
N ALA A 46 -5.16 -2.92 -32.67
CA ALA A 46 -6.44 -2.30 -33.09
C ALA A 46 -6.99 -1.39 -31.97
N GLU A 47 -7.36 -1.97 -30.86
CA GLU A 47 -7.91 -1.16 -29.73
C GLU A 47 -7.02 0.07 -29.49
N LEU A 48 -5.74 -0.06 -29.69
CA LEU A 48 -4.83 1.10 -29.48
C LEU A 48 -5.23 2.22 -30.44
N GLN A 49 -5.38 1.91 -31.70
CA GLN A 49 -5.78 2.96 -32.68
C GLN A 49 -7.04 3.66 -32.18
N ASP A 50 -7.96 2.91 -31.62
CA ASP A 50 -9.21 3.51 -31.10
C ASP A 50 -8.87 4.48 -29.96
N MET A 51 -7.90 4.13 -29.15
CA MET A 51 -7.51 5.03 -28.02
C MET A 51 -6.81 6.28 -28.57
N ILE A 52 -6.36 6.24 -29.78
CA ILE A 52 -5.67 7.43 -30.36
C ILE A 52 -6.71 8.42 -30.90
N ASN A 53 -7.81 7.92 -31.41
CA ASN A 53 -8.84 8.85 -31.94
C ASN A 53 -9.21 9.90 -30.89
N GLU A 54 -9.45 9.47 -29.68
CA GLU A 54 -9.81 10.46 -28.61
C GLU A 54 -8.62 11.39 -28.35
N VAL A 55 -7.42 10.91 -28.56
CA VAL A 55 -6.23 11.77 -28.33
C VAL A 55 -5.94 12.63 -29.58
N ASP A 56 -6.60 12.35 -30.67
CA ASP A 56 -6.36 13.14 -31.90
C ASP A 56 -7.56 14.06 -32.19
N ALA A 57 -7.36 15.35 -32.07
CA ALA A 57 -8.49 16.30 -32.33
C ALA A 57 -8.34 16.93 -33.71
N ASP A 58 -7.82 16.19 -34.66
CA ASP A 58 -7.64 16.75 -36.03
C ASP A 58 -8.50 15.98 -37.03
N GLY A 59 -8.64 14.70 -36.85
CA GLY A 59 -9.47 13.89 -37.80
C GLY A 59 -8.59 13.42 -38.96
N ASN A 60 -7.53 12.72 -38.67
CA ASN A 60 -6.64 12.23 -39.78
C ASN A 60 -6.19 10.80 -39.49
N GLY A 61 -5.84 10.50 -38.27
CA GLY A 61 -5.40 9.11 -37.95
C GLY A 61 -4.02 9.13 -37.25
N THR A 62 -3.63 10.24 -36.69
CA THR A 62 -2.32 10.31 -36.00
C THR A 62 -2.24 11.55 -35.11
N ILE A 63 -1.32 11.56 -34.18
CA ILE A 63 -1.19 12.74 -33.27
C ILE A 63 0.02 13.59 -33.68
N ASP A 64 0.06 14.83 -33.26
CA ASP A 64 1.21 15.71 -33.62
C ASP A 64 1.87 16.31 -32.37
N PHE A 65 2.52 17.44 -32.53
CA PHE A 65 3.20 18.08 -31.36
C PHE A 65 2.24 19.01 -30.58
N PRO A 66 1.42 19.78 -31.28
CA PRO A 66 0.50 20.71 -30.59
C PRO A 66 -0.63 19.93 -29.91
N GLU A 67 -0.87 18.72 -30.33
CA GLU A 67 -1.96 17.92 -29.69
C GLU A 67 -1.40 17.18 -28.47
N PHE A 68 -0.14 16.82 -28.54
CA PHE A 68 0.49 16.09 -27.40
C PHE A 68 0.74 17.05 -26.23
N LEU A 69 1.18 18.24 -26.52
CA LEU A 69 1.44 19.22 -25.43
C LEU A 69 0.16 19.94 -25.01
N THR A 70 -0.70 20.25 -25.93
CA THR A 70 -1.97 20.95 -25.55
C THR A 70 -2.88 20.01 -24.75
N MET A 71 -2.81 18.73 -25.00
CA MET A 71 -3.67 17.77 -24.25
C MET A 71 -3.04 17.45 -22.88
N MET A 72 -1.85 16.91 -22.89
CA MET A 72 -1.19 16.58 -21.59
C MET A 72 -0.81 17.85 -20.82
N ALA A 73 -0.94 18.99 -21.45
CA ALA A 73 -0.59 20.27 -20.75
C ALA A 73 -1.36 20.39 -19.44
N ARG A 74 -2.66 20.31 -19.51
CA ARG A 74 -3.48 20.43 -18.27
C ARG A 74 -4.12 19.08 -17.92
N LYS A 75 -3.35 18.04 -17.86
CA LYS A 75 -3.92 16.71 -17.51
C LYS A 75 -2.92 15.87 -16.71
N MET A 76 -3.08 15.83 -15.42
CA MET A 76 -2.15 15.02 -14.58
C MET A 76 -2.84 13.74 -14.14
N LYS A 77 -2.13 12.87 -13.48
CA LYS A 77 -2.77 11.59 -13.03
C LYS A 77 -1.80 10.81 -12.15
N ASP A 78 -1.81 11.05 -10.86
CA ASP A 78 -0.90 10.31 -9.95
C ASP A 78 -1.30 10.55 -8.49
N THR A 79 -0.99 9.63 -7.62
CA THR A 79 -1.36 9.79 -6.18
C THR A 79 -0.20 10.41 -5.40
N ASP A 80 -0.45 10.86 -4.20
CA ASP A 80 0.64 11.48 -3.39
C ASP A 80 0.37 11.26 -1.89
N SER A 81 0.31 10.03 -1.46
CA SER A 81 0.06 9.75 -0.01
C SER A 81 0.35 8.28 0.31
N GLU A 82 1.01 8.02 1.40
CA GLU A 82 1.33 6.62 1.76
C GLU A 82 0.05 5.77 1.85
N GLU A 83 0.03 4.65 1.20
CA GLU A 83 -1.19 3.78 1.25
C GLU A 83 -0.96 2.49 0.45
N GLU A 84 -0.20 2.57 -0.61
CA GLU A 84 0.06 1.34 -1.43
C GLU A 84 1.50 0.88 -1.24
N ILE A 85 2.35 1.69 -0.67
CA ILE A 85 3.76 1.27 -0.46
C ILE A 85 3.83 0.10 0.54
N ARG A 86 3.22 0.26 1.68
CA ARG A 86 3.24 -0.84 2.70
C ARG A 86 2.54 -2.10 2.14
N GLU A 87 1.34 -1.95 1.66
CA GLU A 87 0.61 -3.13 1.10
C GLU A 87 1.43 -3.78 -0.02
N ALA A 88 2.22 -3.00 -0.71
CA ALA A 88 3.03 -3.58 -1.82
C ALA A 88 4.08 -4.54 -1.27
N PHE A 89 5.02 -4.03 -0.51
CA PHE A 89 6.07 -4.92 0.05
C PHE A 89 5.44 -6.12 0.78
N ARG A 90 4.21 -5.98 1.22
CA ARG A 90 3.55 -7.11 1.93
C ARG A 90 3.13 -8.19 0.94
N VAL A 91 2.65 -7.80 -0.21
CA VAL A 91 2.22 -8.81 -1.22
C VAL A 91 3.42 -9.27 -2.06
N PHE A 92 4.53 -8.59 -1.95
CA PHE A 92 5.73 -9.00 -2.74
C PHE A 92 6.72 -9.77 -1.87
N ASP A 93 6.56 -9.73 -0.58
CA ASP A 93 7.51 -10.47 0.31
C ASP A 93 6.73 -11.27 1.36
N LYS A 94 6.28 -12.45 1.01
CA LYS A 94 5.53 -13.27 1.99
C LYS A 94 6.42 -14.41 2.49
N ASP A 95 7.72 -14.22 2.48
CA ASP A 95 8.64 -15.29 2.97
C ASP A 95 9.22 -14.90 4.32
N GLY A 96 9.26 -13.63 4.62
CA GLY A 96 9.83 -13.17 5.93
C GLY A 96 11.26 -12.71 5.73
N ASN A 97 11.51 -11.96 4.68
CA ASN A 97 12.90 -11.47 4.43
C ASN A 97 12.91 -9.96 4.19
N GLY A 98 11.82 -9.40 3.76
CA GLY A 98 11.79 -7.93 3.52
C GLY A 98 12.54 -7.61 2.23
N TYR A 99 12.45 -8.47 1.25
CA TYR A 99 13.16 -8.22 -0.03
C TYR A 99 12.35 -8.82 -1.19
N ILE A 100 12.35 -8.18 -2.33
CA ILE A 100 11.58 -8.73 -3.48
C ILE A 100 12.52 -9.47 -4.43
N SER A 101 12.09 -10.56 -5.00
CA SER A 101 12.98 -11.31 -5.93
C SER A 101 12.26 -11.55 -7.26
N ALA A 102 12.99 -11.97 -8.26
CA ALA A 102 12.36 -12.22 -9.59
C ALA A 102 11.37 -13.39 -9.49
N ALA A 103 11.81 -14.51 -8.96
CA ALA A 103 10.90 -15.68 -8.83
C ALA A 103 9.62 -15.28 -8.09
N GLU A 104 9.75 -14.75 -6.91
CA GLU A 104 8.54 -14.34 -6.14
C GLU A 104 7.64 -13.46 -7.01
N LEU A 105 8.23 -12.53 -7.70
CA LEU A 105 7.40 -11.63 -8.57
C LEU A 105 6.62 -12.46 -9.58
N ARG A 106 7.21 -13.51 -10.11
CA ARG A 106 6.48 -14.36 -11.08
C ARG A 106 5.35 -15.13 -10.38
N HIS A 107 5.49 -15.36 -9.10
CA HIS A 107 4.44 -16.09 -8.35
C HIS A 107 3.34 -15.11 -7.92
N VAL A 108 3.60 -13.83 -7.99
CA VAL A 108 2.58 -12.83 -7.57
C VAL A 108 1.66 -12.46 -8.75
N MET A 109 2.21 -11.91 -9.80
CA MET A 109 1.37 -11.52 -10.97
C MET A 109 0.78 -12.76 -11.64
N THR A 110 1.61 -13.70 -12.00
CA THR A 110 1.08 -14.93 -12.67
C THR A 110 -0.12 -15.49 -11.90
N ASN A 111 -0.12 -15.35 -10.60
CA ASN A 111 -1.27 -15.86 -9.80
C ASN A 111 -2.47 -14.91 -9.91
N LEU A 112 -2.22 -13.63 -9.87
CA LEU A 112 -3.36 -12.66 -9.98
C LEU A 112 -4.23 -12.98 -11.20
N GLY A 113 -3.61 -13.16 -12.34
CA GLY A 113 -4.40 -13.47 -13.56
C GLY A 113 -3.82 -12.72 -14.76
N GLU A 114 -2.53 -12.77 -14.94
CA GLU A 114 -1.91 -12.06 -16.10
C GLU A 114 -0.89 -12.97 -16.79
N LYS A 115 -0.71 -12.81 -18.07
CA LYS A 115 0.27 -13.68 -18.80
C LYS A 115 1.62 -12.96 -18.92
N LEU A 116 2.59 -13.35 -18.14
CA LEU A 116 3.93 -12.69 -18.21
C LEU A 116 5.02 -13.74 -18.48
N THR A 117 6.18 -13.31 -18.87
CA THR A 117 7.27 -14.28 -19.16
C THR A 117 8.50 -13.95 -18.29
N ASP A 118 9.31 -14.93 -17.99
CA ASP A 118 10.52 -14.67 -17.15
C ASP A 118 11.26 -13.42 -17.63
N GLU A 119 11.18 -13.12 -18.89
CA GLU A 119 11.87 -11.91 -19.42
C GLU A 119 11.25 -10.63 -18.82
N GLU A 120 9.99 -10.40 -19.06
CA GLU A 120 9.34 -9.18 -18.50
C GLU A 120 9.65 -9.04 -17.00
N VAL A 121 9.40 -10.08 -16.24
CA VAL A 121 9.67 -10.00 -14.78
C VAL A 121 11.10 -9.56 -14.50
N ASP A 122 12.05 -10.12 -15.20
CA ASP A 122 13.48 -9.73 -14.99
C ASP A 122 13.69 -8.26 -15.37
N GLU A 123 12.91 -7.75 -16.28
CA GLU A 123 13.07 -6.33 -16.70
C GLU A 123 12.58 -5.40 -15.58
N MET A 124 11.60 -5.82 -14.84
CA MET A 124 11.07 -4.96 -13.75
C MET A 124 12.00 -5.01 -12.54
N ILE A 125 12.43 -6.18 -12.15
CA ILE A 125 13.34 -6.31 -10.97
C ILE A 125 14.66 -5.55 -11.24
N ARG A 126 15.19 -5.66 -12.43
CA ARG A 126 16.46 -4.95 -12.74
C ARG A 126 16.25 -3.43 -12.65
N GLU A 127 15.25 -2.91 -13.34
CA GLU A 127 15.00 -1.45 -13.28
C GLU A 127 14.82 -0.99 -11.83
N ALA A 128 14.22 -1.80 -11.01
CA ALA A 128 14.02 -1.41 -9.58
C ALA A 128 15.36 -1.44 -8.83
N ASP A 129 16.26 -2.29 -9.24
CA ASP A 129 17.58 -2.36 -8.54
C ASP A 129 18.43 -1.14 -8.90
N ILE A 130 18.35 -0.09 -8.12
CA ILE A 130 19.16 1.12 -8.42
C ILE A 130 20.59 0.99 -7.84
N ASP A 131 20.89 -0.12 -7.22
CA ASP A 131 22.26 -0.28 -6.63
C ASP A 131 23.03 -1.36 -7.39
N GLY A 132 22.36 -2.40 -7.84
CA GLY A 132 23.07 -3.48 -8.59
C GLY A 132 23.29 -4.68 -7.68
N ASP A 133 22.31 -5.04 -6.90
CA ASP A 133 22.47 -6.21 -5.98
C ASP A 133 21.60 -7.39 -6.45
N GLY A 134 20.71 -7.14 -7.36
CA GLY A 134 19.84 -8.25 -7.86
C GLY A 134 18.47 -8.20 -7.16
N GLN A 135 18.47 -8.06 -5.86
CA GLN A 135 17.19 -8.01 -5.11
C GLN A 135 16.73 -6.56 -4.90
N VAL A 136 15.50 -6.36 -4.55
CA VAL A 136 15.00 -4.97 -4.32
C VAL A 136 14.68 -4.78 -2.84
N ASN A 137 14.75 -3.56 -2.36
CA ASN A 137 14.45 -3.32 -0.91
C ASN A 137 13.42 -2.19 -0.76
N TYR A 138 13.24 -1.72 0.45
CA TYR A 138 12.24 -0.64 0.69
C TYR A 138 12.66 0.67 -0.01
N GLU A 139 13.90 1.02 0.08
CA GLU A 139 14.38 2.29 -0.56
C GLU A 139 14.17 2.25 -2.09
N GLU A 140 14.80 1.31 -2.76
CA GLU A 140 14.66 1.23 -4.25
C GLU A 140 13.19 1.09 -4.64
N PHE A 141 12.38 0.51 -3.81
CA PHE A 141 10.94 0.34 -4.15
C PHE A 141 10.18 1.65 -3.93
N VAL A 142 10.65 2.48 -3.03
CA VAL A 142 9.96 3.77 -2.75
C VAL A 142 10.39 4.84 -3.76
N GLN A 143 11.56 4.69 -4.33
CA GLN A 143 12.05 5.70 -5.32
C GLN A 143 11.73 5.26 -6.75
N MET A 144 11.54 3.99 -6.97
CA MET A 144 11.22 3.52 -8.35
C MET A 144 9.70 3.55 -8.60
N MET A 145 8.92 3.71 -7.56
CA MET A 145 7.45 3.74 -7.72
C MET A 145 6.96 5.18 -7.95
N THR A 146 7.42 6.10 -7.15
CA THR A 146 6.98 7.52 -7.32
C THR A 146 7.87 8.23 -8.35
N ALA A 147 9.16 8.24 -8.14
CA ALA A 147 10.06 8.92 -9.12
C ALA A 147 10.15 8.09 -10.40
N LYS A 148 10.26 8.74 -11.53
CA LYS A 148 10.35 7.99 -12.82
C LYS A 148 11.81 7.63 -13.12
CA CA B . 6.90 8.90 -35.38
CA CA C . -4.08 15.07 -35.50
CA CA D . 10.62 -11.81 -0.61
CA CA E . 18.80 -3.11 -5.16
S1 WW7 F . -0.57 9.01 -21.37
O1 WW7 F . -1.90 8.66 -20.97
O2 WW7 F . -0.04 10.28 -20.99
N1 WW7 F . 0.45 7.87 -20.55
C4 WW7 F . 0.30 8.74 -26.02
C3 WW7 F . 1.33 9.07 -25.04
C2 WW7 F . 1.03 9.10 -23.61
C1 WW7 F . -0.32 8.81 -23.13
C9 WW7 F . -1.38 8.46 -24.09
C10 WW7 F . -1.05 8.43 -25.56
CL1 WW7 F . -1.82 8.02 -28.25
C5 WW7 F . -2.07 8.06 -26.53
C6 WW7 F . -3.41 7.72 -26.07
C7 WW7 F . -3.74 7.75 -24.66
C8 WW7 F . -2.74 8.11 -23.66
C11 WW7 F . 1.87 7.85 -20.87
C12 WW7 F . 2.69 7.32 -19.69
C14 WW7 F . 2.48 4.98 -20.53
C13 WW7 F . 2.24 5.90 -19.34
C15 WW7 F . 2.04 3.55 -20.18
C16 WW7 F . 2.84 3.04 -18.98
N2 WW7 F . 2.47 1.69 -18.59
HN1 WW7 F . 0.32 7.98 -19.54
H4 WW7 F . 0.54 8.71 -27.07
H3 WW7 F . 2.33 9.28 -25.38
H2 WW7 F . 1.81 9.34 -22.92
H6 WW7 F . -4.15 7.45 -26.82
H7 WW7 F . -4.73 7.49 -24.35
H8 WW7 F . -3.05 8.10 -22.63
H111 WW7 F . 2.01 7.22 -21.72
H112 WW7 F . 2.17 8.85 -21.10
H121 WW7 F . 3.73 7.31 -19.96
H122 WW7 F . 2.55 7.97 -18.84
H141 WW7 F . 3.53 4.97 -20.77
H142 WW7 F . 1.92 5.32 -21.38
H131 WW7 F . 2.81 5.55 -18.49
H132 WW7 F . 1.19 5.91 -19.09
H151 WW7 F . 0.98 3.57 -19.93
H152 WW7 F . 2.20 2.90 -21.02
H161 WW7 F . 2.66 3.69 -18.12
H162 WW7 F . 3.89 3.04 -19.22
HN21 WW7 F . 3.04 1.36 -17.82
HN22 WW7 F . 1.51 1.65 -18.27
S1 WW7 G . 4.09 -2.76 -10.07
O1 WW7 G . 3.98 -3.38 -11.35
O2 WW7 G . 4.25 -1.34 -9.97
N1 WW7 G . 2.58 -3.10 -9.27
C4 WW7 G . 7.44 -4.97 -7.57
C3 WW7 G . 6.03 -5.11 -7.24
C2 WW7 G . 5.01 -4.40 -8.02
C1 WW7 G . 5.38 -3.55 -9.14
C9 WW7 G . 6.79 -3.39 -9.49
C10 WW7 G . 7.85 -4.12 -8.68
CL1 WW7 G . 10.53 -4.75 -8.17
C5 WW7 G . 9.25 -3.96 -9.03
C6 WW7 G . 9.63 -3.12 -10.15
C7 WW7 G . 8.61 -2.43 -10.94
C8 WW7 G . 7.20 -2.55 -10.61
C11 WW7 G . 2.31 -2.53 -7.96
C12 WW7 G . 2.18 -1.00 -7.99
C14 WW7 G . 1.71 1.03 -6.62
C13 WW7 G . 1.82 -0.49 -6.60
C15 WW7 G . 0.61 1.46 -7.59
C16 WW7 G . 0.52 2.98 -7.63
N2 WW7 G . 0.26 3.56 -6.33
HN1 WW7 G . 2.43 -4.10 -9.25
H4 WW7 G . 8.19 -5.49 -6.99
H3 WW7 G . 5.75 -5.75 -6.42
H2 WW7 G . 3.96 -4.51 -7.78
H6 WW7 G . 10.67 -3.02 -10.40
H7 WW7 G . 8.92 -1.81 -11.77
H8 WW7 G . 6.45 -2.03 -11.20
H111 WW7 G . 1.39 -2.96 -7.60
H112 WW7 G . 3.12 -2.80 -7.30
H121 WW7 G . 3.12 -0.57 -8.31
H122 WW7 G . 1.41 -0.73 -8.69
H141 WW7 G . 2.66 1.46 -6.93
H142 WW7 G . 1.46 1.39 -5.63
H131 WW7 G . 0.88 -0.92 -6.28
H132 WW7 G . 2.59 -0.78 -5.89
H151 WW7 G . 0.85 1.09 -8.58
H152 WW7 G . -0.34 1.05 -7.27
H161 WW7 G . -0.27 3.29 -8.30
H162 WW7 G . 1.46 3.39 -7.98
HN21 WW7 G . 1.00 3.36 -5.67
HN22 WW7 G . 0.19 4.57 -6.39
N ALA A 1 -16.89 10.13 0.35
CA ALA A 1 -15.72 9.67 1.16
C ALA A 1 -15.76 8.14 1.33
N ASP A 2 -15.42 7.41 0.30
CA ASP A 2 -15.44 5.92 0.41
C ASP A 2 -14.03 5.36 0.23
N GLN A 3 -13.47 4.79 1.27
CA GLN A 3 -12.10 4.21 1.16
C GLN A 3 -12.16 2.68 1.30
N LEU A 4 -12.47 2.00 0.24
CA LEU A 4 -12.55 0.51 0.30
C LEU A 4 -11.89 -0.12 -0.92
N THR A 5 -11.35 -1.30 -0.78
CA THR A 5 -10.70 -1.95 -1.95
C THR A 5 -11.71 -2.04 -3.10
N GLU A 6 -11.25 -2.35 -4.28
CA GLU A 6 -12.19 -2.43 -5.43
C GLU A 6 -12.75 -3.86 -5.57
N GLU A 7 -12.06 -4.84 -5.06
CA GLU A 7 -12.57 -6.24 -5.18
C GLU A 7 -14.02 -6.32 -4.71
N GLN A 8 -14.33 -5.73 -3.59
CA GLN A 8 -15.72 -5.77 -3.07
C GLN A 8 -16.68 -5.13 -4.09
N ILE A 9 -16.45 -3.90 -4.45
CA ILE A 9 -17.34 -3.23 -5.43
C ILE A 9 -17.53 -4.15 -6.65
N ALA A 10 -16.55 -4.95 -6.96
CA ALA A 10 -16.67 -5.87 -8.12
C ALA A 10 -17.68 -6.98 -7.82
N GLU A 11 -17.63 -7.53 -6.64
CA GLU A 11 -18.59 -8.61 -6.29
C GLU A 11 -20.03 -8.12 -6.46
N PHE A 12 -20.31 -6.91 -6.04
CA PHE A 12 -21.69 -6.38 -6.19
C PHE A 12 -22.05 -6.25 -7.67
N LYS A 13 -21.19 -5.68 -8.46
CA LYS A 13 -21.49 -5.54 -9.91
C LYS A 13 -21.94 -6.88 -10.49
N GLU A 14 -21.17 -7.91 -10.26
CA GLU A 14 -21.54 -9.26 -10.79
C GLU A 14 -22.95 -9.61 -10.35
N ALA A 15 -23.29 -9.36 -9.11
CA ALA A 15 -24.66 -9.68 -8.63
C ALA A 15 -25.70 -8.96 -9.49
N PHE A 16 -25.48 -7.71 -9.79
CA PHE A 16 -26.45 -6.96 -10.63
C PHE A 16 -26.52 -7.59 -12.03
N SER A 17 -25.42 -8.12 -12.49
CA SER A 17 -25.43 -8.75 -13.85
C SER A 17 -26.47 -9.88 -13.90
N LEU A 18 -26.31 -10.90 -13.10
CA LEU A 18 -27.28 -12.03 -13.12
C LEU A 18 -28.65 -11.56 -12.61
N PHE A 19 -28.70 -10.42 -11.96
CA PHE A 19 -30.00 -9.91 -11.46
C PHE A 19 -30.89 -9.50 -12.63
N ASP A 20 -30.47 -8.50 -13.37
CA ASP A 20 -31.28 -8.05 -14.53
C ASP A 20 -31.23 -9.10 -15.65
N LYS A 21 -32.30 -9.81 -15.87
CA LYS A 21 -32.30 -10.85 -16.94
C LYS A 21 -33.14 -10.38 -18.12
N ASP A 22 -34.14 -9.58 -17.89
CA ASP A 22 -34.99 -9.10 -19.02
C ASP A 22 -34.20 -8.13 -19.91
N GLY A 23 -33.04 -7.69 -19.47
CA GLY A 23 -32.24 -6.74 -20.28
C GLY A 23 -32.97 -5.41 -20.41
N ASP A 24 -32.60 -4.44 -19.62
CA ASP A 24 -33.28 -3.11 -19.69
C ASP A 24 -32.34 -2.01 -19.16
N GLY A 25 -31.80 -2.19 -18.00
CA GLY A 25 -30.89 -1.15 -17.43
C GLY A 25 -31.27 -0.86 -15.98
N THR A 26 -32.33 -1.44 -15.49
CA THR A 26 -32.75 -1.18 -14.08
C THR A 26 -33.36 -2.44 -13.47
N ILE A 27 -33.25 -2.61 -12.18
CA ILE A 27 -33.84 -3.82 -11.52
C ILE A 27 -35.31 -3.57 -11.17
N THR A 28 -36.21 -4.08 -11.97
CA THR A 28 -37.66 -3.89 -11.68
C THR A 28 -38.20 -5.09 -10.91
N THR A 29 -39.48 -5.09 -10.61
CA THR A 29 -40.06 -6.25 -9.86
C THR A 29 -39.93 -7.53 -10.69
N LYS A 30 -39.95 -7.42 -11.98
CA LYS A 30 -39.82 -8.64 -12.84
C LYS A 30 -38.47 -9.30 -12.62
N GLU A 31 -37.41 -8.57 -12.84
CA GLU A 31 -36.06 -9.15 -12.65
C GLU A 31 -35.90 -9.68 -11.22
N LEU A 32 -36.30 -8.91 -10.25
CA LEU A 32 -36.18 -9.38 -8.85
C LEU A 32 -37.08 -10.60 -8.63
N GLY A 33 -38.09 -10.76 -9.45
CA GLY A 33 -38.98 -11.93 -9.29
C GLY A 33 -38.23 -13.20 -9.67
N THR A 34 -37.47 -13.15 -10.74
CA THR A 34 -36.70 -14.36 -11.15
C THR A 34 -35.41 -14.46 -10.33
N VAL A 35 -34.99 -13.39 -9.73
CA VAL A 35 -33.75 -13.43 -8.91
C VAL A 35 -34.05 -14.05 -7.54
N MET A 36 -35.24 -13.84 -7.04
CA MET A 36 -35.60 -14.41 -5.71
C MET A 36 -36.20 -15.81 -5.88
N ARG A 37 -36.77 -16.08 -7.03
CA ARG A 37 -37.38 -17.43 -7.26
C ARG A 37 -36.34 -18.38 -7.84
N SER A 38 -35.35 -17.85 -8.51
CA SER A 38 -34.29 -18.74 -9.10
C SER A 38 -33.22 -19.04 -8.06
N LEU A 39 -33.19 -18.31 -6.97
CA LEU A 39 -32.16 -18.57 -5.92
C LEU A 39 -32.68 -19.59 -4.90
N GLY A 40 -33.36 -19.15 -3.88
CA GLY A 40 -33.89 -20.11 -2.86
C GLY A 40 -35.15 -19.54 -2.20
N GLN A 41 -36.10 -19.13 -2.98
CA GLN A 41 -37.36 -18.56 -2.39
C GLN A 41 -38.50 -18.66 -3.41
N ASN A 42 -39.71 -18.42 -2.98
CA ASN A 42 -40.86 -18.50 -3.94
C ASN A 42 -41.91 -17.43 -3.60
N PRO A 43 -41.49 -16.19 -3.63
CA PRO A 43 -42.40 -15.07 -3.32
C PRO A 43 -43.27 -14.75 -4.55
N THR A 44 -44.10 -13.75 -4.46
CA THR A 44 -44.97 -13.39 -5.60
C THR A 44 -44.56 -12.02 -6.18
N GLU A 45 -45.09 -11.66 -7.31
CA GLU A 45 -44.73 -10.34 -7.91
C GLU A 45 -45.28 -9.21 -7.03
N ALA A 46 -46.42 -9.40 -6.44
CA ALA A 46 -47.00 -8.33 -5.57
C ALA A 46 -46.19 -8.23 -4.27
N GLU A 47 -46.25 -9.25 -3.45
CA GLU A 47 -45.48 -9.21 -2.17
C GLU A 47 -44.06 -8.74 -2.44
N LEU A 48 -43.51 -9.13 -3.55
CA LEU A 48 -42.12 -8.70 -3.89
C LEU A 48 -42.06 -7.18 -4.00
N GLN A 49 -42.98 -6.59 -4.72
CA GLN A 49 -42.99 -5.11 -4.86
C GLN A 49 -42.92 -4.45 -3.48
N ASP A 50 -43.68 -4.96 -2.54
CA ASP A 50 -43.65 -4.37 -1.17
C ASP A 50 -42.27 -4.59 -0.55
N MET A 51 -41.64 -5.69 -0.88
CA MET A 51 -40.28 -5.95 -0.33
C MET A 51 -39.26 -5.00 -0.97
N ILE A 52 -39.63 -4.41 -2.08
CA ILE A 52 -38.69 -3.45 -2.76
C ILE A 52 -38.86 -2.06 -2.17
N ASN A 53 -40.02 -1.76 -1.66
CA ASN A 53 -40.25 -0.40 -1.07
C ASN A 53 -39.26 -0.16 0.08
N GLU A 54 -38.75 -1.20 0.67
CA GLU A 54 -37.77 -1.02 1.78
C GLU A 54 -36.36 -0.82 1.24
N VAL A 55 -36.10 -1.29 0.05
CA VAL A 55 -34.74 -1.11 -0.56
C VAL A 55 -34.66 0.23 -1.27
N ASP A 56 -35.42 0.41 -2.32
CA ASP A 56 -35.39 1.70 -3.06
C ASP A 56 -35.56 2.87 -2.09
N ALA A 57 -34.78 3.90 -2.25
CA ALA A 57 -34.90 5.08 -1.35
C ALA A 57 -35.61 6.22 -2.07
N ASP A 58 -35.52 6.25 -3.37
CA ASP A 58 -36.20 7.33 -4.13
C ASP A 58 -37.72 7.12 -4.09
N GLY A 59 -38.15 5.89 -4.00
CA GLY A 59 -39.62 5.61 -3.95
C GLY A 59 -40.21 5.69 -5.35
N ASN A 60 -39.41 5.49 -6.36
CA ASN A 60 -39.94 5.57 -7.76
C ASN A 60 -40.62 4.24 -8.14
N GLY A 61 -40.14 3.14 -7.62
CA GLY A 61 -40.77 1.82 -7.96
C GLY A 61 -39.70 0.83 -8.42
N THR A 62 -38.55 1.31 -8.81
CA THR A 62 -37.47 0.38 -9.28
C THR A 62 -36.10 0.91 -8.86
N ILE A 63 -35.07 0.12 -9.02
CA ILE A 63 -33.70 0.58 -8.63
C ILE A 63 -32.83 0.75 -9.88
N ASP A 64 -31.72 1.45 -9.76
CA ASP A 64 -30.84 1.65 -10.94
C ASP A 64 -29.41 1.19 -10.62
N PHE A 65 -28.46 1.59 -11.43
CA PHE A 65 -27.05 1.17 -11.19
C PHE A 65 -26.40 2.04 -10.08
N PRO A 66 -26.61 3.34 -10.12
CA PRO A 66 -26.02 4.23 -9.10
C PRO A 66 -26.74 4.04 -7.75
N GLU A 67 -28.01 3.75 -7.79
CA GLU A 67 -28.75 3.54 -6.53
C GLU A 67 -28.42 2.15 -5.97
N PHE A 68 -27.94 1.27 -6.81
CA PHE A 68 -27.58 -0.09 -6.34
C PHE A 68 -26.19 -0.06 -5.68
N LEU A 69 -25.26 0.61 -6.29
CA LEU A 69 -23.89 0.68 -5.70
C LEU A 69 -23.91 1.58 -4.47
N THR A 70 -24.88 2.45 -4.38
CA THR A 70 -24.96 3.36 -3.19
C THR A 70 -25.71 2.66 -2.05
N MET A 71 -26.77 1.96 -2.35
CA MET A 71 -27.54 1.26 -1.28
C MET A 71 -26.68 0.16 -0.65
N MET A 72 -25.84 -0.47 -1.43
CA MET A 72 -24.98 -1.56 -0.87
C MET A 72 -23.65 -0.98 -0.36
N ALA A 73 -23.37 0.27 -0.66
CA ALA A 73 -22.10 0.88 -0.19
C ALA A 73 -22.17 1.15 1.32
N ARG A 74 -23.34 1.08 1.90
CA ARG A 74 -23.47 1.34 3.37
C ARG A 74 -22.49 0.45 4.14
N LYS A 75 -22.75 -0.83 4.17
CA LYS A 75 -21.84 -1.76 4.91
C LYS A 75 -20.38 -1.50 4.52
N MET A 76 -19.51 -1.37 5.49
CA MET A 76 -18.07 -1.13 5.18
C MET A 76 -17.25 -2.40 5.43
N LYS A 77 -16.46 -2.81 4.48
CA LYS A 77 -15.63 -4.03 4.67
C LYS A 77 -14.16 -3.64 4.82
N ASP A 78 -13.78 -2.50 4.30
CA ASP A 78 -12.36 -2.06 4.41
C ASP A 78 -12.30 -0.57 4.69
N THR A 79 -11.29 -0.13 5.39
CA THR A 79 -11.17 1.33 5.69
C THR A 79 -9.70 1.72 5.81
N ASP A 80 -8.96 1.63 4.74
CA ASP A 80 -7.51 2.00 4.80
C ASP A 80 -7.37 3.48 5.16
N SER A 81 -6.24 4.05 4.88
CA SER A 81 -6.02 5.49 5.19
C SER A 81 -4.82 6.02 4.41
N GLU A 82 -3.69 5.38 4.55
CA GLU A 82 -2.47 5.84 3.80
C GLU A 82 -1.38 4.76 3.88
N GLU A 83 -1.51 3.72 3.09
CA GLU A 83 -0.48 2.65 3.12
C GLU A 83 -0.59 1.78 1.85
N GLU A 84 -0.56 2.39 0.69
CA GLU A 84 -0.68 1.60 -0.58
C GLU A 84 0.65 0.90 -0.92
N ILE A 85 1.68 1.65 -1.18
CA ILE A 85 3.00 1.03 -1.52
C ILE A 85 3.31 -0.09 -0.52
N ARG A 86 2.90 0.07 0.71
CA ARG A 86 3.15 -0.98 1.72
C ARG A 86 2.37 -2.25 1.35
N GLU A 87 1.11 -2.09 1.03
CA GLU A 87 0.29 -3.28 0.66
C GLU A 87 1.02 -4.12 -0.39
N ALA A 88 1.53 -3.49 -1.42
CA ALA A 88 2.27 -4.26 -2.47
C ALA A 88 3.51 -4.91 -1.87
N PHE A 89 4.42 -4.13 -1.36
CA PHE A 89 5.66 -4.69 -0.77
C PHE A 89 5.34 -5.90 0.12
N ARG A 90 4.16 -5.94 0.68
CA ARG A 90 3.79 -7.08 1.56
C ARG A 90 3.48 -8.33 0.72
N VAL A 91 2.69 -8.18 -0.31
CA VAL A 91 2.36 -9.37 -1.16
C VAL A 91 3.58 -9.81 -1.98
N PHE A 92 4.62 -9.03 -2.00
CA PHE A 92 5.82 -9.42 -2.79
C PHE A 92 6.93 -9.96 -1.87
N ASP A 93 6.90 -9.61 -0.62
CA ASP A 93 7.96 -10.13 0.32
C ASP A 93 7.33 -11.05 1.36
N LYS A 94 7.04 -12.26 0.99
CA LYS A 94 6.44 -13.22 1.96
C LYS A 94 7.44 -14.32 2.34
N ASP A 95 8.58 -14.37 1.68
CA ASP A 95 9.58 -15.41 2.03
C ASP A 95 10.25 -15.08 3.37
N GLY A 96 10.52 -13.83 3.64
CA GLY A 96 11.15 -13.47 4.94
C GLY A 96 12.49 -12.73 4.74
N ASN A 97 13.14 -12.92 3.62
CA ASN A 97 14.45 -12.24 3.40
C ASN A 97 14.29 -10.71 3.49
N GLY A 98 13.14 -10.18 3.14
CA GLY A 98 12.94 -8.70 3.23
C GLY A 98 13.26 -8.02 1.89
N TYR A 99 13.31 -8.78 0.83
CA TYR A 99 13.61 -8.16 -0.51
C TYR A 99 12.78 -8.84 -1.60
N ILE A 100 12.46 -8.14 -2.64
CA ILE A 100 11.66 -8.75 -3.74
C ILE A 100 12.60 -9.34 -4.80
N SER A 101 12.37 -10.56 -5.19
CA SER A 101 13.26 -11.20 -6.21
C SER A 101 12.45 -11.48 -7.49
N ALA A 102 13.13 -11.76 -8.57
CA ALA A 102 12.41 -12.05 -9.84
C ALA A 102 11.46 -13.25 -9.66
N ALA A 103 11.80 -14.15 -8.79
CA ALA A 103 10.92 -15.34 -8.57
C ALA A 103 9.66 -14.95 -7.78
N GLU A 104 9.84 -14.34 -6.65
CA GLU A 104 8.66 -13.94 -5.83
C GLU A 104 7.70 -13.09 -6.67
N LEU A 105 8.22 -12.21 -7.49
CA LEU A 105 7.33 -11.35 -8.33
C LEU A 105 6.69 -12.18 -9.44
N ARG A 106 7.38 -13.18 -9.94
CA ARG A 106 6.79 -14.01 -11.03
C ARG A 106 5.67 -14.89 -10.46
N HIS A 107 5.68 -15.11 -9.17
CA HIS A 107 4.61 -15.96 -8.57
C HIS A 107 3.50 -15.05 -8.01
N VAL A 108 3.81 -13.80 -7.77
CA VAL A 108 2.77 -12.87 -7.24
C VAL A 108 1.92 -12.30 -8.39
N MET A 109 2.53 -12.01 -9.50
CA MET A 109 1.77 -11.45 -10.65
C MET A 109 0.74 -12.47 -11.15
N THR A 110 1.03 -13.73 -11.00
CA THR A 110 0.06 -14.77 -11.47
C THR A 110 -1.19 -14.76 -10.57
N ASN A 111 -1.00 -14.58 -9.29
CA ASN A 111 -2.18 -14.56 -8.36
C ASN A 111 -3.05 -13.33 -8.65
N LEU A 112 -2.45 -12.19 -8.86
CA LEU A 112 -3.24 -10.96 -9.14
C LEU A 112 -3.96 -11.10 -10.49
N GLY A 113 -3.34 -11.77 -11.43
CA GLY A 113 -3.99 -11.94 -12.76
C GLY A 113 -3.11 -11.29 -13.84
N GLU A 114 -2.19 -10.44 -13.45
CA GLU A 114 -1.31 -9.78 -14.45
C GLU A 114 -0.37 -10.79 -15.08
N LYS A 115 -0.51 -11.05 -16.35
CA LYS A 115 0.37 -12.03 -17.03
C LYS A 115 1.62 -11.34 -17.60
N LEU A 116 2.78 -11.74 -17.18
CA LEU A 116 4.02 -11.11 -17.70
C LEU A 116 4.97 -12.17 -18.25
N THR A 117 6.01 -11.76 -18.92
CA THR A 117 6.97 -12.75 -19.48
C THR A 117 8.18 -12.90 -18.56
N ASP A 118 8.90 -13.98 -18.67
CA ASP A 118 10.08 -14.18 -17.78
C ASP A 118 11.03 -12.98 -17.92
N GLU A 119 11.27 -12.53 -19.11
CA GLU A 119 12.19 -11.36 -19.30
C GLU A 119 11.59 -10.10 -18.67
N GLU A 120 10.32 -9.87 -18.86
CA GLU A 120 9.68 -8.66 -18.27
C GLU A 120 9.90 -8.61 -16.75
N VAL A 121 9.67 -9.70 -16.08
CA VAL A 121 9.87 -9.72 -14.60
C VAL A 121 11.31 -9.37 -14.25
N ASP A 122 12.26 -10.08 -14.79
CA ASP A 122 13.69 -9.78 -14.48
C ASP A 122 14.00 -8.31 -14.83
N GLU A 123 13.26 -7.75 -15.74
CA GLU A 123 13.50 -6.33 -16.12
C GLU A 123 12.96 -5.39 -15.05
N MET A 124 11.88 -5.76 -14.42
CA MET A 124 11.30 -4.89 -13.35
C MET A 124 12.19 -4.92 -12.11
N ILE A 125 12.68 -6.08 -11.74
CA ILE A 125 13.56 -6.17 -10.55
C ILE A 125 14.88 -5.43 -10.81
N ARG A 126 15.39 -5.50 -12.00
CA ARG A 126 16.67 -4.81 -12.32
C ARG A 126 16.48 -3.30 -12.24
N GLU A 127 15.56 -2.77 -13.00
CA GLU A 127 15.32 -1.29 -12.98
C GLU A 127 15.13 -0.80 -11.54
N ALA A 128 14.40 -1.52 -10.74
CA ALA A 128 14.17 -1.09 -9.34
C ALA A 128 15.46 -1.22 -8.52
N ASP A 129 16.29 -2.16 -8.86
CA ASP A 129 17.56 -2.34 -8.10
C ASP A 129 18.56 -1.23 -8.47
N ILE A 130 18.45 -0.10 -7.85
CA ILE A 130 19.40 1.01 -8.15
C ILE A 130 20.85 0.56 -7.91
N ASP A 131 21.07 -0.21 -6.89
CA ASP A 131 22.46 -0.69 -6.59
C ASP A 131 22.83 -1.82 -7.55
N GLY A 132 21.87 -2.62 -7.95
CA GLY A 132 22.16 -3.74 -8.88
C GLY A 132 22.73 -4.93 -8.09
N ASP A 133 21.98 -5.45 -7.16
CA ASP A 133 22.47 -6.61 -6.36
C ASP A 133 21.58 -7.85 -6.59
N GLY A 134 20.66 -7.76 -7.52
CA GLY A 134 19.78 -8.94 -7.79
C GLY A 134 18.53 -8.84 -6.91
N GLN A 135 18.67 -8.45 -5.67
CA GLN A 135 17.49 -8.35 -4.77
C GLN A 135 16.98 -6.90 -4.70
N VAL A 136 15.74 -6.72 -4.34
CA VAL A 136 15.19 -5.33 -4.25
C VAL A 136 14.85 -4.99 -2.79
N ASN A 137 15.23 -3.83 -2.33
CA ASN A 137 14.91 -3.45 -0.93
C ASN A 137 13.77 -2.42 -0.90
N TYR A 138 13.26 -2.11 0.25
CA TYR A 138 12.13 -1.13 0.34
C TYR A 138 12.46 0.19 -0.39
N GLU A 139 13.49 0.87 0.03
CA GLU A 139 13.85 2.17 -0.62
C GLU A 139 13.78 2.06 -2.15
N GLU A 140 14.42 1.09 -2.73
CA GLU A 140 14.38 0.95 -4.22
C GLU A 140 12.94 0.78 -4.71
N PHE A 141 12.15 0.05 -3.96
CA PHE A 141 10.73 -0.17 -4.38
C PHE A 141 9.94 1.14 -4.35
N VAL A 142 10.38 2.11 -3.59
CA VAL A 142 9.63 3.40 -3.52
C VAL A 142 10.13 4.40 -4.58
N GLN A 143 11.41 4.48 -4.79
CA GLN A 143 11.94 5.45 -5.80
C GLN A 143 11.79 4.87 -7.22
N MET A 144 11.50 3.61 -7.33
CA MET A 144 11.34 3.00 -8.67
C MET A 144 9.87 3.09 -9.14
N MET A 145 8.97 3.45 -8.26
CA MET A 145 7.53 3.53 -8.65
C MET A 145 7.16 4.92 -9.18
N THR A 146 7.11 5.90 -8.32
CA THR A 146 6.73 7.27 -8.79
C THR A 146 7.86 8.27 -8.56
N ALA A 147 9.07 7.87 -8.75
CA ALA A 147 10.21 8.80 -8.55
C ALA A 147 10.85 9.13 -9.89
N LYS A 148 11.29 10.34 -10.07
CA LYS A 148 11.92 10.75 -11.36
C LYS A 148 10.90 10.65 -12.49
CA CA B . -34.60 -4.73 -16.47
CA CA C . -34.82 4.29 -7.21
CA CA D . 11.14 -10.83 -0.63
CA CA E . 19.09 -3.67 -4.51
S1 WW7 F . -29.45 -8.39 -1.56
O1 WW7 F . -29.96 -8.17 -0.24
O2 WW7 F . -28.08 -8.08 -1.85
N1 WW7 F . -29.56 -10.11 -1.82
C4 WW7 F . -31.94 -6.45 -5.08
C3 WW7 F . -30.56 -6.91 -5.25
C2 WW7 F . -29.83 -7.49 -4.12
C1 WW7 F . -30.46 -7.62 -2.80
C9 WW7 F . -31.84 -7.18 -2.61
C10 WW7 F . -32.60 -6.58 -3.79
CL1 WW7 F . -34.91 -5.43 -4.89
C5 WW7 F . -33.97 -6.14 -3.61
C6 WW7 F . -34.61 -6.28 -2.33
C7 WW7 F . -33.90 -6.86 -1.19
C8 WW7 F . -32.52 -7.31 -1.32
C11 WW7 F . -29.51 -10.58 -3.19
C12 WW7 F . -28.90 -11.97 -3.35
C14 WW7 F . -31.13 -12.97 -2.85
C13 WW7 F . -29.65 -12.97 -2.47
C15 WW7 F . -31.92 -13.93 -1.93
C16 WW7 F . -31.45 -15.37 -2.15
N2 WW7 F . -30.12 -15.69 -1.66
HN1 WW7 F . -28.87 -10.58 -1.23
H4 WW7 F . -32.48 -6.03 -5.91
H3 WW7 F . -30.07 -6.82 -6.20
H2 WW7 F . -28.82 -7.84 -4.26
H6 WW7 F . -35.64 -5.94 -2.21
H7 WW7 F . -34.41 -6.96 -0.24
H8 WW7 F . -32.03 -7.74 -0.46
H111 WW7 F . -30.53 -10.59 -3.55
H112 WW7 F . -28.93 -9.86 -3.77
H121 WW7 F . -28.97 -12.28 -4.38
H122 WW7 F . -27.86 -11.94 -3.06
H141 WW7 F . -31.25 -13.29 -3.88
H142 WW7 F . -31.54 -11.98 -2.75
H131 WW7 F . -29.24 -13.94 -2.62
H132 WW7 F . -29.55 -12.68 -1.44
H151 WW7 F . -31.76 -13.64 -0.90
H152 WW7 F . -32.98 -13.85 -2.17
H161 WW7 F . -31.50 -15.61 -3.19
H162 WW7 F . -32.10 -16.03 -1.61
HN21 WW7 F . -29.85 -16.63 -1.94
HN22 WW7 F . -30.09 -15.67 -0.65
S1 WW7 G . 4.01 -2.66 -9.14
O1 WW7 G . 3.11 -3.45 -9.93
O2 WW7 G . 4.44 -1.37 -9.61
N1 WW7 G . 3.17 -2.36 -7.66
C4 WW7 G . 7.57 -5.38 -7.63
C3 WW7 G . 6.18 -5.58 -7.21
C2 WW7 G . 5.12 -4.72 -7.71
C1 WW7 G . 5.40 -3.65 -8.66
C9 WW7 G . 6.78 -3.44 -9.12
C10 WW7 G . 7.88 -4.33 -8.58
CL1 WW7 G . 10.59 -5.06 -8.46
C5 WW7 G . 9.25 -4.12 -9.04
C6 WW7 G . 9.55 -3.09 -10.02
C7 WW7 G . 8.48 -2.24 -10.55
C8 WW7 G . 7.10 -2.42 -10.11
C11 WW7 G . 1.90 -1.63 -7.68
C12 WW7 G . 1.89 -0.45 -6.71
C14 WW7 G . -0.57 -0.75 -6.28
C13 WW7 G . 0.52 0.23 -6.75
C15 WW7 G . -1.92 -0.07 -6.31
C16 WW7 G . -2.99 -1.05 -5.84
N2 WW7 G . -3.09 -2.23 -6.68
HN1 WW7 G . 3.05 -3.23 -7.16
H4 WW7 G . 8.37 -6.00 -7.24
H3 WW7 G . 5.94 -6.38 -6.52
H2 WW7 G . 4.09 -4.85 -7.42
H6 WW7 G . 10.57 -2.94 -10.34
H7 WW7 G . 8.72 -1.49 -11.28
H8 WW7 G . 6.34 -1.77 -10.52
H111 WW7 G . 1.72 -1.28 -8.69
H112 WW7 G . 1.12 -2.34 -7.41
H121 WW7 G . 2.08 -0.81 -5.70
H122 WW7 G . 2.65 0.26 -6.99
H141 WW7 G . -0.34 -1.08 -5.29
H142 WW7 G . -0.57 -1.61 -6.95
H131 WW7 G . 0.52 1.09 -6.09
H132 WW7 G . 0.30 0.55 -7.76
H151 WW7 G . -1.91 0.79 -5.65
H152 WW7 G . -2.15 0.25 -7.31
H161 WW7 G . -3.97 -0.56 -5.85
H162 WW7 G . -2.78 -1.37 -4.83
HN21 WW7 G . -3.35 -1.97 -7.62
HN22 WW7 G . -3.80 -2.86 -6.35
N ALA A 1 0.97 12.56 -19.97
CA ALA A 1 1.16 11.54 -18.89
C ALA A 1 0.28 10.32 -19.17
N ASP A 2 -1.00 10.51 -19.33
CA ASP A 2 -1.90 9.36 -19.61
C ASP A 2 -2.19 9.25 -21.10
N GLN A 3 -1.53 8.35 -21.78
CA GLN A 3 -1.76 8.19 -23.25
C GLN A 3 -2.47 6.87 -23.53
N LEU A 4 -3.78 6.90 -23.65
CA LEU A 4 -4.54 5.65 -23.93
C LEU A 4 -4.01 4.98 -25.20
N THR A 5 -4.48 3.80 -25.51
CA THR A 5 -4.01 3.11 -26.74
C THR A 5 -4.72 3.68 -27.97
N GLU A 6 -4.09 3.63 -29.11
CA GLU A 6 -4.74 4.18 -30.34
C GLU A 6 -6.01 3.39 -30.67
N GLU A 7 -6.17 2.23 -30.09
CA GLU A 7 -7.38 1.42 -30.37
C GLU A 7 -8.63 2.08 -29.78
N GLN A 8 -8.67 2.22 -28.49
CA GLN A 8 -9.85 2.86 -27.84
C GLN A 8 -10.03 4.29 -28.39
N ILE A 9 -8.96 5.01 -28.56
CA ILE A 9 -9.08 6.40 -29.09
C ILE A 9 -9.77 6.38 -30.46
N ALA A 10 -9.47 5.38 -31.26
CA ALA A 10 -10.12 5.30 -32.61
C ALA A 10 -11.61 4.97 -32.47
N GLU A 11 -11.96 4.21 -31.47
CA GLU A 11 -13.39 3.86 -31.26
C GLU A 11 -14.20 5.14 -31.02
N PHE A 12 -13.77 5.95 -30.10
CA PHE A 12 -14.50 7.22 -29.83
C PHE A 12 -14.57 8.06 -31.10
N LYS A 13 -13.50 8.08 -31.87
CA LYS A 13 -13.51 8.87 -33.13
C LYS A 13 -14.69 8.45 -33.99
N GLU A 14 -14.96 7.18 -34.07
CA GLU A 14 -16.12 6.72 -34.88
C GLU A 14 -17.41 7.29 -34.32
N ALA A 15 -17.59 7.25 -33.02
CA ALA A 15 -18.84 7.82 -32.43
C ALA A 15 -19.02 9.26 -32.90
N PHE A 16 -17.99 10.06 -32.82
CA PHE A 16 -18.11 11.47 -33.27
C PHE A 16 -18.34 11.51 -34.79
N SER A 17 -17.89 10.51 -35.49
CA SER A 17 -18.08 10.48 -36.96
C SER A 17 -19.58 10.49 -37.29
N LEU A 18 -20.30 9.48 -36.90
CA LEU A 18 -21.76 9.47 -37.19
C LEU A 18 -22.45 10.62 -36.45
N PHE A 19 -21.82 11.14 -35.44
CA PHE A 19 -22.44 12.28 -34.70
C PHE A 19 -22.44 13.53 -35.57
N ASP A 20 -21.46 13.65 -36.42
CA ASP A 20 -21.40 14.84 -37.32
C ASP A 20 -21.96 14.48 -38.70
N LYS A 21 -23.20 14.78 -38.94
CA LYS A 21 -23.81 14.45 -40.26
C LYS A 21 -23.55 15.58 -41.26
N ASP A 22 -22.33 16.01 -41.38
CA ASP A 22 -22.01 17.10 -42.34
C ASP A 22 -20.49 17.28 -42.47
N GLY A 23 -19.75 17.04 -41.42
CA GLY A 23 -18.27 17.21 -41.49
C GLY A 23 -17.94 18.69 -41.43
N ASP A 24 -18.30 19.35 -40.35
CA ASP A 24 -18.00 20.81 -40.24
C ASP A 24 -16.88 21.07 -39.22
N GLY A 25 -16.88 20.36 -38.12
CA GLY A 25 -15.81 20.57 -37.10
C GLY A 25 -16.41 20.61 -35.70
N THR A 26 -17.71 20.66 -35.58
CA THR A 26 -18.34 20.70 -34.23
C THR A 26 -19.72 20.06 -34.26
N ILE A 27 -20.30 19.81 -33.12
CA ILE A 27 -21.65 19.19 -33.07
C ILE A 27 -22.71 20.25 -32.76
N THR A 28 -23.70 20.38 -33.61
CA THR A 28 -24.78 21.39 -33.37
C THR A 28 -25.94 20.75 -32.62
N THR A 29 -27.08 21.39 -32.61
CA THR A 29 -28.27 20.81 -31.90
C THR A 29 -29.09 19.92 -32.85
N LYS A 30 -29.35 20.38 -34.05
CA LYS A 30 -30.16 19.54 -34.99
C LYS A 30 -29.50 18.17 -35.19
N GLU A 31 -28.20 18.14 -35.39
CA GLU A 31 -27.52 16.82 -35.57
C GLU A 31 -27.65 16.02 -34.28
N LEU A 32 -27.34 16.63 -33.16
CA LEU A 32 -27.45 15.90 -31.87
C LEU A 32 -28.90 15.50 -31.62
N GLY A 33 -29.83 16.08 -32.34
CA GLY A 33 -31.25 15.73 -32.15
C GLY A 33 -31.52 14.38 -32.81
N THR A 34 -31.03 14.20 -34.02
CA THR A 34 -31.24 12.90 -34.70
C THR A 34 -30.38 11.82 -34.03
N VAL A 35 -29.37 12.22 -33.32
CA VAL A 35 -28.49 11.22 -32.63
C VAL A 35 -29.11 10.81 -31.30
N MET A 36 -29.80 11.70 -30.65
CA MET A 36 -30.44 11.36 -29.34
C MET A 36 -31.85 10.78 -29.58
N ARG A 37 -32.39 11.01 -30.74
CA ARG A 37 -33.75 10.48 -31.05
C ARG A 37 -33.65 9.10 -31.70
N SER A 38 -32.65 8.89 -32.52
CA SER A 38 -32.50 7.57 -33.19
C SER A 38 -31.84 6.57 -32.23
N LEU A 39 -30.80 6.98 -31.55
CA LEU A 39 -30.12 6.06 -30.61
C LEU A 39 -30.71 6.22 -29.20
N GLY A 40 -31.06 7.43 -28.83
CA GLY A 40 -31.63 7.65 -27.47
C GLY A 40 -33.02 7.01 -27.39
N GLN A 41 -34.05 7.80 -27.28
CA GLN A 41 -35.42 7.23 -27.18
C GLN A 41 -36.44 8.18 -27.82
N ASN A 42 -36.69 9.29 -27.18
CA ASN A 42 -37.68 10.26 -27.75
C ASN A 42 -37.52 11.63 -27.09
N PRO A 43 -36.30 12.10 -27.04
CA PRO A 43 -36.04 13.42 -26.43
C PRO A 43 -36.58 14.54 -27.32
N THR A 44 -36.19 15.75 -27.08
CA THR A 44 -36.68 16.88 -27.92
C THR A 44 -35.57 17.90 -28.16
N GLU A 45 -35.81 18.87 -28.99
CA GLU A 45 -34.76 19.90 -29.26
C GLU A 45 -34.52 20.75 -28.02
N ALA A 46 -35.50 20.86 -27.16
CA ALA A 46 -35.33 21.67 -25.92
C ALA A 46 -34.44 20.90 -24.94
N GLU A 47 -34.91 19.78 -24.45
CA GLU A 47 -34.10 18.99 -23.50
C GLU A 47 -32.73 18.72 -24.10
N LEU A 48 -32.63 18.77 -25.41
CA LEU A 48 -31.31 18.54 -26.06
C LEU A 48 -30.38 19.70 -25.75
N GLN A 49 -30.78 20.90 -26.08
CA GLN A 49 -29.93 22.09 -25.78
C GLN A 49 -29.43 22.01 -24.33
N ASP A 50 -30.30 21.67 -23.42
CA ASP A 50 -29.90 21.55 -21.99
C ASP A 50 -28.84 20.45 -21.86
N MET A 51 -29.02 19.35 -22.55
CA MET A 51 -28.04 18.23 -22.47
C MET A 51 -26.69 18.69 -23.06
N ILE A 52 -26.71 19.75 -23.83
CA ILE A 52 -25.44 20.25 -24.42
C ILE A 52 -24.78 21.25 -23.48
N ASN A 53 -25.57 21.88 -22.63
CA ASN A 53 -24.99 22.88 -21.68
C ASN A 53 -24.07 22.18 -20.68
N GLU A 54 -24.41 20.99 -20.26
CA GLU A 54 -23.55 20.27 -19.28
C GLU A 54 -22.22 19.86 -19.94
N VAL A 55 -22.25 19.49 -21.19
CA VAL A 55 -20.99 19.10 -21.89
C VAL A 55 -20.16 20.33 -22.24
N ASP A 56 -20.65 21.14 -23.15
CA ASP A 56 -19.91 22.37 -23.56
C ASP A 56 -19.36 23.10 -22.33
N ALA A 57 -18.08 23.01 -22.10
CA ALA A 57 -17.49 23.70 -20.91
C ALA A 57 -16.63 24.88 -21.36
N ASP A 58 -17.00 25.54 -22.43
CA ASP A 58 -16.20 26.70 -22.91
C ASP A 58 -17.07 27.95 -22.98
N GLY A 59 -18.29 27.81 -23.44
CA GLY A 59 -19.20 28.99 -23.54
C GLY A 59 -19.31 29.45 -25.00
N ASN A 60 -19.49 28.54 -25.91
CA ASN A 60 -19.60 28.95 -27.35
C ASN A 60 -20.94 28.47 -27.94
N GLY A 61 -21.49 27.40 -27.42
CA GLY A 61 -22.79 26.91 -27.95
C GLY A 61 -22.68 25.44 -28.36
N THR A 62 -22.04 25.17 -29.46
CA THR A 62 -21.90 23.76 -29.93
C THR A 62 -20.69 23.08 -29.27
N ILE A 63 -20.56 21.79 -29.43
CA ILE A 63 -19.40 21.09 -28.83
C ILE A 63 -18.24 21.05 -29.83
N ASP A 64 -17.04 20.85 -29.35
CA ASP A 64 -15.87 20.83 -30.28
C ASP A 64 -15.23 19.44 -30.29
N PHE A 65 -14.19 19.27 -31.05
CA PHE A 65 -13.51 17.94 -31.10
C PHE A 65 -12.66 17.67 -29.84
N PRO A 66 -11.95 18.67 -29.36
CA PRO A 66 -11.12 18.48 -28.15
C PRO A 66 -11.98 18.36 -26.91
N GLU A 67 -13.22 18.77 -26.98
CA GLU A 67 -14.11 18.63 -25.80
C GLU A 67 -14.71 17.22 -25.78
N PHE A 68 -15.03 16.71 -26.93
CA PHE A 68 -15.61 15.34 -27.01
C PHE A 68 -14.58 14.30 -26.51
N LEU A 69 -13.36 14.38 -26.99
CA LEU A 69 -12.33 13.41 -26.55
C LEU A 69 -11.85 13.73 -25.12
N THR A 70 -11.76 14.98 -24.78
CA THR A 70 -11.31 15.35 -23.41
C THR A 70 -12.43 15.10 -22.39
N MET A 71 -13.61 14.82 -22.84
CA MET A 71 -14.72 14.56 -21.90
C MET A 71 -14.80 13.06 -21.59
N MET A 72 -14.82 12.25 -22.62
CA MET A 72 -14.91 10.76 -22.40
C MET A 72 -13.52 10.11 -22.32
N ALA A 73 -12.75 10.17 -23.38
CA ALA A 73 -11.40 9.53 -23.39
C ALA A 73 -10.51 10.06 -22.25
N ARG A 74 -10.88 11.14 -21.63
CA ARG A 74 -10.04 11.68 -20.53
C ARG A 74 -10.72 11.50 -19.17
N LYS A 75 -11.12 10.30 -18.85
CA LYS A 75 -11.79 10.05 -17.54
C LYS A 75 -10.75 9.61 -16.49
N MET A 76 -10.85 10.09 -15.28
CA MET A 76 -9.85 9.69 -14.25
C MET A 76 -10.50 9.63 -12.86
N LYS A 77 -9.73 9.30 -11.85
CA LYS A 77 -10.29 9.21 -10.47
C LYS A 77 -9.14 9.32 -9.45
N ASP A 78 -9.26 10.19 -8.49
CA ASP A 78 -8.16 10.36 -7.49
C ASP A 78 -8.65 10.01 -6.07
N THR A 79 -9.78 9.36 -5.97
CA THR A 79 -10.28 9.00 -4.61
C THR A 79 -9.53 7.78 -4.08
N ASP A 80 -8.38 8.01 -3.48
CA ASP A 80 -7.59 6.86 -2.94
C ASP A 80 -6.46 7.39 -2.05
N SER A 81 -6.01 6.61 -1.11
CA SER A 81 -4.91 7.08 -0.22
C SER A 81 -3.59 7.10 -0.98
N GLU A 82 -2.49 7.28 -0.29
CA GLU A 82 -1.17 7.33 -0.97
C GLU A 82 -0.16 6.44 -0.24
N GLU A 83 -0.48 5.19 -0.05
CA GLU A 83 0.46 4.29 0.67
C GLU A 83 0.28 2.84 0.17
N GLU A 84 -0.32 2.67 -0.97
CA GLU A 84 -0.53 1.30 -1.50
C GLU A 84 0.83 0.59 -1.67
N ILE A 85 1.88 1.33 -1.89
CA ILE A 85 3.21 0.69 -2.05
C ILE A 85 3.50 -0.25 -0.89
N ARG A 86 3.14 0.14 0.31
CA ARG A 86 3.39 -0.73 1.50
C ARG A 86 2.76 -2.11 1.28
N GLU A 87 1.52 -2.16 0.88
CA GLU A 87 0.86 -3.48 0.65
C GLU A 87 1.54 -4.23 -0.50
N ALA A 88 1.96 -3.53 -1.52
CA ALA A 88 2.63 -4.21 -2.66
C ALA A 88 3.94 -4.84 -2.21
N PHE A 89 4.51 -4.35 -1.14
CA PHE A 89 5.81 -4.92 -0.66
C PHE A 89 5.55 -6.17 0.19
N ARG A 90 4.52 -6.14 0.98
CA ARG A 90 4.21 -7.32 1.85
C ARG A 90 3.70 -8.49 1.01
N VAL A 91 3.01 -8.21 -0.07
CA VAL A 91 2.49 -9.32 -0.92
C VAL A 91 3.57 -9.83 -1.87
N PHE A 92 4.33 -8.94 -2.46
CA PHE A 92 5.41 -9.39 -3.40
C PHE A 92 6.50 -10.14 -2.63
N ASP A 93 6.62 -9.88 -1.36
CA ASP A 93 7.66 -10.59 -0.55
C ASP A 93 7.00 -11.60 0.38
N LYS A 94 6.65 -12.76 -0.12
CA LYS A 94 5.99 -13.78 0.75
C LYS A 94 7.02 -14.80 1.27
N ASP A 95 8.27 -14.63 0.94
CA ASP A 95 9.30 -15.60 1.43
C ASP A 95 9.66 -15.27 2.89
N GLY A 96 9.53 -14.03 3.27
CA GLY A 96 9.87 -13.65 4.68
C GLY A 96 11.31 -13.15 4.76
N ASN A 97 11.73 -12.33 3.83
CA ASN A 97 13.13 -11.82 3.87
C ASN A 97 13.16 -10.27 3.76
N GLY A 98 12.07 -9.66 3.38
CA GLY A 98 12.04 -8.15 3.28
C GLY A 98 12.54 -7.69 1.90
N TYR A 99 13.02 -8.59 1.08
CA TYR A 99 13.53 -8.18 -0.27
C TYR A 99 12.67 -8.82 -1.37
N ILE A 100 12.37 -8.08 -2.41
CA ILE A 100 11.54 -8.65 -3.52
C ILE A 100 12.45 -9.25 -4.59
N SER A 101 12.38 -10.53 -4.79
CA SER A 101 13.24 -11.18 -5.82
C SER A 101 12.44 -11.42 -7.10
N ALA A 102 13.08 -11.84 -8.16
CA ALA A 102 12.35 -12.09 -9.42
C ALA A 102 11.46 -13.34 -9.29
N ALA A 103 11.97 -14.37 -8.67
CA ALA A 103 11.15 -15.61 -8.51
C ALA A 103 9.82 -15.28 -7.82
N GLU A 104 9.87 -14.64 -6.70
CA GLU A 104 8.61 -14.28 -5.98
C GLU A 104 7.71 -13.45 -6.90
N LEU A 105 8.23 -12.42 -7.50
CA LEU A 105 7.40 -11.58 -8.40
C LEU A 105 6.67 -12.47 -9.42
N ARG A 106 7.30 -13.53 -9.84
CA ARG A 106 6.64 -14.43 -10.83
C ARG A 106 5.44 -15.12 -10.19
N HIS A 107 5.59 -15.54 -8.96
CA HIS A 107 4.44 -16.21 -8.27
C HIS A 107 3.40 -15.18 -7.84
N VAL A 108 3.71 -13.91 -7.93
CA VAL A 108 2.74 -12.86 -7.53
C VAL A 108 1.81 -12.52 -8.71
N MET A 109 2.37 -12.21 -9.84
CA MET A 109 1.53 -11.87 -11.02
C MET A 109 0.87 -13.12 -11.60
N THR A 110 1.66 -14.06 -12.01
CA THR A 110 1.08 -15.32 -12.59
C THR A 110 -0.04 -15.86 -11.70
N ASN A 111 0.09 -15.71 -10.41
CA ASN A 111 -0.98 -16.23 -9.49
C ASN A 111 -2.21 -15.31 -9.56
N LEU A 112 -2.02 -14.02 -9.52
CA LEU A 112 -3.18 -13.09 -9.58
C LEU A 112 -4.09 -13.45 -10.75
N GLY A 113 -3.54 -13.58 -11.92
CA GLY A 113 -4.38 -13.93 -13.10
C GLY A 113 -3.68 -13.46 -14.38
N GLU A 114 -3.05 -12.32 -14.34
CA GLU A 114 -2.36 -11.81 -15.55
C GLU A 114 -1.32 -12.82 -16.03
N LYS A 115 -1.20 -13.01 -17.31
CA LYS A 115 -0.21 -13.98 -17.84
C LYS A 115 0.98 -13.25 -18.48
N LEU A 116 1.89 -12.77 -17.68
CA LEU A 116 3.07 -12.04 -18.25
C LEU A 116 4.16 -13.04 -18.65
N THR A 117 5.27 -12.56 -19.14
CA THR A 117 6.36 -13.49 -19.56
C THR A 117 7.54 -13.39 -18.57
N ASP A 118 8.31 -14.44 -18.46
CA ASP A 118 9.46 -14.41 -17.52
C ASP A 118 10.35 -13.20 -17.79
N GLU A 119 10.57 -12.89 -19.04
CA GLU A 119 11.43 -11.70 -19.37
C GLU A 119 10.84 -10.43 -18.75
N GLU A 120 9.54 -10.27 -18.82
CA GLU A 120 8.91 -9.04 -18.25
C GLU A 120 9.28 -8.89 -16.76
N VAL A 121 9.00 -9.88 -15.97
CA VAL A 121 9.33 -9.78 -14.52
C VAL A 121 10.81 -9.47 -14.33
N ASP A 122 11.67 -10.17 -15.00
CA ASP A 122 13.14 -9.90 -14.86
C ASP A 122 13.44 -8.44 -15.18
N GLU A 123 12.71 -7.87 -16.10
CA GLU A 123 12.96 -6.44 -16.47
C GLU A 123 12.43 -5.52 -15.36
N MET A 124 11.43 -5.95 -14.65
CA MET A 124 10.87 -5.10 -13.55
C MET A 124 11.85 -5.05 -12.38
N ILE A 125 12.27 -6.19 -11.90
CA ILE A 125 13.23 -6.21 -10.75
C ILE A 125 14.54 -5.53 -11.16
N ARG A 126 14.91 -5.62 -12.42
CA ARG A 126 16.17 -4.97 -12.87
C ARG A 126 16.06 -3.45 -12.74
N GLU A 127 15.04 -2.86 -13.31
CA GLU A 127 14.88 -1.38 -13.22
C GLU A 127 14.74 -0.96 -11.75
N ALA A 128 14.15 -1.80 -10.94
CA ALA A 128 13.98 -1.44 -9.50
C ALA A 128 15.34 -1.46 -8.78
N ASP A 129 16.26 -2.26 -9.26
CA ASP A 129 17.59 -2.32 -8.62
C ASP A 129 18.37 -1.03 -8.87
N ILE A 130 18.20 -0.05 -8.02
CA ILE A 130 18.93 1.24 -8.22
C ILE A 130 20.43 1.02 -8.05
N ASP A 131 20.82 0.28 -7.05
CA ASP A 131 22.28 0.02 -6.83
C ASP A 131 22.78 -1.06 -7.81
N GLY A 132 22.02 -2.10 -7.99
CA GLY A 132 22.44 -3.18 -8.92
C GLY A 132 22.99 -4.36 -8.10
N ASP A 133 22.13 -5.23 -7.65
CA ASP A 133 22.60 -6.39 -6.86
C ASP A 133 21.69 -7.61 -7.10
N GLY A 134 20.39 -7.44 -7.06
CA GLY A 134 19.48 -8.60 -7.30
C GLY A 134 18.35 -8.65 -6.25
N GLN A 135 17.92 -7.51 -5.76
CA GLN A 135 16.82 -7.51 -4.76
C GLN A 135 16.32 -6.09 -4.53
N VAL A 136 15.03 -5.90 -4.47
CA VAL A 136 14.50 -4.53 -4.25
C VAL A 136 14.09 -4.34 -2.79
N ASN A 137 14.79 -3.49 -2.07
CA ASN A 137 14.42 -3.27 -0.63
C ASN A 137 13.38 -2.15 -0.52
N TYR A 138 13.11 -1.70 0.67
CA TYR A 138 12.08 -0.62 0.84
C TYR A 138 12.52 0.67 0.12
N GLU A 139 13.73 1.10 0.31
CA GLU A 139 14.20 2.36 -0.35
C GLU A 139 14.01 2.26 -1.87
N GLU A 140 14.58 1.26 -2.49
CA GLU A 140 14.44 1.10 -3.97
C GLU A 140 12.97 0.93 -4.37
N PHE A 141 12.14 0.49 -3.46
CA PHE A 141 10.70 0.30 -3.80
C PHE A 141 9.97 1.64 -3.75
N VAL A 142 10.46 2.57 -2.97
CA VAL A 142 9.78 3.90 -2.89
C VAL A 142 10.36 4.86 -3.92
N GLN A 143 11.57 4.62 -4.36
CA GLN A 143 12.19 5.54 -5.37
C GLN A 143 11.75 5.15 -6.78
N MET A 144 11.71 3.88 -7.08
CA MET A 144 11.28 3.45 -8.45
C MET A 144 9.86 3.94 -8.74
N MET A 145 9.00 3.90 -7.76
CA MET A 145 7.60 4.37 -7.98
C MET A 145 7.48 5.85 -7.63
N THR A 146 8.50 6.43 -7.04
CA THR A 146 8.41 7.87 -6.67
C THR A 146 9.76 8.57 -6.89
N ALA A 147 9.95 9.19 -8.02
CA ALA A 147 11.23 9.90 -8.29
C ALA A 147 11.01 11.41 -8.20
N LYS A 148 11.99 12.19 -8.57
CA LYS A 148 11.82 13.68 -8.50
C LYS A 148 12.70 14.37 -9.55
CA CA B . -21.64 19.32 -37.71
CA CA C . -18.15 23.57 -26.53
CA CA D . 11.65 -11.83 -0.91
CA CA E . 18.82 -3.53 -5.17
S1 WW7 F . -22.71 10.60 -24.72
O1 WW7 F . -23.37 10.81 -23.48
O2 WW7 F . -21.38 10.06 -24.74
N1 WW7 F . -23.66 9.41 -25.56
C4 WW7 F . -22.66 14.24 -27.75
C3 WW7 F . -22.01 12.97 -28.02
C2 WW7 F . -22.05 11.88 -27.05
C1 WW7 F . -22.74 12.04 -25.76
C9 WW7 F . -23.41 13.31 -25.46
C10 WW7 F . -23.37 14.44 -26.49
CL1 WW7 F . -24.04 17.04 -27.29
C5 WW7 F . -24.04 15.69 -26.19
C6 WW7 F . -24.75 15.87 -24.94
C7 WW7 F . -24.80 14.79 -23.95
C8 WW7 F . -24.14 13.52 -24.20
C11 WW7 F . -23.26 9.13 -26.94
C12 WW7 F . -23.76 7.78 -27.46
C14 WW7 F . -25.81 6.37 -27.82
C13 WW7 F . -25.29 7.76 -27.41
C15 WW7 F . -25.33 6.00 -29.24
C16 WW7 F . -24.01 5.21 -29.16
N2 WW7 F . -23.54 4.80 -30.46
HN1 WW7 F . -24.63 9.68 -25.54
H4 WW7 F . -22.62 15.04 -28.47
H3 WW7 F . -21.49 12.80 -28.95
H2 WW7 F . -21.57 10.95 -27.27
H6 WW7 F . -25.25 16.80 -24.75
H7 WW7 F . -25.33 14.94 -23.04
H8 WW7 F . -24.20 12.76 -23.44
H111 WW7 F . -23.65 9.92 -27.55
H112 WW7 F . -22.18 9.15 -26.96
H121 WW7 F . -23.43 7.65 -28.47
H122 WW7 F . -23.36 6.99 -26.84
H141 WW7 F . -26.89 6.39 -27.81
H142 WW7 F . -25.47 5.62 -27.12
H131 WW7 F . -25.62 7.98 -26.40
H132 WW7 F . -25.67 8.50 -28.08
H151 WW7 F . -26.08 5.38 -29.71
H152 WW7 F . -25.19 6.90 -29.81
H161 WW7 F . -24.17 4.33 -28.57
H162 WW7 F . -23.25 5.81 -28.70
HN21 WW7 F . -22.63 4.36 -30.39
HN22 WW7 F . -23.43 5.60 -31.07
S1 WW7 G . 3.64 -2.91 -10.16
O1 WW7 G . 3.25 -3.81 -11.21
O2 WW7 G . 3.99 -1.56 -10.47
N1 WW7 G . 2.26 -2.79 -9.12
C4 WW7 G . 7.01 -4.90 -7.51
C3 WW7 G . 5.60 -4.96 -7.13
C2 WW7 G . 4.57 -4.33 -7.96
C1 WW7 G . 4.93 -3.65 -9.19
C9 WW7 G . 6.34 -3.58 -9.61
C10 WW7 G . 7.40 -4.22 -8.73
CL1 WW7 G . 10.08 -4.81 -8.18
C5 WW7 G . 8.79 -4.16 -9.14
C6 WW7 G . 9.16 -3.49 -10.39
C7 WW7 G . 8.14 -2.90 -11.23
C8 WW7 G . 6.72 -2.93 -10.86
C11 WW7 G . 2.43 -2.20 -7.80
C12 WW7 G . 1.61 -0.92 -7.61
C14 WW7 G . 1.27 1.43 -8.40
C13 WW7 G . 2.09 0.16 -8.59
C15 WW7 G . 1.77 2.50 -9.36
C16 WW7 G . 0.95 3.78 -9.17
N2 WW7 G . -0.47 3.59 -9.45
HN1 WW7 G . 1.48 -2.36 -9.62
H4 WW7 G . 7.77 -5.35 -6.88
H3 WW7 G . 5.32 -5.50 -6.23
H2 WW7 G . 3.54 -4.39 -7.65
H6 WW7 G . 10.20 -3.45 -10.67
H7 WW7 G . 8.42 -2.42 -12.16
H8 WW7 G . 5.98 -2.49 -11.49
H111 WW7 G . 2.11 -2.94 -7.09
H112 WW7 G . 3.47 -1.98 -7.66
H121 WW7 G . 0.56 -1.13 -7.79
H122 WW7 G . 1.73 -0.56 -6.60
H141 WW7 G . 1.37 1.78 -7.38
H142 WW7 G . 0.22 1.21 -8.61
H131 WW7 G . 3.13 0.37 -8.40
H132 WW7 G . 1.99 -0.20 -9.60
H151 WW7 G . 2.80 2.71 -9.15
H152 WW7 G . 1.66 2.16 -10.38
H161 WW7 G . 1.31 4.54 -9.83
H162 WW7 G . 1.04 4.11 -8.14
HN21 WW7 G . -0.60 3.28 -10.40
HN22 WW7 G . -0.98 4.45 -9.35
N ALA A 1 -13.00 -18.76 -12.66
CA ALA A 1 -13.74 -17.58 -13.22
C ALA A 1 -14.74 -17.05 -12.20
N ASP A 2 -14.41 -17.13 -10.93
CA ASP A 2 -15.36 -16.63 -9.88
C ASP A 2 -15.09 -15.14 -9.61
N GLN A 3 -16.10 -14.32 -9.74
CA GLN A 3 -15.91 -12.86 -9.47
C GLN A 3 -17.13 -12.29 -8.77
N LEU A 4 -16.96 -11.76 -7.59
CA LEU A 4 -18.13 -11.18 -6.86
C LEU A 4 -17.64 -10.14 -5.83
N THR A 5 -18.16 -8.95 -5.90
CA THR A 5 -17.74 -7.89 -4.94
C THR A 5 -18.95 -7.09 -4.47
N GLU A 6 -19.66 -6.48 -5.38
CA GLU A 6 -20.85 -5.70 -4.98
C GLU A 6 -21.96 -6.65 -4.50
N GLU A 7 -22.02 -7.82 -5.06
CA GLU A 7 -23.07 -8.79 -4.63
C GLU A 7 -22.92 -9.10 -3.14
N GLN A 8 -21.71 -9.26 -2.68
CA GLN A 8 -21.49 -9.55 -1.24
C GLN A 8 -22.09 -8.43 -0.40
N ILE A 9 -21.85 -7.20 -0.78
CA ILE A 9 -22.42 -6.06 0.01
C ILE A 9 -23.93 -6.18 0.06
N ALA A 10 -24.56 -6.45 -1.05
CA ALA A 10 -26.03 -6.59 -1.07
C ALA A 10 -26.45 -7.76 -0.18
N GLU A 11 -25.58 -8.73 -0.02
CA GLU A 11 -25.91 -9.89 0.85
C GLU A 11 -26.02 -9.45 2.30
N PHE A 12 -25.09 -8.65 2.76
CA PHE A 12 -25.14 -8.18 4.18
C PHE A 12 -26.41 -7.37 4.40
N LYS A 13 -26.65 -6.38 3.58
CA LYS A 13 -27.89 -5.57 3.75
C LYS A 13 -29.11 -6.51 3.81
N GLU A 14 -29.14 -7.49 2.96
CA GLU A 14 -30.29 -8.45 2.98
C GLU A 14 -30.41 -9.06 4.38
N ALA A 15 -29.31 -9.42 4.97
CA ALA A 15 -29.36 -10.02 6.34
C ALA A 15 -29.99 -9.03 7.31
N PHE A 16 -29.66 -7.77 7.18
CA PHE A 16 -30.24 -6.75 8.10
C PHE A 16 -31.76 -6.81 8.03
N SER A 17 -32.32 -6.79 6.85
CA SER A 17 -33.81 -6.86 6.73
C SER A 17 -34.32 -8.16 7.36
N LEU A 18 -33.52 -9.19 7.31
CA LEU A 18 -33.95 -10.48 7.91
C LEU A 18 -34.09 -10.34 9.42
N PHE A 19 -33.28 -9.52 10.02
CA PHE A 19 -33.36 -9.33 11.51
C PHE A 19 -34.40 -8.25 11.84
N ASP A 20 -34.12 -7.02 11.48
CA ASP A 20 -35.09 -5.93 11.77
C ASP A 20 -36.50 -6.35 11.34
N LYS A 21 -37.29 -6.86 12.25
CA LYS A 21 -38.67 -7.29 11.88
C LYS A 21 -39.64 -6.10 11.93
N ASP A 22 -39.60 -5.33 12.98
CA ASP A 22 -40.52 -4.15 13.07
C ASP A 22 -40.10 -3.08 12.06
N GLY A 23 -38.87 -3.12 11.63
CA GLY A 23 -38.39 -2.11 10.64
C GLY A 23 -38.16 -0.76 11.34
N ASP A 24 -37.12 -0.65 12.13
CA ASP A 24 -36.84 0.64 12.82
C ASP A 24 -35.56 1.26 12.28
N GLY A 25 -34.70 0.46 11.72
CA GLY A 25 -33.41 0.99 11.17
C GLY A 25 -32.26 0.62 12.11
N THR A 26 -32.56 0.15 13.29
CA THR A 26 -31.47 -0.22 14.24
C THR A 26 -31.76 -1.59 14.85
N ILE A 27 -30.73 -2.34 15.16
CA ILE A 27 -30.93 -3.69 15.77
C ILE A 27 -30.66 -3.64 17.27
N THR A 28 -31.62 -4.05 18.07
CA THR A 28 -31.42 -4.01 19.54
C THR A 28 -31.39 -5.43 20.12
N THR A 29 -31.59 -5.56 21.40
CA THR A 29 -31.59 -6.92 22.04
C THR A 29 -32.94 -7.60 21.86
N LYS A 30 -33.98 -6.84 21.63
CA LYS A 30 -35.32 -7.46 21.44
C LYS A 30 -35.41 -8.14 20.08
N GLU A 31 -35.22 -7.40 19.02
CA GLU A 31 -35.29 -7.99 17.67
C GLU A 31 -34.20 -9.05 17.51
N LEU A 32 -33.00 -8.75 17.91
CA LEU A 32 -31.91 -9.75 17.79
C LEU A 32 -32.23 -10.97 18.64
N GLY A 33 -32.83 -10.77 19.79
CA GLY A 33 -33.17 -11.92 20.66
C GLY A 33 -34.02 -12.92 19.88
N THR A 34 -34.97 -12.43 19.10
CA THR A 34 -35.84 -13.36 18.32
C THR A 34 -35.12 -13.82 17.05
N VAL A 35 -34.16 -13.06 16.58
CA VAL A 35 -33.43 -13.46 15.34
C VAL A 35 -32.49 -14.64 15.65
N MET A 36 -32.00 -14.72 16.86
CA MET A 36 -31.10 -15.85 17.21
C MET A 36 -31.92 -17.02 17.73
N ARG A 37 -33.03 -16.74 18.34
CA ARG A 37 -33.90 -17.82 18.88
C ARG A 37 -34.39 -18.71 17.74
N SER A 38 -35.07 -18.15 16.78
CA SER A 38 -35.58 -18.96 15.64
C SER A 38 -34.60 -18.91 14.47
N LEU A 39 -33.43 -18.37 14.68
CA LEU A 39 -32.44 -18.30 13.57
C LEU A 39 -31.04 -18.01 14.13
N GLY A 40 -30.54 -18.89 14.96
CA GLY A 40 -29.19 -18.67 15.54
C GLY A 40 -28.99 -19.55 16.77
N GLN A 41 -29.18 -19.02 17.94
CA GLN A 41 -29.02 -19.83 19.18
C GLN A 41 -29.98 -19.33 20.26
N ASN A 42 -30.01 -20.00 21.38
CA ASN A 42 -30.92 -19.57 22.48
C ASN A 42 -30.11 -18.95 23.63
N PRO A 43 -29.63 -17.75 23.41
CA PRO A 43 -28.84 -17.05 24.45
C PRO A 43 -29.76 -16.60 25.59
N THR A 44 -29.20 -15.94 26.57
CA THR A 44 -30.04 -15.46 27.71
C THR A 44 -30.25 -13.95 27.60
N GLU A 45 -31.16 -13.39 28.34
CA GLU A 45 -31.39 -11.92 28.25
C GLU A 45 -30.07 -11.16 28.49
N ALA A 46 -29.39 -11.45 29.57
CA ALA A 46 -28.11 -10.74 29.86
C ALA A 46 -27.03 -11.14 28.85
N GLU A 47 -26.65 -12.40 28.82
CA GLU A 47 -25.60 -12.86 27.85
C GLU A 47 -25.88 -12.26 26.47
N LEU A 48 -27.11 -11.97 26.18
CA LEU A 48 -27.46 -11.37 24.86
C LEU A 48 -26.94 -9.93 24.80
N GLN A 49 -27.25 -9.13 25.79
CA GLN A 49 -26.76 -7.73 25.79
C GLN A 49 -25.25 -7.73 25.56
N ASP A 50 -24.55 -8.68 26.11
CA ASP A 50 -23.08 -8.74 25.90
C ASP A 50 -22.80 -8.93 24.41
N MET A 51 -23.53 -9.81 23.77
CA MET A 51 -23.32 -10.04 22.31
C MET A 51 -23.58 -8.73 21.55
N ILE A 52 -24.34 -7.84 22.14
CA ILE A 52 -24.63 -6.54 21.48
C ILE A 52 -23.46 -5.56 21.68
N ASN A 53 -22.74 -5.71 22.76
CA ASN A 53 -21.60 -4.78 23.02
C ASN A 53 -20.35 -5.21 22.24
N GLU A 54 -20.33 -6.40 21.72
CA GLU A 54 -19.14 -6.86 20.94
C GLU A 54 -19.28 -6.48 19.46
N VAL A 55 -20.45 -6.15 19.03
CA VAL A 55 -20.64 -5.78 17.59
C VAL A 55 -20.80 -4.26 17.45
N ASP A 56 -21.46 -3.63 18.38
CA ASP A 56 -21.63 -2.15 18.29
C ASP A 56 -20.41 -1.45 18.89
N ALA A 57 -19.55 -0.92 18.05
CA ALA A 57 -18.33 -0.22 18.56
C ALA A 57 -18.46 1.28 18.31
N ASP A 58 -19.62 1.82 18.54
CA ASP A 58 -19.83 3.28 18.31
C ASP A 58 -20.14 3.97 19.66
N GLY A 59 -19.83 3.32 20.74
CA GLY A 59 -20.10 3.94 22.08
C GLY A 59 -21.57 4.37 22.15
N ASN A 60 -22.43 3.68 21.44
CA ASN A 60 -23.88 4.04 21.46
C ASN A 60 -24.68 3.00 22.24
N GLY A 61 -24.72 1.79 21.76
CA GLY A 61 -25.49 0.72 22.46
C GLY A 61 -26.08 -0.24 21.43
N THR A 62 -26.98 0.24 20.61
CA THR A 62 -27.58 -0.63 19.57
C THR A 62 -26.85 -0.44 18.25
N ILE A 63 -26.99 -1.37 17.33
CA ILE A 63 -26.28 -1.23 16.03
C ILE A 63 -27.10 -0.37 15.07
N ASP A 64 -26.44 0.46 14.29
CA ASP A 64 -27.18 1.32 13.33
C ASP A 64 -27.09 0.73 11.92
N PHE A 65 -27.63 1.40 10.95
CA PHE A 65 -27.58 0.87 9.55
C PHE A 65 -26.16 1.00 8.96
N PRO A 66 -25.55 2.16 9.13
CA PRO A 66 -24.19 2.37 8.59
C PRO A 66 -23.16 1.60 9.43
N GLU A 67 -23.48 1.31 10.67
CA GLU A 67 -22.52 0.54 11.50
C GLU A 67 -22.60 -0.93 11.12
N PHE A 68 -23.74 -1.35 10.63
CA PHE A 68 -23.91 -2.76 10.21
C PHE A 68 -23.22 -2.99 8.86
N LEU A 69 -23.31 -2.04 7.98
CA LEU A 69 -22.67 -2.20 6.63
C LEU A 69 -21.16 -2.03 6.75
N THR A 70 -20.70 -1.30 7.72
CA THR A 70 -19.23 -1.10 7.89
C THR A 70 -18.61 -2.32 8.57
N MET A 71 -19.34 -2.96 9.44
CA MET A 71 -18.79 -4.16 10.15
C MET A 71 -18.97 -5.42 9.30
N MET A 72 -19.99 -5.45 8.49
CA MET A 72 -20.23 -6.67 7.63
C MET A 72 -19.51 -6.53 6.28
N ALA A 73 -19.35 -5.33 5.81
CA ALA A 73 -18.66 -5.13 4.50
C ALA A 73 -17.14 -5.12 4.68
N ARG A 74 -16.68 -4.54 5.74
CA ARG A 74 -15.21 -4.48 5.98
C ARG A 74 -14.79 -5.52 7.02
N LYS A 75 -15.69 -5.85 7.93
CA LYS A 75 -15.40 -6.87 9.00
C LYS A 75 -13.93 -6.74 9.49
N MET A 76 -13.41 -7.77 10.12
CA MET A 76 -12.00 -7.68 10.63
C MET A 76 -11.21 -8.94 10.25
N LYS A 77 -11.18 -9.29 9.00
CA LYS A 77 -10.42 -10.51 8.59
C LYS A 77 -9.10 -10.12 7.91
N ASP A 78 -9.15 -9.21 6.98
CA ASP A 78 -7.90 -8.79 6.28
C ASP A 78 -7.64 -7.31 6.48
N THR A 79 -6.46 -6.96 6.93
CA THR A 79 -6.13 -5.51 7.14
C THR A 79 -6.27 -4.75 5.82
N ASP A 80 -6.37 -3.45 5.87
CA ASP A 80 -6.52 -2.66 4.62
C ASP A 80 -6.06 -1.22 4.87
N SER A 81 -4.91 -1.04 5.46
CA SER A 81 -4.41 0.34 5.71
C SER A 81 -4.04 1.03 4.40
N GLU A 82 -4.00 2.33 4.39
CA GLU A 82 -3.65 3.07 3.15
C GLU A 82 -2.20 2.74 2.72
N GLU A 83 -1.46 3.72 2.28
CA GLU A 83 -0.05 3.46 1.86
C GLU A 83 0.01 2.24 0.94
N GLU A 84 -0.16 2.43 -0.34
CA GLU A 84 -0.09 1.28 -1.28
C GLU A 84 1.35 0.75 -1.35
N ILE A 85 2.30 1.52 -0.92
CA ILE A 85 3.72 1.07 -0.95
C ILE A 85 3.94 -0.08 0.03
N ARG A 86 3.36 0.01 1.21
CA ARG A 86 3.54 -1.09 2.20
C ARG A 86 2.76 -2.34 1.77
N GLU A 87 1.54 -2.16 1.32
CA GLU A 87 0.73 -3.34 0.89
C GLU A 87 1.45 -4.08 -0.24
N ALA A 88 1.99 -3.38 -1.19
CA ALA A 88 2.71 -4.06 -2.31
C ALA A 88 3.87 -4.87 -1.75
N PHE A 89 4.79 -4.23 -1.10
CA PHE A 89 5.96 -4.96 -0.52
C PHE A 89 5.47 -6.18 0.27
N ARG A 90 4.26 -6.13 0.76
CA ARG A 90 3.71 -7.26 1.54
C ARG A 90 3.46 -8.48 0.64
N VAL A 91 2.56 -8.36 -0.30
CA VAL A 91 2.25 -9.51 -1.20
C VAL A 91 3.50 -10.02 -1.93
N PHE A 92 4.40 -9.14 -2.28
CA PHE A 92 5.63 -9.60 -3.00
C PHE A 92 6.64 -10.23 -2.03
N ASP A 93 6.55 -9.91 -0.77
CA ASP A 93 7.49 -10.51 0.22
C ASP A 93 6.71 -11.12 1.38
N LYS A 94 5.62 -11.79 1.08
CA LYS A 94 4.82 -12.42 2.16
C LYS A 94 5.28 -13.87 2.37
N ASP A 95 6.50 -14.17 2.03
CA ASP A 95 7.00 -15.56 2.21
C ASP A 95 7.99 -15.63 3.38
N GLY A 96 8.23 -14.51 4.03
CA GLY A 96 9.18 -14.52 5.17
C GLY A 96 10.57 -14.08 4.69
N ASN A 97 10.66 -13.47 3.54
CA ASN A 97 11.99 -13.02 3.03
C ASN A 97 12.23 -11.55 3.38
N GLY A 98 11.41 -10.67 2.89
CA GLY A 98 11.59 -9.22 3.22
C GLY A 98 11.78 -8.43 1.93
N TYR A 99 12.78 -8.76 1.14
CA TYR A 99 13.01 -8.02 -0.14
C TYR A 99 12.25 -8.69 -1.29
N ILE A 100 12.01 -7.98 -2.36
CA ILE A 100 11.29 -8.60 -3.51
C ILE A 100 12.30 -9.29 -4.44
N SER A 101 11.86 -10.27 -5.19
CA SER A 101 12.81 -10.98 -6.10
C SER A 101 12.13 -11.30 -7.43
N ALA A 102 12.83 -11.97 -8.32
CA ALA A 102 12.23 -12.32 -9.63
C ALA A 102 11.31 -13.54 -9.49
N ALA A 103 11.65 -14.45 -8.62
CA ALA A 103 10.79 -15.66 -8.43
C ALA A 103 9.50 -15.27 -7.72
N GLU A 104 9.60 -14.64 -6.58
CA GLU A 104 8.37 -14.23 -5.84
C GLU A 104 7.52 -13.29 -6.73
N LEU A 105 8.15 -12.36 -7.38
CA LEU A 105 7.40 -11.42 -8.26
C LEU A 105 6.51 -12.20 -9.24
N ARG A 106 7.08 -13.15 -9.92
CA ARG A 106 6.28 -13.94 -10.90
C ARG A 106 5.23 -14.80 -10.16
N HIS A 107 5.50 -15.15 -8.94
CA HIS A 107 4.51 -15.99 -8.18
C HIS A 107 3.33 -15.13 -7.73
N VAL A 108 3.48 -13.83 -7.75
CA VAL A 108 2.36 -12.93 -7.33
C VAL A 108 1.46 -12.60 -8.52
N MET A 109 2.05 -12.17 -9.61
CA MET A 109 1.23 -11.82 -10.81
C MET A 109 0.61 -13.08 -11.42
N THR A 110 1.38 -14.12 -11.54
CA THR A 110 0.84 -15.38 -12.14
C THR A 110 -0.35 -15.90 -11.33
N ASN A 111 -0.24 -15.89 -10.03
CA ASN A 111 -1.37 -16.38 -9.18
C ASN A 111 -2.60 -15.48 -9.34
N LEU A 112 -2.44 -14.20 -9.15
CA LEU A 112 -3.61 -13.27 -9.29
C LEU A 112 -4.38 -13.58 -10.58
N GLY A 113 -3.98 -13.01 -11.68
CA GLY A 113 -4.70 -13.28 -12.96
C GLY A 113 -4.03 -12.50 -14.09
N GLU A 114 -2.74 -12.32 -14.03
CA GLU A 114 -2.03 -11.58 -15.11
C GLU A 114 -0.93 -12.45 -15.73
N LYS A 115 -0.74 -12.34 -17.01
CA LYS A 115 0.31 -13.16 -17.67
C LYS A 115 1.43 -12.25 -18.20
N LEU A 116 2.63 -12.42 -17.70
CA LEU A 116 3.76 -11.56 -18.17
C LEU A 116 4.91 -12.42 -18.67
N THR A 117 5.67 -11.91 -19.62
CA THR A 117 6.82 -12.69 -20.16
C THR A 117 7.94 -12.76 -19.12
N ASP A 118 8.54 -13.90 -18.95
CA ASP A 118 9.65 -14.02 -17.95
C ASP A 118 10.65 -12.87 -18.13
N GLU A 119 11.00 -12.58 -19.35
CA GLU A 119 11.98 -11.48 -19.60
C GLU A 119 11.49 -10.17 -18.95
N GLU A 120 10.24 -9.87 -19.08
CA GLU A 120 9.70 -8.60 -18.48
C GLU A 120 9.91 -8.61 -16.96
N VAL A 121 9.49 -9.64 -16.28
CA VAL A 121 9.65 -9.70 -14.80
C VAL A 121 11.12 -9.46 -14.43
N ASP A 122 12.03 -10.15 -15.07
CA ASP A 122 13.48 -9.96 -14.75
C ASP A 122 13.88 -8.50 -14.95
N GLU A 123 13.41 -7.88 -16.01
CA GLU A 123 13.76 -6.46 -16.26
C GLU A 123 13.08 -5.55 -15.23
N MET A 124 12.04 -6.02 -14.61
CA MET A 124 11.34 -5.19 -13.59
C MET A 124 12.15 -5.18 -12.30
N ILE A 125 12.64 -6.31 -11.89
CA ILE A 125 13.44 -6.37 -10.64
C ILE A 125 14.77 -5.63 -10.83
N ARG A 126 15.29 -5.61 -12.03
CA ARG A 126 16.58 -4.90 -12.28
C ARG A 126 16.35 -3.39 -12.30
N GLU A 127 15.42 -2.93 -13.11
CA GLU A 127 15.15 -1.46 -13.19
C GLU A 127 14.88 -0.90 -11.79
N ALA A 128 14.18 -1.64 -10.97
CA ALA A 128 13.88 -1.16 -9.60
C ALA A 128 15.15 -1.22 -8.74
N ASP A 129 15.91 -2.28 -8.87
CA ASP A 129 17.15 -2.41 -8.07
C ASP A 129 18.19 -1.39 -8.56
N ILE A 130 18.23 -0.23 -7.95
CA ILE A 130 19.21 0.81 -8.38
C ILE A 130 20.65 0.32 -8.18
N ASP A 131 20.94 -0.28 -7.06
CA ASP A 131 22.33 -0.77 -6.81
C ASP A 131 22.61 -2.02 -7.65
N GLY A 132 21.60 -2.80 -7.93
CA GLY A 132 21.81 -4.04 -8.73
C GLY A 132 22.47 -5.11 -7.88
N ASP A 133 21.86 -5.49 -6.79
CA ASP A 133 22.47 -6.55 -5.92
C ASP A 133 21.68 -7.86 -6.05
N GLY A 134 20.67 -7.89 -6.87
CA GLY A 134 19.88 -9.15 -7.03
C GLY A 134 18.65 -9.13 -6.11
N GLN A 135 18.17 -7.96 -5.78
CA GLN A 135 16.98 -7.89 -4.88
C GLN A 135 16.45 -6.45 -4.83
N VAL A 136 15.26 -6.26 -4.36
CA VAL A 136 14.68 -4.88 -4.29
C VAL A 136 14.29 -4.55 -2.84
N ASN A 137 14.93 -3.59 -2.25
CA ASN A 137 14.60 -3.23 -0.84
C ASN A 137 13.42 -2.26 -0.79
N TYR A 138 13.08 -1.78 0.37
CA TYR A 138 11.93 -0.84 0.50
C TYR A 138 12.26 0.52 -0.14
N GLU A 139 13.44 1.01 0.09
CA GLU A 139 13.82 2.34 -0.49
C GLU A 139 13.78 2.30 -2.02
N GLU A 140 14.54 1.41 -2.62
CA GLU A 140 14.53 1.33 -4.12
C GLU A 140 13.11 1.10 -4.63
N PHE A 141 12.33 0.33 -3.93
CA PHE A 141 10.93 0.05 -4.39
C PHE A 141 10.09 1.32 -4.32
N VAL A 142 10.41 2.22 -3.44
CA VAL A 142 9.61 3.48 -3.31
C VAL A 142 10.16 4.58 -4.24
N GLN A 143 11.40 4.48 -4.63
CA GLN A 143 11.98 5.53 -5.52
C GLN A 143 11.61 5.29 -6.98
N MET A 144 11.54 4.05 -7.40
CA MET A 144 11.18 3.76 -8.82
C MET A 144 9.75 4.22 -9.10
N MET A 145 8.90 4.22 -8.10
CA MET A 145 7.49 4.66 -8.30
C MET A 145 7.41 6.18 -8.23
N THR A 146 8.35 6.80 -7.58
CA THR A 146 8.33 8.29 -7.48
C THR A 146 8.98 8.91 -8.71
N ALA A 147 8.38 9.94 -9.26
CA ALA A 147 8.97 10.58 -10.48
C ALA A 147 9.03 9.58 -11.63
N LYS A 148 8.94 10.05 -12.85
CA LYS A 148 9.00 9.12 -14.02
C LYS A 148 9.84 9.73 -15.14
CA CA B . -35.66 -2.00 14.65
CA CA C . -24.23 2.60 17.78
CA CA D . 10.67 -11.99 -0.13
CA CA E . 18.76 -3.55 -4.82
S1 WW7 F . -23.53 -12.28 12.57
O1 WW7 F . -23.29 -13.41 13.42
O2 WW7 F . -22.42 -11.53 12.07
N1 WW7 F . -24.31 -12.93 11.17
C4 WW7 F . -26.53 -9.17 14.47
C3 WW7 F . -26.69 -9.65 13.11
C2 WW7 F . -25.77 -10.65 12.55
C1 WW7 F . -24.67 -11.18 13.35
C9 WW7 F . -24.49 -10.72 14.72
C10 WW7 F . -25.44 -9.69 15.30
CL1 WW7 F . -26.23 -8.00 17.39
C5 WW7 F . -25.25 -9.23 16.68
C6 WW7 F . -24.17 -9.77 17.47
C7 WW7 F . -23.26 -10.77 16.93
C8 WW7 F . -23.41 -11.25 15.56
C11 WW7 F . -25.45 -13.80 11.40
C12 WW7 F . -25.25 -15.17 10.77
C14 WW7 F . -26.53 -16.24 12.63
C13 WW7 F . -26.43 -16.08 11.11
C15 WW7 F . -27.67 -17.22 12.97
C16 WW7 F . -27.34 -18.60 12.40
N2 WW7 F . -28.35 -19.60 12.69
HN1 WW7 F . -23.63 -13.41 10.62
H4 WW7 F . -27.19 -8.43 14.88
H3 WW7 F . -27.49 -9.27 12.49
H2 WW7 F . -25.92 -10.99 11.54
H6 WW7 F . -24.04 -9.42 18.49
H7 WW7 F . -22.46 -11.16 17.54
H8 WW7 F . -22.74 -11.99 15.15
H111 WW7 F . -25.57 -13.90 12.47
H112 WW7 F . -26.34 -13.34 10.99
H121 WW7 F . -25.17 -15.07 9.69
H122 WW7 F . -24.34 -15.61 11.15
H141 WW7 F . -26.73 -15.29 13.08
H142 WW7 F . -25.60 -16.63 13.02
H131 WW7 F . -27.34 -15.64 10.74
H132 WW7 F . -26.28 -17.05 10.65
H151 WW7 F . -27.76 -17.29 14.04
H152 WW7 F . -28.59 -16.86 12.55
H161 WW7 F . -26.40 -18.95 12.79
H162 WW7 F . -27.26 -18.54 11.32
HN21 WW7 F . -29.23 -19.39 12.22
HN22 WW7 F . -28.05 -20.52 12.35
S1 WW7 G . 4.12 -3.38 -9.93
O1 WW7 G . 3.61 -4.38 -10.83
O2 WW7 G . 4.37 -2.06 -10.41
N1 WW7 G . 2.86 -3.22 -8.73
C4 WW7 G . 7.77 -5.37 -7.70
C3 WW7 G . 6.40 -5.59 -7.29
C2 WW7 G . 5.29 -4.94 -7.98
C1 WW7 G . 5.54 -4.04 -9.10
C9 WW7 G . 6.91 -3.79 -9.54
C10 WW7 G . 8.06 -4.47 -8.81
CL1 WW7 G . 10.80 -4.97 -8.51
C5 WW7 G . 9.42 -4.23 -9.26
C6 WW7 G . 9.68 -3.34 -10.38
C7 WW7 G . 8.58 -2.68 -11.07
C8 WW7 G . 7.19 -2.90 -10.67
C11 WW7 G . 2.95 -2.15 -7.75
C12 WW7 G . 2.58 -0.79 -8.36
C14 WW7 G . 2.20 1.64 -7.87
C13 WW7 G . 2.61 0.28 -7.27
C15 WW7 G . 3.18 2.03 -8.97
C16 WW7 G . 2.88 3.44 -9.46
N2 WW7 G . 1.57 3.63 -10.07
HN1 WW7 G . 1.97 -3.16 -9.19
H4 WW7 G . 8.58 -5.85 -7.18
H3 WW7 G . 6.18 -6.26 -6.46
H2 WW7 G . 4.27 -5.10 -7.68
H6 WW7 G . 10.70 -3.16 -10.69
H7 WW7 G . 8.78 -2.03 -11.90
H8 WW7 G . 6.38 -2.42 -11.19
H111 WW7 G . 2.28 -2.38 -6.95
H112 WW7 G . 3.97 -2.10 -7.37
H121 WW7 G . 3.28 -0.53 -9.13
H122 WW7 G . 1.59 -0.85 -8.78
H141 WW7 G . 2.22 2.39 -7.10
H142 WW7 G . 1.20 1.57 -8.28
H131 WW7 G . 1.89 0.02 -6.49
H132 WW7 G . 3.59 0.36 -6.85
H151 WW7 G . 4.19 1.98 -8.59
H152 WW7 G . 3.09 1.33 -9.80
H161 WW7 G . 3.61 3.73 -10.21
H162 WW7 G . 2.95 4.13 -8.62
HN21 WW7 G . 0.82 3.44 -9.41
HN22 WW7 G . 1.46 4.59 -10.37
N ALA A 1 -0.45 20.68 0.56
CA ALA A 1 -0.35 20.34 -0.90
C ALA A 1 -1.63 19.68 -1.38
N ASP A 2 -1.90 18.48 -0.92
CA ASP A 2 -3.14 17.78 -1.36
C ASP A 2 -4.23 17.93 -0.30
N GLN A 3 -4.55 19.13 0.07
CA GLN A 3 -5.61 19.35 1.11
C GLN A 3 -6.56 20.45 0.66
N LEU A 4 -7.71 20.54 1.27
CA LEU A 4 -8.69 21.60 0.88
C LEU A 4 -8.14 22.98 1.22
N THR A 5 -8.30 23.42 2.44
CA THR A 5 -7.79 24.75 2.84
C THR A 5 -7.80 24.90 4.36
N GLU A 6 -7.28 25.99 4.86
CA GLU A 6 -7.26 26.18 6.34
C GLU A 6 -8.68 26.45 6.86
N GLU A 7 -9.53 26.97 6.02
CA GLU A 7 -10.93 27.25 6.47
C GLU A 7 -11.51 26.03 7.19
N GLN A 8 -11.30 24.86 6.65
CA GLN A 8 -11.83 23.63 7.30
C GLN A 8 -11.26 23.51 8.71
N ILE A 9 -9.99 23.78 8.86
CA ILE A 9 -9.36 23.68 10.21
C ILE A 9 -10.04 24.67 11.17
N ALA A 10 -10.40 25.82 10.67
CA ALA A 10 -11.07 26.83 11.54
C ALA A 10 -12.48 26.36 11.89
N GLU A 11 -13.10 25.61 11.02
CA GLU A 11 -14.47 25.11 11.31
C GLU A 11 -14.45 24.16 12.51
N PHE A 12 -13.53 23.24 12.52
CA PHE A 12 -13.44 22.28 13.66
C PHE A 12 -13.07 23.02 14.95
N LYS A 13 -12.05 23.84 14.91
CA LYS A 13 -11.64 24.60 16.14
C LYS A 13 -12.85 25.36 16.70
N GLU A 14 -13.65 25.94 15.84
CA GLU A 14 -14.84 26.70 16.34
C GLU A 14 -15.75 25.77 17.14
N ALA A 15 -16.14 24.65 16.57
CA ALA A 15 -17.02 23.72 17.32
C ALA A 15 -16.43 23.43 18.69
N PHE A 16 -15.14 23.34 18.79
CA PHE A 16 -14.50 23.06 20.10
C PHE A 16 -14.72 24.25 21.04
N SER A 17 -14.65 25.45 20.52
CA SER A 17 -14.86 26.64 21.38
C SER A 17 -16.31 26.67 21.88
N LEU A 18 -17.19 26.00 21.19
CA LEU A 18 -18.63 25.98 21.60
C LEU A 18 -18.82 24.99 22.76
N PHE A 19 -18.20 23.84 22.67
CA PHE A 19 -18.36 22.81 23.74
C PHE A 19 -17.67 23.28 25.03
N ASP A 20 -16.51 23.86 24.91
CA ASP A 20 -15.78 24.33 26.13
C ASP A 20 -16.37 25.67 26.60
N LYS A 21 -17.19 25.63 27.61
CA LYS A 21 -17.80 26.89 28.12
C LYS A 21 -17.08 27.38 29.38
N ASP A 22 -16.38 26.50 30.05
CA ASP A 22 -15.66 26.90 31.29
C ASP A 22 -14.27 27.47 30.97
N GLY A 23 -13.65 26.96 29.93
CA GLY A 23 -12.29 27.47 29.57
C GLY A 23 -11.22 26.58 30.21
N ASP A 24 -10.95 25.44 29.61
CA ASP A 24 -9.91 24.53 30.19
C ASP A 24 -9.13 23.77 29.09
N GLY A 25 -9.69 23.62 27.92
CA GLY A 25 -8.96 22.88 26.84
C GLY A 25 -9.29 21.39 26.90
N THR A 26 -10.41 21.05 27.49
CA THR A 26 -10.80 19.61 27.58
C THR A 26 -12.32 19.47 27.64
N ILE A 27 -12.89 18.59 26.85
CA ILE A 27 -14.36 18.41 26.87
C ILE A 27 -14.74 17.24 27.79
N THR A 28 -15.37 17.54 28.89
CA THR A 28 -15.78 16.47 29.83
C THR A 28 -17.29 16.24 29.75
N THR A 29 -17.84 15.41 30.60
CA THR A 29 -19.30 15.16 30.56
C THR A 29 -20.08 16.39 31.04
N LYS A 30 -19.44 17.24 31.81
CA LYS A 30 -20.15 18.46 32.31
C LYS A 30 -20.44 19.42 31.14
N GLU A 31 -19.43 19.87 30.47
CA GLU A 31 -19.64 20.79 29.32
C GLU A 31 -20.51 20.10 28.26
N LEU A 32 -20.07 18.98 27.76
CA LEU A 32 -20.86 18.26 26.73
C LEU A 32 -22.29 18.04 27.23
N GLY A 33 -22.46 17.91 28.52
CA GLY A 33 -23.82 17.70 29.09
C GLY A 33 -24.70 18.89 28.71
N THR A 34 -24.23 20.09 28.92
CA THR A 34 -25.05 21.28 28.56
C THR A 34 -25.13 21.41 27.03
N VAL A 35 -24.19 20.86 26.33
CA VAL A 35 -24.22 20.95 24.84
C VAL A 35 -25.34 20.07 24.27
N MET A 36 -25.62 18.96 24.91
CA MET A 36 -26.71 18.07 24.41
C MET A 36 -28.04 18.45 25.05
N ARG A 37 -28.01 19.06 26.20
CA ARG A 37 -29.29 19.43 26.87
C ARG A 37 -29.72 20.84 26.44
N SER A 38 -28.82 21.59 25.85
CA SER A 38 -29.19 22.96 25.40
C SER A 38 -29.55 22.96 23.92
N LEU A 39 -28.79 22.28 23.10
CA LEU A 39 -29.10 22.23 21.65
C LEU A 39 -29.41 20.80 21.22
N GLY A 40 -30.47 20.23 21.72
CA GLY A 40 -30.83 18.83 21.35
C GLY A 40 -31.04 18.00 22.63
N GLN A 41 -31.97 18.40 23.45
CA GLN A 41 -32.22 17.64 24.72
C GLN A 41 -32.60 16.19 24.41
N ASN A 42 -32.00 15.25 25.10
CA ASN A 42 -32.32 13.81 24.86
C ASN A 42 -31.47 12.93 25.79
N PRO A 43 -30.17 13.04 25.63
CA PRO A 43 -29.24 12.24 26.47
C PRO A 43 -29.22 12.77 27.90
N THR A 44 -28.24 12.41 28.67
CA THR A 44 -28.16 12.89 30.08
C THR A 44 -26.69 12.92 30.53
N GLU A 45 -26.41 12.47 31.74
CA GLU A 45 -24.99 12.47 32.20
C GLU A 45 -24.41 11.06 32.09
N ALA A 46 -25.18 10.06 32.42
CA ALA A 46 -24.67 8.66 32.32
C ALA A 46 -24.63 8.23 30.84
N GLU A 47 -25.77 8.10 30.22
CA GLU A 47 -25.78 7.71 28.78
C GLU A 47 -24.80 8.59 28.00
N LEU A 48 -24.81 9.88 28.26
CA LEU A 48 -23.87 10.78 27.55
C LEU A 48 -22.44 10.29 27.75
N GLN A 49 -22.08 9.95 28.96
CA GLN A 49 -20.70 9.45 29.22
C GLN A 49 -20.38 8.31 28.24
N ASP A 50 -21.33 7.45 28.01
CA ASP A 50 -21.10 6.33 27.06
C ASP A 50 -20.83 6.90 25.65
N MET A 51 -21.59 7.87 25.25
CA MET A 51 -21.38 8.47 23.90
C MET A 51 -19.99 9.08 23.82
N ILE A 52 -19.41 9.40 24.94
CA ILE A 52 -18.04 9.98 24.94
C ILE A 52 -16.99 8.87 24.88
N ASN A 53 -17.33 7.71 25.36
CA ASN A 53 -16.35 6.59 25.34
C ASN A 53 -16.04 6.19 23.89
N GLU A 54 -16.90 6.54 22.96
CA GLU A 54 -16.64 6.17 21.55
C GLU A 54 -15.72 7.21 20.89
N VAL A 55 -15.69 8.41 21.42
CA VAL A 55 -14.81 9.47 20.84
C VAL A 55 -13.46 9.46 21.57
N ASP A 56 -13.46 9.76 22.84
CA ASP A 56 -12.20 9.78 23.62
C ASP A 56 -11.48 8.44 23.50
N ALA A 57 -10.34 8.42 22.86
CA ALA A 57 -9.58 7.16 22.71
C ALA A 57 -8.43 7.12 23.71
N ASP A 58 -8.69 7.47 24.94
CA ASP A 58 -7.60 7.46 25.97
C ASP A 58 -8.03 6.63 27.18
N GLY A 59 -9.21 6.85 27.68
CA GLY A 59 -9.69 6.09 28.87
C GLY A 59 -9.66 6.99 30.09
N ASN A 60 -10.00 8.24 29.94
CA ASN A 60 -9.98 9.18 31.11
C ASN A 60 -11.36 9.85 31.28
N GLY A 61 -12.18 9.86 30.25
CA GLY A 61 -13.53 10.48 30.39
C GLY A 61 -13.57 11.87 29.75
N THR A 62 -12.52 12.29 29.10
CA THR A 62 -12.56 13.65 28.47
C THR A 62 -11.66 13.69 27.22
N ILE A 63 -11.97 14.54 26.28
CA ILE A 63 -11.15 14.64 25.04
C ILE A 63 -10.22 15.85 25.13
N ASP A 64 -8.96 15.66 24.84
CA ASP A 64 -8.00 16.80 24.91
C ASP A 64 -8.15 17.70 23.68
N PHE A 65 -7.24 18.61 23.48
CA PHE A 65 -7.33 19.52 22.30
C PHE A 65 -6.81 18.83 21.02
N PRO A 66 -5.69 18.14 21.13
CA PRO A 66 -5.12 17.47 19.94
C PRO A 66 -5.95 16.22 19.61
N GLU A 67 -6.57 15.65 20.59
CA GLU A 67 -7.41 14.45 20.34
C GLU A 67 -8.68 14.87 19.61
N PHE A 68 -9.13 16.07 19.88
CA PHE A 68 -10.35 16.57 19.21
C PHE A 68 -10.06 16.87 17.75
N LEU A 69 -8.96 17.53 17.49
CA LEU A 69 -8.59 17.85 16.10
C LEU A 69 -8.02 16.61 15.41
N THR A 70 -7.65 15.61 16.18
CA THR A 70 -7.09 14.37 15.56
C THR A 70 -8.21 13.40 15.18
N MET A 71 -9.36 13.53 15.79
CA MET A 71 -10.47 12.61 15.45
C MET A 71 -11.34 13.22 14.31
N MET A 72 -11.52 14.52 14.33
CA MET A 72 -12.37 15.17 13.27
C MET A 72 -11.51 15.60 12.07
N ALA A 73 -10.63 16.53 12.26
CA ALA A 73 -9.77 17.03 11.14
C ALA A 73 -8.91 15.91 10.54
N ARG A 74 -8.83 14.78 11.18
CA ARG A 74 -7.98 13.68 10.63
C ARG A 74 -8.84 12.69 9.83
N LYS A 75 -9.84 13.16 9.14
CA LYS A 75 -10.69 12.23 8.34
C LYS A 75 -9.82 11.38 7.42
N MET A 76 -9.62 10.13 7.76
CA MET A 76 -8.78 9.24 6.91
C MET A 76 -9.34 7.82 6.90
N LYS A 77 -10.22 7.52 5.98
CA LYS A 77 -10.80 6.16 5.92
C LYS A 77 -10.29 5.41 4.67
N ASP A 78 -11.13 5.20 3.68
CA ASP A 78 -10.66 4.49 2.45
C ASP A 78 -11.18 5.20 1.20
N THR A 79 -10.86 6.46 1.05
CA THR A 79 -11.34 7.21 -0.15
C THR A 79 -10.15 7.75 -0.95
N ASP A 80 -9.20 8.37 -0.30
CA ASP A 80 -8.03 8.91 -1.04
C ASP A 80 -6.77 8.84 -0.16
N SER A 81 -6.81 9.44 0.99
CA SER A 81 -5.62 9.41 1.89
C SER A 81 -5.36 7.98 2.38
N GLU A 82 -4.19 7.45 2.10
CA GLU A 82 -3.87 6.06 2.54
C GLU A 82 -2.41 5.71 2.22
N GLU A 83 -2.14 4.47 1.91
CA GLU A 83 -0.74 4.07 1.58
C GLU A 83 -0.75 2.75 0.79
N GLU A 84 -0.73 2.83 -0.51
CA GLU A 84 -0.75 1.58 -1.34
C GLU A 84 0.63 0.92 -1.34
N ILE A 85 1.67 1.70 -1.32
CA ILE A 85 3.05 1.11 -1.33
C ILE A 85 3.19 0.04 -0.25
N ARG A 86 2.69 0.31 0.93
CA ARG A 86 2.78 -0.68 2.03
C ARG A 86 2.14 -2.02 1.61
N GLU A 87 1.00 -1.97 0.99
CA GLU A 87 0.31 -3.23 0.57
C GLU A 87 1.14 -4.00 -0.46
N ALA A 88 1.80 -3.32 -1.34
CA ALA A 88 2.62 -4.03 -2.37
C ALA A 88 3.77 -4.79 -1.71
N PHE A 89 4.63 -4.11 -1.01
CA PHE A 89 5.79 -4.80 -0.35
C PHE A 89 5.29 -5.98 0.49
N ARG A 90 4.14 -5.85 1.08
CA ARG A 90 3.62 -6.97 1.93
C ARG A 90 3.35 -8.21 1.06
N VAL A 91 2.72 -8.04 -0.08
CA VAL A 91 2.44 -9.23 -0.94
C VAL A 91 3.69 -9.66 -1.69
N PHE A 92 4.69 -8.83 -1.72
CA PHE A 92 5.95 -9.21 -2.45
C PHE A 92 6.95 -9.85 -1.48
N ASP A 93 6.73 -9.71 -0.19
CA ASP A 93 7.67 -10.31 0.80
C ASP A 93 7.01 -11.53 1.45
N LYS A 94 6.65 -12.52 0.66
CA LYS A 94 6.01 -13.74 1.22
C LYS A 94 6.97 -14.49 2.16
N ASP A 95 8.20 -14.62 1.76
CA ASP A 95 9.18 -15.34 2.64
C ASP A 95 9.48 -14.50 3.89
N GLY A 96 9.36 -13.21 3.80
CA GLY A 96 9.60 -12.35 4.99
C GLY A 96 11.08 -11.94 5.09
N ASN A 97 11.88 -12.23 4.09
CA ASN A 97 13.32 -11.84 4.16
C ASN A 97 13.46 -10.32 4.25
N GLY A 98 12.53 -9.60 3.67
CA GLY A 98 12.60 -8.11 3.73
C GLY A 98 12.99 -7.55 2.35
N TYR A 99 13.03 -8.38 1.35
CA TYR A 99 13.41 -7.88 -0.01
C TYR A 99 12.54 -8.58 -1.07
N ILE A 100 12.50 -8.04 -2.26
CA ILE A 100 11.68 -8.67 -3.32
C ILE A 100 12.58 -9.48 -4.26
N SER A 101 12.23 -10.71 -4.50
CA SER A 101 13.07 -11.56 -5.41
C SER A 101 12.31 -11.81 -6.71
N ALA A 102 13.01 -11.93 -7.81
CA ALA A 102 12.32 -12.17 -9.11
C ALA A 102 11.35 -13.37 -8.98
N ALA A 103 11.79 -14.43 -8.37
CA ALA A 103 10.90 -15.63 -8.22
C ALA A 103 9.54 -15.20 -7.65
N GLU A 104 9.54 -14.55 -6.52
CA GLU A 104 8.25 -14.10 -5.90
C GLU A 104 7.50 -13.14 -6.84
N LEU A 105 8.23 -12.38 -7.62
CA LEU A 105 7.57 -11.41 -8.54
C LEU A 105 6.63 -12.15 -9.49
N ARG A 106 7.07 -13.25 -10.03
CA ARG A 106 6.19 -14.01 -10.97
C ARG A 106 5.15 -14.81 -10.19
N HIS A 107 5.45 -15.19 -8.97
CA HIS A 107 4.47 -15.98 -8.16
C HIS A 107 3.30 -15.08 -7.75
N VAL A 108 3.47 -13.79 -7.79
CA VAL A 108 2.37 -12.88 -7.40
C VAL A 108 1.70 -12.30 -8.66
N MET A 109 2.42 -12.21 -9.74
CA MET A 109 1.83 -11.65 -10.99
C MET A 109 0.95 -12.71 -11.68
N THR A 110 1.21 -13.96 -11.43
CA THR A 110 0.41 -15.03 -12.06
C THR A 110 -0.79 -15.40 -11.18
N ASN A 111 -0.78 -15.00 -9.95
CA ASN A 111 -1.91 -15.33 -9.04
C ASN A 111 -2.98 -14.22 -9.09
N LEU A 112 -2.57 -12.99 -9.07
CA LEU A 112 -3.57 -11.88 -9.13
C LEU A 112 -4.39 -11.97 -10.42
N GLY A 113 -3.74 -12.20 -11.53
CA GLY A 113 -4.49 -12.31 -12.81
C GLY A 113 -3.74 -11.54 -13.91
N GLU A 114 -2.47 -11.78 -14.06
CA GLU A 114 -1.69 -11.06 -15.11
C GLU A 114 -0.75 -12.03 -15.83
N LYS A 115 -0.82 -12.08 -17.14
CA LYS A 115 0.06 -13.01 -17.89
C LYS A 115 1.36 -12.32 -18.31
N LEU A 116 2.47 -12.72 -17.76
CA LEU A 116 3.77 -12.08 -18.11
C LEU A 116 4.78 -13.16 -18.54
N THR A 117 6.03 -12.80 -18.67
CA THR A 117 7.05 -13.82 -19.08
C THR A 117 8.39 -13.53 -18.39
N ASP A 118 9.28 -14.49 -18.40
CA ASP A 118 10.61 -14.31 -17.75
C ASP A 118 11.30 -13.04 -18.27
N GLU A 119 11.03 -12.66 -19.49
CA GLU A 119 11.69 -11.44 -20.06
C GLU A 119 11.21 -10.17 -19.35
N GLU A 120 9.92 -9.98 -19.25
CA GLU A 120 9.38 -8.76 -18.58
C GLU A 120 9.77 -8.74 -17.11
N VAL A 121 9.50 -9.80 -16.39
CA VAL A 121 9.84 -9.82 -14.94
C VAL A 121 11.34 -9.57 -14.73
N ASP A 122 12.18 -10.21 -15.48
CA ASP A 122 13.65 -10.00 -15.31
C ASP A 122 14.02 -8.53 -15.51
N GLU A 123 13.63 -7.95 -16.62
CA GLU A 123 13.95 -6.52 -16.87
C GLU A 123 13.29 -5.63 -15.81
N MET A 124 12.24 -6.10 -15.20
CA MET A 124 11.56 -5.28 -14.16
C MET A 124 12.43 -5.18 -12.89
N ILE A 125 12.89 -6.30 -12.41
CA ILE A 125 13.75 -6.28 -11.19
C ILE A 125 15.11 -5.63 -11.51
N ARG A 126 15.55 -5.73 -12.73
CA ARG A 126 16.87 -5.13 -13.10
C ARG A 126 16.75 -3.60 -13.12
N GLU A 127 15.68 -3.08 -13.66
CA GLU A 127 15.51 -1.60 -13.69
C GLU A 127 15.21 -1.08 -12.30
N ALA A 128 14.62 -1.89 -11.46
CA ALA A 128 14.31 -1.44 -10.08
C ALA A 128 15.58 -1.49 -9.23
N ASP A 129 16.52 -2.33 -9.59
CA ASP A 129 17.78 -2.42 -8.80
C ASP A 129 18.67 -1.20 -9.07
N ILE A 130 18.47 -0.14 -8.34
CA ILE A 130 19.30 1.09 -8.55
C ILE A 130 20.74 0.84 -8.10
N ASP A 131 20.91 0.29 -6.92
CA ASP A 131 22.29 0.03 -6.42
C ASP A 131 22.91 -1.17 -7.16
N GLY A 132 22.09 -2.01 -7.72
CA GLY A 132 22.64 -3.20 -8.44
C GLY A 132 23.26 -4.16 -7.44
N ASP A 133 22.45 -4.77 -6.61
CA ASP A 133 22.99 -5.71 -5.58
C ASP A 133 22.45 -7.13 -5.79
N GLY A 134 21.39 -7.28 -6.55
CA GLY A 134 20.83 -8.66 -6.79
C GLY A 134 19.35 -8.69 -6.39
N GLN A 135 19.02 -8.17 -5.25
CA GLN A 135 17.59 -8.17 -4.81
C GLN A 135 17.11 -6.74 -4.61
N VAL A 136 15.83 -6.55 -4.42
CA VAL A 136 15.32 -5.17 -4.24
C VAL A 136 15.02 -4.88 -2.76
N ASN A 137 15.12 -3.65 -2.36
CA ASN A 137 14.85 -3.30 -0.94
C ASN A 137 13.73 -2.24 -0.87
N TYR A 138 13.48 -1.72 0.30
CA TYR A 138 12.40 -0.69 0.42
C TYR A 138 12.89 0.63 -0.19
N GLU A 139 14.18 0.79 -0.33
CA GLU A 139 14.72 2.06 -0.92
C GLU A 139 14.45 2.07 -2.43
N GLU A 140 14.91 1.08 -3.14
CA GLU A 140 14.67 1.04 -4.61
C GLU A 140 13.18 0.91 -4.89
N PHE A 141 12.45 0.36 -3.96
CA PHE A 141 10.99 0.19 -4.16
C PHE A 141 10.27 1.54 -3.98
N VAL A 142 10.83 2.41 -3.17
CA VAL A 142 10.20 3.74 -2.96
C VAL A 142 10.63 4.73 -4.06
N GLN A 143 11.81 4.52 -4.61
CA GLN A 143 12.29 5.43 -5.68
C GLN A 143 11.68 5.06 -7.04
N MET A 144 11.44 3.81 -7.27
CA MET A 144 10.86 3.40 -8.58
C MET A 144 9.33 3.57 -8.55
N MET A 145 8.74 3.51 -7.40
CA MET A 145 7.25 3.67 -7.31
C MET A 145 6.89 5.15 -7.15
N THR A 146 7.39 5.78 -6.12
CA THR A 146 7.09 7.23 -5.88
C THR A 146 5.60 7.53 -6.12
N ALA A 147 4.82 7.50 -5.08
CA ALA A 147 3.36 7.78 -5.24
C ALA A 147 3.03 9.14 -4.61
N LYS A 148 3.81 10.15 -4.87
CA LYS A 148 3.53 11.49 -4.30
C LYS A 148 3.68 12.57 -5.37
CA CA B . -13.48 22.34 29.34
CA CA C . -8.68 11.35 26.00
CA CA D . 10.35 -11.68 -0.05
CA CA E . 19.28 -3.59 -4.81
S1 WW7 F . -20.61 16.07 17.03
O1 WW7 F . -21.85 15.36 17.16
O2 WW7 F . -19.67 15.67 16.03
N1 WW7 F . -21.05 17.70 16.62
C4 WW7 F . -18.44 16.42 21.20
C3 WW7 F . -18.62 17.58 20.34
C2 WW7 F . -19.31 17.45 19.05
C1 WW7 F . -19.80 16.16 18.60
C9 WW7 F . -19.62 14.97 19.44
C10 WW7 F . -18.92 15.12 20.78
CL1 WW7 F . -17.94 13.99 23.16
C5 WW7 F . -18.73 13.94 21.62
C6 WW7 F . -19.22 12.64 21.17
C7 WW7 F . -19.90 12.51 19.88
C8 WW7 F . -20.11 13.66 19.01
C11 WW7 F . -21.88 18.45 17.57
C12 WW7 F . -23.38 18.35 17.24
C14 WW7 F . -23.78 20.61 18.26
C13 WW7 F . -24.17 19.13 18.30
C15 WW7 F . -24.58 21.38 19.30
C16 WW7 F . -24.21 22.85 19.25
N2 WW7 F . -24.52 23.45 17.95
HN1 WW7 F . -21.48 17.72 15.70
H4 WW7 F . -17.94 16.51 22.16
H3 WW7 F . -18.26 18.54 20.66
H2 WW7 F . -19.44 18.32 18.43
H6 WW7 F . -19.08 11.79 21.81
H7 WW7 F . -20.27 11.54 19.56
H8 WW7 F . -20.58 13.56 18.06
H111 WW7 F . -21.71 18.05 18.55
H112 WW7 F . -21.57 19.48 17.53
H121 WW7 F . -23.56 18.78 16.27
H122 WW7 F . -23.69 17.33 17.25
H141 WW7 F . -23.99 21.01 17.28
H142 WW7 F . -22.73 20.70 18.46
H131 WW7 F . -25.23 19.04 18.08
H132 WW7 F . -23.97 18.72 19.27
H151 WW7 F . -25.63 21.27 19.12
H152 WW7 F . -24.36 20.99 20.29
H161 WW7 F . -23.15 22.98 19.42
H162 WW7 F . -24.76 23.41 20.00
HN21 WW7 F . -25.51 23.39 17.76
HN22 WW7 F . -24.28 24.44 17.94
S1 WW7 G . 4.24 -3.28 -9.99
O1 WW7 G . 3.13 -4.17 -9.94
O2 WW7 G . 4.63 -2.71 -11.25
N1 WW7 G . 3.73 -1.91 -9.03
C4 WW7 G . 7.73 -5.32 -7.56
C3 WW7 G . 6.33 -5.69 -7.40
C2 WW7 G . 5.29 -5.04 -8.19
C1 WW7 G . 5.61 -4.02 -9.17
C9 WW7 G . 7.01 -3.63 -9.36
C10 WW7 G . 8.09 -4.30 -8.54
CL1 WW7 G . 10.79 -4.63 -7.83
C5 WW7 G . 9.48 -3.92 -8.72
C6 WW7 G . 9.83 -2.89 -9.69
C7 WW7 G . 8.80 -2.24 -10.49
C8 WW7 G . 7.40 -2.60 -10.33
C11 WW7 G . 3.38 -2.13 -7.62
C12 WW7 G . 3.03 -0.81 -6.93
C14 WW7 G . 1.47 1.13 -6.92
C13 WW7 G . 1.81 -0.19 -7.60
C15 WW7 G . 0.23 1.74 -7.58
C16 WW7 G . -0.11 3.06 -6.88
N2 WW7 G . 0.96 4.05 -6.98
HN1 WW7 G . 2.97 -1.44 -9.51
H4 WW7 G . 8.50 -5.79 -6.96
H3 WW7 G . 6.06 -6.45 -6.68
H2 WW7 G . 4.25 -5.30 -8.04
H6 WW7 G . 10.88 -2.63 -9.82
H7 WW7 G . 9.07 -1.48 -11.20
H8 WW7 G . 6.66 -2.09 -10.93
H111 WW7 G . 2.53 -2.79 -7.58
H112 WW7 G . 4.23 -2.58 -7.13
H121 WW7 G . 2.82 -1.00 -5.89
H122 WW7 G . 3.87 -0.13 -7.00
H141 WW7 G . 2.30 1.82 -7.02
H142 WW7 G . 1.26 0.95 -5.87
H131 WW7 G . 2.03 -0.01 -8.65
H132 WW7 G . 0.98 -0.86 -7.53
H151 WW7 G . 0.43 1.93 -8.62
H152 WW7 G . -0.60 1.05 -7.48
H161 WW7 G . -0.31 2.88 -5.84
H162 WW7 G . -1.00 3.49 -7.34
HN21 WW7 G . 1.82 3.64 -6.66
HN22 WW7 G . 1.09 4.33 -7.95
N ALA A 1 -32.57 5.38 17.16
CA ALA A 1 -31.26 4.88 17.67
C ALA A 1 -30.70 3.79 16.74
N ASP A 2 -31.53 3.24 15.90
CA ASP A 2 -31.06 2.18 14.97
C ASP A 2 -29.83 2.66 14.19
N GLN A 3 -28.67 2.12 14.46
CA GLN A 3 -27.45 2.56 13.73
C GLN A 3 -27.12 1.55 12.62
N LEU A 4 -26.45 1.99 11.59
CA LEU A 4 -26.09 1.05 10.48
C LEU A 4 -24.60 1.16 10.15
N THR A 5 -23.88 0.08 10.25
CA THR A 5 -22.42 0.12 9.96
C THR A 5 -22.03 -1.07 9.07
N GLU A 6 -22.33 -2.27 9.51
CA GLU A 6 -21.98 -3.46 8.70
C GLU A 6 -23.03 -3.70 7.61
N GLU A 7 -24.28 -3.54 7.94
CA GLU A 7 -25.36 -3.76 6.93
C GLU A 7 -25.08 -2.95 5.67
N GLN A 8 -24.54 -1.78 5.80
CA GLN A 8 -24.25 -0.95 4.59
C GLN A 8 -23.36 -1.73 3.62
N ILE A 9 -22.25 -2.22 4.10
CA ILE A 9 -21.33 -2.99 3.22
C ILE A 9 -22.08 -4.21 2.66
N ALA A 10 -22.96 -4.79 3.44
CA ALA A 10 -23.72 -5.98 2.96
C ALA A 10 -24.68 -5.57 1.83
N GLU A 11 -25.11 -4.34 1.82
CA GLU A 11 -26.04 -3.88 0.74
C GLU A 11 -25.27 -3.74 -0.56
N PHE A 12 -24.19 -3.00 -0.55
CA PHE A 12 -23.39 -2.82 -1.79
C PHE A 12 -22.97 -4.19 -2.33
N LYS A 13 -22.48 -5.04 -1.48
CA LYS A 13 -22.06 -6.40 -1.93
C LYS A 13 -23.22 -7.09 -2.66
N GLU A 14 -24.41 -6.96 -2.12
CA GLU A 14 -25.59 -7.61 -2.76
C GLU A 14 -25.69 -7.18 -4.22
N ALA A 15 -25.67 -5.90 -4.47
CA ALA A 15 -25.76 -5.41 -5.88
C ALA A 15 -24.70 -6.11 -6.75
N PHE A 16 -23.47 -6.11 -6.32
CA PHE A 16 -22.40 -6.77 -7.12
C PHE A 16 -22.84 -8.19 -7.49
N SER A 17 -23.36 -8.93 -6.55
CA SER A 17 -23.81 -10.32 -6.85
C SER A 17 -24.80 -10.30 -8.02
N LEU A 18 -25.70 -9.35 -8.02
CA LEU A 18 -26.70 -9.27 -9.13
C LEU A 18 -25.96 -9.11 -10.47
N PHE A 19 -24.86 -8.41 -10.46
CA PHE A 19 -24.09 -8.21 -11.72
C PHE A 19 -23.36 -9.48 -12.12
N ASP A 20 -22.36 -9.85 -11.37
CA ASP A 20 -21.59 -11.09 -11.71
C ASP A 20 -22.54 -12.28 -11.77
N LYS A 21 -23.06 -12.57 -12.93
CA LYS A 21 -24.00 -13.72 -13.06
C LYS A 21 -23.21 -15.03 -13.18
N ASP A 22 -22.02 -14.97 -13.71
CA ASP A 22 -21.18 -16.20 -13.85
C ASP A 22 -20.07 -16.23 -12.79
N GLY A 23 -19.88 -15.14 -12.09
CA GLY A 23 -18.81 -15.11 -11.05
C GLY A 23 -17.45 -15.34 -11.70
N ASP A 24 -17.03 -14.45 -12.56
CA ASP A 24 -15.72 -14.62 -13.24
C ASP A 24 -14.62 -13.90 -12.43
N GLY A 25 -15.00 -13.03 -11.53
CA GLY A 25 -13.99 -12.30 -10.73
C GLY A 25 -14.03 -10.80 -11.05
N THR A 26 -14.76 -10.42 -12.08
CA THR A 26 -14.83 -8.97 -12.44
C THR A 26 -16.12 -8.68 -13.22
N ILE A 27 -16.42 -7.43 -13.43
CA ILE A 27 -17.65 -7.06 -14.21
C ILE A 27 -17.25 -6.58 -15.61
N THR A 28 -17.81 -7.19 -16.63
CA THR A 28 -17.45 -6.78 -18.03
C THR A 28 -18.64 -6.08 -18.69
N THR A 29 -18.54 -5.80 -19.97
CA THR A 29 -19.66 -5.12 -20.68
C THR A 29 -20.77 -6.12 -21.02
N LYS A 30 -20.44 -7.37 -21.14
CA LYS A 30 -21.48 -8.40 -21.46
C LYS A 30 -22.40 -8.59 -20.25
N GLU A 31 -21.84 -8.93 -19.13
CA GLU A 31 -22.68 -9.12 -17.90
C GLU A 31 -23.41 -7.82 -17.59
N LEU A 32 -22.69 -6.73 -17.58
CA LEU A 32 -23.33 -5.43 -17.29
C LEU A 32 -24.39 -5.12 -18.36
N GLY A 33 -24.20 -5.67 -19.54
CA GLY A 33 -25.19 -5.44 -20.63
C GLY A 33 -26.53 -6.01 -20.20
N THR A 34 -26.54 -7.19 -19.65
CA THR A 34 -27.82 -7.80 -19.22
C THR A 34 -28.35 -7.06 -17.98
N VAL A 35 -27.47 -6.48 -17.20
CA VAL A 35 -27.91 -5.75 -15.98
C VAL A 35 -28.71 -4.49 -16.38
N MET A 36 -28.30 -3.81 -17.41
CA MET A 36 -29.04 -2.59 -17.85
C MET A 36 -30.16 -2.96 -18.85
N ARG A 37 -30.05 -4.10 -19.47
CA ARG A 37 -31.11 -4.51 -20.45
C ARG A 37 -32.22 -5.30 -19.76
N SER A 38 -32.00 -5.73 -18.55
CA SER A 38 -33.05 -6.50 -17.82
C SER A 38 -34.27 -5.61 -17.55
N LEU A 39 -34.10 -4.55 -16.84
CA LEU A 39 -35.26 -3.64 -16.54
C LEU A 39 -34.88 -2.19 -16.81
N GLY A 40 -34.28 -1.92 -17.93
CA GLY A 40 -33.87 -0.52 -18.26
C GLY A 40 -33.48 -0.43 -19.73
N GLN A 41 -34.25 -1.04 -20.60
CA GLN A 41 -33.93 -0.99 -22.06
C GLN A 41 -33.66 0.46 -22.49
N ASN A 42 -32.45 0.74 -22.89
CA ASN A 42 -32.12 2.13 -23.33
C ASN A 42 -30.68 2.17 -23.89
N PRO A 43 -29.73 1.86 -23.05
CA PRO A 43 -28.31 1.87 -23.47
C PRO A 43 -28.04 0.68 -24.41
N THR A 44 -26.92 0.70 -25.09
CA THR A 44 -26.61 -0.41 -26.02
C THR A 44 -25.30 -1.09 -25.60
N GLU A 45 -24.54 -1.57 -26.53
CA GLU A 45 -23.24 -2.23 -26.17
C GLU A 45 -22.11 -1.20 -26.19
N ALA A 46 -22.10 -0.34 -27.18
CA ALA A 46 -21.03 0.70 -27.27
C ALA A 46 -21.22 1.74 -26.17
N GLU A 47 -22.33 2.43 -26.17
CA GLU A 47 -22.58 3.46 -25.11
C GLU A 47 -22.29 2.84 -23.74
N LEU A 48 -22.50 1.57 -23.61
CA LEU A 48 -22.24 0.90 -22.31
C LEU A 48 -20.74 0.95 -22.00
N GLN A 49 -19.92 0.52 -22.93
CA GLN A 49 -18.45 0.57 -22.69
C GLN A 49 -18.06 1.97 -22.19
N ASP A 50 -18.66 2.99 -22.75
CA ASP A 50 -18.35 4.37 -22.30
C ASP A 50 -18.67 4.54 -20.82
N MET A 51 -19.83 4.08 -20.41
CA MET A 51 -20.20 4.19 -18.97
C MET A 51 -19.25 3.35 -18.11
N ILE A 52 -18.56 2.42 -18.73
CA ILE A 52 -17.62 1.55 -17.96
C ILE A 52 -16.26 2.24 -17.85
N ASN A 53 -15.91 3.05 -18.81
CA ASN A 53 -14.59 3.76 -18.75
C ASN A 53 -14.53 4.67 -17.53
N GLU A 54 -15.59 5.37 -17.24
CA GLU A 54 -15.59 6.28 -16.05
C GLU A 54 -15.52 5.44 -14.76
N VAL A 55 -15.97 4.21 -14.82
CA VAL A 55 -15.92 3.35 -13.60
C VAL A 55 -14.62 2.53 -13.58
N ASP A 56 -13.85 2.59 -14.63
CA ASP A 56 -12.58 1.80 -14.66
C ASP A 56 -11.37 2.74 -14.67
N ALA A 57 -10.77 2.95 -13.53
CA ALA A 57 -9.56 3.83 -13.47
C ALA A 57 -8.31 2.96 -13.37
N ASP A 58 -8.39 1.75 -13.84
CA ASP A 58 -7.22 0.83 -13.77
C ASP A 58 -6.47 0.82 -15.12
N GLY A 59 -7.17 0.64 -16.20
CA GLY A 59 -6.50 0.62 -17.52
C GLY A 59 -6.85 -0.67 -18.27
N ASN A 60 -7.18 -1.71 -17.56
CA ASN A 60 -7.52 -2.99 -18.24
C ASN A 60 -8.88 -2.87 -18.95
N GLY A 61 -9.78 -2.12 -18.39
CA GLY A 61 -11.12 -1.95 -19.04
C GLY A 61 -12.22 -2.46 -18.09
N THR A 62 -12.18 -3.72 -17.76
CA THR A 62 -13.23 -4.28 -16.85
C THR A 62 -13.06 -3.72 -15.43
N ILE A 63 -14.05 -3.87 -14.60
CA ILE A 63 -13.94 -3.37 -13.21
C ILE A 63 -13.59 -4.52 -12.26
N ASP A 64 -13.02 -4.22 -11.12
CA ASP A 64 -12.66 -5.30 -10.16
C ASP A 64 -13.53 -5.22 -8.91
N PHE A 65 -13.19 -5.97 -7.90
CA PHE A 65 -14.01 -5.96 -6.66
C PHE A 65 -13.72 -4.71 -5.80
N PRO A 66 -12.44 -4.40 -5.63
CA PRO A 66 -12.08 -3.23 -4.81
C PRO A 66 -12.45 -1.93 -5.54
N GLU A 67 -12.65 -2.01 -6.83
CA GLU A 67 -13.03 -0.78 -7.59
C GLU A 67 -14.54 -0.57 -7.50
N PHE A 68 -15.27 -1.64 -7.40
CA PHE A 68 -16.76 -1.51 -7.30
C PHE A 68 -17.15 -0.96 -5.93
N LEU A 69 -16.62 -1.50 -4.87
CA LEU A 69 -16.98 -1.00 -3.52
C LEU A 69 -16.25 0.32 -3.21
N THR A 70 -15.08 0.52 -3.77
CA THR A 70 -14.35 1.79 -3.49
C THR A 70 -14.93 2.93 -4.33
N MET A 71 -15.64 2.62 -5.38
CA MET A 71 -16.23 3.70 -6.23
C MET A 71 -17.59 4.14 -5.68
N MET A 72 -18.46 3.20 -5.41
CA MET A 72 -19.81 3.57 -4.89
C MET A 72 -19.76 3.79 -3.36
N ALA A 73 -19.37 2.79 -2.61
CA ALA A 73 -19.31 2.96 -1.13
C ALA A 73 -18.62 4.27 -0.75
N ARG A 74 -17.63 4.66 -1.51
CA ARG A 74 -16.92 5.93 -1.19
C ARG A 74 -17.26 7.00 -2.23
N LYS A 75 -18.50 7.38 -2.32
CA LYS A 75 -18.90 8.43 -3.32
C LYS A 75 -18.45 9.81 -2.85
N MET A 76 -18.36 10.00 -1.55
CA MET A 76 -17.93 11.34 -1.03
C MET A 76 -17.03 11.16 0.20
N LYS A 77 -16.55 9.97 0.44
CA LYS A 77 -15.67 9.74 1.62
C LYS A 77 -14.34 9.14 1.17
N ASP A 78 -13.35 9.97 0.94
CA ASP A 78 -12.04 9.44 0.50
C ASP A 78 -11.26 8.85 1.68
N THR A 79 -10.19 8.16 1.42
CA THR A 79 -9.38 7.56 2.53
C THR A 79 -8.25 8.50 2.94
N ASP A 80 -7.68 9.21 2.01
CA ASP A 80 -6.56 10.13 2.35
C ASP A 80 -5.47 9.37 3.10
N SER A 81 -4.96 8.31 2.52
CA SER A 81 -3.89 7.53 3.21
C SER A 81 -2.80 7.16 2.20
N GLU A 82 -3.18 6.66 1.05
CA GLU A 82 -2.16 6.29 0.02
C GLU A 82 -1.16 5.29 0.62
N GLU A 83 -1.58 4.49 1.55
CA GLU A 83 -0.65 3.50 2.17
C GLU A 83 -0.68 2.18 1.37
N GLU A 84 -0.46 2.25 0.09
CA GLU A 84 -0.48 1.01 -0.73
C GLU A 84 0.94 0.45 -0.88
N ILE A 85 1.93 1.30 -0.78
CA ILE A 85 3.33 0.81 -0.92
C ILE A 85 3.58 -0.38 0.01
N ARG A 86 3.18 -0.28 1.25
CA ARG A 86 3.40 -1.41 2.20
C ARG A 86 2.65 -2.66 1.70
N GLU A 87 1.42 -2.49 1.28
CA GLU A 87 0.64 -3.66 0.78
C GLU A 87 1.41 -4.39 -0.32
N ALA A 88 2.10 -3.65 -1.15
CA ALA A 88 2.88 -4.29 -2.25
C ALA A 88 4.06 -5.09 -1.68
N PHE A 89 4.99 -4.42 -1.05
CA PHE A 89 6.18 -5.14 -0.47
C PHE A 89 5.72 -6.42 0.28
N ARG A 90 4.52 -6.42 0.79
CA ARG A 90 4.03 -7.62 1.52
C ARG A 90 3.74 -8.76 0.54
N VAL A 91 2.93 -8.51 -0.45
CA VAL A 91 2.62 -9.59 -1.44
C VAL A 91 3.89 -10.03 -2.17
N PHE A 92 4.90 -9.21 -2.17
CA PHE A 92 6.17 -9.59 -2.87
C PHE A 92 7.14 -10.24 -1.87
N ASP A 93 6.90 -10.08 -0.60
CA ASP A 93 7.80 -10.69 0.41
C ASP A 93 6.98 -11.56 1.37
N LYS A 94 6.44 -12.65 0.89
CA LYS A 94 5.63 -13.54 1.77
C LYS A 94 6.48 -14.69 2.32
N ASP A 95 7.75 -14.71 2.01
CA ASP A 95 8.62 -15.81 2.52
C ASP A 95 9.35 -15.36 3.80
N GLY A 96 9.34 -14.08 4.08
CA GLY A 96 10.03 -13.58 5.31
C GLY A 96 11.49 -13.27 4.99
N ASN A 97 11.76 -12.77 3.82
CA ASN A 97 13.17 -12.44 3.45
C ASN A 97 13.47 -10.97 3.78
N GLY A 98 12.77 -10.07 3.16
CA GLY A 98 13.02 -8.62 3.42
C GLY A 98 13.22 -7.87 2.10
N TYR A 99 13.43 -8.59 1.02
CA TYR A 99 13.64 -7.91 -0.30
C TYR A 99 12.86 -8.65 -1.40
N ILE A 100 12.37 -7.93 -2.38
CA ILE A 100 11.60 -8.59 -3.47
C ILE A 100 12.54 -9.34 -4.42
N SER A 101 12.13 -10.47 -4.91
CA SER A 101 13.00 -11.25 -5.84
C SER A 101 12.21 -11.62 -7.11
N ALA A 102 12.89 -11.91 -8.18
CA ALA A 102 12.18 -12.26 -9.45
C ALA A 102 11.23 -13.45 -9.22
N ALA A 103 11.51 -14.26 -8.24
CA ALA A 103 10.63 -15.44 -7.98
C ALA A 103 9.34 -15.00 -7.30
N GLU A 104 9.43 -14.47 -6.10
CA GLU A 104 8.20 -14.03 -5.39
C GLU A 104 7.35 -13.15 -6.31
N LEU A 105 7.96 -12.29 -7.07
CA LEU A 105 7.19 -11.41 -7.99
C LEU A 105 6.48 -12.26 -9.06
N ARG A 106 7.13 -13.27 -9.55
CA ARG A 106 6.48 -14.14 -10.58
C ARG A 106 5.19 -14.76 -10.03
N HIS A 107 5.17 -15.07 -8.77
CA HIS A 107 3.95 -15.68 -8.16
C HIS A 107 2.89 -14.59 -7.91
N VAL A 108 3.30 -13.36 -7.74
CA VAL A 108 2.30 -12.27 -7.49
C VAL A 108 1.59 -11.88 -8.80
N MET A 109 2.30 -11.86 -9.89
CA MET A 109 1.68 -11.47 -11.18
C MET A 109 0.76 -12.59 -11.70
N THR A 110 1.02 -13.80 -11.31
CA THR A 110 0.16 -14.93 -11.78
C THR A 110 -1.26 -14.76 -11.23
N ASN A 111 -1.39 -14.45 -9.96
CA ASN A 111 -2.75 -14.27 -9.38
C ASN A 111 -3.37 -12.97 -9.89
N LEU A 112 -2.61 -11.92 -9.95
CA LEU A 112 -3.17 -10.62 -10.45
C LEU A 112 -3.96 -10.84 -11.75
N GLY A 113 -3.63 -11.86 -12.48
CA GLY A 113 -4.36 -12.12 -13.75
C GLY A 113 -3.60 -11.49 -14.92
N GLU A 114 -2.30 -11.64 -14.95
CA GLU A 114 -1.50 -11.05 -16.06
C GLU A 114 -0.52 -12.09 -16.61
N LYS A 115 -0.40 -12.19 -17.91
CA LYS A 115 0.54 -13.18 -18.50
C LYS A 115 1.89 -12.54 -18.80
N LEU A 116 2.90 -12.88 -18.05
CA LEU A 116 4.25 -12.30 -18.31
C LEU A 116 5.27 -13.43 -18.53
N THR A 117 6.51 -13.09 -18.72
CA THR A 117 7.54 -14.15 -18.96
C THR A 117 8.73 -13.95 -18.03
N ASP A 118 9.45 -15.00 -17.74
CA ASP A 118 10.62 -14.87 -16.83
C ASP A 118 11.50 -13.69 -17.27
N GLU A 119 11.70 -13.53 -18.56
CA GLU A 119 12.53 -12.40 -19.05
C GLU A 119 11.91 -11.06 -18.63
N GLU A 120 10.64 -10.88 -18.90
CA GLU A 120 9.98 -9.59 -18.53
C GLU A 120 10.21 -9.29 -17.04
N VAL A 121 9.99 -10.26 -16.19
CA VAL A 121 10.20 -10.01 -14.73
C VAL A 121 11.61 -9.48 -14.48
N ASP A 122 12.60 -10.14 -15.00
CA ASP A 122 14.00 -9.67 -14.79
C ASP A 122 14.12 -8.19 -15.19
N GLU A 123 13.42 -7.78 -16.21
CA GLU A 123 13.50 -6.36 -16.65
C GLU A 123 13.00 -5.43 -15.53
N MET A 124 11.87 -5.75 -14.95
CA MET A 124 11.34 -4.89 -13.85
C MET A 124 12.30 -4.90 -12.66
N ILE A 125 12.56 -6.05 -12.10
CA ILE A 125 13.49 -6.13 -10.94
C ILE A 125 14.80 -5.41 -11.24
N ARG A 126 15.14 -5.27 -12.49
CA ARG A 126 16.41 -4.56 -12.85
C ARG A 126 16.22 -3.04 -12.72
N GLU A 127 15.17 -2.52 -13.30
CA GLU A 127 14.93 -1.06 -13.21
C GLU A 127 14.71 -0.65 -11.75
N ALA A 128 14.37 -1.58 -10.91
CA ALA A 128 14.15 -1.26 -9.47
C ALA A 128 15.48 -1.35 -8.70
N ASP A 129 16.27 -2.34 -8.99
CA ASP A 129 17.57 -2.49 -8.28
C ASP A 129 18.50 -1.31 -8.60
N ILE A 130 18.40 -0.24 -7.85
CA ILE A 130 19.27 0.94 -8.11
C ILE A 130 20.74 0.57 -7.92
N ASP A 131 21.11 0.09 -6.76
CA ASP A 131 22.53 -0.28 -6.51
C ASP A 131 22.94 -1.42 -7.45
N GLY A 132 22.01 -2.27 -7.82
CA GLY A 132 22.36 -3.41 -8.72
C GLY A 132 23.17 -4.45 -7.95
N ASP A 133 22.57 -5.12 -7.02
CA ASP A 133 23.32 -6.15 -6.24
C ASP A 133 22.73 -7.54 -6.48
N GLY A 134 21.47 -7.63 -6.83
CA GLY A 134 20.85 -8.97 -7.07
C GLY A 134 19.45 -9.03 -6.45
N GLN A 135 19.06 -8.01 -5.72
CA GLN A 135 17.70 -8.04 -5.09
C GLN A 135 17.17 -6.62 -4.93
N VAL A 136 15.88 -6.47 -4.77
CA VAL A 136 15.30 -5.11 -4.61
C VAL A 136 14.89 -4.87 -3.15
N ASN A 137 15.17 -3.72 -2.61
CA ASN A 137 14.79 -3.45 -1.20
C ASN A 137 13.62 -2.46 -1.14
N TYR A 138 13.30 -1.99 0.04
CA TYR A 138 12.16 -1.04 0.18
C TYR A 138 12.46 0.29 -0.52
N GLU A 139 13.46 1.01 -0.09
CA GLU A 139 13.79 2.33 -0.71
C GLU A 139 13.76 2.24 -2.24
N GLU A 140 14.39 1.27 -2.83
CA GLU A 140 14.40 1.17 -4.33
C GLU A 140 12.97 1.05 -4.86
N PHE A 141 12.18 0.20 -4.29
CA PHE A 141 10.78 0.04 -4.78
C PHE A 141 9.98 1.32 -4.55
N VAL A 142 10.39 2.14 -3.62
CA VAL A 142 9.64 3.41 -3.35
C VAL A 142 10.18 4.57 -4.19
N GLN A 143 11.38 4.45 -4.69
CA GLN A 143 11.96 5.56 -5.50
C GLN A 143 11.62 5.38 -6.98
N MET A 144 11.36 4.18 -7.41
CA MET A 144 11.02 3.97 -8.85
C MET A 144 9.51 4.11 -9.07
N MET A 145 8.72 3.76 -8.09
CA MET A 145 7.25 3.88 -8.26
C MET A 145 6.78 5.29 -7.86
N THR A 146 7.65 6.08 -7.29
CA THR A 146 7.26 7.46 -6.89
C THR A 146 7.63 8.48 -7.97
N ALA A 147 8.11 8.02 -9.10
CA ALA A 147 8.49 8.97 -10.19
C ALA A 147 8.15 8.38 -11.56
N LYS A 148 7.92 9.21 -12.53
CA LYS A 148 7.59 8.69 -13.89
C LYS A 148 8.51 9.31 -14.94
CA CA B . -18.39 -11.92 -13.52
CA CA C . -9.82 -2.26 -13.53
CA CA D . 11.82 -11.82 0.00
CA CA E . 19.05 -3.35 -4.91
S1 WW7 F . -24.63 2.18 -10.16
O1 WW7 F . -25.05 3.18 -11.09
O2 WW7 F . -24.05 2.57 -8.91
N1 WW7 F . -26.09 1.33 -9.76
C4 WW7 F . -21.88 -1.13 -12.09
C3 WW7 F . -22.75 -1.41 -10.96
C2 WW7 F . -23.60 -0.37 -10.40
C1 WW7 F . -23.60 0.98 -10.95
C9 WW7 F . -22.73 1.29 -12.09
C10 WW7 F . -21.86 0.20 -12.67
CL1 WW7 F . -19.94 -0.67 -14.53
C5 WW7 F . -20.99 0.50 -13.81
C6 WW7 F . -20.98 1.83 -14.38
C7 WW7 F . -21.82 2.88 -13.82
C8 WW7 F . -22.69 2.63 -12.69
C11 WW7 F . -26.76 0.67 -10.86
C12 WW7 F . -28.21 0.29 -10.54
C14 WW7 F . -30.30 -0.71 -11.46
C13 WW7 F . -28.87 -0.29 -11.79
C15 WW7 F . -31.09 0.51 -10.98
C16 WW7 F . -32.53 0.08 -10.62
N2 WW7 F . -33.26 -0.46 -11.77
HN1 WW7 F . -26.72 1.97 -9.31
H4 WW7 F . -21.29 -1.94 -12.52
H3 WW7 F . -22.77 -2.40 -10.53
H2 WW7 F . -24.28 -0.63 -9.59
H6 WW7 F . -20.35 2.03 -15.23
H7 WW7 F . -21.81 3.86 -14.27
H8 WW7 F . -23.30 3.43 -12.29
H111 WW7 F . -26.75 1.36 -11.69
H112 WW7 F . -26.21 -0.21 -11.13
H121 WW7 F . -28.21 -0.45 -9.76
H122 WW7 F . -28.74 1.16 -10.21
H141 WW7 F . -30.28 -1.46 -10.68
H142 WW7 F . -30.78 -1.11 -12.34
H131 WW7 F . -28.89 0.46 -12.56
H132 WW7 F . -28.31 -1.14 -12.13
H151 WW7 F . -30.62 0.92 -10.10
H152 WW7 F . -31.12 1.26 -11.75
H161 WW7 F . -33.08 0.94 -10.26
H162 WW7 F . -32.50 -0.68 -9.86
HN21 WW7 F . -34.19 -0.72 -11.49
HN22 WW7 F . -32.80 -1.30 -12.10
S1 WW7 G . 4.63 -2.99 -10.18
O1 WW7 G . 4.38 -3.78 -11.36
O2 WW7 G . 4.85 -1.58 -10.32
N1 WW7 G . 3.16 -3.14 -9.24
C4 WW7 G . 8.11 -5.07 -7.77
C3 WW7 G . 6.73 -5.18 -7.35
C2 WW7 G . 5.66 -4.51 -8.09
C1 WW7 G . 5.95 -3.72 -9.28
C9 WW7 G . 7.34 -3.60 -9.73
C10 WW7 G . 8.45 -4.29 -8.95
CL1 WW7 G . 11.15 -4.90 -8.56
C5 WW7 G . 9.83 -4.17 -9.41
C6 WW7 G . 10.14 -3.40 -10.60
C7 WW7 G . 9.08 -2.74 -11.35
C8 WW7 G . 7.68 -2.84 -10.93
C11 WW7 G . 3.01 -2.36 -8.01
C12 WW7 G . 2.88 -0.86 -8.32
C14 WW7 G . 1.38 -0.57 -6.34
C13 WW7 G . 2.67 -0.10 -7.01
C15 WW7 G . 1.14 0.24 -5.06
C16 WW7 G . 0.98 1.72 -5.41
N2 WW7 G . 0.70 2.55 -4.25
HN1 WW7 G . 2.37 -2.93 -9.84
H4 WW7 G . 8.88 -5.59 -7.22
H3 WW7 G . 6.51 -5.77 -6.48
H2 WW7 G . 4.63 -4.60 -7.76
H6 WW7 G . 11.16 -3.33 -10.92
H7 WW7 G . 9.33 -2.18 -12.24
H8 WW7 G . 6.91 -2.34 -11.49
H111 WW7 G . 2.12 -2.72 -7.51
H112 WW7 G . 3.87 -2.53 -7.37
H121 WW7 G . 3.79 -0.52 -8.79
H122 WW7 G . 2.04 -0.71 -8.97
H141 WW7 G . 1.47 -1.61 -6.09
H142 WW7 G . 0.55 -0.42 -7.02
H131 WW7 G . 3.50 -0.26 -6.34
H132 WW7 G . 2.60 0.96 -7.23
H151 WW7 G . 0.24 -0.12 -4.58
H152 WW7 G . 1.98 0.12 -4.40
H161 WW7 G . 0.15 1.84 -6.09
H162 WW7 G . 1.88 2.08 -5.87
HN21 WW7 G . 0.53 3.51 -4.54
HN22 WW7 G . 1.49 2.57 -3.63
N ALA A 1 5.67 31.34 -38.65
CA ALA A 1 6.92 30.76 -38.10
C ALA A 1 6.93 30.85 -36.57
N ASP A 2 6.39 31.91 -36.02
CA ASP A 2 6.37 32.05 -34.53
C ASP A 2 4.92 32.21 -34.04
N GLN A 3 4.16 31.16 -34.03
CA GLN A 3 2.74 31.25 -33.58
C GLN A 3 2.28 29.92 -33.00
N LEU A 4 1.84 29.90 -31.77
CA LEU A 4 1.36 28.63 -31.17
C LEU A 4 0.01 28.25 -31.78
N THR A 5 -0.64 27.25 -31.26
CA THR A 5 -1.96 26.85 -31.82
C THR A 5 -2.93 26.46 -30.70
N GLU A 6 -4.20 26.67 -30.92
CA GLU A 6 -5.20 26.30 -29.89
C GLU A 6 -5.60 24.83 -30.05
N GLU A 7 -5.24 24.21 -31.14
CA GLU A 7 -5.59 22.78 -31.35
C GLU A 7 -5.19 21.96 -30.11
N GLN A 8 -4.09 22.30 -29.50
CA GLN A 8 -3.65 21.54 -28.29
C GLN A 8 -4.72 21.64 -27.21
N ILE A 9 -5.22 22.83 -26.96
CA ILE A 9 -6.27 22.98 -25.92
C ILE A 9 -7.51 22.16 -26.31
N ALA A 10 -7.84 22.16 -27.57
CA ALA A 10 -9.02 21.36 -28.02
C ALA A 10 -8.79 19.87 -27.74
N GLU A 11 -7.57 19.43 -27.84
CA GLU A 11 -7.28 17.99 -27.57
C GLU A 11 -7.60 17.66 -26.11
N PHE A 12 -7.04 18.42 -25.20
CA PHE A 12 -7.32 18.16 -23.76
C PHE A 12 -8.84 18.13 -23.54
N LYS A 13 -9.55 18.97 -24.24
CA LYS A 13 -11.03 19.00 -24.08
C LYS A 13 -11.62 17.69 -24.60
N GLU A 14 -11.06 17.15 -25.64
CA GLU A 14 -11.58 15.86 -26.20
C GLU A 14 -11.54 14.78 -25.10
N ALA A 15 -10.45 14.66 -24.41
CA ALA A 15 -10.36 13.62 -23.34
C ALA A 15 -11.43 13.85 -22.28
N PHE A 16 -11.48 15.03 -21.72
CA PHE A 16 -12.51 15.33 -20.67
C PHE A 16 -13.89 14.85 -21.14
N SER A 17 -14.27 15.19 -22.34
CA SER A 17 -15.61 14.77 -22.85
C SER A 17 -15.70 13.24 -22.90
N LEU A 18 -14.64 12.58 -23.24
CA LEU A 18 -14.68 11.09 -23.30
C LEU A 18 -14.90 10.52 -21.89
N PHE A 19 -14.57 11.27 -20.87
CA PHE A 19 -14.76 10.78 -19.47
C PHE A 19 -16.15 11.18 -18.96
N ASP A 20 -16.37 12.44 -18.73
CA ASP A 20 -17.70 12.90 -18.24
C ASP A 20 -18.80 12.46 -19.21
N LYS A 21 -19.75 11.68 -18.76
CA LYS A 21 -20.82 11.20 -19.68
C LYS A 21 -22.18 11.83 -19.36
N ASP A 22 -22.42 12.18 -18.12
CA ASP A 22 -23.75 12.79 -17.78
C ASP A 22 -23.86 14.18 -18.41
N GLY A 23 -22.83 15.00 -18.30
CA GLY A 23 -22.89 16.35 -18.90
C GLY A 23 -22.87 17.44 -17.82
N ASP A 24 -22.29 17.15 -16.68
CA ASP A 24 -22.25 18.18 -15.60
C ASP A 24 -20.91 18.95 -15.65
N GLY A 25 -19.82 18.25 -15.81
CA GLY A 25 -18.51 18.95 -15.88
C GLY A 25 -17.66 18.62 -14.64
N THR A 26 -17.82 17.44 -14.09
CA THR A 26 -17.00 17.07 -12.88
C THR A 26 -16.69 15.58 -12.89
N ILE A 27 -15.47 15.22 -12.61
CA ILE A 27 -15.11 13.77 -12.59
C ILE A 27 -14.92 13.30 -11.15
N THR A 28 -15.92 12.65 -10.60
CA THR A 28 -15.80 12.16 -9.20
C THR A 28 -15.04 10.83 -9.17
N THR A 29 -15.12 10.11 -8.08
CA THR A 29 -14.40 8.81 -8.00
C THR A 29 -15.23 7.69 -8.63
N LYS A 30 -16.52 7.67 -8.39
CA LYS A 30 -17.36 6.59 -9.00
C LYS A 30 -17.45 6.81 -10.51
N GLU A 31 -17.62 8.05 -10.93
CA GLU A 31 -17.69 8.32 -12.39
C GLU A 31 -16.38 7.92 -13.03
N LEU A 32 -15.29 8.28 -12.42
CA LEU A 32 -13.96 7.90 -12.97
C LEU A 32 -13.82 6.38 -12.94
N GLY A 33 -14.47 5.74 -12.01
CA GLY A 33 -14.38 4.25 -11.93
C GLY A 33 -14.91 3.68 -13.25
N THR A 34 -15.97 4.25 -13.77
CA THR A 34 -16.53 3.74 -15.04
C THR A 34 -15.58 4.07 -16.20
N VAL A 35 -15.02 5.26 -16.21
CA VAL A 35 -14.07 5.64 -17.31
C VAL A 35 -12.91 4.65 -17.35
N MET A 36 -12.49 4.15 -16.22
CA MET A 36 -11.37 3.18 -16.19
C MET A 36 -11.91 1.75 -16.32
N ARG A 37 -13.18 1.56 -16.06
CA ARG A 37 -13.77 0.20 -16.18
C ARG A 37 -14.26 -0.07 -17.60
N SER A 38 -14.35 0.95 -18.41
CA SER A 38 -14.82 0.74 -19.81
C SER A 38 -13.78 -0.06 -20.61
N LEU A 39 -12.59 -0.20 -20.07
CA LEU A 39 -11.53 -0.96 -20.78
C LEU A 39 -10.34 -1.20 -19.85
N GLY A 40 -10.36 -2.28 -19.10
CA GLY A 40 -9.23 -2.58 -18.18
C GLY A 40 -9.77 -2.92 -16.79
N GLN A 41 -10.61 -2.09 -16.25
CA GLN A 41 -11.17 -2.38 -14.89
C GLN A 41 -10.03 -2.67 -13.90
N ASN A 42 -8.89 -2.06 -14.10
CA ASN A 42 -7.74 -2.31 -13.19
C ASN A 42 -7.92 -1.55 -11.86
N PRO A 43 -8.11 -0.26 -11.96
CA PRO A 43 -8.30 0.57 -10.75
C PRO A 43 -9.68 0.34 -10.14
N THR A 44 -9.75 0.18 -8.84
CA THR A 44 -11.07 -0.05 -8.19
C THR A 44 -11.55 1.26 -7.52
N GLU A 45 -11.96 1.22 -6.28
CA GLU A 45 -12.43 2.47 -5.61
C GLU A 45 -11.31 3.02 -4.71
N ALA A 46 -10.54 2.15 -4.11
CA ALA A 46 -9.43 2.61 -3.22
C ALA A 46 -8.28 3.17 -4.05
N GLU A 47 -7.62 2.34 -4.81
CA GLU A 47 -6.50 2.82 -5.65
C GLU A 47 -6.95 4.03 -6.47
N LEU A 48 -8.19 4.07 -6.85
CA LEU A 48 -8.71 5.21 -7.65
C LEU A 48 -8.64 6.50 -6.82
N GLN A 49 -9.19 6.49 -5.64
CA GLN A 49 -9.14 7.71 -4.78
C GLN A 49 -7.69 8.21 -4.68
N ASP A 50 -6.75 7.32 -4.57
CA ASP A 50 -5.32 7.74 -4.47
C ASP A 50 -4.89 8.40 -5.78
N MET A 51 -5.36 7.90 -6.89
CA MET A 51 -4.99 8.52 -8.20
C MET A 51 -5.63 9.90 -8.33
N ILE A 52 -6.67 10.15 -7.58
CA ILE A 52 -7.35 11.47 -7.66
C ILE A 52 -6.66 12.47 -6.71
N ASN A 53 -6.00 11.98 -5.69
CA ASN A 53 -5.30 12.89 -4.75
C ASN A 53 -4.08 13.52 -5.42
N GLU A 54 -3.39 12.77 -6.23
CA GLU A 54 -2.19 13.32 -6.91
C GLU A 54 -2.60 14.18 -8.12
N VAL A 55 -3.79 14.00 -8.60
CA VAL A 55 -4.24 14.80 -9.79
C VAL A 55 -5.12 15.99 -9.32
N ASP A 56 -5.57 15.96 -8.10
CA ASP A 56 -6.43 17.07 -7.59
C ASP A 56 -5.56 18.23 -7.09
N ALA A 57 -5.81 19.43 -7.55
CA ALA A 57 -4.99 20.59 -7.11
C ALA A 57 -5.70 21.33 -5.97
N ASP A 58 -6.95 21.04 -5.75
CA ASP A 58 -7.69 21.73 -4.65
C ASP A 58 -7.70 20.87 -3.38
N GLY A 59 -8.48 19.83 -3.37
CA GLY A 59 -8.55 18.95 -2.18
C GLY A 59 -10.01 18.62 -1.88
N ASN A 60 -10.80 18.35 -2.89
CA ASN A 60 -12.24 18.03 -2.67
C ASN A 60 -12.53 16.60 -3.10
N GLY A 61 -11.66 15.99 -3.87
CA GLY A 61 -11.89 14.60 -4.32
C GLY A 61 -12.27 14.57 -5.79
N THR A 62 -13.10 15.49 -6.22
CA THR A 62 -13.50 15.51 -7.66
C THR A 62 -12.67 16.53 -8.44
N ILE A 63 -12.66 16.41 -9.74
CA ILE A 63 -11.88 17.37 -10.57
C ILE A 63 -12.82 18.21 -11.45
N ASP A 64 -12.49 19.45 -11.67
CA ASP A 64 -13.38 20.30 -12.52
C ASP A 64 -12.78 20.44 -13.93
N PHE A 65 -13.26 21.38 -14.70
CA PHE A 65 -12.73 21.55 -16.08
C PHE A 65 -11.37 22.27 -16.07
N PRO A 66 -11.25 23.32 -15.27
CA PRO A 66 -9.97 24.07 -15.22
C PRO A 66 -8.93 23.27 -14.43
N GLU A 67 -9.37 22.46 -13.52
CA GLU A 67 -8.42 21.64 -12.73
C GLU A 67 -7.93 20.47 -13.59
N PHE A 68 -8.71 20.10 -14.57
CA PHE A 68 -8.32 18.97 -15.45
C PHE A 68 -7.26 19.42 -16.46
N LEU A 69 -7.45 20.56 -17.06
CA LEU A 69 -6.47 21.06 -18.05
C LEU A 69 -5.20 21.54 -17.34
N THR A 70 -5.32 21.97 -16.10
CA THR A 70 -4.11 22.46 -15.38
C THR A 70 -3.32 21.27 -14.82
N MET A 71 -3.97 20.18 -14.50
CA MET A 71 -3.22 19.01 -13.95
C MET A 71 -2.68 18.13 -15.09
N MET A 72 -3.29 18.20 -16.24
CA MET A 72 -2.82 17.37 -17.39
C MET A 72 -1.64 18.07 -18.10
N ALA A 73 -1.59 19.37 -18.04
CA ALA A 73 -0.49 20.10 -18.73
C ALA A 73 0.71 20.28 -17.79
N ARG A 74 0.46 20.62 -16.55
CA ARG A 74 1.59 20.82 -15.60
C ARG A 74 1.75 19.60 -14.69
N LYS A 75 0.70 18.85 -14.48
CA LYS A 75 0.81 17.65 -13.60
C LYS A 75 1.50 18.01 -12.28
N MET A 76 0.75 18.54 -11.34
CA MET A 76 1.36 18.92 -10.02
C MET A 76 1.70 17.65 -9.22
N LYS A 77 2.57 17.77 -8.26
CA LYS A 77 2.94 16.58 -7.44
C LYS A 77 2.87 16.91 -5.95
N ASP A 78 2.70 15.92 -5.11
CA ASP A 78 2.62 16.19 -3.64
C ASP A 78 2.69 14.88 -2.86
N THR A 79 3.60 14.79 -1.92
CA THR A 79 3.71 13.53 -1.11
C THR A 79 3.16 13.77 0.30
N ASP A 80 2.32 12.90 0.78
CA ASP A 80 1.75 13.09 2.14
C ASP A 80 1.56 11.75 2.85
N SER A 81 1.09 10.76 2.15
CA SER A 81 0.88 9.43 2.78
C SER A 81 0.80 8.33 1.71
N GLU A 82 1.46 7.22 1.92
CA GLU A 82 1.41 6.12 0.91
C GLU A 82 0.23 5.19 1.19
N GLU A 83 0.15 4.08 0.50
CA GLU A 83 -0.98 3.14 0.73
C GLU A 83 -0.83 1.90 -0.16
N GLU A 84 -0.64 2.09 -1.44
CA GLU A 84 -0.48 0.92 -2.35
C GLU A 84 0.94 0.35 -2.27
N ILE A 85 1.91 1.20 -2.09
CA ILE A 85 3.32 0.71 -2.01
C ILE A 85 3.47 -0.31 -0.87
N ARG A 86 3.05 0.03 0.31
CA ARG A 86 3.17 -0.92 1.45
C ARG A 86 2.46 -2.24 1.13
N GLU A 87 1.23 -2.18 0.69
CA GLU A 87 0.50 -3.43 0.36
C GLU A 87 1.30 -4.28 -0.63
N ALA A 88 1.97 -3.65 -1.54
CA ALA A 88 2.76 -4.42 -2.54
C ALA A 88 3.83 -5.24 -1.84
N PHE A 89 4.76 -4.59 -1.19
CA PHE A 89 5.85 -5.33 -0.49
C PHE A 89 5.26 -6.50 0.32
N ARG A 90 4.08 -6.32 0.85
CA ARG A 90 3.45 -7.41 1.66
C ARG A 90 3.19 -8.65 0.80
N VAL A 91 2.64 -8.46 -0.37
CA VAL A 91 2.34 -9.64 -1.25
C VAL A 91 3.58 -10.05 -2.08
N PHE A 92 4.62 -9.26 -2.07
CA PHE A 92 5.84 -9.62 -2.86
C PHE A 92 6.88 -10.31 -1.97
N ASP A 93 6.72 -10.23 -0.68
CA ASP A 93 7.72 -10.89 0.22
C ASP A 93 7.04 -12.01 1.02
N LYS A 94 6.48 -12.99 0.36
CA LYS A 94 5.80 -14.10 1.08
C LYS A 94 6.76 -15.28 1.27
N ASP A 95 8.04 -15.04 1.17
CA ASP A 95 9.01 -16.16 1.34
C ASP A 95 9.86 -15.95 2.60
N GLY A 96 10.07 -14.72 2.98
CA GLY A 96 10.88 -14.45 4.21
C GLY A 96 12.21 -13.80 3.82
N ASN A 97 12.68 -14.06 2.62
CA ASN A 97 13.97 -13.46 2.16
C ASN A 97 14.04 -11.97 2.54
N GLY A 98 12.91 -11.32 2.61
CA GLY A 98 12.92 -9.87 2.96
C GLY A 98 13.01 -9.02 1.70
N TYR A 99 13.84 -9.41 0.77
CA TYR A 99 13.99 -8.62 -0.49
C TYR A 99 13.05 -9.17 -1.57
N ILE A 100 12.93 -8.47 -2.68
CA ILE A 100 12.04 -8.96 -3.78
C ILE A 100 12.91 -9.53 -4.90
N SER A 101 12.73 -10.78 -5.23
CA SER A 101 13.54 -11.39 -6.32
C SER A 101 12.70 -11.51 -7.59
N ALA A 102 13.28 -11.92 -8.67
CA ALA A 102 12.50 -12.07 -9.94
C ALA A 102 11.54 -13.25 -9.83
N ALA A 103 12.00 -14.36 -9.34
CA ALA A 103 11.12 -15.56 -9.20
C ALA A 103 9.93 -15.23 -8.29
N GLU A 104 10.18 -14.59 -7.18
CA GLU A 104 9.08 -14.24 -6.25
C GLU A 104 8.10 -13.29 -6.94
N LEU A 105 8.60 -12.26 -7.57
CA LEU A 105 7.69 -11.30 -8.25
C LEU A 105 6.77 -12.04 -9.23
N ARG A 106 7.23 -13.11 -9.80
CA ARG A 106 6.38 -13.87 -10.76
C ARG A 106 5.28 -14.63 -10.00
N HIS A 107 5.61 -15.22 -8.88
CA HIS A 107 4.59 -15.96 -8.09
C HIS A 107 3.63 -14.99 -7.39
N VAL A 108 3.94 -13.72 -7.39
CA VAL A 108 3.04 -12.73 -6.74
C VAL A 108 2.08 -12.13 -7.77
N MET A 109 2.58 -11.70 -8.88
CA MET A 109 1.70 -11.11 -9.92
C MET A 109 0.53 -12.05 -10.22
N THR A 110 0.80 -13.32 -10.36
CA THR A 110 -0.30 -14.28 -10.66
C THR A 110 -1.43 -14.15 -9.63
N ASN A 111 -1.09 -14.04 -8.37
CA ASN A 111 -2.15 -13.91 -7.33
C ASN A 111 -2.91 -12.59 -7.53
N LEU A 112 -2.21 -11.52 -7.80
CA LEU A 112 -2.89 -10.23 -8.01
C LEU A 112 -3.95 -10.35 -9.11
N GLY A 113 -3.64 -11.06 -10.17
CA GLY A 113 -4.63 -11.22 -11.27
C GLY A 113 -3.98 -10.80 -12.60
N GLU A 114 -2.78 -11.24 -12.85
CA GLU A 114 -2.10 -10.86 -14.12
C GLU A 114 -1.02 -11.89 -14.47
N LYS A 115 -0.80 -12.14 -15.73
CA LYS A 115 0.24 -13.13 -16.13
C LYS A 115 1.26 -12.49 -17.06
N LEU A 116 2.53 -12.78 -16.85
CA LEU A 116 3.58 -12.19 -17.73
C LEU A 116 4.64 -13.23 -18.05
N THR A 117 5.79 -12.81 -18.53
CA THR A 117 6.87 -13.78 -18.86
C THR A 117 8.12 -13.49 -18.02
N ASP A 118 9.03 -14.41 -17.96
CA ASP A 118 10.27 -14.20 -17.17
C ASP A 118 11.02 -12.97 -17.67
N GLU A 119 10.98 -12.72 -18.96
CA GLU A 119 11.69 -11.53 -19.52
C GLU A 119 11.24 -10.25 -18.83
N GLU A 120 9.98 -9.92 -18.93
CA GLU A 120 9.48 -8.67 -18.29
C GLU A 120 9.89 -8.62 -16.81
N VAL A 121 9.55 -9.64 -16.06
CA VAL A 121 9.91 -9.66 -14.61
C VAL A 121 11.42 -9.45 -14.42
N ASP A 122 12.20 -9.84 -15.38
CA ASP A 122 13.68 -9.66 -15.26
C ASP A 122 14.06 -8.19 -15.47
N GLU A 123 13.43 -7.54 -16.41
CA GLU A 123 13.75 -6.11 -16.66
C GLU A 123 13.12 -5.24 -15.56
N MET A 124 12.17 -5.79 -14.84
CA MET A 124 11.52 -5.01 -13.75
C MET A 124 12.41 -4.99 -12.53
N ILE A 125 12.88 -6.13 -12.10
CA ILE A 125 13.76 -6.19 -10.90
C ILE A 125 15.09 -5.46 -11.19
N ARG A 126 15.62 -5.62 -12.36
CA ARG A 126 16.90 -4.94 -12.70
C ARG A 126 16.73 -3.42 -12.62
N GLU A 127 15.78 -2.88 -13.34
CA GLU A 127 15.58 -1.40 -13.31
C GLU A 127 15.29 -0.93 -11.87
N ALA A 128 14.56 -1.70 -11.12
CA ALA A 128 14.25 -1.30 -9.72
C ALA A 128 15.50 -1.39 -8.85
N ASP A 129 16.44 -2.21 -9.24
CA ASP A 129 17.68 -2.34 -8.44
C ASP A 129 18.51 -1.06 -8.53
N ILE A 130 18.32 -0.16 -7.60
CA ILE A 130 19.09 1.11 -7.63
C ILE A 130 20.52 0.88 -7.15
N ASP A 131 20.68 0.21 -6.04
CA ASP A 131 22.06 -0.07 -5.52
C ASP A 131 22.83 -0.97 -6.49
N GLY A 132 22.15 -1.82 -7.21
CA GLY A 132 22.84 -2.70 -8.20
C GLY A 132 23.32 -3.99 -7.51
N ASP A 133 22.45 -4.69 -6.84
CA ASP A 133 22.87 -5.96 -6.18
C ASP A 133 22.10 -7.15 -6.77
N GLY A 134 20.87 -6.92 -7.17
CA GLY A 134 20.06 -8.02 -7.77
C GLY A 134 18.81 -8.26 -6.91
N GLN A 135 18.38 -7.26 -6.17
CA GLN A 135 17.17 -7.43 -5.32
C GLN A 135 16.57 -6.05 -4.97
N VAL A 136 15.28 -5.98 -4.80
CA VAL A 136 14.64 -4.68 -4.46
C VAL A 136 14.15 -4.67 -3.01
N ASN A 137 14.56 -3.69 -2.25
CA ASN A 137 14.11 -3.63 -0.83
C ASN A 137 12.92 -2.66 -0.70
N TYR A 138 12.58 -2.26 0.50
CA TYR A 138 11.44 -1.33 0.68
C TYR A 138 11.77 0.05 0.11
N GLU A 139 12.92 0.59 0.44
CA GLU A 139 13.29 1.93 -0.10
C GLU A 139 13.43 1.89 -1.63
N GLU A 140 14.08 0.91 -2.15
CA GLU A 140 14.25 0.81 -3.63
C GLU A 140 12.87 0.77 -4.32
N PHE A 141 11.93 0.08 -3.75
CA PHE A 141 10.57 0.00 -4.37
C PHE A 141 9.83 1.33 -4.23
N VAL A 142 10.15 2.09 -3.22
CA VAL A 142 9.45 3.41 -3.03
C VAL A 142 9.99 4.45 -4.02
N GLN A 143 11.19 4.29 -4.49
CA GLN A 143 11.76 5.28 -5.46
C GLN A 143 11.37 4.91 -6.89
N MET A 144 11.61 3.70 -7.28
CA MET A 144 11.27 3.28 -8.67
C MET A 144 9.77 3.52 -8.96
N MET A 145 8.94 3.40 -7.97
CA MET A 145 7.48 3.62 -8.20
C MET A 145 7.18 5.11 -8.40
N THR A 146 7.60 5.93 -7.46
CA THR A 146 7.33 7.40 -7.60
C THR A 146 8.66 8.17 -7.67
N ALA A 147 9.02 8.64 -8.84
CA ALA A 147 10.30 9.40 -8.97
C ALA A 147 10.22 10.70 -8.16
N LYS A 148 11.34 11.16 -7.69
CA LYS A 148 11.33 12.42 -6.89
C LYS A 148 11.85 13.59 -7.74
CA CA B . -19.32 13.80 -14.41
CA CA C . -10.46 19.62 -7.03
CA CA D . 12.32 -12.12 -0.63
CA CA E . 19.64 -3.59 -4.22
S1 WW7 F . -5.19 10.07 -18.14
O1 WW7 F . -4.78 8.78 -17.68
O2 WW7 F . -4.20 11.10 -18.28
N1 WW7 F . -5.78 9.80 -19.75
C4 WW7 F . -8.78 11.70 -15.53
C3 WW7 F . -8.81 11.78 -16.99
C2 WW7 F . -7.68 11.27 -17.78
C1 WW7 F . -6.52 10.68 -17.14
C9 WW7 F . -6.47 10.59 -15.68
C10 WW7 F . -7.63 11.12 -14.86
CL1 WW7 F . -8.84 11.62 -12.40
C5 WW7 F . -7.56 11.03 -13.40
C6 WW7 F . -6.39 10.46 -12.76
C7 WW7 F . -5.27 9.95 -13.56
C8 WW7 F . -5.30 10.02 -15.01
C11 WW7 F . -6.98 8.98 -19.93
C12 WW7 F . -6.72 7.48 -20.14
C14 WW7 F . -7.83 5.28 -20.64
C13 WW7 F . -8.05 6.76 -20.29
C15 WW7 F . -7.00 4.58 -19.55
C16 WW7 F . -5.51 4.65 -19.88
N2 WW7 F . -4.68 3.97 -18.89
HN1 WW7 F . -5.04 9.49 -20.37
H4 WW7 F . -9.61 12.07 -14.95
H3 WW7 F . -9.65 12.22 -17.50
H2 WW7 F . -7.72 11.34 -18.86
H6 WW7 F . -6.35 10.40 -11.68
H7 WW7 F . -4.41 9.54 -13.06
H8 WW7 F . -4.47 9.67 -15.60
H111 WW7 F . -7.60 9.11 -19.05
H112 WW7 F . -7.49 9.36 -20.79
H121 WW7 F . -6.12 7.34 -21.02
H122 WW7 F . -6.19 7.09 -19.28
H141 WW7 F . -7.30 5.20 -21.58
H142 WW7 F . -8.78 4.79 -20.73
H131 WW7 F . -8.61 6.82 -19.36
H132 WW7 F . -8.62 7.23 -21.08
H151 WW7 F . -7.20 5.04 -18.60
H152 WW7 F . -7.30 3.54 -19.50
H161 WW7 F . -5.19 5.68 -19.93
H162 WW7 F . -5.33 4.18 -20.83
HN21 WW7 F . -4.93 2.99 -18.82
HN22 WW7 F . -3.71 4.00 -19.15
S1 WW7 G . 4.42 -2.92 -9.66
O1 WW7 G . 4.04 -3.65 -10.83
O2 WW7 G . 4.71 -1.53 -9.76
N1 WW7 G . 3.02 -3.01 -8.62
C4 WW7 G . 7.95 -5.16 -7.45
C3 WW7 G . 6.58 -5.32 -7.03
C2 WW7 G . 5.48 -4.63 -7.72
C1 WW7 G . 5.76 -3.74 -8.86
C9 WW7 G . 7.14 -3.58 -9.31
C10 WW7 G . 8.26 -4.30 -8.59
CL1 WW7 G . 10.99 -4.89 -8.26
C5 WW7 G . 9.64 -4.15 -9.04
C6 WW7 G . 9.92 -3.33 -10.21
C7 WW7 G . 8.84 -2.63 -10.92
C8 WW7 G . 7.45 -2.76 -10.47
C11 WW7 G . 3.10 -2.45 -7.27
C12 WW7 G . 2.92 -0.93 -7.21
C14 WW7 G . 1.32 0.95 -7.56
C13 WW7 G . 1.50 -0.56 -7.68
C15 WW7 G . -0.11 1.33 -7.96
C16 WW7 G . -0.30 2.85 -7.83
N2 WW7 G . -1.66 3.28 -8.15
HN1 WW7 G . 2.21 -2.63 -9.10
H4 WW7 G . 8.75 -5.67 -6.92
H3 WW7 G . 6.37 -5.99 -6.22
H2 WW7 G . 4.47 -4.76 -7.41
H6 WW7 G . 10.94 -3.26 -10.53
H7 WW7 G . 9.06 -2.04 -11.78
H8 WW7 G . 6.66 -2.25 -11.00
H111 WW7 G . 2.33 -2.92 -6.67
H112 WW7 G . 4.07 -2.70 -6.89
H121 WW7 G . 3.06 -0.59 -6.20
H122 WW7 G . 3.64 -0.46 -7.85
H141 WW7 G . 2.01 1.45 -8.22
H142 WW7 G . 1.49 1.27 -6.55
H131 WW7 G . 1.37 -0.86 -8.71
H132 WW7 G . 0.78 -1.05 -7.06
H151 WW7 G . -0.30 1.04 -8.98
H152 WW7 G . -0.81 0.82 -7.32
H161 WW7 G . 0.38 3.35 -8.50
H162 WW7 G . -0.10 3.15 -6.81
HN21 WW7 G . -2.32 2.87 -7.51
HN22 WW7 G . -1.92 3.01 -9.08
N ALA A 1 -12.09 9.55 12.49
CA ALA A 1 -11.76 8.35 13.33
C ALA A 1 -10.43 8.56 14.04
N ASP A 2 -9.88 7.53 14.62
CA ASP A 2 -8.58 7.68 15.34
C ASP A 2 -7.54 6.72 14.77
N GLN A 3 -6.32 7.17 14.67
CA GLN A 3 -5.24 6.29 14.12
C GLN A 3 -3.97 6.40 14.96
N LEU A 4 -4.07 6.17 16.24
CA LEU A 4 -2.86 6.28 17.12
C LEU A 4 -2.16 4.93 17.23
N THR A 5 -1.06 4.77 16.54
CA THR A 5 -0.31 3.48 16.61
C THR A 5 0.98 3.68 17.40
N GLU A 6 1.92 4.39 16.85
CA GLU A 6 3.20 4.64 17.58
C GLU A 6 3.09 5.92 18.41
N GLU A 7 2.28 6.85 17.98
CA GLU A 7 2.13 8.11 18.74
C GLU A 7 1.68 7.81 20.17
N GLN A 8 0.67 7.00 20.32
CA GLN A 8 0.19 6.66 21.68
C GLN A 8 1.36 6.18 22.54
N ILE A 9 2.26 5.43 21.96
CA ILE A 9 3.43 4.95 22.74
C ILE A 9 4.26 6.14 23.22
N ALA A 10 4.49 7.10 22.36
CA ALA A 10 5.27 8.29 22.78
C ALA A 10 4.60 8.95 23.98
N GLU A 11 3.30 8.96 24.01
CA GLU A 11 2.59 9.57 25.17
C GLU A 11 2.92 8.80 26.44
N PHE A 12 2.89 7.50 26.38
CA PHE A 12 3.22 6.69 27.58
C PHE A 12 4.65 6.96 28.01
N LYS A 13 5.53 7.23 27.09
CA LYS A 13 6.94 7.53 27.46
C LYS A 13 6.99 8.77 28.35
N GLU A 14 6.35 9.81 27.93
CA GLU A 14 6.35 11.06 28.76
C GLU A 14 5.79 10.75 30.15
N ALA A 15 4.77 9.94 30.22
CA ALA A 15 4.19 9.60 31.55
C ALA A 15 5.25 8.93 32.42
N PHE A 16 6.01 8.03 31.87
CA PHE A 16 7.06 7.35 32.68
C PHE A 16 8.04 8.41 33.23
N SER A 17 8.36 9.39 32.43
CA SER A 17 9.28 10.46 32.91
C SER A 17 8.56 11.30 33.95
N LEU A 18 7.26 11.34 33.90
CA LEU A 18 6.49 12.13 34.90
C LEU A 18 6.55 11.44 36.26
N PHE A 19 6.67 10.14 36.27
CA PHE A 19 6.75 9.40 37.57
C PHE A 19 8.20 9.33 38.05
N ASP A 20 9.05 8.67 37.32
CA ASP A 20 10.48 8.57 37.73
C ASP A 20 11.25 9.80 37.22
N LYS A 21 11.05 10.94 37.85
CA LYS A 21 11.76 12.17 37.39
C LYS A 21 12.99 12.43 38.28
N ASP A 22 13.79 11.43 38.51
CA ASP A 22 15.00 11.62 39.37
C ASP A 22 16.25 11.11 38.65
N GLY A 23 16.10 10.51 37.49
CA GLY A 23 17.28 9.99 36.75
C GLY A 23 17.65 8.61 37.29
N ASP A 24 16.70 7.73 37.41
CA ASP A 24 17.01 6.36 37.93
C ASP A 24 16.67 5.31 36.86
N GLY A 25 15.41 5.07 36.63
CA GLY A 25 15.03 4.04 35.61
C GLY A 25 13.91 3.15 36.16
N THR A 26 13.63 3.25 37.44
CA THR A 26 12.55 2.40 38.03
C THR A 26 11.61 3.25 38.88
N ILE A 27 10.36 2.87 38.97
CA ILE A 27 9.38 3.65 39.80
C ILE A 27 9.24 3.02 41.19
N THR A 28 9.32 3.83 42.22
CA THR A 28 9.19 3.27 43.60
C THR A 28 8.01 3.94 44.32
N THR A 29 7.83 3.65 45.58
CA THR A 29 6.70 4.26 46.34
C THR A 29 7.00 5.72 46.67
N LYS A 30 8.24 6.08 46.87
CA LYS A 30 8.57 7.49 47.19
C LYS A 30 8.26 8.38 45.99
N GLU A 31 8.89 8.11 44.87
CA GLU A 31 8.63 8.92 43.66
C GLU A 31 7.14 8.88 43.32
N LEU A 32 6.60 7.70 43.15
CA LEU A 32 5.15 7.60 42.83
C LEU A 32 4.35 8.28 43.94
N GLY A 33 4.93 8.40 45.10
CA GLY A 33 4.21 9.07 46.23
C GLY A 33 3.98 10.52 45.85
N THR A 34 4.97 11.16 45.29
CA THR A 34 4.82 12.58 44.88
C THR A 34 3.84 12.68 43.71
N VAL A 35 3.72 11.63 42.94
CA VAL A 35 2.79 11.65 41.77
C VAL A 35 1.33 11.51 42.22
N MET A 36 1.07 10.77 43.27
CA MET A 36 -0.34 10.60 43.73
C MET A 36 -0.72 11.68 44.75
N ARG A 37 0.25 12.27 45.41
CA ARG A 37 -0.08 13.33 46.41
C ARG A 37 -0.06 14.72 45.75
N SER A 38 0.77 14.91 44.77
CA SER A 38 0.83 16.24 44.10
C SER A 38 -0.32 16.38 43.09
N LEU A 39 -0.87 15.28 42.64
CA LEU A 39 -1.98 15.36 41.65
C LEU A 39 -3.10 14.39 42.04
N GLY A 40 -3.94 14.77 42.97
CA GLY A 40 -5.04 13.87 43.38
C GLY A 40 -5.36 14.07 44.86
N GLN A 41 -4.37 13.96 45.71
CA GLN A 41 -4.62 14.15 47.17
C GLN A 41 -5.80 13.29 47.61
N ASN A 42 -5.60 12.00 47.72
CA ASN A 42 -6.72 11.10 48.14
C ASN A 42 -6.16 9.84 48.86
N PRO A 43 -5.46 9.00 48.11
CA PRO A 43 -4.88 7.78 48.71
C PRO A 43 -3.71 8.15 49.63
N THR A 44 -2.86 7.21 49.93
CA THR A 44 -1.70 7.50 50.82
C THR A 44 -0.50 6.66 50.41
N GLU A 45 0.60 6.77 51.11
CA GLU A 45 1.80 5.95 50.75
C GLU A 45 1.51 4.47 50.97
N ALA A 46 0.70 4.14 51.94
CA ALA A 46 0.38 2.71 52.18
C ALA A 46 -0.51 2.18 51.06
N GLU A 47 -1.68 2.73 50.91
CA GLU A 47 -2.58 2.28 49.81
C GLU A 47 -1.81 2.31 48.48
N LEU A 48 -0.84 3.17 48.40
CA LEU A 48 -0.02 3.26 47.15
C LEU A 48 0.82 2.01 47.00
N GLN A 49 1.44 1.56 48.08
CA GLN A 49 2.26 0.33 48.00
C GLN A 49 1.43 -0.79 47.42
N ASP A 50 0.20 -0.91 47.84
CA ASP A 50 -0.69 -1.97 47.29
C ASP A 50 -0.92 -1.69 45.81
N MET A 51 -0.99 -0.43 45.45
CA MET A 51 -1.20 -0.06 44.03
C MET A 51 0.04 -0.44 43.21
N ILE A 52 1.16 -0.60 43.88
CA ILE A 52 2.41 -0.97 43.16
C ILE A 52 2.52 -2.49 43.03
N ASN A 53 1.90 -3.21 43.93
CA ASN A 53 1.96 -4.70 43.85
C ASN A 53 1.07 -5.22 42.71
N GLU A 54 0.01 -4.53 42.40
CA GLU A 54 -0.89 -5.00 41.31
C GLU A 54 -0.20 -4.80 39.94
N VAL A 55 0.68 -3.85 39.85
CA VAL A 55 1.39 -3.61 38.55
C VAL A 55 2.67 -4.45 38.50
N ASP A 56 3.25 -4.70 39.63
CA ASP A 56 4.51 -5.51 39.66
C ASP A 56 4.18 -7.00 39.47
N ALA A 57 4.63 -7.59 38.40
CA ALA A 57 4.36 -9.04 38.15
C ALA A 57 5.61 -9.88 38.42
N ASP A 58 6.55 -9.33 39.13
CA ASP A 58 7.80 -10.09 39.42
C ASP A 58 7.88 -10.43 40.91
N GLY A 59 8.00 -9.44 41.75
CA GLY A 59 8.07 -9.71 43.22
C GLY A 59 9.02 -8.71 43.89
N ASN A 60 9.80 -7.98 43.12
CA ASN A 60 10.74 -7.00 43.73
C ASN A 60 9.98 -5.82 44.33
N GLY A 61 8.91 -5.39 43.71
CA GLY A 61 8.13 -4.24 44.27
C GLY A 61 8.10 -3.08 43.27
N THR A 62 9.23 -2.52 42.96
CA THR A 62 9.27 -1.37 42.00
C THR A 62 8.93 -1.84 40.58
N ILE A 63 8.74 -0.93 39.67
CA ILE A 63 8.40 -1.33 38.27
C ILE A 63 9.53 -0.91 37.32
N ASP A 64 9.73 -1.65 36.26
CA ASP A 64 10.80 -1.30 35.29
C ASP A 64 10.20 -0.54 34.10
N PHE A 65 10.95 -0.40 33.04
CA PHE A 65 10.44 0.33 31.84
C PHE A 65 9.55 -0.57 30.95
N PRO A 66 9.90 -1.84 30.80
CA PRO A 66 9.09 -2.74 29.95
C PRO A 66 7.76 -3.08 30.62
N GLU A 67 7.69 -3.05 31.91
CA GLU A 67 6.40 -3.38 32.59
C GLU A 67 5.44 -2.20 32.45
N PHE A 68 5.97 -1.00 32.46
CA PHE A 68 5.10 0.19 32.33
C PHE A 68 4.63 0.35 30.88
N LEU A 69 5.55 0.36 29.96
CA LEU A 69 5.18 0.51 28.53
C LEU A 69 4.36 -0.71 28.05
N THR A 70 4.46 -1.82 28.74
CA THR A 70 3.69 -3.02 28.31
C THR A 70 2.31 -3.07 28.99
N MET A 71 2.15 -2.42 30.11
CA MET A 71 0.83 -2.48 30.81
C MET A 71 -0.12 -1.38 30.29
N MET A 72 0.38 -0.18 30.10
CA MET A 72 -0.51 0.92 29.60
C MET A 72 -0.63 0.86 28.08
N ALA A 73 0.40 0.47 27.40
CA ALA A 73 0.33 0.39 25.91
C ALA A 73 -0.60 -0.74 25.47
N ARG A 74 -1.04 -1.56 26.40
CA ARG A 74 -1.96 -2.70 26.04
C ARG A 74 -2.99 -2.27 24.99
N LYS A 75 -3.46 -1.06 25.08
CA LYS A 75 -4.45 -0.57 24.08
C LYS A 75 -3.74 -0.30 22.75
N MET A 76 -3.64 -1.30 21.90
CA MET A 76 -2.96 -1.10 20.59
C MET A 76 -3.97 -1.03 19.44
N LYS A 77 -3.84 -0.04 18.59
CA LYS A 77 -4.78 0.09 17.44
C LYS A 77 -4.01 0.54 16.20
N ASP A 78 -3.92 -0.30 15.20
CA ASP A 78 -3.18 0.09 13.98
C ASP A 78 -4.12 0.19 12.78
N THR A 79 -4.00 1.24 12.01
CA THR A 79 -4.89 1.40 10.82
C THR A 79 -4.20 2.30 9.79
N ASP A 80 -4.54 2.15 8.53
CA ASP A 80 -3.91 2.99 7.48
C ASP A 80 -4.88 3.19 6.31
N SER A 81 -4.74 4.27 5.58
CA SER A 81 -5.64 4.51 4.43
C SER A 81 -4.83 4.68 3.15
N GLU A 82 -3.89 5.60 3.15
CA GLU A 82 -3.05 5.82 1.94
C GLU A 82 -1.73 5.06 2.09
N GLU A 83 -1.70 3.82 1.68
CA GLU A 83 -0.44 3.04 1.80
C GLU A 83 -0.44 1.85 0.84
N GLU A 84 -0.20 2.09 -0.42
CA GLU A 84 -0.19 0.99 -1.42
C GLU A 84 1.22 0.40 -1.54
N ILE A 85 2.22 1.18 -1.23
CA ILE A 85 3.62 0.67 -1.33
C ILE A 85 3.89 -0.39 -0.25
N ARG A 86 3.40 -0.18 0.94
CA ARG A 86 3.62 -1.17 2.03
C ARG A 86 2.86 -2.46 1.73
N GLU A 87 1.57 -2.37 1.54
CA GLU A 87 0.77 -3.60 1.24
C GLU A 87 1.45 -4.40 0.13
N ALA A 88 1.84 -3.76 -0.93
CA ALA A 88 2.51 -4.49 -2.03
C ALA A 88 3.72 -5.26 -1.51
N PHE A 89 4.62 -4.59 -0.84
CA PHE A 89 5.81 -5.29 -0.29
C PHE A 89 5.40 -6.54 0.48
N ARG A 90 4.22 -6.54 1.05
CA ARG A 90 3.76 -7.73 1.82
C ARG A 90 3.43 -8.90 0.87
N VAL A 91 2.70 -8.64 -0.18
CA VAL A 91 2.34 -9.74 -1.13
C VAL A 91 3.57 -10.17 -1.92
N PHE A 92 4.58 -9.34 -1.99
CA PHE A 92 5.81 -9.71 -2.75
C PHE A 92 6.85 -10.30 -1.80
N ASP A 93 6.67 -10.16 -0.52
CA ASP A 93 7.65 -10.72 0.44
C ASP A 93 7.10 -11.96 1.13
N LYS A 94 7.02 -13.06 0.44
CA LYS A 94 6.50 -14.31 1.06
C LYS A 94 7.55 -14.90 2.01
N ASP A 95 8.80 -14.81 1.65
CA ASP A 95 9.88 -15.38 2.53
C ASP A 95 10.09 -14.49 3.75
N GLY A 96 9.78 -13.22 3.65
CA GLY A 96 9.97 -12.31 4.82
C GLY A 96 11.45 -11.97 4.96
N ASN A 97 12.02 -11.35 3.96
CA ASN A 97 13.46 -10.99 4.02
C ASN A 97 13.65 -9.47 3.78
N GLY A 98 12.61 -8.79 3.36
CA GLY A 98 12.72 -7.32 3.12
C GLY A 98 13.24 -7.04 1.72
N TYR A 99 13.20 -8.01 0.84
CA TYR A 99 13.70 -7.78 -0.54
C TYR A 99 12.81 -8.52 -1.56
N ILE A 100 12.50 -7.88 -2.65
CA ILE A 100 11.63 -8.54 -3.69
C ILE A 100 12.50 -9.23 -4.75
N SER A 101 12.22 -10.47 -5.04
CA SER A 101 13.03 -11.18 -6.07
C SER A 101 12.15 -11.52 -7.27
N ALA A 102 12.74 -11.90 -8.36
CA ALA A 102 11.93 -12.24 -9.57
C ALA A 102 11.03 -13.45 -9.28
N ALA A 103 11.43 -14.29 -8.36
CA ALA A 103 10.59 -15.48 -8.04
C ALA A 103 9.26 -15.05 -7.43
N GLU A 104 9.28 -14.52 -6.23
CA GLU A 104 8.03 -14.08 -5.58
C GLU A 104 7.26 -13.13 -6.51
N LEU A 105 7.96 -12.27 -7.21
CA LEU A 105 7.27 -11.32 -8.12
C LEU A 105 6.35 -12.09 -9.08
N ARG A 106 6.82 -13.15 -9.65
CA ARG A 106 5.97 -13.94 -10.59
C ARG A 106 4.82 -14.59 -9.83
N HIS A 107 5.07 -15.04 -8.63
CA HIS A 107 3.98 -15.69 -7.84
C HIS A 107 2.84 -14.69 -7.59
N VAL A 108 3.14 -13.42 -7.61
CA VAL A 108 2.07 -12.39 -7.37
C VAL A 108 1.35 -12.05 -8.68
N MET A 109 2.07 -11.92 -9.76
CA MET A 109 1.42 -11.57 -11.05
C MET A 109 0.55 -12.73 -11.55
N THR A 110 1.12 -13.88 -11.72
CA THR A 110 0.34 -15.05 -12.20
C THR A 110 -0.93 -15.22 -11.36
N ASN A 111 -0.92 -14.73 -10.16
CA ASN A 111 -2.14 -14.87 -9.29
C ASN A 111 -3.19 -13.83 -9.69
N LEU A 112 -2.81 -12.58 -9.78
CA LEU A 112 -3.79 -11.53 -10.15
C LEU A 112 -4.37 -11.82 -11.54
N GLY A 113 -3.66 -12.56 -12.35
CA GLY A 113 -4.19 -12.88 -13.72
C GLY A 113 -3.47 -12.00 -14.76
N GLU A 114 -2.39 -12.48 -15.30
CA GLU A 114 -1.66 -11.68 -16.33
C GLU A 114 -0.84 -12.62 -17.24
N LYS A 115 0.09 -12.08 -17.98
CA LYS A 115 0.91 -12.96 -18.87
C LYS A 115 2.26 -12.29 -19.16
N LEU A 116 3.29 -12.70 -18.47
CA LEU A 116 4.63 -12.11 -18.70
C LEU A 116 5.70 -13.20 -18.71
N THR A 117 6.61 -13.14 -19.65
CA THR A 117 7.68 -14.18 -19.71
C THR A 117 8.72 -13.92 -18.62
N ASP A 118 9.64 -14.81 -18.43
CA ASP A 118 10.68 -14.61 -17.39
C ASP A 118 11.48 -13.34 -17.67
N GLU A 119 11.82 -13.10 -18.91
CA GLU A 119 12.61 -11.88 -19.26
C GLU A 119 11.93 -10.61 -18.71
N GLU A 120 10.65 -10.47 -18.92
CA GLU A 120 9.95 -9.26 -18.41
C GLU A 120 10.17 -9.08 -16.90
N VAL A 121 9.85 -10.07 -16.11
CA VAL A 121 10.04 -9.95 -14.64
C VAL A 121 11.48 -9.54 -14.32
N ASP A 122 12.44 -10.14 -14.95
CA ASP A 122 13.86 -9.79 -14.67
C ASP A 122 14.13 -8.32 -15.04
N GLU A 123 13.45 -7.80 -16.02
CA GLU A 123 13.68 -6.39 -16.41
C GLU A 123 13.09 -5.45 -15.36
N MET A 124 12.07 -5.88 -14.67
CA MET A 124 11.45 -5.01 -13.63
C MET A 124 12.36 -4.95 -12.38
N ILE A 125 12.85 -6.08 -11.96
CA ILE A 125 13.73 -6.10 -10.75
C ILE A 125 15.03 -5.33 -11.03
N ARG A 126 15.58 -5.48 -12.20
CA ARG A 126 16.85 -4.76 -12.52
C ARG A 126 16.59 -3.26 -12.60
N GLU A 127 15.59 -2.85 -13.36
CA GLU A 127 15.29 -1.39 -13.46
C GLU A 127 15.06 -0.80 -12.07
N ALA A 128 14.48 -1.56 -11.19
CA ALA A 128 14.23 -1.07 -9.80
C ALA A 128 15.54 -1.08 -9.00
N ASP A 129 16.43 -1.97 -9.33
CA ASP A 129 17.73 -2.03 -8.60
C ASP A 129 18.60 -0.83 -8.96
N ILE A 130 18.51 0.24 -8.22
CA ILE A 130 19.33 1.44 -8.52
C ILE A 130 20.80 1.21 -8.16
N ASP A 131 21.05 0.43 -7.13
CA ASP A 131 22.48 0.17 -6.73
C ASP A 131 22.95 -1.19 -7.26
N GLY A 132 22.03 -2.05 -7.63
CA GLY A 132 22.43 -3.38 -8.17
C GLY A 132 22.87 -4.30 -7.02
N ASP A 133 21.95 -4.77 -6.23
CA ASP A 133 22.31 -5.70 -5.11
C ASP A 133 21.72 -7.09 -5.36
N GLY A 134 21.11 -7.30 -6.50
CA GLY A 134 20.51 -8.63 -6.79
C GLY A 134 19.12 -8.71 -6.17
N GLN A 135 18.54 -7.60 -5.80
CA GLN A 135 17.18 -7.62 -5.19
C GLN A 135 16.63 -6.19 -5.07
N VAL A 136 15.35 -6.05 -4.83
CA VAL A 136 14.77 -4.68 -4.70
C VAL A 136 14.45 -4.37 -3.24
N ASN A 137 15.21 -3.51 -2.62
CA ASN A 137 14.95 -3.17 -1.20
C ASN A 137 13.77 -2.18 -1.10
N TYR A 138 13.20 -2.04 0.07
CA TYR A 138 12.06 -1.10 0.22
C TYR A 138 12.41 0.28 -0.34
N GLU A 139 13.67 0.64 -0.29
CA GLU A 139 14.09 1.98 -0.83
C GLU A 139 13.99 2.00 -2.35
N GLU A 140 14.70 1.14 -3.01
CA GLU A 140 14.66 1.11 -4.50
C GLU A 140 13.20 0.98 -4.98
N PHE A 141 12.34 0.41 -4.17
CA PHE A 141 10.91 0.26 -4.58
C PHE A 141 10.18 1.60 -4.41
N VAL A 142 10.52 2.36 -3.42
CA VAL A 142 9.85 3.67 -3.21
C VAL A 142 10.35 4.70 -4.22
N GLN A 143 11.50 4.50 -4.77
CA GLN A 143 12.05 5.47 -5.77
C GLN A 143 11.49 5.17 -7.17
N MET A 144 11.50 3.94 -7.59
CA MET A 144 10.96 3.60 -8.93
C MET A 144 9.43 3.76 -8.96
N MET A 145 8.82 3.89 -7.81
CA MET A 145 7.33 4.05 -7.77
C MET A 145 6.97 5.54 -7.85
N THR A 146 7.39 6.32 -6.90
CA THR A 146 7.09 7.78 -6.91
C THR A 146 8.35 8.59 -7.17
N ALA A 147 9.50 8.00 -7.00
CA ALA A 147 10.78 8.72 -7.24
C ALA A 147 10.85 9.97 -6.36
N LYS A 148 11.70 9.96 -5.37
CA LYS A 148 11.81 11.14 -4.47
C LYS A 148 13.27 11.56 -4.32
CA CA B . 13.71 6.38 40.10
CA CA C . 8.71 -5.34 38.69
CA CA D . 11.03 -11.80 -0.14
CA CA E . 19.33 -3.43 -4.35
S1 WW7 F . -2.55 5.49 37.01
O1 WW7 F . -3.32 5.33 38.21
O2 WW7 F . -2.97 4.85 35.79
N1 WW7 F . -2.61 7.18 36.67
C4 WW7 F . 1.97 4.47 37.87
C3 WW7 F . 1.60 5.61 37.03
C2 WW7 F . 0.19 5.91 36.77
C1 WW7 F . -0.86 5.09 37.35
C9 WW7 F . -0.52 3.95 38.19
C10 WW7 F . 0.93 3.63 38.46
CL1 WW7 F . 2.91 2.07 39.69
C5 WW7 F . 1.27 2.51 39.30
C6 WW7 F . 0.22 1.68 39.89
C7 WW7 F . -1.19 2.00 39.62
C8 WW7 F . -1.56 3.12 38.77
C11 WW7 F . -2.24 7.66 35.34
C12 WW7 F . -1.72 9.09 35.41
C14 WW7 F . -2.25 11.41 36.19
C13 WW7 F . -2.74 9.96 36.15
C15 WW7 F . -2.17 11.95 34.75
C16 WW7 F . -3.56 11.90 34.10
N2 WW7 F . -3.60 12.43 32.74
HN1 WW7 F . -2.13 7.71 37.40
H4 WW7 F . 3.01 4.25 38.08
H3 WW7 F . 2.37 6.23 36.61
H2 WW7 F . -0.06 6.75 36.15
H6 WW7 F . 0.48 0.85 40.50
H7 WW7 F . -1.96 1.38 40.05
H8 WW7 F . -2.60 3.34 38.60
H111 WW7 F . -1.48 7.02 34.91
H112 WW7 F . -3.12 7.63 34.74
H121 WW7 F . -0.77 9.11 35.94
H122 WW7 F . -1.58 9.48 34.41
H141 WW7 F . -1.27 11.46 36.63
H142 WW7 F . -2.94 12.00 36.75
H131 WW7 F . -3.68 9.91 35.66
H132 WW7 F . -2.83 9.60 37.17
H151 WW7 F . -1.83 12.98 34.77
H152 WW7 F . -1.49 11.36 34.17
H161 WW7 F . -4.26 12.49 34.69
H162 WW7 F . -3.90 10.88 34.06
HN21 WW7 F . -4.53 12.37 32.37
HN22 WW7 F . -3.33 13.41 32.73
S1 WW7 G . 3.87 -3.03 -9.16
O1 WW7 G . 2.86 -4.03 -9.35
O2 WW7 G . 4.10 -2.05 -10.17
N1 WW7 G . 3.35 -2.14 -7.76
C4 WW7 G . 7.66 -5.29 -7.50
C3 WW7 G . 6.33 -5.49 -6.97
C2 WW7 G . 5.19 -4.76 -7.53
C1 WW7 G . 5.37 -3.83 -8.64
C9 WW7 G . 6.70 -3.61 -9.20
C10 WW7 G . 7.87 -4.37 -8.61
CL1 WW7 G . 10.62 -4.99 -8.56
C5 WW7 G . 9.21 -4.17 -9.16
C6 WW7 G . 9.42 -3.26 -10.27
C7 WW7 G . 8.28 -2.53 -10.85
C8 WW7 G . 6.94 -2.70 -10.32
C11 WW7 G . 1.96 -2.25 -7.32
C12 WW7 G . 1.51 -1.04 -6.50
C14 WW7 G . 1.18 1.44 -6.55
C13 WW7 G . 1.63 0.22 -7.36
C15 WW7 G . 1.31 2.70 -7.41
C16 WW7 G . 0.84 3.91 -6.60
N2 WW7 G . 1.62 4.13 -5.40
HN1 WW7 G . 3.95 -2.36 -6.99
H4 WW7 G . 8.50 -5.82 -7.09
H3 WW7 G . 6.16 -6.19 -6.17
H2 WW7 G . 4.20 -4.90 -7.13
H6 WW7 G . 10.40 -3.14 -10.67
H7 WW7 G . 8.45 -1.87 -11.67
H8 WW7 G . 6.14 -2.15 -10.78
H111 WW7 G . 1.33 -2.34 -8.20
H112 WW7 G . 1.87 -3.15 -6.72
H121 WW7 G . 0.50 -1.17 -6.19
H122 WW7 G . 2.15 -0.95 -5.63
H141 WW7 G . 1.79 1.54 -5.67
H142 WW7 G . 0.14 1.30 -6.25
H131 WW7 G . 2.66 0.36 -7.66
H132 WW7 G . 1.01 0.12 -8.23
H151 WW7 G . 2.33 2.83 -7.69
H152 WW7 G . 0.70 2.60 -8.29
H161 WW7 G . -0.20 3.77 -6.32
H162 WW7 G . 0.93 4.80 -7.21
HN21 WW7 G . 1.62 3.30 -4.81
HN22 WW7 G . 2.59 4.31 -5.63
N ALA A 1 28.26 11.22 -17.20
CA ALA A 1 26.79 10.95 -17.19
C ALA A 1 26.11 11.71 -18.34
N ASP A 2 25.28 11.04 -19.08
CA ASP A 2 24.58 11.72 -20.21
C ASP A 2 23.43 12.58 -19.68
N GLN A 3 23.36 13.81 -20.11
CA GLN A 3 22.25 14.70 -19.63
C GLN A 3 22.21 15.99 -20.47
N LEU A 4 21.68 15.90 -21.65
CA LEU A 4 21.61 17.13 -22.52
C LEU A 4 20.17 17.64 -22.57
N THR A 5 19.95 18.74 -23.25
CA THR A 5 18.57 19.30 -23.34
C THR A 5 18.04 19.12 -24.76
N GLU A 6 18.90 19.13 -25.73
CA GLU A 6 18.43 18.95 -27.13
C GLU A 6 18.17 17.46 -27.40
N GLU A 7 18.85 16.59 -26.71
CA GLU A 7 18.64 15.14 -26.91
C GLU A 7 17.35 14.71 -26.21
N GLN A 8 17.02 15.35 -25.13
CA GLN A 8 15.78 14.98 -24.39
C GLN A 8 14.55 15.29 -25.25
N ILE A 9 14.49 16.48 -25.79
CA ILE A 9 13.32 16.84 -26.65
C ILE A 9 13.36 16.01 -27.95
N ALA A 10 14.52 15.95 -28.57
CA ALA A 10 14.64 15.16 -29.82
C ALA A 10 14.26 13.70 -29.55
N GLU A 11 14.41 13.27 -28.33
CA GLU A 11 14.06 11.86 -27.99
C GLU A 11 12.54 11.71 -28.05
N PHE A 12 11.82 12.59 -27.42
CA PHE A 12 10.33 12.50 -27.45
C PHE A 12 9.84 12.80 -28.87
N LYS A 13 10.67 13.40 -29.69
CA LYS A 13 10.24 13.70 -31.08
C LYS A 13 10.28 12.43 -31.92
N GLU A 14 11.36 11.70 -31.88
CA GLU A 14 11.45 10.44 -32.67
C GLU A 14 10.33 9.49 -32.25
N ALA A 15 10.07 9.39 -30.98
CA ALA A 15 8.98 8.49 -30.51
C ALA A 15 7.62 8.99 -31.01
N PHE A 16 7.35 10.26 -30.81
CA PHE A 16 6.05 10.82 -31.29
C PHE A 16 5.87 10.54 -32.78
N SER A 17 6.96 10.43 -33.50
CA SER A 17 6.85 10.14 -34.97
C SER A 17 6.62 8.65 -35.18
N LEU A 18 7.18 7.84 -34.32
CA LEU A 18 6.99 6.37 -34.47
C LEU A 18 5.53 6.00 -34.15
N PHE A 19 4.83 6.88 -33.48
CA PHE A 19 3.40 6.59 -33.13
C PHE A 19 2.47 7.24 -34.16
N ASP A 20 2.73 8.47 -34.52
CA ASP A 20 1.87 9.17 -35.50
C ASP A 20 2.21 8.72 -36.93
N LYS A 21 1.41 7.90 -37.52
CA LYS A 21 1.70 7.41 -38.91
C LYS A 21 0.72 8.01 -39.92
N ASP A 22 0.73 9.30 -40.10
CA ASP A 22 -0.22 9.92 -41.08
C ASP A 22 0.11 11.39 -41.30
N GLY A 23 0.53 12.07 -40.26
CA GLY A 23 0.86 13.52 -40.40
C GLY A 23 -0.30 14.34 -39.86
N ASP A 24 -0.18 14.84 -38.65
CA ASP A 24 -1.28 15.64 -38.07
C ASP A 24 -0.89 16.18 -36.68
N GLY A 25 -0.05 15.49 -35.96
CA GLY A 25 0.35 15.98 -34.61
C GLY A 25 -0.63 15.47 -33.56
N THR A 26 -0.87 14.19 -33.52
CA THR A 26 -1.83 13.63 -32.50
C THR A 26 -1.76 12.10 -32.49
N ILE A 27 -2.01 11.50 -31.36
CA ILE A 27 -1.97 10.01 -31.27
C ILE A 27 -3.34 9.46 -30.90
N THR A 28 -4.00 8.81 -31.82
CA THR A 28 -5.34 8.24 -31.53
C THR A 28 -5.21 6.77 -31.08
N THR A 29 -6.30 6.06 -31.03
CA THR A 29 -6.22 4.63 -30.61
C THR A 29 -5.87 3.74 -31.81
N LYS A 30 -6.09 4.22 -33.00
CA LYS A 30 -5.76 3.40 -34.21
C LYS A 30 -4.24 3.33 -34.39
N GLU A 31 -3.61 4.46 -34.57
CA GLU A 31 -2.13 4.46 -34.75
C GLU A 31 -1.47 3.78 -33.56
N LEU A 32 -1.83 4.16 -32.37
CA LEU A 32 -1.24 3.53 -31.16
C LEU A 32 -1.56 2.03 -31.18
N GLY A 33 -2.70 1.66 -31.71
CA GLY A 33 -3.06 0.22 -31.76
C GLY A 33 -1.97 -0.53 -32.52
N THR A 34 -1.50 0.03 -33.61
CA THR A 34 -0.42 -0.65 -34.38
C THR A 34 0.90 -0.57 -33.60
N VAL A 35 1.03 0.40 -32.74
CA VAL A 35 2.29 0.54 -31.93
C VAL A 35 2.37 -0.58 -30.88
N MET A 36 1.25 -0.99 -30.35
CA MET A 36 1.27 -2.08 -29.32
C MET A 36 1.12 -3.45 -29.99
N ARG A 37 0.54 -3.49 -31.16
CA ARG A 37 0.36 -4.79 -31.85
C ARG A 37 1.66 -5.22 -32.54
N SER A 38 2.45 -4.27 -32.99
CA SER A 38 3.72 -4.62 -33.67
C SER A 38 4.88 -4.65 -32.67
N LEU A 39 4.82 -3.84 -31.65
CA LEU A 39 5.92 -3.82 -30.63
C LEU A 39 5.67 -4.88 -29.56
N GLY A 40 4.71 -4.67 -28.70
CA GLY A 40 4.43 -5.66 -27.62
C GLY A 40 3.01 -6.19 -27.78
N GLN A 41 2.82 -7.23 -28.56
CA GLN A 41 1.46 -7.80 -28.75
C GLN A 41 0.90 -8.30 -27.41
N ASN A 42 -0.23 -7.79 -27.00
CA ASN A 42 -0.83 -8.25 -25.70
C ASN A 42 -2.15 -7.51 -25.43
N PRO A 43 -2.08 -6.21 -25.36
CA PRO A 43 -3.30 -5.39 -25.11
C PRO A 43 -4.25 -5.44 -26.32
N THR A 44 -5.51 -5.16 -26.10
CA THR A 44 -6.49 -5.21 -27.22
C THR A 44 -6.90 -3.76 -27.60
N GLU A 45 -8.16 -3.53 -27.85
CA GLU A 45 -8.59 -2.15 -28.22
C GLU A 45 -9.19 -1.46 -26.99
N ALA A 46 -9.96 -2.18 -26.20
CA ALA A 46 -10.56 -1.56 -24.99
C ALA A 46 -9.48 -1.30 -23.93
N GLU A 47 -8.80 -2.32 -23.50
CA GLU A 47 -7.72 -2.14 -22.49
C GLU A 47 -6.70 -1.10 -22.99
N LEU A 48 -6.53 -1.02 -24.29
CA LEU A 48 -5.56 -0.02 -24.84
C LEU A 48 -6.04 1.39 -24.53
N GLN A 49 -7.26 1.70 -24.86
CA GLN A 49 -7.78 3.06 -24.57
C GLN A 49 -7.57 3.37 -23.09
N ASP A 50 -7.70 2.38 -22.25
CA ASP A 50 -7.47 2.60 -20.80
C ASP A 50 -6.04 3.07 -20.55
N MET A 51 -5.10 2.47 -21.23
CA MET A 51 -3.68 2.89 -21.05
C MET A 51 -3.48 4.30 -21.61
N ILE A 52 -4.37 4.73 -22.47
CA ILE A 52 -4.24 6.10 -23.05
C ILE A 52 -4.84 7.14 -22.08
N ASN A 53 -5.76 6.73 -21.25
CA ASN A 53 -6.38 7.70 -20.30
C ASN A 53 -5.34 8.20 -19.30
N GLU A 54 -4.57 7.30 -18.74
CA GLU A 54 -3.53 7.73 -17.77
C GLU A 54 -2.56 8.70 -18.44
N VAL A 55 -2.34 8.55 -19.73
CA VAL A 55 -1.41 9.48 -20.44
C VAL A 55 -2.18 10.71 -20.93
N ASP A 56 -3.49 10.63 -20.97
CA ASP A 56 -4.30 11.80 -21.43
C ASP A 56 -5.08 12.41 -20.25
N ALA A 57 -4.48 13.32 -19.54
CA ALA A 57 -5.18 13.94 -18.38
C ALA A 57 -6.33 14.82 -18.85
N ASP A 58 -6.40 15.12 -20.11
CA ASP A 58 -7.51 15.98 -20.63
C ASP A 58 -8.82 15.22 -20.63
N GLY A 59 -8.88 14.12 -21.33
CA GLY A 59 -10.14 13.34 -21.39
C GLY A 59 -10.68 13.34 -22.84
N ASN A 60 -10.01 14.02 -23.73
CA ASN A 60 -10.50 14.05 -25.15
C ASN A 60 -10.31 12.68 -25.79
N GLY A 61 -9.31 11.94 -25.40
CA GLY A 61 -9.09 10.60 -25.99
C GLY A 61 -7.70 10.53 -26.65
N THR A 62 -7.44 11.38 -27.61
CA THR A 62 -6.10 11.35 -28.28
C THR A 62 -5.11 12.29 -27.58
N ILE A 63 -3.85 12.17 -27.89
CA ILE A 63 -2.84 13.06 -27.24
C ILE A 63 -2.41 14.16 -28.22
N ASP A 64 -2.27 15.37 -27.77
CA ASP A 64 -1.85 16.48 -28.67
C ASP A 64 -0.34 16.66 -28.63
N PHE A 65 0.19 17.58 -29.40
CA PHE A 65 1.66 17.78 -29.39
C PHE A 65 2.12 18.45 -28.07
N PRO A 66 1.40 19.46 -27.64
CA PRO A 66 1.78 20.15 -26.39
C PRO A 66 1.51 19.25 -25.18
N GLU A 67 0.64 18.28 -25.35
CA GLU A 67 0.35 17.35 -24.23
C GLU A 67 1.39 16.24 -24.21
N PHE A 68 1.90 15.90 -25.35
CA PHE A 68 2.93 14.82 -25.41
C PHE A 68 4.25 15.32 -24.80
N LEU A 69 4.67 16.50 -25.19
CA LEU A 69 5.94 17.05 -24.63
C LEU A 69 5.72 17.50 -23.18
N THR A 70 4.51 17.89 -22.85
CA THR A 70 4.24 18.34 -21.45
C THR A 70 4.05 17.13 -20.53
N MET A 71 3.81 15.97 -21.09
CA MET A 71 3.60 14.76 -20.25
C MET A 71 4.94 14.06 -19.94
N MET A 72 5.77 13.88 -20.93
CA MET A 72 7.07 13.19 -20.69
C MET A 72 8.18 14.20 -20.35
N ALA A 73 8.45 15.12 -21.23
CA ALA A 73 9.54 16.13 -20.97
C ALA A 73 9.27 16.90 -19.68
N ARG A 74 8.10 17.44 -19.53
CA ARG A 74 7.78 18.22 -18.30
C ARG A 74 7.91 17.34 -17.05
N LYS A 75 7.02 16.41 -16.88
CA LYS A 75 7.08 15.53 -15.67
C LYS A 75 7.07 16.37 -14.39
N MET A 76 5.94 16.46 -13.73
CA MET A 76 5.88 17.27 -12.48
C MET A 76 6.22 16.39 -11.27
N LYS A 77 5.92 16.86 -10.09
CA LYS A 77 6.22 16.06 -8.86
C LYS A 77 5.08 16.21 -7.85
N ASP A 78 4.93 15.26 -6.97
CA ASP A 78 3.83 15.36 -5.96
C ASP A 78 4.40 15.26 -4.54
N THR A 79 3.58 15.51 -3.56
CA THR A 79 4.07 15.44 -2.13
C THR A 79 3.32 14.35 -1.37
N ASP A 80 2.19 13.92 -1.87
CA ASP A 80 1.41 12.86 -1.16
C ASP A 80 1.99 11.48 -1.46
N SER A 81 2.32 10.73 -0.43
CA SER A 81 2.90 9.37 -0.66
C SER A 81 1.90 8.29 -0.20
N GLU A 82 1.21 8.53 0.88
CA GLU A 82 0.22 7.53 1.38
C GLU A 82 0.94 6.21 1.70
N GLU A 83 0.27 5.32 2.38
CA GLU A 83 0.90 4.02 2.72
C GLU A 83 0.43 2.92 1.75
N GLU A 84 0.32 3.24 0.49
CA GLU A 84 -0.13 2.21 -0.49
C GLU A 84 1.06 1.33 -0.89
N ILE A 85 2.17 1.93 -1.20
CA ILE A 85 3.37 1.13 -1.59
C ILE A 85 3.64 0.07 -0.52
N ARG A 86 3.17 0.29 0.68
CA ARG A 86 3.40 -0.71 1.75
C ARG A 86 2.59 -1.98 1.47
N GLU A 87 1.32 -1.84 1.21
CA GLU A 87 0.48 -3.04 0.91
C GLU A 87 1.11 -3.82 -0.25
N ALA A 88 1.54 -3.14 -1.27
CA ALA A 88 2.16 -3.84 -2.42
C ALA A 88 3.36 -4.67 -1.96
N PHE A 89 4.30 -4.04 -1.31
CA PHE A 89 5.50 -4.79 -0.83
C PHE A 89 5.08 -6.05 -0.08
N ARG A 90 3.95 -6.02 0.56
CA ARG A 90 3.48 -7.22 1.33
C ARG A 90 3.08 -8.35 0.38
N VAL A 91 2.27 -8.08 -0.61
CA VAL A 91 1.85 -9.17 -1.54
C VAL A 91 3.05 -9.72 -2.32
N PHE A 92 4.06 -8.92 -2.52
CA PHE A 92 5.27 -9.39 -3.25
C PHE A 92 6.26 -10.04 -2.29
N ASP A 93 6.09 -9.82 -1.01
CA ASP A 93 7.02 -10.43 -0.01
C ASP A 93 6.22 -11.13 1.08
N LYS A 94 5.69 -12.30 0.81
CA LYS A 94 4.89 -13.02 1.83
C LYS A 94 5.77 -14.02 2.60
N ASP A 95 6.88 -14.43 2.03
CA ASP A 95 7.75 -15.41 2.73
C ASP A 95 8.47 -14.76 3.93
N GLY A 96 8.46 -13.45 4.01
CA GLY A 96 9.11 -12.77 5.15
C GLY A 96 10.61 -12.56 4.85
N ASN A 97 10.96 -12.41 3.61
CA ASN A 97 12.40 -12.21 3.24
C ASN A 97 12.81 -10.77 3.59
N GLY A 98 12.45 -9.84 2.75
CA GLY A 98 12.83 -8.42 3.00
C GLY A 98 13.09 -7.72 1.66
N TYR A 99 13.28 -8.49 0.62
CA TYR A 99 13.53 -7.88 -0.72
C TYR A 99 12.66 -8.57 -1.78
N ILE A 100 12.36 -7.89 -2.86
CA ILE A 100 11.50 -8.53 -3.91
C ILE A 100 12.40 -9.16 -4.98
N SER A 101 12.32 -10.44 -5.16
CA SER A 101 13.17 -11.11 -6.19
C SER A 101 12.34 -11.42 -7.45
N ALA A 102 12.98 -11.80 -8.52
CA ALA A 102 12.23 -12.11 -9.77
C ALA A 102 11.32 -13.32 -9.55
N ALA A 103 11.83 -14.35 -8.92
CA ALA A 103 10.99 -15.57 -8.68
C ALA A 103 9.72 -15.18 -7.90
N GLU A 104 9.89 -14.60 -6.74
CA GLU A 104 8.70 -14.19 -5.94
C GLU A 104 7.72 -13.40 -6.81
N LEU A 105 8.22 -12.40 -7.50
CA LEU A 105 7.34 -11.58 -8.37
C LEU A 105 6.48 -12.48 -9.26
N ARG A 106 7.05 -13.54 -9.77
CA ARG A 106 6.25 -14.47 -10.64
C ARG A 106 5.13 -15.11 -9.82
N HIS A 107 5.42 -15.52 -8.62
CA HIS A 107 4.37 -16.15 -7.77
C HIS A 107 3.21 -15.17 -7.54
N VAL A 108 3.49 -13.90 -7.59
CA VAL A 108 2.42 -12.88 -7.36
C VAL A 108 1.63 -12.61 -8.65
N MET A 109 2.26 -11.99 -9.61
CA MET A 109 1.55 -11.69 -10.89
C MET A 109 0.86 -12.93 -11.44
N THR A 110 1.37 -14.10 -11.13
CA THR A 110 0.74 -15.34 -11.65
C THR A 110 -0.54 -15.67 -10.86
N ASN A 111 -0.52 -15.51 -9.57
CA ASN A 111 -1.74 -15.81 -8.75
C ASN A 111 -2.65 -14.58 -8.66
N LEU A 112 -2.24 -13.47 -9.24
CA LEU A 112 -3.11 -12.25 -9.17
C LEU A 112 -4.09 -12.24 -10.35
N GLY A 113 -3.60 -12.05 -11.55
CA GLY A 113 -4.50 -12.02 -12.73
C GLY A 113 -3.75 -11.46 -13.94
N GLU A 114 -2.50 -11.81 -14.08
CA GLU A 114 -1.71 -11.30 -15.24
C GLU A 114 -0.88 -12.43 -15.85
N LYS A 115 -0.55 -12.32 -17.11
CA LYS A 115 0.26 -13.39 -17.77
C LYS A 115 1.57 -12.80 -18.31
N LEU A 116 2.65 -12.97 -17.59
CA LEU A 116 3.96 -12.42 -18.06
C LEU A 116 4.90 -13.56 -18.47
N THR A 117 6.16 -13.26 -18.64
CA THR A 117 7.13 -14.32 -19.03
C THR A 117 8.41 -14.18 -18.18
N ASP A 118 9.48 -14.81 -18.58
CA ASP A 118 10.74 -14.71 -17.78
C ASP A 118 11.48 -13.41 -18.11
N GLU A 119 11.60 -13.09 -19.37
CA GLU A 119 12.32 -11.84 -19.76
C GLU A 119 11.67 -10.61 -19.12
N GLU A 120 10.36 -10.58 -19.07
CA GLU A 120 9.67 -9.40 -18.46
C GLU A 120 10.03 -9.26 -16.98
N VAL A 121 9.94 -10.32 -16.22
CA VAL A 121 10.27 -10.24 -14.77
C VAL A 121 11.72 -9.77 -14.58
N ASP A 122 12.61 -10.21 -15.44
CA ASP A 122 14.04 -9.79 -15.30
C ASP A 122 14.17 -8.28 -15.52
N GLU A 123 13.58 -7.77 -16.57
CA GLU A 123 13.68 -6.30 -16.84
C GLU A 123 12.95 -5.52 -15.75
N MET A 124 12.04 -6.16 -15.06
CA MET A 124 11.29 -5.47 -13.97
C MET A 124 12.19 -5.28 -12.74
N ILE A 125 12.73 -6.35 -12.23
CA ILE A 125 13.62 -6.23 -11.03
C ILE A 125 14.90 -5.48 -11.39
N ARG A 126 15.29 -5.50 -12.63
CA ARG A 126 16.54 -4.79 -13.04
C ARG A 126 16.31 -3.27 -13.05
N GLU A 127 15.35 -2.82 -13.80
CA GLU A 127 15.07 -1.34 -13.84
C GLU A 127 14.62 -0.86 -12.46
N ALA A 128 14.18 -1.77 -11.61
CA ALA A 128 13.74 -1.35 -10.25
C ALA A 128 14.95 -1.23 -9.32
N ASP A 129 15.95 -2.06 -9.50
CA ASP A 129 17.15 -1.98 -8.64
C ASP A 129 17.83 -0.62 -8.80
N ILE A 130 17.46 0.34 -7.99
CA ILE A 130 18.08 1.69 -8.10
C ILE A 130 19.60 1.60 -7.84
N ASP A 131 20.04 0.54 -7.22
CA ASP A 131 21.50 0.41 -6.95
C ASP A 131 22.07 -0.78 -7.73
N GLY A 132 21.29 -1.79 -7.97
CA GLY A 132 21.79 -2.97 -8.74
C GLY A 132 22.39 -3.98 -7.77
N ASP A 133 21.57 -4.77 -7.14
CA ASP A 133 22.10 -5.81 -6.20
C ASP A 133 21.34 -7.13 -6.35
N GLY A 134 20.59 -7.27 -7.41
CA GLY A 134 19.84 -8.54 -7.63
C GLY A 134 18.67 -8.65 -6.65
N GLN A 135 18.19 -7.54 -6.16
CA GLN A 135 17.04 -7.60 -5.20
C GLN A 135 16.49 -6.18 -4.94
N VAL A 136 15.20 -6.05 -4.79
CA VAL A 136 14.63 -4.70 -4.54
C VAL A 136 14.48 -4.45 -3.03
N ASN A 137 14.97 -3.34 -2.56
CA ASN A 137 14.86 -3.02 -1.12
C ASN A 137 13.55 -2.30 -0.83
N TYR A 138 13.25 -2.05 0.42
CA TYR A 138 12.00 -1.33 0.76
C TYR A 138 12.09 0.12 0.26
N GLU A 139 13.15 0.80 0.62
CA GLU A 139 13.29 2.22 0.17
C GLU A 139 13.39 2.27 -1.35
N GLU A 140 14.09 1.35 -1.94
CA GLU A 140 14.21 1.34 -3.43
C GLU A 140 12.85 1.05 -4.06
N PHE A 141 12.02 0.32 -3.38
CA PHE A 141 10.68 0.01 -3.93
C PHE A 141 9.77 1.25 -3.85
N VAL A 142 10.00 2.11 -2.90
CA VAL A 142 9.16 3.33 -2.77
C VAL A 142 9.74 4.46 -3.62
N GLN A 143 10.99 4.39 -3.95
CA GLN A 143 11.63 5.47 -4.76
C GLN A 143 11.68 5.09 -6.25
N MET A 144 11.53 3.82 -6.56
CA MET A 144 11.58 3.40 -7.99
C MET A 144 10.23 3.65 -8.67
N MET A 145 9.16 3.63 -7.92
CA MET A 145 7.82 3.88 -8.52
C MET A 145 7.50 5.37 -8.49
N THR A 146 7.29 5.92 -7.33
CA THR A 146 6.97 7.38 -7.25
C THR A 146 8.23 8.21 -7.52
N ALA A 147 8.34 8.78 -8.69
CA ALA A 147 9.54 9.59 -9.02
C ALA A 147 9.16 11.07 -9.14
N LYS A 148 10.03 11.95 -8.73
CA LYS A 148 9.72 13.41 -8.83
C LYS A 148 9.72 13.84 -10.30
CA CA B . -1.78 10.91 -36.12
CA CA C . -5.59 14.34 -24.24
CA CA D . 11.05 -11.70 -0.04
CA CA E . 18.27 -2.68 -5.50
S1 WW7 F . 5.46 4.96 -23.47
O1 WW7 F . 5.05 4.39 -22.22
O2 WW7 F . 6.51 5.95 -23.49
N1 WW7 F . 6.12 3.62 -24.36
C4 WW7 F . 2.06 6.58 -26.30
C3 WW7 F . 3.46 6.67 -26.64
C2 WW7 F . 4.48 6.17 -25.72
C1 WW7 F . 4.11 5.56 -24.44
C9 WW7 F . 2.68 5.45 -24.07
C10 WW7 F . 1.64 5.98 -25.05
CL1 WW7 F . -1.04 6.43 -25.76
C5 WW7 F . 0.22 5.86 -24.72
C6 WW7 F . -0.18 5.26 -23.47
C7 WW7 F . 0.82 4.74 -22.53
C8 WW7 F . 2.24 4.85 -22.83
C11 WW7 F . 6.50 3.88 -25.74
C12 WW7 F . 7.56 2.93 -26.25
C14 WW7 F . 8.11 0.54 -26.72
C13 WW7 F . 7.03 1.50 -26.22
C15 WW7 F . 7.60 -0.90 -26.65
C16 WW7 F . 8.70 -1.85 -27.15
N2 WW7 F . 8.33 -3.25 -27.11
HN1 WW7 F . 5.48 2.84 -24.33
H4 WW7 F . 1.30 6.94 -26.98
H3 WW7 F . 3.75 7.11 -27.58
H2 WW7 F . 5.52 6.23 -26.00
H6 WW7 F . -1.23 5.16 -23.23
H7 WW7 F . 0.50 4.30 -21.60
H8 WW7 F . 2.94 4.47 -22.09
H111 WW7 F . 5.61 3.80 -26.36
H112 WW7 F . 6.88 4.89 -25.79
H121 WW7 F . 7.82 3.18 -27.28
H122 WW7 F . 8.44 2.99 -25.64
H141 WW7 F . 8.99 0.64 -26.10
H142 WW7 F . 8.36 0.79 -27.74
H131 WW7 F . 6.76 1.24 -25.21
H132 WW7 F . 6.15 1.41 -26.85
H151 WW7 F . 7.35 -1.14 -25.63
H152 WW7 F . 6.72 -1.00 -27.27
H161 WW7 F . 9.58 -1.72 -26.53
H162 WW7 F . 8.94 -1.61 -28.17
HN21 WW7 F . 8.11 -3.52 -26.15
HN22 WW7 F . 9.11 -3.82 -27.41
S1 WW7 G . 3.83 -2.72 -9.68
O1 WW7 G . 2.70 -3.60 -9.80
O2 WW7 G . 4.17 -1.86 -10.77
N1 WW7 G . 3.38 -1.64 -8.39
C4 WW7 G . 7.37 -5.32 -7.92
C3 WW7 G . 6.01 -5.40 -7.43
C2 WW7 G . 4.95 -4.57 -8.01
C1 WW7 G . 5.23 -3.65 -9.10
C9 WW7 G . 6.60 -3.54 -9.63
C10 WW7 G . 7.68 -4.40 -9.01
CL1 WW7 G . 10.37 -5.24 -8.85
C5 WW7 G . 9.06 -4.31 -9.50
C6 WW7 G . 9.38 -3.41 -10.58
C7 WW7 G . 8.34 -2.58 -11.19
C8 WW7 G . 6.96 -2.65 -10.73
C11 WW7 G . 2.59 -2.16 -7.29
C12 WW7 G . 2.41 -1.14 -6.17
C14 WW7 G . 0.41 -0.18 -7.33
C13 WW7 G . 1.79 0.14 -6.73
C15 WW7 G . -0.51 -0.71 -6.25
C16 WW7 G . -1.90 -0.97 -6.85
N2 WW7 G . -2.51 0.24 -7.38
HN1 WW7 G . 4.20 -1.14 -8.07
H4 WW7 G . 8.13 -5.94 -7.49
H3 WW7 G . 5.77 -6.07 -6.63
H2 WW7 G . 3.94 -4.65 -7.65
H6 WW7 G . 10.40 -3.36 -10.94
H7 WW7 G . 8.59 -1.92 -12.00
H8 WW7 G . 6.23 -2.01 -11.21
H111 WW7 G . 1.62 -2.43 -7.70
H112 WW7 G . 3.08 -3.05 -6.90
H121 WW7 G . 1.76 -1.55 -5.41
H122 WW7 G . 3.37 -0.92 -5.73
H141 WW7 G . 0.52 -0.91 -8.11
H142 WW7 G . -0.01 0.73 -7.76
H131 WW7 G . 1.68 0.86 -5.94
H132 WW7 G . 2.43 0.54 -7.50
H151 WW7 G . -0.11 -1.63 -5.85
H152 WW7 G . -0.60 0.02 -5.45
H161 WW7 G . -2.55 -1.37 -6.08
H162 WW7 G . -1.82 -1.69 -7.65
HN21 WW7 G . -1.98 0.59 -8.16
HN22 WW7 G . -2.52 0.97 -6.68
N ALA A 1 -16.91 -14.44 23.75
CA ALA A 1 -16.48 -15.55 22.85
C ALA A 1 -14.97 -15.50 22.62
N ASP A 2 -14.22 -16.24 23.39
CA ASP A 2 -12.74 -16.23 23.21
C ASP A 2 -12.25 -17.62 22.75
N GLN A 3 -10.99 -17.91 22.91
CA GLN A 3 -10.48 -19.24 22.47
C GLN A 3 -9.49 -19.78 23.50
N LEU A 4 -8.78 -20.82 23.16
CA LEU A 4 -7.80 -21.40 24.11
C LEU A 4 -6.41 -20.82 23.85
N THR A 5 -5.38 -21.54 24.20
CA THR A 5 -3.98 -21.04 23.97
C THR A 5 -2.99 -22.19 24.08
N GLU A 6 -2.88 -22.78 25.23
CA GLU A 6 -1.92 -23.90 25.41
C GLU A 6 -2.36 -25.12 24.57
N GLU A 7 -3.63 -25.38 24.50
CA GLU A 7 -4.11 -26.55 23.72
C GLU A 7 -3.68 -26.44 22.25
N GLN A 8 -3.80 -25.28 21.66
CA GLN A 8 -3.38 -25.12 20.24
C GLN A 8 -1.90 -25.46 20.08
N ILE A 9 -1.06 -24.92 20.93
CA ILE A 9 0.39 -25.23 20.83
C ILE A 9 0.60 -26.73 20.99
N ALA A 10 -0.24 -27.38 21.75
CA ALA A 10 -0.07 -28.85 21.95
C ALA A 10 -0.39 -29.58 20.64
N GLU A 11 -1.27 -29.03 19.85
CA GLU A 11 -1.63 -29.69 18.56
C GLU A 11 -0.46 -29.62 17.59
N PHE A 12 0.00 -28.44 17.27
CA PHE A 12 1.16 -28.32 16.34
C PHE A 12 2.36 -29.06 16.91
N LYS A 13 2.51 -29.02 18.21
CA LYS A 13 3.65 -29.73 18.85
C LYS A 13 3.50 -31.24 18.66
N GLU A 14 2.28 -31.72 18.64
CA GLU A 14 2.05 -33.17 18.44
C GLU A 14 2.55 -33.58 17.06
N ALA A 15 2.27 -32.78 16.06
CA ALA A 15 2.72 -33.13 14.68
C ALA A 15 4.26 -33.22 14.64
N PHE A 16 4.93 -32.26 15.19
CA PHE A 16 6.43 -32.29 15.19
C PHE A 16 6.92 -33.59 15.82
N SER A 17 6.49 -33.88 17.03
CA SER A 17 6.95 -35.14 17.69
C SER A 17 6.56 -36.35 16.83
N LEU A 18 5.51 -36.22 16.07
CA LEU A 18 5.07 -37.36 15.20
C LEU A 18 6.06 -37.55 14.05
N PHE A 19 6.66 -36.49 13.59
CA PHE A 19 7.62 -36.62 12.45
C PHE A 19 9.01 -37.00 12.95
N ASP A 20 9.61 -36.16 13.74
CA ASP A 20 10.98 -36.49 14.25
C ASP A 20 10.90 -37.42 15.46
N LYS A 21 10.82 -38.70 15.23
CA LYS A 21 10.75 -39.65 16.37
C LYS A 21 12.09 -40.39 16.53
N ASP A 22 13.17 -39.66 16.60
CA ASP A 22 14.51 -40.32 16.74
C ASP A 22 15.37 -39.59 17.78
N GLY A 23 15.27 -38.29 17.86
CA GLY A 23 16.09 -37.54 18.85
C GLY A 23 17.10 -36.67 18.11
N ASP A 24 16.69 -36.07 17.03
CA ASP A 24 17.63 -35.20 16.26
C ASP A 24 17.35 -33.72 16.55
N GLY A 25 16.12 -33.38 16.81
CA GLY A 25 15.77 -31.97 17.10
C GLY A 25 15.39 -31.24 15.81
N THR A 26 15.69 -31.82 14.67
CA THR A 26 15.34 -31.14 13.39
C THR A 26 14.83 -32.18 12.37
N ILE A 27 14.13 -31.72 11.37
CA ILE A 27 13.61 -32.67 10.33
C ILE A 27 14.47 -32.59 9.05
N THR A 28 15.20 -33.62 8.75
CA THR A 28 16.06 -33.60 7.53
C THR A 28 15.39 -34.39 6.40
N THR A 29 16.13 -34.72 5.37
CA THR A 29 15.55 -35.50 4.24
C THR A 29 15.42 -36.98 4.61
N LYS A 30 16.37 -37.50 5.35
CA LYS A 30 16.30 -38.92 5.76
C LYS A 30 15.15 -39.13 6.75
N GLU A 31 15.17 -38.40 7.83
CA GLU A 31 14.07 -38.54 8.83
C GLU A 31 12.73 -38.24 8.16
N LEU A 32 12.69 -37.24 7.32
CA LEU A 32 11.41 -36.91 6.63
C LEU A 32 11.04 -38.04 5.68
N GLY A 33 12.03 -38.76 5.21
CA GLY A 33 11.74 -39.88 4.27
C GLY A 33 10.95 -40.95 5.01
N THR A 34 11.33 -41.28 6.22
CA THR A 34 10.58 -42.31 6.98
C THR A 34 9.25 -41.74 7.50
N VAL A 35 9.16 -40.44 7.60
CA VAL A 35 7.88 -39.83 8.09
C VAL A 35 6.85 -39.80 6.96
N MET A 36 7.28 -39.70 5.74
CA MET A 36 6.33 -39.67 4.60
C MET A 36 6.05 -41.09 4.10
N ARG A 37 6.99 -41.98 4.26
CA ARG A 37 6.77 -43.38 3.79
C ARG A 37 6.14 -44.23 4.90
N SER A 38 6.20 -43.77 6.12
CA SER A 38 5.59 -44.56 7.23
C SER A 38 4.17 -44.97 6.89
N LEU A 39 3.35 -44.03 6.50
CA LEU A 39 1.94 -44.37 6.14
C LEU A 39 1.49 -43.56 4.93
N GLY A 40 2.14 -43.73 3.81
CA GLY A 40 1.75 -42.97 2.60
C GLY A 40 2.52 -43.50 1.38
N GLN A 41 3.82 -43.38 1.39
CA GLN A 41 4.63 -43.88 0.24
C GLN A 41 4.13 -43.24 -1.06
N ASN A 42 4.84 -42.25 -1.55
CA ASN A 42 4.41 -41.58 -2.81
C ASN A 42 5.57 -40.73 -3.39
N PRO A 43 5.99 -39.74 -2.63
CA PRO A 43 7.10 -38.88 -3.09
C PRO A 43 8.42 -39.65 -3.02
N THR A 44 9.48 -39.09 -3.54
CA THR A 44 10.79 -39.80 -3.51
C THR A 44 11.82 -38.96 -2.74
N GLU A 45 13.06 -39.35 -2.78
CA GLU A 45 14.10 -38.57 -2.05
C GLU A 45 14.41 -37.28 -2.81
N ALA A 46 14.26 -37.29 -4.12
CA ALA A 46 14.55 -36.05 -4.91
C ALA A 46 13.42 -35.04 -4.71
N GLU A 47 12.20 -35.43 -5.02
CA GLU A 47 11.06 -34.49 -4.85
C GLU A 47 10.91 -34.11 -3.38
N LEU A 48 11.37 -34.95 -2.50
CA LEU A 48 11.28 -34.64 -1.04
C LEU A 48 12.23 -33.48 -0.69
N GLN A 49 13.48 -33.61 -1.04
CA GLN A 49 14.45 -32.52 -0.75
C GLN A 49 13.91 -31.20 -1.32
N ASP A 50 13.30 -31.25 -2.48
CA ASP A 50 12.76 -30.01 -3.09
C ASP A 50 11.57 -29.52 -2.25
N MET A 51 10.80 -30.43 -1.72
CA MET A 51 9.64 -30.01 -0.87
C MET A 51 10.14 -29.38 0.43
N ILE A 52 11.39 -29.60 0.77
CA ILE A 52 11.93 -29.00 2.02
C ILE A 52 12.49 -27.61 1.72
N ASN A 53 13.11 -27.44 0.58
CA ASN A 53 13.68 -26.10 0.24
C ASN A 53 12.59 -25.04 0.36
N GLU A 54 11.37 -25.37 0.01
CA GLU A 54 10.27 -24.36 0.09
C GLU A 54 9.92 -24.08 1.56
N VAL A 55 10.05 -25.07 2.42
CA VAL A 55 9.73 -24.84 3.87
C VAL A 55 10.86 -24.06 4.52
N ASP A 56 12.01 -24.68 4.65
CA ASP A 56 13.18 -23.99 5.27
C ASP A 56 13.32 -22.57 4.70
N ALA A 57 13.35 -21.58 5.55
CA ALA A 57 13.49 -20.18 5.05
C ALA A 57 14.88 -19.62 5.35
N ASP A 58 15.53 -20.13 6.36
CA ASP A 58 16.89 -19.61 6.70
C ASP A 58 17.90 -20.04 5.64
N GLY A 59 17.73 -21.21 5.08
CA GLY A 59 18.69 -21.69 4.03
C GLY A 59 19.81 -22.51 4.68
N ASN A 60 19.53 -23.74 5.04
CA ASN A 60 20.58 -24.58 5.66
C ASN A 60 20.43 -26.04 5.19
N GLY A 61 19.22 -26.56 5.16
CA GLY A 61 19.03 -27.96 4.69
C GLY A 61 18.12 -28.74 5.66
N THR A 62 17.60 -28.10 6.68
CA THR A 62 16.72 -28.85 7.62
C THR A 62 15.74 -27.89 8.33
N ILE A 63 14.75 -28.44 8.99
CA ILE A 63 13.75 -27.57 9.70
C ILE A 63 14.01 -27.62 11.21
N ASP A 64 13.78 -26.56 11.91
CA ASP A 64 14.02 -26.55 13.38
C ASP A 64 12.68 -26.60 14.13
N PHE A 65 12.72 -26.80 15.42
CA PHE A 65 11.46 -26.86 16.21
C PHE A 65 10.75 -25.50 16.24
N PRO A 66 11.50 -24.42 16.43
CA PRO A 66 10.89 -23.09 16.47
C PRO A 66 10.48 -22.64 15.06
N GLU A 67 11.14 -23.15 14.06
CA GLU A 67 10.78 -22.76 12.67
C GLU A 67 9.55 -23.55 12.23
N PHE A 68 9.36 -24.72 12.78
CA PHE A 68 8.18 -25.53 12.41
C PHE A 68 6.91 -24.95 13.05
N LEU A 69 6.88 -24.90 14.35
CA LEU A 69 5.69 -24.33 15.04
C LEU A 69 5.45 -22.90 14.56
N THR A 70 6.48 -22.15 14.35
CA THR A 70 6.31 -20.74 13.87
C THR A 70 5.89 -20.73 12.40
N MET A 71 6.23 -21.74 11.66
CA MET A 71 5.85 -21.78 10.22
C MET A 71 4.32 -21.82 10.08
N MET A 72 3.69 -22.72 10.78
CA MET A 72 2.21 -22.82 10.67
C MET A 72 1.51 -21.93 11.73
N ALA A 73 2.22 -21.47 12.72
CA ALA A 73 1.58 -20.61 13.76
C ALA A 73 1.69 -19.11 13.40
N ARG A 74 2.46 -18.78 12.39
CA ARG A 74 2.62 -17.34 12.02
C ARG A 74 1.52 -16.90 11.04
N LYS A 75 0.38 -17.52 11.07
CA LYS A 75 -0.72 -17.09 10.15
C LYS A 75 -1.57 -16.01 10.81
N MET A 76 -1.59 -14.83 10.24
CA MET A 76 -2.40 -13.73 10.84
C MET A 76 -2.78 -12.69 9.76
N LYS A 77 -3.66 -11.78 10.07
CA LYS A 77 -4.07 -10.76 9.07
C LYS A 77 -3.76 -9.34 9.57
N ASP A 78 -3.09 -9.22 10.70
CA ASP A 78 -2.74 -7.87 11.27
C ASP A 78 -3.87 -6.86 11.04
N THR A 79 -3.55 -5.60 10.97
CA THR A 79 -4.61 -4.57 10.76
C THR A 79 -4.28 -3.73 9.52
N ASP A 80 -5.29 -3.15 8.91
CA ASP A 80 -5.05 -2.31 7.69
C ASP A 80 -5.49 -0.86 7.96
N SER A 81 -4.72 0.10 7.51
CA SER A 81 -5.10 1.53 7.75
C SER A 81 -4.65 2.40 6.57
N GLU A 82 -3.40 2.79 6.55
CA GLU A 82 -2.90 3.63 5.43
C GLU A 82 -1.56 3.10 4.94
N GLU A 83 -1.56 2.32 3.89
CA GLU A 83 -0.28 1.77 3.38
C GLU A 83 -0.48 1.15 1.98
N GLU A 84 -0.59 1.98 0.97
CA GLU A 84 -0.80 1.44 -0.41
C GLU A 84 0.51 0.79 -0.93
N ILE A 85 1.52 1.59 -1.16
CA ILE A 85 2.81 1.03 -1.65
C ILE A 85 3.28 -0.10 -0.73
N ARG A 86 3.25 0.13 0.56
CA ARG A 86 3.69 -0.93 1.50
C ARG A 86 2.88 -2.20 1.24
N GLU A 87 1.59 -2.06 1.01
CA GLU A 87 0.75 -3.26 0.74
C GLU A 87 1.41 -4.09 -0.36
N ALA A 88 1.78 -3.47 -1.45
CA ALA A 88 2.44 -4.23 -2.53
C ALA A 88 3.62 -5.00 -1.97
N PHE A 89 4.40 -4.37 -1.15
CA PHE A 89 5.58 -5.06 -0.55
C PHE A 89 5.12 -6.36 0.13
N ARG A 90 4.00 -6.33 0.79
CA ARG A 90 3.51 -7.55 1.48
C ARG A 90 3.31 -8.68 0.47
N VAL A 91 2.60 -8.43 -0.59
CA VAL A 91 2.39 -9.50 -1.60
C VAL A 91 3.71 -9.82 -2.31
N PHE A 92 4.67 -8.94 -2.23
CA PHE A 92 5.99 -9.18 -2.88
C PHE A 92 7.04 -9.60 -1.83
N ASP A 93 6.63 -9.75 -0.60
CA ASP A 93 7.60 -10.14 0.47
C ASP A 93 6.89 -11.03 1.51
N LYS A 94 6.55 -12.23 1.14
CA LYS A 94 5.86 -13.14 2.09
C LYS A 94 6.80 -14.25 2.57
N ASP A 95 7.90 -13.90 3.17
CA ASP A 95 8.84 -14.94 3.67
C ASP A 95 9.38 -14.56 5.05
N GLY A 96 9.68 -13.31 5.28
CA GLY A 96 10.19 -12.91 6.64
C GLY A 96 11.39 -11.97 6.55
N ASN A 97 11.63 -11.33 5.43
CA ASN A 97 12.79 -10.41 5.35
C ASN A 97 12.35 -9.06 4.73
N GLY A 98 12.96 -8.65 3.65
CA GLY A 98 12.56 -7.35 3.02
C GLY A 98 13.24 -7.23 1.66
N TYR A 99 13.23 -8.28 0.88
CA TYR A 99 13.88 -8.20 -0.47
C TYR A 99 12.94 -8.77 -1.54
N ILE A 100 12.72 -8.04 -2.60
CA ILE A 100 11.82 -8.55 -3.68
C ILE A 100 12.64 -9.19 -4.78
N SER A 101 12.36 -10.43 -5.11
CA SER A 101 13.14 -11.12 -6.18
C SER A 101 12.24 -11.40 -7.39
N ALA A 102 12.82 -11.58 -8.54
CA ALA A 102 12.00 -11.86 -9.75
C ALA A 102 11.05 -13.03 -9.49
N ALA A 103 11.41 -13.90 -8.59
CA ALA A 103 10.53 -15.07 -8.29
C ALA A 103 9.27 -14.60 -7.57
N GLU A 104 9.42 -13.98 -6.44
CA GLU A 104 8.22 -13.49 -5.70
C GLU A 104 7.32 -12.67 -6.62
N LEU A 105 7.90 -11.87 -7.47
CA LEU A 105 7.08 -11.03 -8.39
C LEU A 105 6.20 -11.91 -9.26
N ARG A 106 6.74 -12.92 -9.88
CA ARG A 106 5.91 -13.81 -10.75
C ARG A 106 4.87 -14.56 -9.89
N HIS A 107 5.14 -14.69 -8.62
CA HIS A 107 4.19 -15.40 -7.72
C HIS A 107 2.94 -14.55 -7.50
N VAL A 108 3.09 -13.25 -7.44
CA VAL A 108 1.91 -12.37 -7.23
C VAL A 108 1.14 -12.19 -8.53
N MET A 109 1.83 -12.00 -9.62
CA MET A 109 1.13 -11.81 -10.93
C MET A 109 0.41 -13.10 -11.34
N THR A 110 1.12 -14.18 -11.43
CA THR A 110 0.49 -15.47 -11.82
C THR A 110 -0.81 -15.71 -11.03
N ASN A 111 -0.76 -15.55 -9.74
CA ASN A 111 -1.98 -15.77 -8.92
C ASN A 111 -3.10 -14.82 -9.37
N LEU A 112 -2.84 -13.54 -9.37
CA LEU A 112 -3.90 -12.58 -9.81
C LEU A 112 -4.44 -12.99 -11.19
N GLY A 113 -3.67 -12.80 -12.21
CA GLY A 113 -4.13 -13.18 -13.58
C GLY A 113 -3.32 -12.41 -14.64
N GLU A 114 -2.04 -12.27 -14.43
CA GLU A 114 -1.20 -11.55 -15.43
C GLU A 114 -0.08 -12.46 -15.94
N LYS A 115 -0.32 -13.13 -17.04
CA LYS A 115 0.73 -14.04 -17.59
C LYS A 115 1.84 -13.22 -18.23
N LEU A 116 3.00 -13.22 -17.66
CA LEU A 116 4.13 -12.44 -18.25
C LEU A 116 5.27 -13.39 -18.65
N THR A 117 6.31 -12.85 -19.24
CA THR A 117 7.46 -13.73 -19.65
C THR A 117 8.60 -13.62 -18.63
N ASP A 118 9.47 -14.59 -18.61
CA ASP A 118 10.60 -14.56 -17.63
C ASP A 118 11.47 -13.32 -17.86
N GLU A 119 11.74 -12.99 -19.09
CA GLU A 119 12.58 -11.80 -19.38
C GLU A 119 11.94 -10.52 -18.82
N GLU A 120 10.69 -10.30 -19.11
CA GLU A 120 10.02 -9.06 -18.59
C GLU A 120 10.17 -8.95 -17.07
N VAL A 121 9.82 -9.97 -16.35
CA VAL A 121 9.94 -9.92 -14.86
C VAL A 121 11.37 -9.57 -14.46
N ASP A 122 12.33 -10.33 -14.91
CA ASP A 122 13.74 -10.04 -14.55
C ASP A 122 14.11 -8.60 -14.91
N GLU A 123 13.44 -8.03 -15.89
CA GLU A 123 13.75 -6.64 -16.29
C GLU A 123 13.16 -5.65 -15.27
N MET A 124 12.02 -5.98 -14.72
CA MET A 124 11.39 -5.07 -13.73
C MET A 124 12.23 -5.01 -12.45
N ILE A 125 12.64 -6.15 -11.95
CA ILE A 125 13.47 -6.16 -10.71
C ILE A 125 14.81 -5.46 -10.96
N ARG A 126 15.45 -5.77 -12.06
CA ARG A 126 16.77 -5.13 -12.36
C ARG A 126 16.58 -3.60 -12.51
N GLU A 127 15.46 -3.18 -13.02
CA GLU A 127 15.23 -1.71 -13.18
C GLU A 127 15.10 -1.06 -11.80
N ALA A 128 14.54 -1.75 -10.85
CA ALA A 128 14.37 -1.16 -9.49
C ALA A 128 15.73 -1.04 -8.79
N ASP A 129 16.56 -2.05 -8.90
CA ASP A 129 17.90 -1.99 -8.24
C ASP A 129 18.68 -0.76 -8.71
N ILE A 130 18.57 0.34 -8.01
CA ILE A 130 19.30 1.56 -8.42
C ILE A 130 20.82 1.34 -8.33
N ASP A 131 21.24 0.52 -7.41
CA ASP A 131 22.71 0.27 -7.28
C ASP A 131 23.08 -1.09 -7.89
N GLY A 132 22.12 -1.95 -8.08
CA GLY A 132 22.42 -3.28 -8.68
C GLY A 132 23.05 -4.20 -7.63
N ASP A 133 22.26 -4.71 -6.73
CA ASP A 133 22.82 -5.62 -5.68
C ASP A 133 22.36 -7.06 -5.93
N GLY A 134 21.08 -7.24 -6.12
CA GLY A 134 20.54 -8.60 -6.37
C GLY A 134 19.06 -8.63 -6.01
N GLN A 135 18.63 -7.73 -5.16
CA GLN A 135 17.19 -7.69 -4.77
C GLN A 135 16.73 -6.24 -4.59
N VAL A 136 15.45 -6.00 -4.72
CA VAL A 136 14.94 -4.61 -4.55
C VAL A 136 14.52 -4.36 -3.10
N ASN A 137 15.28 -3.57 -2.38
CA ASN A 137 14.93 -3.29 -0.96
C ASN A 137 13.87 -2.18 -0.88
N TYR A 138 13.26 -2.02 0.26
CA TYR A 138 12.19 -0.98 0.41
C TYR A 138 12.62 0.37 -0.21
N GLU A 139 13.88 0.71 -0.15
CA GLU A 139 14.31 2.01 -0.73
C GLU A 139 14.13 2.03 -2.24
N GLU A 140 14.86 1.23 -2.96
CA GLU A 140 14.72 1.21 -4.44
C GLU A 140 13.26 1.00 -4.84
N PHE A 141 12.50 0.37 -3.98
CA PHE A 141 11.06 0.13 -4.30
C PHE A 141 10.30 1.46 -4.30
N VAL A 142 10.59 2.33 -3.37
CA VAL A 142 9.89 3.64 -3.32
C VAL A 142 10.52 4.64 -4.31
N GLN A 143 11.73 4.38 -4.71
CA GLN A 143 12.41 5.32 -5.65
C GLN A 143 11.96 5.05 -7.10
N MET A 144 11.57 3.85 -7.40
CA MET A 144 11.13 3.54 -8.79
C MET A 144 9.65 3.89 -8.98
N MET A 145 8.91 3.97 -7.90
CA MET A 145 7.46 4.30 -8.02
C MET A 145 7.26 5.83 -7.97
N THR A 146 7.98 6.50 -7.12
CA THR A 146 7.82 7.99 -7.03
C THR A 146 8.20 8.65 -8.36
N ALA A 147 9.46 8.61 -8.71
CA ALA A 147 9.89 9.24 -9.99
C ALA A 147 11.35 8.89 -10.29
N LYS A 148 11.89 9.39 -11.37
CA LYS A 148 13.30 9.08 -11.70
C LYS A 148 14.24 9.60 -10.60
CA CA B . 15.40 -35.91 13.54
CA CA C . 15.66 -24.05 8.46
CA CA D . 11.07 -11.64 0.26
CA CA E . 19.48 -3.46 -5.08
S1 WW7 F . 2.60 -30.81 7.21
O1 WW7 F . 2.14 -30.79 5.85
O2 WW7 F . 2.18 -29.78 8.12
N1 WW7 F . 1.94 -32.28 7.86
C4 WW7 F . 7.25 -31.45 7.69
C3 WW7 F . 6.30 -31.80 8.72
C2 WW7 F . 4.87 -31.60 8.53
C1 WW7 F . 4.35 -31.03 7.29
C9 WW7 F . 5.29 -30.65 6.22
C10 WW7 F . 6.78 -30.88 6.43
CL1 WW7 F . 9.42 -30.77 5.50
C5 WW7 F . 7.71 -30.53 5.37
C6 WW7 F . 7.22 -29.96 4.13
C7 WW7 F . 5.78 -29.73 3.92
C8 WW7 F . 4.82 -30.07 4.96
C11 WW7 F . 2.33 -33.51 7.21
C12 WW7 F . 2.39 -34.71 8.15
C14 WW7 F . 2.97 -37.14 8.35
C13 WW7 F . 2.82 -35.96 7.38
C15 WW7 F . 1.64 -37.40 9.04
C16 WW7 F . 1.78 -38.58 10.00
N2 WW7 F . 0.56 -38.89 10.74
HN1 WW7 F . 0.93 -32.22 7.92
H4 WW7 F . 8.31 -31.61 7.84
H3 WW7 F . 6.67 -32.20 9.65
H2 WW7 F . 4.16 -31.88 9.29
H6 WW7 F . 7.93 -29.70 3.35
H7 WW7 F . 5.44 -29.29 3.00
H8 WW7 F . 3.78 -29.90 4.78
H111 WW7 F . 1.64 -33.70 6.41
H112 WW7 F . 3.32 -33.34 6.79
H121 WW7 F . 3.09 -34.52 8.95
H122 WW7 F . 1.40 -34.88 8.58
H141 WW7 F . 3.72 -36.91 9.08
H142 WW7 F . 3.27 -38.01 7.79
H131 WW7 F . 2.09 -36.20 6.62
H132 WW7 F . 3.77 -35.76 6.90
H151 WW7 F . 1.35 -36.52 9.59
H152 WW7 F . 0.88 -37.63 8.30
H161 WW7 F . 2.55 -38.36 10.73
H162 WW7 F . 2.06 -39.46 9.44
HN21 WW7 F . 0.70 -39.71 11.31
HN22 WW7 F . 0.33 -38.13 11.37
S1 WW7 G . 4.16 -2.93 -10.16
O1 WW7 G . 3.96 -3.51 -11.44
O2 WW7 G . 4.36 -1.51 -10.04
N1 WW7 G . 2.68 -3.25 -9.30
C4 WW7 G . 7.64 -5.31 -8.02
C3 WW7 G . 6.24 -5.58 -7.71
C2 WW7 G . 5.16 -4.82 -8.36
C1 WW7 G . 5.48 -3.78 -9.34
C9 WW7 G . 6.87 -3.50 -9.68
C10 WW7 G . 7.98 -4.29 -9.00
CL1 WW7 G . 10.69 -4.86 -8.63
C5 WW7 G . 9.37 -4.01 -9.34
C6 WW7 G . 9.68 -3.00 -10.33
C7 WW7 G . 8.61 -2.24 -10.98
C8 WW7 G . 7.22 -2.48 -10.66
C11 WW7 G . 2.50 -2.71 -7.95
C12 WW7 G . 2.49 -1.18 -7.91
C14 WW7 G . 0.79 -1.19 -6.08
C13 WW7 G . 2.17 -0.69 -6.49
C15 WW7 G . 0.45 -0.66 -4.69
C16 WW7 G . -0.93 -1.17 -4.26
N2 WW7 G . -0.99 -2.64 -4.20
HN1 WW7 G . 2.49 -4.24 -9.32
H4 WW7 G . 8.43 -5.86 -7.54
H3 WW7 G . 6.01 -6.35 -7.00
H2 WW7 G . 4.13 -5.03 -8.12
H6 WW7 G . 10.72 -2.81 -10.56
H7 WW7 G . 8.87 -1.48 -11.70
H8 WW7 G . 6.42 -1.94 -11.15
H111 WW7 G . 1.54 -3.09 -7.60
H112 WW7 G . 3.29 -3.08 -7.32
H121 WW7 G . 3.46 -0.80 -8.21
H122 WW7 G . 1.73 -0.80 -8.59
H141 WW7 G . 0.78 -2.27 -6.06
H142 WW7 G . 0.05 -0.83 -6.79
H131 WW7 G . 2.92 -1.08 -5.81
H132 WW7 G . 2.20 0.39 -6.47
H151 WW7 G . 1.20 -1.00 -3.98
H152 WW7 G . 0.43 0.42 -4.70
H161 WW7 G . -1.67 -0.85 -4.98
H162 WW7 G . -1.17 -0.80 -3.28
HN21 WW7 G . -0.63 -3.06 -5.04
HN22 WW7 G . -1.95 -2.96 -4.11
N ALA A 1 -16.11 30.59 -3.11
CA ALA A 1 -15.79 31.21 -1.79
C ALA A 1 -14.82 32.39 -1.99
N ASP A 2 -14.25 32.89 -0.92
CA ASP A 2 -13.29 34.03 -1.04
C ASP A 2 -11.90 33.61 -0.58
N GLN A 3 -11.09 33.11 -1.45
CA GLN A 3 -9.71 32.69 -1.06
C GLN A 3 -8.88 32.33 -2.30
N LEU A 4 -9.46 31.60 -3.21
CA LEU A 4 -8.71 31.22 -4.45
C LEU A 4 -9.60 31.42 -5.67
N THR A 5 -9.08 32.07 -6.69
CA THR A 5 -9.90 32.30 -7.91
C THR A 5 -9.02 32.87 -9.04
N GLU A 6 -8.44 34.02 -8.83
CA GLU A 6 -7.58 34.63 -9.88
C GLU A 6 -6.14 34.16 -9.74
N GLU A 7 -5.75 33.75 -8.56
CA GLU A 7 -4.34 33.28 -8.37
C GLU A 7 -4.02 32.16 -9.35
N GLN A 8 -4.82 31.13 -9.36
CA GLN A 8 -4.56 30.01 -10.32
C GLN A 8 -4.39 30.56 -11.74
N ILE A 9 -5.24 31.47 -12.14
CA ILE A 9 -5.12 32.05 -13.51
C ILE A 9 -3.70 32.57 -13.71
N ALA A 10 -3.15 33.20 -12.72
CA ALA A 10 -1.77 33.74 -12.85
C ALA A 10 -0.79 32.61 -13.14
N GLU A 11 -0.92 31.51 -12.45
CA GLU A 11 0.00 30.36 -12.68
C GLU A 11 -0.01 29.99 -14.17
N PHE A 12 -1.17 29.80 -14.73
CA PHE A 12 -1.25 29.44 -16.18
C PHE A 12 -0.62 30.56 -17.02
N LYS A 13 -0.76 31.78 -16.60
CA LYS A 13 -0.17 32.91 -17.37
C LYS A 13 1.36 32.81 -17.35
N GLU A 14 1.90 32.22 -16.32
CA GLU A 14 3.39 32.09 -16.25
C GLU A 14 3.88 31.03 -17.25
N ALA A 15 3.31 29.86 -17.19
CA ALA A 15 3.74 28.78 -18.14
C ALA A 15 3.52 29.25 -19.58
N PHE A 16 2.49 30.01 -19.82
CA PHE A 16 2.22 30.50 -21.20
C PHE A 16 3.31 31.47 -21.63
N SER A 17 3.55 32.49 -20.86
CA SER A 17 4.61 33.47 -21.22
C SER A 17 5.96 32.75 -21.40
N LEU A 18 6.09 31.59 -20.82
CA LEU A 18 7.37 30.84 -20.96
C LEU A 18 7.43 30.16 -22.33
N PHE A 19 6.31 29.70 -22.81
CA PHE A 19 6.29 29.02 -24.14
C PHE A 19 6.54 30.03 -25.26
N ASP A 20 5.74 31.07 -25.33
CA ASP A 20 5.94 32.09 -26.40
C ASP A 20 7.36 32.64 -26.37
N LYS A 21 8.14 32.36 -27.37
CA LYS A 21 9.54 32.87 -27.40
C LYS A 21 9.70 33.96 -28.47
N ASP A 22 8.88 34.97 -28.42
CA ASP A 22 8.98 36.05 -29.45
C ASP A 22 8.25 37.32 -28.97
N GLY A 23 7.14 37.16 -28.31
CA GLY A 23 6.40 38.36 -27.82
C GLY A 23 5.17 38.60 -28.72
N ASP A 24 4.52 37.55 -29.11
CA ASP A 24 3.31 37.71 -29.99
C ASP A 24 2.03 37.52 -29.17
N GLY A 25 1.79 36.32 -28.70
CA GLY A 25 0.56 36.07 -27.90
C GLY A 25 -0.13 34.76 -28.34
N THR A 26 0.61 33.86 -28.94
CA THR A 26 -0.01 32.56 -29.38
C THR A 26 1.07 31.48 -29.43
N ILE A 27 0.74 30.26 -29.09
CA ILE A 27 1.76 29.17 -29.13
C ILE A 27 1.66 28.39 -30.44
N THR A 28 2.61 28.59 -31.32
CA THR A 28 2.58 27.85 -32.62
C THR A 28 3.58 26.70 -32.61
N THR A 29 3.71 26.00 -33.71
CA THR A 29 4.67 24.86 -33.75
C THR A 29 6.12 25.38 -33.68
N LYS A 30 6.35 26.59 -34.11
CA LYS A 30 7.73 27.15 -34.06
C LYS A 30 8.13 27.38 -32.59
N GLU A 31 7.43 28.24 -31.91
CA GLU A 31 7.77 28.50 -30.48
C GLU A 31 7.74 27.20 -29.70
N LEU A 32 6.65 26.48 -29.74
CA LEU A 32 6.58 25.19 -29.02
C LEU A 32 7.69 24.27 -29.51
N GLY A 33 8.16 24.49 -30.70
CA GLY A 33 9.26 23.64 -31.24
C GLY A 33 10.50 23.82 -30.37
N THR A 34 10.84 25.03 -30.05
CA THR A 34 12.03 25.27 -29.19
C THR A 34 11.68 25.00 -27.73
N VAL A 35 10.42 24.92 -27.41
CA VAL A 35 10.01 24.67 -25.99
C VAL A 35 10.16 23.17 -25.66
N MET A 36 9.89 22.31 -26.59
CA MET A 36 10.01 20.84 -26.33
C MET A 36 11.42 20.35 -26.70
N ARG A 37 11.98 20.85 -27.76
CA ARG A 37 13.35 20.39 -28.17
C ARG A 37 14.42 21.00 -27.25
N SER A 38 14.24 22.23 -26.83
CA SER A 38 15.27 22.86 -25.95
C SER A 38 15.12 22.32 -24.52
N LEU A 39 13.96 21.85 -24.17
CA LEU A 39 13.76 21.31 -22.79
C LEU A 39 13.35 19.83 -22.86
N GLY A 40 14.14 19.02 -23.49
CA GLY A 40 13.79 17.56 -23.58
C GLY A 40 14.01 17.08 -25.02
N GLN A 41 15.20 17.22 -25.52
CA GLN A 41 15.48 16.76 -26.92
C GLN A 41 14.95 15.34 -27.13
N ASN A 42 13.86 15.20 -27.82
CA ASN A 42 13.29 13.84 -28.08
C ASN A 42 12.35 13.88 -29.30
N PRO A 43 11.27 14.61 -29.18
CA PRO A 43 10.30 14.72 -30.29
C PRO A 43 10.88 15.60 -31.41
N THR A 44 10.15 15.81 -32.46
CA THR A 44 10.67 16.65 -33.56
C THR A 44 9.60 17.64 -34.03
N GLU A 45 9.86 18.40 -35.06
CA GLU A 45 8.84 19.37 -35.55
C GLU A 45 7.57 18.64 -35.98
N ALA A 46 7.70 17.53 -36.65
CA ALA A 46 6.50 16.77 -37.09
C ALA A 46 5.76 16.20 -35.88
N GLU A 47 6.34 15.23 -35.21
CA GLU A 47 5.67 14.63 -34.02
C GLU A 47 5.13 15.73 -33.11
N LEU A 48 5.72 16.89 -33.15
CA LEU A 48 5.24 18.01 -32.30
C LEU A 48 3.89 18.51 -32.81
N GLN A 49 3.79 18.77 -34.10
CA GLN A 49 2.48 19.24 -34.65
C GLN A 49 1.38 18.28 -34.25
N ASP A 50 1.65 17.00 -34.29
CA ASP A 50 0.62 16.01 -33.87
C ASP A 50 0.37 16.17 -32.37
N MET A 51 1.39 16.48 -31.63
CA MET A 51 1.24 16.67 -30.16
C MET A 51 0.42 17.93 -29.90
N ILE A 52 0.26 18.77 -30.89
CA ILE A 52 -0.54 20.02 -30.71
C ILE A 52 -2.02 19.73 -31.02
N ASN A 53 -2.28 18.87 -31.97
CA ASN A 53 -3.70 18.56 -32.32
C ASN A 53 -4.50 18.17 -31.07
N GLU A 54 -3.94 17.34 -30.24
CA GLU A 54 -4.67 16.91 -29.01
C GLU A 54 -5.05 18.13 -28.17
N VAL A 55 -4.23 19.14 -28.16
CA VAL A 55 -4.55 20.36 -27.35
C VAL A 55 -5.46 21.29 -28.15
N ASP A 56 -4.94 21.93 -29.16
CA ASP A 56 -5.78 22.86 -29.97
C ASP A 56 -7.00 22.13 -30.52
N ALA A 57 -8.18 22.62 -30.25
CA ALA A 57 -9.41 21.95 -30.77
C ALA A 57 -10.07 22.80 -31.85
N ASP A 58 -9.47 23.89 -32.23
CA ASP A 58 -10.09 24.76 -33.29
C ASP A 58 -9.78 24.20 -34.68
N GLY A 59 -8.73 23.43 -34.80
CA GLY A 59 -8.39 22.84 -36.13
C GLY A 59 -7.61 23.87 -36.96
N ASN A 60 -7.12 24.91 -36.35
CA ASN A 60 -6.37 25.94 -37.12
C ASN A 60 -4.87 25.60 -37.10
N GLY A 61 -4.36 25.11 -36.01
CA GLY A 61 -2.91 24.75 -35.94
C GLY A 61 -2.30 25.30 -34.65
N THR A 62 -2.47 26.57 -34.38
CA THR A 62 -1.88 27.15 -33.13
C THR A 62 -2.94 27.31 -32.05
N ILE A 63 -2.53 27.57 -30.83
CA ILE A 63 -3.51 27.74 -29.72
C ILE A 63 -3.45 29.18 -29.19
N ASP A 64 -4.50 29.64 -28.57
CA ASP A 64 -4.50 31.04 -28.04
C ASP A 64 -4.53 31.04 -26.51
N PHE A 65 -4.67 32.19 -25.92
CA PHE A 65 -4.70 32.28 -24.44
C PHE A 65 -5.93 31.55 -23.82
N PRO A 66 -7.09 31.72 -24.44
CA PRO A 66 -8.31 31.07 -23.91
C PRO A 66 -8.27 29.56 -24.14
N GLU A 67 -7.69 29.12 -25.23
CA GLU A 67 -7.61 27.65 -25.49
C GLU A 67 -6.62 27.03 -24.52
N PHE A 68 -5.64 27.79 -24.13
CA PHE A 68 -4.62 27.28 -23.19
C PHE A 68 -5.23 27.18 -21.78
N LEU A 69 -5.96 28.18 -21.40
CA LEU A 69 -6.59 28.16 -20.05
C LEU A 69 -7.82 27.24 -20.04
N THR A 70 -8.28 26.83 -21.18
CA THR A 70 -9.47 25.94 -21.22
C THR A 70 -9.03 24.46 -21.18
N MET A 71 -7.86 24.17 -21.67
CA MET A 71 -7.40 22.74 -21.68
C MET A 71 -6.61 22.42 -20.40
N MET A 72 -5.84 23.35 -19.90
CA MET A 72 -5.02 23.08 -18.67
C MET A 72 -5.78 23.47 -17.39
N ALA A 73 -6.87 24.17 -17.49
CA ALA A 73 -7.61 24.59 -16.26
C ALA A 73 -8.58 23.47 -15.81
N ARG A 74 -8.98 22.62 -16.69
CA ARG A 74 -9.93 21.54 -16.29
C ARG A 74 -9.20 20.46 -15.49
N LYS A 75 -8.12 19.95 -15.99
CA LYS A 75 -7.37 18.90 -15.24
C LYS A 75 -6.56 19.53 -14.11
N MET A 76 -6.54 18.92 -12.96
CA MET A 76 -5.77 19.49 -11.81
C MET A 76 -5.80 18.52 -10.61
N LYS A 77 -4.67 18.30 -10.00
CA LYS A 77 -4.62 17.38 -8.83
C LYS A 77 -4.84 18.15 -7.52
N ASP A 78 -4.55 17.53 -6.41
CA ASP A 78 -4.73 18.21 -5.10
C ASP A 78 -3.95 17.47 -4.01
N THR A 79 -4.30 16.24 -3.76
CA THR A 79 -3.60 15.45 -2.70
C THR A 79 -2.66 14.43 -3.38
N ASP A 80 -1.38 14.52 -3.13
CA ASP A 80 -0.44 13.56 -3.76
C ASP A 80 0.18 12.64 -2.70
N SER A 81 -0.61 11.80 -2.10
CA SER A 81 -0.08 10.88 -1.06
C SER A 81 -0.64 9.47 -1.26
N GLU A 82 0.01 8.47 -0.75
CA GLU A 82 -0.50 7.09 -0.91
C GLU A 82 0.26 6.14 0.01
N GLU A 83 -0.38 5.09 0.45
CA GLU A 83 0.31 4.12 1.34
C GLU A 83 0.08 2.70 0.84
N GLU A 84 -0.19 2.55 -0.43
CA GLU A 84 -0.41 1.18 -0.99
C GLU A 84 0.92 0.45 -1.18
N ILE A 85 2.00 1.19 -1.35
CA ILE A 85 3.32 0.52 -1.54
C ILE A 85 3.50 -0.57 -0.46
N ARG A 86 3.00 -0.33 0.73
CA ARG A 86 3.13 -1.36 1.80
C ARG A 86 2.45 -2.66 1.36
N GLU A 87 1.25 -2.57 0.86
CA GLU A 87 0.54 -3.80 0.40
C GLU A 87 1.42 -4.55 -0.61
N ALA A 88 2.05 -3.82 -1.49
CA ALA A 88 2.93 -4.49 -2.49
C ALA A 88 4.03 -5.27 -1.79
N PHE A 89 4.65 -4.66 -0.82
CA PHE A 89 5.74 -5.36 -0.08
C PHE A 89 5.16 -6.58 0.66
N ARG A 90 3.88 -6.59 0.90
CA ARG A 90 3.26 -7.73 1.62
C ARG A 90 3.16 -8.97 0.72
N VAL A 91 2.65 -8.82 -0.47
CA VAL A 91 2.52 -10.00 -1.39
C VAL A 91 3.88 -10.39 -1.98
N PHE A 92 4.68 -9.45 -2.37
CA PHE A 92 6.01 -9.78 -2.97
C PHE A 92 6.99 -10.31 -1.92
N ASP A 93 6.84 -9.90 -0.69
CA ASP A 93 7.78 -10.40 0.37
C ASP A 93 7.04 -11.33 1.33
N LYS A 94 6.35 -12.31 0.83
CA LYS A 94 5.61 -13.25 1.71
C LYS A 94 6.56 -14.34 2.24
N ASP A 95 7.82 -14.27 1.91
CA ASP A 95 8.78 -15.31 2.39
C ASP A 95 9.32 -14.94 3.78
N GLY A 96 9.55 -13.67 4.02
CA GLY A 96 10.06 -13.24 5.34
C GLY A 96 11.56 -12.91 5.23
N ASN A 97 11.95 -12.15 4.25
CA ASN A 97 13.39 -11.79 4.10
C ASN A 97 13.56 -10.27 4.11
N GLY A 98 12.62 -9.54 3.60
CA GLY A 98 12.74 -8.05 3.59
C GLY A 98 13.19 -7.56 2.21
N TYR A 99 13.10 -8.38 1.21
CA TYR A 99 13.52 -7.94 -0.16
C TYR A 99 12.62 -8.55 -1.23
N ILE A 100 12.63 -7.99 -2.40
CA ILE A 100 11.77 -8.55 -3.49
C ILE A 100 12.66 -9.25 -4.52
N SER A 101 12.47 -10.53 -4.69
CA SER A 101 13.30 -11.27 -5.68
C SER A 101 12.49 -11.51 -6.96
N ALA A 102 13.14 -11.83 -8.03
CA ALA A 102 12.39 -12.07 -9.31
C ALA A 102 11.37 -13.20 -9.11
N ALA A 103 11.79 -14.31 -8.57
CA ALA A 103 10.84 -15.45 -8.36
C ALA A 103 9.56 -14.96 -7.63
N GLU A 104 9.73 -14.25 -6.54
CA GLU A 104 8.54 -13.75 -5.80
C GLU A 104 7.66 -12.89 -6.71
N LEU A 105 8.27 -12.00 -7.44
CA LEU A 105 7.49 -11.11 -8.35
C LEU A 105 6.71 -11.95 -9.36
N ARG A 106 7.16 -13.15 -9.63
CA ARG A 106 6.44 -14.02 -10.61
C ARG A 106 5.20 -14.65 -9.96
N HIS A 107 5.32 -15.12 -8.75
CA HIS A 107 4.15 -15.75 -8.06
C HIS A 107 3.08 -14.69 -7.75
N VAL A 108 3.48 -13.47 -7.52
CA VAL A 108 2.48 -12.41 -7.21
C VAL A 108 1.75 -12.00 -8.49
N MET A 109 2.47 -11.74 -9.55
CA MET A 109 1.81 -11.33 -10.82
C MET A 109 0.96 -12.47 -11.37
N THR A 110 1.08 -13.66 -10.82
CA THR A 110 0.25 -14.80 -11.33
C THR A 110 -1.08 -14.86 -10.55
N ASN A 111 -1.09 -14.38 -9.33
CA ASN A 111 -2.35 -14.40 -8.52
C ASN A 111 -3.18 -13.13 -8.79
N LEU A 112 -2.58 -11.98 -8.65
CA LEU A 112 -3.33 -10.71 -8.90
C LEU A 112 -4.10 -10.81 -10.23
N GLY A 113 -3.39 -10.74 -11.32
CA GLY A 113 -4.07 -10.82 -12.65
C GLY A 113 -3.13 -10.30 -13.74
N GLU A 114 -1.87 -10.64 -13.66
CA GLU A 114 -0.90 -10.17 -14.70
C GLU A 114 -0.24 -11.36 -15.39
N LYS A 115 -0.38 -11.45 -16.69
CA LYS A 115 0.25 -12.58 -17.44
C LYS A 115 1.46 -12.08 -18.24
N LEU A 116 2.48 -11.65 -17.56
CA LEU A 116 3.70 -11.15 -18.27
C LEU A 116 4.66 -12.29 -18.56
N THR A 117 5.64 -12.06 -19.38
CA THR A 117 6.62 -13.14 -19.71
C THR A 117 7.74 -13.16 -18.66
N ASP A 118 8.48 -14.23 -18.60
CA ASP A 118 9.60 -14.31 -17.60
C ASP A 118 10.62 -13.20 -17.84
N GLU A 119 11.13 -13.11 -19.04
CA GLU A 119 12.13 -12.05 -19.34
C GLU A 119 11.65 -10.70 -18.81
N GLU A 120 10.38 -10.41 -18.96
CA GLU A 120 9.85 -9.10 -18.47
C GLU A 120 10.13 -8.94 -16.97
N VAL A 121 9.65 -9.83 -16.15
CA VAL A 121 9.88 -9.71 -14.68
C VAL A 121 11.36 -9.43 -14.40
N ASP A 122 12.25 -10.06 -15.13
CA ASP A 122 13.69 -9.82 -14.90
C ASP A 122 14.04 -8.37 -15.20
N GLU A 123 13.53 -7.83 -16.27
CA GLU A 123 13.82 -6.41 -16.61
C GLU A 123 13.14 -5.47 -15.62
N MET A 124 12.13 -5.95 -14.93
CA MET A 124 11.43 -5.08 -13.94
C MET A 124 12.27 -4.97 -12.66
N ILE A 125 12.76 -6.06 -12.16
CA ILE A 125 13.58 -6.02 -10.92
C ILE A 125 14.88 -5.25 -11.18
N ARG A 126 15.37 -5.29 -12.40
CA ARG A 126 16.63 -4.56 -12.71
C ARG A 126 16.35 -3.06 -12.83
N GLU A 127 15.42 -2.67 -13.66
CA GLU A 127 15.11 -1.23 -13.82
C GLU A 127 14.77 -0.62 -12.45
N ALA A 128 14.16 -1.38 -11.60
CA ALA A 128 13.81 -0.84 -10.25
C ALA A 128 15.06 -0.75 -9.38
N ASP A 129 15.94 -1.71 -9.50
CA ASP A 129 17.19 -1.68 -8.68
C ASP A 129 17.96 -0.38 -8.96
N ILE A 130 17.77 0.62 -8.14
CA ILE A 130 18.48 1.90 -8.36
C ILE A 130 20.00 1.69 -8.26
N ASP A 131 20.45 1.00 -7.25
CA ASP A 131 21.92 0.77 -7.11
C ASP A 131 22.34 -0.48 -7.91
N GLY A 132 21.40 -1.34 -8.22
CA GLY A 132 21.74 -2.56 -9.01
C GLY A 132 22.61 -3.51 -8.19
N ASP A 133 22.09 -4.05 -7.13
CA ASP A 133 22.90 -5.01 -6.31
C ASP A 133 22.55 -6.45 -6.70
N GLY A 134 21.31 -6.69 -7.00
CA GLY A 134 20.87 -8.07 -7.39
C GLY A 134 19.41 -8.25 -6.99
N GLN A 135 18.98 -7.55 -5.97
CA GLN A 135 17.56 -7.67 -5.53
C GLN A 135 17.00 -6.27 -5.21
N VAL A 136 15.71 -6.15 -5.01
CA VAL A 136 15.13 -4.81 -4.71
C VAL A 136 14.91 -4.63 -3.21
N ASN A 137 15.08 -3.43 -2.71
CA ASN A 137 14.88 -3.19 -1.25
C ASN A 137 13.59 -2.41 -1.01
N TYR A 138 13.26 -2.13 0.22
CA TYR A 138 12.01 -1.38 0.52
C TYR A 138 12.13 0.08 0.05
N GLU A 139 13.24 0.71 0.32
CA GLU A 139 13.42 2.13 -0.11
C GLU A 139 13.53 2.21 -1.64
N GLU A 140 14.10 1.22 -2.26
CA GLU A 140 14.23 1.25 -3.74
C GLU A 140 12.86 1.04 -4.39
N PHE A 141 12.03 0.23 -3.81
CA PHE A 141 10.68 -0.01 -4.39
C PHE A 141 9.79 1.23 -4.24
N VAL A 142 9.96 1.97 -3.17
CA VAL A 142 9.12 3.18 -2.97
C VAL A 142 9.63 4.35 -3.83
N GLN A 143 10.90 4.38 -4.11
CA GLN A 143 11.45 5.51 -4.93
C GLN A 143 11.58 5.12 -6.41
N MET A 144 11.40 3.87 -6.75
CA MET A 144 11.53 3.46 -8.18
C MET A 144 10.17 3.58 -8.88
N MET A 145 9.10 3.37 -8.18
CA MET A 145 7.76 3.47 -8.81
C MET A 145 7.28 4.93 -8.78
N THR A 146 7.36 5.56 -7.64
CA THR A 146 6.92 6.97 -7.55
C THR A 146 7.76 7.85 -8.48
N ALA A 147 7.12 8.61 -9.34
CA ALA A 147 7.89 9.48 -10.28
C ALA A 147 7.19 10.83 -10.43
N LYS A 148 6.73 11.40 -9.36
CA LYS A 148 6.04 12.73 -9.44
C LYS A 148 6.48 13.64 -8.29
CA CA B . 3.71 34.09 -30.27
CA CA C . -6.83 26.74 -31.68
CA CA D . 10.91 -11.33 -0.04
CA CA E . 19.27 -2.98 -4.91
S1 WW7 F . 2.36 20.15 -21.54
O1 WW7 F . 1.88 18.84 -21.88
O2 WW7 F . 1.92 20.76 -20.31
N1 WW7 F . 4.07 19.96 -21.33
C4 WW7 F . 1.94 23.50 -24.84
C3 WW7 F . 2.29 23.79 -23.46
C2 WW7 F . 2.39 22.72 -22.48
C1 WW7 F . 2.15 21.33 -22.84
C9 WW7 F . 1.79 21.00 -24.23
C10 WW7 F . 1.67 22.12 -25.25
CL1 WW7 F . 1.12 23.03 -27.84
C5 WW7 F . 1.31 21.81 -26.63
C6 WW7 F . 1.06 20.43 -27.02
C7 WW7 F . 1.17 19.34 -26.05
C8 WW7 F . 1.53 19.62 -24.66
C11 WW7 F . 4.86 21.19 -21.28
C12 WW7 F . 6.11 21.06 -20.41
C14 WW7 F . 8.14 22.25 -19.58
C13 WW7 F . 6.89 22.37 -20.45
C15 WW7 F . 8.91 23.58 -19.61
C16 WW7 F . 10.16 23.46 -18.74
N2 WW7 F . 10.97 24.68 -18.73
HN1 WW7 F . 4.25 19.37 -20.52
H4 WW7 F . 1.85 24.30 -25.55
H3 WW7 F . 2.48 24.81 -23.17
H2 WW7 F . 2.68 22.96 -21.47
H6 WW7 F . 0.78 20.21 -28.05
H7 WW7 F . 0.98 18.32 -26.35
H8 WW7 F . 1.60 18.79 -23.99
H111 WW7 F . 5.15 21.43 -22.29
H112 WW7 F . 4.22 21.96 -20.89
H121 WW7 F . 5.83 20.84 -19.39
H122 WW7 F . 6.74 20.26 -20.78
H141 WW7 F . 8.76 21.46 -19.95
H142 WW7 F . 7.85 22.04 -18.56
H131 WW7 F . 7.18 22.59 -21.47
H132 WW7 F . 6.26 23.18 -20.08
H151 WW7 F . 9.21 23.80 -20.64
H152 WW7 F . 8.29 24.37 -19.25
H161 WW7 F . 10.79 22.67 -19.12
H162 WW7 F . 9.87 23.24 -17.73
HN21 WW7 F . 10.49 25.40 -18.19
HN22 WW7 F . 11.85 24.52 -18.28
S1 WW7 G . 4.56 -3.59 -10.45
O1 WW7 G . 4.71 -4.37 -11.64
O2 WW7 G . 4.47 -2.16 -10.55
N1 WW7 G . 3.05 -4.09 -9.79
C4 WW7 G . 8.00 -4.87 -7.47
C3 WW7 G . 6.60 -5.07 -7.14
C2 WW7 G . 5.54 -4.66 -8.06
C1 WW7 G . 5.86 -4.03 -9.33
C9 WW7 G . 7.25 -3.80 -9.70
C10 WW7 G . 8.35 -4.24 -8.74
CL1 WW7 G . 11.06 -4.44 -8.07
C5 WW7 G . 9.74 -4.00 -9.10
C6 WW7 G . 10.07 -3.37 -10.38
C7 WW7 G . 9.01 -2.96 -11.29
C8 WW7 G . 7.60 -3.17 -10.95
C11 WW7 G . 2.44 -3.26 -8.75
C12 WW7 G . 1.68 -2.07 -9.36
C14 WW7 G . 0.25 -0.09 -8.84
C13 WW7 G . 1.02 -1.26 -8.23
C15 WW7 G . -0.87 -0.62 -9.75
C16 WW7 G . -1.68 0.55 -10.29
N2 WW7 G . -2.77 0.12 -11.17
HN1 WW7 G . 2.38 -4.20 -10.53
H4 WW7 G . 8.77 -5.19 -6.80
H3 WW7 G . 6.37 -5.54 -6.20
H2 WW7 G . 4.50 -4.83 -7.79
H6 WW7 G . 11.09 -3.20 -10.62
H7 WW7 G . 9.27 -2.49 -12.22
H8 WW7 G . 6.83 -2.86 -11.65
H111 WW7 G . 1.75 -3.87 -8.19
H112 WW7 G . 3.21 -2.89 -8.09
H121 WW7 G . 2.37 -1.44 -9.90
H122 WW7 G . 0.91 -2.44 -10.02
H141 WW7 G . 0.91 0.53 -9.42
H142 WW7 G . -0.20 0.49 -8.04
H131 WW7 G . 0.35 -1.89 -7.68
H132 WW7 G . 1.79 -0.88 -7.58
H151 WW7 G . -0.42 -1.17 -10.57
H152 WW7 G . -1.51 -1.28 -9.19
H161 WW7 G . -1.04 1.21 -10.86
H162 WW7 G . -2.12 1.09 -9.48
HN21 WW7 G . -3.37 0.90 -11.41
HN22 WW7 G . -2.41 -0.26 -12.04
N ALA A 1 -15.11 -11.12 17.14
CA ALA A 1 -16.06 -11.71 18.11
C ALA A 1 -16.66 -10.61 19.02
N ASP A 2 -17.20 -9.57 18.42
CA ASP A 2 -17.79 -8.47 19.24
C ASP A 2 -19.30 -8.67 19.38
N GLN A 3 -19.99 -7.69 19.90
CA GLN A 3 -21.47 -7.80 20.05
C GLN A 3 -22.07 -6.44 20.41
N LEU A 4 -22.89 -5.90 19.54
CA LEU A 4 -23.52 -4.58 19.82
C LEU A 4 -24.63 -4.71 20.86
N THR A 5 -25.53 -3.76 20.88
CA THR A 5 -26.65 -3.82 21.87
C THR A 5 -27.97 -3.41 21.20
N GLU A 6 -29.05 -3.40 21.93
CA GLU A 6 -30.35 -3.01 21.34
C GLU A 6 -30.49 -1.48 21.28
N GLU A 7 -29.60 -0.76 21.92
CA GLU A 7 -29.70 0.72 21.90
C GLU A 7 -29.57 1.27 20.48
N GLN A 8 -28.53 0.93 19.79
CA GLN A 8 -28.36 1.44 18.40
C GLN A 8 -29.53 0.99 17.53
N ILE A 9 -29.84 -0.28 17.53
CA ILE A 9 -30.99 -0.76 16.70
C ILE A 9 -32.21 0.13 16.94
N ALA A 10 -32.47 0.47 18.17
CA ALA A 10 -33.64 1.34 18.48
C ALA A 10 -33.45 2.70 17.78
N GLU A 11 -32.27 3.24 17.84
CA GLU A 11 -32.03 4.56 17.18
C GLU A 11 -32.34 4.44 15.68
N PHE A 12 -32.17 3.27 15.12
CA PHE A 12 -32.47 3.09 13.68
C PHE A 12 -33.98 3.11 13.44
N LYS A 13 -34.73 2.55 14.36
CA LYS A 13 -36.22 2.55 14.19
C LYS A 13 -36.77 3.97 14.35
N GLU A 14 -36.08 4.79 15.11
CA GLU A 14 -36.56 6.19 15.31
C GLU A 14 -36.30 7.01 14.05
N ALA A 15 -35.14 6.88 13.46
CA ALA A 15 -34.83 7.65 12.23
C ALA A 15 -35.73 7.17 11.08
N PHE A 16 -35.91 5.88 10.95
CA PHE A 16 -36.78 5.35 9.87
C PHE A 16 -38.18 5.95 9.99
N SER A 17 -38.71 6.01 11.19
CA SER A 17 -40.07 6.60 11.37
C SER A 17 -40.02 8.08 11.00
N LEU A 18 -38.94 8.73 11.29
CA LEU A 18 -38.83 10.18 10.96
C LEU A 18 -39.00 10.36 9.45
N PHE A 19 -38.56 9.40 8.67
CA PHE A 19 -38.70 9.51 7.19
C PHE A 19 -40.06 8.97 6.75
N ASP A 20 -40.64 8.11 7.53
CA ASP A 20 -41.96 7.55 7.16
C ASP A 20 -43.07 8.25 7.95
N LYS A 21 -43.64 9.29 7.41
CA LYS A 21 -44.71 10.02 8.14
C LYS A 21 -46.09 9.67 7.55
N ASP A 22 -46.13 9.09 6.38
CA ASP A 22 -47.44 8.74 5.77
C ASP A 22 -48.02 7.46 6.41
N GLY A 23 -47.16 6.51 6.72
CA GLY A 23 -47.65 5.25 7.34
C GLY A 23 -47.76 4.16 6.27
N ASP A 24 -46.67 3.50 5.97
CA ASP A 24 -46.70 2.42 4.95
C ASP A 24 -45.55 1.42 5.14
N GLY A 25 -44.41 1.86 5.61
CA GLY A 25 -43.27 0.92 5.83
C GLY A 25 -42.26 1.06 4.70
N THR A 26 -42.25 2.19 4.03
CA THR A 26 -41.28 2.38 2.92
C THR A 26 -40.90 3.86 2.80
N ILE A 27 -39.75 4.17 2.26
CA ILE A 27 -39.34 5.60 2.13
C ILE A 27 -39.37 6.02 0.66
N THR A 28 -40.09 7.06 0.35
CA THR A 28 -40.17 7.53 -1.07
C THR A 28 -39.38 8.84 -1.24
N THR A 29 -39.68 9.60 -2.26
CA THR A 29 -38.95 10.88 -2.47
C THR A 29 -39.66 12.02 -1.76
N LYS A 30 -40.97 11.97 -1.71
CA LYS A 30 -41.73 13.06 -1.02
C LYS A 30 -41.35 13.11 0.46
N GLU A 31 -41.56 12.04 1.17
CA GLU A 31 -41.20 12.03 2.61
C GLU A 31 -39.70 12.29 2.79
N LEU A 32 -38.88 11.51 2.13
CA LEU A 32 -37.41 11.73 2.26
C LEU A 32 -37.06 13.16 1.83
N GLY A 33 -37.92 13.79 1.09
CA GLY A 33 -37.65 15.18 0.65
C GLY A 33 -37.76 16.11 1.86
N THR A 34 -38.79 15.96 2.64
CA THR A 34 -38.96 16.81 3.85
C THR A 34 -37.88 16.44 4.89
N VAL A 35 -37.32 15.27 4.78
CA VAL A 35 -36.26 14.85 5.74
C VAL A 35 -34.94 15.55 5.44
N MET A 36 -34.43 15.40 4.26
CA MET A 36 -33.13 16.06 3.90
C MET A 36 -33.32 17.57 3.71
N ARG A 37 -34.53 18.01 3.51
CA ARG A 37 -34.76 19.47 3.32
C ARG A 37 -35.03 20.13 4.68
N SER A 38 -35.59 19.40 5.60
CA SER A 38 -35.88 20.00 6.95
C SER A 38 -34.61 19.95 7.82
N LEU A 39 -33.78 18.97 7.61
CA LEU A 39 -32.52 18.88 8.41
C LEU A 39 -31.33 19.32 7.57
N GLY A 40 -31.30 20.58 7.19
CA GLY A 40 -30.17 21.08 6.34
C GLY A 40 -30.63 21.13 4.89
N GLN A 41 -31.38 22.14 4.53
CA GLN A 41 -31.87 22.25 3.13
C GLN A 41 -30.69 22.41 2.16
N ASN A 42 -30.14 21.32 1.70
CA ASN A 42 -28.99 21.41 0.75
C ASN A 42 -29.40 20.85 -0.64
N PRO A 43 -29.66 19.57 -0.72
CA PRO A 43 -30.06 18.96 -2.01
C PRO A 43 -31.49 19.37 -2.37
N THR A 44 -32.07 18.74 -3.37
CA THR A 44 -33.47 19.09 -3.77
C THR A 44 -34.25 17.82 -4.09
N GLU A 45 -35.46 17.95 -4.55
CA GLU A 45 -36.26 16.75 -4.90
C GLU A 45 -35.64 16.03 -6.09
N ALA A 46 -35.02 16.77 -6.98
CA ALA A 46 -34.39 16.13 -8.17
C ALA A 46 -33.17 15.33 -7.74
N GLU A 47 -32.14 16.00 -7.29
CA GLU A 47 -30.92 15.27 -6.85
C GLU A 47 -31.30 14.16 -5.88
N LEU A 48 -32.36 14.35 -5.12
CA LEU A 48 -32.79 13.31 -4.15
C LEU A 48 -33.27 12.05 -4.91
N GLN A 49 -34.09 12.24 -5.90
CA GLN A 49 -34.58 11.06 -6.68
C GLN A 49 -33.38 10.26 -7.20
N ASP A 50 -32.40 10.95 -7.73
CA ASP A 50 -31.19 10.24 -8.24
C ASP A 50 -30.42 9.63 -7.06
N MET A 51 -30.55 10.22 -5.90
CA MET A 51 -29.85 9.68 -4.71
C MET A 51 -30.58 8.43 -4.20
N ILE A 52 -31.80 8.22 -4.64
CA ILE A 52 -32.55 7.02 -4.19
C ILE A 52 -32.30 5.85 -5.16
N ASN A 53 -32.22 6.13 -6.43
CA ASN A 53 -31.97 5.04 -7.40
C ASN A 53 -30.73 4.24 -6.98
N GLU A 54 -29.81 4.87 -6.31
CA GLU A 54 -28.59 4.15 -5.86
C GLU A 54 -28.90 3.33 -4.60
N VAL A 55 -29.77 3.85 -3.76
CA VAL A 55 -30.13 3.08 -2.52
C VAL A 55 -30.95 1.85 -2.91
N ASP A 56 -32.13 2.05 -3.43
CA ASP A 56 -32.97 0.89 -3.85
C ASP A 56 -32.19 0.02 -4.84
N ALA A 57 -31.66 -1.09 -4.39
CA ALA A 57 -30.89 -1.97 -5.32
C ALA A 57 -31.73 -3.19 -5.73
N ASP A 58 -32.86 -2.96 -6.32
CA ASP A 58 -33.72 -4.11 -6.76
C ASP A 58 -34.38 -3.80 -8.10
N GLY A 59 -34.98 -2.65 -8.21
CA GLY A 59 -35.66 -2.27 -9.48
C GLY A 59 -37.16 -2.22 -9.26
N ASN A 60 -37.60 -1.52 -8.24
CA ASN A 60 -39.06 -1.43 -7.98
C ASN A 60 -39.49 0.03 -7.81
N GLY A 61 -38.78 0.80 -7.01
CA GLY A 61 -39.17 2.23 -6.85
C GLY A 61 -38.70 2.76 -5.50
N THR A 62 -39.49 2.58 -4.46
CA THR A 62 -39.10 3.11 -3.12
C THR A 62 -38.34 2.06 -2.31
N ILE A 63 -37.77 2.46 -1.19
CA ILE A 63 -37.02 1.51 -0.35
C ILE A 63 -37.95 0.82 0.65
N ASP A 64 -37.56 -0.30 1.16
CA ASP A 64 -38.43 -1.00 2.14
C ASP A 64 -37.86 -0.91 3.55
N PHE A 65 -38.48 -1.53 4.50
CA PHE A 65 -37.99 -1.49 5.89
C PHE A 65 -36.71 -2.34 6.06
N PRO A 66 -36.70 -3.54 5.49
CA PRO A 66 -35.52 -4.42 5.61
C PRO A 66 -34.37 -3.88 4.75
N GLU A 67 -34.66 -3.04 3.80
CA GLU A 67 -33.57 -2.48 2.95
C GLU A 67 -32.87 -1.36 3.72
N PHE A 68 -33.60 -0.73 4.60
CA PHE A 68 -33.01 0.37 5.40
C PHE A 68 -32.11 -0.20 6.52
N LEU A 69 -32.61 -1.16 7.26
CA LEU A 69 -31.80 -1.75 8.38
C LEU A 69 -30.76 -2.73 7.85
N THR A 70 -30.90 -3.21 6.63
CA THR A 70 -29.89 -4.18 6.09
C THR A 70 -28.73 -3.43 5.42
N MET A 71 -29.02 -2.36 4.73
CA MET A 71 -27.91 -1.61 4.07
C MET A 71 -27.16 -0.73 5.08
N MET A 72 -27.85 -0.26 6.09
CA MET A 72 -27.18 0.60 7.11
C MET A 72 -26.62 -0.25 8.26
N ALA A 73 -26.95 -1.52 8.29
CA ALA A 73 -26.42 -2.40 9.38
C ALA A 73 -25.03 -2.91 9.04
N ARG A 74 -24.77 -3.15 7.78
CA ARG A 74 -23.43 -3.65 7.38
C ARG A 74 -22.57 -2.50 6.86
N LYS A 75 -22.33 -1.51 7.67
CA LYS A 75 -21.50 -0.36 7.23
C LYS A 75 -20.41 -0.05 8.26
N MET A 76 -19.31 -0.72 8.20
CA MET A 76 -18.21 -0.46 9.18
C MET A 76 -16.94 -0.05 8.45
N LYS A 77 -16.33 1.04 8.84
CA LYS A 77 -15.09 1.50 8.16
C LYS A 77 -13.88 0.67 8.63
N ASP A 78 -13.05 0.23 7.72
CA ASP A 78 -11.86 -0.57 8.12
C ASP A 78 -10.73 -0.39 7.10
N THR A 79 -10.01 0.69 7.20
CA THR A 79 -8.88 0.93 6.24
C THR A 79 -8.13 2.21 6.61
N ASP A 80 -6.95 2.39 6.09
CA ASP A 80 -6.18 3.63 6.42
C ASP A 80 -6.24 4.62 5.25
N SER A 81 -5.46 5.67 5.32
CA SER A 81 -5.48 6.67 4.21
C SER A 81 -5.29 5.98 2.86
N GLU A 82 -4.11 5.51 2.58
CA GLU A 82 -3.85 4.82 1.28
C GLU A 82 -2.71 3.81 1.42
N GLU A 83 -1.49 4.29 1.56
CA GLU A 83 -0.34 3.37 1.70
C GLU A 83 -0.40 2.26 0.66
N GLU A 84 0.13 2.48 -0.51
CA GLU A 84 0.09 1.42 -1.57
C GLU A 84 1.42 0.68 -1.62
N ILE A 85 2.51 1.35 -1.36
CA ILE A 85 3.84 0.68 -1.39
C ILE A 85 3.95 -0.34 -0.26
N ARG A 86 3.28 -0.10 0.84
CA ARG A 86 3.35 -1.05 1.99
C ARG A 86 2.67 -2.38 1.60
N GLU A 87 1.43 -2.32 1.20
CA GLU A 87 0.72 -3.57 0.81
C GLU A 87 1.51 -4.30 -0.27
N ALA A 88 2.03 -3.60 -1.22
CA ALA A 88 2.80 -4.25 -2.32
C ALA A 88 4.05 -4.95 -1.75
N PHE A 89 4.70 -4.35 -0.81
CA PHE A 89 5.92 -4.99 -0.22
C PHE A 89 5.55 -6.31 0.47
N ARG A 90 4.38 -6.39 1.05
CA ARG A 90 3.98 -7.64 1.74
C ARG A 90 3.59 -8.73 0.73
N VAL A 91 2.67 -8.46 -0.15
CA VAL A 91 2.24 -9.48 -1.15
C VAL A 91 3.45 -9.99 -1.96
N PHE A 92 4.32 -9.11 -2.37
CA PHE A 92 5.50 -9.55 -3.16
C PHE A 92 6.56 -10.15 -2.23
N ASP A 93 6.51 -9.84 -0.97
CA ASP A 93 7.49 -10.42 -0.02
C ASP A 93 6.78 -11.35 0.97
N LYS A 94 6.02 -12.29 0.45
CA LYS A 94 5.28 -13.23 1.34
C LYS A 94 6.17 -14.42 1.74
N ASP A 95 7.31 -14.16 2.32
CA ASP A 95 8.19 -15.28 2.72
C ASP A 95 9.16 -14.82 3.82
N GLY A 96 8.75 -13.88 4.63
CA GLY A 96 9.63 -13.38 5.73
C GLY A 96 11.06 -13.15 5.20
N ASN A 97 11.18 -12.75 3.97
CA ASN A 97 12.54 -12.51 3.40
C ASN A 97 12.94 -11.03 3.60
N GLY A 98 12.17 -10.12 3.05
CA GLY A 98 12.51 -8.68 3.20
C GLY A 98 12.93 -8.08 1.85
N TYR A 99 13.05 -8.89 0.84
CA TYR A 99 13.47 -8.36 -0.49
C TYR A 99 12.65 -9.01 -1.61
N ILE A 100 12.26 -8.25 -2.59
CA ILE A 100 11.47 -8.84 -3.72
C ILE A 100 12.40 -9.41 -4.78
N SER A 101 12.32 -10.69 -5.01
CA SER A 101 13.18 -11.34 -6.04
C SER A 101 12.37 -11.60 -7.31
N ALA A 102 13.00 -12.05 -8.36
CA ALA A 102 12.25 -12.31 -9.61
C ALA A 102 11.35 -13.54 -9.43
N ALA A 103 11.83 -14.56 -8.78
CA ALA A 103 10.99 -15.77 -8.56
C ALA A 103 9.69 -15.40 -7.85
N GLU A 104 9.79 -14.75 -6.72
CA GLU A 104 8.56 -14.34 -5.98
C GLU A 104 7.69 -13.44 -6.86
N LEU A 105 8.29 -12.48 -7.51
CA LEU A 105 7.52 -11.54 -8.38
C LEU A 105 6.78 -12.32 -9.48
N ARG A 106 7.23 -13.52 -9.77
CA ARG A 106 6.55 -14.33 -10.84
C ARG A 106 5.34 -15.06 -10.25
N HIS A 107 5.47 -15.57 -9.05
CA HIS A 107 4.33 -16.30 -8.42
C HIS A 107 3.24 -15.31 -7.98
N VAL A 108 3.62 -14.06 -7.78
CA VAL A 108 2.62 -13.05 -7.34
C VAL A 108 2.00 -12.38 -8.57
N MET A 109 2.79 -12.02 -9.53
CA MET A 109 2.25 -11.36 -10.76
C MET A 109 1.06 -12.17 -11.30
N THR A 110 1.01 -13.43 -11.00
CA THR A 110 -0.12 -14.28 -11.50
C THR A 110 -1.34 -14.10 -10.59
N ASN A 111 -1.12 -14.08 -9.30
CA ASN A 111 -2.28 -13.92 -8.35
C ASN A 111 -3.04 -12.63 -8.67
N LEU A 112 -2.34 -11.54 -8.90
CA LEU A 112 -3.02 -10.26 -9.20
C LEU A 112 -3.77 -10.38 -10.54
N GLY A 113 -3.10 -10.73 -11.59
CA GLY A 113 -3.79 -10.86 -12.91
C GLY A 113 -2.88 -10.37 -14.04
N GLU A 114 -1.68 -10.88 -14.10
CA GLU A 114 -0.74 -10.44 -15.19
C GLU A 114 0.02 -11.65 -15.74
N LYS A 115 0.81 -12.30 -14.93
CA LYS A 115 1.57 -13.49 -15.41
C LYS A 115 2.42 -13.11 -16.64
N LEU A 116 3.71 -12.98 -16.45
CA LEU A 116 4.60 -12.61 -17.60
C LEU A 116 5.69 -13.67 -17.80
N THR A 117 6.59 -13.44 -18.72
CA THR A 117 7.68 -14.43 -18.95
C THR A 117 8.87 -14.14 -18.03
N ASP A 118 9.92 -14.90 -18.15
CA ASP A 118 11.12 -14.67 -17.28
C ASP A 118 11.80 -13.35 -17.64
N GLU A 119 11.81 -13.00 -18.88
CA GLU A 119 12.46 -11.72 -19.30
C GLU A 119 11.72 -10.51 -18.71
N GLU A 120 10.44 -10.42 -18.91
CA GLU A 120 9.68 -9.25 -18.37
C GLU A 120 9.90 -9.12 -16.86
N VAL A 121 9.75 -10.18 -16.13
CA VAL A 121 9.96 -10.11 -14.64
C VAL A 121 11.36 -9.60 -14.34
N ASP A 122 12.35 -10.15 -14.98
CA ASP A 122 13.75 -9.69 -14.72
C ASP A 122 13.90 -8.21 -15.13
N GLU A 123 13.05 -7.76 -16.01
CA GLU A 123 13.13 -6.33 -16.45
C GLU A 123 12.57 -5.43 -15.35
N MET A 124 11.64 -5.91 -14.58
CA MET A 124 11.06 -5.07 -13.50
C MET A 124 12.02 -5.01 -12.31
N ILE A 125 12.56 -6.13 -11.89
CA ILE A 125 13.51 -6.11 -10.74
C ILE A 125 14.81 -5.41 -11.15
N ARG A 126 15.20 -5.53 -12.39
CA ARG A 126 16.46 -4.88 -12.86
C ARG A 126 16.28 -3.36 -12.95
N GLU A 127 15.31 -2.91 -13.70
CA GLU A 127 15.08 -1.44 -13.83
C GLU A 127 14.77 -0.82 -12.47
N ALA A 128 14.06 -1.53 -11.64
CA ALA A 128 13.73 -1.00 -10.28
C ALA A 128 14.99 -0.96 -9.42
N ASP A 129 15.93 -1.82 -9.69
CA ASP A 129 17.20 -1.82 -8.90
C ASP A 129 17.94 -0.50 -9.07
N ILE A 130 17.73 0.44 -8.18
CA ILE A 130 18.42 1.74 -8.30
C ILE A 130 19.87 1.66 -7.79
N ASP A 131 20.09 1.02 -6.68
CA ASP A 131 21.48 0.91 -6.13
C ASP A 131 22.27 -0.20 -6.87
N GLY A 132 21.59 -1.10 -7.52
CA GLY A 132 22.30 -2.18 -8.27
C GLY A 132 22.77 -3.28 -7.30
N ASP A 133 21.87 -4.05 -6.76
CA ASP A 133 22.28 -5.14 -5.82
C ASP A 133 21.71 -6.50 -6.30
N GLY A 134 20.62 -6.49 -7.01
CA GLY A 134 20.04 -7.77 -7.50
C GLY A 134 18.64 -7.93 -6.91
N GLN A 135 18.44 -7.52 -5.68
CA GLN A 135 17.10 -7.64 -5.05
C GLN A 135 16.51 -6.24 -4.80
N VAL A 136 15.21 -6.15 -4.70
CA VAL A 136 14.59 -4.81 -4.46
C VAL A 136 14.24 -4.64 -2.98
N ASN A 137 14.83 -3.67 -2.33
CA ASN A 137 14.52 -3.46 -0.88
C ASN A 137 13.40 -2.43 -0.73
N TYR A 138 13.23 -1.88 0.45
CA TYR A 138 12.13 -0.88 0.67
C TYR A 138 12.44 0.43 -0.07
N GLU A 139 13.50 1.10 0.29
CA GLU A 139 13.84 2.40 -0.37
C GLU A 139 13.67 2.30 -1.89
N GLU A 140 14.38 1.43 -2.52
CA GLU A 140 14.26 1.30 -4.00
C GLU A 140 12.80 1.15 -4.42
N PHE A 141 12.09 0.24 -3.81
CA PHE A 141 10.66 0.04 -4.18
C PHE A 141 9.88 1.37 -4.08
N VAL A 142 10.29 2.22 -3.17
CA VAL A 142 9.57 3.52 -3.02
C VAL A 142 9.88 4.47 -4.20
N GLN A 143 11.12 4.83 -4.37
CA GLN A 143 11.48 5.75 -5.50
C GLN A 143 11.24 5.07 -6.85
N MET A 144 10.96 3.79 -6.85
CA MET A 144 10.72 3.09 -8.13
C MET A 144 9.54 3.71 -8.88
N MET A 145 8.38 3.70 -8.29
CA MET A 145 7.19 4.28 -8.98
C MET A 145 7.05 5.77 -8.65
N THR A 146 7.20 6.14 -7.42
CA THR A 146 7.07 7.58 -7.05
C THR A 146 8.25 8.38 -7.60
N ALA A 147 7.99 9.55 -8.14
CA ALA A 147 9.10 10.38 -8.71
C ALA A 147 9.77 9.65 -9.87
N LYS A 148 10.53 10.36 -10.67
CA LYS A 148 11.22 9.72 -11.83
C LYS A 148 12.52 10.45 -12.16
CA CA B . -43.45 6.20 3.97
CA CA C . -36.51 -1.34 -3.08
CA CA D . 11.83 -12.31 -0.20
CA CA E . 19.31 -3.35 -4.71
S1 WW7 F . -28.51 8.35 6.00
O1 WW7 F . -27.34 8.09 5.22
O2 WW7 F . -28.64 7.74 7.29
N1 WW7 F . -28.46 10.06 6.35
C4 WW7 F . -32.63 7.70 3.80
C3 WW7 F . -32.51 7.74 5.25
C2 WW7 F . -31.21 7.92 5.88
C1 WW7 F . -30.00 8.07 5.09
C9 WW7 F . -30.08 8.03 3.61
C10 WW7 F . -31.44 7.83 2.97
CL1 WW7 F . -33.06 7.59 0.69
C5 WW7 F . -31.56 7.79 1.52
C6 WW7 F . -30.37 7.93 0.70
C7 WW7 F . -29.06 8.12 1.31
C8 WW7 F . -28.91 8.17 2.77
C11 WW7 F . -29.70 10.65 6.84
C12 WW7 F . -29.57 12.12 7.25
C14 WW7 F . -30.81 14.12 8.10
C13 WW7 F . -30.94 12.66 7.66
C15 WW7 F . -29.94 14.21 9.36
C16 WW7 F . -30.63 13.45 10.50
N2 WW7 F . -29.90 13.52 11.76
HN1 WW7 F . -27.70 10.25 6.97
H4 WW7 F . -33.59 7.56 3.32
H3 WW7 F . -33.40 7.64 5.85
H2 WW7 F . -31.14 7.96 6.96
H6 WW7 F . -30.46 7.89 -0.38
H7 WW7 F . -28.18 8.21 0.67
H8 WW7 F . -27.92 8.30 3.18
H111 WW7 F . -30.42 10.57 6.05
H112 WW7 F . -30.03 10.07 7.70
H121 WW7 F . -28.89 12.20 8.09
H122 WW7 F . -29.19 12.69 6.42
H141 WW7 F . -31.79 14.52 8.30
H142 WW7 F . -30.34 14.69 7.30
H131 WW7 F . -31.61 12.60 6.81
H132 WW7 F . -31.34 12.08 8.47
H151 WW7 F . -28.97 13.78 9.17
H152 WW7 F . -29.83 15.24 9.65
H161 WW7 F . -30.73 12.41 10.24
H162 WW7 F . -31.61 13.87 10.67
HN21 WW7 F . -29.78 14.49 12.05
HN22 WW7 F . -28.97 13.13 11.65
S1 WW7 G . 3.90 -3.54 -10.36
O1 WW7 G . 3.58 -4.45 -11.42
O2 WW7 G . 4.12 -2.16 -10.67
N1 WW7 G . 2.51 -3.56 -9.31
C4 WW7 G . 7.45 -5.50 -7.95
C3 WW7 G . 6.07 -5.72 -7.60
C2 WW7 G . 4.99 -5.06 -8.32
C1 WW7 G . 5.28 -4.18 -9.45
C9 WW7 G . 6.67 -3.94 -9.83
C10 WW7 G . 7.78 -4.62 -9.05
CL1 WW7 G . 10.52 -5.05 -8.56
C5 WW7 G . 9.18 -4.36 -9.41
C6 WW7 G . 9.48 -3.47 -10.50
C7 WW7 G . 8.42 -2.81 -11.26
C8 WW7 G . 7.02 -3.04 -10.94
C11 WW7 G . 2.48 -2.65 -8.17
C12 WW7 G . 1.89 -1.29 -8.55
C14 WW7 G . 1.30 0.99 -7.71
C13 WW7 G . 1.92 -0.36 -7.32
C15 WW7 G . 1.31 1.92 -6.50
C16 WW7 G . 2.76 2.20 -6.08
N2 WW7 G . 2.83 3.07 -4.92
HN1 WW7 G . 1.68 -3.42 -9.87
H4 WW7 G . 8.26 -5.98 -7.41
H3 WW7 G . 5.83 -6.37 -6.77
H2 WW7 G . 3.97 -5.22 -8.04
H6 WW7 G . 10.52 -3.29 -10.74
H7 WW7 G . 8.68 -2.16 -12.07
H8 WW7 G . 6.24 -2.55 -11.50
H111 WW7 G . 1.87 -3.11 -7.40
H112 WW7 G . 3.49 -2.53 -7.80
H121 WW7 G . 2.48 -0.86 -9.34
H122 WW7 G . 0.87 -1.42 -8.89
H141 WW7 G . 0.28 0.84 -8.03
H142 WW7 G . 1.87 1.43 -8.51
H131 WW7 G . 1.35 -0.81 -6.52
H132 WW7 G . 2.94 -0.22 -7.01
H151 WW7 G . 0.83 2.85 -6.76
H152 WW7 G . 0.78 1.46 -5.68
H161 WW7 G . 3.28 2.68 -6.89
H162 WW7 G . 3.24 1.27 -5.83
HN21 WW7 G . 2.32 2.66 -4.14
HN22 WW7 G . 2.41 3.96 -5.11
N ALA A 1 23.85 -0.51 -1.04
CA ALA A 1 24.14 -0.93 0.36
C ALA A 1 23.74 -2.40 0.56
N ASP A 2 23.72 -2.85 1.79
CA ASP A 2 23.35 -4.27 2.06
C ASP A 2 22.78 -4.41 3.48
N GLN A 3 21.80 -5.25 3.67
CA GLN A 3 21.22 -5.43 5.02
C GLN A 3 21.07 -6.92 5.35
N LEU A 4 22.08 -7.53 5.89
CA LEU A 4 21.99 -8.98 6.23
C LEU A 4 20.80 -9.22 7.17
N THR A 5 20.61 -10.44 7.61
CA THR A 5 19.48 -10.74 8.53
C THR A 5 19.97 -10.81 9.98
N GLU A 6 21.21 -11.17 10.19
CA GLU A 6 21.74 -11.25 11.58
C GLU A 6 22.34 -9.90 11.99
N GLU A 7 22.93 -9.19 11.07
CA GLU A 7 23.54 -7.87 11.40
C GLU A 7 22.45 -6.87 11.79
N GLN A 8 21.38 -6.83 11.06
CA GLN A 8 20.29 -5.88 11.37
C GLN A 8 19.81 -6.08 12.82
N ILE A 9 19.58 -7.30 13.20
CA ILE A 9 19.13 -7.56 14.60
C ILE A 9 20.19 -7.05 15.58
N ALA A 10 21.44 -7.27 15.27
CA ALA A 10 22.52 -6.78 16.18
C ALA A 10 22.47 -5.26 16.26
N GLU A 11 21.97 -4.63 15.23
CA GLU A 11 21.87 -3.14 15.24
C GLU A 11 20.85 -2.71 16.29
N PHE A 12 19.70 -3.34 16.30
CA PHE A 12 18.66 -2.97 17.31
C PHE A 12 19.19 -3.27 18.72
N LYS A 13 20.01 -4.29 18.84
CA LYS A 13 20.57 -4.63 20.17
C LYS A 13 21.53 -3.55 20.65
N GLU A 14 22.34 -3.03 19.76
CA GLU A 14 23.31 -1.96 20.16
C GLU A 14 22.55 -0.72 20.66
N ALA A 15 21.53 -0.31 19.95
CA ALA A 15 20.77 0.90 20.39
C ALA A 15 20.08 0.62 21.73
N PHE A 16 19.60 -0.57 21.93
CA PHE A 16 18.92 -0.90 23.22
C PHE A 16 19.92 -0.80 24.37
N SER A 17 21.14 -1.20 24.14
CA SER A 17 22.16 -1.13 25.23
C SER A 17 22.45 0.33 25.59
N LEU A 18 22.52 1.19 24.60
CA LEU A 18 22.80 2.62 24.90
C LEU A 18 21.63 3.25 25.68
N PHE A 19 20.42 2.85 25.38
CA PHE A 19 19.25 3.42 26.11
C PHE A 19 19.24 2.92 27.56
N ASP A 20 19.08 1.63 27.75
CA ASP A 20 19.08 1.09 29.13
C ASP A 20 20.51 0.86 29.60
N LYS A 21 21.06 1.79 30.33
CA LYS A 21 22.47 1.63 30.81
C LYS A 21 22.48 1.41 32.34
N ASP A 22 21.67 0.52 32.82
CA ASP A 22 21.65 0.26 34.31
C ASP A 22 21.74 -1.26 34.58
N GLY A 23 21.14 -2.06 33.75
CA GLY A 23 21.19 -3.53 33.97
C GLY A 23 19.78 -4.05 34.31
N ASP A 24 18.99 -4.37 33.31
CA ASP A 24 17.62 -4.88 33.58
C ASP A 24 16.90 -5.22 32.26
N GLY A 25 17.15 -4.48 31.21
CA GLY A 25 16.48 -4.78 29.91
C GLY A 25 15.08 -4.14 29.88
N THR A 26 14.96 -2.93 30.34
CA THR A 26 13.63 -2.25 30.32
C THR A 26 13.80 -0.73 30.22
N ILE A 27 13.50 -0.17 29.08
CA ILE A 27 13.63 1.30 28.91
C ILE A 27 12.49 2.01 29.64
N THR A 28 12.82 2.91 30.53
CA THR A 28 11.75 3.63 31.29
C THR A 28 11.74 5.11 30.88
N THR A 29 11.22 5.95 31.73
CA THR A 29 11.18 7.41 31.40
C THR A 29 12.47 8.09 31.84
N LYS A 30 13.13 7.56 32.84
CA LYS A 30 14.41 8.18 33.32
C LYS A 30 15.50 7.95 32.27
N GLU A 31 15.76 6.71 31.94
CA GLU A 31 16.81 6.42 30.92
C GLU A 31 16.48 7.15 29.62
N LEU A 32 15.22 7.24 29.28
CA LEU A 32 14.85 7.96 28.03
C LEU A 32 15.12 9.46 28.18
N GLY A 33 15.00 9.97 29.37
CA GLY A 33 15.27 11.42 29.59
C GLY A 33 16.74 11.71 29.28
N THR A 34 17.63 10.84 29.70
CA THR A 34 19.07 11.05 29.43
C THR A 34 19.38 10.80 27.95
N VAL A 35 18.67 9.88 27.35
CA VAL A 35 18.92 9.58 25.90
C VAL A 35 18.41 10.73 25.03
N MET A 36 17.44 11.46 25.49
CA MET A 36 16.90 12.59 24.69
C MET A 36 17.70 13.86 24.93
N ARG A 37 18.21 14.02 26.12
CA ARG A 37 19.00 15.25 26.42
C ARG A 37 20.49 15.03 26.12
N SER A 38 20.89 13.81 25.88
CA SER A 38 22.33 13.54 25.60
C SER A 38 22.57 13.45 24.10
N LEU A 39 21.56 13.15 23.33
CA LEU A 39 21.74 13.05 21.86
C LEU A 39 21.09 14.25 21.15
N GLY A 40 19.88 14.58 21.52
CA GLY A 40 19.19 15.73 20.87
C GLY A 40 17.97 16.14 21.70
N GLN A 41 18.17 16.92 22.71
CA GLN A 41 17.01 17.34 23.57
C GLN A 41 15.87 17.89 22.71
N ASN A 42 14.69 17.95 23.24
CA ASN A 42 13.52 18.47 22.47
C ASN A 42 12.23 18.36 23.32
N PRO A 43 11.93 17.16 23.76
CA PRO A 43 10.72 16.95 24.58
C PRO A 43 10.94 17.42 26.02
N THR A 44 10.11 16.99 26.93
CA THR A 44 10.25 17.38 28.37
C THR A 44 10.02 16.14 29.25
N GLU A 45 9.35 16.30 30.36
CA GLU A 45 9.10 15.12 31.24
C GLU A 45 7.69 14.56 30.98
N ALA A 46 6.70 15.41 30.90
CA ALA A 46 5.32 14.92 30.63
C ALA A 46 5.23 14.38 29.20
N GLU A 47 5.63 15.16 28.23
CA GLU A 47 5.59 14.68 26.83
C GLU A 47 6.44 13.41 26.68
N LEU A 48 7.36 13.20 27.59
CA LEU A 48 8.21 11.97 27.50
C LEU A 48 7.36 10.75 27.86
N GLN A 49 6.73 10.77 29.00
CA GLN A 49 5.88 9.61 29.39
C GLN A 49 4.94 9.26 28.24
N ASP A 50 4.36 10.26 27.62
CA ASP A 50 3.43 9.98 26.48
C ASP A 50 4.22 9.34 25.33
N MET A 51 5.42 9.79 25.09
CA MET A 51 6.24 9.20 23.99
C MET A 51 6.59 7.75 24.34
N ILE A 52 6.50 7.40 25.60
CA ILE A 52 6.81 6.00 26.01
C ILE A 52 5.57 5.12 25.82
N ASN A 53 4.41 5.69 25.94
CA ASN A 53 3.16 4.89 25.79
C ASN A 53 2.95 4.50 24.31
N GLU A 54 3.10 5.43 23.41
CA GLU A 54 2.90 5.09 21.97
C GLU A 54 3.72 3.86 21.58
N VAL A 55 4.86 3.70 22.17
CA VAL A 55 5.71 2.50 21.84
C VAL A 55 5.24 1.29 22.63
N ASP A 56 4.88 1.47 23.87
CA ASP A 56 4.42 0.33 24.70
C ASP A 56 2.97 -0.03 24.36
N ALA A 57 2.75 -1.18 23.77
CA ALA A 57 1.37 -1.58 23.41
C ALA A 57 0.92 -2.74 24.30
N ASP A 58 0.99 -2.57 25.59
CA ASP A 58 0.57 -3.67 26.53
C ASP A 58 -0.29 -3.08 27.65
N GLY A 59 0.19 -2.09 28.34
CA GLY A 59 -0.61 -1.48 29.44
C GLY A 59 0.23 -1.41 30.71
N ASN A 60 1.33 -0.72 30.68
CA ASN A 60 2.18 -0.61 31.89
C ASN A 60 2.96 0.72 31.88
N GLY A 61 3.65 1.02 30.82
CA GLY A 61 4.39 2.33 30.77
C GLY A 61 5.89 2.09 30.52
N THR A 62 6.33 0.86 30.51
CA THR A 62 7.78 0.60 30.28
C THR A 62 7.98 -0.29 29.04
N ILE A 63 9.00 -0.02 28.27
CA ILE A 63 9.24 -0.85 27.04
C ILE A 63 10.21 -2.00 27.38
N ASP A 64 9.78 -3.21 27.16
CA ASP A 64 10.67 -4.38 27.47
C ASP A 64 11.61 -4.65 26.29
N PHE A 65 12.26 -5.78 26.28
CA PHE A 65 13.21 -6.10 25.16
C PHE A 65 12.44 -6.58 23.90
N PRO A 66 11.46 -7.45 24.08
CA PRO A 66 10.70 -7.95 22.90
C PRO A 66 9.81 -6.85 22.33
N GLU A 67 9.50 -5.85 23.12
CA GLU A 67 8.64 -4.75 22.61
C GLU A 67 9.51 -3.78 21.82
N PHE A 68 10.77 -3.70 22.16
CA PHE A 68 11.68 -2.78 21.42
C PHE A 68 12.06 -3.39 20.07
N LEU A 69 12.23 -4.68 20.02
CA LEU A 69 12.60 -5.35 18.74
C LEU A 69 11.37 -5.46 17.83
N THR A 70 10.21 -5.62 18.40
CA THR A 70 8.98 -5.74 17.56
C THR A 70 8.50 -4.36 17.13
N MET A 71 8.85 -3.33 17.87
CA MET A 71 8.40 -1.96 17.49
C MET A 71 9.34 -1.35 16.45
N MET A 72 10.62 -1.48 16.65
CA MET A 72 11.59 -0.89 15.67
C MET A 72 11.74 -1.80 14.45
N ALA A 73 11.31 -3.02 14.55
CA ALA A 73 11.41 -3.93 13.37
C ALA A 73 10.73 -3.26 12.18
N ARG A 74 9.48 -2.92 12.31
CA ARG A 74 8.75 -2.24 11.21
C ARG A 74 8.46 -0.79 11.61
N LYS A 75 9.49 -0.02 11.85
CA LYS A 75 9.29 1.40 12.28
C LYS A 75 8.22 2.08 11.42
N MET A 76 7.09 2.39 12.01
CA MET A 76 6.00 3.04 11.25
C MET A 76 6.18 4.57 11.31
N LYS A 77 6.79 5.14 10.31
CA LYS A 77 7.00 6.61 10.31
C LYS A 77 6.48 7.23 9.01
N ASP A 78 5.20 7.39 8.90
CA ASP A 78 4.62 7.98 7.65
C ASP A 78 3.34 8.74 7.98
N THR A 79 2.75 9.38 7.00
CA THR A 79 1.50 10.14 7.25
C THR A 79 0.32 9.46 6.55
N ASP A 80 -0.76 10.17 6.37
CA ASP A 80 -1.94 9.57 5.68
C ASP A 80 -1.98 10.01 4.21
N SER A 81 -1.48 9.19 3.32
CA SER A 81 -1.49 9.56 1.88
C SER A 81 -1.52 8.31 1.00
N GLU A 82 -0.54 7.46 1.11
CA GLU A 82 -0.52 6.22 0.28
C GLU A 82 -0.41 4.98 1.16
N GLU A 83 -1.47 4.21 1.26
CA GLU A 83 -1.41 2.98 2.10
C GLU A 83 -1.29 1.73 1.22
N GLU A 84 -1.27 1.90 -0.08
CA GLU A 84 -1.16 0.72 -0.98
C GLU A 84 0.31 0.27 -1.10
N ILE A 85 1.23 1.20 -1.11
CA ILE A 85 2.66 0.81 -1.22
C ILE A 85 3.03 -0.18 -0.11
N ARG A 86 2.47 -0.01 1.06
CA ARG A 86 2.79 -0.95 2.17
C ARG A 86 2.29 -2.34 1.81
N GLU A 87 1.04 -2.46 1.46
CA GLU A 87 0.50 -3.79 1.07
C GLU A 87 1.32 -4.36 -0.08
N ALA A 88 1.96 -3.52 -0.83
CA ALA A 88 2.79 -4.00 -1.96
C ALA A 88 4.00 -4.78 -1.44
N PHE A 89 4.84 -4.14 -0.67
CA PHE A 89 6.04 -4.84 -0.12
C PHE A 89 5.61 -6.09 0.65
N ARG A 90 4.39 -6.11 1.14
CA ARG A 90 3.92 -7.31 1.90
C ARG A 90 3.68 -8.50 0.95
N VAL A 91 2.81 -8.33 -0.01
CA VAL A 91 2.52 -9.46 -0.95
C VAL A 91 3.72 -9.72 -1.87
N PHE A 92 4.67 -8.83 -1.89
CA PHE A 92 5.87 -9.03 -2.77
C PHE A 92 7.06 -9.55 -1.95
N ASP A 93 6.98 -9.48 -0.65
CA ASP A 93 8.12 -9.97 0.18
C ASP A 93 7.61 -10.87 1.31
N LYS A 94 6.69 -11.77 1.01
CA LYS A 94 6.15 -12.66 2.08
C LYS A 94 6.65 -14.10 1.89
N ASP A 95 7.50 -14.32 0.91
CA ASP A 95 8.03 -15.71 0.68
C ASP A 95 8.98 -16.12 1.80
N GLY A 96 9.67 -15.18 2.38
CA GLY A 96 10.62 -15.52 3.47
C GLY A 96 12.05 -15.28 2.98
N ASN A 97 12.23 -14.27 2.17
CA ASN A 97 13.59 -13.98 1.63
C ASN A 97 14.13 -12.67 2.25
N GLY A 98 13.34 -11.63 2.26
CA GLY A 98 13.81 -10.35 2.84
C GLY A 98 13.65 -9.23 1.82
N TYR A 99 13.85 -9.52 0.56
CA TYR A 99 13.71 -8.45 -0.49
C TYR A 99 12.87 -8.98 -1.65
N ILE A 100 12.47 -8.13 -2.55
CA ILE A 100 11.66 -8.59 -3.71
C ILE A 100 12.57 -9.21 -4.76
N SER A 101 12.27 -10.39 -5.21
CA SER A 101 13.12 -11.04 -6.25
C SER A 101 12.30 -11.29 -7.51
N ALA A 102 12.93 -11.74 -8.55
CA ALA A 102 12.17 -12.00 -9.81
C ALA A 102 11.23 -13.19 -9.63
N ALA A 103 11.68 -14.20 -8.93
CA ALA A 103 10.80 -15.39 -8.71
C ALA A 103 9.54 -14.99 -7.93
N GLU A 104 9.71 -14.24 -6.88
CA GLU A 104 8.53 -13.81 -6.07
C GLU A 104 7.59 -12.95 -6.93
N LEU A 105 8.11 -11.92 -7.54
CA LEU A 105 7.26 -11.04 -8.39
C LEU A 105 6.42 -11.89 -9.35
N ARG A 106 6.96 -12.99 -9.81
CA ARG A 106 6.20 -13.87 -10.74
C ARG A 106 5.05 -14.58 -10.00
N HIS A 107 5.32 -15.08 -8.83
CA HIS A 107 4.25 -15.79 -8.06
C HIS A 107 3.19 -14.79 -7.56
N VAL A 108 3.47 -13.52 -7.67
CA VAL A 108 2.47 -12.51 -7.19
C VAL A 108 1.54 -12.08 -8.34
N MET A 109 2.08 -11.59 -9.41
CA MET A 109 1.23 -11.16 -10.56
C MET A 109 0.63 -12.37 -11.28
N THR A 110 1.28 -13.50 -11.20
CA THR A 110 0.74 -14.71 -11.88
C THR A 110 -0.53 -15.20 -11.16
N ASN A 111 -0.52 -15.20 -9.86
CA ASN A 111 -1.72 -15.67 -9.10
C ASN A 111 -2.83 -14.60 -9.16
N LEU A 112 -2.46 -13.35 -9.16
CA LEU A 112 -3.49 -12.27 -9.20
C LEU A 112 -4.32 -12.39 -10.49
N GLY A 113 -3.72 -12.85 -11.55
CA GLY A 113 -4.47 -12.99 -12.83
C GLY A 113 -3.63 -12.46 -14.00
N GLU A 114 -2.56 -11.75 -13.70
CA GLU A 114 -1.71 -11.20 -14.80
C GLU A 114 -0.69 -12.26 -15.25
N LYS A 115 -0.54 -12.43 -16.53
CA LYS A 115 0.44 -13.45 -17.03
C LYS A 115 1.74 -12.76 -17.49
N LEU A 116 2.84 -13.10 -16.89
CA LEU A 116 4.12 -12.45 -17.28
C LEU A 116 5.11 -13.50 -17.80
N THR A 117 6.28 -13.07 -18.21
CA THR A 117 7.29 -14.04 -18.73
C THR A 117 8.58 -13.94 -17.90
N ASP A 118 9.54 -14.77 -18.18
CA ASP A 118 10.82 -14.72 -17.41
C ASP A 118 11.56 -13.41 -17.67
N GLU A 119 11.77 -13.06 -18.91
CA GLU A 119 12.48 -11.79 -19.23
C GLU A 119 11.67 -10.59 -18.77
N GLU A 120 10.37 -10.66 -18.85
CA GLU A 120 9.53 -9.52 -18.41
C GLU A 120 9.74 -9.24 -16.92
N VAL A 121 9.75 -10.27 -16.11
CA VAL A 121 9.97 -10.06 -14.65
C VAL A 121 11.38 -9.51 -14.42
N ASP A 122 12.37 -10.20 -14.88
CA ASP A 122 13.77 -9.71 -14.68
C ASP A 122 13.88 -8.26 -15.15
N GLU A 123 13.05 -7.86 -16.07
CA GLU A 123 13.11 -6.45 -16.57
C GLU A 123 12.64 -5.49 -15.47
N MET A 124 11.48 -5.71 -14.93
CA MET A 124 10.96 -4.80 -13.86
C MET A 124 11.95 -4.76 -12.69
N ILE A 125 12.40 -5.90 -12.22
CA ILE A 125 13.37 -5.92 -11.09
C ILE A 125 14.64 -5.17 -11.49
N ARG A 126 14.96 -5.19 -12.76
CA ARG A 126 16.20 -4.49 -13.23
C ARG A 126 16.04 -2.98 -13.04
N GLU A 127 14.88 -2.46 -13.34
CA GLU A 127 14.66 -0.99 -13.20
C GLU A 127 14.61 -0.61 -11.70
N ALA A 128 14.20 -1.52 -10.87
CA ALA A 128 14.14 -1.21 -9.41
C ALA A 128 15.53 -1.33 -8.77
N ASP A 129 16.39 -2.12 -9.35
CA ASP A 129 17.76 -2.27 -8.78
C ASP A 129 18.56 -0.97 -8.96
N ILE A 130 18.51 -0.10 -7.99
CA ILE A 130 19.27 1.18 -8.10
C ILE A 130 20.72 1.00 -7.66
N ASP A 131 20.96 0.17 -6.69
CA ASP A 131 22.37 -0.03 -6.21
C ASP A 131 23.06 -1.09 -7.07
N GLY A 132 22.32 -1.99 -7.68
CA GLY A 132 22.95 -3.03 -8.55
C GLY A 132 23.30 -4.27 -7.71
N ASP A 133 22.32 -5.02 -7.30
CA ASP A 133 22.59 -6.25 -6.50
C ASP A 133 21.71 -7.40 -6.99
N GLY A 134 20.49 -7.12 -7.34
CA GLY A 134 19.58 -8.20 -7.83
C GLY A 134 18.33 -8.25 -6.93
N GLN A 135 18.32 -7.52 -5.86
CA GLN A 135 17.14 -7.53 -4.94
C GLN A 135 16.64 -6.11 -4.71
N VAL A 136 15.36 -5.95 -4.46
CA VAL A 136 14.81 -4.59 -4.23
C VAL A 136 14.30 -4.45 -2.80
N ASN A 137 14.98 -3.71 -1.96
CA ASN A 137 14.50 -3.57 -0.56
C ASN A 137 13.40 -2.50 -0.48
N TYR A 138 13.07 -2.07 0.71
CA TYR A 138 11.99 -1.05 0.85
C TYR A 138 12.37 0.26 0.17
N GLU A 139 13.57 0.73 0.36
CA GLU A 139 13.98 2.02 -0.28
C GLU A 139 13.95 1.92 -1.80
N GLU A 140 14.66 0.98 -2.37
CA GLU A 140 14.66 0.83 -3.86
C GLU A 140 13.24 0.63 -4.39
N PHE A 141 12.36 0.14 -3.57
CA PHE A 141 10.95 -0.09 -4.04
C PHE A 141 10.16 1.23 -4.05
N VAL A 142 10.41 2.10 -3.12
CA VAL A 142 9.66 3.40 -3.09
C VAL A 142 10.27 4.41 -4.06
N GLN A 143 11.52 4.25 -4.39
CA GLN A 143 12.18 5.23 -5.33
C GLN A 143 12.07 4.74 -6.78
N MET A 144 11.91 3.47 -6.98
CA MET A 144 11.80 2.95 -8.39
C MET A 144 10.46 3.37 -9.01
N MET A 145 9.49 3.71 -8.21
CA MET A 145 8.16 4.12 -8.76
C MET A 145 8.17 5.61 -9.12
N THR A 146 8.19 6.46 -8.14
CA THR A 146 8.19 7.93 -8.43
C THR A 146 9.30 8.26 -9.43
N ALA A 147 10.36 7.50 -9.45
CA ALA A 147 11.47 7.78 -10.40
C ALA A 147 11.88 9.26 -10.34
N LYS A 148 11.91 9.83 -9.16
CA LYS A 148 12.30 11.26 -9.05
C LYS A 148 13.06 11.49 -7.73
CA CA B . 16.51 -0.05 32.59
CA CA C . 5.12 -2.71 27.67
CA CA D . 12.04 -11.79 -0.85
CA CA E . 19.84 -3.71 -4.73
S1 WW7 F . 13.75 6.30 18.06
O1 WW7 F . 13.21 7.62 17.91
O2 WW7 F . 13.36 5.28 17.14
N1 WW7 F . 15.45 6.53 17.81
C4 WW7 F . 13.30 4.74 22.49
C3 WW7 F . 14.47 4.44 21.69
C2 WW7 F . 14.59 4.93 20.32
C1 WW7 F . 13.55 5.75 19.73
C9 WW7 F . 12.35 6.08 20.51
C10 WW7 F . 12.22 5.56 21.93
CL1 WW7 F . 10.81 5.34 24.34
C5 WW7 F . 11.03 5.89 22.71
C6 WW7 F . 9.98 6.70 22.13
C7 WW7 F . 10.11 7.21 20.75
C8 WW7 F . 11.28 6.89 19.95
C11 WW7 F . 16.18 7.26 18.82
C12 WW7 F . 17.51 7.85 18.32
C14 WW7 F . 17.32 9.61 20.08
C13 WW7 F . 18.23 8.54 19.47
C15 WW7 F . 16.93 10.63 19.02
C16 WW7 F . 18.19 11.32 18.49
N2 WW7 F . 17.89 12.32 17.47
HN1 WW7 F . 15.60 6.94 16.89
H4 WW7 F . 13.22 4.38 23.52
H3 WW7 F . 15.26 3.83 22.11
H2 WW7 F . 15.47 4.70 19.74
H6 WW7 F . 9.10 6.94 22.70
H7 WW7 F . 9.32 7.81 20.33
H8 WW7 F . 11.35 7.28 18.95
H111 WW7 F . 15.54 8.06 19.17
H112 WW7 F . 16.38 6.58 19.64
H121 WW7 F . 18.12 7.06 17.93
H122 WW7 F . 17.30 8.57 17.54
H141 WW7 F . 17.84 10.10 20.90
H142 WW7 F . 16.43 9.14 20.48
H131 WW7 F . 18.48 7.81 20.23
H132 WW7 F . 19.13 9.01 19.10
H151 WW7 F . 16.42 10.14 18.21
H152 WW7 F . 16.28 11.38 19.46
H161 WW7 F . 18.84 10.58 18.05
H162 WW7 F . 18.71 11.81 19.30
HN21 WW7 F . 17.44 11.90 16.67
HN22 WW7 F . 18.75 12.74 17.13
S1 WW7 G . 4.01 -2.56 -9.63
O1 WW7 G . 3.61 -3.23 -10.83
O2 WW7 G . 4.33 -1.16 -9.67
N1 WW7 G . 2.62 -2.68 -8.58
C4 WW7 G . 7.54 -4.99 -7.64
C3 WW7 G . 6.17 -5.13 -7.17
C2 WW7 G . 5.08 -4.36 -7.79
C1 WW7 G . 5.36 -3.44 -8.88
C9 WW7 G . 6.72 -3.28 -9.37
C10 WW7 G . 7.84 -4.07 -8.73
CL1 WW7 G . 10.55 -4.77 -8.55
C5 WW7 G . 9.21 -3.91 -9.22
C6 WW7 G . 9.48 -2.98 -10.30
C7 WW7 G . 8.39 -2.22 -10.93
C8 WW7 G . 7.03 -2.36 -10.47
C11 WW7 G . 2.73 -2.15 -7.22
C12 WW7 G . 2.77 -0.62 -7.16
C14 WW7 G . 1.48 1.48 -7.62
C13 WW7 G . 1.48 -0.05 -7.75
C15 WW7 G . 2.66 2.06 -8.39
C16 WW7 G . 2.51 1.73 -9.88
N2 WW7 G . 1.29 2.28 -10.45
HN1 WW7 G . 1.82 -2.28 -9.04
H4 WW7 G . 8.33 -5.56 -7.17
H3 WW7 G . 5.96 -5.81 -6.37
H2 WW7 G . 4.07 -4.49 -7.43
H6 WW7 G . 10.50 -2.87 -10.67
H7 WW7 G . 8.62 -1.54 -11.73
H8 WW7 G . 6.22 -1.80 -10.94
H111 WW7 G . 1.88 -2.51 -6.67
H112 WW7 G . 3.63 -2.55 -6.79
H121 WW7 G . 2.86 -0.31 -6.13
H122 WW7 G . 3.62 -0.25 -7.72
H141 WW7 G . 1.56 1.75 -6.57
H142 WW7 G . 0.56 1.87 -8.02
H131 WW7 G . 1.41 -0.33 -8.79
H132 WW7 G . 0.63 -0.46 -7.21
H151 WW7 G . 2.68 3.13 -8.27
H152 WW7 G . 3.58 1.64 -8.01
H161 WW7 G . 2.50 0.66 -10.01
H162 WW7 G . 3.36 2.15 -10.42
HN21 WW7 G . 1.27 3.28 -10.32
HN22 WW7 G . 0.48 1.89 -9.99
N ALA A 1 -28.86 12.19 29.20
CA ALA A 1 -28.16 11.11 29.96
C ALA A 1 -27.97 9.87 29.08
N ASP A 2 -28.65 9.81 27.97
CA ASP A 2 -28.51 8.63 27.06
C ASP A 2 -28.79 9.05 25.61
N GLN A 3 -27.79 9.04 24.78
CA GLN A 3 -28.01 9.45 23.36
C GLN A 3 -27.81 8.25 22.43
N LEU A 4 -26.67 7.64 22.46
CA LEU A 4 -26.41 6.47 21.57
C LEU A 4 -26.22 5.19 22.40
N THR A 5 -25.53 4.22 21.87
CA THR A 5 -25.31 2.96 22.62
C THR A 5 -24.46 3.22 23.86
N GLU A 6 -24.36 2.27 24.74
CA GLU A 6 -23.53 2.48 25.96
C GLU A 6 -22.07 2.07 25.70
N GLU A 7 -21.81 1.45 24.59
CA GLU A 7 -20.40 1.03 24.27
C GLU A 7 -19.52 2.27 24.09
N GLN A 8 -19.78 3.05 23.08
CA GLN A 8 -18.96 4.27 22.87
C GLN A 8 -18.96 5.13 24.14
N ILE A 9 -20.10 5.22 24.78
CA ILE A 9 -20.16 6.03 26.04
C ILE A 9 -19.14 5.51 27.04
N ALA A 10 -18.96 4.20 27.09
CA ALA A 10 -17.96 3.63 28.04
C ALA A 10 -16.57 4.14 27.68
N GLU A 11 -16.26 4.17 26.41
CA GLU A 11 -14.92 4.68 26.00
C GLU A 11 -14.75 6.15 26.42
N PHE A 12 -15.82 6.92 26.33
CA PHE A 12 -15.73 8.35 26.74
C PHE A 12 -15.71 8.45 28.26
N LYS A 13 -16.16 7.43 28.94
CA LYS A 13 -16.16 7.47 30.43
C LYS A 13 -14.75 7.14 30.94
N GLU A 14 -14.04 6.30 30.24
CA GLU A 14 -12.66 5.95 30.67
C GLU A 14 -11.71 7.12 30.38
N ALA A 15 -11.88 7.76 29.25
CA ALA A 15 -10.98 8.90 28.91
C ALA A 15 -11.34 10.11 29.78
N PHE A 16 -12.61 10.43 29.86
CA PHE A 16 -13.04 11.58 30.70
C PHE A 16 -12.59 11.34 32.15
N SER A 17 -12.60 10.11 32.57
CA SER A 17 -12.18 9.80 33.96
C SER A 17 -10.66 9.97 34.09
N LEU A 18 -9.93 9.59 33.10
CA LEU A 18 -8.46 9.72 33.14
C LEU A 18 -8.08 11.20 33.17
N PHE A 19 -8.94 12.05 32.67
CA PHE A 19 -8.64 13.51 32.67
C PHE A 19 -8.96 14.12 34.02
N ASP A 20 -10.19 14.03 34.45
CA ASP A 20 -10.56 14.61 35.78
C ASP A 20 -10.06 13.70 36.90
N LYS A 21 -8.92 14.00 37.47
CA LYS A 21 -8.39 13.14 38.57
C LYS A 21 -8.46 13.87 39.92
N ASP A 22 -9.57 14.48 40.22
CA ASP A 22 -9.68 15.21 41.52
C ASP A 22 -11.00 14.85 42.23
N GLY A 23 -12.04 14.59 41.48
CA GLY A 23 -13.35 14.23 42.11
C GLY A 23 -14.31 15.43 42.02
N ASP A 24 -14.88 15.67 40.87
CA ASP A 24 -15.83 16.82 40.74
C ASP A 24 -16.74 16.63 39.52
N GLY A 25 -16.19 16.25 38.40
CA GLY A 25 -17.05 16.04 37.19
C GLY A 25 -16.72 17.10 36.12
N THR A 26 -15.83 18.01 36.42
CA THR A 26 -15.47 19.06 35.40
C THR A 26 -13.97 19.00 35.09
N ILE A 27 -13.55 19.63 34.04
CA ILE A 27 -12.10 19.61 33.68
C ILE A 27 -11.50 21.01 33.84
N THR A 28 -10.39 21.11 34.52
CA THR A 28 -9.75 22.43 34.72
C THR A 28 -8.40 22.47 34.01
N THR A 29 -7.72 23.58 34.03
CA THR A 29 -6.39 23.67 33.36
C THR A 29 -5.38 22.77 34.08
N LYS A 30 -5.56 22.56 35.35
CA LYS A 30 -4.61 21.69 36.11
C LYS A 30 -4.74 20.24 35.63
N GLU A 31 -5.92 19.68 35.72
CA GLU A 31 -6.14 18.28 35.28
C GLU A 31 -5.74 18.14 33.81
N LEU A 32 -6.31 18.92 32.94
CA LEU A 32 -5.95 18.82 31.50
C LEU A 32 -4.44 19.05 31.32
N GLY A 33 -3.83 19.75 32.24
CA GLY A 33 -2.37 19.99 32.13
C GLY A 33 -1.62 18.67 32.26
N THR A 34 -2.01 17.84 33.18
CA THR A 34 -1.32 16.52 33.35
C THR A 34 -1.75 15.56 32.24
N VAL A 35 -2.88 15.78 31.66
CA VAL A 35 -3.38 14.89 30.57
C VAL A 35 -2.56 15.11 29.29
N MET A 36 -2.29 16.33 28.95
CA MET A 36 -1.50 16.62 27.70
C MET A 36 0.01 16.65 28.00
N ARG A 37 0.37 16.75 29.25
CA ARG A 37 1.82 16.81 29.60
C ARG A 37 2.39 15.39 29.85
N SER A 38 1.85 14.69 30.80
CA SER A 38 2.37 13.33 31.11
C SER A 38 2.24 12.40 29.90
N LEU A 39 1.09 12.32 29.30
CA LEU A 39 0.92 11.41 28.12
C LEU A 39 1.69 11.94 26.91
N GLY A 40 1.84 13.22 26.77
CA GLY A 40 2.57 13.76 25.59
C GLY A 40 3.04 15.20 25.85
N GLN A 41 4.12 15.36 26.56
CA GLN A 41 4.62 16.74 26.83
C GLN A 41 4.84 17.48 25.50
N ASN A 42 4.26 18.64 25.37
CA ASN A 42 4.43 19.41 24.09
C ASN A 42 3.85 20.84 24.24
N PRO A 43 2.57 20.92 24.49
CA PRO A 43 1.92 22.25 24.65
C PRO A 43 2.39 22.91 25.95
N THR A 44 1.67 23.90 26.42
CA THR A 44 2.08 24.58 27.68
C THR A 44 0.85 25.13 28.41
N GLU A 45 1.05 25.78 29.52
CA GLU A 45 -0.12 26.33 30.29
C GLU A 45 -0.90 27.33 29.43
N ALA A 46 -0.22 28.05 28.58
CA ALA A 46 -0.94 29.04 27.71
C ALA A 46 -1.83 28.31 26.70
N GLU A 47 -1.24 27.67 25.73
CA GLU A 47 -2.06 26.94 24.72
C GLU A 47 -3.09 26.05 25.43
N LEU A 48 -2.80 25.67 26.64
CA LEU A 48 -3.76 24.81 27.40
C LEU A 48 -5.05 25.60 27.67
N GLN A 49 -4.95 26.69 28.36
CA GLN A 49 -6.16 27.51 28.65
C GLN A 49 -6.93 27.77 27.35
N ASP A 50 -6.23 27.91 26.26
CA ASP A 50 -6.93 28.16 24.96
C ASP A 50 -7.84 26.97 24.62
N MET A 51 -7.35 25.77 24.76
CA MET A 51 -8.20 24.58 24.45
C MET A 51 -9.36 24.50 25.45
N ILE A 52 -9.20 25.11 26.60
CA ILE A 52 -10.29 25.06 27.61
C ILE A 52 -11.36 26.11 27.28
N ASN A 53 -11.00 27.13 26.54
CA ASN A 53 -11.98 28.18 26.18
C ASN A 53 -12.71 27.80 24.88
N GLU A 54 -12.08 27.03 24.04
CA GLU A 54 -12.74 26.62 22.76
C GLU A 54 -13.76 25.51 23.03
N VAL A 55 -13.59 24.77 24.08
CA VAL A 55 -14.56 23.68 24.40
C VAL A 55 -15.70 24.25 25.26
N ASP A 56 -15.37 24.86 26.37
CA ASP A 56 -16.42 25.44 27.24
C ASP A 56 -17.12 26.62 26.55
N ALA A 57 -18.41 26.52 26.36
CA ALA A 57 -19.15 27.64 25.67
C ALA A 57 -20.00 28.41 26.67
N ASP A 58 -19.57 28.49 27.90
CA ASP A 58 -20.36 29.24 28.92
C ASP A 58 -19.59 30.49 29.37
N GLY A 59 -18.43 30.29 29.93
CA GLY A 59 -17.63 31.46 30.41
C GLY A 59 -16.81 31.05 31.64
N ASN A 60 -17.18 29.98 32.28
CA ASN A 60 -16.42 29.54 33.47
C ASN A 60 -15.03 29.03 33.07
N GLY A 61 -14.91 28.50 31.88
CA GLY A 61 -13.58 27.98 31.42
C GLY A 61 -13.52 26.47 31.61
N THR A 62 -13.81 25.98 32.79
CA THR A 62 -13.77 24.51 33.02
C THR A 62 -14.95 23.82 32.32
N ILE A 63 -14.74 22.62 31.84
CA ILE A 63 -15.85 21.90 31.14
C ILE A 63 -16.70 21.15 32.16
N ASP A 64 -17.89 20.79 31.78
CA ASP A 64 -18.79 20.06 32.72
C ASP A 64 -18.99 18.62 32.23
N PHE A 65 -19.86 17.88 32.86
CA PHE A 65 -20.09 16.49 32.44
C PHE A 65 -20.95 16.42 31.15
N PRO A 66 -22.00 17.21 31.10
CA PRO A 66 -22.88 17.20 29.92
C PRO A 66 -22.19 17.90 28.75
N GLU A 67 -21.27 18.76 29.03
CA GLU A 67 -20.55 19.46 27.92
C GLU A 67 -19.51 18.50 27.31
N PHE A 68 -19.01 17.60 28.11
CA PHE A 68 -18.00 16.63 27.61
C PHE A 68 -18.68 15.59 26.71
N LEU A 69 -19.73 14.98 27.18
CA LEU A 69 -20.43 13.94 26.37
C LEU A 69 -21.09 14.57 25.13
N THR A 70 -21.51 15.79 25.23
CA THR A 70 -22.17 16.44 24.06
C THR A 70 -21.15 16.74 22.94
N MET A 71 -19.98 17.20 23.29
CA MET A 71 -18.96 17.52 22.25
C MET A 71 -18.09 16.28 21.93
N MET A 72 -18.19 15.25 22.71
CA MET A 72 -17.36 14.03 22.46
C MET A 72 -18.10 13.06 21.53
N ALA A 73 -19.39 13.19 21.42
CA ALA A 73 -20.16 12.27 20.52
C ALA A 73 -20.00 12.69 19.06
N ARG A 74 -19.53 13.89 18.83
CA ARG A 74 -19.36 14.35 17.42
C ARG A 74 -17.91 14.15 16.97
N LYS A 75 -17.36 13.00 17.22
CA LYS A 75 -15.95 12.73 16.81
C LYS A 75 -15.89 11.49 15.90
N MET A 76 -14.90 11.40 15.06
CA MET A 76 -14.80 10.22 14.16
C MET A 76 -13.67 9.30 14.61
N LYS A 77 -13.99 8.16 15.17
CA LYS A 77 -12.94 7.21 15.63
C LYS A 77 -12.75 6.09 14.60
N ASP A 78 -13.03 6.36 13.36
CA ASP A 78 -12.88 5.31 12.31
C ASP A 78 -11.79 5.71 11.31
N THR A 79 -10.87 6.54 11.72
CA THR A 79 -9.79 6.97 10.79
C THR A 79 -9.17 5.75 10.10
N ASP A 80 -9.48 5.55 8.85
CA ASP A 80 -8.92 4.37 8.12
C ASP A 80 -7.86 4.83 7.10
N SER A 81 -6.64 4.95 7.52
CA SER A 81 -5.57 5.39 6.58
C SER A 81 -5.45 4.42 5.41
N GLU A 82 -4.52 4.64 4.52
CA GLU A 82 -4.34 3.72 3.36
C GLU A 82 -2.94 3.85 2.79
N GLU A 83 -2.22 2.77 2.69
CA GLU A 83 -0.85 2.83 2.12
C GLU A 83 -0.68 1.73 1.07
N GLU A 84 -1.19 1.94 -0.10
CA GLU A 84 -1.07 0.91 -1.18
C GLU A 84 0.39 0.50 -1.38
N ILE A 85 1.31 1.39 -1.15
CA ILE A 85 2.75 1.04 -1.34
C ILE A 85 3.17 -0.04 -0.33
N ARG A 86 3.07 0.26 0.93
CA ARG A 86 3.45 -0.75 1.96
C ARG A 86 2.75 -2.07 1.68
N GLU A 87 1.46 -2.04 1.49
CA GLU A 87 0.72 -3.30 1.20
C GLU A 87 1.42 -4.07 0.06
N ALA A 88 1.86 -3.37 -0.95
CA ALA A 88 2.56 -4.05 -2.07
C ALA A 88 3.75 -4.86 -1.55
N PHE A 89 4.59 -4.25 -0.76
CA PHE A 89 5.77 -4.98 -0.22
C PHE A 89 5.31 -6.22 0.55
N ARG A 90 4.14 -6.17 1.11
CA ARG A 90 3.63 -7.35 1.90
C ARG A 90 3.27 -8.52 0.97
N VAL A 91 2.57 -8.27 -0.11
CA VAL A 91 2.19 -9.38 -1.04
C VAL A 91 3.39 -9.80 -1.90
N PHE A 92 4.36 -8.95 -2.04
CA PHE A 92 5.55 -9.32 -2.87
C PHE A 92 6.60 -10.00 -1.99
N ASP A 93 6.50 -9.86 -0.70
CA ASP A 93 7.49 -10.52 0.20
C ASP A 93 6.78 -11.37 1.26
N LYS A 94 6.38 -12.56 0.90
CA LYS A 94 5.67 -13.44 1.86
C LYS A 94 6.61 -14.54 2.38
N ASP A 95 7.79 -14.17 2.83
CA ASP A 95 8.73 -15.21 3.34
C ASP A 95 9.50 -14.69 4.57
N GLY A 96 9.96 -13.46 4.54
CA GLY A 96 10.70 -12.93 5.72
C GLY A 96 11.78 -11.94 5.29
N ASN A 97 12.70 -12.34 4.45
CA ASN A 97 13.80 -11.42 4.02
C ASN A 97 13.25 -10.01 3.72
N GLY A 98 12.04 -9.92 3.24
CA GLY A 98 11.47 -8.57 2.94
C GLY A 98 11.97 -8.07 1.58
N TYR A 99 12.92 -8.75 0.98
CA TYR A 99 13.44 -8.29 -0.34
C TYR A 99 12.61 -8.91 -1.48
N ILE A 100 12.19 -8.11 -2.41
CA ILE A 100 11.38 -8.66 -3.55
C ILE A 100 12.30 -9.34 -4.56
N SER A 101 12.21 -10.64 -4.69
CA SER A 101 13.07 -11.35 -5.66
C SER A 101 12.32 -11.59 -6.97
N ALA A 102 13.03 -11.75 -8.06
CA ALA A 102 12.34 -11.98 -9.37
C ALA A 102 11.40 -13.19 -9.27
N ALA A 103 11.86 -14.26 -8.67
CA ALA A 103 10.99 -15.46 -8.54
C ALA A 103 9.66 -15.09 -7.88
N GLU A 104 9.71 -14.55 -6.69
CA GLU A 104 8.45 -14.16 -5.99
C GLU A 104 7.59 -13.28 -6.91
N LEU A 105 8.20 -12.41 -7.66
CA LEU A 105 7.43 -11.53 -8.58
C LEU A 105 6.63 -12.39 -9.57
N ARG A 106 7.24 -13.42 -10.07
CA ARG A 106 6.52 -14.30 -11.05
C ARG A 106 5.40 -15.05 -10.33
N HIS A 107 5.53 -15.25 -9.04
CA HIS A 107 4.47 -15.97 -8.29
C HIS A 107 3.43 -14.99 -7.73
N VAL A 108 3.73 -13.72 -7.76
CA VAL A 108 2.76 -12.71 -7.23
C VAL A 108 1.84 -12.22 -8.36
N MET A 109 2.38 -11.56 -9.34
CA MET A 109 1.54 -11.06 -10.47
C MET A 109 0.85 -12.21 -11.18
N THR A 110 1.60 -13.20 -11.57
CA THR A 110 0.99 -14.36 -12.28
C THR A 110 -0.20 -14.90 -11.49
N ASN A 111 -0.18 -14.76 -10.19
CA ASN A 111 -1.32 -15.27 -9.37
C ASN A 111 -2.50 -14.30 -9.43
N LEU A 112 -2.24 -13.02 -9.27
CA LEU A 112 -3.35 -12.04 -9.33
C LEU A 112 -4.22 -12.28 -10.57
N GLY A 113 -3.74 -11.94 -11.72
CA GLY A 113 -4.55 -12.16 -12.95
C GLY A 113 -3.95 -11.36 -14.12
N GLU A 114 -2.77 -11.70 -14.54
CA GLU A 114 -2.14 -10.95 -15.68
C GLU A 114 -1.49 -11.93 -16.66
N LYS A 115 -0.83 -11.44 -17.66
CA LYS A 115 -0.18 -12.34 -18.65
C LYS A 115 1.28 -11.93 -18.88
N LEU A 116 2.18 -12.44 -18.07
CA LEU A 116 3.62 -12.08 -18.25
C LEU A 116 4.47 -13.34 -18.38
N THR A 117 5.77 -13.20 -18.36
CA THR A 117 6.65 -14.41 -18.50
C THR A 117 7.91 -14.24 -17.62
N ASP A 118 8.95 -14.98 -17.90
CA ASP A 118 10.20 -14.87 -17.09
C ASP A 118 11.01 -13.64 -17.52
N GLU A 119 11.13 -13.40 -18.79
CA GLU A 119 11.92 -12.23 -19.27
C GLU A 119 11.36 -10.91 -18.71
N GLU A 120 10.10 -10.65 -18.94
CA GLU A 120 9.50 -9.37 -18.42
C GLU A 120 9.78 -9.19 -16.93
N VAL A 121 9.73 -10.25 -16.17
CA VAL A 121 9.99 -10.12 -14.70
C VAL A 121 11.45 -9.75 -14.45
N ASP A 122 12.36 -10.42 -15.07
CA ASP A 122 13.80 -10.11 -14.86
C ASP A 122 14.08 -8.64 -15.21
N GLU A 123 13.43 -8.13 -16.22
CA GLU A 123 13.65 -6.71 -16.60
C GLU A 123 13.00 -5.80 -15.55
N MET A 124 11.90 -6.20 -15.00
CA MET A 124 11.23 -5.35 -13.97
C MET A 124 12.18 -5.13 -12.79
N ILE A 125 12.60 -6.18 -12.14
CA ILE A 125 13.52 -6.03 -10.98
C ILE A 125 14.79 -5.28 -11.40
N ARG A 126 15.31 -5.58 -12.55
CA ARG A 126 16.55 -4.88 -13.02
C ARG A 126 16.32 -3.37 -13.06
N GLU A 127 15.14 -2.95 -13.44
CA GLU A 127 14.85 -1.49 -13.50
C GLU A 127 14.86 -0.89 -12.09
N ALA A 128 14.15 -1.50 -11.18
CA ALA A 128 14.11 -0.96 -9.78
C ALA A 128 15.37 -1.38 -9.01
N ASP A 129 16.24 -2.14 -9.62
CA ASP A 129 17.48 -2.58 -8.90
C ASP A 129 18.61 -1.57 -9.14
N ILE A 130 18.51 -0.40 -8.55
CA ILE A 130 19.57 0.62 -8.74
C ILE A 130 20.87 0.21 -8.03
N ASP A 131 20.78 -0.30 -6.84
CA ASP A 131 22.02 -0.69 -6.10
C ASP A 131 22.73 -1.88 -6.79
N GLY A 132 22.04 -2.62 -7.62
CA GLY A 132 22.69 -3.77 -8.30
C GLY A 132 22.85 -4.93 -7.31
N ASP A 133 21.79 -5.62 -7.01
CA ASP A 133 21.89 -6.77 -6.05
C ASP A 133 20.90 -7.88 -6.44
N GLY A 134 20.38 -7.83 -7.64
CA GLY A 134 19.42 -8.89 -8.08
C GLY A 134 18.20 -8.91 -7.16
N GLN A 135 17.78 -7.76 -6.68
CA GLN A 135 16.58 -7.71 -5.79
C GLN A 135 16.17 -6.26 -5.54
N VAL A 136 15.00 -6.05 -5.00
CA VAL A 136 14.54 -4.65 -4.74
C VAL A 136 14.03 -4.52 -3.30
N ASN A 137 14.63 -3.66 -2.52
CA ASN A 137 14.18 -3.50 -1.10
C ASN A 137 13.17 -2.34 -0.98
N TYR A 138 12.92 -1.89 0.24
CA TYR A 138 11.93 -0.78 0.43
C TYR A 138 12.45 0.54 -0.18
N GLU A 139 13.58 1.02 0.25
CA GLU A 139 14.10 2.32 -0.32
C GLU A 139 14.02 2.29 -1.84
N GLU A 140 14.54 1.27 -2.47
CA GLU A 140 14.49 1.19 -3.97
C GLU A 140 13.03 1.22 -4.44
N PHE A 141 12.15 0.62 -3.68
CA PHE A 141 10.72 0.60 -4.05
C PHE A 141 10.13 2.02 -4.06
N VAL A 142 10.60 2.86 -3.18
CA VAL A 142 10.06 4.26 -3.12
C VAL A 142 10.74 5.14 -4.18
N GLN A 143 11.92 4.79 -4.61
CA GLN A 143 12.62 5.62 -5.63
C GLN A 143 12.26 5.14 -7.04
N MET A 144 11.75 3.94 -7.16
CA MET A 144 11.39 3.42 -8.51
C MET A 144 9.94 3.79 -8.85
N MET A 145 9.10 3.95 -7.86
CA MET A 145 7.67 4.30 -8.13
C MET A 145 7.50 5.81 -8.19
N THR A 146 7.71 6.49 -7.10
CA THR A 146 7.55 7.97 -7.10
C THR A 146 8.83 8.65 -6.60
N ALA A 147 9.47 9.42 -7.44
CA ALA A 147 10.71 10.11 -7.02
C ALA A 147 10.70 11.57 -7.49
N LYS A 148 11.84 12.20 -7.55
CA LYS A 148 11.89 13.63 -8.00
C LYS A 148 11.00 14.50 -7.11
CA CA B . -11.97 17.62 37.63
CA CA C . -18.67 25.06 31.47
CA CA D . 11.19 -11.62 -0.29
CA CA E . 18.76 -3.66 -5.64
S1 WW7 F . -9.47 15.19 22.84
O1 WW7 F . -8.54 15.96 22.06
O2 WW7 F . -10.68 14.71 22.24
N1 WW7 F . -8.56 13.77 23.27
C4 WW7 F . -10.35 17.26 26.99
C3 WW7 F . -10.30 15.80 26.84
C2 WW7 F . -10.02 15.19 25.55
C1 WW7 F . -9.80 16.01 24.36
C9 WW7 F . -9.86 17.47 24.47
C10 WW7 F . -10.13 18.11 25.82
CL1 WW7 F . -10.48 20.38 27.42
C5 WW7 F . -10.17 19.56 25.93
C6 WW7 F . -9.94 20.39 24.76
C7 WW7 F . -9.68 19.77 23.45
C8 WW7 F . -9.63 18.31 23.31
C11 WW7 F . -7.50 13.96 24.24
C12 WW7 F . -6.25 13.13 23.97
C14 WW7 F . -3.93 12.63 24.75
C13 WW7 F . -5.20 13.42 25.04
C15 WW7 F . -3.35 13.05 23.40
C16 WW7 F . -2.07 12.26 23.13
N2 WW7 F . -1.05 12.48 24.15
HN1 WW7 F . -8.20 13.34 22.43
H4 WW7 F . -10.54 17.70 27.95
H3 WW7 F . -10.47 15.17 27.71
H2 WW7 F . -9.99 14.11 25.48
H6 WW7 F . -9.98 21.46 24.84
H7 WW7 F . -9.51 20.39 22.59
H8 WW7 F . -9.45 17.89 22.34
H111 WW7 F . -7.24 15.01 24.23
H112 WW7 F . -7.89 13.71 25.21
H121 WW7 F . -6.51 12.08 24.00
H122 WW7 F . -5.85 13.38 23.00
H141 WW7 F . -4.17 11.57 24.73
H142 WW7 F . -3.20 12.82 25.53
H131 WW7 F . -4.98 14.48 25.03
H132 WW7 F . -5.59 13.15 26.01
H151 WW7 F . -4.07 12.86 22.62
H152 WW7 F . -3.12 14.11 23.42
H161 WW7 F . -1.66 12.56 22.18
H162 WW7 F . -2.29 11.20 23.11
HN21 WW7 F . -1.39 12.19 25.05
HN22 WW7 F . -0.22 11.93 23.95
S1 WW7 G . 3.87 -2.77 -9.59
O1 WW7 G . 3.42 -3.68 -10.60
O2 WW7 G . 4.11 -1.40 -9.91
N1 WW7 G . 2.58 -2.73 -8.41
C4 WW7 G . 7.48 -4.67 -7.22
C3 WW7 G . 6.10 -4.83 -6.78
C2 WW7 G . 5.00 -4.22 -7.53
C1 WW7 G . 5.26 -3.44 -8.73
C9 WW7 G . 6.64 -3.28 -9.20
C10 WW7 G . 7.77 -3.91 -8.42
CL1 WW7 G . 10.50 -4.44 -8.07
C5 WW7 G . 9.14 -3.76 -8.89
C6 WW7 G . 9.42 -3.01 -10.11
C7 WW7 G . 8.32 -2.40 -10.87
C8 WW7 G . 6.94 -2.53 -10.42
C11 WW7 G . 2.82 -2.10 -7.12
C12 WW7 G . 2.07 -0.78 -6.94
C14 WW7 G . -0.19 0.26 -6.70
C13 WW7 G . 0.57 -1.05 -6.93
C15 WW7 G . -1.69 -0.01 -6.65
C16 WW7 G . -2.44 1.30 -6.40
N2 WW7 G . -2.25 2.28 -7.47
HN1 WW7 G . 1.72 -2.39 -8.84
H4 WW7 G . 8.28 -5.11 -6.65
H3 WW7 G . 5.88 -5.40 -5.88
H2 WW7 G . 3.99 -4.36 -7.19
H6 WW7 G . 10.44 -2.91 -10.45
H7 WW7 G . 8.55 -1.86 -11.77
H8 WW7 G . 6.14 -2.07 -10.99
H111 WW7 G . 2.53 -2.78 -6.35
H112 WW7 G . 3.89 -1.92 -7.07
H121 WW7 G . 2.36 -0.33 -6.01
H122 WW7 G . 2.31 -0.11 -7.75
H141 WW7 G . 0.03 0.95 -7.51
H142 WW7 G . 0.13 0.70 -5.76
H131 WW7 G . 0.26 -1.48 -7.88
H132 WW7 G . 0.34 -1.74 -6.14
H151 WW7 G . -2.01 -0.44 -7.59
H152 WW7 G . -1.91 -0.70 -5.84
H161 WW7 G . -2.11 1.74 -5.48
H162 WW7 G . -3.50 1.10 -6.34
HN21 WW7 G . -2.72 3.14 -7.24
HN22 WW7 G . -1.26 2.50 -7.55
#